data_4HNP
#
_entry.id   4HNP
#
_cell.length_a   135.850
_cell.length_b   301.360
_cell.length_c   144.460
_cell.angle_alpha   90.000
_cell.angle_beta   112.820
_cell.angle_gamma   90.000
#
_symmetry.space_group_name_H-M   'P 1 21 1'
#
loop_
_entity.id
_entity.type
_entity.pdbx_description
1 polymer 'Proteasome component Y7'
2 polymer 'Proteasome component Y13'
3 polymer 'Proteasome component PRE6'
4 polymer 'Proteasome component PUP2'
5 polymer 'Proteasome component PRE5'
6 polymer 'Proteasome component C1'
7 polymer 'Proteasome component C7-alpha'
8 polymer 'Proteasome component PUP1'
9 polymer 'Proteasome component PUP3'
10 polymer 'Proteasome component C11'
11 polymer 'Proteasome component PRE2'
12 polymer 'Proteasome component C5'
13 polymer 'Proteasome component PRE4'
14 polymer 'Proteasome component PRE3'
15 non-polymer N-hexanoyl-L-valyl-N~1~-[(3S,4S)-3-hydroxy-2,6-dimethylhept-1-en-4-yl]-N~5~,N~5~-dimethyl-L-glutamamide
16 non-polymer N-hexanoyl-L-valyl-N~1~-[(3S,4S)-3-hydroxy-2,6-dimethylheptan-4-yl]-N~5~,N~5~-dimethyl-L-glutamamide
17 water water
#
loop_
_entity_poly.entity_id
_entity_poly.type
_entity_poly.pdbx_seq_one_letter_code
_entity_poly.pdbx_strand_id
1 'polypeptide(L)'
;MTDRYSFSLTTFSPSGKLGQIDYALTAVKQGVTSLGIKATNGVVIATEKKSSSPLAMSETLSKVSLLTPDIGAVYSGMGP
DYRVLVDKSRKVAHTSYKRIYGEYPPTKLLVSEVAKIMQEATQSGGVRPFGVSLLIAGHDEFNGFSLYQVDPSGSYFPWK
ATAIGKGSVAAKTFLEKRWNDELELEDAIHIALLTLKESVEGEFNGDTIELAIIGDENPDLLGYTGIPTDKGPRFRKLTS
QEINDRLEAL
;
A,O
2 'polypeptide(L)'
;GSRRYDSRTTIFSPEGRLYQVEYALESISHAGTAIGIMASDGIVLAAERKVTSTLLEQDTSTEKLYKLNDKIAVAVAGLT
ADAEILINTARIHAQNYLKTYNEDIPVEILVRRLSDIKQGYTQHGGLRPFGVSFIYAGYDDRYGYQLYTSNPSGNYTGWK
AISVGANTSAAQTLLQMDYKDDMKVDDAIELALKTLSKTTDSSALTYDRLEFATIRKGANDGEVYQKIFKPQEIKDILVK
TGIT
;
B,P
3 'polypeptide(L)'
;GYDRALSIFSPDGHIFQVEYALEAVKRGTCAVGVKGKNCVVLGCERRSTLKLQDTRITPSKVSKIDSHVVLSFSGLNADS
RILIEKARVEAQSHRLTLEDPVTVEYLTRYVAGVQQRYTQSGGVRPFGVSTLIAGFDPRDDEPKLYQTEPSGIYSSWSAQ
TIGRNSKTVREFLEKNYDRKEPPATVEECVKLTVRSLLEVVQTGAKNIEITVVKPDSDIVALSSEEINQYVTQIEQEKQE
Q
;
C,Q
4 'polypeptide(L)'
;DRGVSTFSPEGRLFQVEYSLEAIKLGSTAIGIATKEGVVLGVEKRATSPLLESDSIEKIVEIDRHIGCAMSGLTADARSM
IEHARTAAVTHNLYYDEDINVESLTQSVCDLALRFGEGASGEERLMSRPFGVALLIAGHDADDGYQLFHAEPSGTFYRYN
AKAIGSGSEGAQAELLNEWHSSLTLKEAELLVLKILKQVMEEKLDENNAQLSCITKQDGFKIYDNEKTAELIKELKEKEA
AE
;
D,R
5 'polypeptide(L)'
;FRNNYDGDTVTFSPTGRLFQVEYALEAIKQGSVTVGLRSNTHAVLVALKRNADELSSYQKKIIKCDEHMGLSLAGLAPDA
RVLSNYLRQQCNYSSLVFNRKLAVERAGHLLCDKAQKNTQSYGGRPYGVGLLIIGYDKSGAHLLEFQPSGNVTELYGTAI
GARSQGAKTYLERTLDTFIKIDGNPDELIKAGVEAISQSLRDESLTVDNLSIAIVGKDTPFTIYDGEAVAKYI
;
E,S
6 'polypeptide(L)'
;GTGYDLSNSVFSPDGRNFQVEYAVKAVENGTTSIGIKCNDGVVFAVEKLITSKLLVPQKNVKIQVVDRHIGCVYSGLIPD
GRHLVNRGREEAASFKKLYKTPIPIPAFADRLGQYVQAHTLYNSVRPFGVSTIFGGVDKNGAHLYMLEPSGSYWGYKGAA
TGKGRQSAKAELEKLVDHHPEGLSAREAVKQAAKIIYLAHEDNKEKDFELEISWCSLSETNGLHKFVKGDLLQEAIDFAQ
KEIN
;
F,T
7 'polypeptide(L)'
;AGYDRHITIFSPEGRLYQVEYAFKATNQTNINSLAVRGKDCTVVISQKKVPDKLLDPTTVSYIFCISRTIGMVVNGPIPD
ARNAALRAKAEAAEFRYKYGYDMPCDVLAKRMANLSQIYTQRAYMRPLGVILTFVSVDEELGPSIYKTDPAGYYVGYKAT
ATGPKQQEITTNLENHFKKSKIDHINEESWEKVVEFAITHMIDALGTEFSKNDLEVGVATKDKFFTLSAENIEERLVAIA
EQD
;
G,U
8 'polypeptide(L)'
;TTIVGVKFNNGVVIAADTRSTQGPIVADKNCAKLHRISPKIWCAGAGTAADTEAVTQLIGSNIELHSLYTSREPRVVSAL
QMLKQHLFKYQGHIGAYLIVAGVDPTGSHLFSIHAHGSTDVGYYLSLGSGSLAAMAVLESHWKQDLTKEEAIKLASDAIQ
AGIWNDLGSGSNVDVCVMEIGKDAEYLRNYLTPNVREEKQKSYKFPRGTTAVLKESIVNICD
;
H,V
9 'polypeptide(L)'
;SDPSSINGGIVVAMTGKDCVAIACDLRLGSQSLGVSNKFEKIFHYGHVFLGITGLATDVTTLNEMFRYKTNLYKLKEERA
IEPETFTQLVSSSLYERRFGPYFVGPVVAGINSKSGKPFIAGFDLIGCIDEAKDFIVSGTASDQLFGMCESLYEPNLEPE
DLFETISQALLNAADRDALSGWGAVVYIIKKDEVVKRYLKMRQD
;
I,W
10 'polypeptide(L)'
;MDIILGIRVQDSVILASSKAVTRGISVLKDSDDKTRQLSPHTLMSFAGEAGDTVQFAEYIQANIQLYSIREDYELSPQAV
SSFVRQELAKSIRSRRPYQVNVLIGGYDKKKNKPELYQIDYLGTKVELPYGAHGYSGFYTFSLLDHHYRPDMTTEEGLDL
LKLCVQELEKRMPMDFKGVIVKIVDKDGIRQVDDFQAQ
;
J,X
11 'polypeptide(L)'
;TTTLAFRFQGGIIVAVDSRATAGNWVASQTVKKVIEINPFLLGTMAGGAADCQFWETWLGSQCRLHELREKERISVAAAS
KILSNLVYQYKGAGLSMGTMICGYTRKEGPTIYYVDSDGTRLKGDIFCVGSGQTFAYGVLDSNYKWDLSVEDALYLGKRS
ILAAAHRDAYSGGSVNLYHVTEDGWIYHGNHDVGELFWKVKEEEGSFNNVIG
;
K,Y
12 'polypeptide(L)'
;QFNPYGDNGGTILGIAGEDFAVLAGDTRNITDYSINSRYEPKVFDCGDNIVMSANGFAADGDALVKRFKNSVKWYHFDHN
DKKLSINSAARNIQHLLYGKRFFPYYVHTIIAGLDEDGKGAVYSFDPVGSYEREQCRAGGAAASLIMPFLDNQVNFKNQY
EPGTNGKVKKPLKYLSVEEVIKLVRDSFTSATERHIQVGDGLEILIVTKDGVRKEFYELKRD
;
L,Z
13 'polypeptide(L)'
;TQQPIVTGTSVISMKYDNGVIIAADNLGSYGSLLRFNGVERLIPVGDNTVVGISGDISDMQHIERLLKDLVTENAYDNPL
ADAEEALEPSYIFEYLATVMYQRRSKMNPLWNAIIVAGVQSNGDQFLRYVNLLGVTYSSPTLATGFGAHMANPLLRKVVD
RESDIPKTTVQVAEEAIVNAMRVLYYRDARSSRNFSLAIIDKNTGLTFKKNLQVENMKWDFAKDIKGYGTQKI
;
M,a
14 'polypeptide(L)'
;TSIMAVTFKDGVILGADSRTTTGAYIANRVTDKLTRVHDKIWCCRSGSAADTQAIADIVQYHLELYTSQYGTPSTETAAS
VFKELCYENKDNLTAGIIVAGYDDKNKGEVYTIPLGGSVHKLPYAIAGSGSTFIYGYCDKNFRENMSKEETVDFIKHSLS
QAIKWDGSSGGVIRMVVLTAAGVERLIFYPDEYEQL
;
N,b
#
loop_
_chem_comp.id
_chem_comp.type
_chem_comp.name
_chem_comp.formula
ONK peptide-like N-hexanoyl-L-valyl-N~1~-[(3S,4S)-3-hydroxy-2,6-dimethylhept-1-en-4-yl]-N~5~,N~5~-dimethyl-L-glutamamide 'C27 H50 N4 O5'
VNK non-polymer N-hexanoyl-L-valyl-N~1~-[(3S,4S)-3-hydroxy-2,6-dimethylheptan-4-yl]-N~5~,N~5~-dimethyl-L-glutamamide 'C27 H52 N4 O5'
#
# COMPACT_ATOMS: atom_id res chain seq x y z
N MET A 1 39.11 -33.29 21.25
CA MET A 1 38.57 -34.22 20.23
C MET A 1 39.17 -33.96 18.85
N THR A 2 39.16 -32.70 18.41
CA THR A 2 39.33 -32.33 17.00
C THR A 2 40.69 -32.71 16.40
N ASP A 3 40.65 -33.07 15.11
CA ASP A 3 41.79 -33.43 14.27
C ASP A 3 42.92 -32.41 14.34
N ARG A 4 44.09 -32.86 14.78
CA ARG A 4 45.28 -32.03 14.85
C ARG A 4 46.36 -32.54 13.89
N TYR A 5 45.94 -33.40 12.97
CA TYR A 5 46.79 -33.89 11.90
C TYR A 5 46.51 -33.08 10.64
N SER A 6 46.98 -31.83 10.65
CA SER A 6 46.83 -30.93 9.51
C SER A 6 48.07 -30.93 8.61
N PHE A 7 49.08 -31.69 9.02
CA PHE A 7 50.35 -31.80 8.28
C PHE A 7 50.43 -33.09 7.46
N SER A 8 51.24 -33.06 6.41
CA SER A 8 51.45 -34.23 5.55
C SER A 8 52.00 -35.41 6.34
N LEU A 9 51.53 -36.60 6.00
CA LEU A 9 52.08 -37.84 6.58
C LEU A 9 52.98 -38.55 5.57
N THR A 10 52.95 -38.07 4.33
CA THR A 10 53.88 -38.51 3.29
C THR A 10 54.82 -37.36 2.98
N THR A 11 56.11 -37.57 3.22
CA THR A 11 57.12 -36.55 2.98
C THR A 11 58.30 -37.16 2.23
N PHE A 12 59.16 -36.31 1.68
CA PHE A 12 60.34 -36.76 0.96
C PHE A 12 61.45 -37.16 1.92
N SER A 13 62.05 -38.31 1.68
CA SER A 13 63.23 -38.74 2.40
C SER A 13 64.47 -38.13 1.74
N PRO A 14 65.63 -38.14 2.42
CA PRO A 14 66.86 -37.60 1.83
C PRO A 14 67.16 -38.12 0.42
N SER A 15 66.82 -39.36 0.14
CA SER A 15 67.07 -39.98 -1.17
C SER A 15 66.09 -39.55 -2.28
N GLY A 16 64.99 -38.92 -1.89
CA GLY A 16 63.97 -38.48 -2.85
C GLY A 16 62.75 -39.38 -2.88
N LYS A 17 62.80 -40.48 -2.13
CA LYS A 17 61.68 -41.40 -2.03
C LYS A 17 60.53 -40.79 -1.25
N LEU A 18 59.31 -41.06 -1.72
CA LEU A 18 58.12 -40.76 -0.95
C LEU A 18 57.69 -42.04 -0.24
N GLY A 19 58.26 -42.24 0.95
CA GLY A 19 58.13 -43.48 1.72
C GLY A 19 56.77 -44.15 1.69
N GLN A 20 55.73 -43.40 2.06
CA GLN A 20 54.38 -43.95 2.17
C GLN A 20 53.83 -44.47 0.85
N ILE A 21 54.18 -43.82 -0.26
CA ILE A 21 53.80 -44.26 -1.59
C ILE A 21 54.52 -45.57 -1.95
N ASP A 22 55.83 -45.61 -1.68
CA ASP A 22 56.63 -46.82 -1.90
C ASP A 22 56.08 -48.02 -1.14
N TYR A 23 55.69 -47.80 0.11
CA TYR A 23 55.13 -48.85 0.95
C TYR A 23 53.76 -49.31 0.44
N ALA A 24 52.91 -48.36 0.05
CA ALA A 24 51.60 -48.66 -0.51
C ALA A 24 51.72 -49.59 -1.73
N LEU A 25 52.74 -49.37 -2.56
CA LEU A 25 53.00 -50.22 -3.72
C LEU A 25 53.43 -51.62 -3.30
N THR A 26 54.11 -51.72 -2.17
CA THR A 26 54.48 -53.02 -1.61
C THR A 26 53.21 -53.81 -1.23
N ALA A 27 52.23 -53.11 -0.67
CA ALA A 27 50.95 -53.72 -0.30
C ALA A 27 50.19 -54.22 -1.52
N VAL A 28 50.30 -53.49 -2.63
CA VAL A 28 49.69 -53.88 -3.90
C VAL A 28 50.34 -55.15 -4.45
N LYS A 29 51.66 -55.28 -4.24
CA LYS A 29 52.41 -56.46 -4.65
C LYS A 29 51.97 -57.72 -3.90
N GLN A 30 51.52 -57.55 -2.66
CA GLN A 30 51.05 -58.67 -1.84
C GLN A 30 49.65 -59.14 -2.25
N GLY A 31 48.88 -58.22 -2.85
CA GLY A 31 47.50 -58.52 -3.25
C GLY A 31 47.37 -59.49 -4.40
N VAL A 32 46.18 -60.06 -4.54
CA VAL A 32 45.86 -61.05 -5.57
C VAL A 32 46.01 -60.48 -6.98
N THR A 33 46.48 -61.32 -7.91
CA THR A 33 46.68 -60.92 -9.30
C THR A 33 45.37 -60.55 -10.01
N SER A 34 45.33 -59.33 -10.55
CA SER A 34 44.29 -58.93 -11.50
C SER A 34 44.91 -58.47 -12.82
N LEU A 35 44.13 -58.51 -13.89
CA LEU A 35 44.65 -58.18 -15.22
C LEU A 35 43.62 -57.50 -16.14
N GLY A 36 44.10 -57.03 -17.29
CA GLY A 36 43.26 -56.39 -18.31
C GLY A 36 43.86 -56.52 -19.70
N ILE A 37 43.03 -56.89 -20.67
CA ILE A 37 43.47 -56.98 -22.06
C ILE A 37 42.52 -56.22 -22.97
N LYS A 38 43.09 -55.47 -23.91
CA LYS A 38 42.32 -54.67 -24.85
C LYS A 38 42.36 -55.26 -26.25
N ALA A 39 41.17 -55.56 -26.78
CA ALA A 39 41.03 -56.07 -28.14
C ALA A 39 40.55 -54.95 -29.07
N THR A 40 40.31 -55.29 -30.34
CA THR A 40 39.86 -54.31 -31.33
C THR A 40 38.41 -53.87 -31.11
N ASN A 41 37.59 -54.78 -30.57
CA ASN A 41 36.15 -54.52 -30.39
C ASN A 41 35.67 -54.77 -28.95
N GLY A 42 36.56 -54.57 -27.99
CA GLY A 42 36.23 -54.76 -26.58
C GLY A 42 37.44 -54.83 -25.65
N VAL A 43 37.17 -54.79 -24.35
CA VAL A 43 38.21 -54.88 -23.32
C VAL A 43 37.78 -55.88 -22.26
N VAL A 44 38.72 -56.71 -21.80
CA VAL A 44 38.44 -57.68 -20.75
C VAL A 44 39.24 -57.35 -19.48
N ILE A 45 38.57 -57.46 -18.33
CA ILE A 45 39.23 -57.36 -17.03
C ILE A 45 38.85 -58.54 -16.15
N ALA A 46 39.85 -59.12 -15.50
CA ALA A 46 39.66 -60.36 -14.73
C ALA A 46 40.53 -60.40 -13.47
N THR A 47 40.04 -61.11 -12.46
CA THR A 47 40.79 -61.33 -11.23
C THR A 47 40.36 -62.65 -10.58
N GLU A 48 41.12 -63.07 -9.57
CA GLU A 48 40.79 -64.25 -8.78
C GLU A 48 40.03 -63.83 -7.52
N LYS A 49 38.95 -64.56 -7.22
CA LYS A 49 38.23 -64.39 -5.96
C LYS A 49 38.89 -65.21 -4.86
N LYS A 50 39.84 -64.60 -4.14
CA LYS A 50 40.52 -65.25 -3.03
C LYS A 50 39.63 -65.19 -1.78
N SER A 51 38.95 -66.29 -1.50
CA SER A 51 38.00 -66.38 -0.38
C SER A 51 38.73 -66.59 0.95
N SER A 52 38.29 -65.83 1.96
CA SER A 52 38.89 -65.89 3.31
C SER A 52 38.38 -67.09 4.12
N SER A 53 37.25 -67.64 3.70
CA SER A 53 36.67 -68.83 4.32
C SER A 53 35.75 -69.55 3.32
N PRO A 54 35.69 -70.90 3.39
CA PRO A 54 34.71 -71.61 2.56
C PRO A 54 33.28 -71.43 3.05
N LEU A 55 33.11 -70.80 4.22
CA LEU A 55 31.80 -70.47 4.76
C LEU A 55 31.29 -69.13 4.23
N ALA A 56 32.21 -68.34 3.68
CA ALA A 56 31.87 -67.06 3.06
C ALA A 56 31.24 -67.28 1.70
N MET A 57 30.34 -66.38 1.32
CA MET A 57 29.70 -66.41 0.01
C MET A 57 30.36 -65.38 -0.90
N SER A 58 31.29 -65.87 -1.74
CA SER A 58 32.09 -64.99 -2.61
C SER A 58 31.25 -64.22 -3.63
N GLU A 59 29.97 -64.58 -3.75
CA GLU A 59 29.02 -63.87 -4.62
C GLU A 59 28.70 -62.48 -4.06
N THR A 60 28.76 -62.34 -2.74
CA THR A 60 28.45 -61.08 -2.07
C THR A 60 29.62 -60.09 -2.11
N LEU A 61 30.76 -60.53 -2.61
CA LEU A 61 31.92 -59.67 -2.75
C LEU A 61 32.32 -59.55 -4.22
N SER A 62 32.03 -58.40 -4.81
CA SER A 62 32.45 -58.10 -6.17
C SER A 62 33.76 -57.34 -6.18
N LYS A 63 34.79 -57.96 -6.75
CA LYS A 63 36.08 -57.31 -6.95
C LYS A 63 36.07 -56.51 -8.24
N VAL A 64 35.15 -56.84 -9.13
CA VAL A 64 34.94 -56.08 -10.35
C VAL A 64 33.66 -55.26 -10.22
N SER A 65 33.77 -53.97 -10.53
CA SER A 65 32.68 -53.02 -10.29
C SER A 65 32.36 -52.17 -11.51
N LEU A 66 31.07 -51.83 -11.65
CA LEU A 66 30.63 -50.87 -12.65
C LEU A 66 30.78 -49.45 -12.07
N LEU A 67 31.35 -48.56 -12.87
CA LEU A 67 31.47 -47.14 -12.49
C LEU A 67 30.47 -46.32 -13.28
N THR A 68 30.45 -46.52 -14.59
CA THR A 68 29.41 -46.00 -15.48
C THR A 68 28.95 -47.14 -16.39
N PRO A 69 27.82 -46.98 -17.11
CA PRO A 69 27.36 -48.05 -18.03
C PRO A 69 28.39 -48.48 -19.09
N ASP A 70 29.45 -47.69 -19.27
CA ASP A 70 30.49 -47.99 -20.26
C ASP A 70 31.88 -48.10 -19.64
N ILE A 71 31.98 -48.00 -18.31
CA ILE A 71 33.27 -48.05 -17.61
C ILE A 71 33.25 -48.99 -16.40
N GLY A 72 34.26 -49.84 -16.31
CA GLY A 72 34.41 -50.77 -15.20
C GLY A 72 35.80 -50.77 -14.58
N ALA A 73 35.89 -51.21 -13.32
CA ALA A 73 37.16 -51.24 -12.60
C ALA A 73 37.47 -52.58 -11.92
N VAL A 74 38.76 -52.84 -11.74
CA VAL A 74 39.25 -53.98 -10.95
C VAL A 74 40.52 -53.54 -10.22
N TYR A 75 40.94 -54.29 -9.21
CA TYR A 75 42.07 -53.87 -8.37
C TYR A 75 42.97 -55.02 -7.92
N SER A 76 44.10 -54.63 -7.34
CA SER A 76 44.97 -55.50 -6.54
C SER A 76 45.42 -54.69 -5.33
N GLY A 77 45.40 -55.33 -4.16
CA GLY A 77 45.79 -54.65 -2.93
C GLY A 77 44.76 -54.76 -1.82
N MET A 78 44.42 -53.62 -1.22
CA MET A 78 43.56 -53.59 -0.05
C MET A 78 42.09 -53.39 -0.43
N GLY A 79 41.31 -54.45 -0.30
CA GLY A 79 39.88 -54.48 -0.64
C GLY A 79 39.00 -53.31 -0.18
N PRO A 80 39.04 -52.97 1.13
CA PRO A 80 38.24 -51.86 1.65
C PRO A 80 38.56 -50.51 1.00
N ASP A 81 39.84 -50.25 0.73
CA ASP A 81 40.28 -49.02 0.07
C ASP A 81 39.69 -48.90 -1.34
N TYR A 82 39.62 -50.04 -2.02
CA TYR A 82 38.99 -50.14 -3.34
C TYR A 82 37.51 -49.79 -3.26
N ARG A 83 36.81 -50.38 -2.31
CA ARG A 83 35.37 -50.20 -2.15
C ARG A 83 34.97 -48.74 -1.98
N VAL A 84 35.67 -48.03 -1.10
CA VAL A 84 35.40 -46.60 -0.89
C VAL A 84 35.77 -45.75 -2.12
N LEU A 85 36.83 -46.15 -2.83
CA LEU A 85 37.23 -45.48 -4.06
C LEU A 85 36.18 -45.62 -5.17
N VAL A 86 35.56 -46.81 -5.25
CA VAL A 86 34.50 -47.07 -6.22
C VAL A 86 33.29 -46.15 -5.96
N ASP A 87 32.92 -46.01 -4.69
CA ASP A 87 31.84 -45.11 -4.29
C ASP A 87 32.13 -43.67 -4.73
N LYS A 88 33.32 -43.17 -4.41
CA LYS A 88 33.71 -41.81 -4.76
C LYS A 88 33.80 -41.61 -6.27
N SER A 89 34.27 -42.63 -6.99
CA SER A 89 34.40 -42.60 -8.44
C SER A 89 33.03 -42.54 -9.12
N ARG A 90 32.06 -43.25 -8.57
CA ARG A 90 30.70 -43.23 -9.09
C ARG A 90 30.07 -41.87 -8.85
N LYS A 91 30.32 -41.30 -7.67
CA LYS A 91 29.78 -39.99 -7.33
C LYS A 91 30.40 -38.88 -8.17
N VAL A 92 31.72 -38.92 -8.36
CA VAL A 92 32.43 -37.87 -9.09
C VAL A 92 32.03 -37.86 -10.57
N ALA A 93 31.60 -39.01 -11.07
CA ALA A 93 31.15 -39.14 -12.45
C ALA A 93 29.86 -38.37 -12.68
N HIS A 94 29.08 -38.23 -11.61
CA HIS A 94 27.84 -37.46 -11.66
C HIS A 94 28.10 -35.98 -11.34
N THR A 95 28.73 -35.71 -10.20
CA THR A 95 28.92 -34.33 -9.72
C THR A 95 29.79 -33.48 -10.64
N SER A 96 30.87 -34.06 -11.15
CA SER A 96 31.84 -33.33 -11.98
C SER A 96 31.57 -33.43 -13.48
N TYR A 97 30.65 -34.30 -13.89
CA TYR A 97 30.42 -34.50 -15.32
C TYR A 97 28.96 -34.63 -15.79
N LYS A 98 28.24 -35.62 -15.26
CA LYS A 98 26.90 -35.93 -15.76
C LYS A 98 25.87 -34.86 -15.44
N ARG A 99 26.04 -34.20 -14.30
CA ARG A 99 25.15 -33.11 -13.91
C ARG A 99 25.48 -31.81 -14.64
N ILE A 100 26.59 -31.81 -15.35
CA ILE A 100 27.02 -30.67 -16.15
C ILE A 100 26.66 -30.90 -17.62
N TYR A 101 26.99 -32.08 -18.15
CA TYR A 101 26.92 -32.34 -19.60
C TYR A 101 25.80 -33.27 -20.06
N GLY A 102 25.11 -33.90 -19.13
CA GLY A 102 23.98 -34.79 -19.47
C GLY A 102 24.40 -36.12 -20.09
N GLU A 103 25.69 -36.42 -19.99
CA GLU A 103 26.26 -37.69 -20.47
C GLU A 103 27.36 -38.14 -19.51
N TYR A 104 27.81 -39.38 -19.65
CA TYR A 104 28.86 -39.92 -18.78
C TYR A 104 30.26 -39.53 -19.24
N PRO A 105 31.19 -39.35 -18.28
CA PRO A 105 32.55 -38.93 -18.62
C PRO A 105 33.28 -39.97 -19.46
N PRO A 106 34.09 -39.52 -20.42
CA PRO A 106 34.96 -40.43 -21.17
C PRO A 106 35.94 -41.11 -20.24
N THR A 107 36.40 -42.31 -20.65
CA THR A 107 37.24 -43.17 -19.82
C THR A 107 38.44 -42.44 -19.22
N LYS A 108 39.17 -41.69 -20.04
CA LYS A 108 40.35 -40.95 -19.58
C LYS A 108 40.02 -39.90 -18.52
N LEU A 109 38.89 -39.20 -18.69
CA LEU A 109 38.50 -38.15 -17.75
C LEU A 109 38.07 -38.66 -16.38
N LEU A 110 37.38 -39.80 -16.35
CA LEU A 110 37.02 -40.44 -15.08
C LEU A 110 38.27 -40.96 -14.37
N VAL A 111 39.17 -41.56 -15.15
CA VAL A 111 40.47 -42.03 -14.63
C VAL A 111 41.19 -40.86 -13.96
N SER A 112 41.20 -39.72 -14.65
CA SER A 112 41.83 -38.49 -14.18
C SER A 112 41.26 -38.01 -12.84
N GLU A 113 39.95 -38.15 -12.67
CA GLU A 113 39.29 -37.78 -11.43
C GLU A 113 39.63 -38.75 -10.30
N VAL A 114 39.72 -40.04 -10.65
CA VAL A 114 40.08 -41.09 -9.68
C VAL A 114 41.52 -40.88 -9.19
N ALA A 115 42.40 -40.59 -10.13
CA ALA A 115 43.80 -40.26 -9.84
C ALA A 115 43.95 -39.04 -8.93
N LYS A 116 43.10 -38.04 -9.13
CA LYS A 116 43.11 -36.82 -8.32
C LYS A 116 42.78 -37.13 -6.85
N ILE A 117 41.78 -37.99 -6.65
CA ILE A 117 41.37 -38.42 -5.31
C ILE A 117 42.50 -39.18 -4.61
N MET A 118 43.26 -39.95 -5.39
CA MET A 118 44.39 -40.71 -4.85
C MET A 118 45.61 -39.84 -4.60
N GLN A 119 45.82 -38.84 -5.45
CA GLN A 119 46.90 -37.87 -5.26
C GLN A 119 46.71 -37.06 -3.97
N GLU A 120 45.47 -36.66 -3.71
CA GLU A 120 45.15 -35.89 -2.50
C GLU A 120 45.50 -36.66 -1.22
N ALA A 121 45.34 -37.99 -1.25
CA ALA A 121 45.67 -38.84 -0.10
C ALA A 121 47.18 -38.95 0.11
N THR A 122 47.93 -38.31 -0.79
CA THR A 122 49.38 -38.34 -0.82
C THR A 122 49.97 -37.04 -0.24
N GLN A 123 49.15 -35.99 -0.19
CA GLN A 123 49.64 -34.65 0.17
C GLN A 123 48.88 -34.01 1.31
N SER A 124 47.57 -34.24 1.38
CA SER A 124 46.71 -33.68 2.43
C SER A 124 47.13 -34.10 3.83
N GLY A 125 46.73 -33.31 4.82
CA GLY A 125 47.05 -33.59 6.20
C GLY A 125 46.36 -34.81 6.77
N GLY A 126 47.11 -35.58 7.55
CA GLY A 126 46.55 -36.62 8.41
C GLY A 126 45.98 -37.86 7.76
N VAL A 127 46.40 -38.14 6.52
CA VAL A 127 45.97 -39.36 5.83
C VAL A 127 47.15 -40.16 5.25
N ARG A 128 46.94 -41.47 5.09
CA ARG A 128 47.87 -42.33 4.37
C ARG A 128 47.38 -42.49 2.92
N PRO A 129 48.31 -42.79 1.99
CA PRO A 129 47.90 -43.07 0.60
C PRO A 129 46.97 -44.28 0.52
N PHE A 130 46.26 -44.43 -0.59
CA PHE A 130 45.43 -45.61 -0.82
C PHE A 130 46.32 -46.80 -1.16
N GLY A 131 46.05 -47.94 -0.52
CA GLY A 131 46.85 -49.15 -0.73
C GLY A 131 46.39 -50.02 -1.88
N VAL A 132 46.00 -49.39 -2.98
CA VAL A 132 45.50 -50.12 -4.16
C VAL A 132 46.07 -49.61 -5.47
N SER A 133 46.13 -50.50 -6.44
CA SER A 133 46.32 -50.13 -7.84
C SER A 133 45.09 -50.58 -8.61
N LEU A 134 44.52 -49.67 -9.39
CA LEU A 134 43.31 -49.98 -10.13
C LEU A 134 43.61 -50.26 -11.61
N LEU A 135 42.74 -51.04 -12.22
CA LEU A 135 42.67 -51.14 -13.68
C LEU A 135 41.28 -50.71 -14.09
N ILE A 136 41.20 -49.74 -14.98
CA ILE A 136 39.92 -49.19 -15.43
C ILE A 136 39.75 -49.41 -16.93
N ALA A 137 38.72 -50.16 -17.27
CA ALA A 137 38.40 -50.46 -18.66
C ALA A 137 37.13 -49.72 -19.06
N GLY A 138 37.16 -49.08 -20.24
CA GLY A 138 36.02 -48.30 -20.69
C GLY A 138 35.91 -48.03 -22.17
N HIS A 139 34.74 -47.53 -22.57
CA HIS A 139 34.49 -47.09 -23.93
C HIS A 139 33.84 -45.72 -23.91
N ASP A 140 34.17 -44.91 -24.91
CA ASP A 140 33.41 -43.69 -25.19
C ASP A 140 33.37 -43.41 -26.68
N GLU A 141 32.31 -42.70 -27.10
CA GLU A 141 32.01 -42.46 -28.51
C GLU A 141 33.22 -41.99 -29.33
N PHE A 142 34.01 -41.09 -28.76
CA PHE A 142 35.07 -40.41 -29.50
C PHE A 142 36.47 -41.02 -29.37
N ASN A 143 36.67 -41.84 -28.34
CA ASN A 143 37.99 -42.44 -28.08
C ASN A 143 38.06 -43.95 -28.31
N GLY A 144 36.90 -44.57 -28.48
CA GLY A 144 36.83 -46.02 -28.60
C GLY A 144 37.09 -46.70 -27.28
N PHE A 145 37.73 -47.86 -27.33
CA PHE A 145 38.02 -48.64 -26.13
C PHE A 145 39.37 -48.26 -25.53
N SER A 146 39.43 -48.26 -24.20
CA SER A 146 40.66 -47.92 -23.49
C SER A 146 40.83 -48.69 -22.18
N LEU A 147 42.09 -48.86 -21.76
CA LEU A 147 42.45 -49.49 -20.50
C LEU A 147 43.53 -48.67 -19.82
N TYR A 148 43.29 -48.33 -18.55
CA TYR A 148 44.23 -47.53 -17.77
C TYR A 148 44.58 -48.20 -16.45
N GLN A 149 45.78 -47.91 -15.95
CA GLN A 149 46.21 -48.35 -14.63
C GLN A 149 46.42 -47.12 -13.74
N VAL A 150 45.89 -47.16 -12.52
CA VAL A 150 46.02 -46.05 -11.57
C VAL A 150 46.76 -46.46 -10.29
N ASP A 151 47.89 -45.81 -10.02
CA ASP A 151 48.76 -46.13 -8.88
C ASP A 151 48.48 -45.30 -7.62
N PRO A 152 48.94 -45.78 -6.44
CA PRO A 152 48.77 -45.07 -5.17
C PRO A 152 49.26 -43.61 -5.19
N SER A 153 50.25 -43.33 -6.04
CA SER A 153 50.78 -41.98 -6.18
C SER A 153 49.78 -41.04 -6.86
N GLY A 154 48.88 -41.64 -7.65
CA GLY A 154 47.92 -40.90 -8.47
C GLY A 154 48.30 -40.86 -9.93
N SER A 155 49.35 -41.60 -10.30
CA SER A 155 49.81 -41.68 -11.68
C SER A 155 48.99 -42.68 -12.47
N TYR A 156 48.85 -42.45 -13.77
CA TYR A 156 48.12 -43.38 -14.64
C TYR A 156 48.71 -43.51 -16.03
N PHE A 157 48.65 -44.73 -16.55
CA PHE A 157 49.22 -45.08 -17.85
C PHE A 157 48.21 -45.85 -18.69
N PRO A 158 48.19 -45.61 -20.01
CA PRO A 158 47.33 -46.42 -20.88
C PRO A 158 48.01 -47.73 -21.26
N TRP A 159 47.25 -48.82 -21.25
CA TRP A 159 47.80 -50.14 -21.57
C TRP A 159 47.07 -50.84 -22.73
N LYS A 160 47.83 -51.54 -23.55
CA LYS A 160 47.25 -52.49 -24.49
C LYS A 160 46.82 -53.71 -23.69
N ALA A 161 47.68 -54.16 -22.79
CA ALA A 161 47.40 -55.23 -21.86
C ALA A 161 48.39 -55.16 -20.70
N THR A 162 47.91 -55.44 -19.49
CA THR A 162 48.80 -55.51 -18.32
C THR A 162 48.20 -56.32 -17.19
N ALA A 163 49.04 -56.62 -16.20
CA ALA A 163 48.60 -57.26 -14.98
C ALA A 163 49.23 -56.58 -13.76
N ILE A 164 48.58 -56.69 -12.62
CA ILE A 164 49.06 -56.10 -11.37
C ILE A 164 48.91 -57.09 -10.21
N GLY A 165 49.61 -56.84 -9.11
CA GLY A 165 49.55 -57.71 -7.93
C GLY A 165 50.65 -58.75 -7.87
N LYS A 166 50.34 -59.88 -7.25
CA LYS A 166 51.31 -60.96 -6.98
C LYS A 166 52.17 -61.36 -8.17
N GLY A 167 51.60 -62.12 -9.10
CA GLY A 167 52.35 -62.68 -10.21
C GLY A 167 52.32 -61.82 -11.46
N SER A 168 52.38 -60.51 -11.27
CA SER A 168 52.29 -59.55 -12.36
C SER A 168 53.51 -59.57 -13.27
N VAL A 169 54.66 -59.94 -12.70
CA VAL A 169 55.91 -60.03 -13.45
C VAL A 169 55.83 -61.14 -14.50
N ALA A 170 55.38 -62.32 -14.08
CA ALA A 170 55.20 -63.48 -14.96
C ALA A 170 54.02 -63.30 -15.91
N ALA A 171 52.97 -62.64 -15.44
CA ALA A 171 51.77 -62.42 -16.25
C ALA A 171 52.03 -61.45 -17.40
N LYS A 172 52.76 -60.36 -17.14
CA LYS A 172 53.12 -59.39 -18.17
C LYS A 172 53.99 -60.02 -19.28
N THR A 173 54.88 -60.91 -18.89
CA THR A 173 55.70 -61.67 -19.85
C THR A 173 54.81 -62.61 -20.66
N PHE A 174 53.82 -63.22 -20.00
CA PHE A 174 52.88 -64.12 -20.68
C PHE A 174 52.00 -63.37 -21.68
N LEU A 175 51.64 -62.13 -21.33
CA LEU A 175 50.80 -61.29 -22.20
C LEU A 175 51.56 -60.72 -23.40
N GLU A 176 52.85 -60.44 -23.21
CA GLU A 176 53.71 -59.92 -24.27
C GLU A 176 53.80 -60.85 -25.49
N LYS A 177 53.91 -62.15 -25.21
CA LYS A 177 54.02 -63.16 -26.26
C LYS A 177 52.71 -63.39 -27.02
N ARG A 178 51.59 -63.03 -26.40
CA ARG A 178 50.25 -63.37 -26.92
C ARG A 178 49.43 -62.20 -27.49
N TRP A 179 49.79 -60.97 -27.14
CA TRP A 179 49.03 -59.80 -27.59
C TRP A 179 49.37 -59.35 -29.01
N ASN A 180 48.35 -58.99 -29.77
CA ASN A 180 48.49 -58.33 -31.07
C ASN A 180 47.33 -57.35 -31.32
N ASP A 181 47.51 -56.44 -32.27
CA ASP A 181 46.49 -55.42 -32.56
C ASP A 181 45.37 -55.90 -33.50
N GLU A 182 45.27 -57.22 -33.68
CA GLU A 182 44.23 -57.82 -34.53
C GLU A 182 43.35 -58.80 -33.75
N LEU A 183 43.38 -58.69 -32.42
CA LEU A 183 42.62 -59.58 -31.54
C LEU A 183 41.14 -59.21 -31.52
N GLU A 184 40.30 -60.25 -31.60
CA GLU A 184 38.87 -60.09 -31.35
C GLU A 184 38.65 -60.22 -29.85
N LEU A 185 37.51 -59.76 -29.36
CA LEU A 185 37.20 -59.79 -27.92
C LEU A 185 37.16 -61.21 -27.35
N GLU A 186 36.58 -62.16 -28.09
CA GLU A 186 36.53 -63.56 -27.68
C GLU A 186 37.91 -64.17 -27.46
N ASP A 187 38.87 -63.76 -28.28
CA ASP A 187 40.27 -64.15 -28.12
C ASP A 187 40.84 -63.61 -26.82
N ALA A 188 40.61 -62.32 -26.56
CA ALA A 188 41.13 -61.65 -25.35
C ALA A 188 40.66 -62.30 -24.06
N ILE A 189 39.40 -62.75 -24.04
CA ILE A 189 38.84 -63.47 -22.89
C ILE A 189 39.56 -64.80 -22.70
N HIS A 190 39.84 -65.50 -23.81
CA HIS A 190 40.58 -66.76 -23.80
C HIS A 190 41.97 -66.59 -23.20
N ILE A 191 42.70 -65.56 -23.66
CA ILE A 191 44.03 -65.26 -23.13
C ILE A 191 43.97 -64.92 -21.64
N ALA A 192 42.98 -64.11 -21.26
CA ALA A 192 42.76 -63.70 -19.88
C ALA A 192 42.65 -64.89 -18.92
N LEU A 193 41.91 -65.91 -19.36
CA LEU A 193 41.71 -67.11 -18.56
C LEU A 193 43.00 -67.91 -18.42
N LEU A 194 43.73 -68.03 -19.53
CA LEU A 194 45.02 -68.74 -19.54
C LEU A 194 46.07 -68.06 -18.66
N THR A 195 46.15 -66.72 -18.76
CA THR A 195 47.10 -65.93 -17.97
C THR A 195 46.82 -66.09 -16.47
N LEU A 196 45.54 -66.07 -16.13
CA LEU A 196 45.10 -66.18 -14.74
C LEU A 196 45.26 -67.60 -14.17
N LYS A 197 45.42 -68.59 -15.05
CA LYS A 197 45.61 -69.98 -14.63
C LYS A 197 47.01 -70.20 -14.04
N GLU A 198 47.95 -69.36 -14.43
CA GLU A 198 49.33 -69.45 -13.91
C GLU A 198 49.44 -68.86 -12.51
N SER A 199 48.46 -68.02 -12.14
CA SER A 199 48.41 -67.40 -10.81
C SER A 199 47.73 -68.31 -9.79
N VAL A 200 46.63 -68.93 -10.19
CA VAL A 200 45.78 -69.71 -9.28
C VAL A 200 46.29 -71.14 -9.08
N GLU A 201 46.66 -71.46 -7.85
CA GLU A 201 47.07 -72.82 -7.49
C GLU A 201 45.85 -73.71 -7.26
N GLY A 202 44.80 -73.12 -6.68
CA GLY A 202 43.61 -73.87 -6.23
C GLY A 202 42.62 -74.23 -7.33
N GLU A 203 41.34 -74.22 -6.97
CA GLU A 203 40.26 -74.49 -7.90
C GLU A 203 40.15 -73.36 -8.93
N PHE A 204 39.84 -73.72 -10.18
CA PHE A 204 39.79 -72.76 -11.28
C PHE A 204 38.50 -72.92 -12.09
N ASN A 205 37.48 -72.14 -11.73
CA ASN A 205 36.17 -72.19 -12.38
C ASN A 205 35.44 -70.85 -12.32
N GLY A 206 34.18 -70.84 -12.75
CA GLY A 206 33.35 -69.63 -12.73
C GLY A 206 32.99 -69.12 -11.34
N ASP A 207 33.25 -69.94 -10.31
CA ASP A 207 32.95 -69.60 -8.92
C ASP A 207 34.12 -68.93 -8.20
N THR A 208 35.33 -69.07 -8.74
CA THR A 208 36.55 -68.56 -8.11
C THR A 208 37.26 -67.51 -8.96
N ILE A 209 36.74 -67.27 -10.16
CA ILE A 209 37.29 -66.29 -11.08
C ILE A 209 36.24 -65.23 -11.42
N GLU A 210 36.60 -63.96 -11.28
CA GLU A 210 35.69 -62.87 -11.57
C GLU A 210 36.12 -62.16 -12.84
N LEU A 211 35.20 -62.08 -13.81
CA LEU A 211 35.50 -61.54 -15.12
C LEU A 211 34.38 -60.66 -15.64
N ALA A 212 34.75 -59.54 -16.24
CA ALA A 212 33.79 -58.61 -16.84
C ALA A 212 34.35 -57.97 -18.09
N ILE A 213 33.46 -57.54 -19.00
CA ILE A 213 33.87 -56.96 -20.27
C ILE A 213 33.33 -55.55 -20.54
N ILE A 214 34.04 -54.82 -21.38
CA ILE A 214 33.55 -53.59 -21.98
C ILE A 214 33.45 -53.87 -23.47
N GLY A 215 32.26 -54.28 -23.92
CA GLY A 215 32.06 -54.69 -25.31
C GLY A 215 30.95 -53.96 -26.02
N ASP A 216 30.09 -54.72 -26.69
CA ASP A 216 28.94 -54.18 -27.40
C ASP A 216 27.89 -53.65 -26.42
N GLU A 217 26.97 -52.82 -26.92
CA GLU A 217 25.83 -52.35 -26.15
C GLU A 217 24.87 -53.51 -25.89
N ASN A 218 24.33 -53.58 -24.67
CA ASN A 218 23.40 -54.64 -24.28
C ASN A 218 21.99 -54.09 -24.03
N PRO A 219 21.14 -54.09 -25.09
CA PRO A 219 19.77 -53.56 -24.98
C PRO A 219 18.90 -54.33 -23.99
N ASP A 220 19.18 -55.62 -23.83
CA ASP A 220 18.44 -56.46 -22.90
C ASP A 220 18.84 -56.21 -21.44
N LEU A 221 19.86 -55.39 -21.24
CA LEU A 221 20.31 -54.99 -19.90
C LEU A 221 19.90 -53.56 -19.53
N LEU A 222 19.30 -52.84 -20.48
CA LEU A 222 18.93 -51.43 -20.28
C LEU A 222 17.82 -51.24 -19.25
N GLY A 223 16.82 -52.12 -19.29
CA GLY A 223 15.71 -52.08 -18.35
C GLY A 223 14.45 -51.43 -18.91
N TYR A 224 14.58 -50.75 -20.04
CA TYR A 224 13.45 -50.05 -20.66
C TYR A 224 13.63 -49.93 -22.18
N THR A 225 12.53 -49.77 -22.89
CA THR A 225 12.54 -49.50 -24.32
C THR A 225 11.81 -48.18 -24.60
N GLY A 226 12.16 -47.53 -25.70
CA GLY A 226 11.53 -46.26 -26.06
C GLY A 226 12.47 -45.28 -26.72
N ILE A 227 13.48 -44.83 -25.98
CA ILE A 227 14.47 -43.90 -26.52
C ILE A 227 15.48 -44.65 -27.41
N PRO A 228 15.51 -44.31 -28.71
CA PRO A 228 16.35 -45.02 -29.70
C PRO A 228 17.84 -44.73 -29.56
N THR A 229 18.19 -43.56 -29.02
CA THR A 229 19.60 -43.18 -28.85
C THR A 229 20.26 -43.87 -27.65
N ASP A 230 19.46 -44.52 -26.81
CA ASP A 230 19.99 -45.32 -25.71
C ASP A 230 19.86 -46.80 -26.08
N LYS A 231 21.00 -47.50 -26.14
CA LYS A 231 21.04 -48.90 -26.58
C LYS A 231 21.50 -49.91 -25.52
N GLY A 232 21.78 -49.42 -24.31
CA GLY A 232 22.18 -50.30 -23.21
C GLY A 232 23.64 -50.12 -22.79
N PRO A 233 24.02 -50.74 -21.65
CA PRO A 233 25.39 -50.61 -21.17
C PRO A 233 26.38 -51.47 -21.95
N ARG A 234 27.64 -51.04 -21.98
CA ARG A 234 28.71 -51.81 -22.59
C ARG A 234 29.46 -52.64 -21.55
N PHE A 235 29.31 -52.27 -20.28
CA PHE A 235 29.85 -53.06 -19.17
C PHE A 235 28.96 -54.27 -18.94
N ARG A 236 29.53 -55.46 -19.06
CA ARG A 236 28.83 -56.68 -18.70
C ARG A 236 29.71 -57.60 -17.87
N LYS A 237 29.15 -58.05 -16.74
CA LYS A 237 29.81 -59.02 -15.90
C LYS A 237 29.35 -60.42 -16.32
N LEU A 238 30.31 -61.30 -16.57
CA LEU A 238 30.02 -62.66 -16.97
C LEU A 238 29.56 -63.49 -15.77
N THR A 239 28.58 -64.35 -16.01
CA THR A 239 28.05 -65.21 -14.95
C THR A 239 28.97 -66.40 -14.70
N SER A 240 28.78 -67.04 -13.56
CA SER A 240 29.53 -68.25 -13.21
C SER A 240 29.43 -69.31 -14.31
N GLN A 241 28.23 -69.45 -14.87
CA GLN A 241 27.96 -70.38 -15.97
C GLN A 241 28.63 -69.97 -17.29
N GLU A 242 28.64 -68.67 -17.56
CA GLU A 242 29.26 -68.12 -18.78
C GLU A 242 30.78 -68.29 -18.83
N ILE A 243 31.41 -68.30 -17.65
CA ILE A 243 32.85 -68.52 -17.54
C ILE A 243 33.20 -69.99 -17.81
N ASN A 244 32.42 -70.90 -17.22
CA ASN A 244 32.64 -72.35 -17.35
C ASN A 244 32.58 -72.87 -18.79
N ASP A 245 31.83 -72.18 -19.65
CA ASP A 245 31.72 -72.52 -21.07
C ASP A 245 33.04 -72.37 -21.80
N ARG A 246 33.79 -71.31 -21.48
CA ARG A 246 35.07 -71.03 -22.10
C ARG A 246 36.22 -71.82 -21.46
N LEU A 247 35.92 -72.52 -20.37
CA LEU A 247 36.92 -73.35 -19.69
C LEU A 247 36.84 -74.82 -20.13
N GLU A 248 35.69 -75.21 -20.68
CA GLU A 248 35.51 -76.55 -21.24
C GLU A 248 36.37 -76.74 -22.49
N ALA A 249 36.49 -75.68 -23.28
CA ALA A 249 37.44 -75.64 -24.39
C ALA A 249 38.51 -74.61 -24.06
N LEU A 250 39.60 -75.08 -23.45
CA LEU A 250 40.67 -74.21 -22.96
C LEU A 250 42.03 -74.91 -23.01
N GLY B 1 49.60 -35.45 21.97
CA GLY B 1 48.76 -35.23 20.75
C GLY B 1 49.45 -35.63 19.45
N SER B 2 49.41 -34.73 18.47
CA SER B 2 49.90 -35.01 17.12
C SER B 2 51.34 -34.53 16.88
N ARG B 3 51.80 -33.60 17.72
CA ARG B 3 53.12 -32.97 17.63
C ARG B 3 54.27 -33.96 17.45
N ARG B 4 54.07 -35.19 17.93
CA ARG B 4 55.09 -36.24 17.92
C ARG B 4 55.37 -36.78 16.52
N TYR B 5 54.41 -36.59 15.60
CA TYR B 5 54.47 -37.20 14.26
C TYR B 5 54.66 -36.16 13.14
N ASP B 6 54.80 -34.89 13.51
CA ASP B 6 54.98 -33.80 12.55
C ASP B 6 56.41 -33.75 12.02
N SER B 7 56.56 -33.95 10.71
CA SER B 7 57.86 -33.88 10.06
C SER B 7 58.41 -32.46 9.99
N ARG B 8 57.53 -31.47 10.12
CA ARG B 8 57.86 -30.05 9.97
C ARG B 8 58.47 -29.82 8.60
N THR B 9 57.60 -29.76 7.60
CA THR B 9 57.99 -29.70 6.20
C THR B 9 58.54 -28.33 5.82
N THR B 10 58.14 -27.31 6.57
CA THR B 10 58.46 -25.93 6.23
C THR B 10 59.40 -25.27 7.24
N ILE B 11 60.54 -25.90 7.49
CA ILE B 11 61.56 -25.31 8.37
C ILE B 11 62.94 -25.27 7.71
N PHE B 12 63.76 -24.31 8.12
CA PHE B 12 65.13 -24.17 7.63
C PHE B 12 66.08 -25.15 8.31
N SER B 13 67.07 -25.60 7.56
CA SER B 13 68.22 -26.33 8.12
C SER B 13 69.18 -25.34 8.76
N PRO B 14 70.07 -25.80 9.65
CA PRO B 14 71.09 -24.91 10.21
C PRO B 14 71.91 -24.18 9.13
N GLU B 15 72.01 -24.77 7.95
CA GLU B 15 72.73 -24.16 6.84
C GLU B 15 71.90 -23.10 6.11
N GLY B 16 70.59 -23.11 6.32
CA GLY B 16 69.70 -22.14 5.70
C GLY B 16 68.99 -22.68 4.46
N ARG B 17 69.00 -24.00 4.30
CA ARG B 17 68.29 -24.65 3.20
C ARG B 17 66.99 -25.24 3.71
N LEU B 18 66.04 -25.43 2.80
CA LEU B 18 64.76 -26.04 3.14
C LEU B 18 64.80 -27.53 2.83
N TYR B 19 64.85 -28.35 3.88
CA TYR B 19 64.94 -29.80 3.77
C TYR B 19 64.08 -30.39 2.64
N GLN B 20 62.76 -30.19 2.74
CA GLN B 20 61.80 -30.82 1.82
C GLN B 20 61.93 -30.35 0.37
N VAL B 21 62.34 -29.11 0.18
CA VAL B 21 62.61 -28.59 -1.16
C VAL B 21 63.83 -29.30 -1.75
N GLU B 22 64.87 -29.45 -0.94
CA GLU B 22 66.10 -30.14 -1.34
C GLU B 22 65.85 -31.61 -1.68
N TYR B 23 65.04 -32.28 -0.86
CA TYR B 23 64.74 -33.70 -1.05
C TYR B 23 63.81 -33.94 -2.23
N ALA B 24 62.90 -33.00 -2.48
CA ALA B 24 62.05 -33.05 -3.66
C ALA B 24 62.86 -32.83 -4.94
N LEU B 25 63.89 -31.99 -4.86
CA LEU B 25 64.79 -31.73 -5.99
C LEU B 25 65.63 -32.95 -6.32
N GLU B 26 65.96 -33.74 -5.28
CA GLU B 26 66.67 -35.00 -5.43
C GLU B 26 65.78 -36.05 -6.11
N SER B 27 64.48 -35.98 -5.84
CA SER B 27 63.49 -36.86 -6.47
C SER B 27 63.41 -36.62 -7.98
N ILE B 28 63.45 -35.34 -8.36
CA ILE B 28 63.33 -34.93 -9.75
C ILE B 28 64.56 -35.33 -10.57
N SER B 29 65.73 -35.36 -9.93
CA SER B 29 66.97 -35.77 -10.58
C SER B 29 66.94 -37.23 -11.06
N HIS B 30 65.93 -37.98 -10.64
CA HIS B 30 65.75 -39.37 -11.06
C HIS B 30 64.71 -39.52 -12.16
N ALA B 31 63.88 -38.49 -12.34
CA ALA B 31 62.81 -38.50 -13.34
C ALA B 31 63.35 -38.31 -14.76
N GLY B 32 62.58 -38.79 -15.73
CA GLY B 32 62.93 -38.64 -17.15
C GLY B 32 63.28 -37.22 -17.55
N THR B 33 64.33 -37.09 -18.36
CA THR B 33 64.83 -35.79 -18.77
C THR B 33 63.90 -35.10 -19.76
N ALA B 34 63.67 -33.81 -19.53
CA ALA B 34 62.93 -32.96 -20.46
C ALA B 34 63.80 -31.78 -20.89
N ILE B 35 63.66 -31.37 -22.15
CA ILE B 35 64.50 -30.32 -22.73
C ILE B 35 63.69 -29.30 -23.51
N GLY B 36 63.93 -28.03 -23.20
CA GLY B 36 63.35 -26.92 -23.95
C GLY B 36 64.42 -26.10 -24.64
N ILE B 37 64.19 -25.76 -25.91
CA ILE B 37 65.10 -24.90 -26.67
C ILE B 37 64.33 -23.81 -27.42
N MET B 38 64.69 -22.56 -27.15
CA MET B 38 64.07 -21.43 -27.80
C MET B 38 64.93 -20.93 -28.96
N ALA B 39 64.30 -20.78 -30.12
CA ALA B 39 64.94 -20.30 -31.35
C ALA B 39 64.32 -18.98 -31.81
N SER B 40 64.79 -18.46 -32.94
CA SER B 40 64.32 -17.18 -33.46
C SER B 40 62.89 -17.25 -34.03
N ASP B 41 62.51 -18.45 -34.48
CA ASP B 41 61.22 -18.64 -35.15
C ASP B 41 60.31 -19.69 -34.48
N GLY B 42 60.60 -20.01 -33.22
CA GLY B 42 59.81 -20.99 -32.46
C GLY B 42 60.55 -21.66 -31.32
N ILE B 43 59.84 -22.53 -30.60
CA ILE B 43 60.37 -23.20 -29.41
C ILE B 43 60.16 -24.72 -29.49
N VAL B 44 61.14 -25.48 -28.99
CA VAL B 44 61.08 -26.93 -28.96
C VAL B 44 60.92 -27.45 -27.52
N LEU B 45 60.03 -28.41 -27.33
CA LEU B 45 59.95 -29.17 -26.09
C LEU B 45 60.07 -30.66 -26.36
N ALA B 46 61.08 -31.29 -25.76
CA ALA B 46 61.31 -32.72 -25.88
C ALA B 46 61.39 -33.35 -24.50
N ALA B 47 60.95 -34.60 -24.38
CA ALA B 47 60.97 -35.30 -23.10
C ALA B 47 61.15 -36.80 -23.27
N GLU B 48 61.83 -37.42 -22.32
CA GLU B 48 62.08 -38.84 -22.41
C GLU B 48 61.22 -39.55 -21.42
N ARG B 49 60.41 -40.47 -21.89
CA ARG B 49 59.54 -41.24 -21.05
C ARG B 49 60.42 -42.17 -20.32
N LYS B 50 59.91 -42.83 -19.28
CA LYS B 50 60.77 -43.64 -18.43
C LYS B 50 60.55 -45.15 -18.53
N VAL B 51 61.63 -45.86 -18.83
CA VAL B 51 61.66 -47.32 -18.84
C VAL B 51 60.88 -47.92 -20.00
N THR B 52 59.58 -47.63 -20.05
CA THR B 52 58.72 -48.10 -21.13
C THR B 52 58.27 -49.55 -20.91
N SER B 53 57.43 -50.03 -21.81
CA SER B 53 57.01 -51.43 -21.83
C SER B 53 56.55 -51.76 -23.24
N THR B 54 56.51 -53.04 -23.59
CA THR B 54 56.01 -53.38 -24.91
C THR B 54 54.55 -53.07 -25.07
N LEU B 55 53.78 -53.34 -24.03
CA LEU B 55 52.32 -53.20 -24.04
C LEU B 55 51.85 -51.79 -23.72
N LEU B 56 52.76 -50.92 -23.29
CA LEU B 56 52.42 -49.54 -22.96
C LEU B 56 51.95 -48.79 -24.21
N GLU B 57 50.67 -48.43 -24.23
CA GLU B 57 50.06 -47.70 -25.34
C GLU B 57 50.68 -46.30 -25.46
N GLN B 58 51.17 -45.99 -26.65
CA GLN B 58 51.81 -44.70 -26.91
C GLN B 58 50.86 -43.74 -27.63
N ASP B 59 49.88 -44.30 -28.34
CA ASP B 59 48.92 -43.52 -29.11
C ASP B 59 48.13 -42.53 -28.26
N THR B 60 47.37 -43.05 -27.30
CA THR B 60 46.53 -42.20 -26.42
C THR B 60 47.33 -41.47 -25.34
N SER B 61 48.56 -41.92 -25.10
CA SER B 61 49.40 -41.39 -24.02
C SER B 61 49.94 -39.99 -24.28
N THR B 62 49.96 -39.18 -23.21
CA THR B 62 50.62 -37.87 -23.20
C THR B 62 50.87 -37.51 -21.72
N GLU B 63 52.01 -37.95 -21.21
CA GLU B 63 52.30 -37.88 -19.77
C GLU B 63 53.25 -36.76 -19.33
N LYS B 64 54.12 -36.32 -20.25
CA LYS B 64 55.15 -35.34 -19.89
C LYS B 64 54.95 -33.97 -20.54
N LEU B 65 54.16 -33.93 -21.61
CA LEU B 65 53.87 -32.68 -22.31
C LEU B 65 52.40 -32.32 -22.19
N TYR B 66 52.13 -31.08 -21.78
CA TYR B 66 50.77 -30.63 -21.55
C TYR B 66 50.49 -29.25 -22.12
N LYS B 67 49.28 -29.08 -22.64
CA LYS B 67 48.84 -27.82 -23.19
C LYS B 67 48.13 -27.01 -22.11
N LEU B 68 48.65 -25.80 -21.84
CA LEU B 68 48.06 -24.92 -20.83
C LEU B 68 47.12 -23.89 -21.45
N ASN B 69 47.43 -23.51 -22.69
CA ASN B 69 46.77 -22.41 -23.37
C ASN B 69 46.79 -22.73 -24.86
N ASP B 70 46.33 -21.79 -25.69
CA ASP B 70 46.52 -21.90 -27.12
C ASP B 70 47.91 -21.45 -27.55
N LYS B 71 48.67 -20.90 -26.59
CA LYS B 71 49.98 -20.33 -26.87
C LYS B 71 51.05 -20.78 -25.87
N ILE B 72 50.62 -21.41 -24.78
CA ILE B 72 51.55 -21.86 -23.73
C ILE B 72 51.45 -23.37 -23.52
N ALA B 73 52.60 -24.01 -23.30
CA ALA B 73 52.67 -25.44 -23.02
C ALA B 73 53.76 -25.75 -21.99
N VAL B 74 53.69 -26.93 -21.37
CA VAL B 74 54.67 -27.32 -20.36
C VAL B 74 55.24 -28.72 -20.55
N ALA B 75 56.53 -28.85 -20.24
CA ALA B 75 57.18 -30.15 -20.09
C ALA B 75 57.35 -30.43 -18.60
N VAL B 76 57.07 -31.67 -18.20
CA VAL B 76 57.04 -32.05 -16.79
C VAL B 76 58.16 -33.01 -16.41
N ALA B 77 58.79 -32.77 -15.26
CA ALA B 77 59.72 -33.72 -14.66
C ALA B 77 59.38 -33.93 -13.18
N GLY B 78 59.09 -35.17 -12.81
CA GLY B 78 58.72 -35.50 -11.44
C GLY B 78 57.43 -36.29 -11.38
N LEU B 79 56.70 -36.15 -10.27
CA LEU B 79 55.41 -36.81 -10.07
C LEU B 79 54.38 -36.25 -11.04
N THR B 80 53.79 -37.12 -11.86
CA THR B 80 52.76 -36.69 -12.81
C THR B 80 51.49 -36.27 -12.08
N ALA B 81 51.15 -36.99 -11.02
CA ALA B 81 49.97 -36.68 -10.21
C ALA B 81 50.02 -35.27 -9.61
N ASP B 82 51.17 -34.89 -9.05
CA ASP B 82 51.39 -33.54 -8.53
C ASP B 82 51.31 -32.50 -9.64
N ALA B 83 51.87 -32.84 -10.80
CA ALA B 83 51.91 -31.94 -11.94
C ALA B 83 50.51 -31.62 -12.47
N GLU B 84 49.65 -32.62 -12.52
CA GLU B 84 48.29 -32.43 -13.03
C GLU B 84 47.47 -31.47 -12.16
N ILE B 85 47.71 -31.50 -10.85
CA ILE B 85 47.06 -30.57 -9.91
C ILE B 85 47.43 -29.12 -10.23
N LEU B 86 48.73 -28.89 -10.44
CA LEU B 86 49.24 -27.56 -10.80
C LEU B 86 48.84 -27.15 -12.21
N ILE B 87 48.80 -28.13 -13.13
CA ILE B 87 48.41 -27.88 -14.52
C ILE B 87 46.99 -27.35 -14.62
N ASN B 88 46.08 -27.92 -13.83
CA ASN B 88 44.69 -27.51 -13.86
C ASN B 88 44.47 -26.08 -13.35
N THR B 89 45.19 -25.71 -12.29
CA THR B 89 45.05 -24.37 -11.71
C THR B 89 45.61 -23.33 -12.67
N ALA B 90 46.70 -23.71 -13.37
CA ALA B 90 47.29 -22.87 -14.40
C ALA B 90 46.33 -22.67 -15.57
N ARG B 91 45.60 -23.73 -15.90
CA ARG B 91 44.60 -23.67 -16.96
C ARG B 91 43.46 -22.73 -16.59
N ILE B 92 43.02 -22.82 -15.33
CA ILE B 92 41.99 -21.93 -14.79
C ILE B 92 42.46 -20.47 -14.74
N HIS B 93 43.71 -20.26 -14.34
CA HIS B 93 44.27 -18.91 -14.24
C HIS B 93 44.27 -18.20 -15.59
N ALA B 94 44.66 -18.91 -16.64
CA ALA B 94 44.70 -18.37 -17.99
C ALA B 94 43.30 -18.00 -18.50
N GLN B 95 42.31 -18.76 -18.04
CA GLN B 95 40.93 -18.49 -18.44
C GLN B 95 40.32 -17.32 -17.66
N ASN B 96 40.68 -17.21 -16.38
CA ASN B 96 40.27 -16.07 -15.56
C ASN B 96 40.83 -14.77 -16.13
N TYR B 97 42.10 -14.81 -16.54
CA TYR B 97 42.75 -13.66 -17.16
C TYR B 97 42.06 -13.25 -18.46
N LEU B 98 41.71 -14.24 -19.28
CA LEU B 98 41.02 -14.01 -20.56
C LEU B 98 39.62 -13.42 -20.35
N LYS B 99 38.93 -13.89 -19.31
CA LYS B 99 37.61 -13.39 -18.95
C LYS B 99 37.65 -11.94 -18.49
N THR B 100 38.69 -11.60 -17.74
CA THR B 100 38.86 -10.25 -17.17
C THR B 100 39.29 -9.21 -18.20
N TYR B 101 40.33 -9.52 -18.97
CA TYR B 101 41.00 -8.53 -19.82
C TYR B 101 40.70 -8.64 -21.31
N ASN B 102 40.00 -9.70 -21.71
CA ASN B 102 39.77 -10.04 -23.13
C ASN B 102 41.07 -10.16 -23.92
N GLU B 103 42.12 -10.59 -23.24
CA GLU B 103 43.43 -10.81 -23.83
C GLU B 103 44.05 -12.08 -23.26
N ASP B 104 44.84 -12.78 -24.07
CA ASP B 104 45.55 -13.99 -23.62
C ASP B 104 46.58 -13.63 -22.56
N ILE B 105 46.68 -14.45 -21.52
CA ILE B 105 47.63 -14.20 -20.42
C ILE B 105 49.07 -14.19 -20.93
N PRO B 106 49.83 -13.11 -20.58
CA PRO B 106 51.27 -13.10 -20.83
C PRO B 106 51.94 -14.25 -20.12
N VAL B 107 52.98 -14.81 -20.74
CA VAL B 107 53.63 -16.03 -20.26
C VAL B 107 54.18 -15.90 -18.83
N GLU B 108 54.88 -14.80 -18.54
CA GLU B 108 55.47 -14.63 -17.20
C GLU B 108 54.43 -14.61 -16.09
N ILE B 109 53.33 -13.89 -16.32
CA ILE B 109 52.22 -13.81 -15.35
C ILE B 109 51.71 -15.19 -14.94
N LEU B 110 51.51 -16.07 -15.92
CA LEU B 110 51.09 -17.45 -15.64
C LEU B 110 52.14 -18.21 -14.84
N VAL B 111 53.40 -18.11 -15.27
CA VAL B 111 54.52 -18.74 -14.57
C VAL B 111 54.65 -18.26 -13.11
N ARG B 112 54.58 -16.93 -12.91
CA ARG B 112 54.72 -16.34 -11.59
C ARG B 112 53.69 -16.88 -10.60
N ARG B 113 52.44 -17.01 -11.06
CA ARG B 113 51.35 -17.52 -10.24
C ARG B 113 51.60 -18.96 -9.79
N LEU B 114 51.89 -19.86 -10.73
CA LEU B 114 52.21 -21.25 -10.40
C LEU B 114 53.41 -21.34 -9.47
N SER B 115 54.42 -20.51 -9.73
CA SER B 115 55.61 -20.44 -8.91
C SER B 115 55.32 -19.86 -7.53
N ASP B 116 54.18 -19.19 -7.40
CA ASP B 116 53.75 -18.63 -6.12
C ASP B 116 52.98 -19.67 -5.30
N ILE B 117 52.21 -20.50 -5.99
CA ILE B 117 51.50 -21.62 -5.37
C ILE B 117 52.52 -22.59 -4.76
N LYS B 118 53.57 -22.90 -5.53
CA LYS B 118 54.66 -23.76 -5.07
C LYS B 118 55.37 -23.18 -3.86
N GLN B 119 55.69 -21.89 -3.93
CA GLN B 119 56.31 -21.16 -2.83
C GLN B 119 55.52 -21.29 -1.51
N GLY B 120 54.19 -21.35 -1.60
CA GLY B 120 53.32 -21.43 -0.41
C GLY B 120 53.53 -22.68 0.42
N TYR B 121 53.55 -23.83 -0.26
CA TYR B 121 53.78 -25.13 0.36
C TYR B 121 55.17 -25.23 0.98
N THR B 122 55.98 -24.22 0.68
CA THR B 122 57.33 -24.05 1.21
C THR B 122 57.34 -23.28 2.55
N GLN B 123 56.35 -22.42 2.76
CA GLN B 123 56.37 -21.46 3.87
C GLN B 123 55.31 -21.69 4.96
N HIS B 124 54.14 -22.15 4.57
CA HIS B 124 53.06 -22.39 5.53
C HIS B 124 52.27 -23.65 5.20
N GLY B 125 51.35 -24.03 6.09
CA GLY B 125 50.40 -25.11 5.82
C GLY B 125 50.85 -26.49 6.28
N GLY B 126 52.15 -26.66 6.47
CA GLY B 126 52.73 -27.91 6.96
C GLY B 126 52.55 -29.12 6.06
N LEU B 127 52.30 -28.87 4.77
CA LEU B 127 52.18 -29.95 3.79
C LEU B 127 53.49 -30.11 3.02
N ARG B 128 53.64 -31.23 2.33
CA ARG B 128 54.81 -31.47 1.49
C ARG B 128 54.77 -30.63 0.21
N PRO B 129 55.94 -30.28 -0.35
CA PRO B 129 55.94 -29.53 -1.60
C PRO B 129 55.56 -30.41 -2.78
N PHE B 130 55.26 -29.79 -3.91
CA PHE B 130 55.00 -30.54 -5.14
C PHE B 130 56.35 -31.01 -5.71
N GLY B 131 56.46 -32.31 -5.94
CA GLY B 131 57.70 -32.88 -6.49
C GLY B 131 57.74 -32.75 -7.99
N VAL B 132 57.74 -31.51 -8.47
CA VAL B 132 57.61 -31.21 -9.90
C VAL B 132 58.52 -30.07 -10.32
N SER B 133 59.18 -30.25 -11.45
CA SER B 133 59.86 -29.16 -12.15
C SER B 133 59.23 -28.97 -13.52
N PHE B 134 58.97 -27.71 -13.87
CA PHE B 134 58.31 -27.37 -15.14
C PHE B 134 59.25 -26.67 -16.11
N ILE B 135 59.08 -26.94 -17.39
CA ILE B 135 59.64 -26.09 -18.44
C ILE B 135 58.47 -25.50 -19.21
N TYR B 136 58.34 -24.17 -19.15
CA TYR B 136 57.27 -23.46 -19.84
C TYR B 136 57.73 -22.98 -21.22
N ALA B 137 56.89 -23.21 -22.22
CA ALA B 137 57.12 -22.71 -23.57
C ALA B 137 55.91 -21.90 -24.02
N GLY B 138 56.14 -20.65 -24.42
CA GLY B 138 55.03 -19.77 -24.77
C GLY B 138 55.32 -18.63 -25.73
N TYR B 139 54.25 -17.94 -26.11
CA TYR B 139 54.32 -16.76 -26.96
C TYR B 139 53.32 -15.69 -26.53
N ASP B 140 53.76 -14.43 -26.57
CA ASP B 140 52.88 -13.28 -26.43
C ASP B 140 53.42 -12.09 -27.22
N ASP B 141 52.59 -11.07 -27.42
CA ASP B 141 52.95 -9.92 -28.26
C ASP B 141 53.89 -8.92 -27.57
N ARG B 142 54.32 -9.25 -26.36
CA ARG B 142 55.24 -8.39 -25.61
C ARG B 142 56.68 -8.87 -25.72
N TYR B 143 56.93 -10.11 -25.34
CA TYR B 143 58.28 -10.68 -25.34
C TYR B 143 58.49 -11.76 -26.39
N GLY B 144 57.46 -12.04 -27.20
CA GLY B 144 57.54 -13.07 -28.22
C GLY B 144 57.72 -14.46 -27.63
N TYR B 145 58.65 -15.22 -28.18
CA TYR B 145 58.94 -16.58 -27.69
C TYR B 145 59.67 -16.54 -26.35
N GLN B 146 59.18 -17.34 -25.40
CA GLN B 146 59.73 -17.36 -24.05
C GLN B 146 59.87 -18.76 -23.51
N LEU B 147 60.93 -18.98 -22.75
CA LEU B 147 61.21 -20.27 -22.15
C LEU B 147 61.54 -20.06 -20.67
N TYR B 148 60.70 -20.62 -19.79
CA TYR B 148 60.92 -20.51 -18.35
C TYR B 148 61.03 -21.87 -17.70
N THR B 149 61.64 -21.90 -16.52
CA THR B 149 61.68 -23.11 -15.72
C THR B 149 61.26 -22.79 -14.29
N SER B 150 60.62 -23.73 -13.61
CA SER B 150 60.29 -23.58 -12.19
C SER B 150 60.41 -24.90 -11.45
N ASN B 151 60.83 -24.84 -10.19
CA ASN B 151 61.06 -26.03 -9.38
C ASN B 151 60.33 -25.95 -8.03
N PRO B 152 60.40 -27.01 -7.20
CA PRO B 152 59.61 -27.04 -5.96
C PRO B 152 59.79 -25.85 -5.03
N SER B 153 60.91 -25.13 -5.15
CA SER B 153 61.19 -23.98 -4.28
C SER B 153 60.25 -22.82 -4.55
N GLY B 154 59.74 -22.75 -5.78
CA GLY B 154 58.90 -21.65 -6.21
C GLY B 154 59.71 -20.61 -6.96
N ASN B 155 60.98 -20.92 -7.18
CA ASN B 155 61.86 -20.07 -7.95
C ASN B 155 61.68 -20.35 -9.44
N TYR B 156 61.59 -19.29 -10.23
CA TYR B 156 61.54 -19.43 -11.70
C TYR B 156 62.57 -18.53 -12.39
N THR B 157 63.07 -18.99 -13.53
CA THR B 157 64.06 -18.26 -14.32
C THR B 157 63.79 -18.37 -15.83
N GLY B 158 64.34 -17.44 -16.60
CA GLY B 158 64.21 -17.44 -18.06
C GLY B 158 65.41 -18.07 -18.74
N TRP B 159 65.17 -18.77 -19.84
CA TRP B 159 66.23 -19.53 -20.51
C TRP B 159 66.14 -19.46 -22.04
N LYS B 160 67.29 -19.64 -22.69
CA LYS B 160 67.35 -19.80 -24.14
C LYS B 160 67.32 -21.30 -24.48
N ALA B 161 67.94 -22.09 -23.61
CA ALA B 161 67.88 -23.54 -23.65
C ALA B 161 68.09 -24.07 -22.24
N ILE B 162 67.27 -25.03 -21.82
CA ILE B 162 67.33 -25.58 -20.46
C ILE B 162 66.87 -27.04 -20.42
N SER B 163 67.29 -27.75 -19.36
CA SER B 163 66.88 -29.13 -19.12
C SER B 163 66.43 -29.31 -17.67
N VAL B 164 65.47 -30.22 -17.46
CA VAL B 164 65.05 -30.62 -16.12
C VAL B 164 65.04 -32.15 -16.01
N GLY B 165 65.03 -32.65 -14.77
CA GLY B 165 65.00 -34.09 -14.53
C GLY B 165 66.39 -34.67 -14.35
N ALA B 166 66.61 -35.85 -14.92
CA ALA B 166 67.88 -36.57 -14.79
C ALA B 166 68.98 -35.96 -15.66
N ASN B 167 70.22 -36.10 -15.20
CA ASN B 167 71.42 -35.74 -15.97
C ASN B 167 71.41 -34.33 -16.59
N THR B 168 70.88 -33.36 -15.86
CA THR B 168 70.77 -31.98 -16.38
C THR B 168 72.12 -31.29 -16.52
N SER B 169 73.04 -31.64 -15.62
CA SER B 169 74.41 -31.10 -15.64
C SER B 169 75.14 -31.45 -16.94
N ALA B 170 75.03 -32.72 -17.35
CA ALA B 170 75.63 -33.19 -18.59
C ALA B 170 74.90 -32.62 -19.81
N ALA B 171 73.58 -32.44 -19.66
CA ALA B 171 72.74 -31.91 -20.73
C ALA B 171 72.95 -30.42 -20.96
N GLN B 172 73.18 -29.68 -19.89
CA GLN B 172 73.39 -28.23 -19.95
C GLN B 172 74.75 -27.90 -20.58
N THR B 173 75.75 -28.73 -20.30
CA THR B 173 77.09 -28.57 -20.87
C THR B 173 77.07 -28.77 -22.39
N LEU B 174 76.27 -29.73 -22.85
CA LEU B 174 76.11 -30.03 -24.28
C LEU B 174 75.33 -28.95 -25.02
N LEU B 175 74.33 -28.39 -24.36
CA LEU B 175 73.55 -27.28 -24.92
C LEU B 175 74.37 -26.00 -24.92
N GLN B 176 75.18 -25.82 -23.86
CA GLN B 176 76.09 -24.68 -23.75
C GLN B 176 77.17 -24.73 -24.84
N MET B 177 77.32 -25.89 -25.46
CA MET B 177 78.37 -26.13 -26.45
C MET B 177 77.88 -25.90 -27.88
N ASP B 178 76.63 -26.27 -28.17
CA ASP B 178 76.11 -26.27 -29.54
C ASP B 178 75.07 -25.19 -29.86
N TYR B 179 74.54 -24.54 -28.83
CA TYR B 179 73.50 -23.52 -29.01
C TYR B 179 74.08 -22.18 -29.45
N LYS B 180 73.45 -21.57 -30.46
CA LYS B 180 73.74 -20.18 -30.82
C LYS B 180 72.44 -19.37 -30.98
N ASP B 181 72.57 -18.05 -31.01
CA ASP B 181 71.41 -17.16 -30.94
C ASP B 181 70.56 -17.11 -32.21
N ASP B 182 71.22 -17.11 -33.37
CA ASP B 182 70.52 -17.06 -34.65
C ASP B 182 70.10 -18.45 -35.17
N MET B 183 69.75 -19.33 -34.23
CA MET B 183 69.31 -20.68 -34.56
C MET B 183 67.89 -20.71 -35.13
N LYS B 184 67.63 -21.71 -35.95
CA LYS B 184 66.31 -21.96 -36.50
C LYS B 184 65.65 -23.10 -35.72
N VAL B 185 64.33 -23.21 -35.82
CA VAL B 185 63.57 -24.27 -35.14
C VAL B 185 64.07 -25.66 -35.53
N ASP B 186 64.23 -25.90 -36.82
CA ASP B 186 64.64 -27.21 -37.33
C ASP B 186 66.03 -27.60 -36.83
N ASP B 187 66.87 -26.60 -36.58
CA ASP B 187 68.18 -26.79 -35.96
C ASP B 187 68.03 -27.13 -34.48
N ALA B 188 67.04 -26.51 -33.83
CA ALA B 188 66.77 -26.73 -32.41
C ALA B 188 66.19 -28.11 -32.13
N ILE B 189 65.39 -28.61 -33.06
CA ILE B 189 64.84 -29.96 -33.01
C ILE B 189 66.00 -30.97 -32.97
N GLU B 190 66.99 -30.74 -33.83
CA GLU B 190 68.17 -31.61 -33.92
C GLU B 190 68.98 -31.60 -32.61
N LEU B 191 69.23 -30.40 -32.07
CA LEU B 191 70.00 -30.25 -30.85
C LEU B 191 69.35 -31.00 -29.68
N ALA B 192 68.03 -30.85 -29.56
CA ALA B 192 67.26 -31.50 -28.50
C ALA B 192 67.37 -33.01 -28.52
N LEU B 193 67.29 -33.60 -29.71
CA LEU B 193 67.35 -35.05 -29.86
C LEU B 193 68.76 -35.59 -29.64
N LYS B 194 69.76 -34.87 -30.15
CA LYS B 194 71.17 -35.24 -29.98
C LYS B 194 71.54 -35.24 -28.50
N THR B 195 71.06 -34.23 -27.77
CA THR B 195 71.36 -34.08 -26.35
C THR B 195 70.77 -35.22 -25.53
N LEU B 196 69.52 -35.55 -25.82
CA LEU B 196 68.82 -36.64 -25.13
C LEU B 196 69.48 -37.99 -25.42
N SER B 197 69.92 -38.16 -26.67
CA SER B 197 70.60 -39.38 -27.10
C SER B 197 71.92 -39.60 -26.36
N LYS B 198 72.60 -38.50 -26.02
CA LYS B 198 73.91 -38.55 -25.37
C LYS B 198 73.83 -38.70 -23.85
N THR B 199 72.68 -38.39 -23.27
CA THR B 199 72.51 -38.44 -21.82
C THR B 199 71.60 -39.57 -21.34
N THR B 200 71.06 -40.34 -22.28
CA THR B 200 70.16 -41.46 -21.98
C THR B 200 70.85 -42.50 -21.11
N ASP B 201 70.08 -43.12 -20.21
CA ASP B 201 70.55 -44.25 -19.42
C ASP B 201 70.19 -45.56 -20.11
N SER B 202 69.35 -45.46 -21.16
CA SER B 202 68.92 -46.62 -21.95
C SER B 202 69.89 -46.91 -23.08
N SER B 203 69.65 -48.03 -23.78
CA SER B 203 70.47 -48.42 -24.92
C SER B 203 70.29 -47.46 -26.10
N ALA B 204 69.23 -47.68 -26.88
CA ALA B 204 68.94 -46.85 -28.04
C ALA B 204 67.74 -45.94 -27.78
N LEU B 205 67.85 -44.69 -28.21
CA LEU B 205 66.76 -43.73 -28.08
C LEU B 205 65.74 -43.95 -29.19
N THR B 206 64.58 -44.49 -28.82
CA THR B 206 63.55 -44.88 -29.79
C THR B 206 62.32 -43.98 -29.70
N TYR B 207 61.40 -44.12 -30.66
CA TYR B 207 60.21 -43.28 -30.76
C TYR B 207 59.21 -43.49 -29.63
N ASP B 208 59.09 -44.74 -29.18
CA ASP B 208 58.12 -45.09 -28.14
C ASP B 208 58.53 -44.61 -26.75
N ARG B 209 59.68 -43.97 -26.70
CA ARG B 209 60.26 -43.44 -25.49
C ARG B 209 60.39 -41.92 -25.48
N LEU B 210 59.78 -41.25 -26.44
CA LEU B 210 59.90 -39.79 -26.60
C LEU B 210 58.58 -39.07 -26.79
N GLU B 211 58.53 -37.85 -26.27
CA GLU B 211 57.43 -36.92 -26.53
C GLU B 211 58.01 -35.62 -27.08
N PHE B 212 57.41 -35.12 -28.15
CA PHE B 212 57.96 -33.98 -28.87
C PHE B 212 56.88 -32.96 -29.20
N ALA B 213 57.22 -31.68 -29.08
CA ALA B 213 56.28 -30.58 -29.35
C ALA B 213 56.98 -29.32 -29.82
N THR B 214 56.28 -28.55 -30.68
CA THR B 214 56.79 -27.27 -31.15
C THR B 214 55.75 -26.17 -30.98
N ILE B 215 56.23 -24.97 -30.68
CA ILE B 215 55.41 -23.77 -30.75
C ILE B 215 56.01 -22.87 -31.83
N ARG B 216 55.44 -22.95 -33.02
CA ARG B 216 55.95 -22.26 -34.18
C ARG B 216 54.89 -21.28 -34.65
N LYS B 217 55.30 -20.23 -35.35
CA LYS B 217 54.37 -19.31 -35.99
C LYS B 217 54.11 -19.82 -37.40
N GLY B 218 52.83 -20.03 -37.72
CA GLY B 218 52.40 -20.58 -39.01
C GLY B 218 53.16 -20.01 -40.19
N ALA B 219 53.87 -20.88 -40.91
CA ALA B 219 54.72 -20.49 -42.05
C ALA B 219 53.96 -19.77 -43.18
N ASN B 220 52.64 -19.62 -42.98
CA ASN B 220 51.79 -18.87 -43.90
C ASN B 220 50.61 -18.22 -43.18
N ASP B 221 50.31 -18.72 -41.98
CA ASP B 221 49.17 -18.27 -41.19
C ASP B 221 49.39 -16.86 -40.61
N GLY B 222 50.51 -16.68 -39.91
CA GLY B 222 50.78 -15.44 -39.18
C GLY B 222 50.39 -15.55 -37.71
N GLU B 223 49.58 -16.55 -37.40
CA GLU B 223 49.16 -16.85 -36.04
C GLU B 223 50.06 -17.94 -35.44
N VAL B 224 50.07 -18.04 -34.11
CA VAL B 224 50.90 -19.02 -33.41
C VAL B 224 50.23 -20.39 -33.28
N TYR B 225 51.00 -21.43 -33.56
CA TYR B 225 50.49 -22.80 -33.63
C TYR B 225 51.26 -23.74 -32.71
N GLN B 226 50.51 -24.53 -31.94
CA GLN B 226 51.09 -25.58 -31.10
C GLN B 226 51.00 -26.93 -31.80
N LYS B 227 52.06 -27.71 -31.72
CA LYS B 227 52.10 -29.01 -32.37
C LYS B 227 52.69 -30.07 -31.45
N ILE B 228 51.83 -30.93 -30.92
CA ILE B 228 52.29 -32.10 -30.17
C ILE B 228 52.49 -33.24 -31.17
N PHE B 229 53.75 -33.65 -31.34
CA PHE B 229 54.13 -34.67 -32.30
C PHE B 229 53.50 -36.02 -31.99
N LYS B 230 52.82 -36.58 -32.98
CA LYS B 230 52.18 -37.89 -32.88
C LYS B 230 53.23 -38.97 -33.18
N PRO B 231 53.17 -40.10 -32.43
CA PRO B 231 54.12 -41.21 -32.51
C PRO B 231 54.81 -41.43 -33.86
N GLN B 232 54.05 -41.41 -34.96
CA GLN B 232 54.59 -41.62 -36.30
C GLN B 232 55.53 -40.49 -36.75
N GLU B 233 55.19 -39.26 -36.35
CA GLU B 233 55.96 -38.07 -36.73
C GLU B 233 57.34 -38.03 -36.07
N ILE B 234 57.42 -38.50 -34.83
CA ILE B 234 58.69 -38.58 -34.11
C ILE B 234 59.58 -39.67 -34.71
N LYS B 235 58.95 -40.78 -35.10
CA LYS B 235 59.60 -41.87 -35.82
C LYS B 235 60.29 -41.36 -37.10
N ASP B 236 59.63 -40.41 -37.77
CA ASP B 236 60.17 -39.79 -38.99
C ASP B 236 61.36 -38.88 -38.70
N ILE B 237 61.20 -37.98 -37.72
CA ILE B 237 62.25 -37.01 -37.38
C ILE B 237 63.50 -37.65 -36.76
N LEU B 238 63.34 -38.89 -36.30
CA LEU B 238 64.44 -39.66 -35.72
C LEU B 238 65.35 -40.22 -36.81
N VAL B 239 64.78 -40.47 -37.99
CA VAL B 239 65.54 -40.90 -39.17
C VAL B 239 66.20 -39.70 -39.86
N LYS B 240 65.51 -38.55 -39.81
CA LYS B 240 66.02 -37.30 -40.36
C LYS B 240 67.39 -36.94 -39.79
N THR B 241 67.45 -36.85 -38.45
CA THR B 241 68.68 -36.51 -37.73
C THR B 241 69.74 -37.61 -37.83
N GLY B 242 69.29 -38.85 -38.01
CA GLY B 242 70.20 -39.96 -38.28
C GLY B 242 70.43 -40.91 -37.11
N ILE B 243 69.35 -41.29 -36.42
CA ILE B 243 69.43 -42.27 -35.34
C ILE B 243 68.64 -43.56 -35.66
N THR B 244 67.92 -43.54 -36.79
CA THR B 244 67.06 -44.65 -37.24
C THR B 244 66.09 -45.12 -36.15
N GLY C 1 44.35 -24.71 9.36
CA GLY C 1 44.27 -25.60 10.56
C GLY C 1 45.63 -25.94 11.17
N TYR C 2 46.70 -25.64 10.44
CA TYR C 2 48.06 -25.92 10.89
C TYR C 2 48.68 -24.67 11.52
N ASP C 3 48.91 -24.74 12.84
CA ASP C 3 49.37 -23.59 13.61
C ASP C 3 50.60 -23.90 14.47
N ARG C 4 51.32 -24.97 14.13
CA ARG C 4 52.47 -25.41 14.90
C ARG C 4 53.48 -24.28 15.04
N ALA C 5 53.93 -24.05 16.27
CA ALA C 5 54.92 -23.01 16.55
C ALA C 5 56.27 -23.46 16.03
N LEU C 6 56.75 -22.79 14.98
CA LEU C 6 57.99 -23.14 14.34
C LEU C 6 59.14 -22.22 14.77
N SER C 7 58.84 -20.94 14.97
CA SER C 7 59.79 -20.01 15.56
C SER C 7 59.62 -19.92 17.08
N ILE C 8 60.54 -20.55 17.80
CA ILE C 8 60.48 -20.61 19.27
C ILE C 8 61.84 -20.30 19.91
N PHE C 9 61.83 -20.02 21.21
CA PHE C 9 63.06 -19.70 21.94
C PHE C 9 63.85 -20.95 22.31
N SER C 10 65.16 -20.84 22.21
CA SER C 10 66.09 -21.89 22.63
C SER C 10 66.60 -21.57 24.03
N PRO C 11 67.12 -22.58 24.76
CA PRO C 11 67.58 -22.39 26.14
C PRO C 11 68.45 -21.16 26.40
N ASP C 12 69.28 -20.77 25.45
CA ASP C 12 70.18 -19.61 25.61
C ASP C 12 69.60 -18.28 25.08
N GLY C 13 68.39 -18.32 24.54
CA GLY C 13 67.67 -17.11 24.16
C GLY C 13 67.59 -16.77 22.68
N HIS C 14 67.88 -17.74 21.82
CA HIS C 14 67.85 -17.52 20.37
C HIS C 14 66.60 -18.11 19.73
N ILE C 15 66.12 -17.47 18.67
CA ILE C 15 65.09 -18.05 17.81
C ILE C 15 65.81 -18.72 16.65
N PHE C 16 66.07 -20.02 16.78
CA PHE C 16 66.85 -20.76 15.78
C PHE C 16 66.36 -20.60 14.33
N GLN C 17 65.04 -20.61 14.14
CA GLN C 17 64.47 -20.46 12.80
C GLN C 17 64.78 -19.12 12.14
N VAL C 18 64.86 -18.04 12.94
CA VAL C 18 65.21 -16.71 12.44
C VAL C 18 66.71 -16.68 12.14
N GLU C 19 67.49 -17.33 13.00
CA GLU C 19 68.93 -17.43 12.85
C GLU C 19 69.31 -18.22 11.59
N TYR C 20 68.51 -19.23 11.28
CA TYR C 20 68.72 -20.06 10.10
C TYR C 20 68.23 -19.37 8.83
N ALA C 21 67.29 -18.44 8.99
CA ALA C 21 66.81 -17.62 7.87
C ALA C 21 67.90 -16.66 7.40
N LEU C 22 68.69 -16.16 8.35
CA LEU C 22 69.85 -15.33 8.05
C LEU C 22 70.90 -16.08 7.24
N GLU C 23 71.07 -17.37 7.54
CA GLU C 23 72.02 -18.22 6.82
C GLU C 23 71.63 -18.38 5.36
N ALA C 24 70.33 -18.35 5.08
CA ALA C 24 69.82 -18.36 3.71
C ALA C 24 70.17 -17.06 2.99
N VAL C 25 70.12 -15.95 3.73
CA VAL C 25 70.50 -14.63 3.21
C VAL C 25 72.00 -14.58 2.89
N LYS C 26 72.80 -15.15 3.79
CA LYS C 26 74.26 -15.26 3.60
C LYS C 26 74.62 -16.03 2.32
N ARG C 27 73.72 -16.92 1.89
CA ARG C 27 73.91 -17.73 0.69
C ARG C 27 73.51 -16.99 -0.58
N GLY C 28 72.54 -16.10 -0.46
CA GLY C 28 72.05 -15.33 -1.60
C GLY C 28 73.13 -14.45 -2.23
N THR C 29 72.92 -14.08 -3.49
CA THR C 29 73.86 -13.21 -4.20
C THR C 29 73.98 -11.86 -3.51
N CYS C 30 75.15 -11.24 -3.63
CA CYS C 30 75.45 -9.96 -2.98
C CYS C 30 74.61 -8.79 -3.50
N ALA C 31 74.22 -7.93 -2.57
CA ALA C 31 73.49 -6.71 -2.91
C ALA C 31 74.08 -5.53 -2.13
N VAL C 32 74.20 -4.39 -2.78
CA VAL C 32 74.82 -3.21 -2.16
C VAL C 32 74.02 -1.94 -2.48
N GLY C 33 74.01 -1.01 -1.52
CA GLY C 33 73.36 0.28 -1.69
C GLY C 33 74.22 1.41 -1.17
N VAL C 34 74.39 2.44 -2.01
CA VAL C 34 75.12 3.66 -1.63
C VAL C 34 74.33 4.90 -2.03
N LYS C 35 74.26 5.86 -1.12
CA LYS C 35 73.58 7.12 -1.40
C LYS C 35 74.56 8.27 -1.60
N GLY C 36 74.35 9.02 -2.67
CA GLY C 36 75.13 10.22 -2.95
C GLY C 36 74.47 11.43 -2.33
N LYS C 37 74.84 12.61 -2.81
CA LYS C 37 74.23 13.86 -2.32
C LYS C 37 72.82 13.99 -2.88
N ASN C 38 72.63 13.56 -4.12
CA ASN C 38 71.36 13.70 -4.83
C ASN C 38 70.91 12.45 -5.58
N CYS C 39 71.28 11.28 -5.06
CA CYS C 39 70.86 10.00 -5.65
C CYS C 39 71.08 8.82 -4.70
N VAL C 40 70.49 7.68 -5.04
CA VAL C 40 70.78 6.41 -4.38
C VAL C 40 71.08 5.38 -5.47
N VAL C 41 72.12 4.57 -5.25
CA VAL C 41 72.53 3.58 -6.23
C VAL C 41 72.47 2.17 -5.62
N LEU C 42 71.80 1.26 -6.33
CA LEU C 42 71.70 -0.14 -5.91
C LEU C 42 72.47 -1.07 -6.84
N GLY C 43 73.41 -1.82 -6.27
CA GLY C 43 74.19 -2.81 -7.02
C GLY C 43 73.84 -4.23 -6.62
N CYS C 44 73.87 -5.14 -7.60
CA CYS C 44 73.60 -6.56 -7.37
C CYS C 44 74.51 -7.42 -8.24
N GLU C 45 74.88 -8.60 -7.72
CA GLU C 45 75.65 -9.56 -8.52
C GLU C 45 74.73 -10.64 -9.11
N ARG C 46 75.18 -11.23 -10.22
CA ARG C 46 74.46 -12.33 -10.87
C ARG C 46 75.32 -13.58 -10.96
N ARG C 47 74.70 -14.72 -10.66
CA ARG C 47 75.41 -15.99 -10.55
C ARG C 47 76.06 -16.43 -11.86
N SER C 48 77.17 -17.15 -11.75
CA SER C 48 77.93 -17.61 -12.91
C SER C 48 77.90 -19.13 -13.09
N THR C 49 77.24 -19.83 -12.16
CA THR C 49 77.12 -21.30 -12.20
C THR C 49 76.46 -21.76 -13.50
N LEU C 50 75.25 -21.26 -13.75
CA LEU C 50 74.53 -21.51 -14.99
C LEU C 50 74.38 -20.19 -15.75
N LYS C 51 74.89 -20.16 -16.99
CA LYS C 51 74.80 -18.95 -17.80
C LYS C 51 74.41 -19.26 -19.25
N LEU C 52 73.18 -19.74 -19.41
CA LEU C 52 72.53 -19.87 -20.71
C LEU C 52 71.16 -19.21 -20.58
N GLN C 53 71.12 -18.14 -19.80
CA GLN C 53 69.89 -17.46 -19.41
C GLN C 53 69.30 -16.58 -20.50
N ASP C 54 68.04 -16.21 -20.32
CA ASP C 54 67.37 -15.24 -21.16
C ASP C 54 67.16 -14.00 -20.31
N THR C 55 68.13 -13.08 -20.35
CA THR C 55 68.19 -11.91 -19.46
C THR C 55 67.01 -10.94 -19.60
N ARG C 56 66.36 -10.96 -20.75
CA ARG C 56 65.19 -10.11 -21.03
C ARG C 56 64.03 -10.41 -20.07
N ILE C 57 63.76 -11.71 -19.89
CA ILE C 57 62.57 -12.16 -19.17
C ILE C 57 62.84 -12.61 -17.74
N THR C 58 64.11 -12.93 -17.44
CA THR C 58 64.52 -13.32 -16.09
C THR C 58 64.21 -12.20 -15.10
N PRO C 59 63.57 -12.53 -13.95
CA PRO C 59 63.31 -11.52 -12.93
C PRO C 59 64.58 -10.76 -12.55
N SER C 60 64.52 -9.43 -12.60
CA SER C 60 65.65 -8.61 -12.16
C SER C 60 65.66 -8.51 -10.64
N LYS C 61 66.83 -8.25 -10.08
CA LYS C 61 66.99 -8.26 -8.62
C LYS C 61 66.43 -6.99 -8.00
N VAL C 62 66.47 -5.89 -8.77
CA VAL C 62 65.90 -4.62 -8.34
C VAL C 62 64.45 -4.49 -8.81
N SER C 63 63.53 -4.32 -7.88
CA SER C 63 62.11 -4.17 -8.20
C SER C 63 61.57 -2.81 -7.76
N LYS C 64 60.80 -2.17 -8.63
CA LYS C 64 60.10 -0.96 -8.28
C LYS C 64 58.87 -1.30 -7.44
N ILE C 65 58.76 -0.65 -6.28
CA ILE C 65 57.56 -0.80 -5.45
C ILE C 65 56.55 0.26 -5.88
N ASP C 66 57.02 1.49 -6.03
CA ASP C 66 56.23 2.57 -6.60
C ASP C 66 57.15 3.33 -7.55
N SER C 67 56.65 4.40 -8.16
CA SER C 67 57.42 5.16 -9.15
C SER C 67 58.66 5.83 -8.56
N HIS C 68 58.75 5.87 -7.23
CA HIS C 68 59.81 6.58 -6.54
C HIS C 68 60.64 5.73 -5.58
N VAL C 69 60.20 4.50 -5.31
CA VAL C 69 60.91 3.62 -4.38
C VAL C 69 61.26 2.27 -5.01
N VAL C 70 62.47 1.79 -4.74
CA VAL C 70 62.91 0.49 -5.22
C VAL C 70 63.32 -0.45 -4.08
N LEU C 71 63.18 -1.76 -4.32
CA LEU C 71 63.57 -2.77 -3.35
C LEU C 71 64.47 -3.82 -4.00
N SER C 72 65.66 -3.99 -3.45
CA SER C 72 66.52 -5.12 -3.81
C SER C 72 66.62 -6.03 -2.59
N PHE C 73 67.06 -7.27 -2.81
CA PHE C 73 67.09 -8.27 -1.73
C PHE C 73 68.27 -9.23 -1.85
N SER C 74 68.54 -9.95 -0.77
CA SER C 74 69.46 -11.09 -0.76
C SER C 74 68.81 -12.26 -0.03
N GLY C 75 68.79 -13.42 -0.68
CA GLY C 75 68.23 -14.64 -0.10
C GLY C 75 67.39 -15.46 -1.05
N LEU C 76 66.33 -16.06 -0.51
CA LEU C 76 65.44 -16.91 -1.30
C LEU C 76 64.59 -16.05 -2.23
N ASN C 77 64.83 -16.22 -3.54
CA ASN C 77 64.13 -15.45 -4.57
C ASN C 77 62.62 -15.58 -4.48
N ALA C 78 62.14 -16.81 -4.33
CA ALA C 78 60.71 -17.11 -4.23
C ALA C 78 60.04 -16.38 -3.05
N ASP C 79 60.78 -16.27 -1.94
CA ASP C 79 60.29 -15.55 -0.76
C ASP C 79 60.14 -14.06 -1.04
N SER C 80 61.09 -13.49 -1.77
CA SER C 80 61.11 -12.05 -2.05
C SER C 80 59.86 -11.59 -2.79
N ARG C 81 59.38 -12.41 -3.72
CA ARG C 81 58.20 -12.09 -4.52
C ARG C 81 56.97 -11.80 -3.68
N ILE C 82 56.85 -12.52 -2.55
CA ILE C 82 55.77 -12.31 -1.60
C ILE C 82 55.89 -10.94 -0.93
N LEU C 83 57.09 -10.59 -0.47
CA LEU C 83 57.33 -9.30 0.17
C LEU C 83 57.13 -8.13 -0.79
N ILE C 84 57.66 -8.25 -1.99
CA ILE C 84 57.53 -7.22 -3.02
C ILE C 84 56.06 -6.99 -3.32
N GLU C 85 55.31 -8.06 -3.58
CA GLU C 85 53.88 -7.94 -3.88
C GLU C 85 53.10 -7.22 -2.77
N LYS C 86 53.30 -7.63 -1.53
CA LYS C 86 52.63 -7.00 -0.40
C LYS C 86 52.98 -5.51 -0.29
N ALA C 87 54.24 -5.19 -0.54
CA ALA C 87 54.74 -3.81 -0.49
C ALA C 87 54.12 -2.94 -1.57
N ARG C 88 53.88 -3.54 -2.74
CA ARG C 88 53.30 -2.84 -3.88
C ARG C 88 51.82 -2.54 -3.67
N VAL C 89 51.14 -3.42 -2.94
CA VAL C 89 49.73 -3.21 -2.61
C VAL C 89 49.60 -2.10 -1.55
N GLU C 90 50.44 -2.17 -0.51
CA GLU C 90 50.44 -1.14 0.53
C GLU C 90 50.75 0.25 -0.02
N ALA C 91 51.63 0.31 -1.01
CA ALA C 91 51.94 1.56 -1.71
C ALA C 91 50.70 2.16 -2.36
N GLN C 92 49.93 1.33 -3.08
CA GLN C 92 48.70 1.78 -3.73
C GLN C 92 47.58 2.09 -2.75
N SER C 93 47.53 1.31 -1.67
CA SER C 93 46.56 1.53 -0.61
C SER C 93 46.84 2.86 0.09
N HIS C 94 48.12 3.12 0.36
CA HIS C 94 48.54 4.36 1.02
C HIS C 94 48.16 5.59 0.20
N ARG C 95 48.43 5.55 -1.10
CA ARG C 95 48.06 6.63 -2.04
C ARG C 95 46.55 6.87 -2.07
N LEU C 96 45.79 5.79 -1.92
CA LEU C 96 44.33 5.83 -2.01
C LEU C 96 43.69 6.52 -0.80
N THR C 97 44.20 6.25 0.40
CA THR C 97 43.59 6.77 1.62
C THR C 97 44.23 8.07 2.12
N LEU C 98 45.54 8.20 1.94
CA LEU C 98 46.28 9.38 2.38
C LEU C 98 46.44 10.45 1.30
N GLU C 99 46.13 10.08 0.06
CA GLU C 99 46.31 10.94 -1.12
C GLU C 99 47.74 11.49 -1.24
N ASP C 100 48.72 10.59 -1.04
CA ASP C 100 50.14 10.90 -1.11
C ASP C 100 50.91 9.57 -1.14
N PRO C 101 51.95 9.48 -2.01
CA PRO C 101 52.77 8.27 -2.05
C PRO C 101 53.49 8.00 -0.72
N VAL C 102 53.86 6.75 -0.48
CA VAL C 102 54.58 6.36 0.74
C VAL C 102 55.94 7.06 0.87
N THR C 103 56.33 7.36 2.10
CA THR C 103 57.72 7.73 2.37
C THR C 103 58.53 6.43 2.38
N VAL C 104 59.84 6.54 2.15
CA VAL C 104 60.70 5.36 2.11
C VAL C 104 60.74 4.66 3.47
N GLU C 105 60.72 5.47 4.53
CA GLU C 105 60.69 4.97 5.90
C GLU C 105 59.41 4.16 6.15
N TYR C 106 58.26 4.67 5.73
CA TYR C 106 56.98 3.98 5.89
C TYR C 106 56.98 2.61 5.22
N LEU C 107 57.34 2.57 3.94
CA LEU C 107 57.36 1.33 3.16
C LEU C 107 58.27 0.30 3.81
N THR C 108 59.44 0.76 4.26
CA THR C 108 60.41 -0.07 4.97
C THR C 108 59.81 -0.69 6.23
N ARG C 109 59.14 0.15 7.02
CA ARG C 109 58.53 -0.25 8.28
C ARG C 109 57.41 -1.27 8.03
N TYR C 110 56.72 -1.14 6.90
CA TYR C 110 55.68 -2.09 6.52
C TYR C 110 56.29 -3.46 6.25
N VAL C 111 57.26 -3.50 5.34
CA VAL C 111 57.96 -4.74 4.98
C VAL C 111 58.57 -5.40 6.22
N ALA C 112 59.21 -4.59 7.06
CA ALA C 112 59.79 -5.08 8.31
C ALA C 112 58.74 -5.72 9.21
N GLY C 113 57.55 -5.11 9.26
CA GLY C 113 56.43 -5.62 10.05
C GLY C 113 55.89 -6.95 9.55
N VAL C 114 55.84 -7.11 8.22
CA VAL C 114 55.44 -8.38 7.61
C VAL C 114 56.44 -9.46 8.01
N GLN C 115 57.73 -9.14 7.88
CA GLN C 115 58.80 -10.08 8.24
C GLN C 115 58.75 -10.52 9.70
N GLN C 116 58.52 -9.55 10.60
CA GLN C 116 58.42 -9.80 12.03
C GLN C 116 57.26 -10.75 12.32
N ARG C 117 56.11 -10.45 11.73
CA ARG C 117 54.87 -11.21 11.94
C ARG C 117 55.04 -12.70 11.65
N TYR C 118 55.90 -13.04 10.70
CA TYR C 118 56.19 -14.43 10.36
C TYR C 118 57.16 -15.11 11.35
N THR C 119 57.64 -14.36 12.32
CA THR C 119 58.52 -14.91 13.36
C THR C 119 57.77 -15.25 14.66
N GLN C 120 56.52 -14.80 14.79
CA GLN C 120 55.70 -15.21 15.94
C GLN C 120 54.26 -15.59 15.60
N SER C 121 54.06 -16.12 14.39
CA SER C 121 52.78 -16.69 13.98
C SER C 121 52.88 -18.20 13.86
N GLY C 122 51.77 -18.88 14.15
CA GLY C 122 51.71 -20.33 14.06
C GLY C 122 51.70 -20.85 12.64
N GLY C 123 52.49 -21.89 12.39
CA GLY C 123 52.48 -22.58 11.10
C GLY C 123 53.16 -21.89 9.94
N VAL C 124 54.03 -20.92 10.24
CA VAL C 124 54.80 -20.23 9.20
C VAL C 124 56.28 -20.15 9.58
N ARG C 125 57.15 -20.24 8.58
CA ARG C 125 58.58 -20.00 8.78
C ARG C 125 58.91 -18.56 8.42
N PRO C 126 59.99 -18.00 9.02
CA PRO C 126 60.45 -16.66 8.68
C PRO C 126 60.83 -16.53 7.22
N PHE C 127 60.81 -15.31 6.70
CA PHE C 127 61.31 -15.02 5.37
C PHE C 127 62.83 -15.16 5.34
N GLY C 128 63.34 -15.97 4.40
CA GLY C 128 64.78 -16.07 4.19
C GLY C 128 65.29 -14.97 3.28
N VAL C 129 65.00 -13.72 3.65
CA VAL C 129 65.25 -12.56 2.80
C VAL C 129 65.62 -11.34 3.65
N SER C 130 66.70 -10.67 3.28
CA SER C 130 67.00 -9.32 3.74
C SER C 130 66.85 -8.38 2.56
N THR C 131 66.32 -7.19 2.81
CA THR C 131 66.07 -6.24 1.73
C THR C 131 66.86 -4.94 1.88
N LEU C 132 67.13 -4.29 0.75
CA LEU C 132 67.57 -2.91 0.72
C LEU C 132 66.49 -2.09 0.03
N ILE C 133 65.94 -1.12 0.75
CA ILE C 133 64.90 -0.27 0.21
C ILE C 133 65.44 1.15 0.05
N ALA C 134 65.27 1.71 -1.14
CA ALA C 134 65.84 3.01 -1.46
C ALA C 134 64.91 3.89 -2.30
N GLY C 135 65.01 5.20 -2.11
CA GLY C 135 64.23 6.14 -2.88
C GLY C 135 64.17 7.54 -2.29
N PHE C 136 63.24 8.34 -2.81
CA PHE C 136 63.05 9.71 -2.38
C PHE C 136 61.59 9.94 -2.00
N ASP C 137 61.37 10.51 -0.81
CA ASP C 137 60.03 10.87 -0.35
C ASP C 137 59.39 11.89 -1.32
N PRO C 138 58.03 11.89 -1.42
CA PRO C 138 57.37 12.84 -2.31
C PRO C 138 57.77 14.29 -2.04
N ARG C 139 58.13 15.01 -3.10
CA ARG C 139 58.55 16.42 -3.03
C ARG C 139 59.91 16.66 -2.32
N ASP C 140 60.50 15.58 -1.80
CA ASP C 140 61.76 15.65 -1.05
C ASP C 140 62.95 15.26 -1.92
N ASP C 141 64.07 15.97 -1.75
CA ASP C 141 65.29 15.74 -2.53
C ASP C 141 66.43 15.10 -1.74
N GLU C 142 66.14 14.65 -0.53
CA GLU C 142 67.11 13.95 0.31
C GLU C 142 67.03 12.44 0.09
N PRO C 143 68.16 11.80 -0.23
CA PRO C 143 68.22 10.36 -0.50
C PRO C 143 67.94 9.49 0.72
N LYS C 144 67.22 8.39 0.52
CA LYS C 144 66.87 7.46 1.60
C LYS C 144 67.32 6.04 1.28
N LEU C 145 67.93 5.37 2.26
CA LEU C 145 68.34 3.97 2.10
C LEU C 145 68.15 3.17 3.39
N TYR C 146 67.35 2.11 3.30
CA TYR C 146 67.01 1.29 4.46
C TYR C 146 67.30 -0.19 4.23
N GLN C 147 67.47 -0.91 5.34
CA GLN C 147 67.72 -2.34 5.30
C GLN C 147 66.77 -3.07 6.26
N THR C 148 66.14 -4.14 5.78
CA THR C 148 65.36 -5.02 6.64
C THR C 148 66.01 -6.40 6.70
N GLU C 149 65.60 -7.21 7.67
CA GLU C 149 66.11 -8.58 7.82
C GLU C 149 65.06 -9.51 8.45
N PRO C 150 65.24 -10.84 8.32
CA PRO C 150 64.23 -11.82 8.74
C PRO C 150 63.55 -11.56 10.10
N SER C 151 64.26 -10.94 11.03
CA SER C 151 63.70 -10.68 12.36
C SER C 151 62.66 -9.55 12.36
N GLY C 152 62.71 -8.70 11.33
CA GLY C 152 61.81 -7.56 11.24
C GLY C 152 62.46 -6.27 11.72
N ILE C 153 63.75 -6.32 12.03
CA ILE C 153 64.53 -5.14 12.41
C ILE C 153 64.85 -4.33 11.15
N TYR C 154 64.75 -3.01 11.28
CA TYR C 154 65.10 -2.12 10.17
C TYR C 154 65.85 -0.89 10.64
N SER C 155 66.68 -0.34 9.76
CA SER C 155 67.44 0.87 10.05
C SER C 155 67.99 1.49 8.76
N SER C 156 68.38 2.76 8.84
CA SER C 156 68.89 3.47 7.66
C SER C 156 70.41 3.51 7.60
N TRP C 157 70.93 3.48 6.38
CA TRP C 157 72.37 3.36 6.14
C TRP C 157 72.86 4.39 5.13
N SER C 158 74.05 4.95 5.38
CA SER C 158 74.77 5.73 4.37
C SER C 158 75.14 4.80 3.24
N ALA C 159 75.60 3.60 3.61
CA ALA C 159 75.96 2.55 2.68
C ALA C 159 75.81 1.20 3.37
N GLN C 160 75.25 0.23 2.65
CA GLN C 160 75.11 -1.12 3.20
C GLN C 160 75.18 -2.17 2.11
N THR C 161 75.61 -3.36 2.53
CA THR C 161 75.62 -4.53 1.67
C THR C 161 75.02 -5.73 2.40
N ILE C 162 74.41 -6.63 1.66
CA ILE C 162 73.85 -7.86 2.21
C ILE C 162 74.14 -9.03 1.28
N GLY C 163 74.13 -10.24 1.83
CA GLY C 163 74.35 -11.45 1.03
C GLY C 163 75.75 -12.02 1.18
N ARG C 164 76.13 -12.88 0.23
CA ARG C 164 77.42 -13.56 0.31
C ARG C 164 78.58 -12.60 0.14
N ASN C 165 79.63 -12.83 0.92
CA ASN C 165 80.82 -11.99 0.94
C ASN C 165 80.53 -10.51 1.26
N SER C 166 79.44 -10.27 2.00
CA SER C 166 79.07 -8.91 2.39
C SER C 166 80.04 -8.34 3.42
N LYS C 167 80.69 -9.24 4.15
CA LYS C 167 81.75 -8.89 5.10
C LYS C 167 82.88 -8.11 4.40
N THR C 168 83.29 -8.64 3.24
CA THR C 168 84.38 -8.07 2.44
C THR C 168 84.03 -6.71 1.83
N VAL C 169 82.81 -6.58 1.30
CA VAL C 169 82.36 -5.32 0.69
C VAL C 169 82.03 -4.26 1.74
N ARG C 170 81.52 -4.67 2.89
CA ARG C 170 81.29 -3.74 3.99
C ARG C 170 82.61 -3.18 4.48
N GLU C 171 83.62 -4.05 4.59
CA GLU C 171 84.99 -3.67 4.90
C GLU C 171 85.47 -2.56 3.95
N PHE C 172 85.17 -2.73 2.66
CA PHE C 172 85.56 -1.80 1.61
C PHE C 172 84.87 -0.45 1.73
N LEU C 173 83.56 -0.48 1.93
CA LEU C 173 82.75 0.73 2.04
C LEU C 173 83.09 1.54 3.30
N GLU C 174 83.36 0.82 4.40
CA GLU C 174 83.68 1.45 5.68
C GLU C 174 84.89 2.38 5.64
N LYS C 175 85.85 2.08 4.76
CA LYS C 175 87.05 2.89 4.63
C LYS C 175 87.08 3.73 3.34
N ASN C 176 86.07 3.59 2.51
CA ASN C 176 86.00 4.33 1.25
C ASN C 176 84.83 5.31 1.14
N TYR C 177 83.85 5.18 2.03
CA TYR C 177 82.73 6.11 2.08
C TYR C 177 82.96 7.15 3.17
N ASP C 178 82.93 8.43 2.78
CA ASP C 178 83.04 9.53 3.72
C ASP C 178 81.70 10.24 3.86
N ARG C 179 81.15 10.22 5.08
CA ARG C 179 79.88 10.89 5.37
C ARG C 179 79.99 12.40 5.26
N LYS C 180 81.20 12.92 5.56
CA LYS C 180 81.49 14.35 5.46
C LYS C 180 81.15 14.85 4.05
N GLU C 181 81.82 14.27 3.05
CA GLU C 181 81.52 14.56 1.65
C GLU C 181 81.16 13.27 0.90
N PRO C 182 79.86 12.94 0.83
CA PRO C 182 79.38 11.79 0.06
C PRO C 182 79.62 11.99 -1.44
N PRO C 183 79.43 10.93 -2.26
CA PRO C 183 79.53 11.08 -3.71
C PRO C 183 78.64 12.20 -4.25
N ALA C 184 79.27 13.28 -4.70
CA ALA C 184 78.57 14.50 -5.11
C ALA C 184 77.73 14.32 -6.38
N THR C 185 78.21 13.46 -7.28
CA THR C 185 77.56 13.25 -8.58
C THR C 185 76.96 11.86 -8.69
N VAL C 186 76.12 11.65 -9.71
CA VAL C 186 75.60 10.34 -10.05
C VAL C 186 76.74 9.46 -10.57
N GLU C 187 77.60 10.05 -11.40
CA GLU C 187 78.79 9.38 -11.96
C GLU C 187 79.74 8.88 -10.87
N GLU C 188 79.96 9.71 -9.86
CA GLU C 188 80.80 9.34 -8.71
C GLU C 188 80.23 8.16 -7.93
N CYS C 189 78.94 8.23 -7.62
CA CYS C 189 78.27 7.24 -6.79
C CYS C 189 78.21 5.85 -7.44
N VAL C 190 77.95 5.83 -8.75
CA VAL C 190 77.90 4.58 -9.51
C VAL C 190 79.26 3.88 -9.49
N LYS C 191 80.32 4.66 -9.69
CA LYS C 191 81.69 4.14 -9.71
C LYS C 191 82.05 3.45 -8.40
N LEU C 192 81.71 4.08 -7.27
CA LEU C 192 81.99 3.53 -5.95
C LEU C 192 81.25 2.20 -5.72
N THR C 193 80.05 2.09 -6.27
CA THR C 193 79.24 0.88 -6.17
C THR C 193 79.89 -0.29 -6.91
N VAL C 194 80.36 -0.02 -8.13
CA VAL C 194 81.00 -1.05 -8.95
C VAL C 194 82.32 -1.49 -8.31
N ARG C 195 83.09 -0.53 -7.80
CA ARG C 195 84.34 -0.81 -7.10
C ARG C 195 84.18 -1.82 -5.98
N SER C 196 83.09 -1.69 -5.22
CA SER C 196 82.82 -2.56 -4.08
C SER C 196 82.49 -3.98 -4.53
N LEU C 197 81.73 -4.12 -5.61
CA LEU C 197 81.35 -5.43 -6.13
C LEU C 197 82.50 -6.13 -6.83
N LEU C 198 83.44 -5.35 -7.37
CA LEU C 198 84.63 -5.90 -8.03
C LEU C 198 85.59 -6.60 -7.07
N GLU C 199 85.38 -6.40 -5.76
CA GLU C 199 86.11 -7.12 -4.73
C GLU C 199 85.57 -8.54 -4.61
N VAL C 200 84.26 -8.68 -4.86
CA VAL C 200 83.54 -9.92 -4.61
C VAL C 200 83.30 -10.75 -5.89
N VAL C 201 82.78 -10.09 -6.92
CA VAL C 201 82.32 -10.77 -8.14
C VAL C 201 83.44 -11.41 -8.98
N GLN C 202 84.55 -10.70 -9.12
CA GLN C 202 85.68 -11.12 -9.96
C GLN C 202 85.32 -11.10 -11.45
N THR C 203 85.70 -10.01 -12.12
CA THR C 203 85.37 -9.73 -13.54
C THR C 203 83.90 -9.99 -13.89
N GLY C 204 83.06 -9.01 -13.56
CA GLY C 204 81.62 -9.10 -13.80
C GLY C 204 81.14 -8.13 -14.87
N ALA C 205 81.48 -8.43 -16.12
CA ALA C 205 81.05 -7.62 -17.26
C ALA C 205 79.52 -7.54 -17.35
N LYS C 206 78.87 -8.70 -17.23
CA LYS C 206 77.41 -8.77 -17.21
C LYS C 206 76.89 -9.20 -15.84
N ASN C 207 77.81 -9.65 -14.99
CA ASN C 207 77.46 -10.16 -13.66
C ASN C 207 77.14 -9.08 -12.63
N ILE C 208 77.41 -7.83 -12.99
CA ILE C 208 77.07 -6.67 -12.16
C ILE C 208 75.95 -5.87 -12.83
N GLU C 209 74.87 -5.61 -12.10
CA GLU C 209 73.80 -4.74 -12.58
C GLU C 209 73.54 -3.58 -11.62
N ILE C 210 73.49 -2.37 -12.18
CA ILE C 210 73.32 -1.16 -11.40
C ILE C 210 71.99 -0.48 -11.76
N THR C 211 71.28 -0.02 -10.74
CA THR C 211 70.08 0.79 -10.94
C THR C 211 70.22 2.10 -10.16
N VAL C 212 69.92 3.21 -10.82
CA VAL C 212 70.03 4.54 -10.22
C VAL C 212 68.66 5.14 -9.99
N VAL C 213 68.40 5.60 -8.77
CA VAL C 213 67.17 6.31 -8.44
C VAL C 213 67.45 7.77 -8.04
N LYS C 214 66.79 8.69 -8.74
CA LYS C 214 66.94 10.12 -8.54
C LYS C 214 65.66 10.71 -7.92
N PRO C 215 65.72 11.98 -7.46
CA PRO C 215 64.53 12.64 -6.90
C PRO C 215 63.40 12.79 -7.92
N ASP C 216 62.16 12.78 -7.41
CA ASP C 216 60.94 12.94 -8.22
C ASP C 216 60.73 11.83 -9.27
N SER C 217 60.72 10.58 -8.80
CA SER C 217 60.35 9.39 -9.59
C SER C 217 61.16 9.16 -10.87
N ASP C 218 62.46 9.43 -10.80
CA ASP C 218 63.36 9.21 -11.92
C ASP C 218 64.22 7.97 -11.66
N ILE C 219 63.74 6.81 -12.08
CA ILE C 219 64.45 5.54 -11.90
C ILE C 219 64.85 4.96 -13.26
N VAL C 220 66.13 4.64 -13.40
CA VAL C 220 66.64 4.05 -14.63
C VAL C 220 67.65 2.93 -14.36
N ALA C 221 67.53 1.84 -15.13
CA ALA C 221 68.46 0.71 -15.04
C ALA C 221 69.56 0.87 -16.07
N LEU C 222 70.78 0.50 -15.68
CA LEU C 222 71.95 0.64 -16.56
C LEU C 222 72.15 -0.60 -17.43
N SER C 223 72.48 -0.38 -18.70
CA SER C 223 72.74 -1.47 -19.64
C SER C 223 74.13 -2.08 -19.40
N SER C 224 74.42 -3.16 -20.13
CA SER C 224 75.72 -3.84 -20.03
C SER C 224 76.89 -2.96 -20.48
N GLU C 225 76.70 -2.25 -21.60
CA GLU C 225 77.74 -1.37 -22.17
C GLU C 225 78.14 -0.23 -21.23
N GLU C 226 77.14 0.39 -20.61
CA GLU C 226 77.35 1.51 -19.70
C GLU C 226 78.11 1.08 -18.44
N ILE C 227 77.68 -0.03 -17.84
CA ILE C 227 78.34 -0.60 -16.66
C ILE C 227 79.78 -1.00 -16.99
N ASN C 228 79.95 -1.68 -18.11
CA ASN C 228 81.27 -2.16 -18.55
C ASN C 228 82.30 -1.03 -18.67
N GLN C 229 81.83 0.18 -18.97
CA GLN C 229 82.70 1.36 -19.09
C GLN C 229 83.29 1.80 -17.75
N TYR C 230 82.52 1.64 -16.68
CA TYR C 230 83.00 1.87 -15.32
C TYR C 230 84.04 0.81 -14.96
N VAL C 231 83.70 -0.45 -15.22
CA VAL C 231 84.60 -1.59 -15.01
C VAL C 231 85.95 -1.35 -15.69
N THR C 232 85.90 -0.91 -16.95
CA THR C 232 87.11 -0.67 -17.75
C THR C 232 88.01 0.41 -17.15
N GLN C 233 87.39 1.48 -16.66
CA GLN C 233 88.11 2.61 -16.07
C GLN C 233 88.75 2.26 -14.74
N ILE C 234 87.98 1.59 -13.88
CA ILE C 234 88.41 1.21 -12.53
C ILE C 234 89.65 0.31 -12.53
N GLU C 235 89.68 -0.67 -13.43
CA GLU C 235 90.80 -1.61 -13.55
C GLU C 235 92.09 -0.94 -14.04
N GLN C 236 91.94 0.19 -14.72
CA GLN C 236 93.09 0.96 -15.20
C GLN C 236 93.70 1.83 -14.09
N GLU C 237 92.91 2.11 -13.05
CA GLU C 237 93.36 2.92 -11.91
C GLU C 237 94.47 2.22 -11.12
N LYS C 238 94.29 0.92 -10.90
CA LYS C 238 95.23 0.09 -10.12
C LYS C 238 96.67 0.16 -10.66
N GLN C 239 96.80 -0.02 -11.97
CA GLN C 239 98.11 -0.18 -12.61
C GLN C 239 98.90 1.12 -12.77
N GLU C 240 98.24 2.25 -12.50
CA GLU C 240 98.89 3.55 -12.56
C GLU C 240 99.79 3.79 -11.34
N GLN C 241 99.26 3.47 -10.16
CA GLN C 241 99.94 3.69 -8.90
C GLN C 241 101.03 2.64 -8.65
N ASP D 1 60.21 -33.38 20.39
CA ASP D 1 60.03 -31.96 20.80
C ASP D 1 59.22 -31.87 22.10
N ARG D 2 58.78 -30.65 22.43
CA ARG D 2 58.08 -30.37 23.69
C ARG D 2 57.23 -29.11 23.53
N GLY D 3 55.99 -29.17 24.02
CA GLY D 3 55.01 -28.08 23.88
C GLY D 3 55.49 -26.70 24.28
N VAL D 4 54.90 -25.68 23.66
CA VAL D 4 55.33 -24.29 23.87
C VAL D 4 55.06 -23.78 25.29
N SER D 5 53.84 -24.02 25.79
CA SER D 5 53.49 -23.64 27.15
C SER D 5 53.55 -24.86 28.07
N THR D 6 54.77 -25.34 28.31
CA THR D 6 55.02 -26.48 29.19
C THR D 6 55.73 -26.00 30.46
N PHE D 7 55.31 -26.52 31.60
CA PHE D 7 55.95 -26.21 32.87
C PHE D 7 57.22 -27.04 33.08
N SER D 8 58.23 -26.42 33.69
CA SER D 8 59.43 -27.13 34.11
C SER D 8 59.16 -27.83 35.44
N PRO D 9 60.00 -28.84 35.80
CA PRO D 9 59.86 -29.48 37.11
C PRO D 9 59.99 -28.50 38.28
N GLU D 10 60.67 -27.38 38.03
CA GLU D 10 60.87 -26.34 39.04
C GLU D 10 59.65 -25.42 39.17
N GLY D 11 58.74 -25.50 38.21
CA GLY D 11 57.50 -24.71 38.24
C GLY D 11 57.54 -23.45 37.39
N ARG D 12 58.27 -23.51 36.28
CA ARG D 12 58.45 -22.35 35.40
C ARG D 12 58.09 -22.69 33.96
N LEU D 13 57.64 -21.69 33.21
CA LEU D 13 57.36 -21.84 31.79
C LEU D 13 58.64 -21.71 30.99
N PHE D 14 59.02 -22.79 30.31
CA PHE D 14 60.25 -22.85 29.51
C PHE D 14 60.41 -21.64 28.59
N GLN D 15 59.37 -21.35 27.81
CA GLN D 15 59.42 -20.27 26.83
C GLN D 15 59.61 -18.87 27.41
N VAL D 16 58.97 -18.62 28.55
CA VAL D 16 59.12 -17.35 29.26
C VAL D 16 60.54 -17.17 29.78
N GLU D 17 61.09 -18.25 30.35
CA GLU D 17 62.44 -18.24 30.93
C GLU D 17 63.52 -18.03 29.88
N TYR D 18 63.33 -18.64 28.71
CA TYR D 18 64.28 -18.51 27.61
C TYR D 18 64.19 -17.11 26.98
N SER D 19 62.98 -16.57 26.94
CA SER D 19 62.72 -15.20 26.48
C SER D 19 63.49 -14.19 27.33
N LEU D 20 63.61 -14.49 28.62
CA LEU D 20 64.36 -13.66 29.57
C LEU D 20 65.87 -13.67 29.28
N GLU D 21 66.35 -14.72 28.63
CA GLU D 21 67.75 -14.82 28.24
C GLU D 21 68.03 -14.01 26.96
N ALA D 22 67.00 -13.79 26.16
CA ALA D 22 67.09 -12.99 24.94
C ALA D 22 67.19 -11.50 25.28
N ILE D 23 66.56 -11.11 26.37
CA ILE D 23 66.54 -9.73 26.85
C ILE D 23 67.92 -9.34 27.42
N LYS D 24 68.59 -10.31 28.04
CA LYS D 24 69.93 -10.11 28.60
C LYS D 24 70.97 -9.83 27.53
N LEU D 25 70.62 -10.15 26.28
CA LEU D 25 71.50 -9.90 25.13
C LEU D 25 71.21 -8.55 24.48
N GLY D 26 70.11 -7.93 24.87
CA GLY D 26 69.71 -6.64 24.32
C GLY D 26 70.52 -5.46 24.84
N SER D 27 70.29 -4.29 24.24
CA SER D 27 70.96 -3.05 24.64
C SER D 27 70.41 -2.54 25.97
N THR D 28 71.27 -1.86 26.73
CA THR D 28 70.92 -1.35 28.05
C THR D 28 69.91 -0.20 27.97
N ALA D 29 68.94 -0.20 28.88
CA ALA D 29 67.97 0.88 29.03
C ALA D 29 67.80 1.20 30.51
N ILE D 30 67.76 2.49 30.83
CA ILE D 30 67.71 2.96 32.22
C ILE D 30 66.57 3.94 32.46
N GLY D 31 65.76 3.67 33.48
CA GLY D 31 64.70 4.56 33.92
C GLY D 31 64.92 5.06 35.34
N ILE D 32 64.75 6.36 35.55
CA ILE D 32 64.86 6.95 36.88
C ILE D 32 63.66 7.86 37.14
N ALA D 33 62.91 7.56 38.21
CA ALA D 33 61.72 8.34 38.58
C ALA D 33 62.03 9.35 39.68
N THR D 34 61.67 10.60 39.44
CA THR D 34 61.81 11.67 40.45
C THR D 34 60.48 12.42 40.59
N LYS D 35 60.46 13.41 41.48
CA LYS D 35 59.25 14.22 41.70
C LYS D 35 59.15 15.39 40.72
N GLU D 36 60.15 15.51 39.84
CA GLU D 36 60.17 16.53 38.79
C GLU D 36 60.00 15.92 37.41
N GLY D 37 59.88 14.59 37.35
CA GLY D 37 59.75 13.87 36.09
C GLY D 37 60.43 12.50 36.11
N VAL D 38 60.22 11.74 35.04
CA VAL D 38 60.87 10.44 34.88
C VAL D 38 61.80 10.49 33.68
N VAL D 39 63.04 10.02 33.84
CA VAL D 39 64.04 10.05 32.76
C VAL D 39 64.28 8.66 32.19
N LEU D 40 64.23 8.55 30.86
CA LEU D 40 64.50 7.31 30.15
C LEU D 40 65.70 7.47 29.22
N GLY D 41 66.68 6.58 29.35
CA GLY D 41 67.86 6.59 28.50
C GLY D 41 68.20 5.21 27.94
N VAL D 42 68.66 5.18 26.69
CA VAL D 42 69.07 3.93 26.05
C VAL D 42 70.46 4.00 25.41
N GLU D 43 71.09 2.84 25.30
CA GLU D 43 72.27 2.65 24.48
C GLU D 43 71.80 2.34 23.07
N LYS D 44 72.30 3.09 22.09
CA LYS D 44 71.94 2.85 20.70
C LYS D 44 72.52 1.53 20.19
N ARG D 45 73.83 1.36 20.31
CA ARG D 45 74.57 0.18 19.84
C ARG D 45 74.35 -0.09 18.34
N ALA D 46 75.03 0.69 17.51
CA ALA D 46 75.05 0.45 16.08
C ALA D 46 76.09 -0.64 15.78
N THR D 47 75.76 -1.55 14.86
CA THR D 47 76.66 -2.65 14.50
C THR D 47 77.83 -2.18 13.63
N SER D 48 77.58 -1.19 12.78
CA SER D 48 78.59 -0.64 11.88
C SER D 48 78.58 0.90 11.92
N PRO D 49 79.74 1.54 11.68
CA PRO D 49 79.78 3.01 11.58
C PRO D 49 79.00 3.59 10.40
N LEU D 50 78.67 2.75 9.41
CA LEU D 50 77.87 3.16 8.26
C LEU D 50 76.39 3.34 8.60
N LEU D 51 75.96 2.68 9.68
CA LEU D 51 74.59 2.75 10.17
C LEU D 51 74.26 4.15 10.68
N GLU D 52 73.18 4.74 10.15
CA GLU D 52 72.77 6.09 10.55
C GLU D 52 72.06 6.04 11.90
N SER D 53 72.79 6.42 12.94
CA SER D 53 72.39 6.22 14.33
C SER D 53 71.02 6.79 14.72
N ASP D 54 70.67 7.95 14.18
CA ASP D 54 69.42 8.61 14.59
C ASP D 54 68.16 7.93 14.01
N SER D 55 68.35 6.77 13.38
CA SER D 55 67.23 5.95 12.94
C SER D 55 66.96 4.81 13.92
N ILE D 56 67.85 4.62 14.90
CA ILE D 56 67.64 3.64 15.96
C ILE D 56 66.61 4.22 16.93
N GLU D 57 65.39 3.70 16.84
CA GLU D 57 64.25 4.21 17.59
C GLU D 57 63.94 3.27 18.76
N LYS D 58 64.68 3.44 19.86
CA LYS D 58 64.50 2.62 21.05
C LYS D 58 63.81 3.38 22.19
N ILE D 59 63.44 4.63 21.90
CA ILE D 59 62.60 5.42 22.78
C ILE D 59 61.38 5.86 21.97
N VAL D 60 60.19 5.44 22.39
CA VAL D 60 58.97 5.78 21.66
C VAL D 60 57.89 6.43 22.54
N GLU D 61 57.09 7.29 21.93
CA GLU D 61 55.95 7.92 22.59
C GLU D 61 54.70 7.05 22.47
N ILE D 62 54.02 6.84 23.59
CA ILE D 62 52.75 6.09 23.60
C ILE D 62 51.57 7.07 23.63
N ASP D 63 51.67 8.07 24.50
CA ASP D 63 50.75 9.21 24.52
C ASP D 63 51.53 10.41 25.04
N ARG D 64 50.88 11.57 25.13
CA ARG D 64 51.55 12.79 25.56
C ARG D 64 52.12 12.69 26.99
N HIS D 65 51.53 11.80 27.79
CA HIS D 65 51.93 11.62 29.18
C HIS D 65 52.57 10.25 29.46
N ILE D 66 52.78 9.45 28.42
CA ILE D 66 53.36 8.11 28.57
C ILE D 66 54.41 7.82 27.50
N GLY D 67 55.62 7.52 27.96
CA GLY D 67 56.72 7.15 27.07
C GLY D 67 57.23 5.75 27.35
N CYS D 68 58.06 5.24 26.44
CA CYS D 68 58.50 3.85 26.50
C CYS D 68 59.93 3.64 25.99
N ALA D 69 60.70 2.86 26.75
CA ALA D 69 62.04 2.44 26.34
C ALA D 69 62.07 0.93 26.27
N MET D 70 62.81 0.39 25.30
CA MET D 70 62.78 -1.04 25.00
C MET D 70 64.16 -1.72 25.02
N SER D 71 64.16 -3.01 25.31
CA SER D 71 65.39 -3.81 25.34
C SER D 71 65.14 -5.28 24.99
N GLY D 72 65.92 -5.79 24.03
CA GLY D 72 65.82 -7.18 23.61
C GLY D 72 65.68 -7.30 22.10
N LEU D 73 64.72 -8.09 21.66
CA LEU D 73 64.39 -8.17 20.23
C LEU D 73 63.39 -7.05 19.94
N THR D 74 63.92 -5.91 19.49
CA THR D 74 63.14 -4.67 19.40
C THR D 74 62.06 -4.66 18.30
N ALA D 75 62.18 -5.58 17.35
CA ALA D 75 61.13 -5.74 16.33
C ALA D 75 59.84 -6.27 16.96
N ASP D 76 59.97 -7.06 18.02
CA ASP D 76 58.84 -7.59 18.78
C ASP D 76 58.05 -6.48 19.47
N ALA D 77 58.67 -5.32 19.64
CA ALA D 77 58.06 -4.20 20.35
C ALA D 77 57.00 -3.42 19.55
N ARG D 78 57.07 -3.49 18.22
CA ARG D 78 56.14 -2.73 17.36
C ARG D 78 54.67 -2.95 17.73
N SER D 79 54.25 -4.21 17.74
CA SER D 79 52.85 -4.57 18.02
C SER D 79 52.45 -4.28 19.47
N MET D 80 53.43 -4.26 20.37
CA MET D 80 53.19 -3.90 21.77
C MET D 80 52.93 -2.41 21.89
N ILE D 81 53.72 -1.62 21.15
CA ILE D 81 53.57 -0.16 21.12
C ILE D 81 52.25 0.21 20.45
N GLU D 82 52.00 -0.41 19.31
CA GLU D 82 50.76 -0.21 18.56
C GLU D 82 49.53 -0.47 19.43
N HIS D 83 49.57 -1.55 20.22
CA HIS D 83 48.49 -1.86 21.16
C HIS D 83 48.37 -0.76 22.22
N ALA D 84 49.51 -0.37 22.78
CA ALA D 84 49.57 0.63 23.84
C ALA D 84 48.96 1.96 23.42
N ARG D 85 49.37 2.47 22.26
CA ARG D 85 48.86 3.72 21.71
C ARG D 85 47.36 3.64 21.51
N THR D 86 46.90 2.54 20.93
CA THR D 86 45.47 2.31 20.67
C THR D 86 44.68 2.27 21.96
N ALA D 87 45.24 1.61 22.99
CA ALA D 87 44.59 1.56 24.31
C ALA D 87 44.47 2.95 24.92
N ALA D 88 45.53 3.74 24.82
CA ALA D 88 45.55 5.11 25.36
C ALA D 88 44.54 6.02 24.67
N VAL D 89 44.56 5.99 23.34
CA VAL D 89 43.65 6.81 22.54
C VAL D 89 42.20 6.36 22.72
N THR D 90 41.97 5.04 22.75
CA THR D 90 40.63 4.48 22.93
C THR D 90 40.05 4.86 24.30
N HIS D 91 40.89 4.86 25.33
CA HIS D 91 40.44 5.24 26.67
C HIS D 91 39.97 6.70 26.70
N ASN D 92 40.71 7.58 26.01
CA ASN D 92 40.34 8.98 25.89
C ASN D 92 39.03 9.17 25.12
N LEU D 93 38.73 8.23 24.23
CA LEU D 93 37.50 8.29 23.44
C LEU D 93 36.27 7.86 24.25
N TYR D 94 36.40 6.78 25.03
CA TYR D 94 35.30 6.32 25.89
C TYR D 94 35.06 7.21 27.10
N TYR D 95 36.12 7.85 27.61
CA TYR D 95 36.08 8.50 28.93
C TYR D 95 36.49 9.97 28.98
N ASP D 96 36.90 10.55 27.85
CA ASP D 96 37.27 11.98 27.78
C ASP D 96 38.29 12.37 28.86
N GLU D 97 39.29 11.51 29.05
CA GLU D 97 40.33 11.71 30.06
C GLU D 97 41.59 10.94 29.67
N ASP D 98 42.67 11.12 30.43
CA ASP D 98 43.91 10.41 30.20
C ASP D 98 43.93 9.05 30.90
N ILE D 99 44.39 8.03 30.18
CA ILE D 99 44.60 6.70 30.76
C ILE D 99 45.63 6.76 31.89
N ASN D 100 45.37 6.02 32.97
CA ASN D 100 46.33 5.84 34.05
C ASN D 100 47.50 4.98 33.61
N VAL D 101 48.72 5.41 33.92
CA VAL D 101 49.94 4.69 33.56
C VAL D 101 49.87 3.22 33.95
N GLU D 102 49.32 2.95 35.14
CA GLU D 102 49.18 1.59 35.65
C GLU D 102 48.24 0.73 34.79
N SER D 103 47.13 1.34 34.35
CA SER D 103 46.16 0.69 33.48
C SER D 103 46.74 0.40 32.10
N LEU D 104 47.55 1.35 31.59
CA LEU D 104 48.20 1.19 30.29
C LEU D 104 49.20 0.04 30.32
N THR D 105 49.99 -0.05 31.40
CA THR D 105 50.96 -1.11 31.56
C THR D 105 50.27 -2.47 31.69
N GLN D 106 49.22 -2.52 32.50
CA GLN D 106 48.41 -3.73 32.69
C GLN D 106 47.82 -4.22 31.35
N SER D 107 47.45 -3.28 30.49
CA SER D 107 46.91 -3.58 29.17
C SER D 107 47.96 -4.23 28.27
N VAL D 108 49.18 -3.67 28.29
CA VAL D 108 50.30 -4.22 27.55
C VAL D 108 50.64 -5.63 28.04
N CYS D 109 50.63 -5.82 29.36
CA CYS D 109 50.95 -7.11 29.98
C CYS D 109 49.90 -8.20 29.78
N ASP D 110 48.69 -7.81 29.39
CA ASP D 110 47.60 -8.75 29.10
C ASP D 110 47.84 -9.51 27.80
N LEU D 111 48.67 -8.94 26.92
CA LEU D 111 49.07 -9.60 25.68
C LEU D 111 50.14 -10.66 25.91
N ALA D 112 51.05 -10.37 26.84
CA ALA D 112 52.28 -11.15 27.02
C ALA D 112 52.12 -12.68 27.05
N LEU D 113 51.14 -13.19 27.79
CA LEU D 113 50.94 -14.64 27.89
C LEU D 113 49.92 -15.19 26.87
N ARG D 114 49.52 -14.37 25.91
CA ARG D 114 48.62 -14.82 24.84
C ARG D 114 49.35 -15.65 23.78
N PHE D 115 50.25 -16.52 24.23
CA PHE D 115 50.95 -17.41 23.32
C PHE D 115 50.56 -18.87 23.57
N GLY D 116 50.97 -19.75 22.66
CA GLY D 116 50.65 -21.17 22.76
C GLY D 116 49.93 -21.72 21.54
N GLU D 117 49.68 -23.03 21.56
CA GLU D 117 49.03 -23.71 20.43
C GLU D 117 47.57 -24.09 20.68
N GLY D 118 47.00 -23.56 21.77
CA GLY D 118 45.57 -23.77 22.08
C GLY D 118 45.20 -23.82 23.56
N ALA D 119 45.39 -22.71 24.26
CA ALA D 119 45.04 -22.61 25.68
C ALA D 119 43.52 -22.39 25.87
N SER D 120 42.92 -23.22 26.73
CA SER D 120 41.49 -23.17 27.02
C SER D 120 41.07 -21.90 27.76
N GLY D 121 39.97 -21.28 27.31
CA GLY D 121 39.46 -20.04 27.89
C GLY D 121 39.33 -18.90 26.89
N GLU D 122 40.35 -18.74 26.05
CA GLU D 122 40.40 -17.67 25.04
C GLU D 122 41.34 -18.00 23.89
N GLU D 123 40.86 -17.80 22.66
CA GLU D 123 41.64 -18.08 21.45
C GLU D 123 42.75 -17.04 21.25
N ARG D 124 43.99 -17.47 21.41
CA ARG D 124 45.15 -16.57 21.39
C ARG D 124 46.16 -16.94 20.31
N LEU D 125 46.18 -16.14 19.24
CA LEU D 125 47.08 -16.36 18.11
C LEU D 125 48.44 -15.66 18.31
N MET D 126 49.41 -16.43 18.77
CA MET D 126 50.81 -16.01 18.92
C MET D 126 51.63 -17.25 19.25
N SER D 127 52.68 -17.52 18.46
CA SER D 127 53.42 -18.79 18.55
C SER D 127 54.47 -18.82 19.66
N ARG D 128 54.87 -17.64 20.14
CA ARG D 128 55.91 -17.50 21.15
C ARG D 128 55.73 -16.20 21.93
N PRO D 129 56.31 -16.11 23.16
CA PRO D 129 56.27 -14.85 23.90
C PRO D 129 57.08 -13.75 23.21
N PHE D 130 56.91 -12.51 23.65
CA PHE D 130 57.73 -11.41 23.18
C PHE D 130 59.15 -11.55 23.70
N GLY D 131 60.13 -11.28 22.85
CA GLY D 131 61.53 -11.33 23.24
C GLY D 131 62.06 -9.94 23.57
N VAL D 132 61.23 -9.13 24.21
CA VAL D 132 61.59 -7.75 24.53
C VAL D 132 61.00 -7.32 25.88
N ALA D 133 61.80 -6.61 26.67
CA ALA D 133 61.30 -6.01 27.91
C ALA D 133 61.09 -4.52 27.69
N LEU D 134 60.09 -3.96 28.37
CA LEU D 134 59.76 -2.55 28.25
C LEU D 134 59.94 -1.80 29.57
N LEU D 135 60.31 -0.53 29.46
CA LEU D 135 60.23 0.41 30.58
C LEU D 135 59.18 1.45 30.23
N ILE D 136 58.12 1.50 31.00
CA ILE D 136 57.01 2.43 30.75
C ILE D 136 56.98 3.55 31.78
N ALA D 137 57.27 4.77 31.33
CA ALA D 137 57.29 5.94 32.21
C ALA D 137 56.16 6.90 31.89
N GLY D 138 55.57 7.48 32.92
CA GLY D 138 54.48 8.43 32.72
C GLY D 138 54.03 9.20 33.95
N HIS D 139 52.94 9.95 33.77
CA HIS D 139 52.33 10.72 34.85
C HIS D 139 50.81 10.69 34.75
N ASP D 140 50.16 10.52 35.90
CA ASP D 140 48.70 10.71 36.00
C ASP D 140 48.34 11.44 37.29
N ALA D 141 47.12 12.00 37.32
CA ALA D 141 46.67 12.83 38.44
C ALA D 141 46.56 12.08 39.78
N ASP D 142 46.48 10.76 39.72
CA ASP D 142 46.25 9.94 40.92
C ASP D 142 47.54 9.50 41.61
N ASP D 143 48.46 8.90 40.86
CA ASP D 143 49.69 8.36 41.44
C ASP D 143 50.97 9.08 41.00
N GLY D 144 50.81 10.13 40.21
CA GLY D 144 51.94 10.98 39.80
C GLY D 144 52.95 10.31 38.89
N TYR D 145 54.21 10.68 39.06
CA TYR D 145 55.30 10.14 38.24
C TYR D 145 55.58 8.68 38.56
N GLN D 146 55.55 7.85 37.52
CA GLN D 146 55.64 6.40 37.68
C GLN D 146 56.61 5.77 36.68
N LEU D 147 57.20 4.64 37.08
CA LEU D 147 58.08 3.87 36.23
C LEU D 147 57.75 2.39 36.38
N PHE D 148 57.52 1.72 35.25
CA PHE D 148 57.11 0.32 35.24
C PHE D 148 58.01 -0.53 34.35
N HIS D 149 58.35 -1.73 34.84
CA HIS D 149 59.11 -2.70 34.07
C HIS D 149 58.18 -3.84 33.63
N ALA D 150 57.83 -3.85 32.35
CA ALA D 150 56.90 -4.82 31.78
C ALA D 150 57.60 -6.01 31.13
N GLU D 151 57.45 -7.18 31.75
CA GLU D 151 58.11 -8.39 31.30
C GLU D 151 57.24 -9.25 30.38
N PRO D 152 57.86 -10.12 29.57
CA PRO D 152 57.14 -11.10 28.75
C PRO D 152 56.41 -12.17 29.57
N SER D 153 56.63 -12.17 30.87
CA SER D 153 55.97 -13.13 31.78
C SER D 153 54.54 -12.72 32.09
N GLY D 154 54.23 -11.45 31.85
CA GLY D 154 52.91 -10.90 32.18
C GLY D 154 52.93 -10.04 33.42
N THR D 155 53.98 -10.17 34.23
CA THR D 155 54.12 -9.36 35.44
C THR D 155 54.78 -8.02 35.15
N PHE D 156 54.40 -7.01 35.94
CA PHE D 156 55.00 -5.69 35.84
C PHE D 156 55.22 -5.15 37.24
N TYR D 157 56.44 -4.68 37.48
CA TYR D 157 56.79 -4.10 38.76
C TYR D 157 56.94 -2.59 38.60
N ARG D 158 56.59 -1.85 39.65
CA ARG D 158 56.87 -0.43 39.69
C ARG D 158 58.26 -0.22 40.27
N TYR D 159 59.02 0.71 39.69
CA TYR D 159 60.38 0.99 40.13
C TYR D 159 60.61 2.48 40.35
N ASN D 160 61.48 2.79 41.32
CA ASN D 160 62.00 4.14 41.48
C ASN D 160 63.12 4.37 40.47
N ALA D 161 63.87 3.31 40.22
CA ALA D 161 64.89 3.28 39.16
C ALA D 161 65.05 1.83 38.70
N LYS D 162 65.29 1.64 37.40
CA LYS D 162 65.42 0.30 36.84
C LYS D 162 66.29 0.28 35.59
N ALA D 163 67.11 -0.76 35.48
CA ALA D 163 67.97 -0.98 34.32
C ALA D 163 67.70 -2.34 33.70
N ILE D 164 67.55 -2.37 32.37
CA ILE D 164 67.31 -3.62 31.64
C ILE D 164 68.25 -3.75 30.45
N GLY D 165 68.64 -4.99 30.15
CA GLY D 165 69.57 -5.25 29.04
C GLY D 165 70.85 -5.98 29.45
N SER D 166 71.87 -5.86 28.61
CA SER D 166 73.13 -6.60 28.80
C SER D 166 73.93 -6.17 30.02
N GLY D 167 73.76 -4.93 30.47
CA GLY D 167 74.47 -4.45 31.64
C GLY D 167 73.58 -4.26 32.86
N SER D 168 72.46 -4.98 32.91
CA SER D 168 71.38 -4.70 33.87
C SER D 168 71.72 -4.89 35.36
N GLU D 169 72.49 -5.92 35.70
CA GLU D 169 72.81 -6.19 37.10
C GLU D 169 73.85 -5.24 37.68
N GLY D 170 74.84 -4.88 36.86
CA GLY D 170 75.87 -3.91 37.23
C GLY D 170 75.28 -2.53 37.38
N ALA D 171 74.33 -2.20 36.50
CA ALA D 171 73.62 -0.93 36.54
C ALA D 171 72.65 -0.85 37.72
N GLN D 172 72.02 -1.98 38.04
CA GLN D 172 71.05 -2.05 39.13
C GLN D 172 71.73 -1.94 40.49
N ALA D 173 72.92 -2.52 40.61
CA ALA D 173 73.72 -2.39 41.82
C ALA D 173 74.15 -0.94 42.01
N GLU D 174 74.42 -0.26 40.89
CA GLU D 174 74.81 1.14 40.90
C GLU D 174 73.63 2.06 41.23
N LEU D 175 72.47 1.78 40.64
CA LEU D 175 71.25 2.56 40.88
C LEU D 175 70.75 2.44 42.33
N LEU D 176 71.00 1.29 42.94
CA LEU D 176 70.65 1.05 44.35
C LEU D 176 71.34 2.08 45.25
N ASN D 177 72.63 2.32 45.01
CA ASN D 177 73.44 3.25 45.81
C ASN D 177 73.17 4.72 45.54
N GLU D 178 72.74 5.04 44.32
CA GLU D 178 72.63 6.44 43.88
C GLU D 178 71.26 7.08 44.09
N TRP D 179 70.20 6.28 44.02
CA TRP D 179 68.85 6.83 44.06
C TRP D 179 68.40 7.27 45.46
N HIS D 180 67.88 8.49 45.54
CA HIS D 180 67.22 9.00 46.74
C HIS D 180 65.95 9.78 46.34
N SER D 181 65.05 9.96 47.30
CA SER D 181 63.72 10.51 47.02
C SER D 181 63.69 12.02 46.73
N SER D 182 64.83 12.69 46.91
CA SER D 182 64.91 14.13 46.71
C SER D 182 65.72 14.53 45.46
N LEU D 183 65.90 13.58 44.54
CA LEU D 183 66.62 13.83 43.29
C LEU D 183 65.91 14.83 42.38
N THR D 184 66.65 15.81 41.88
CA THR D 184 66.14 16.73 40.86
C THR D 184 66.24 16.09 39.48
N LEU D 185 65.53 16.64 38.51
CA LEU D 185 65.52 16.11 37.15
C LEU D 185 66.91 16.18 36.51
N LYS D 186 67.58 17.32 36.66
CA LYS D 186 68.93 17.50 36.10
C LYS D 186 69.93 16.50 36.65
N GLU D 187 69.78 16.14 37.92
CA GLU D 187 70.62 15.12 38.54
C GLU D 187 70.29 13.73 37.99
N ALA D 188 69.02 13.48 37.71
CA ALA D 188 68.56 12.20 37.16
C ALA D 188 69.05 11.96 35.73
N GLU D 189 69.09 13.04 34.94
CA GLU D 189 69.61 13.00 33.58
C GLU D 189 71.10 12.61 33.56
N LEU D 190 71.90 13.32 34.37
CA LEU D 190 73.32 13.04 34.52
C LEU D 190 73.61 11.65 35.06
N LEU D 191 72.69 11.14 35.89
CA LEU D 191 72.82 9.81 36.49
C LEU D 191 72.61 8.70 35.46
N VAL D 192 71.66 8.88 34.56
CA VAL D 192 71.45 7.92 33.47
C VAL D 192 72.72 7.85 32.61
N LEU D 193 73.20 9.01 32.20
CA LEU D 193 74.44 9.16 31.43
C LEU D 193 75.66 8.52 32.11
N LYS D 194 75.74 8.66 33.44
CA LYS D 194 76.85 8.10 34.20
C LYS D 194 76.88 6.57 34.15
N ILE D 195 75.74 5.93 34.42
CA ILE D 195 75.65 4.48 34.42
C ILE D 195 75.81 3.88 33.02
N LEU D 196 75.19 4.49 32.02
CA LEU D 196 75.36 4.08 30.62
C LEU D 196 76.83 4.09 30.21
N LYS D 197 77.54 5.16 30.58
CA LYS D 197 78.97 5.31 30.31
C LYS D 197 79.79 4.15 30.88
N GLN D 198 79.37 3.67 32.05
CA GLN D 198 80.05 2.57 32.75
C GLN D 198 79.88 1.21 32.07
N VAL D 199 78.65 0.87 31.70
CA VAL D 199 78.33 -0.47 31.18
C VAL D 199 78.56 -0.65 29.67
N MET D 200 78.53 0.45 28.92
CA MET D 200 78.77 0.40 27.47
C MET D 200 80.19 -0.06 27.11
N GLU D 201 80.31 -0.77 25.99
CA GLU D 201 81.61 -1.16 25.45
C GLU D 201 82.29 0.04 24.80
N GLU D 202 81.52 0.82 24.05
CA GLU D 202 82.01 2.00 23.34
C GLU D 202 82.06 3.22 24.27
N LYS D 203 82.81 4.24 23.86
CA LYS D 203 82.81 5.51 24.59
C LYS D 203 81.53 6.27 24.25
N LEU D 204 80.83 6.71 25.30
CA LEU D 204 79.52 7.35 25.17
C LEU D 204 79.60 8.76 24.59
N ASP D 205 78.76 9.01 23.59
CA ASP D 205 78.56 10.36 23.02
C ASP D 205 77.09 10.55 22.63
N GLU D 206 76.78 11.73 22.07
CA GLU D 206 75.40 12.08 21.72
C GLU D 206 74.79 11.21 20.62
N ASN D 207 75.64 10.47 19.89
CA ASN D 207 75.19 9.65 18.77
C ASN D 207 74.87 8.20 19.13
N ASN D 208 75.61 7.63 20.07
CA ASN D 208 75.40 6.24 20.47
C ASN D 208 74.57 6.05 21.74
N ALA D 209 74.00 7.15 22.23
CA ALA D 209 73.12 7.14 23.40
C ALA D 209 72.06 8.22 23.28
N GLN D 210 70.87 7.94 23.82
CA GLN D 210 69.73 8.85 23.69
C GLN D 210 68.99 9.04 25.01
N LEU D 211 68.59 10.28 25.26
CA LEU D 211 67.84 10.64 26.47
C LEU D 211 66.42 11.06 26.14
N SER D 212 65.55 10.92 27.14
CA SER D 212 64.18 11.42 27.08
C SER D 212 63.65 11.59 28.49
N CYS D 213 62.71 12.53 28.65
CA CYS D 213 62.03 12.71 29.92
C CYS D 213 60.52 12.85 29.70
N ILE D 214 59.77 12.64 30.76
CA ILE D 214 58.34 12.93 30.76
C ILE D 214 58.02 13.81 31.97
N THR D 215 57.53 15.02 31.69
CA THR D 215 57.12 15.97 32.72
C THR D 215 55.64 16.33 32.55
N LYS D 216 55.01 16.73 33.65
CA LYS D 216 53.59 17.11 33.64
C LYS D 216 53.32 18.32 32.74
N GLN D 217 54.25 19.26 32.70
CA GLN D 217 54.08 20.50 31.94
C GLN D 217 54.24 20.31 30.43
N ASP D 218 55.37 19.74 30.01
CA ASP D 218 55.70 19.63 28.59
C ASP D 218 55.41 18.26 28.00
N GLY D 219 54.94 17.32 28.82
CA GLY D 219 54.65 15.97 28.37
C GLY D 219 55.91 15.16 28.15
N PHE D 220 55.88 14.28 27.16
CA PHE D 220 57.00 13.39 26.86
C PHE D 220 57.80 13.88 25.65
N LYS D 221 59.07 14.20 25.89
CA LYS D 221 59.96 14.69 24.84
C LYS D 221 61.18 13.79 24.68
N ILE D 222 61.63 13.60 23.45
CA ILE D 222 62.92 12.98 23.18
C ILE D 222 63.93 14.09 22.94
N TYR D 223 65.04 14.03 23.68
CA TYR D 223 66.09 15.04 23.59
C TYR D 223 66.82 14.95 22.26
N ASP D 224 67.00 16.09 21.60
CA ASP D 224 67.85 16.16 20.40
C ASP D 224 69.32 16.03 20.79
N ASN D 225 70.15 15.58 19.85
CA ASN D 225 71.54 15.26 20.13
C ASN D 225 72.35 16.39 20.76
N GLU D 226 72.07 17.63 20.34
CA GLU D 226 72.77 18.82 20.85
C GLU D 226 72.51 19.05 22.33
N LYS D 227 71.30 18.72 22.79
CA LYS D 227 70.95 18.86 24.20
C LYS D 227 71.68 17.83 25.06
N THR D 228 71.65 16.58 24.62
CA THR D 228 72.34 15.49 25.31
C THR D 228 73.85 15.72 25.33
N ALA D 229 74.40 16.16 24.20
CA ALA D 229 75.84 16.46 24.08
C ALA D 229 76.31 17.42 25.17
N GLU D 230 75.51 18.45 25.43
CA GLU D 230 75.83 19.43 26.47
C GLU D 230 75.77 18.83 27.88
N LEU D 231 74.91 17.83 28.06
CA LEU D 231 74.80 17.13 29.34
C LEU D 231 75.94 16.14 29.56
N ILE D 232 76.47 15.58 28.47
CA ILE D 232 77.64 14.70 28.53
C ILE D 232 78.88 15.52 28.85
N LYS D 233 78.98 16.70 28.22
CA LYS D 233 80.06 17.65 28.48
C LYS D 233 80.05 18.10 29.93
N GLU D 234 78.86 18.37 30.47
CA GLU D 234 78.67 18.80 31.84
C GLU D 234 79.00 17.70 32.86
N LEU D 235 78.71 16.45 32.50
CA LEU D 235 78.93 15.29 33.37
C LEU D 235 80.42 14.98 33.55
N LYS D 236 81.18 15.09 32.47
CA LYS D 236 82.62 14.83 32.49
C LYS D 236 83.35 15.88 33.34
N GLU D 237 82.82 17.10 33.36
CA GLU D 237 83.36 18.18 34.18
C GLU D 237 83.14 17.93 35.67
N LYS D 238 82.07 17.23 36.00
CA LYS D 238 81.73 16.94 37.40
C LYS D 238 82.53 15.77 37.97
N GLU D 239 82.70 14.71 37.17
CA GLU D 239 83.52 13.56 37.55
C GLU D 239 84.98 13.95 37.76
N ALA D 240 85.48 14.83 36.90
CA ALA D 240 86.84 15.34 37.00
C ALA D 240 87.05 16.22 38.24
N ALA D 241 86.00 16.93 38.65
CA ALA D 241 86.05 17.79 39.83
C ALA D 241 86.21 16.98 41.13
N GLU D 242 85.57 15.82 41.18
CA GLU D 242 85.75 14.89 42.30
C GLU D 242 85.68 13.43 41.87
N PHE E 1 62.78 -42.35 32.37
CA PHE E 1 61.40 -42.66 32.87
C PHE E 1 60.50 -41.42 32.83
N ARG E 2 60.60 -40.58 33.86
CA ARG E 2 59.66 -39.47 34.10
C ARG E 2 59.57 -38.46 32.94
N ASN E 3 60.70 -38.20 32.29
CA ASN E 3 60.78 -37.27 31.17
C ASN E 3 59.81 -37.60 30.02
N ASN E 4 59.37 -38.85 29.96
CA ASN E 4 58.47 -39.32 28.90
C ASN E 4 57.00 -38.99 29.15
N TYR E 5 56.65 -38.70 30.41
CA TYR E 5 55.25 -38.55 30.81
C TYR E 5 54.88 -37.13 31.27
N ASP E 6 55.84 -36.22 31.21
CA ASP E 6 55.62 -34.83 31.62
C ASP E 6 55.61 -33.84 30.46
N GLY E 7 55.47 -34.35 29.23
CA GLY E 7 55.48 -33.52 28.03
C GLY E 7 54.24 -32.66 27.84
N ASP E 8 53.11 -33.14 28.34
CA ASP E 8 51.82 -32.43 28.22
C ASP E 8 50.81 -32.95 29.24
N THR E 9 49.75 -32.17 29.46
CA THR E 9 48.71 -32.50 30.45
C THR E 9 47.82 -33.66 30.02
N VAL E 10 47.86 -33.96 28.73
CA VAL E 10 47.04 -35.02 28.14
C VAL E 10 47.53 -36.44 28.54
N THR E 11 48.76 -36.51 29.06
CA THR E 11 49.42 -37.80 29.31
C THR E 11 49.38 -38.24 30.78
N PHE E 12 49.03 -39.50 30.99
CA PHE E 12 49.09 -40.13 32.31
C PHE E 12 50.42 -40.83 32.52
N SER E 13 50.93 -40.78 33.75
CA SER E 13 52.12 -41.55 34.12
C SER E 13 51.71 -43.00 34.45
N PRO E 14 52.68 -43.93 34.42
CA PRO E 14 52.38 -45.33 34.73
C PRO E 14 51.68 -45.56 36.07
N THR E 15 51.97 -44.73 37.07
CA THR E 15 51.33 -44.84 38.38
C THR E 15 50.01 -44.06 38.47
N GLY E 16 49.73 -43.26 37.45
CA GLY E 16 48.45 -42.52 37.37
C GLY E 16 48.54 -41.05 37.77
N ARG E 17 49.73 -40.49 37.64
CA ARG E 17 49.96 -39.09 38.02
C ARG E 17 49.96 -38.19 36.80
N LEU E 18 49.64 -36.92 37.02
CA LEU E 18 49.68 -35.91 35.97
C LEU E 18 50.77 -34.90 36.31
N PHE E 19 51.93 -35.10 35.72
CA PHE E 19 53.13 -34.35 36.08
C PHE E 19 53.05 -32.85 35.77
N GLN E 20 52.44 -32.50 34.65
CA GLN E 20 52.24 -31.10 34.29
C GLN E 20 51.43 -30.37 35.36
N VAL E 21 50.40 -31.05 35.88
CA VAL E 21 49.61 -30.51 36.98
C VAL E 21 50.48 -30.38 38.24
N GLU E 22 51.27 -31.43 38.51
CA GLU E 22 52.15 -31.46 39.68
C GLU E 22 53.25 -30.40 39.64
N TYR E 23 53.71 -30.06 38.43
CA TYR E 23 54.72 -29.01 38.26
C TYR E 23 54.11 -27.63 38.48
N ALA E 24 52.85 -27.47 38.08
CA ALA E 24 52.12 -26.23 38.32
C ALA E 24 51.93 -26.00 39.81
N LEU E 25 51.72 -27.07 40.56
CA LEU E 25 51.62 -27.03 42.01
C LEU E 25 52.89 -26.51 42.67
N GLU E 26 54.02 -26.71 42.00
CA GLU E 26 55.32 -26.27 42.49
C GLU E 26 55.50 -24.75 42.42
N ALA E 27 54.83 -24.12 41.45
CA ALA E 27 54.84 -22.66 41.29
C ALA E 27 54.23 -21.97 42.51
N ILE E 28 53.26 -22.64 43.12
CA ILE E 28 52.57 -22.16 44.31
C ILE E 28 53.50 -22.22 45.53
N LYS E 29 54.16 -23.36 45.71
CA LYS E 29 55.13 -23.55 46.79
C LYS E 29 56.32 -22.61 46.72
N GLN E 30 56.65 -22.15 45.51
CA GLN E 30 57.71 -21.17 45.32
C GLN E 30 57.19 -19.75 45.55
N GLY E 31 55.87 -19.58 45.45
CA GLY E 31 55.22 -18.28 45.68
C GLY E 31 55.25 -17.85 47.14
N SER E 32 55.07 -16.54 47.36
CA SER E 32 55.06 -15.96 48.69
C SER E 32 53.86 -16.46 49.51
N VAL E 33 54.02 -16.51 50.82
CA VAL E 33 52.99 -17.08 51.70
C VAL E 33 51.78 -16.16 51.85
N THR E 34 50.61 -16.76 51.99
CA THR E 34 49.37 -16.04 52.28
C THR E 34 48.43 -16.92 53.11
N VAL E 35 47.66 -16.28 53.99
CA VAL E 35 46.83 -17.00 54.97
C VAL E 35 45.36 -16.57 54.92
N GLY E 36 44.46 -17.51 55.20
CA GLY E 36 43.04 -17.21 55.35
C GLY E 36 42.46 -17.89 56.58
N LEU E 37 41.50 -17.23 57.22
CA LEU E 37 40.82 -17.77 58.42
C LEU E 37 39.49 -17.05 58.67
N ARG E 38 38.58 -17.71 59.40
CA ARG E 38 37.25 -17.14 59.63
C ARG E 38 36.62 -17.47 60.99
N SER E 39 35.63 -16.68 61.37
CA SER E 39 34.71 -17.01 62.45
C SER E 39 33.33 -17.24 61.85
N ASN E 40 32.28 -17.06 62.65
CA ASN E 40 30.91 -17.16 62.14
C ASN E 40 30.41 -15.86 61.55
N THR E 41 31.06 -14.76 61.89
CA THR E 41 30.65 -13.43 61.43
C THR E 41 31.56 -12.87 60.32
N HIS E 42 32.88 -13.07 60.45
CA HIS E 42 33.85 -12.50 59.52
C HIS E 42 34.83 -13.50 58.92
N ALA E 43 35.40 -13.14 57.78
CA ALA E 43 36.45 -13.92 57.13
C ALA E 43 37.60 -12.99 56.75
N VAL E 44 38.83 -13.47 56.94
CA VAL E 44 40.02 -12.63 56.83
C VAL E 44 41.09 -13.26 55.93
N LEU E 45 41.63 -12.45 55.02
CA LEU E 45 42.83 -12.80 54.26
C LEU E 45 44.02 -11.99 54.76
N VAL E 46 45.16 -12.67 54.92
CA VAL E 46 46.44 -12.03 55.24
C VAL E 46 47.49 -12.51 54.24
N ALA E 47 48.28 -11.59 53.70
CA ALA E 47 49.28 -11.94 52.70
C ALA E 47 50.63 -11.26 52.93
N LEU E 48 51.70 -11.99 52.62
CA LEU E 48 53.04 -11.44 52.60
C LEU E 48 53.41 -11.09 51.16
N LYS E 49 53.66 -9.81 50.90
CA LYS E 49 54.00 -9.34 49.56
C LYS E 49 55.49 -9.46 49.29
N ARG E 50 55.83 -9.74 48.03
CA ARG E 50 57.23 -9.93 47.65
C ARG E 50 57.67 -8.87 46.64
N ASN E 51 58.92 -8.45 46.76
CA ASN E 51 59.53 -7.48 45.84
C ASN E 51 60.66 -8.10 45.04
N ALA E 52 61.18 -7.36 44.06
CA ALA E 52 62.38 -7.77 43.33
C ALA E 52 63.62 -7.08 43.90
N ASP E 53 63.51 -5.76 44.10
CA ASP E 53 64.60 -4.95 44.66
C ASP E 53 64.07 -4.06 45.78
N GLU E 54 64.98 -3.36 46.45
CA GLU E 54 64.61 -2.29 47.39
C GLU E 54 64.23 -1.01 46.63
N LEU E 55 64.20 -1.11 45.30
CA LEU E 55 63.79 -0.03 44.43
C LEU E 55 62.47 -0.38 43.72
N SER E 56 62.02 -1.62 43.88
CA SER E 56 60.78 -2.08 43.28
C SER E 56 59.62 -2.01 44.28
N SER E 57 58.41 -1.94 43.75
CA SER E 57 57.20 -2.01 44.56
C SER E 57 56.94 -3.46 44.95
N TYR E 58 56.12 -3.64 45.98
CA TYR E 58 55.72 -4.97 46.41
C TYR E 58 54.48 -5.39 45.63
N GLN E 59 54.55 -6.54 44.97
CA GLN E 59 53.46 -7.03 44.12
C GLN E 59 52.23 -7.43 44.94
N LYS E 60 51.06 -6.96 44.49
CA LYS E 60 49.82 -7.18 45.22
C LYS E 60 49.35 -8.63 45.15
N LYS E 61 48.85 -9.14 46.27
CA LYS E 61 48.46 -10.54 46.39
C LYS E 61 46.94 -10.72 46.54
N ILE E 62 46.24 -9.62 46.82
CA ILE E 62 44.80 -9.65 47.09
C ILE E 62 44.00 -8.93 46.01
N ILE E 63 42.92 -9.58 45.56
CA ILE E 63 42.09 -9.05 44.48
C ILE E 63 40.60 -9.12 44.88
N LYS E 64 39.90 -8.00 44.69
CA LYS E 64 38.47 -7.92 44.95
C LYS E 64 37.69 -8.55 43.81
N CYS E 65 36.71 -9.39 44.14
CA CYS E 65 35.88 -10.04 43.13
C CYS E 65 34.46 -9.45 43.07
N ASP E 66 33.94 -9.09 44.23
CA ASP E 66 32.66 -8.38 44.36
C ASP E 66 32.61 -7.69 45.72
N GLU E 67 31.45 -7.14 46.07
CA GLU E 67 31.24 -6.46 47.33
C GLU E 67 31.19 -7.42 48.51
N HIS E 68 31.12 -8.71 48.23
CA HIS E 68 30.95 -9.74 49.26
C HIS E 68 31.93 -10.90 49.12
N MET E 69 32.84 -10.79 48.15
CA MET E 69 33.76 -11.88 47.86
C MET E 69 35.09 -11.39 47.28
N GLY E 70 36.17 -12.05 47.70
CA GLY E 70 37.51 -11.75 47.19
C GLY E 70 38.47 -12.89 47.42
N LEU E 71 39.72 -12.70 47.01
CA LEU E 71 40.72 -13.77 47.09
C LEU E 71 42.17 -13.27 47.18
N SER E 72 43.03 -14.11 47.73
CA SER E 72 44.48 -13.88 47.70
C SER E 72 45.17 -14.95 46.85
N LEU E 73 46.30 -14.59 46.25
CA LEU E 73 46.98 -15.43 45.28
C LEU E 73 48.36 -15.90 45.74
N ALA E 74 48.80 -17.04 45.20
CA ALA E 74 50.16 -17.54 45.40
C ALA E 74 50.59 -18.32 44.16
N GLY E 75 51.61 -17.80 43.47
CA GLY E 75 52.10 -18.40 42.24
C GLY E 75 52.11 -17.40 41.09
N LEU E 76 51.74 -17.87 39.90
CA LEU E 76 51.65 -17.00 38.72
C LEU E 76 50.56 -15.95 38.87
N ALA E 77 50.97 -14.69 39.01
CA ALA E 77 50.05 -13.58 39.16
C ALA E 77 49.16 -13.32 37.92
N PRO E 78 49.73 -13.43 36.70
CA PRO E 78 48.86 -13.26 35.52
C PRO E 78 47.74 -14.28 35.45
N ASP E 79 48.01 -15.52 35.87
CA ASP E 79 46.99 -16.57 35.92
C ASP E 79 45.88 -16.24 36.90
N ALA E 80 46.25 -15.59 38.01
CA ALA E 80 45.29 -15.16 39.01
C ALA E 80 44.44 -14.01 38.50
N ARG E 81 45.04 -13.17 37.66
CA ARG E 81 44.29 -12.10 36.98
C ARG E 81 43.24 -12.70 36.04
N VAL E 82 43.61 -13.78 35.36
CA VAL E 82 42.68 -14.50 34.48
C VAL E 82 41.52 -15.10 35.27
N LEU E 83 41.85 -15.80 36.36
CA LEU E 83 40.86 -16.50 37.19
C LEU E 83 40.00 -15.58 38.06
N SER E 84 40.56 -14.47 38.52
CA SER E 84 39.80 -13.48 39.30
C SER E 84 38.83 -12.73 38.40
N ASN E 85 39.27 -12.44 37.18
CA ASN E 85 38.44 -11.79 36.17
C ASN E 85 37.22 -12.65 35.82
N TYR E 86 37.44 -13.96 35.69
CA TYR E 86 36.37 -14.91 35.41
C TYR E 86 35.36 -14.93 36.55
N LEU E 87 35.87 -14.91 37.77
CA LEU E 87 35.03 -14.95 38.97
C LEU E 87 34.29 -13.63 39.17
N ARG E 88 34.85 -12.55 38.64
CA ARG E 88 34.18 -11.25 38.64
C ARG E 88 32.95 -11.28 37.75
N GLN E 89 33.10 -11.88 36.57
CA GLN E 89 32.01 -12.02 35.61
C GLN E 89 30.90 -12.94 36.13
N GLN E 90 31.28 -14.03 36.78
CA GLN E 90 30.32 -14.98 37.32
C GLN E 90 29.51 -14.38 38.47
N CYS E 91 30.18 -13.57 39.30
CA CYS E 91 29.50 -12.81 40.35
C CYS E 91 28.60 -11.74 39.73
N ASN E 92 29.07 -11.18 38.62
CA ASN E 92 28.34 -10.13 37.92
C ASN E 92 27.08 -10.65 37.23
N TYR E 93 27.20 -11.83 36.65
CA TYR E 93 26.09 -12.51 35.97
C TYR E 93 24.97 -12.84 36.94
N SER E 94 25.33 -13.39 38.10
CA SER E 94 24.37 -13.79 39.13
C SER E 94 23.53 -12.61 39.63
N SER E 95 24.14 -11.42 39.70
CA SER E 95 23.43 -10.22 40.15
C SER E 95 22.52 -9.63 39.08
N LEU E 96 23.02 -9.54 37.85
CA LEU E 96 22.28 -8.91 36.76
C LEU E 96 21.09 -9.75 36.30
N VAL E 97 21.27 -11.06 36.24
CA VAL E 97 20.24 -11.98 35.76
C VAL E 97 19.26 -12.41 36.86
N PHE E 98 19.79 -12.74 38.04
CA PHE E 98 18.98 -13.28 39.13
C PHE E 98 18.82 -12.34 40.32
N ASN E 99 19.49 -11.19 40.27
CA ASN E 99 19.56 -10.25 41.40
C ASN E 99 19.99 -10.96 42.69
N ARG E 100 21.07 -11.72 42.57
CA ARG E 100 21.49 -12.66 43.60
C ARG E 100 23.00 -12.58 43.76
N LYS E 101 23.45 -12.48 45.01
CA LYS E 101 24.87 -12.55 45.31
C LYS E 101 25.32 -14.02 45.19
N LEU E 102 26.33 -14.26 44.35
CA LEU E 102 26.79 -15.61 44.07
C LEU E 102 27.29 -16.29 45.34
N ALA E 103 26.82 -17.52 45.58
CA ALA E 103 27.24 -18.30 46.74
C ALA E 103 28.70 -18.70 46.60
N VAL E 104 29.45 -18.60 47.70
CA VAL E 104 30.88 -18.88 47.71
C VAL E 104 31.17 -20.36 47.44
N GLU E 105 30.17 -21.21 47.61
CA GLU E 105 30.32 -22.64 47.35
C GLU E 105 30.35 -22.95 45.85
N ARG E 106 29.44 -22.36 45.08
CA ARG E 106 29.46 -22.52 43.63
C ARG E 106 30.53 -21.65 42.98
N ALA E 107 30.96 -20.61 43.69
CA ALA E 107 32.12 -19.82 43.26
C ALA E 107 33.31 -20.74 43.11
N GLY E 108 33.48 -21.63 44.08
CA GLY E 108 34.53 -22.65 44.05
C GLY E 108 34.31 -23.72 43.00
N HIS E 109 33.04 -24.06 42.74
CA HIS E 109 32.71 -25.07 41.72
C HIS E 109 33.06 -24.57 40.33
N LEU E 110 32.79 -23.29 40.08
CA LEU E 110 33.10 -22.67 38.79
C LEU E 110 34.61 -22.61 38.55
N LEU E 111 35.36 -22.32 39.62
CA LEU E 111 36.82 -22.31 39.55
C LEU E 111 37.38 -23.71 39.30
N CYS E 112 36.80 -24.69 39.98
CA CYS E 112 37.16 -26.10 39.80
C CYS E 112 36.97 -26.55 38.35
N ASP E 113 35.76 -26.33 37.83
CA ASP E 113 35.40 -26.78 36.49
C ASP E 113 36.26 -26.09 35.42
N LYS E 114 36.61 -24.83 35.66
CA LYS E 114 37.42 -24.07 34.68
C LYS E 114 38.85 -24.58 34.64
N ALA E 115 39.37 -24.95 35.81
CA ALA E 115 40.72 -25.48 35.93
C ALA E 115 40.83 -26.90 35.39
N GLN E 116 39.74 -27.66 35.53
CA GLN E 116 39.68 -29.06 35.09
C GLN E 116 39.88 -29.19 33.58
N LYS E 117 39.23 -28.30 32.83
CA LYS E 117 39.25 -28.33 31.36
C LYS E 117 40.64 -28.10 30.77
N ASN E 118 41.52 -27.52 31.58
CA ASN E 118 42.90 -27.30 31.18
C ASN E 118 43.80 -28.51 31.45
N THR E 119 43.32 -29.42 32.29
CA THR E 119 44.07 -30.63 32.66
C THR E 119 43.79 -31.85 31.78
N GLN E 120 42.87 -31.69 30.81
CA GLN E 120 42.45 -32.80 29.94
C GLN E 120 42.63 -32.47 28.45
N SER E 121 42.77 -31.18 28.14
CA SER E 121 42.88 -30.72 26.75
C SER E 121 44.34 -30.61 26.30
N TYR E 122 44.59 -31.05 25.07
CA TYR E 122 45.90 -30.87 24.45
C TYR E 122 46.14 -29.40 24.12
N GLY E 123 47.40 -28.98 24.21
CA GLY E 123 47.80 -27.62 23.85
C GLY E 123 47.66 -26.61 24.98
N GLY E 124 46.74 -26.89 25.89
CA GLY E 124 46.53 -26.04 27.05
C GLY E 124 47.41 -26.48 28.19
N ARG E 125 47.91 -25.51 28.96
CA ARG E 125 48.63 -25.78 30.20
C ARG E 125 47.66 -25.67 31.37
N PRO E 126 48.02 -26.26 32.53
CA PRO E 126 47.26 -25.98 33.73
C PRO E 126 47.57 -24.57 34.22
N TYR E 127 46.67 -24.00 35.03
CA TYR E 127 46.96 -22.73 35.68
C TYR E 127 48.09 -22.93 36.70
N GLY E 128 48.91 -21.91 36.89
CA GLY E 128 50.04 -22.01 37.82
C GLY E 128 49.86 -21.16 39.06
N VAL E 129 48.69 -21.25 39.69
CA VAL E 129 48.39 -20.40 40.83
C VAL E 129 47.42 -21.06 41.84
N GLY E 130 47.69 -20.84 43.12
CA GLY E 130 46.78 -21.25 44.19
C GLY E 130 45.99 -20.04 44.66
N LEU E 131 44.76 -20.28 45.08
CA LEU E 131 43.87 -19.18 45.47
C LEU E 131 43.15 -19.44 46.79
N LEU E 132 43.09 -18.40 47.62
CA LEU E 132 42.32 -18.45 48.86
C LEU E 132 41.14 -17.48 48.76
N ILE E 133 39.95 -18.04 48.61
CA ILE E 133 38.72 -17.25 48.44
C ILE E 133 37.96 -17.13 49.75
N ILE E 134 37.70 -15.90 50.17
CA ILE E 134 36.84 -15.61 51.31
C ILE E 134 35.53 -14.96 50.85
N GLY E 135 34.48 -15.11 51.65
CA GLY E 135 33.18 -14.54 51.32
C GLY E 135 32.19 -14.48 52.47
N TYR E 136 31.09 -13.78 52.23
CA TYR E 136 29.96 -13.77 53.14
C TYR E 136 28.68 -13.76 52.29
N ASP E 137 27.95 -14.87 52.34
CA ASP E 137 26.71 -15.00 51.59
C ASP E 137 25.51 -15.22 52.50
N LYS E 138 24.49 -15.92 51.99
CA LYS E 138 23.27 -16.20 52.76
C LYS E 138 23.47 -17.26 53.85
N SER E 139 24.62 -17.92 53.84
CA SER E 139 24.95 -18.92 54.86
C SER E 139 26.22 -18.56 55.63
N GLY E 140 26.47 -17.25 55.76
CA GLY E 140 27.52 -16.75 56.64
C GLY E 140 28.92 -16.67 56.05
N ALA E 141 29.91 -16.75 56.92
CA ALA E 141 31.32 -16.64 56.53
C ALA E 141 31.84 -17.94 55.91
N HIS E 142 32.58 -17.80 54.81
CA HIS E 142 33.16 -18.95 54.10
C HIS E 142 34.62 -18.71 53.72
N LEU E 143 35.40 -19.78 53.74
CA LEU E 143 36.78 -19.74 53.25
C LEU E 143 37.09 -20.97 52.41
N LEU E 144 37.66 -20.72 51.23
CA LEU E 144 37.97 -21.77 50.26
C LEU E 144 39.44 -21.80 49.90
N GLU E 145 39.94 -22.98 49.54
CA GLU E 145 41.28 -23.17 49.02
C GLU E 145 41.20 -23.75 47.60
N PHE E 146 41.92 -23.14 46.67
CA PHE E 146 41.91 -23.55 45.28
C PHE E 146 43.26 -24.06 44.81
N GLN E 147 43.26 -25.24 44.20
CA GLN E 147 44.45 -25.84 43.61
C GLN E 147 44.26 -26.00 42.10
N PRO E 148 45.35 -25.81 41.31
CA PRO E 148 45.31 -25.89 39.85
C PRO E 148 44.87 -27.25 39.31
N SER E 149 44.90 -28.27 40.16
CA SER E 149 44.36 -29.59 39.82
C SER E 149 42.84 -29.53 39.64
N GLY E 150 42.22 -28.53 40.26
CA GLY E 150 40.76 -28.37 40.25
C GLY E 150 40.17 -28.58 41.63
N ASN E 151 40.92 -29.23 42.51
CA ASN E 151 40.48 -29.52 43.87
C ASN E 151 40.29 -28.24 44.69
N VAL E 152 39.07 -28.07 45.21
CA VAL E 152 38.70 -26.93 46.04
C VAL E 152 38.08 -27.42 47.35
N THR E 153 38.56 -26.86 48.47
CA THR E 153 38.16 -27.31 49.80
C THR E 153 37.68 -26.16 50.68
N GLU E 154 36.54 -26.35 51.33
CA GLU E 154 36.04 -25.40 52.31
C GLU E 154 36.68 -25.66 53.67
N LEU E 155 37.23 -24.61 54.26
CA LEU E 155 38.00 -24.72 55.49
C LEU E 155 37.65 -23.59 56.46
N TYR E 156 37.96 -23.81 57.74
CA TYR E 156 37.90 -22.75 58.74
C TYR E 156 39.11 -21.85 58.60
N GLY E 157 40.22 -22.44 58.14
CA GLY E 157 41.48 -21.73 58.00
C GLY E 157 42.52 -22.54 57.23
N THR E 158 43.42 -21.84 56.54
CA THR E 158 44.51 -22.47 55.79
C THR E 158 45.55 -21.46 55.30
N ALA E 159 46.66 -21.96 54.77
CA ALA E 159 47.71 -21.14 54.19
C ALA E 159 48.38 -21.83 53.00
N ILE E 160 48.79 -21.03 52.02
CA ILE E 160 49.52 -21.54 50.85
C ILE E 160 50.73 -20.67 50.54
N GLY E 161 51.73 -21.28 49.91
CA GLY E 161 52.98 -20.58 49.58
C GLY E 161 54.19 -21.24 50.22
N ALA E 162 55.32 -20.53 50.19
CA ALA E 162 56.57 -21.01 50.79
C ALA E 162 56.49 -20.97 52.31
N ARG E 163 56.97 -22.04 52.94
CA ARG E 163 57.02 -22.18 54.40
C ARG E 163 55.63 -22.15 55.06
N SER E 164 54.59 -22.36 54.24
CA SER E 164 53.20 -22.24 54.70
C SER E 164 52.79 -23.31 55.71
N GLN E 165 53.63 -24.31 55.88
CA GLN E 165 53.38 -25.41 56.83
C GLN E 165 53.40 -24.91 58.28
N GLY E 166 54.18 -23.86 58.54
CA GLY E 166 54.24 -23.23 59.85
C GLY E 166 52.91 -22.61 60.29
N ALA E 167 52.28 -21.87 59.38
CA ALA E 167 51.00 -21.22 59.65
C ALA E 167 49.85 -22.22 59.81
N LYS E 168 49.87 -23.26 58.98
CA LYS E 168 48.83 -24.29 58.97
C LYS E 168 48.80 -25.11 60.27
N THR E 169 49.96 -25.31 60.87
CA THR E 169 50.07 -25.98 62.18
C THR E 169 49.53 -25.09 63.29
N TYR E 170 49.84 -23.80 63.21
CA TYR E 170 49.36 -22.80 64.18
C TYR E 170 47.82 -22.74 64.17
N LEU E 171 47.24 -22.65 62.99
CA LEU E 171 45.78 -22.58 62.85
C LEU E 171 45.10 -23.86 63.33
N GLU E 172 45.76 -25.00 63.08
CA GLU E 172 45.27 -26.30 63.51
C GLU E 172 45.30 -26.43 65.04
N ARG E 173 46.21 -25.69 65.68
CA ARG E 173 46.39 -25.73 67.13
C ARG E 173 45.52 -24.68 67.83
N THR E 174 45.13 -23.63 67.10
CA THR E 174 44.40 -22.50 67.67
C THR E 174 42.96 -22.41 67.14
N LEU E 175 42.49 -23.48 66.51
CA LEU E 175 41.16 -23.55 65.90
C LEU E 175 40.03 -23.06 66.81
N ASP E 176 39.96 -23.61 68.03
CA ASP E 176 38.86 -23.33 68.95
C ASP E 176 38.81 -21.88 69.44
N THR E 177 39.95 -21.19 69.36
CA THR E 177 40.05 -19.79 69.80
C THR E 177 39.46 -18.82 68.78
N PHE E 178 39.95 -18.89 67.54
CA PHE E 178 39.58 -17.88 66.53
C PHE E 178 38.19 -18.08 65.89
N ILE E 179 37.70 -19.32 65.87
CA ILE E 179 36.36 -19.62 65.35
C ILE E 179 35.26 -18.87 66.11
N LYS E 180 35.56 -18.50 67.35
CA LYS E 180 34.61 -17.83 68.22
C LYS E 180 34.77 -16.30 68.24
N ILE E 181 35.74 -15.78 67.48
CA ILE E 181 35.94 -14.33 67.37
C ILE E 181 34.81 -13.70 66.54
N ASP E 182 33.65 -13.55 67.16
CA ASP E 182 32.45 -13.04 66.50
C ASP E 182 32.15 -11.61 66.94
N GLY E 183 31.98 -10.73 65.96
CA GLY E 183 31.69 -9.32 66.22
C GLY E 183 32.93 -8.50 66.52
N ASN E 184 34.11 -9.10 66.33
CA ASN E 184 35.38 -8.42 66.53
C ASN E 184 36.33 -8.64 65.34
N PRO E 185 36.28 -7.73 64.35
CA PRO E 185 37.17 -7.80 63.19
C PRO E 185 38.66 -7.74 63.57
N ASP E 186 39.03 -6.80 64.43
CA ASP E 186 40.42 -6.59 64.83
C ASP E 186 41.09 -7.82 65.46
N GLU E 187 40.35 -8.56 66.28
CA GLU E 187 40.89 -9.77 66.92
C GLU E 187 41.02 -10.97 65.96
N LEU E 188 40.35 -10.90 64.81
CA LEU E 188 40.55 -11.89 63.74
C LEU E 188 41.76 -11.57 62.88
N ILE E 189 42.01 -10.28 62.65
CA ILE E 189 43.21 -9.84 61.93
C ILE E 189 44.45 -10.20 62.76
N LYS E 190 44.36 -9.95 64.07
CA LYS E 190 45.39 -10.35 65.04
C LYS E 190 45.76 -11.82 64.92
N ALA E 191 44.75 -12.68 64.85
CA ALA E 191 44.94 -14.13 64.74
C ALA E 191 45.47 -14.54 63.36
N GLY E 192 45.26 -13.68 62.37
CA GLY E 192 45.77 -13.88 61.02
C GLY E 192 47.22 -13.46 60.86
N VAL E 193 47.57 -12.32 61.47
CA VAL E 193 48.94 -11.80 61.43
C VAL E 193 49.90 -12.68 62.22
N GLU E 194 49.43 -13.20 63.36
CA GLU E 194 50.23 -14.10 64.19
C GLU E 194 50.46 -15.43 63.48
N ALA E 195 49.51 -15.83 62.63
CA ALA E 195 49.63 -17.06 61.85
C ALA E 195 50.66 -16.94 60.73
N ILE E 196 50.68 -15.79 60.04
CA ILE E 196 51.58 -15.59 58.89
C ILE E 196 53.04 -15.43 59.30
N SER E 197 53.28 -14.86 60.48
CA SER E 197 54.63 -14.69 61.01
C SER E 197 55.24 -16.01 61.47
N GLN E 198 54.40 -17.03 61.59
CA GLN E 198 54.83 -18.40 61.88
C GLN E 198 55.49 -19.02 60.64
N SER E 199 55.39 -18.32 59.51
CA SER E 199 55.96 -18.76 58.23
C SER E 199 57.12 -17.89 57.77
N LEU E 200 57.38 -16.81 58.50
CA LEU E 200 58.54 -15.96 58.25
C LEU E 200 59.82 -16.66 58.66
N ARG E 201 60.92 -16.33 58.00
CA ARG E 201 62.22 -16.92 58.30
C ARG E 201 63.33 -15.93 57.97
N ASP E 202 63.12 -15.18 56.88
CA ASP E 202 64.13 -14.24 56.39
C ASP E 202 63.86 -12.82 56.87
N GLU E 203 62.74 -12.25 56.42
CA GLU E 203 62.42 -10.84 56.64
C GLU E 203 61.44 -10.59 57.79
N SER E 204 61.32 -9.32 58.17
CA SER E 204 60.33 -8.87 59.15
C SER E 204 59.18 -8.19 58.41
N LEU E 205 57.95 -8.53 58.79
CA LEU E 205 56.76 -7.99 58.13
C LEU E 205 56.59 -6.48 58.39
N THR E 206 56.68 -5.69 57.32
CA THR E 206 56.68 -4.22 57.42
C THR E 206 55.45 -3.55 56.81
N VAL E 207 55.46 -2.22 56.84
CA VAL E 207 54.32 -1.37 56.44
C VAL E 207 53.89 -1.55 54.97
N ASP E 208 54.87 -1.65 54.08
CA ASP E 208 54.60 -1.86 52.65
C ASP E 208 54.71 -3.34 52.27
N ASN E 209 54.98 -4.17 53.28
CA ASN E 209 55.16 -5.61 53.12
C ASN E 209 53.86 -6.39 53.36
N LEU E 210 53.05 -5.89 54.28
CA LEU E 210 51.85 -6.59 54.72
C LEU E 210 50.60 -6.19 53.95
N SER E 211 49.75 -7.17 53.67
CA SER E 211 48.50 -6.97 52.96
C SER E 211 47.38 -7.76 53.64
N ILE E 212 46.29 -7.07 53.96
CA ILE E 212 45.16 -7.68 54.67
C ILE E 212 43.82 -7.32 54.03
N ALA E 213 42.90 -8.30 54.01
CA ALA E 213 41.54 -8.09 53.52
C ALA E 213 40.51 -8.68 54.46
N ILE E 214 39.31 -8.10 54.46
CA ILE E 214 38.23 -8.57 55.34
C ILE E 214 36.84 -8.48 54.69
N VAL E 215 35.97 -9.43 55.05
CA VAL E 215 34.56 -9.45 54.64
C VAL E 215 33.72 -10.08 55.76
N GLY E 216 32.47 -9.63 55.90
CA GLY E 216 31.58 -10.16 56.93
C GLY E 216 30.17 -9.64 56.90
N LYS E 217 29.49 -9.76 58.05
CA LYS E 217 28.07 -9.42 58.18
C LYS E 217 27.76 -7.98 57.76
N ASP E 218 28.41 -7.01 58.40
CA ASP E 218 28.25 -5.61 58.00
C ASP E 218 29.58 -5.01 57.56
N THR E 219 30.27 -5.74 56.68
CA THR E 219 31.57 -5.32 56.16
C THR E 219 31.76 -5.79 54.72
N PRO E 220 31.67 -4.86 53.75
CA PRO E 220 32.00 -5.19 52.37
C PRO E 220 33.49 -5.49 52.20
N PHE E 221 33.83 -6.30 51.21
CA PHE E 221 35.22 -6.70 50.97
C PHE E 221 36.11 -5.49 50.68
N THR E 222 37.03 -5.21 51.60
CA THR E 222 37.93 -4.07 51.48
C THR E 222 39.39 -4.46 51.74
N ILE E 223 40.30 -3.87 50.96
CA ILE E 223 41.72 -4.14 51.05
C ILE E 223 42.43 -3.13 51.96
N TYR E 224 43.29 -3.63 52.83
CA TYR E 224 44.14 -2.78 53.67
C TYR E 224 45.62 -2.94 53.34
N ASP E 225 46.23 -1.87 52.87
CA ASP E 225 47.66 -1.81 52.57
C ASP E 225 48.29 -0.59 53.22
N GLY E 226 49.61 -0.45 53.08
CA GLY E 226 50.34 0.73 53.55
C GLY E 226 50.19 0.99 55.04
N GLU E 227 49.89 2.24 55.39
CA GLU E 227 49.83 2.67 56.78
C GLU E 227 48.56 2.21 57.49
N ALA E 228 47.63 1.64 56.72
CA ALA E 228 46.39 1.11 57.27
C ALA E 228 46.58 -0.24 57.98
N VAL E 229 47.71 -0.89 57.74
CA VAL E 229 48.04 -2.16 58.40
C VAL E 229 49.09 -1.99 59.50
N ALA E 230 49.53 -0.74 59.70
CA ALA E 230 50.59 -0.42 60.66
C ALA E 230 50.25 -0.80 62.10
N LYS E 231 48.96 -0.75 62.47
CA LYS E 231 48.54 -1.04 63.84
C LYS E 231 48.61 -2.53 64.21
N TYR E 232 48.74 -3.40 63.21
CA TYR E 232 48.82 -4.85 63.44
C TYR E 232 50.26 -5.36 63.51
N ILE E 233 51.23 -4.46 63.31
CA ILE E 233 52.64 -4.82 63.37
C ILE E 233 53.08 -5.05 64.82
N GLY F 1 61.99 -51.18 19.76
CA GLY F 1 61.24 -49.93 20.09
C GLY F 1 59.84 -50.20 20.60
N THR F 2 59.43 -49.43 21.61
CA THR F 2 58.09 -49.54 22.18
C THR F 2 57.43 -48.17 22.29
N GLY F 3 57.11 -47.74 23.51
CA GLY F 3 56.50 -46.45 23.75
C GLY F 3 55.02 -46.42 23.40
N TYR F 4 54.37 -47.58 23.50
CA TYR F 4 52.95 -47.71 23.20
C TYR F 4 52.06 -47.06 24.25
N ASP F 5 52.65 -46.65 25.36
CA ASP F 5 51.92 -46.09 26.50
C ASP F 5 51.94 -44.55 26.55
N LEU F 6 52.56 -43.93 25.54
CA LEU F 6 52.82 -42.49 25.57
C LEU F 6 51.69 -41.64 24.98
N SER F 7 50.76 -42.29 24.30
CA SER F 7 49.67 -41.62 23.59
C SER F 7 48.35 -42.37 23.78
N ASN F 8 47.25 -41.63 23.86
CA ASN F 8 45.95 -42.20 24.23
C ASN F 8 45.38 -43.26 23.28
N SER F 9 44.93 -42.85 22.09
CA SER F 9 44.18 -43.76 21.21
C SER F 9 44.97 -44.98 20.69
N VAL F 10 46.26 -45.04 20.98
CA VAL F 10 47.17 -46.08 20.46
C VAL F 10 46.87 -47.47 21.02
N PHE F 11 46.84 -48.47 20.14
CA PHE F 11 46.78 -49.89 20.52
C PHE F 11 48.17 -50.43 20.79
N SER F 12 48.31 -51.21 21.86
CA SER F 12 49.54 -51.94 22.13
C SER F 12 49.55 -53.21 21.26
N PRO F 13 50.71 -53.87 21.10
CA PRO F 13 50.74 -55.11 20.30
C PRO F 13 49.81 -56.21 20.81
N ASP F 14 49.42 -56.14 22.08
CA ASP F 14 48.50 -57.11 22.67
C ASP F 14 47.05 -56.61 22.76
N GLY F 15 46.78 -55.46 22.12
CA GLY F 15 45.42 -54.95 21.94
C GLY F 15 44.93 -54.01 23.01
N ARG F 16 45.84 -53.52 23.84
CA ARG F 16 45.49 -52.71 25.00
C ARG F 16 45.71 -51.22 24.79
N ASN F 17 44.95 -50.42 25.54
CA ASN F 17 45.15 -48.98 25.60
C ASN F 17 45.75 -48.63 26.96
N PHE F 18 47.08 -48.55 26.99
CA PHE F 18 47.83 -48.37 28.24
C PHE F 18 47.49 -47.10 29.01
N GLN F 19 47.07 -46.06 28.31
CA GLN F 19 46.67 -44.80 28.94
C GLN F 19 45.41 -44.94 29.80
N VAL F 20 44.46 -45.76 29.32
CA VAL F 20 43.26 -46.08 30.07
C VAL F 20 43.61 -46.87 31.32
N GLU F 21 44.56 -47.81 31.18
CA GLU F 21 45.04 -48.61 32.29
C GLU F 21 45.78 -47.77 33.34
N TYR F 22 46.43 -46.71 32.89
CA TYR F 22 47.10 -45.77 33.78
C TYR F 22 46.11 -44.86 34.49
N ALA F 23 44.97 -44.61 33.85
CA ALA F 23 43.89 -43.83 34.48
C ALA F 23 43.26 -44.63 35.62
N VAL F 24 43.10 -45.94 35.39
CA VAL F 24 42.59 -46.87 36.40
C VAL F 24 43.43 -46.78 37.67
N LYS F 25 44.74 -46.60 37.50
CA LYS F 25 45.67 -46.46 38.62
C LYS F 25 45.36 -45.24 39.50
N ALA F 26 44.93 -44.15 38.87
CA ALA F 26 44.53 -42.94 39.60
C ALA F 26 43.23 -43.15 40.39
N VAL F 27 42.38 -44.05 39.90
CA VAL F 27 41.11 -44.38 40.56
C VAL F 27 41.36 -45.21 41.81
N GLU F 28 42.26 -46.21 41.69
CA GLU F 28 42.64 -47.09 42.79
C GLU F 28 43.32 -46.32 43.93
N ASN F 29 44.01 -45.24 43.56
CA ASN F 29 44.64 -44.34 44.53
C ASN F 29 43.61 -43.45 45.23
N GLY F 30 42.44 -43.31 44.62
CA GLY F 30 41.37 -42.48 45.15
C GLY F 30 40.64 -43.09 46.33
N THR F 31 39.78 -42.28 46.95
CA THR F 31 38.99 -42.69 48.10
C THR F 31 37.90 -43.71 47.71
N THR F 32 37.58 -44.60 48.64
CA THR F 32 36.59 -45.66 48.38
C THR F 32 35.14 -45.16 48.42
N SER F 33 34.35 -45.62 47.45
CA SER F 33 32.93 -45.32 47.36
C SER F 33 32.15 -46.55 46.92
N ILE F 34 30.87 -46.61 47.30
CA ILE F 34 30.05 -47.81 47.07
C ILE F 34 28.62 -47.50 46.63
N GLY F 35 27.92 -48.53 46.15
CA GLY F 35 26.51 -48.47 45.86
C GLY F 35 25.83 -49.78 46.23
N ILE F 36 24.67 -49.69 46.89
CA ILE F 36 23.89 -50.87 47.27
C ILE F 36 22.45 -50.74 46.77
N LYS F 37 22.07 -51.65 45.89
CA LYS F 37 20.72 -51.69 45.32
C LYS F 37 19.78 -52.49 46.22
N CYS F 38 18.66 -51.87 46.60
CA CYS F 38 17.69 -52.50 47.48
C CYS F 38 16.38 -52.87 46.76
N ASN F 39 15.37 -53.27 47.52
CA ASN F 39 14.11 -53.78 46.95
C ASN F 39 13.26 -52.80 46.13
N ASP F 40 13.47 -51.50 46.33
CA ASP F 40 12.71 -50.48 45.60
C ASP F 40 13.51 -49.18 45.35
N GLY F 41 14.81 -49.24 45.59
CA GLY F 41 15.67 -48.07 45.43
C GLY F 41 17.16 -48.37 45.48
N VAL F 42 17.96 -47.31 45.64
CA VAL F 42 19.43 -47.45 45.71
C VAL F 42 20.05 -46.55 46.78
N VAL F 43 21.14 -47.04 47.38
CA VAL F 43 21.85 -46.31 48.43
C VAL F 43 23.32 -46.12 48.06
N PHE F 44 23.79 -44.88 48.17
CA PHE F 44 25.18 -44.55 47.86
C PHE F 44 25.89 -44.05 49.12
N ALA F 45 27.13 -44.46 49.29
CA ALA F 45 27.97 -43.99 50.39
C ALA F 45 29.39 -43.72 49.91
N VAL F 46 30.08 -42.81 50.61
CA VAL F 46 31.45 -42.44 50.28
C VAL F 46 32.27 -42.09 51.52
N GLU F 47 33.58 -42.38 51.44
CA GLU F 47 34.56 -42.04 52.46
C GLU F 47 35.07 -40.63 52.19
N LYS F 48 35.28 -39.85 53.26
CA LYS F 48 35.82 -38.49 53.13
C LYS F 48 36.99 -38.29 54.09
N LEU F 49 38.20 -38.33 53.53
CA LEU F 49 39.41 -38.24 54.36
C LEU F 49 39.61 -36.87 54.99
N ILE F 50 39.49 -36.83 56.31
CA ILE F 50 39.77 -35.62 57.08
C ILE F 50 41.30 -35.48 57.20
N THR F 51 41.86 -34.63 56.35
CA THR F 51 43.30 -34.37 56.35
C THR F 51 43.69 -33.54 57.57
N SER F 52 42.88 -32.52 57.84
CA SER F 52 43.14 -31.59 58.93
C SER F 52 41.85 -31.27 59.68
N LYS F 53 41.99 -30.87 60.94
CA LYS F 53 40.87 -30.39 61.75
C LYS F 53 40.25 -29.12 61.14
N LEU F 54 40.99 -28.50 60.23
CA LEU F 54 40.59 -27.25 59.60
C LEU F 54 39.48 -27.40 58.56
N LEU F 55 39.28 -28.62 58.07
CA LEU F 55 38.17 -28.92 57.15
C LEU F 55 36.84 -28.84 57.88
N VAL F 56 35.92 -28.05 57.34
CA VAL F 56 34.58 -27.91 57.91
C VAL F 56 33.78 -29.19 57.65
N PRO F 57 33.22 -29.80 58.70
CA PRO F 57 32.40 -31.00 58.56
C PRO F 57 31.14 -30.74 57.74
N GLN F 58 30.67 -31.77 57.04
CA GLN F 58 29.41 -31.75 56.27
C GLN F 58 29.38 -30.74 55.12
N LYS F 59 30.55 -30.28 54.68
CA LYS F 59 30.62 -29.13 53.75
C LYS F 59 31.22 -29.41 52.38
N ASN F 60 32.18 -30.33 52.31
CA ASN F 60 32.78 -30.72 51.04
C ASN F 60 32.07 -31.93 50.44
N VAL F 61 30.87 -31.69 49.91
CA VAL F 61 30.00 -32.75 49.43
C VAL F 61 30.56 -33.39 48.16
N LYS F 62 30.64 -34.71 48.16
CA LYS F 62 31.21 -35.46 47.03
C LYS F 62 30.13 -36.11 46.16
N ILE F 63 29.05 -36.57 46.79
CA ILE F 63 27.91 -37.12 46.05
C ILE F 63 27.19 -36.00 45.31
N GLN F 64 26.80 -36.27 44.07
CA GLN F 64 26.11 -35.29 43.24
C GLN F 64 24.77 -35.83 42.75
N VAL F 65 23.86 -34.91 42.41
CA VAL F 65 22.58 -35.27 41.81
C VAL F 65 22.54 -34.86 40.32
N VAL F 66 22.04 -35.76 39.48
CA VAL F 66 21.68 -35.43 38.11
C VAL F 66 20.16 -35.45 38.02
N ASP F 67 19.58 -34.37 37.52
CA ASP F 67 18.12 -34.17 37.45
C ASP F 67 17.54 -34.07 38.87
N ARG F 68 16.63 -34.97 39.23
CA ARG F 68 16.04 -34.99 40.56
C ARG F 68 16.01 -36.40 41.12
N HIS F 69 16.25 -37.38 40.25
CA HIS F 69 16.07 -38.79 40.58
C HIS F 69 17.35 -39.63 40.52
N ILE F 70 18.43 -39.07 39.96
CA ILE F 70 19.70 -39.79 39.85
C ILE F 70 20.73 -39.30 40.87
N GLY F 71 21.49 -40.24 41.44
CA GLY F 71 22.63 -39.91 42.29
C GLY F 71 23.94 -40.39 41.67
N CYS F 72 25.01 -39.61 41.86
CA CYS F 72 26.33 -39.99 41.35
C CYS F 72 27.41 -39.86 42.41
N VAL F 73 28.23 -40.90 42.50
CA VAL F 73 29.41 -40.90 43.36
C VAL F 73 30.59 -41.48 42.58
N TYR F 74 31.79 -40.97 42.84
CA TYR F 74 32.98 -41.41 42.09
C TYR F 74 34.28 -41.40 42.90
N SER F 75 35.22 -42.22 42.45
CA SER F 75 36.53 -42.34 43.08
C SER F 75 37.60 -41.99 42.05
N GLY F 76 38.67 -41.35 42.51
CA GLY F 76 39.77 -40.97 41.63
C GLY F 76 39.96 -39.47 41.62
N LEU F 77 40.19 -38.91 40.43
CA LEU F 77 40.34 -37.48 40.26
C LEU F 77 38.98 -36.80 40.34
N ILE F 78 38.75 -36.04 41.41
CA ILE F 78 37.46 -35.40 41.66
C ILE F 78 37.03 -34.45 40.53
N PRO F 79 37.91 -33.51 40.11
CA PRO F 79 37.52 -32.61 39.02
C PRO F 79 36.98 -33.33 37.79
N ASP F 80 37.56 -34.48 37.44
CA ASP F 80 37.07 -35.31 36.34
C ASP F 80 35.64 -35.79 36.59
N GLY F 81 35.37 -36.19 37.84
CA GLY F 81 34.03 -36.62 38.22
C GLY F 81 33.03 -35.49 38.13
N ARG F 82 33.44 -34.30 38.57
CA ARG F 82 32.60 -33.10 38.46
C ARG F 82 32.29 -32.77 37.01
N HIS F 83 33.31 -32.86 36.17
CA HIS F 83 33.17 -32.67 34.73
C HIS F 83 32.14 -33.63 34.14
N LEU F 84 32.23 -34.90 34.54
CA LEU F 84 31.35 -35.94 34.00
C LEU F 84 29.89 -35.73 34.40
N VAL F 85 29.67 -35.19 35.60
CA VAL F 85 28.34 -34.90 36.10
C VAL F 85 27.72 -33.70 35.39
N ASN F 86 28.53 -32.65 35.16
CA ASN F 86 28.11 -31.53 34.34
C ASN F 86 27.61 -32.00 32.98
N ARG F 87 28.28 -33.01 32.42
CA ARG F 87 27.87 -33.63 31.17
C ARG F 87 26.60 -34.43 31.36
N GLY F 88 26.56 -35.26 32.40
CA GLY F 88 25.35 -35.99 32.78
C GLY F 88 24.15 -35.09 32.96
N ARG F 89 24.37 -33.92 33.59
CA ARG F 89 23.32 -32.94 33.82
C ARG F 89 22.79 -32.30 32.54
N GLU F 90 23.70 -32.00 31.61
CA GLU F 90 23.33 -31.47 30.30
C GLU F 90 22.56 -32.52 29.52
N GLU F 91 23.09 -33.74 29.54
CA GLU F 91 22.55 -34.85 28.76
C GLU F 91 21.13 -35.22 29.19
N ALA F 92 20.86 -35.12 30.51
CA ALA F 92 19.55 -35.38 31.08
C ALA F 92 18.53 -34.28 30.77
N ALA F 93 18.97 -33.02 30.88
CA ALA F 93 18.11 -31.87 30.59
C ALA F 93 17.66 -31.89 29.13
N SER F 94 18.58 -32.27 28.25
CA SER F 94 18.30 -32.43 26.83
C SER F 94 17.23 -33.49 26.57
N PHE F 95 17.34 -34.63 27.25
CA PHE F 95 16.41 -35.75 27.13
C PHE F 95 15.01 -35.36 27.60
N LYS F 96 14.93 -34.65 28.73
CA LYS F 96 13.68 -34.15 29.28
C LYS F 96 13.03 -33.12 28.36
N LYS F 97 13.84 -32.27 27.75
CA LYS F 97 13.38 -31.20 26.86
C LYS F 97 12.62 -31.75 25.65
N LEU F 98 13.09 -32.88 25.13
CA LEU F 98 12.52 -33.46 23.92
C LEU F 98 11.43 -34.50 24.21
N TYR F 99 11.69 -35.37 25.19
CA TYR F 99 10.80 -36.51 25.45
C TYR F 99 9.88 -36.32 26.65
N LYS F 100 9.97 -35.16 27.30
CA LYS F 100 9.13 -34.78 28.46
C LYS F 100 9.44 -35.58 29.73
N THR F 101 9.55 -36.90 29.58
CA THR F 101 9.81 -37.81 30.70
C THR F 101 11.26 -37.70 31.21
N PRO F 102 11.46 -37.78 32.55
CA PRO F 102 12.82 -37.81 33.11
C PRO F 102 13.59 -39.04 32.62
N ILE F 103 14.89 -38.86 32.37
CA ILE F 103 15.72 -39.88 31.74
C ILE F 103 15.81 -41.19 32.54
N PRO F 104 15.43 -42.33 31.92
CA PRO F 104 15.61 -43.64 32.53
C PRO F 104 17.09 -43.93 32.79
N ILE F 105 17.37 -44.68 33.84
CA ILE F 105 18.74 -44.93 34.30
C ILE F 105 19.60 -45.66 33.25
N PRO F 106 19.09 -46.73 32.62
CA PRO F 106 19.84 -47.37 31.54
C PRO F 106 20.17 -46.41 30.40
N ALA F 107 19.25 -45.50 30.10
CA ALA F 107 19.45 -44.45 29.09
C ALA F 107 20.56 -43.50 29.54
N PHE F 108 20.51 -43.11 30.82
CA PHE F 108 21.50 -42.19 31.38
C PHE F 108 22.89 -42.82 31.45
N ALA F 109 22.94 -44.10 31.77
CA ALA F 109 24.19 -44.85 31.86
C ALA F 109 24.95 -44.85 30.53
N ASP F 110 24.22 -45.06 29.45
CA ASP F 110 24.84 -45.13 28.13
C ASP F 110 25.37 -43.77 27.69
N ARG F 111 24.69 -42.70 28.12
CA ARG F 111 25.09 -41.34 27.79
C ARG F 111 26.48 -41.00 28.34
N LEU F 112 26.72 -41.36 29.60
CA LEU F 112 28.03 -41.23 30.21
C LEU F 112 29.03 -42.20 29.57
N GLY F 113 28.55 -43.40 29.26
CA GLY F 113 29.36 -44.45 28.64
C GLY F 113 29.91 -44.09 27.28
N GLN F 114 29.08 -43.45 26.45
CA GLN F 114 29.51 -43.02 25.13
C GLN F 114 30.43 -41.82 25.22
N TYR F 115 30.26 -41.03 26.27
CA TYR F 115 31.07 -39.83 26.49
C TYR F 115 32.48 -40.18 26.95
N VAL F 116 32.57 -41.14 27.89
CA VAL F 116 33.86 -41.63 28.40
C VAL F 116 34.64 -42.40 27.34
N GLN F 117 33.93 -43.22 26.56
CA GLN F 117 34.52 -43.98 25.46
C GLN F 117 35.13 -43.04 24.42
N ALA F 118 34.46 -41.91 24.19
CA ALA F 118 34.94 -40.90 23.25
C ALA F 118 36.32 -40.37 23.67
N HIS F 119 36.54 -40.29 24.99
CA HIS F 119 37.81 -39.80 25.53
C HIS F 119 38.92 -40.86 25.53
N THR F 120 38.70 -41.94 24.78
CA THR F 120 39.71 -42.98 24.57
C THR F 120 39.90 -43.24 23.07
N LEU F 121 39.43 -42.32 22.23
CA LEU F 121 39.46 -42.49 20.78
C LEU F 121 40.48 -41.58 20.10
N TYR F 122 40.94 -40.56 20.82
CA TYR F 122 41.81 -39.53 20.26
C TYR F 122 43.04 -39.31 21.14
N ASN F 123 44.17 -38.97 20.52
CA ASN F 123 45.36 -38.66 21.31
C ASN F 123 45.40 -37.22 21.84
N SER F 124 44.42 -36.42 21.41
CA SER F 124 44.34 -35.02 21.79
C SER F 124 43.51 -34.83 23.06
N VAL F 125 43.06 -35.95 23.63
CA VAL F 125 42.34 -35.94 24.91
C VAL F 125 42.89 -36.99 25.89
N ARG F 126 42.71 -36.72 27.18
CA ARG F 126 43.13 -37.62 28.24
C ARG F 126 41.93 -38.41 28.77
N PRO F 127 42.08 -39.74 28.94
CA PRO F 127 41.02 -40.55 29.55
C PRO F 127 40.58 -40.01 30.92
N PHE F 128 39.36 -40.34 31.32
CA PHE F 128 38.84 -39.91 32.61
C PHE F 128 39.47 -40.68 33.77
N GLY F 129 39.90 -39.95 34.80
CA GLY F 129 40.51 -40.55 35.98
C GLY F 129 39.50 -40.84 37.09
N VAL F 130 38.36 -41.42 36.73
CA VAL F 130 37.31 -41.79 37.67
C VAL F 130 36.59 -43.09 37.31
N SER F 131 36.22 -43.85 38.34
CA SER F 131 35.16 -44.84 38.22
C SER F 131 33.94 -44.21 38.90
N THR F 132 32.79 -44.28 38.23
CA THR F 132 31.59 -43.63 38.74
C THR F 132 30.53 -44.67 39.06
N ILE F 133 30.05 -44.62 40.30
CA ILE F 133 28.91 -45.43 40.74
C ILE F 133 27.68 -44.52 40.81
N PHE F 134 26.60 -44.95 40.18
CA PHE F 134 25.40 -44.11 40.05
C PHE F 134 24.15 -44.92 39.76
N GLY F 135 22.99 -44.29 39.92
CA GLY F 135 21.71 -44.91 39.63
C GLY F 135 20.53 -44.14 40.20
N GLY F 136 19.37 -44.79 40.23
CA GLY F 136 18.14 -44.18 40.72
C GLY F 136 16.92 -44.99 40.35
N VAL F 137 15.77 -44.34 40.34
CA VAL F 137 14.49 -45.00 40.07
C VAL F 137 13.81 -44.42 38.84
N ASP F 138 13.39 -45.31 37.94
CA ASP F 138 12.60 -44.91 36.78
C ASP F 138 11.23 -45.61 36.74
N LYS F 139 10.63 -45.64 35.55
CA LYS F 139 9.28 -46.16 35.35
C LYS F 139 9.16 -47.67 35.59
N ASN F 140 10.29 -48.38 35.53
CA ASN F 140 10.31 -49.81 35.85
C ASN F 140 11.51 -50.24 36.69
N GLY F 141 11.33 -50.22 38.01
CA GLY F 141 12.33 -50.73 38.95
C GLY F 141 13.40 -49.73 39.37
N ALA F 142 14.40 -50.25 40.09
CA ALA F 142 15.57 -49.47 40.48
C ALA F 142 16.82 -50.03 39.79
N HIS F 143 17.78 -49.15 39.51
CA HIS F 143 18.98 -49.52 38.77
C HIS F 143 20.25 -48.99 39.44
N LEU F 144 21.31 -49.80 39.39
CA LEU F 144 22.64 -49.39 39.86
C LEU F 144 23.72 -49.69 38.81
N TYR F 145 24.60 -48.71 38.60
CA TYR F 145 25.64 -48.81 37.57
C TYR F 145 27.02 -48.43 38.06
N MET F 146 28.05 -48.99 37.42
CA MET F 146 29.43 -48.58 37.62
C MET F 146 30.12 -48.34 36.28
N LEU F 147 30.69 -47.15 36.12
CA LEU F 147 31.31 -46.73 34.86
C LEU F 147 32.82 -46.60 34.99
N GLU F 148 33.54 -47.36 34.16
CA GLU F 148 35.01 -47.39 34.20
C GLU F 148 35.62 -46.34 33.25
N PRO F 149 36.90 -45.96 33.49
CA PRO F 149 37.64 -45.04 32.62
C PRO F 149 37.66 -45.43 31.14
N SER F 150 37.44 -46.72 30.85
CA SER F 150 37.41 -47.23 29.48
C SER F 150 36.06 -46.95 28.78
N GLY F 151 35.04 -46.64 29.56
CA GLY F 151 33.69 -46.48 29.05
C GLY F 151 32.80 -47.67 29.38
N SER F 152 33.44 -48.73 29.86
CA SER F 152 32.74 -49.95 30.24
C SER F 152 31.84 -49.70 31.45
N TYR F 153 30.61 -50.21 31.38
CA TYR F 153 29.67 -50.15 32.48
C TYR F 153 28.74 -51.37 32.46
N TRP F 154 28.29 -51.78 33.65
CA TRP F 154 27.28 -52.82 33.77
C TRP F 154 26.30 -52.45 34.88
N GLY F 155 25.17 -53.15 34.92
CA GLY F 155 24.26 -53.07 36.06
C GLY F 155 24.79 -53.93 37.21
N TYR F 156 24.60 -53.47 38.43
CA TYR F 156 25.13 -54.18 39.59
C TYR F 156 24.06 -54.44 40.66
N LYS F 157 24.32 -55.45 41.49
CA LYS F 157 23.58 -55.65 42.72
C LYS F 157 24.25 -54.81 43.80
N GLY F 158 25.56 -54.66 43.65
CA GLY F 158 26.39 -53.87 44.55
C GLY F 158 27.67 -53.47 43.82
N ALA F 159 28.13 -52.26 44.07
CA ALA F 159 29.31 -51.73 43.40
C ALA F 159 30.30 -51.12 44.37
N ALA F 160 31.59 -51.29 44.07
CA ALA F 160 32.66 -50.69 44.85
C ALA F 160 33.84 -50.30 43.97
N THR F 161 34.47 -49.17 44.31
CA THR F 161 35.68 -48.72 43.65
C THR F 161 36.52 -47.89 44.62
N GLY F 162 37.79 -47.69 44.27
CA GLY F 162 38.69 -46.85 45.07
C GLY F 162 39.68 -47.63 45.90
N LYS F 163 40.07 -47.06 47.02
CA LYS F 163 41.11 -47.61 47.88
C LYS F 163 40.73 -48.94 48.51
N GLY F 164 39.52 -49.01 49.09
CA GLY F 164 39.07 -50.19 49.81
C GLY F 164 38.09 -51.06 49.04
N ARG F 165 38.27 -51.14 47.72
CA ARG F 165 37.36 -51.86 46.85
C ARG F 165 37.30 -53.37 47.14
N GLN F 166 38.45 -53.96 47.50
CA GLN F 166 38.53 -55.38 47.85
C GLN F 166 37.71 -55.73 49.09
N SER F 167 37.87 -54.93 50.14
CA SER F 167 37.15 -55.11 51.40
C SER F 167 35.64 -55.00 51.18
N ALA F 168 35.25 -54.00 50.39
CA ALA F 168 33.86 -53.71 50.10
C ALA F 168 33.18 -54.83 49.34
N LYS F 169 33.78 -55.24 48.22
CA LYS F 169 33.26 -56.34 47.39
C LYS F 169 33.02 -57.63 48.18
N ALA F 170 34.00 -58.01 48.99
CA ALA F 170 33.89 -59.20 49.84
C ALA F 170 32.68 -59.09 50.76
N GLU F 171 32.45 -57.88 51.27
CA GLU F 171 31.32 -57.60 52.15
C GLU F 171 29.99 -57.56 51.38
N LEU F 172 30.02 -56.99 50.17
CA LEU F 172 28.84 -56.90 49.31
C LEU F 172 28.34 -58.27 48.85
N GLU F 173 29.27 -59.20 48.61
CA GLU F 173 28.95 -60.56 48.17
C GLU F 173 28.25 -61.37 49.24
N LYS F 174 28.59 -61.10 50.50
CA LYS F 174 27.94 -61.76 51.64
C LYS F 174 26.50 -61.28 51.81
N LEU F 175 26.24 -60.04 51.41
CA LEU F 175 24.90 -59.46 51.47
C LEU F 175 24.00 -60.03 50.37
N VAL F 176 24.58 -60.29 49.21
CA VAL F 176 23.86 -60.88 48.07
C VAL F 176 23.46 -62.34 48.36
N ASP F 177 24.31 -63.03 49.12
CA ASP F 177 24.06 -64.42 49.53
C ASP F 177 23.02 -64.53 50.64
N HIS F 178 23.14 -63.67 51.65
CA HIS F 178 22.26 -63.73 52.82
C HIS F 178 20.87 -63.15 52.57
N HIS F 179 20.75 -62.26 51.58
CA HIS F 179 19.46 -61.66 51.22
C HIS F 179 19.13 -61.92 49.74
N PRO F 180 18.61 -63.13 49.42
CA PRO F 180 18.35 -63.48 48.02
C PRO F 180 17.13 -62.77 47.43
N GLU F 181 16.06 -62.65 48.20
CA GLU F 181 14.83 -61.99 47.77
C GLU F 181 14.91 -60.46 47.78
N GLY F 182 15.85 -59.92 48.56
CA GLY F 182 16.11 -58.48 48.56
C GLY F 182 16.37 -57.87 49.93
N LEU F 183 16.93 -56.67 49.91
CA LEU F 183 17.20 -55.90 51.13
C LEU F 183 16.34 -54.64 51.10
N SER F 184 15.93 -54.16 52.27
CA SER F 184 15.11 -52.95 52.36
C SER F 184 15.97 -51.67 52.32
N ALA F 185 15.34 -50.55 52.01
CA ALA F 185 16.02 -49.25 51.92
C ALA F 185 16.66 -48.83 53.25
N ARG F 186 15.89 -48.93 54.34
CA ARG F 186 16.40 -48.66 55.69
C ARG F 186 17.64 -49.51 55.99
N GLU F 187 17.55 -50.80 55.70
CA GLU F 187 18.63 -51.77 55.96
C GLU F 187 19.88 -51.47 55.14
N ALA F 188 19.69 -51.06 53.88
CA ALA F 188 20.80 -50.76 52.98
C ALA F 188 21.64 -49.56 53.43
N VAL F 189 20.97 -48.50 53.90
CA VAL F 189 21.65 -47.31 54.42
C VAL F 189 22.57 -47.67 55.59
N LYS F 190 22.02 -48.38 56.56
CA LYS F 190 22.77 -48.88 57.72
C LYS F 190 23.96 -49.72 57.30
N GLN F 191 23.72 -50.66 56.38
CA GLN F 191 24.76 -51.56 55.90
C GLN F 191 25.83 -50.83 55.08
N ALA F 192 25.44 -49.74 54.42
CA ALA F 192 26.38 -48.91 53.66
C ALA F 192 27.40 -48.22 54.58
N ALA F 193 26.95 -47.82 55.76
CA ALA F 193 27.83 -47.27 56.78
C ALA F 193 28.86 -48.32 57.21
N LYS F 194 28.40 -49.55 57.37
CA LYS F 194 29.24 -50.68 57.79
C LYS F 194 30.36 -50.95 56.78
N ILE F 195 30.02 -50.94 55.49
CA ILE F 195 30.97 -51.23 54.43
C ILE F 195 32.08 -50.19 54.38
N ILE F 196 31.71 -48.91 54.46
CA ILE F 196 32.66 -47.79 54.42
C ILE F 196 33.64 -47.82 55.60
N TYR F 197 33.11 -48.09 56.80
CA TYR F 197 33.93 -48.19 58.00
C TYR F 197 34.93 -49.35 57.93
N LEU F 198 34.48 -50.48 57.37
CA LEU F 198 35.34 -51.66 57.18
C LEU F 198 36.39 -51.45 56.10
N ALA F 199 36.02 -50.71 55.05
CA ALA F 199 36.94 -50.41 53.95
C ALA F 199 37.98 -49.35 54.32
N HIS F 200 37.73 -48.62 55.41
CA HIS F 200 38.61 -47.52 55.83
C HIS F 200 39.97 -47.98 56.41
N GLU F 201 40.07 -49.26 56.77
CA GLU F 201 41.34 -49.86 57.22
C GLU F 201 42.51 -49.65 56.25
N ASP F 202 42.20 -49.41 54.99
CA ASP F 202 43.20 -49.13 53.95
C ASP F 202 43.80 -47.73 54.08
N ASN F 203 43.05 -46.84 54.72
CA ASN F 203 43.51 -45.47 55.01
C ASN F 203 43.46 -45.16 56.51
N LYS F 204 43.66 -46.20 57.33
CA LYS F 204 43.43 -46.13 58.78
C LYS F 204 44.33 -45.13 59.54
N GLU F 205 45.28 -44.52 58.83
CA GLU F 205 46.19 -43.54 59.42
C GLU F 205 45.52 -42.18 59.65
N LYS F 206 44.50 -41.87 58.86
CA LYS F 206 43.79 -40.59 58.92
C LYS F 206 42.32 -40.77 59.31
N ASP F 207 41.74 -39.75 59.94
CA ASP F 207 40.33 -39.77 60.31
C ASP F 207 39.47 -39.55 59.08
N PHE F 208 38.21 -39.99 59.15
CA PHE F 208 37.31 -39.89 58.00
C PHE F 208 35.88 -39.47 58.36
N GLU F 209 35.18 -38.91 57.37
CA GLU F 209 33.82 -38.42 57.52
C GLU F 209 32.90 -39.20 56.59
N LEU F 210 31.80 -39.71 57.12
CA LEU F 210 30.86 -40.50 56.35
C LEU F 210 29.85 -39.62 55.63
N GLU F 211 29.48 -40.02 54.41
CA GLU F 211 28.49 -39.30 53.62
C GLU F 211 27.63 -40.30 52.85
N ILE F 212 26.32 -40.26 53.12
CA ILE F 212 25.37 -41.22 52.54
C ILE F 212 24.24 -40.51 51.79
N SER F 213 23.74 -41.15 50.74
CA SER F 213 22.56 -40.68 50.02
C SER F 213 21.73 -41.88 49.57
N TRP F 214 20.44 -41.64 49.35
CA TRP F 214 19.53 -42.70 48.92
C TRP F 214 18.41 -42.20 48.01
N CYS F 215 17.88 -43.12 47.21
CA CYS F 215 16.80 -42.86 46.28
C CYS F 215 15.90 -44.09 46.28
N SER F 216 14.77 -43.99 46.96
CA SER F 216 13.86 -45.14 47.15
C SER F 216 12.40 -44.78 46.94
N LEU F 217 11.70 -45.66 46.23
CA LEU F 217 10.31 -45.45 45.83
C LEU F 217 9.40 -45.07 47.00
N SER F 218 9.50 -45.81 48.10
CA SER F 218 8.64 -45.61 49.25
C SER F 218 9.23 -44.69 50.32
N GLU F 219 10.54 -44.49 50.28
CA GLU F 219 11.24 -43.72 51.32
C GLU F 219 11.56 -42.28 50.92
N THR F 220 11.71 -42.02 49.62
CA THR F 220 12.03 -40.66 49.14
C THR F 220 11.10 -40.19 48.01
N ASN F 221 10.09 -41.01 47.70
CA ASN F 221 9.20 -40.78 46.55
C ASN F 221 9.92 -40.87 45.19
N GLY F 222 10.99 -41.67 45.15
CA GLY F 222 11.77 -41.83 43.92
C GLY F 222 12.68 -40.66 43.59
N LEU F 223 12.90 -39.79 44.59
CA LEU F 223 13.79 -38.64 44.44
C LEU F 223 15.11 -38.90 45.13
N HIS F 224 16.17 -38.26 44.65
CA HIS F 224 17.46 -38.30 45.30
C HIS F 224 17.46 -37.40 46.52
N LYS F 225 17.89 -37.95 47.66
CA LYS F 225 17.92 -37.20 48.92
C LYS F 225 19.09 -37.65 49.78
N PHE F 226 19.76 -36.67 50.40
CA PHE F 226 20.86 -36.96 51.31
C PHE F 226 20.36 -37.40 52.68
N VAL F 227 21.10 -38.33 53.29
CA VAL F 227 20.80 -38.79 54.64
C VAL F 227 21.42 -37.81 55.64
N LYS F 228 20.59 -37.32 56.55
CA LYS F 228 20.98 -36.25 57.47
C LYS F 228 20.51 -36.51 58.91
N GLY F 229 21.28 -35.98 59.86
CA GLY F 229 20.91 -36.03 61.28
C GLY F 229 20.64 -37.40 61.87
N ASP F 230 19.42 -37.58 62.36
CA ASP F 230 18.99 -38.78 63.08
C ASP F 230 19.22 -40.10 62.34
N LEU F 231 18.90 -40.12 61.05
CA LEU F 231 19.06 -41.35 60.26
C LEU F 231 20.54 -41.63 59.98
N LEU F 232 21.32 -40.57 59.77
CA LEU F 232 22.76 -40.68 59.58
C LEU F 232 23.46 -41.17 60.86
N GLN F 233 23.12 -40.56 61.99
CA GLN F 233 23.68 -40.94 63.29
C GLN F 233 23.34 -42.38 63.67
N GLU F 234 22.15 -42.82 63.28
CA GLU F 234 21.73 -44.21 63.46
C GLU F 234 22.59 -45.18 62.67
N ALA F 235 22.96 -44.78 61.45
CA ALA F 235 23.84 -45.58 60.59
C ALA F 235 25.29 -45.58 61.11
N ILE F 236 25.75 -44.44 61.60
CA ILE F 236 27.10 -44.32 62.15
C ILE F 236 27.29 -45.20 63.39
N ASP F 237 26.29 -45.17 64.29
CA ASP F 237 26.30 -45.99 65.49
C ASP F 237 26.25 -47.48 65.18
N PHE F 238 25.53 -47.84 64.12
CA PHE F 238 25.45 -49.23 63.66
C PHE F 238 26.81 -49.75 63.22
N ALA F 239 27.58 -48.89 62.55
CA ALA F 239 28.94 -49.22 62.12
C ALA F 239 29.93 -49.23 63.29
N GLN F 240 29.77 -48.27 64.20
CA GLN F 240 30.59 -48.20 65.42
C GLN F 240 30.40 -49.42 66.31
N LYS F 241 29.17 -49.91 66.38
CA LYS F 241 28.82 -51.07 67.22
C LYS F 241 29.33 -52.38 66.62
N GLU F 242 29.15 -52.54 65.31
CA GLU F 242 29.63 -53.74 64.62
C GLU F 242 31.03 -53.54 64.05
N ILE F 243 32.00 -53.40 64.97
CA ILE F 243 33.40 -53.22 64.60
C ILE F 243 34.31 -53.94 65.63
N ASN F 244 33.69 -54.57 66.62
CA ASN F 244 34.43 -55.20 67.72
C ASN F 244 34.14 -56.70 67.86
N ALA G 1 60.91 -46.03 11.56
CA ALA G 1 61.72 -46.91 12.46
C ALA G 1 61.07 -47.11 13.85
N GLY G 2 59.85 -46.60 14.02
CA GLY G 2 59.14 -46.71 15.29
C GLY G 2 57.67 -46.29 15.27
N TYR G 3 57.41 -45.06 14.84
CA TYR G 3 56.05 -44.49 14.90
C TYR G 3 55.09 -44.99 13.82
N ASP G 4 55.58 -45.85 12.93
CA ASP G 4 54.71 -46.51 11.94
C ASP G 4 53.83 -47.60 12.58
N ARG G 5 54.04 -47.82 13.88
CA ARG G 5 53.26 -48.80 14.62
C ARG G 5 52.29 -48.16 15.61
N HIS G 6 52.28 -46.83 15.66
CA HIS G 6 51.45 -46.08 16.61
C HIS G 6 50.22 -45.42 15.99
N ILE G 7 50.35 -44.98 14.74
CA ILE G 7 49.21 -44.45 14.00
C ILE G 7 48.97 -45.28 12.73
N THR G 8 47.86 -45.02 12.05
CA THR G 8 47.47 -45.82 10.89
C THR G 8 48.14 -45.36 9.59
N ILE G 9 49.47 -45.53 9.54
CA ILE G 9 50.27 -45.33 8.33
C ILE G 9 51.04 -46.59 7.97
N PHE G 10 51.39 -46.73 6.69
CA PHE G 10 52.06 -47.93 6.19
C PHE G 10 53.41 -48.18 6.83
N SER G 11 53.73 -49.46 7.05
CA SER G 11 55.06 -49.88 7.45
C SER G 11 55.84 -50.24 6.18
N PRO G 12 57.18 -50.39 6.28
CA PRO G 12 57.96 -50.82 5.12
C PRO G 12 57.40 -52.06 4.40
N GLU G 13 56.76 -52.95 5.15
CA GLU G 13 56.22 -54.20 4.61
C GLU G 13 54.88 -53.99 3.89
N GLY G 14 54.27 -52.82 4.09
CA GLY G 14 52.98 -52.50 3.49
C GLY G 14 51.85 -52.81 4.45
N ARG G 15 52.16 -52.84 5.74
CA ARG G 15 51.21 -53.25 6.77
C ARG G 15 50.78 -52.09 7.66
N LEU G 16 49.55 -52.19 8.16
CA LEU G 16 49.03 -51.24 9.13
C LEU G 16 48.91 -51.94 10.47
N TYR G 17 49.94 -51.78 11.31
CA TYR G 17 50.02 -52.50 12.58
C TYR G 17 48.93 -52.16 13.59
N GLN G 18 48.42 -50.92 13.53
CA GLN G 18 47.34 -50.51 14.43
C GLN G 18 46.04 -51.22 14.13
N VAL G 19 45.82 -51.55 12.86
CA VAL G 19 44.67 -52.36 12.45
C VAL G 19 44.85 -53.80 12.92
N GLU G 20 46.07 -54.31 12.79
CA GLU G 20 46.40 -55.67 13.22
C GLU G 20 46.29 -55.84 14.74
N TYR G 21 46.63 -54.79 15.47
CA TYR G 21 46.56 -54.82 16.93
C TYR G 21 45.13 -54.63 17.43
N ALA G 22 44.27 -54.10 16.55
CA ALA G 22 42.86 -53.94 16.86
C ALA G 22 42.13 -55.27 16.78
N PHE G 23 42.55 -56.12 15.85
CA PHE G 23 42.04 -57.49 15.74
C PHE G 23 42.33 -58.28 17.01
N LYS G 24 43.49 -58.03 17.62
CA LYS G 24 43.90 -58.65 18.86
C LYS G 24 42.94 -58.25 20.00
N ALA G 25 42.42 -57.03 19.93
CA ALA G 25 41.53 -56.48 20.97
C ALA G 25 40.14 -57.14 21.01
N THR G 26 39.73 -57.74 19.90
CA THR G 26 38.42 -58.37 19.78
C THR G 26 38.27 -59.63 20.62
N ASN G 27 39.40 -60.26 20.95
CA ASN G 27 39.41 -61.49 21.72
C ASN G 27 39.55 -61.27 23.22
N GLN G 28 39.70 -60.01 23.61
CA GLN G 28 39.93 -59.65 25.02
C GLN G 28 38.87 -60.17 25.98
N THR G 29 37.64 -60.29 25.49
CA THR G 29 36.49 -60.72 26.31
C THR G 29 36.39 -62.23 26.48
N ASN G 30 37.16 -62.98 25.69
CA ASN G 30 37.17 -64.45 25.71
C ASN G 30 35.77 -65.08 25.54
N ILE G 31 35.05 -64.59 24.54
CA ILE G 31 33.68 -65.03 24.26
C ILE G 31 33.57 -65.46 22.80
N ASN G 32 32.95 -66.62 22.58
CA ASN G 32 32.73 -67.13 21.22
C ASN G 32 31.29 -66.94 20.74
N SER G 33 31.13 -66.61 19.46
CA SER G 33 29.82 -66.43 18.85
C SER G 33 29.71 -67.21 17.54
N LEU G 34 28.49 -67.65 17.21
CA LEU G 34 28.23 -68.31 15.94
C LEU G 34 26.88 -67.89 15.36
N ALA G 35 26.76 -67.99 14.05
CA ALA G 35 25.53 -67.61 13.35
C ALA G 35 25.20 -68.56 12.21
N VAL G 36 23.94 -69.00 12.16
CA VAL G 36 23.46 -69.91 11.11
C VAL G 36 22.15 -69.43 10.51
N ARG G 37 21.85 -69.90 9.30
CA ARG G 37 20.62 -69.55 8.60
C ARG G 37 19.70 -70.76 8.45
N GLY G 38 18.40 -70.54 8.68
CA GLY G 38 17.38 -71.56 8.46
C GLY G 38 16.63 -71.32 7.17
N LYS G 39 15.47 -71.97 7.05
CA LYS G 39 14.57 -71.81 5.90
C LYS G 39 14.10 -70.36 5.77
N ASP G 40 13.60 -69.82 6.88
CA ASP G 40 13.08 -68.44 6.92
C ASP G 40 13.42 -67.74 8.23
N CYS G 41 14.64 -67.97 8.73
CA CYS G 41 15.14 -67.34 9.95
C CYS G 41 16.66 -67.30 10.00
N THR G 42 17.19 -66.53 10.95
CA THR G 42 18.62 -66.46 11.21
C THR G 42 18.84 -66.40 12.72
N VAL G 43 19.76 -67.23 13.21
CA VAL G 43 20.03 -67.33 14.64
C VAL G 43 21.47 -66.96 14.99
N VAL G 44 21.64 -66.12 16.02
CA VAL G 44 22.96 -65.88 16.61
C VAL G 44 23.05 -66.43 18.02
N ILE G 45 24.18 -67.08 18.31
CA ILE G 45 24.50 -67.59 19.64
C ILE G 45 25.76 -66.85 20.12
N SER G 46 25.77 -66.49 21.40
CA SER G 46 26.94 -65.89 22.02
C SER G 46 27.08 -66.40 23.44
N GLN G 47 28.32 -66.64 23.84
CA GLN G 47 28.61 -67.12 25.20
C GLN G 47 28.41 -66.01 26.22
N LYS G 48 27.78 -66.36 27.33
CA LYS G 48 27.52 -65.42 28.40
C LYS G 48 28.33 -65.83 29.62
N LYS G 49 29.36 -65.05 29.91
CA LYS G 49 30.18 -65.26 31.09
C LYS G 49 29.99 -64.11 32.06
N VAL G 50 29.45 -64.41 33.23
CA VAL G 50 29.32 -63.42 34.29
C VAL G 50 30.10 -63.95 35.50
N PRO G 51 31.39 -63.57 35.60
CA PRO G 51 32.28 -64.05 36.66
C PRO G 51 32.01 -63.39 38.02
N ASP G 52 31.81 -62.07 38.02
CA ASP G 52 31.54 -61.32 39.24
C ASP G 52 30.10 -61.55 39.69
N LYS G 53 29.94 -61.95 40.96
CA LYS G 53 28.63 -62.22 41.53
C LYS G 53 27.87 -60.94 41.91
N LEU G 54 28.54 -59.81 41.81
CA LEU G 54 27.93 -58.51 42.09
C LEU G 54 27.22 -57.91 40.88
N LEU G 55 27.44 -58.51 39.71
CA LEU G 55 26.85 -58.05 38.45
C LEU G 55 25.38 -58.44 38.32
N ASP G 56 24.62 -57.63 37.59
CA ASP G 56 23.27 -57.97 37.18
C ASP G 56 23.36 -58.62 35.80
N PRO G 57 23.08 -59.94 35.73
CA PRO G 57 23.24 -60.72 34.49
C PRO G 57 22.44 -60.19 33.29
N THR G 58 21.29 -59.59 33.57
CA THR G 58 20.39 -59.08 32.53
C THR G 58 20.96 -57.89 31.75
N THR G 59 21.97 -57.24 32.33
CA THR G 59 22.62 -56.08 31.71
C THR G 59 23.89 -56.46 30.95
N VAL G 60 24.35 -57.70 31.13
CA VAL G 60 25.55 -58.20 30.44
C VAL G 60 25.15 -58.83 29.11
N SER G 61 25.31 -58.06 28.02
CA SER G 61 24.88 -58.49 26.71
C SER G 61 25.76 -57.94 25.58
N TYR G 62 26.05 -58.80 24.60
CA TYR G 62 26.81 -58.40 23.42
C TYR G 62 25.98 -58.52 22.14
N ILE G 63 24.69 -58.86 22.31
CA ILE G 63 23.73 -58.83 21.22
C ILE G 63 22.89 -57.56 21.33
N PHE G 64 22.81 -56.80 20.24
CA PHE G 64 22.08 -55.54 20.19
C PHE G 64 20.96 -55.57 19.17
N CYS G 65 19.83 -54.95 19.51
CA CYS G 65 18.72 -54.79 18.58
C CYS G 65 18.86 -53.46 17.84
N ILE G 66 19.43 -53.52 16.64
CA ILE G 66 19.72 -52.32 15.86
C ILE G 66 18.45 -51.66 15.33
N SER G 67 17.59 -52.47 14.70
CA SER G 67 16.28 -52.00 14.23
C SER G 67 15.24 -53.12 14.40
N ARG G 68 14.04 -52.88 13.89
CA ARG G 68 12.96 -53.87 13.96
C ARG G 68 13.34 -55.20 13.29
N THR G 69 14.18 -55.13 12.26
CA THR G 69 14.57 -56.34 11.51
C THR G 69 16.03 -56.76 11.68
N ILE G 70 16.90 -55.84 12.05
CA ILE G 70 18.34 -56.14 12.16
C ILE G 70 18.82 -56.30 13.59
N GLY G 71 19.61 -57.34 13.81
CA GLY G 71 20.32 -57.56 15.08
C GLY G 71 21.81 -57.67 14.86
N MET G 72 22.59 -57.35 15.89
CA MET G 72 24.04 -57.34 15.78
C MET G 72 24.71 -57.94 17.03
N VAL G 73 25.57 -58.93 16.81
CA VAL G 73 26.41 -59.48 17.88
C VAL G 73 27.85 -58.97 17.72
N VAL G 74 28.47 -58.63 18.85
CA VAL G 74 29.81 -58.06 18.86
C VAL G 74 30.82 -58.99 19.53
N ASN G 75 31.98 -59.15 18.92
CA ASN G 75 33.15 -59.70 19.61
C ASN G 75 34.17 -58.61 19.89
N GLY G 76 34.31 -58.22 21.15
CA GLY G 76 35.23 -57.15 21.56
C GLY G 76 34.79 -56.45 22.84
N PRO G 77 35.59 -55.48 23.32
CA PRO G 77 35.27 -54.76 24.56
C PRO G 77 33.95 -54.01 24.44
N ILE G 78 33.22 -53.93 25.54
CA ILE G 78 31.88 -53.33 25.53
C ILE G 78 31.82 -51.82 25.19
N PRO G 79 32.85 -51.03 25.58
CA PRO G 79 32.77 -49.61 25.21
C PRO G 79 32.77 -49.39 23.70
N ASP G 80 33.68 -50.07 22.99
CA ASP G 80 33.72 -50.02 21.53
C ASP G 80 32.49 -50.69 20.90
N ALA G 81 32.00 -51.74 21.54
CA ALA G 81 30.80 -52.45 21.09
C ALA G 81 29.57 -51.54 21.13
N ARG G 82 29.43 -50.78 22.21
CA ARG G 82 28.31 -49.86 22.39
C ARG G 82 28.43 -48.63 21.48
N ASN G 83 29.67 -48.20 21.24
CA ASN G 83 29.95 -47.17 20.25
C ASN G 83 29.38 -47.61 18.90
N ALA G 84 29.78 -48.79 18.46
CA ALA G 84 29.33 -49.36 17.18
C ALA G 84 27.81 -49.53 17.12
N ALA G 85 27.24 -50.04 18.20
CA ALA G 85 25.79 -50.25 18.30
C ALA G 85 25.01 -48.95 18.08
N LEU G 86 25.32 -47.91 18.86
CA LEU G 86 24.64 -46.62 18.78
C LEU G 86 24.71 -46.01 17.38
N ARG G 87 25.89 -46.07 16.77
CA ARG G 87 26.06 -45.59 15.41
C ARG G 87 25.16 -46.37 14.46
N ALA G 88 25.12 -47.70 14.60
CA ALA G 88 24.30 -48.55 13.73
C ALA G 88 22.82 -48.25 13.88
N LYS G 89 22.38 -48.05 15.13
CA LYS G 89 21.01 -47.67 15.42
C LYS G 89 20.66 -46.31 14.78
N ALA G 90 21.58 -45.35 14.90
CA ALA G 90 21.42 -44.01 14.32
C ALA G 90 21.40 -44.04 12.80
N GLU G 91 22.30 -44.82 12.20
CA GLU G 91 22.41 -44.95 10.76
C GLU G 91 21.19 -45.67 10.16
N ALA G 92 20.59 -46.58 10.93
CA ALA G 92 19.43 -47.34 10.50
C ALA G 92 18.16 -46.50 10.45
N ALA G 93 18.00 -45.65 11.46
CA ALA G 93 16.88 -44.74 11.55
C ALA G 93 16.94 -43.69 10.44
N GLU G 94 18.15 -43.19 10.18
CA GLU G 94 18.37 -42.18 9.16
C GLU G 94 18.09 -42.70 7.76
N PHE G 95 18.47 -43.95 7.50
CA PHE G 95 18.25 -44.60 6.21
C PHE G 95 16.75 -44.67 5.89
N ARG G 96 15.98 -45.14 6.87
CA ARG G 96 14.54 -45.31 6.74
C ARG G 96 13.83 -43.98 6.48
N TYR G 97 14.28 -42.93 7.16
CA TYR G 97 13.74 -41.59 6.97
C TYR G 97 14.05 -41.01 5.59
N LYS G 98 15.31 -41.15 5.16
CA LYS G 98 15.76 -40.58 3.89
C LYS G 98 15.24 -41.32 2.66
N TYR G 99 15.21 -42.65 2.72
CA TYR G 99 14.97 -43.47 1.54
C TYR G 99 13.65 -44.25 1.53
N GLY G 100 12.87 -44.13 2.61
CA GLY G 100 11.50 -44.64 2.63
C GLY G 100 11.32 -46.13 2.80
N TYR G 101 12.40 -46.85 3.06
CA TYR G 101 12.33 -48.29 3.36
C TYR G 101 13.42 -48.71 4.34
N ASP G 102 13.15 -49.78 5.07
CA ASP G 102 14.07 -50.31 6.09
C ASP G 102 15.42 -50.69 5.51
N MET G 103 16.49 -50.31 6.22
CA MET G 103 17.86 -50.59 5.78
C MET G 103 18.13 -52.09 5.77
N PRO G 104 18.60 -52.62 4.63
CA PRO G 104 18.98 -54.03 4.50
C PRO G 104 20.23 -54.35 5.28
N CYS G 105 20.27 -55.58 5.82
CA CYS G 105 21.41 -56.13 6.55
C CYS G 105 22.75 -55.84 5.88
N ASP G 106 22.86 -56.22 4.60
CA ASP G 106 24.10 -56.05 3.84
C ASP G 106 24.50 -54.59 3.62
N VAL G 107 23.50 -53.71 3.49
CA VAL G 107 23.72 -52.28 3.27
C VAL G 107 24.28 -51.61 4.52
N LEU G 108 23.68 -51.90 5.68
CA LEU G 108 24.20 -51.43 6.95
C LEU G 108 25.63 -51.95 7.16
N ALA G 109 25.85 -53.22 6.85
CA ALA G 109 27.18 -53.82 6.94
C ALA G 109 28.20 -53.03 6.15
N LYS G 110 27.90 -52.76 4.88
CA LYS G 110 28.77 -51.95 4.01
C LYS G 110 29.06 -50.60 4.64
N ARG G 111 28.00 -49.94 5.12
CA ARG G 111 28.11 -48.62 5.74
C ARG G 111 29.07 -48.61 6.94
N MET G 112 28.97 -49.61 7.80
CA MET G 112 29.81 -49.69 9.00
C MET G 112 31.25 -50.06 8.64
N ALA G 113 31.40 -50.93 7.64
CA ALA G 113 32.70 -51.30 7.11
C ALA G 113 33.40 -50.11 6.45
N ASN G 114 32.60 -49.19 5.88
CA ASN G 114 33.13 -47.95 5.31
C ASN G 114 33.66 -46.99 6.37
N LEU G 115 32.91 -46.88 7.46
CA LEU G 115 33.32 -46.07 8.60
C LEU G 115 34.59 -46.64 9.23
N SER G 116 34.66 -47.97 9.32
CA SER G 116 35.83 -48.66 9.85
C SER G 116 37.05 -48.44 8.96
N GLN G 117 36.83 -48.38 7.66
CA GLN G 117 37.89 -48.10 6.70
C GLN G 117 38.46 -46.69 6.93
N ILE G 118 37.60 -45.72 7.22
CA ILE G 118 38.02 -44.34 7.44
C ILE G 118 39.05 -44.21 8.58
N TYR G 119 38.81 -44.92 9.67
CA TYR G 119 39.73 -44.92 10.82
C TYR G 119 41.07 -45.59 10.48
N THR G 120 41.00 -46.45 9.45
CA THR G 120 42.15 -47.15 8.89
C THR G 120 43.00 -46.21 8.01
N GLN G 121 42.40 -45.13 7.52
CA GLN G 121 43.10 -44.19 6.62
C GLN G 121 43.43 -42.83 7.25
N ARG G 122 42.54 -42.33 8.12
CA ARG G 122 42.77 -41.05 8.80
C ARG G 122 43.49 -41.28 10.12
N ALA G 123 44.39 -40.37 10.48
CA ALA G 123 45.32 -40.58 11.57
C ALA G 123 44.76 -40.36 12.98
N TYR G 124 43.85 -39.40 13.13
CA TYR G 124 43.37 -39.01 14.46
C TYR G 124 42.34 -39.98 15.03
N MET G 125 41.69 -40.73 14.15
CA MET G 125 40.78 -41.79 14.58
C MET G 125 41.55 -43.10 14.77
N ARG G 126 41.27 -43.77 15.89
CA ARG G 126 41.71 -45.15 16.08
C ARG G 126 40.63 -46.11 15.56
N PRO G 127 41.06 -47.29 15.05
CA PRO G 127 40.07 -48.30 14.73
C PRO G 127 39.35 -48.75 16.00
N LEU G 128 38.14 -49.29 15.85
CA LEU G 128 37.45 -49.91 16.97
C LEU G 128 37.89 -51.37 17.06
N GLY G 129 38.13 -51.84 18.29
CA GLY G 129 38.60 -53.21 18.50
C GLY G 129 37.46 -54.20 18.56
N VAL G 130 36.60 -54.18 17.55
CA VAL G 130 35.41 -55.05 17.53
C VAL G 130 35.18 -55.72 16.18
N ILE G 131 34.58 -56.91 16.23
CA ILE G 131 34.06 -57.57 15.03
C ILE G 131 32.54 -57.58 15.12
N LEU G 132 31.88 -57.05 14.10
CA LEU G 132 30.43 -56.88 14.12
C LEU G 132 29.74 -57.88 13.19
N THR G 133 28.80 -58.64 13.75
CA THR G 133 28.04 -59.61 12.97
C THR G 133 26.58 -59.17 12.88
N PHE G 134 26.14 -58.84 11.68
CA PHE G 134 24.78 -58.39 11.44
C PHE G 134 23.92 -59.52 10.89
N VAL G 135 22.73 -59.68 11.46
CA VAL G 135 21.79 -60.72 11.02
C VAL G 135 20.38 -60.16 10.84
N SER G 136 19.68 -60.72 9.84
CA SER G 136 18.30 -60.36 9.53
C SER G 136 17.71 -61.36 8.56
N VAL G 137 16.42 -61.17 8.26
CA VAL G 137 15.77 -61.83 7.14
C VAL G 137 15.35 -60.70 6.21
N ASP G 138 16.19 -60.43 5.21
CA ASP G 138 15.98 -59.37 4.24
C ASP G 138 14.78 -59.69 3.36
N GLU G 139 13.99 -58.66 3.03
CA GLU G 139 12.78 -58.85 2.22
C GLU G 139 13.08 -59.22 0.77
N GLU G 140 14.34 -59.17 0.39
CA GLU G 140 14.78 -59.59 -0.96
C GLU G 140 15.70 -60.80 -0.91
N LEU G 141 16.77 -60.71 -0.11
CA LEU G 141 17.80 -61.74 -0.06
C LEU G 141 17.47 -62.92 0.86
N GLY G 142 16.43 -62.77 1.68
CA GLY G 142 16.10 -63.79 2.68
C GLY G 142 17.05 -63.73 3.87
N PRO G 143 17.22 -64.86 4.58
CA PRO G 143 18.10 -64.95 5.76
C PRO G 143 19.54 -64.52 5.45
N SER G 144 20.06 -63.57 6.23
CA SER G 144 21.36 -62.94 5.94
C SER G 144 22.32 -62.92 7.12
N ILE G 145 23.60 -63.16 6.84
CA ILE G 145 24.68 -62.97 7.82
C ILE G 145 25.82 -62.18 7.18
N TYR G 146 26.12 -61.01 7.75
CA TYR G 146 27.17 -60.13 7.26
C TYR G 146 28.08 -59.66 8.39
N LYS G 147 29.39 -59.81 8.20
CA LYS G 147 30.35 -59.56 9.27
C LYS G 147 31.43 -58.55 8.88
N THR G 148 31.68 -57.58 9.76
CA THR G 148 32.65 -56.52 9.52
C THR G 148 33.75 -56.50 10.59
N ASP G 149 34.97 -56.18 10.18
CA ASP G 149 36.13 -56.15 11.08
C ASP G 149 36.81 -54.77 11.18
N PRO G 150 37.89 -54.64 11.99
CA PRO G 150 38.58 -53.35 12.11
C PRO G 150 39.37 -52.94 10.85
N ALA G 151 39.51 -53.86 9.90
CA ALA G 151 40.16 -53.56 8.62
C ALA G 151 39.20 -52.87 7.66
N GLY G 152 37.91 -52.87 8.00
CA GLY G 152 36.87 -52.33 7.15
C GLY G 152 36.37 -53.35 6.14
N TYR G 153 36.78 -54.60 6.32
CA TYR G 153 36.38 -55.70 5.45
C TYR G 153 34.99 -56.18 5.83
N TYR G 154 34.23 -56.62 4.82
CA TYR G 154 32.91 -57.22 5.05
C TYR G 154 32.54 -58.21 3.95
N VAL G 155 31.81 -59.26 4.33
CA VAL G 155 31.34 -60.28 3.39
C VAL G 155 30.10 -61.02 3.90
N GLY G 156 29.33 -61.60 2.98
CA GLY G 156 28.20 -62.46 3.32
C GLY G 156 28.65 -63.86 3.66
N TYR G 157 27.86 -64.55 4.49
CA TYR G 157 28.21 -65.89 4.94
C TYR G 157 27.04 -66.86 4.79
N LYS G 158 27.37 -68.14 4.62
CA LYS G 158 26.40 -69.22 4.75
C LYS G 158 26.16 -69.41 6.24
N ALA G 159 27.26 -69.46 6.98
CA ALA G 159 27.29 -69.48 8.43
C ALA G 159 28.62 -68.89 8.84
N THR G 160 28.75 -68.48 10.10
CA THR G 160 30.01 -67.92 10.59
C THR G 160 30.18 -68.06 12.09
N ALA G 161 31.43 -67.91 12.55
CA ALA G 161 31.78 -67.97 13.95
C ALA G 161 32.90 -66.98 14.24
N THR G 162 32.90 -66.44 15.46
CA THR G 162 33.86 -65.41 15.85
C THR G 162 34.29 -65.60 17.28
N GLY G 163 35.56 -65.32 17.58
CA GLY G 163 36.09 -65.38 18.93
C GLY G 163 37.41 -66.14 19.02
N PRO G 164 37.92 -66.34 20.26
CA PRO G 164 39.19 -67.03 20.48
C PRO G 164 39.20 -68.46 19.93
N LYS G 165 38.07 -69.14 20.02
CA LYS G 165 37.96 -70.52 19.55
C LYS G 165 37.14 -70.62 18.27
N GLN G 166 37.31 -69.62 17.41
CA GLN G 166 36.61 -69.50 16.13
C GLN G 166 36.83 -70.71 15.20
N GLN G 167 38.07 -71.20 15.14
CA GLN G 167 38.46 -72.27 14.21
C GLN G 167 37.76 -73.61 14.47
N GLU G 168 37.53 -73.92 15.75
CA GLU G 168 36.82 -75.14 16.14
C GLU G 168 35.39 -75.15 15.59
N ILE G 169 34.69 -74.03 15.79
CA ILE G 169 33.31 -73.87 15.33
C ILE G 169 33.25 -73.88 13.80
N THR G 170 34.24 -73.23 13.19
CA THR G 170 34.31 -73.05 11.74
C THR G 170 34.41 -74.38 10.98
N THR G 171 35.44 -75.18 11.30
CA THR G 171 35.63 -76.49 10.65
C THR G 171 34.46 -77.44 10.92
N ASN G 172 33.89 -77.35 12.11
CA ASN G 172 32.74 -78.14 12.49
C ASN G 172 31.54 -77.88 11.56
N LEU G 173 31.28 -76.61 11.29
CA LEU G 173 30.20 -76.19 10.40
C LEU G 173 30.48 -76.56 8.95
N GLU G 174 31.73 -76.32 8.50
CA GLU G 174 32.18 -76.68 7.15
C GLU G 174 31.90 -78.16 6.84
N ASN G 175 32.18 -79.02 7.81
CA ASN G 175 31.94 -80.45 7.67
C ASN G 175 30.47 -80.81 7.53
N HIS G 176 29.60 -80.02 8.18
CA HIS G 176 28.16 -80.20 8.08
C HIS G 176 27.64 -79.82 6.69
N PHE G 177 28.16 -78.72 6.15
CA PHE G 177 27.74 -78.23 4.83
C PHE G 177 28.33 -79.04 3.66
N LYS G 178 29.39 -79.80 3.94
CA LYS G 178 29.92 -80.77 2.98
C LYS G 178 29.02 -82.00 2.95
N LYS G 179 28.45 -82.31 4.12
CA LYS G 179 27.59 -83.47 4.32
C LYS G 179 26.17 -83.21 3.78
N SER G 180 25.63 -82.03 4.08
CA SER G 180 24.27 -81.67 3.68
C SER G 180 24.14 -81.24 2.22
N LYS G 181 25.20 -80.61 1.69
CA LYS G 181 25.26 -80.10 0.30
C LYS G 181 24.54 -78.75 0.11
N ILE G 182 23.43 -78.56 0.81
CA ILE G 182 22.72 -77.28 0.83
C ILE G 182 23.41 -76.28 1.77
N ASP G 183 23.29 -74.99 1.46
CA ASP G 183 24.00 -73.94 2.19
C ASP G 183 23.17 -73.20 3.25
N HIS G 184 22.32 -73.96 3.96
CA HIS G 184 21.51 -73.46 5.07
C HIS G 184 20.99 -74.63 5.90
N ILE G 185 20.25 -74.33 6.97
CA ILE G 185 19.70 -75.38 7.83
C ILE G 185 18.26 -75.68 7.42
N ASN G 186 18.03 -76.90 6.93
CA ASN G 186 16.72 -77.32 6.45
C ASN G 186 15.74 -77.57 7.59
N GLU G 187 15.09 -76.50 8.04
CA GLU G 187 14.13 -76.55 9.14
C GLU G 187 13.10 -75.41 9.03
N GLU G 188 11.82 -75.74 9.21
CA GLU G 188 10.74 -74.77 9.08
C GLU G 188 10.65 -73.78 10.25
N SER G 189 10.76 -74.30 11.47
CA SER G 189 10.66 -73.48 12.68
C SER G 189 12.03 -72.97 13.13
N TRP G 190 12.04 -71.78 13.72
CA TRP G 190 13.26 -71.20 14.28
C TRP G 190 13.69 -71.91 15.56
N GLU G 191 12.71 -72.46 16.29
CA GLU G 191 12.96 -73.17 17.55
C GLU G 191 13.94 -74.34 17.37
N LYS G 192 13.80 -75.05 16.25
CA LYS G 192 14.68 -76.17 15.93
C LYS G 192 16.01 -75.73 15.33
N VAL G 193 16.05 -74.51 14.78
CA VAL G 193 17.29 -73.92 14.26
C VAL G 193 18.19 -73.44 15.40
N VAL G 194 17.57 -72.86 16.43
CA VAL G 194 18.28 -72.45 17.65
C VAL G 194 18.92 -73.67 18.33
N GLU G 195 18.17 -74.78 18.36
CA GLU G 195 18.67 -76.04 18.92
C GLU G 195 19.88 -76.56 18.16
N PHE G 196 19.83 -76.48 16.83
CA PHE G 196 20.96 -76.87 15.97
C PHE G 196 22.22 -76.08 16.32
N ALA G 197 22.06 -74.77 16.46
CA ALA G 197 23.18 -73.88 16.76
C ALA G 197 23.82 -74.18 18.10
N ILE G 198 23.00 -74.44 19.11
CA ILE G 198 23.51 -74.77 20.45
C ILE G 198 24.19 -76.15 20.44
N THR G 199 23.58 -77.12 19.75
CA THR G 199 24.15 -78.47 19.62
C THR G 199 25.54 -78.44 18.97
N HIS G 200 25.68 -77.64 17.91
CA HIS G 200 26.95 -77.53 17.20
C HIS G 200 27.96 -76.58 17.88
N MET G 201 27.49 -75.84 18.90
CA MET G 201 28.37 -75.07 19.77
C MET G 201 29.00 -76.03 20.79
N ILE G 202 28.17 -76.92 21.35
CA ILE G 202 28.62 -77.91 22.33
C ILE G 202 29.58 -78.92 21.68
N ASP G 203 29.20 -79.41 20.51
CA ASP G 203 30.01 -80.40 19.78
C ASP G 203 31.34 -79.86 19.27
N ALA G 204 31.45 -78.53 19.14
CA ALA G 204 32.67 -77.88 18.70
C ALA G 204 33.56 -77.40 19.85
N LEU G 205 32.95 -76.78 20.86
CA LEU G 205 33.71 -76.29 22.01
C LEU G 205 34.08 -77.40 22.98
N GLY G 206 33.20 -78.39 23.11
CA GLY G 206 33.40 -79.52 24.02
C GLY G 206 32.86 -79.28 25.42
N THR G 207 32.00 -78.28 25.57
CA THR G 207 31.47 -77.88 26.89
C THR G 207 29.95 -77.83 26.90
N GLU G 208 29.37 -78.27 28.02
CA GLU G 208 27.93 -78.18 28.27
C GLU G 208 27.54 -76.73 28.58
N PHE G 209 26.24 -76.43 28.49
CA PHE G 209 25.74 -75.08 28.80
C PHE G 209 24.45 -75.10 29.64
N SER G 210 24.32 -74.11 30.52
CA SER G 210 23.07 -73.89 31.26
C SER G 210 22.35 -72.67 30.69
N LYS G 211 21.21 -72.32 31.26
CA LYS G 211 20.39 -71.19 30.78
C LYS G 211 21.10 -69.83 30.90
N ASN G 212 22.08 -69.74 31.79
CA ASN G 212 22.79 -68.48 32.05
C ASN G 212 24.14 -68.36 31.33
N ASP G 213 24.53 -69.43 30.63
CA ASP G 213 25.81 -69.48 29.92
C ASP G 213 25.68 -69.00 28.48
N LEU G 214 24.45 -68.91 27.99
CA LEU G 214 24.20 -68.54 26.60
C LEU G 214 23.46 -67.20 26.44
N GLU G 215 23.42 -66.74 25.20
CA GLU G 215 22.73 -65.52 24.82
C GLU G 215 22.29 -65.77 23.38
N VAL G 216 20.99 -65.74 23.13
CA VAL G 216 20.45 -66.07 21.80
C VAL G 216 19.66 -64.92 21.20
N GLY G 217 19.92 -64.66 19.92
CA GLY G 217 19.14 -63.69 19.14
C GLY G 217 18.56 -64.35 17.91
N VAL G 218 17.29 -64.08 17.62
CA VAL G 218 16.60 -64.69 16.48
C VAL G 218 16.02 -63.60 15.57
N ALA G 219 16.18 -63.81 14.26
CA ALA G 219 15.62 -62.91 13.25
C ALA G 219 14.63 -63.66 12.36
N THR G 220 13.37 -63.23 12.38
CA THR G 220 12.35 -63.76 11.48
C THR G 220 11.87 -62.66 10.54
N LYS G 221 10.99 -63.02 9.60
CA LYS G 221 10.34 -62.05 8.72
C LYS G 221 9.75 -60.91 9.55
N ASP G 222 10.31 -59.72 9.38
CA ASP G 222 9.83 -58.49 10.02
C ASP G 222 9.99 -58.40 11.54
N LYS G 223 10.92 -59.17 12.10
CA LYS G 223 11.18 -59.13 13.54
C LYS G 223 12.50 -59.78 13.94
N PHE G 224 13.31 -59.02 14.68
CA PHE G 224 14.46 -59.57 15.40
C PHE G 224 14.25 -59.42 16.90
N PHE G 225 14.50 -60.51 17.64
CA PHE G 225 14.28 -60.54 19.08
C PHE G 225 15.35 -61.37 19.80
N THR G 226 15.46 -61.17 21.11
CA THR G 226 16.39 -61.95 21.94
C THR G 226 15.65 -62.83 22.94
N LEU G 227 16.10 -64.07 23.07
CA LEU G 227 15.49 -65.04 23.97
C LEU G 227 15.87 -64.78 25.41
N SER G 228 14.89 -64.94 26.32
CA SER G 228 15.14 -64.86 27.75
C SER G 228 15.82 -66.14 28.22
N ALA G 229 16.38 -66.10 29.43
CA ALA G 229 17.01 -67.27 30.04
C ALA G 229 16.08 -68.49 30.02
N GLU G 230 14.78 -68.23 30.17
CA GLU G 230 13.77 -69.29 30.20
C GLU G 230 13.49 -69.91 28.83
N ASN G 231 13.51 -69.08 27.79
CA ASN G 231 13.35 -69.57 26.41
C ASN G 231 14.52 -70.47 26.00
N ILE G 232 15.73 -70.10 26.41
CA ILE G 232 16.91 -70.94 26.26
C ILE G 232 16.77 -72.21 27.10
N GLU G 233 16.30 -72.05 28.33
CA GLU G 233 16.08 -73.17 29.23
C GLU G 233 15.14 -74.23 28.63
N GLU G 234 14.10 -73.75 27.94
CA GLU G 234 13.18 -74.61 27.21
C GLU G 234 13.89 -75.30 26.04
N ARG G 235 14.78 -74.56 25.40
CA ARG G 235 15.54 -75.02 24.24
C ARG G 235 16.62 -76.03 24.63
N LEU G 236 17.09 -75.96 25.89
CA LEU G 236 18.10 -76.87 26.43
C LEU G 236 17.54 -78.22 26.87
N VAL G 237 16.24 -78.23 27.20
CA VAL G 237 15.54 -79.46 27.53
C VAL G 237 15.34 -80.29 26.26
N ALA G 238 15.04 -79.61 25.15
CA ALA G 238 14.77 -80.25 23.87
C ALA G 238 15.96 -81.04 23.30
N ILE G 239 17.18 -80.54 23.49
CA ILE G 239 18.39 -81.22 23.00
C ILE G 239 18.76 -82.45 23.83
N ALA G 240 18.45 -82.40 25.13
CA ALA G 240 18.79 -83.47 26.07
C ALA G 240 17.97 -84.74 25.83
N GLU G 241 16.75 -84.56 25.30
CA GLU G 241 15.84 -85.66 25.05
C GLU G 241 16.18 -86.45 23.78
N GLN G 242 16.93 -85.82 22.88
CA GLN G 242 17.28 -86.41 21.58
C GLN G 242 18.58 -87.22 21.60
N ASP G 243 19.63 -86.65 22.19
CA ASP G 243 20.96 -87.27 22.23
C ASP G 243 21.00 -88.60 22.98
N THR H 1 -0.90 -27.84 -19.12
CA THR H 1 -0.34 -29.19 -19.04
C THR H 1 -1.41 -30.13 -18.53
N THR H 2 -1.51 -31.31 -19.14
CA THR H 2 -2.27 -32.41 -18.60
C THR H 2 -1.38 -33.63 -18.40
N ILE H 3 -1.30 -34.10 -17.16
CA ILE H 3 -0.60 -35.34 -16.85
C ILE H 3 -1.49 -36.30 -16.05
N VAL H 4 -1.52 -37.57 -16.44
CA VAL H 4 -2.29 -38.59 -15.70
C VAL H 4 -1.46 -39.82 -15.34
N GLY H 5 -1.97 -40.58 -14.37
CA GLY H 5 -1.40 -41.87 -13.99
C GLY H 5 -2.51 -42.83 -13.63
N VAL H 6 -2.52 -43.99 -14.27
CA VAL H 6 -3.56 -44.99 -14.04
C VAL H 6 -2.95 -46.35 -13.71
N LYS H 7 -3.40 -46.95 -12.61
CA LYS H 7 -2.95 -48.29 -12.23
C LYS H 7 -3.85 -49.38 -12.83
N PHE H 8 -3.21 -50.46 -13.25
CA PHE H 8 -3.93 -51.66 -13.71
C PHE H 8 -3.45 -52.90 -12.96
N ASN H 9 -4.03 -54.06 -13.29
CA ASN H 9 -3.81 -55.29 -12.53
C ASN H 9 -2.36 -55.77 -12.43
N ASN H 10 -1.55 -55.47 -13.46
CA ASN H 10 -0.16 -55.93 -13.51
C ASN H 10 0.88 -54.81 -13.57
N GLY H 11 0.45 -53.57 -13.37
CA GLY H 11 1.37 -52.44 -13.38
C GLY H 11 0.72 -51.08 -13.37
N VAL H 12 1.42 -50.11 -13.95
CA VAL H 12 0.99 -48.71 -13.95
C VAL H 12 1.35 -48.01 -15.27
N VAL H 13 0.49 -47.07 -15.68
CA VAL H 13 0.71 -46.28 -16.88
C VAL H 13 0.63 -44.78 -16.58
N ILE H 14 1.56 -44.02 -17.14
CA ILE H 14 1.53 -42.55 -17.04
C ILE H 14 1.48 -41.91 -18.42
N ALA H 15 0.74 -40.81 -18.52
CA ALA H 15 0.57 -40.14 -19.80
C ALA H 15 0.61 -38.62 -19.64
N ALA H 16 1.00 -37.94 -20.72
CA ALA H 16 1.12 -36.49 -20.72
C ALA H 16 0.88 -35.95 -22.11
N ASP H 17 0.43 -34.69 -22.18
CA ASP H 17 0.37 -33.98 -23.44
C ASP H 17 1.78 -33.44 -23.76
N THR H 18 1.92 -32.76 -24.88
CA THR H 18 3.24 -32.29 -25.32
C THR H 18 3.31 -30.79 -25.63
N ARG H 19 2.50 -29.99 -24.93
CA ARG H 19 2.51 -28.54 -25.12
C ARG H 19 3.27 -27.79 -24.01
N SER H 20 4.08 -26.84 -24.43
CA SER H 20 4.81 -25.96 -23.53
C SER H 20 4.46 -24.50 -23.88
N THR H 21 4.21 -23.67 -22.88
CA THR H 21 3.74 -22.29 -23.14
C THR H 21 4.46 -21.18 -22.36
N GLN H 22 4.75 -20.10 -23.07
CA GLN H 22 5.19 -18.83 -22.49
C GLN H 22 4.00 -17.88 -22.54
N GLY H 23 3.27 -17.77 -21.44
CA GLY H 23 2.07 -16.93 -21.38
C GLY H 23 0.97 -17.51 -22.26
N PRO H 24 0.54 -16.73 -23.28
CA PRO H 24 -0.46 -17.25 -24.23
C PRO H 24 0.15 -17.87 -25.49
N ILE H 25 1.48 -17.88 -25.56
CA ILE H 25 2.17 -18.36 -26.76
C ILE H 25 2.81 -19.73 -26.54
N VAL H 26 2.48 -20.67 -27.42
CA VAL H 26 3.07 -22.01 -27.41
C VAL H 26 4.56 -21.93 -27.74
N ALA H 27 5.39 -22.35 -26.79
CA ALA H 27 6.83 -22.40 -26.98
C ALA H 27 7.26 -23.67 -27.73
N ASP H 28 6.91 -24.83 -27.19
CA ASP H 28 7.18 -26.10 -27.85
C ASP H 28 5.90 -26.88 -28.10
N LYS H 29 5.70 -27.30 -29.34
CA LYS H 29 4.51 -28.05 -29.74
C LYS H 29 4.69 -29.53 -29.47
N ASN H 30 5.89 -29.94 -29.11
CA ASN H 30 6.21 -31.35 -28.90
C ASN H 30 7.38 -31.55 -27.93
N CYS H 31 7.15 -31.25 -26.65
CA CYS H 31 8.15 -31.50 -25.62
C CYS H 31 7.81 -32.75 -24.80
N ALA H 32 8.84 -33.43 -24.30
CA ALA H 32 8.65 -34.68 -23.56
C ALA H 32 8.51 -34.42 -22.06
N LYS H 33 7.28 -34.55 -21.56
CA LYS H 33 6.98 -34.34 -20.15
C LYS H 33 7.16 -35.60 -19.29
N LEU H 34 7.49 -36.71 -19.94
CA LEU H 34 7.77 -37.97 -19.26
C LEU H 34 9.27 -38.11 -19.00
N HIS H 35 9.63 -38.35 -17.74
CA HIS H 35 11.02 -38.39 -17.34
C HIS H 35 11.39 -39.72 -16.72
N ARG H 36 12.58 -40.21 -17.04
CA ARG H 36 13.10 -41.43 -16.45
C ARG H 36 13.89 -41.08 -15.19
N ILE H 37 13.48 -41.66 -14.05
CA ILE H 37 14.24 -41.55 -12.81
C ILE H 37 15.27 -42.66 -12.79
N SER H 38 14.77 -43.90 -12.88
CA SER H 38 15.58 -45.09 -13.09
C SER H 38 14.85 -45.89 -14.18
N PRO H 39 15.45 -47.00 -14.67
CA PRO H 39 14.86 -47.74 -15.80
C PRO H 39 13.37 -48.08 -15.67
N LYS H 40 12.91 -48.35 -14.45
CA LYS H 40 11.52 -48.76 -14.23
C LYS H 40 10.73 -47.81 -13.33
N ILE H 41 11.27 -46.62 -13.11
CA ILE H 41 10.56 -45.55 -12.38
C ILE H 41 10.50 -44.32 -13.26
N TRP H 42 9.30 -44.00 -13.74
CA TRP H 42 9.12 -42.85 -14.60
C TRP H 42 8.32 -41.74 -13.94
N CYS H 43 8.39 -40.55 -14.50
CA CYS H 43 7.86 -39.35 -13.86
C CYS H 43 7.15 -38.44 -14.87
N ALA H 44 6.02 -37.87 -14.46
CA ALA H 44 5.31 -36.88 -15.27
C ALA H 44 5.37 -35.52 -14.59
N GLY H 45 5.74 -34.49 -15.34
CA GLY H 45 5.97 -33.15 -14.79
C GLY H 45 5.00 -32.08 -15.27
N ALA H 46 4.53 -31.27 -14.34
CA ALA H 46 3.69 -30.11 -14.63
C ALA H 46 4.17 -28.92 -13.81
N GLY H 47 3.96 -27.71 -14.34
CA GLY H 47 4.39 -26.48 -13.67
C GLY H 47 5.61 -25.86 -14.33
N THR H 48 6.51 -25.32 -13.52
CA THR H 48 7.74 -24.71 -14.03
C THR H 48 8.60 -25.78 -14.72
N ALA H 49 8.71 -25.63 -16.05
CA ALA H 49 9.35 -26.63 -16.89
C ALA H 49 10.78 -26.98 -16.49
N ALA H 50 11.58 -25.96 -16.22
CA ALA H 50 12.97 -26.16 -15.81
C ALA H 50 13.05 -26.78 -14.41
N ASP H 51 12.07 -26.48 -13.58
CA ASP H 51 12.01 -27.04 -12.22
C ASP H 51 11.71 -28.53 -12.20
N THR H 52 10.75 -28.98 -13.03
CA THR H 52 10.40 -30.39 -13.12
C THR H 52 11.52 -31.22 -13.74
N GLU H 53 12.19 -30.65 -14.75
CA GLU H 53 13.32 -31.29 -15.42
C GLU H 53 14.51 -31.45 -14.48
N ALA H 54 14.80 -30.40 -13.73
CA ALA H 54 15.97 -30.38 -12.86
C ALA H 54 15.82 -31.27 -11.63
N VAL H 55 14.63 -31.23 -11.02
CA VAL H 55 14.35 -32.04 -9.85
C VAL H 55 14.31 -33.54 -10.19
N THR H 56 13.97 -33.84 -11.45
CA THR H 56 13.95 -35.21 -11.95
C THR H 56 15.36 -35.76 -12.13
N GLN H 57 16.22 -34.96 -12.76
CA GLN H 57 17.59 -35.36 -13.01
C GLN H 57 18.40 -35.50 -11.72
N LEU H 58 18.17 -34.59 -10.76
CA LEU H 58 18.89 -34.60 -9.49
C LEU H 58 18.61 -35.87 -8.70
N ILE H 59 17.33 -36.20 -8.57
CA ILE H 59 16.91 -37.41 -7.85
C ILE H 59 17.25 -38.67 -8.65
N GLY H 60 17.09 -38.61 -9.97
CA GLY H 60 17.47 -39.71 -10.85
C GLY H 60 18.93 -40.08 -10.71
N SER H 61 19.77 -39.04 -10.57
CA SER H 61 21.21 -39.21 -10.37
C SER H 61 21.52 -39.81 -9.00
N ASN H 62 20.80 -39.34 -7.98
CA ASN H 62 20.95 -39.85 -6.63
C ASN H 62 20.42 -41.26 -6.47
N ILE H 63 19.38 -41.60 -7.23
CA ILE H 63 18.76 -42.93 -7.22
C ILE H 63 19.69 -43.96 -7.87
N GLU H 64 20.43 -43.53 -8.88
CA GLU H 64 21.40 -44.39 -9.55
C GLU H 64 22.57 -44.75 -8.62
N LEU H 65 23.03 -43.77 -7.85
CA LEU H 65 24.16 -43.96 -6.93
C LEU H 65 23.76 -44.84 -5.76
N HIS H 66 22.53 -44.65 -5.28
CA HIS H 66 21.94 -45.46 -4.23
C HIS H 66 21.83 -46.92 -4.68
N SER H 67 21.31 -47.12 -5.89
CA SER H 67 21.15 -48.44 -6.49
C SER H 67 22.48 -49.16 -6.68
N LEU H 68 23.52 -48.39 -7.00
CA LEU H 68 24.88 -48.91 -7.11
C LEU H 68 25.46 -49.22 -5.73
N TYR H 69 25.15 -48.37 -4.75
CA TYR H 69 25.63 -48.52 -3.39
C TYR H 69 25.03 -49.74 -2.71
N THR H 70 23.74 -49.98 -2.95
CA THR H 70 22.98 -51.02 -2.26
C THR H 70 22.88 -52.34 -3.03
N SER H 71 23.32 -52.32 -4.29
CA SER H 71 23.22 -53.47 -5.20
C SER H 71 21.76 -53.93 -5.38
N ARG H 72 20.85 -52.96 -5.36
CA ARG H 72 19.42 -53.22 -5.41
C ARG H 72 18.70 -52.39 -6.46
N GLU H 73 17.62 -52.95 -6.99
CA GLU H 73 16.70 -52.20 -7.84
C GLU H 73 16.10 -51.04 -7.04
N PRO H 74 16.01 -49.86 -7.66
CA PRO H 74 15.43 -48.69 -6.99
C PRO H 74 13.95 -48.87 -6.71
N ARG H 75 13.50 -48.36 -5.56
CA ARG H 75 12.10 -48.40 -5.18
C ARG H 75 11.40 -47.09 -5.47
N VAL H 76 10.09 -47.15 -5.70
CA VAL H 76 9.31 -45.95 -6.02
C VAL H 76 9.22 -45.03 -4.80
N VAL H 77 9.15 -45.62 -3.61
CA VAL H 77 9.06 -44.86 -2.37
C VAL H 77 10.32 -44.05 -2.06
N SER H 78 11.47 -44.53 -2.54
CA SER H 78 12.73 -43.82 -2.37
C SER H 78 12.72 -42.52 -3.15
N ALA H 79 12.44 -42.62 -4.44
CA ALA H 79 12.29 -41.45 -5.32
C ALA H 79 11.20 -40.52 -4.77
N LEU H 80 10.12 -41.11 -4.28
CA LEU H 80 9.03 -40.36 -3.65
C LEU H 80 9.48 -39.60 -2.41
N GLN H 81 10.30 -40.24 -1.59
CA GLN H 81 10.76 -39.66 -0.33
C GLN H 81 11.78 -38.54 -0.54
N MET H 82 12.63 -38.71 -1.55
CA MET H 82 13.69 -37.74 -1.85
C MET H 82 13.14 -36.49 -2.53
N LEU H 83 12.17 -36.69 -3.43
CA LEU H 83 11.51 -35.59 -4.13
C LEU H 83 10.71 -34.73 -3.15
N LYS H 84 9.94 -35.39 -2.28
CA LYS H 84 9.10 -34.65 -1.34
C LYS H 84 9.92 -33.89 -0.30
N GLN H 85 11.04 -34.47 0.14
CA GLN H 85 11.91 -33.81 1.10
C GLN H 85 12.65 -32.62 0.50
N HIS H 86 13.10 -32.76 -0.75
CA HIS H 86 13.74 -31.69 -1.50
C HIS H 86 12.78 -30.53 -1.78
N LEU H 87 11.59 -30.86 -2.31
CA LEU H 87 10.57 -29.86 -2.61
C LEU H 87 10.10 -29.10 -1.36
N PHE H 88 10.00 -29.81 -0.25
CA PHE H 88 9.61 -29.18 1.02
C PHE H 88 10.63 -28.14 1.47
N LYS H 89 11.92 -28.47 1.33
CA LYS H 89 13.00 -27.60 1.76
C LYS H 89 12.91 -26.21 1.12
N TYR H 90 12.44 -26.18 -0.12
CA TYR H 90 12.34 -24.94 -0.89
C TYR H 90 10.97 -24.26 -0.82
N GLN H 91 10.11 -24.76 0.07
CA GLN H 91 8.85 -24.11 0.43
C GLN H 91 7.94 -23.71 -0.75
N GLY H 92 7.96 -24.51 -1.81
CA GLY H 92 7.13 -24.23 -2.97
C GLY H 92 7.79 -23.42 -4.08
N HIS H 93 8.96 -22.85 -3.79
CA HIS H 93 9.68 -22.02 -4.77
C HIS H 93 10.16 -22.79 -6.00
N ILE H 94 10.47 -24.07 -5.81
CA ILE H 94 10.66 -24.98 -6.94
C ILE H 94 9.27 -25.47 -7.34
N GLY H 95 8.75 -24.93 -8.43
CA GLY H 95 7.36 -25.18 -8.82
C GLY H 95 7.12 -26.45 -9.61
N ALA H 96 7.53 -27.57 -9.03
CA ALA H 96 7.38 -28.87 -9.69
C ALA H 96 6.17 -29.61 -9.15
N TYR H 97 5.30 -30.04 -10.07
CA TYR H 97 4.15 -30.88 -9.73
C TYR H 97 4.29 -32.19 -10.49
N LEU H 98 4.43 -33.29 -9.77
CA LEU H 98 4.85 -34.56 -10.36
C LEU H 98 3.90 -35.72 -10.09
N ILE H 99 3.71 -36.56 -11.10
CA ILE H 99 3.11 -37.87 -10.91
C ILE H 99 4.22 -38.89 -11.11
N VAL H 100 4.58 -39.58 -10.03
CA VAL H 100 5.68 -40.55 -10.06
C VAL H 100 5.13 -41.96 -9.94
N ALA H 101 5.56 -42.84 -10.85
CA ALA H 101 5.08 -44.22 -10.90
C ALA H 101 6.14 -45.19 -11.41
N GLY H 102 5.96 -46.48 -11.09
CA GLY H 102 6.85 -47.52 -11.55
C GLY H 102 6.71 -48.85 -10.84
N VAL H 103 7.50 -49.83 -11.26
CA VAL H 103 7.53 -51.14 -10.61
C VAL H 103 8.88 -51.41 -9.97
N ASP H 104 8.84 -51.95 -8.75
CA ASP H 104 10.02 -52.37 -8.02
C ASP H 104 9.77 -53.74 -7.36
N PRO H 105 10.79 -54.34 -6.71
CA PRO H 105 10.62 -55.64 -6.06
C PRO H 105 9.47 -55.76 -5.05
N THR H 106 8.82 -54.65 -4.70
CA THR H 106 7.71 -54.68 -3.74
C THR H 106 6.33 -54.51 -4.39
N GLY H 107 6.30 -54.41 -5.72
CA GLY H 107 5.04 -54.26 -6.47
C GLY H 107 4.98 -53.06 -7.39
N SER H 108 3.77 -52.63 -7.72
CA SER H 108 3.56 -51.44 -8.55
C SER H 108 3.01 -50.28 -7.72
N HIS H 109 3.41 -49.06 -8.08
CA HIS H 109 3.11 -47.88 -7.27
C HIS H 109 2.72 -46.67 -8.12
N LEU H 110 1.85 -45.83 -7.56
CA LEU H 110 1.44 -44.58 -8.20
C LEU H 110 1.24 -43.49 -7.16
N PHE H 111 2.04 -42.43 -7.27
CA PHE H 111 1.95 -41.30 -6.35
C PHE H 111 1.91 -39.98 -7.11
N SER H 112 1.45 -38.94 -6.41
CA SER H 112 1.58 -37.57 -6.88
C SER H 112 2.27 -36.72 -5.83
N ILE H 113 3.07 -35.75 -6.29
CA ILE H 113 3.77 -34.82 -5.41
C ILE H 113 3.48 -33.38 -5.83
N HIS H 114 3.17 -32.54 -4.85
CA HIS H 114 2.94 -31.12 -5.07
C HIS H 114 4.20 -30.32 -4.72
N ALA H 115 4.25 -29.08 -5.18
CA ALA H 115 5.45 -28.23 -5.09
C ALA H 115 5.86 -27.88 -3.66
N HIS H 116 4.91 -27.91 -2.74
CA HIS H 116 5.20 -27.61 -1.33
C HIS H 116 5.71 -28.82 -0.55
N GLY H 117 5.56 -30.00 -1.16
CA GLY H 117 6.14 -31.23 -0.61
C GLY H 117 5.15 -32.32 -0.23
N SER H 118 3.86 -32.05 -0.36
CA SER H 118 2.83 -33.00 0.02
C SER H 118 2.69 -34.13 -1.01
N THR H 119 2.34 -35.31 -0.53
CA THR H 119 2.18 -36.48 -1.40
C THR H 119 0.82 -37.15 -1.24
N ASP H 120 0.30 -37.66 -2.35
CA ASP H 120 -0.95 -38.39 -2.38
C ASP H 120 -0.73 -39.76 -3.04
N VAL H 121 -1.49 -40.75 -2.61
CA VAL H 121 -1.46 -42.09 -3.21
C VAL H 121 -2.85 -42.41 -3.78
N GLY H 122 -2.89 -43.13 -4.89
CA GLY H 122 -4.16 -43.51 -5.51
C GLY H 122 -4.04 -44.47 -6.68
N TYR H 123 -5.18 -44.84 -7.24
CA TYR H 123 -5.25 -45.74 -8.40
C TYR H 123 -5.31 -44.97 -9.71
N TYR H 124 -5.78 -43.72 -9.62
CA TYR H 124 -5.84 -42.82 -10.77
C TYR H 124 -5.65 -41.38 -10.29
N LEU H 125 -4.76 -40.65 -10.96
CA LEU H 125 -4.40 -39.29 -10.57
C LEU H 125 -4.20 -38.39 -11.78
N SER H 126 -4.44 -37.10 -11.61
CA SER H 126 -4.13 -36.11 -12.64
C SER H 126 -3.65 -34.78 -12.04
N LEU H 127 -2.70 -34.14 -12.73
CA LEU H 127 -2.22 -32.83 -12.33
C LEU H 127 -2.12 -31.92 -13.55
N GLY H 128 -2.04 -30.61 -13.32
CA GLY H 128 -1.88 -29.63 -14.41
C GLY H 128 -3.14 -28.83 -14.66
N SER H 129 -3.06 -27.90 -15.62
CA SER H 129 -4.21 -27.05 -15.95
C SER H 129 -5.35 -27.84 -16.59
N GLY H 130 -5.00 -28.97 -17.20
CA GLY H 130 -6.00 -29.87 -17.80
C GLY H 130 -6.47 -30.97 -16.86
N SER H 131 -6.02 -30.88 -15.61
CA SER H 131 -6.33 -31.85 -14.55
C SER H 131 -7.83 -32.12 -14.37
N LEU H 132 -8.64 -31.07 -14.45
CA LEU H 132 -10.08 -31.18 -14.22
C LEU H 132 -10.80 -31.88 -15.37
N ALA H 133 -10.38 -31.61 -16.60
CA ALA H 133 -10.93 -32.28 -17.77
C ALA H 133 -10.55 -33.76 -17.74
N ALA H 134 -9.30 -34.04 -17.40
CA ALA H 134 -8.79 -35.40 -17.27
C ALA H 134 -9.51 -36.15 -16.17
N MET H 135 -9.60 -35.54 -14.99
CA MET H 135 -10.24 -36.16 -13.83
C MET H 135 -11.71 -36.46 -14.09
N ALA H 136 -12.36 -35.61 -14.88
CA ALA H 136 -13.75 -35.83 -15.28
C ALA H 136 -13.90 -37.15 -16.05
N VAL H 137 -12.95 -37.43 -16.94
CA VAL H 137 -12.94 -38.67 -17.73
C VAL H 137 -12.62 -39.87 -16.84
N LEU H 138 -11.60 -39.72 -15.99
CA LEU H 138 -11.18 -40.77 -15.07
C LEU H 138 -12.29 -41.18 -14.11
N GLU H 139 -13.04 -40.20 -13.60
CA GLU H 139 -14.13 -40.45 -12.66
C GLU H 139 -15.33 -41.11 -13.33
N SER H 140 -15.44 -40.94 -14.65
CA SER H 140 -16.56 -41.48 -15.42
C SER H 140 -16.32 -42.88 -15.99
N HIS H 141 -15.05 -43.23 -16.19
CA HIS H 141 -14.72 -44.48 -16.89
C HIS H 141 -13.79 -45.43 -16.15
N TRP H 142 -13.34 -45.03 -14.95
CA TRP H 142 -12.46 -45.91 -14.17
C TRP H 142 -13.23 -47.04 -13.52
N LYS H 143 -12.62 -48.22 -13.51
CA LYS H 143 -13.09 -49.35 -12.72
C LYS H 143 -11.90 -50.10 -12.14
N GLN H 144 -12.15 -50.86 -11.08
CA GLN H 144 -11.10 -51.69 -10.48
C GLN H 144 -10.86 -52.93 -11.35
N ASP H 145 -9.62 -53.42 -11.33
CA ASP H 145 -9.18 -54.54 -12.17
C ASP H 145 -9.20 -54.18 -13.66
N LEU H 146 -8.30 -53.29 -14.05
CA LEU H 146 -8.14 -52.91 -15.46
C LEU H 146 -7.07 -53.79 -16.11
N THR H 147 -7.28 -54.11 -17.37
CA THR H 147 -6.25 -54.78 -18.16
C THR H 147 -5.23 -53.72 -18.61
N LYS H 148 -4.09 -54.17 -19.11
CA LYS H 148 -3.08 -53.26 -19.65
C LYS H 148 -3.68 -52.37 -20.74
N GLU H 149 -4.42 -52.98 -21.66
CA GLU H 149 -5.02 -52.27 -22.80
C GLU H 149 -6.11 -51.28 -22.38
N GLU H 150 -6.91 -51.66 -21.38
CA GLU H 150 -7.94 -50.79 -20.82
C GLU H 150 -7.31 -49.59 -20.10
N ALA H 151 -6.15 -49.81 -19.49
CA ALA H 151 -5.42 -48.75 -18.79
C ALA H 151 -4.88 -47.70 -19.77
N ILE H 152 -4.26 -48.15 -20.85
CA ILE H 152 -3.75 -47.24 -21.90
C ILE H 152 -4.89 -46.40 -22.46
N LYS H 153 -6.01 -47.06 -22.79
CA LYS H 153 -7.18 -46.40 -23.37
C LYS H 153 -7.70 -45.31 -22.45
N LEU H 154 -7.80 -45.63 -21.16
CA LEU H 154 -8.32 -44.69 -20.16
C LEU H 154 -7.41 -43.46 -20.01
N ALA H 155 -6.10 -43.69 -19.90
CA ALA H 155 -5.13 -42.61 -19.75
C ALA H 155 -5.05 -41.77 -21.01
N SER H 156 -5.11 -42.44 -22.16
CA SER H 156 -5.09 -41.77 -23.46
C SER H 156 -6.29 -40.83 -23.60
N ASP H 157 -7.48 -41.33 -23.27
CA ASP H 157 -8.72 -40.54 -23.26
C ASP H 157 -8.65 -39.36 -22.29
N ALA H 158 -8.03 -39.57 -21.13
CA ALA H 158 -7.90 -38.53 -20.11
C ALA H 158 -7.02 -37.37 -20.56
N ILE H 159 -5.94 -37.69 -21.26
CA ILE H 159 -5.04 -36.67 -21.82
C ILE H 159 -5.72 -35.94 -22.97
N GLN H 160 -6.48 -36.66 -23.78
CA GLN H 160 -7.22 -36.04 -24.88
C GLN H 160 -8.23 -35.01 -24.39
N ALA H 161 -8.94 -35.34 -23.30
CA ALA H 161 -9.87 -34.40 -22.68
C ALA H 161 -9.18 -33.07 -22.39
N GLY H 162 -7.93 -33.16 -21.92
CA GLY H 162 -7.13 -31.97 -21.63
C GLY H 162 -6.74 -31.23 -22.90
N ILE H 163 -6.31 -31.99 -23.90
CA ILE H 163 -5.87 -31.44 -25.18
C ILE H 163 -6.96 -30.58 -25.85
N TRP H 164 -8.17 -31.13 -25.92
CA TRP H 164 -9.28 -30.46 -26.59
C TRP H 164 -9.88 -29.33 -25.77
N ASN H 165 -10.04 -29.55 -24.47
CA ASN H 165 -10.82 -28.64 -23.63
C ASN H 165 -10.02 -27.62 -22.80
N ASP H 166 -8.72 -27.84 -22.65
CA ASP H 166 -7.87 -26.92 -21.91
C ASP H 166 -6.87 -26.23 -22.83
N LEU H 167 -6.80 -24.91 -22.72
CA LEU H 167 -5.91 -24.09 -23.56
C LEU H 167 -4.43 -24.25 -23.18
N GLY H 168 -4.18 -24.68 -21.95
CA GLY H 168 -2.82 -24.93 -21.49
C GLY H 168 -2.24 -26.24 -22.00
N SER H 169 -3.09 -27.07 -22.60
CA SER H 169 -2.71 -28.38 -23.11
C SER H 169 -3.04 -28.53 -24.59
N GLY H 170 -2.21 -29.29 -25.30
CA GLY H 170 -2.44 -29.58 -26.72
C GLY H 170 -1.47 -30.54 -27.35
N SER H 171 -1.46 -30.54 -28.69
CA SER H 171 -0.59 -31.38 -29.52
C SER H 171 -0.78 -32.88 -29.31
N ASN H 172 0.25 -33.56 -28.84
CA ASN H 172 0.33 -35.03 -28.84
C ASN H 172 0.14 -35.69 -27.47
N VAL H 173 0.12 -37.02 -27.45
CA VAL H 173 0.03 -37.80 -26.21
C VAL H 173 1.25 -38.70 -26.09
N ASP H 174 2.00 -38.54 -25.00
CA ASP H 174 3.12 -39.40 -24.67
C ASP H 174 2.70 -40.38 -23.57
N VAL H 175 3.04 -41.65 -23.76
CA VAL H 175 2.63 -42.71 -22.84
C VAL H 175 3.86 -43.49 -22.36
N CYS H 176 3.80 -43.98 -21.13
CA CYS H 176 4.81 -44.92 -20.64
C CYS H 176 4.17 -46.04 -19.83
N VAL H 177 4.45 -47.29 -20.21
CA VAL H 177 3.86 -48.46 -19.58
C VAL H 177 4.89 -49.21 -18.74
N MET H 178 4.60 -49.34 -17.46
CA MET H 178 5.46 -50.06 -16.52
C MET H 178 4.72 -51.27 -15.95
N GLU H 179 5.06 -52.45 -16.45
CA GLU H 179 4.44 -53.70 -16.03
C GLU H 179 5.37 -54.48 -15.09
N ILE H 180 4.79 -55.25 -14.17
CA ILE H 180 5.52 -55.91 -13.06
C ILE H 180 6.77 -56.72 -13.47
N GLY H 181 6.61 -57.65 -14.41
CA GLY H 181 7.72 -58.54 -14.75
C GLY H 181 8.42 -58.26 -16.06
N LYS H 182 8.28 -57.04 -16.57
CA LYS H 182 8.84 -56.69 -17.88
C LYS H 182 9.59 -55.36 -17.90
N ASP H 183 10.27 -55.09 -19.00
CA ASP H 183 10.92 -53.80 -19.23
C ASP H 183 9.85 -52.78 -19.57
N ALA H 184 9.95 -51.61 -18.93
CA ALA H 184 9.03 -50.50 -19.17
C ALA H 184 9.13 -50.00 -20.61
N GLU H 185 7.98 -49.84 -21.27
CA GLU H 185 7.98 -49.28 -22.62
C GLU H 185 7.57 -47.80 -22.64
N TYR H 186 8.37 -47.01 -23.34
CA TYR H 186 8.13 -45.58 -23.49
C TYR H 186 7.62 -45.30 -24.91
N LEU H 187 6.41 -44.76 -24.98
CA LEU H 187 5.74 -44.54 -26.25
C LEU H 187 5.61 -43.05 -26.56
N ARG H 188 6.71 -42.45 -26.98
CA ARG H 188 6.75 -41.05 -27.40
C ARG H 188 5.84 -40.84 -28.61
N ASN H 189 4.96 -39.84 -28.51
CA ASN H 189 3.96 -39.57 -29.54
C ASN H 189 3.09 -40.80 -29.88
N TYR H 190 2.58 -41.44 -28.83
CA TYR H 190 1.66 -42.57 -28.95
C TYR H 190 0.44 -42.19 -29.81
N LEU H 191 -0.01 -40.95 -29.66
CA LEU H 191 -1.03 -40.39 -30.56
C LEU H 191 -0.58 -39.04 -31.10
N THR H 192 -0.90 -38.79 -32.37
CA THR H 192 -0.65 -37.48 -32.99
C THR H 192 -1.94 -37.00 -33.68
N PRO H 193 -2.90 -36.47 -32.90
CA PRO H 193 -4.20 -36.08 -33.44
C PRO H 193 -4.25 -34.63 -33.93
N ASN H 194 -3.15 -33.90 -33.76
CA ASN H 194 -3.09 -32.48 -34.11
C ASN H 194 -2.02 -32.14 -35.15
N VAL H 195 -1.99 -32.92 -36.23
CA VAL H 195 -1.06 -32.67 -37.34
C VAL H 195 -1.55 -31.46 -38.13
N ARG H 196 -0.67 -30.49 -38.32
CA ARG H 196 -0.97 -29.28 -39.09
C ARG H 196 -1.28 -29.63 -40.55
N GLU H 197 -2.38 -29.08 -41.05
CA GLU H 197 -2.79 -29.31 -42.44
C GLU H 197 -1.84 -28.60 -43.40
N GLU H 198 -1.70 -29.15 -44.61
CA GLU H 198 -0.85 -28.58 -45.64
C GLU H 198 -1.15 -27.09 -45.83
N LYS H 199 -0.10 -26.29 -45.94
CA LYS H 199 -0.24 -24.86 -46.17
C LYS H 199 -0.86 -24.57 -47.53
N GLN H 200 -1.54 -23.42 -47.63
CA GLN H 200 -2.26 -23.04 -48.84
C GLN H 200 -1.34 -22.61 -49.98
N LYS H 201 -0.11 -22.21 -49.62
CA LYS H 201 0.83 -21.59 -50.55
C LYS H 201 2.26 -21.83 -50.05
N SER H 202 3.22 -21.88 -50.97
CA SER H 202 4.63 -21.91 -50.60
C SER H 202 5.20 -20.50 -50.61
N TYR H 203 5.98 -20.15 -49.59
CA TYR H 203 6.47 -18.77 -49.44
C TYR H 203 7.97 -18.63 -49.68
N LYS H 204 8.54 -19.65 -50.31
CA LYS H 204 9.93 -19.63 -50.76
C LYS H 204 10.16 -18.44 -51.69
N PHE H 205 11.11 -17.58 -51.32
CA PHE H 205 11.38 -16.34 -52.04
C PHE H 205 12.31 -16.56 -53.23
N PRO H 206 12.08 -15.83 -54.35
CA PRO H 206 13.00 -15.85 -55.47
C PRO H 206 14.36 -15.28 -55.08
N ARG H 207 15.42 -16.05 -55.32
CA ARG H 207 16.76 -15.72 -54.85
C ARG H 207 17.22 -14.32 -55.23
N GLY H 208 17.66 -13.56 -54.23
CA GLY H 208 18.10 -12.18 -54.43
C GLY H 208 17.11 -11.17 -53.88
N THR H 209 16.03 -11.66 -53.27
CA THR H 209 14.98 -10.81 -52.68
C THR H 209 15.52 -9.91 -51.57
N THR H 210 16.43 -10.44 -50.76
CA THR H 210 16.98 -9.71 -49.62
C THR H 210 18.24 -8.93 -50.00
N ALA H 211 18.21 -7.63 -49.72
CA ALA H 211 19.36 -6.76 -49.94
C ALA H 211 20.47 -7.05 -48.92
N VAL H 212 21.67 -7.30 -49.44
CA VAL H 212 22.84 -7.62 -48.63
C VAL H 212 23.87 -6.49 -48.73
N LEU H 213 24.45 -6.09 -47.60
CA LEU H 213 25.42 -4.99 -47.57
C LEU H 213 26.88 -5.44 -47.57
N LYS H 214 27.17 -6.52 -46.83
CA LYS H 214 28.53 -6.99 -46.63
C LYS H 214 28.54 -8.50 -46.46
N GLU H 215 29.53 -9.16 -47.06
CA GLU H 215 29.63 -10.62 -47.03
C GLU H 215 31.06 -11.07 -46.73
N SER H 216 31.19 -12.12 -45.92
CA SER H 216 32.51 -12.70 -45.59
C SER H 216 32.42 -14.15 -45.12
N ILE H 217 33.55 -14.85 -45.21
CA ILE H 217 33.69 -16.22 -44.70
C ILE H 217 34.15 -16.17 -43.24
N VAL H 218 33.57 -17.05 -42.41
CA VAL H 218 33.94 -17.16 -41.00
C VAL H 218 34.92 -18.32 -40.82
N ASN H 219 35.99 -18.06 -40.07
CA ASN H 219 37.04 -19.05 -39.82
C ASN H 219 36.86 -19.80 -38.49
N ILE H 220 37.16 -21.09 -38.51
CA ILE H 220 37.07 -21.94 -37.32
C ILE H 220 38.41 -22.64 -37.04
N CYS H 221 39.00 -23.23 -38.08
CA CYS H 221 40.19 -24.08 -37.97
C CYS H 221 41.51 -23.30 -37.83
N ASP H 222 42.60 -24.02 -37.55
CA ASP H 222 43.94 -23.44 -37.45
C ASP H 222 45.03 -24.48 -37.76
N SER I 1 11.85 -1.28 -16.03
CA SER I 1 11.56 -2.22 -14.90
C SER I 1 11.71 -3.69 -15.30
N ASP I 2 11.46 -3.98 -16.58
CA ASP I 2 11.60 -5.33 -17.10
C ASP I 2 13.00 -5.49 -17.71
N PRO I 3 13.87 -6.30 -17.06
CA PRO I 3 15.26 -6.47 -17.51
C PRO I 3 15.39 -7.05 -18.91
N SER I 4 14.37 -7.76 -19.39
CA SER I 4 14.39 -8.33 -20.74
C SER I 4 13.97 -7.33 -21.81
N SER I 5 13.63 -6.11 -21.40
CA SER I 5 13.11 -5.10 -22.33
C SER I 5 13.86 -3.77 -22.32
N ILE I 6 14.92 -3.67 -21.52
CA ILE I 6 15.70 -2.43 -21.43
C ILE I 6 16.53 -2.21 -22.70
N ASN I 7 17.22 -3.25 -23.14
CA ASN I 7 18.16 -3.15 -24.25
C ASN I 7 17.56 -3.49 -25.61
N GLY I 8 16.68 -4.49 -25.62
CA GLY I 8 16.01 -4.95 -26.85
C GLY I 8 16.87 -5.90 -27.65
N GLY I 9 16.33 -6.39 -28.76
CA GLY I 9 17.06 -7.29 -29.65
C GLY I 9 16.36 -8.61 -29.91
N ILE I 10 16.72 -9.26 -31.02
CA ILE I 10 16.13 -10.53 -31.43
C ILE I 10 17.13 -11.48 -32.05
N VAL I 11 16.87 -12.77 -31.90
CA VAL I 11 17.66 -13.84 -32.49
C VAL I 11 16.71 -14.91 -33.05
N VAL I 12 17.05 -15.46 -34.21
CA VAL I 12 16.29 -16.56 -34.81
C VAL I 12 17.22 -17.58 -35.46
N ALA I 13 16.95 -18.85 -35.20
CA ALA I 13 17.69 -19.94 -35.81
C ALA I 13 16.75 -20.85 -36.56
N MET I 14 17.22 -21.41 -37.67
CA MET I 14 16.38 -22.21 -38.55
C MET I 14 17.20 -23.34 -39.19
N THR I 15 16.57 -24.50 -39.37
CA THR I 15 17.23 -25.66 -39.98
C THR I 15 16.86 -25.81 -41.44
N GLY I 16 17.81 -26.31 -42.24
CA GLY I 16 17.59 -26.62 -43.65
C GLY I 16 18.13 -27.98 -44.02
N LYS I 17 18.24 -28.22 -45.33
CA LYS I 17 18.82 -29.46 -45.83
C LYS I 17 20.34 -29.45 -45.64
N ASP I 18 20.82 -30.25 -44.69
CA ASP I 18 22.23 -30.34 -44.36
C ASP I 18 22.88 -28.99 -44.02
N CYS I 19 22.09 -28.10 -43.42
CA CYS I 19 22.55 -26.76 -43.05
C CYS I 19 21.68 -26.14 -41.97
N VAL I 20 22.28 -25.24 -41.17
CA VAL I 20 21.51 -24.42 -40.24
C VAL I 20 21.79 -22.94 -40.46
N ALA I 21 20.87 -22.10 -40.00
CA ALA I 21 21.00 -20.67 -40.10
C ALA I 21 20.68 -20.04 -38.75
N ILE I 22 21.48 -19.05 -38.37
CA ILE I 22 21.23 -18.27 -37.16
C ILE I 22 21.37 -16.78 -37.46
N ALA I 23 20.46 -15.98 -36.91
CA ALA I 23 20.39 -14.56 -37.25
C ALA I 23 20.07 -13.69 -36.05
N CYS I 24 20.64 -12.48 -36.03
CA CYS I 24 20.30 -11.49 -35.01
C CYS I 24 20.24 -10.09 -35.58
N ASP I 25 19.65 -9.17 -34.83
CA ASP I 25 19.68 -7.75 -35.15
C ASP I 25 20.87 -7.12 -34.43
N LEU I 26 21.13 -5.85 -34.69
CA LEU I 26 22.34 -5.21 -34.18
C LEU I 26 22.10 -4.10 -33.14
N ARG I 27 20.85 -3.90 -32.74
CA ARG I 27 20.53 -2.78 -31.85
C ARG I 27 20.93 -3.03 -30.41
N LEU I 28 21.60 -2.03 -29.83
CA LEU I 28 21.73 -1.92 -28.39
C LEU I 28 21.22 -0.55 -28.02
N GLY I 29 20.23 -0.52 -27.14
CA GLY I 29 19.65 0.73 -26.69
C GLY I 29 19.40 0.78 -25.19
N SER I 30 18.88 1.91 -24.73
CA SER I 30 18.35 2.04 -23.39
C SER I 30 17.00 2.72 -23.50
N GLN I 31 15.94 1.94 -23.31
CA GLN I 31 14.57 2.36 -23.58
C GLN I 31 14.48 2.93 -25.01
N SER I 32 13.96 4.15 -25.13
CA SER I 32 13.79 4.81 -26.43
C SER I 32 15.12 5.16 -27.11
N LEU I 33 16.17 5.38 -26.32
CA LEU I 33 17.46 5.80 -26.85
C LEU I 33 18.24 4.65 -27.48
N GLY I 34 18.55 4.78 -28.77
CA GLY I 34 19.44 3.86 -29.45
C GLY I 34 20.88 4.26 -29.19
N VAL I 35 21.69 3.33 -28.70
CA VAL I 35 23.06 3.62 -28.31
C VAL I 35 24.07 3.10 -29.33
N SER I 36 23.98 1.81 -29.68
CA SER I 36 24.93 1.20 -30.59
C SER I 36 24.28 0.48 -31.76
N ASN I 37 24.83 0.70 -32.95
CA ASN I 37 24.32 0.12 -34.17
C ASN I 37 25.05 -1.19 -34.51
N LYS I 38 26.01 -1.57 -33.68
CA LYS I 38 26.95 -2.65 -34.00
C LYS I 38 26.97 -3.82 -33.00
N PHE I 39 25.97 -3.89 -32.14
CA PHE I 39 25.93 -4.89 -31.08
C PHE I 39 25.49 -6.27 -31.60
N GLU I 40 26.47 -7.13 -31.84
CA GLU I 40 26.20 -8.49 -32.32
C GLU I 40 25.84 -9.40 -31.16
N LYS I 41 24.93 -10.34 -31.43
CA LYS I 41 24.34 -11.16 -30.38
C LYS I 41 24.56 -12.66 -30.63
N ILE I 42 25.21 -12.97 -31.76
CA ILE I 42 25.62 -14.33 -32.08
C ILE I 42 27.11 -14.47 -31.77
N PHE I 43 27.48 -15.61 -31.19
CA PHE I 43 28.88 -15.93 -30.92
C PHE I 43 29.13 -17.37 -31.33
N HIS I 44 30.40 -17.78 -31.35
CA HIS I 44 30.70 -19.19 -31.59
C HIS I 44 31.87 -19.71 -30.77
N TYR I 45 31.86 -21.01 -30.54
CA TYR I 45 32.91 -21.71 -29.81
C TYR I 45 33.21 -22.95 -30.62
N GLY I 46 34.31 -22.89 -31.37
CA GLY I 46 34.56 -23.87 -32.43
C GLY I 46 33.46 -23.75 -33.46
N HIS I 47 32.80 -24.88 -33.75
CA HIS I 47 31.75 -24.93 -34.76
C HIS I 47 30.35 -24.75 -34.18
N VAL I 48 30.26 -24.59 -32.86
CA VAL I 48 28.98 -24.39 -32.20
C VAL I 48 28.68 -22.89 -32.03
N PHE I 49 27.55 -22.47 -32.59
CA PHE I 49 27.13 -21.07 -32.53
C PHE I 49 26.05 -20.85 -31.48
N LEU I 50 26.14 -19.73 -30.78
CA LEU I 50 25.17 -19.37 -29.74
C LEU I 50 24.75 -17.91 -29.86
N GLY I 51 23.44 -17.69 -29.95
CA GLY I 51 22.87 -16.35 -29.94
C GLY I 51 22.21 -16.07 -28.59
N ILE I 52 22.34 -14.84 -28.10
CA ILE I 52 21.75 -14.45 -26.80
C ILE I 52 21.00 -13.11 -26.90
N THR I 53 19.74 -13.10 -26.46
CA THR I 53 18.97 -11.87 -26.33
C THR I 53 18.68 -11.62 -24.85
N GLY I 54 18.28 -10.41 -24.50
CA GLY I 54 17.97 -10.07 -23.12
C GLY I 54 18.80 -8.91 -22.64
N LEU I 55 19.14 -8.91 -21.36
CA LEU I 55 19.95 -7.85 -20.76
C LEU I 55 21.37 -7.94 -21.30
N ALA I 56 21.86 -6.82 -21.84
CA ALA I 56 23.13 -6.78 -22.58
C ALA I 56 24.36 -7.13 -21.74
N THR I 57 24.33 -6.73 -20.46
CA THR I 57 25.42 -7.05 -19.55
C THR I 57 25.51 -8.56 -19.29
N ASP I 58 24.36 -9.22 -19.36
CA ASP I 58 24.29 -10.67 -19.23
C ASP I 58 24.64 -11.37 -20.55
N VAL I 59 24.27 -10.75 -21.66
CA VAL I 59 24.68 -11.22 -22.99
C VAL I 59 26.22 -11.28 -23.06
N THR I 60 26.87 -10.23 -22.58
CA THR I 60 28.33 -10.15 -22.55
C THR I 60 28.94 -11.14 -21.55
N THR I 61 28.41 -11.16 -20.33
CA THR I 61 28.88 -12.07 -19.27
C THR I 61 28.83 -13.53 -19.70
N LEU I 62 27.69 -13.95 -20.24
CA LEU I 62 27.48 -15.35 -20.62
C LEU I 62 28.41 -15.79 -21.74
N ASN I 63 28.61 -14.91 -22.72
CA ASN I 63 29.57 -15.18 -23.78
C ASN I 63 30.95 -15.46 -23.21
N GLU I 64 31.42 -14.59 -22.34
CA GLU I 64 32.71 -14.74 -21.70
C GLU I 64 32.76 -15.98 -20.83
N MET I 65 31.61 -16.37 -20.28
CA MET I 65 31.52 -17.58 -19.46
C MET I 65 31.66 -18.84 -20.32
N PHE I 66 30.87 -18.93 -21.39
CA PHE I 66 30.90 -20.10 -22.26
C PHE I 66 32.18 -20.23 -23.09
N ARG I 67 32.89 -19.12 -23.29
CA ARG I 67 34.22 -19.18 -23.90
C ARG I 67 35.20 -19.79 -22.90
N TYR I 68 35.10 -19.32 -21.66
CA TYR I 68 35.84 -19.87 -20.52
C TYR I 68 35.65 -21.38 -20.38
N LYS I 69 34.39 -21.82 -20.39
CA LYS I 69 34.03 -23.22 -20.15
C LYS I 69 34.34 -24.16 -21.31
N THR I 70 34.17 -23.66 -22.54
CA THR I 70 34.47 -24.47 -23.72
C THR I 70 35.97 -24.58 -23.99
N ASN I 71 36.74 -23.57 -23.57
CA ASN I 71 38.20 -23.63 -23.65
C ASN I 71 38.76 -24.73 -22.76
N LEU I 72 38.26 -24.81 -21.53
CA LEU I 72 38.67 -25.84 -20.59
C LEU I 72 38.18 -27.23 -21.01
N TYR I 73 36.96 -27.27 -21.56
CA TYR I 73 36.42 -28.51 -22.12
C TYR I 73 37.36 -29.08 -23.19
N LYS I 74 37.76 -28.24 -24.14
CA LYS I 74 38.60 -28.65 -25.25
C LYS I 74 40.00 -29.10 -24.83
N LEU I 75 40.54 -28.47 -23.78
CA LEU I 75 41.86 -28.83 -23.29
C LEU I 75 41.84 -30.20 -22.61
N LYS I 76 40.77 -30.47 -21.86
CA LYS I 76 40.61 -31.72 -21.14
C LYS I 76 40.21 -32.87 -22.05
N GLU I 77 39.18 -32.65 -22.87
CA GLU I 77 38.63 -33.69 -23.75
C GLU I 77 39.49 -33.93 -25.00
N GLU I 78 40.25 -32.91 -25.38
CA GLU I 78 41.08 -32.92 -26.60
C GLU I 78 40.24 -33.00 -27.88
N ARG I 79 39.08 -32.36 -27.84
CA ARG I 79 38.18 -32.21 -28.99
C ARG I 79 37.23 -31.05 -28.75
N ALA I 80 36.65 -30.53 -29.83
CA ALA I 80 35.75 -29.38 -29.74
C ALA I 80 34.39 -29.80 -29.21
N ILE I 81 33.74 -28.86 -28.51
CA ILE I 81 32.41 -29.09 -27.95
C ILE I 81 31.40 -29.33 -29.07
N GLU I 82 30.41 -30.20 -28.81
CA GLU I 82 29.35 -30.50 -29.78
C GLU I 82 28.03 -29.83 -29.38
N PRO I 83 27.17 -29.51 -30.37
CA PRO I 83 25.94 -28.75 -30.10
C PRO I 83 25.02 -29.40 -29.08
N GLU I 84 24.88 -30.73 -29.13
CA GLU I 84 24.07 -31.48 -28.17
C GLU I 84 24.61 -31.37 -26.75
N THR I 85 25.93 -31.45 -26.63
CA THR I 85 26.60 -31.36 -25.33
C THR I 85 26.58 -29.92 -24.82
N PHE I 86 26.87 -28.97 -25.71
CA PHE I 86 26.90 -27.54 -25.35
C PHE I 86 25.56 -27.06 -24.82
N THR I 87 24.48 -27.52 -25.45
CA THR I 87 23.11 -27.26 -25.01
C THR I 87 22.92 -27.65 -23.55
N GLN I 88 23.47 -28.80 -23.17
CA GLN I 88 23.40 -29.28 -21.79
C GLN I 88 24.23 -28.42 -20.85
N LEU I 89 25.37 -27.91 -21.34
CA LEU I 89 26.21 -27.01 -20.55
C LEU I 89 25.53 -25.67 -20.30
N VAL I 90 24.76 -25.21 -21.27
CA VAL I 90 23.99 -23.97 -21.14
C VAL I 90 22.87 -24.11 -20.11
N SER I 91 22.11 -25.20 -20.22
CA SER I 91 20.99 -25.50 -19.31
C SER I 91 21.42 -25.56 -17.84
N SER I 92 22.45 -26.34 -17.55
CA SER I 92 22.95 -26.50 -16.20
C SER I 92 23.58 -25.21 -15.66
N SER I 93 24.17 -24.42 -16.56
CA SER I 93 24.79 -23.15 -16.19
C SER I 93 23.75 -22.08 -15.85
N LEU I 94 22.63 -22.07 -16.57
CA LEU I 94 21.53 -21.16 -16.28
C LEU I 94 20.79 -21.55 -15.00
N TYR I 95 20.47 -22.84 -14.86
CA TYR I 95 19.71 -23.31 -13.71
C TYR I 95 20.50 -23.15 -12.41
N GLU I 96 21.82 -23.04 -12.51
CA GLU I 96 22.66 -22.82 -11.34
C GLU I 96 22.33 -21.49 -10.66
N ARG I 97 21.87 -20.53 -11.45
CA ARG I 97 21.41 -19.25 -10.95
C ARG I 97 19.87 -19.21 -10.92
N ARG I 98 19.27 -20.31 -10.49
CA ARG I 98 17.81 -20.45 -10.50
C ARG I 98 17.08 -19.27 -9.87
N PHE I 99 17.47 -18.89 -8.65
CA PHE I 99 16.79 -17.84 -7.90
C PHE I 99 17.44 -16.46 -8.01
N GLY I 100 18.46 -16.37 -8.86
CA GLY I 100 19.06 -15.09 -9.22
C GLY I 100 19.52 -15.14 -10.68
N PRO I 101 18.56 -15.28 -11.62
CA PRO I 101 18.87 -15.72 -12.97
C PRO I 101 19.44 -14.64 -13.87
N TYR I 102 20.11 -15.07 -14.94
CA TYR I 102 20.54 -14.17 -16.02
C TYR I 102 19.34 -13.90 -16.92
N PHE I 103 19.00 -12.63 -17.06
CA PHE I 103 17.85 -12.24 -17.88
C PHE I 103 18.20 -12.30 -19.36
N VAL I 104 18.18 -13.52 -19.89
CA VAL I 104 18.59 -13.82 -21.25
C VAL I 104 17.68 -14.85 -21.93
N GLY I 105 17.79 -14.93 -23.26
CA GLY I 105 17.09 -15.94 -24.04
C GLY I 105 18.04 -16.57 -25.05
N PRO I 106 18.87 -17.53 -24.60
CA PRO I 106 19.89 -18.14 -25.47
C PRO I 106 19.31 -19.03 -26.56
N VAL I 107 20.04 -19.14 -27.67
CA VAL I 107 19.68 -19.99 -28.81
C VAL I 107 20.95 -20.67 -29.31
N VAL I 108 20.92 -22.00 -29.39
CA VAL I 108 22.08 -22.79 -29.85
C VAL I 108 21.85 -23.34 -31.25
N ALA I 109 22.85 -23.17 -32.12
CA ALA I 109 22.79 -23.65 -33.51
C ALA I 109 24.14 -24.20 -33.97
N GLY I 110 24.09 -25.25 -34.77
CA GLY I 110 25.31 -25.85 -35.31
C GLY I 110 25.06 -27.19 -35.95
N ILE I 111 26.14 -27.81 -36.44
CA ILE I 111 26.07 -29.14 -37.05
C ILE I 111 27.05 -30.07 -36.35
N ASN I 112 26.52 -31.20 -35.86
CA ASN I 112 27.34 -32.25 -35.26
C ASN I 112 28.38 -32.75 -36.25
N SER I 113 29.65 -32.72 -35.84
CA SER I 113 30.75 -33.07 -36.74
C SER I 113 30.87 -34.57 -37.00
N LYS I 114 30.27 -35.38 -36.13
CA LYS I 114 30.36 -36.83 -36.24
C LYS I 114 29.20 -37.43 -37.04
N SER I 115 28.00 -36.92 -36.81
CA SER I 115 26.81 -37.42 -37.50
C SER I 115 26.46 -36.60 -38.74
N GLY I 116 26.81 -35.31 -38.72
CA GLY I 116 26.47 -34.39 -39.81
C GLY I 116 25.07 -33.82 -39.69
N LYS I 117 24.40 -34.13 -38.58
CA LYS I 117 23.01 -33.74 -38.36
C LYS I 117 22.90 -32.28 -37.89
N PRO I 118 22.04 -31.49 -38.57
CA PRO I 118 21.75 -30.11 -38.17
C PRO I 118 21.03 -30.06 -36.82
N PHE I 119 21.36 -29.07 -36.00
CA PHE I 119 20.85 -28.99 -34.63
C PHE I 119 20.57 -27.55 -34.20
N ILE I 120 19.37 -27.33 -33.65
CA ILE I 120 19.04 -26.07 -32.98
C ILE I 120 18.37 -26.32 -31.63
N ALA I 121 18.47 -25.34 -30.74
CA ALA I 121 17.81 -25.38 -29.42
C ALA I 121 17.53 -23.97 -28.89
N GLY I 122 16.50 -23.87 -28.06
CA GLY I 122 16.15 -22.64 -27.35
C GLY I 122 16.04 -22.85 -25.85
N PHE I 123 16.27 -21.77 -25.08
CA PHE I 123 16.27 -21.84 -23.62
C PHE I 123 15.50 -20.67 -23.02
N ASP I 124 14.81 -20.90 -21.91
CA ASP I 124 14.33 -19.79 -21.09
C ASP I 124 15.45 -19.34 -20.14
N LEU I 125 15.22 -18.26 -19.40
CA LEU I 125 16.24 -17.64 -18.55
C LEU I 125 16.80 -18.56 -17.45
N ILE I 126 16.08 -19.65 -17.15
CA ILE I 126 16.53 -20.60 -16.13
C ILE I 126 16.92 -22.00 -16.66
N GLY I 127 17.02 -22.13 -17.98
CA GLY I 127 17.62 -23.32 -18.59
C GLY I 127 16.72 -24.45 -19.04
N CYS I 128 15.45 -24.17 -19.28
CA CYS I 128 14.55 -25.16 -19.86
C CYS I 128 14.86 -25.32 -21.34
N ILE I 129 15.24 -26.53 -21.74
CA ILE I 129 15.64 -26.80 -23.12
C ILE I 129 14.44 -26.99 -24.05
N ASP I 130 14.38 -26.14 -25.07
CA ASP I 130 13.37 -26.22 -26.12
C ASP I 130 14.07 -26.61 -27.42
N GLU I 131 13.99 -27.90 -27.76
CA GLU I 131 14.66 -28.43 -28.93
C GLU I 131 13.64 -28.65 -30.06
N ALA I 132 13.90 -28.02 -31.20
CA ALA I 132 12.99 -28.09 -32.35
C ALA I 132 13.68 -28.64 -33.59
N LYS I 133 12.88 -29.13 -34.53
CA LYS I 133 13.41 -29.62 -35.80
C LYS I 133 13.32 -28.56 -36.91
N ASP I 134 12.64 -27.45 -36.63
CA ASP I 134 12.43 -26.38 -37.61
C ASP I 134 13.09 -25.04 -37.22
N PHE I 135 12.48 -24.33 -36.27
CA PHE I 135 12.96 -22.99 -35.89
C PHE I 135 12.89 -22.67 -34.40
N ILE I 136 13.77 -21.77 -33.97
CA ILE I 136 13.77 -21.24 -32.61
C ILE I 136 13.81 -19.72 -32.69
N VAL I 137 13.07 -19.06 -31.81
CA VAL I 137 13.04 -17.60 -31.75
C VAL I 137 13.27 -17.05 -30.35
N SER I 138 13.82 -15.84 -30.27
CA SER I 138 14.11 -15.21 -28.99
C SER I 138 14.12 -13.69 -29.11
N GLY I 139 13.76 -13.01 -28.01
CA GLY I 139 13.90 -11.56 -27.92
C GLY I 139 12.62 -10.77 -27.71
N THR I 140 12.71 -9.46 -27.91
CA THR I 140 11.59 -8.55 -27.68
C THR I 140 10.53 -8.58 -28.78
N ALA I 141 10.84 -9.29 -29.86
CA ALA I 141 9.88 -9.53 -30.94
C ALA I 141 9.70 -11.02 -31.17
N SER I 142 9.71 -11.79 -30.08
CA SER I 142 9.51 -13.24 -30.17
C SER I 142 8.14 -13.58 -30.77
N ASP I 143 7.11 -12.83 -30.38
CA ASP I 143 5.76 -12.99 -30.94
C ASP I 143 5.71 -12.76 -32.46
N GLN I 144 6.39 -11.70 -32.93
CA GLN I 144 6.43 -11.39 -34.35
C GLN I 144 7.21 -12.46 -35.12
N LEU I 145 8.34 -12.89 -34.55
CA LEU I 145 9.17 -13.93 -35.14
C LEU I 145 8.45 -15.29 -35.21
N PHE I 146 7.68 -15.62 -34.17
CA PHE I 146 6.89 -16.85 -34.15
C PHE I 146 5.91 -16.89 -35.32
N GLY I 147 5.18 -15.80 -35.53
CA GLY I 147 4.20 -15.70 -36.60
C GLY I 147 4.80 -15.70 -37.99
N MET I 148 5.98 -15.10 -38.13
CA MET I 148 6.72 -15.11 -39.40
C MET I 148 7.19 -16.50 -39.75
N CYS I 149 7.94 -17.12 -38.84
CA CYS I 149 8.49 -18.46 -39.03
C CYS I 149 7.43 -19.52 -39.28
N GLU I 150 6.40 -19.53 -38.43
CA GLU I 150 5.29 -20.49 -38.54
C GLU I 150 4.59 -20.43 -39.90
N SER I 151 4.78 -19.32 -40.62
CA SER I 151 4.18 -19.12 -41.94
C SER I 151 5.17 -19.36 -43.09
N LEU I 152 6.35 -18.74 -42.99
CA LEU I 152 7.35 -18.77 -44.05
C LEU I 152 8.10 -20.08 -44.18
N TYR I 153 8.20 -20.83 -43.09
CA TYR I 153 9.03 -22.03 -43.04
C TYR I 153 8.47 -23.20 -43.84
N GLU I 154 9.39 -23.88 -44.53
CA GLU I 154 9.15 -25.21 -45.10
C GLU I 154 10.44 -26.04 -44.92
N PRO I 155 10.29 -27.37 -44.74
CA PRO I 155 11.47 -28.20 -44.43
C PRO I 155 12.39 -28.44 -45.62
N ASN I 156 13.63 -28.81 -45.33
CA ASN I 156 14.65 -29.18 -46.32
C ASN I 156 14.94 -28.11 -47.37
N LEU I 157 15.13 -26.88 -46.92
CA LEU I 157 15.52 -25.78 -47.79
C LEU I 157 17.03 -25.82 -48.03
N GLU I 158 17.43 -25.48 -49.24
CA GLU I 158 18.84 -25.34 -49.60
C GLU I 158 19.42 -24.09 -48.94
N PRO I 159 20.74 -24.06 -48.69
CA PRO I 159 21.37 -22.94 -47.98
C PRO I 159 21.04 -21.54 -48.55
N GLU I 160 20.97 -21.45 -49.87
CA GLU I 160 20.65 -20.18 -50.56
C GLU I 160 19.18 -19.79 -50.41
N ASP I 161 18.31 -20.79 -50.21
CA ASP I 161 16.88 -20.58 -50.00
C ASP I 161 16.61 -20.29 -48.52
N LEU I 162 17.20 -21.09 -47.64
CA LEU I 162 17.09 -20.90 -46.19
C LEU I 162 17.58 -19.52 -45.74
N PHE I 163 18.54 -18.97 -46.47
CA PHE I 163 18.99 -17.61 -46.22
C PHE I 163 17.87 -16.61 -46.45
N GLU I 164 17.14 -16.77 -47.56
CA GLU I 164 16.04 -15.87 -47.89
C GLU I 164 14.93 -15.94 -46.84
N THR I 165 14.56 -17.14 -46.44
CA THR I 165 13.48 -17.34 -45.47
C THR I 165 13.80 -16.73 -44.11
N ILE I 166 14.99 -16.99 -43.58
CA ILE I 166 15.40 -16.47 -42.27
C ILE I 166 15.51 -14.94 -42.23
N SER I 167 16.08 -14.35 -43.28
CA SER I 167 16.26 -12.90 -43.37
C SER I 167 14.93 -12.17 -43.39
N GLN I 168 13.99 -12.69 -44.19
CA GLN I 168 12.66 -12.12 -44.29
C GLN I 168 11.86 -12.28 -43.01
N ALA I 169 12.07 -13.40 -42.32
CA ALA I 169 11.48 -13.62 -41.00
C ALA I 169 11.95 -12.52 -40.03
N LEU I 170 13.27 -12.34 -39.95
CA LEU I 170 13.88 -11.38 -39.03
C LEU I 170 13.45 -9.94 -39.34
N LEU I 171 13.68 -9.50 -40.57
CA LEU I 171 13.42 -8.13 -40.99
C LEU I 171 11.98 -7.65 -40.73
N ASN I 172 11.01 -8.49 -41.09
CA ASN I 172 9.60 -8.13 -40.94
C ASN I 172 9.09 -8.20 -39.49
N ALA I 173 9.74 -9.03 -38.68
CA ALA I 173 9.45 -9.06 -37.25
C ALA I 173 10.07 -7.85 -36.55
N ALA I 174 11.28 -7.48 -36.96
CA ALA I 174 12.01 -6.35 -36.39
C ALA I 174 11.32 -5.01 -36.66
N ASP I 175 10.58 -4.94 -37.75
CA ASP I 175 9.92 -3.71 -38.17
C ASP I 175 8.56 -3.48 -37.50
N ARG I 176 8.15 -4.45 -36.67
CA ARG I 176 6.94 -4.31 -35.85
C ARG I 176 7.31 -4.21 -34.37
N ASP I 177 8.61 -4.25 -34.10
CA ASP I 177 9.14 -4.10 -32.75
C ASP I 177 9.95 -2.80 -32.67
N ALA I 178 9.58 -1.94 -31.72
CA ALA I 178 10.25 -0.65 -31.55
C ALA I 178 11.70 -0.83 -31.09
N LEU I 179 11.97 -1.90 -30.35
CA LEU I 179 13.28 -2.08 -29.70
C LEU I 179 14.25 -3.01 -30.44
N SER I 180 13.87 -3.47 -31.63
CA SER I 180 14.76 -4.29 -32.45
C SER I 180 15.08 -3.61 -33.78
N GLY I 181 16.13 -4.08 -34.45
CA GLY I 181 16.49 -3.57 -35.78
C GLY I 181 17.86 -2.92 -35.81
N TRP I 182 17.94 -1.79 -36.50
CA TRP I 182 19.18 -0.99 -36.57
C TRP I 182 20.35 -1.75 -37.20
N GLY I 183 20.04 -2.56 -38.22
CA GLY I 183 21.01 -3.47 -38.81
C GLY I 183 20.75 -4.91 -38.39
N ALA I 184 21.32 -5.85 -39.13
CA ALA I 184 21.10 -7.28 -38.87
C ALA I 184 22.17 -8.14 -39.52
N VAL I 185 22.46 -9.29 -38.91
CA VAL I 185 23.47 -10.22 -39.43
C VAL I 185 22.95 -11.66 -39.46
N VAL I 186 23.34 -12.40 -40.50
CA VAL I 186 22.86 -13.75 -40.74
C VAL I 186 24.02 -14.71 -41.02
N TYR I 187 24.01 -15.85 -40.32
CA TYR I 187 25.04 -16.88 -40.49
C TYR I 187 24.45 -18.12 -41.15
N ILE I 188 24.96 -18.48 -42.32
CA ILE I 188 24.63 -19.76 -42.96
C ILE I 188 25.69 -20.80 -42.62
N ILE I 189 25.27 -21.87 -41.97
CA ILE I 189 26.21 -22.87 -41.45
C ILE I 189 26.10 -24.17 -42.23
N LYS I 190 27.20 -24.54 -42.87
CA LYS I 190 27.33 -25.84 -43.52
C LYS I 190 28.37 -26.66 -42.77
N LYS I 191 28.42 -27.96 -43.07
CA LYS I 191 29.38 -28.88 -42.45
C LYS I 191 30.83 -28.39 -42.49
N ASP I 192 31.21 -27.79 -43.63
CA ASP I 192 32.59 -27.35 -43.86
C ASP I 192 32.81 -25.84 -43.80
N GLU I 193 31.84 -25.07 -44.30
CA GLU I 193 31.98 -23.61 -44.37
C GLU I 193 30.85 -22.84 -43.67
N VAL I 194 31.17 -21.63 -43.22
CA VAL I 194 30.21 -20.72 -42.61
C VAL I 194 30.28 -19.36 -43.30
N VAL I 195 29.15 -18.91 -43.85
CA VAL I 195 29.06 -17.64 -44.55
C VAL I 195 28.31 -16.62 -43.68
N LYS I 196 28.86 -15.42 -43.55
CA LYS I 196 28.28 -14.36 -42.73
C LYS I 196 27.88 -13.15 -43.56
N ARG I 197 26.58 -12.85 -43.58
CA ARG I 197 26.05 -11.73 -44.37
C ARG I 197 25.36 -10.68 -43.50
N TYR I 198 25.62 -9.42 -43.81
CA TYR I 198 24.94 -8.28 -43.17
C TYR I 198 23.78 -7.81 -44.04
N LEU I 199 22.60 -7.70 -43.45
CA LEU I 199 21.39 -7.30 -44.18
C LEU I 199 21.24 -5.80 -44.24
N LYS I 200 20.56 -5.32 -45.28
CA LYS I 200 20.16 -3.92 -45.38
C LYS I 200 18.73 -3.81 -44.87
N MET I 201 18.54 -2.99 -43.83
CA MET I 201 17.23 -2.82 -43.23
C MET I 201 16.99 -1.40 -42.76
N ARG I 202 15.73 -1.10 -42.47
CA ARG I 202 15.31 0.20 -41.95
C ARG I 202 16.16 0.62 -40.76
N GLN I 203 16.57 1.88 -40.76
CA GLN I 203 17.40 2.41 -39.68
C GLN I 203 16.62 3.36 -38.77
N ASP I 204 15.35 3.04 -38.53
CA ASP I 204 14.49 3.85 -37.66
C ASP I 204 13.86 3.06 -36.50
N MET J 1 20.96 16.00 -15.30
CA MET J 1 22.01 15.45 -14.41
C MET J 1 23.42 15.92 -14.84
N ASP J 2 24.46 15.16 -14.48
CA ASP J 2 25.84 15.44 -14.87
C ASP J 2 26.09 15.17 -16.36
N ILE J 3 26.80 16.09 -17.01
CA ILE J 3 27.14 15.95 -18.43
C ILE J 3 28.46 15.19 -18.58
N ILE J 4 28.40 14.09 -19.34
CA ILE J 4 29.57 13.23 -19.61
C ILE J 4 29.61 12.88 -21.09
N LEU J 5 30.54 13.49 -21.82
CA LEU J 5 30.64 13.31 -23.26
C LEU J 5 32.02 12.82 -23.67
N GLY J 6 32.04 11.98 -24.70
CA GLY J 6 33.28 11.51 -25.32
C GLY J 6 33.17 11.46 -26.84
N ILE J 7 34.26 11.79 -27.53
CA ILE J 7 34.33 11.67 -28.99
C ILE J 7 35.72 11.20 -29.46
N ARG J 8 35.73 10.17 -30.29
CA ARG J 8 36.95 9.65 -30.89
C ARG J 8 37.11 10.17 -32.32
N VAL J 9 38.24 10.81 -32.60
CA VAL J 9 38.55 11.28 -33.95
C VAL J 9 39.70 10.47 -34.60
N GLN J 10 40.43 11.10 -35.51
CA GLN J 10 41.51 10.45 -36.27
C GLN J 10 42.60 9.85 -35.39
N ASP J 11 43.17 10.67 -34.52
CA ASP J 11 44.34 10.27 -33.73
C ASP J 11 44.27 10.59 -32.24
N SER J 12 43.07 10.93 -31.77
CA SER J 12 42.88 11.26 -30.37
C SER J 12 41.43 11.02 -29.93
N VAL J 13 41.22 10.94 -28.62
CA VAL J 13 39.90 10.83 -28.02
C VAL J 13 39.71 12.03 -27.11
N ILE J 14 38.57 12.71 -27.27
CA ILE J 14 38.26 13.90 -26.47
C ILE J 14 37.16 13.60 -25.46
N LEU J 15 37.40 13.94 -24.19
CA LEU J 15 36.41 13.82 -23.13
C LEU J 15 36.00 15.17 -22.56
N ALA J 16 34.70 15.43 -22.54
CA ALA J 16 34.14 16.65 -21.93
C ALA J 16 33.22 16.31 -20.76
N SER J 17 33.47 16.94 -19.62
CA SER J 17 32.75 16.65 -18.38
C SER J 17 32.32 17.92 -17.66
N SER J 18 31.06 17.97 -17.24
CA SER J 18 30.48 19.14 -16.57
C SER J 18 31.12 19.41 -15.21
N LYS J 19 31.21 20.70 -14.87
CA LYS J 19 31.94 21.15 -13.70
C LYS J 19 31.09 21.30 -12.43
N ALA J 20 29.77 21.22 -12.58
CA ALA J 20 28.85 21.44 -11.46
C ALA J 20 28.72 20.25 -10.51
N VAL J 21 28.72 20.54 -9.22
CA VAL J 21 28.30 19.56 -8.20
C VAL J 21 27.14 20.18 -7.44
N THR J 22 25.93 19.63 -7.65
CA THR J 22 24.71 20.17 -7.09
C THR J 22 24.11 19.20 -6.08
N ARG J 23 23.74 19.72 -4.91
CA ARG J 23 23.02 18.95 -3.92
C ARG J 23 21.83 19.76 -3.45
N GLY J 24 20.62 19.22 -3.67
CA GLY J 24 19.40 19.90 -3.29
C GLY J 24 19.17 21.14 -4.12
N ILE J 25 19.02 22.27 -3.44
CA ILE J 25 18.72 23.54 -4.10
C ILE J 25 19.95 24.43 -4.31
N SER J 26 21.13 23.88 -4.05
CA SER J 26 22.39 24.66 -4.11
C SER J 26 23.45 24.02 -5.00
N VAL J 27 24.14 24.86 -5.77
CA VAL J 27 25.31 24.42 -6.54
C VAL J 27 26.55 24.60 -5.67
N LEU J 28 27.07 23.49 -5.16
CA LEU J 28 28.15 23.52 -4.17
C LEU J 28 29.53 23.84 -4.76
N LYS J 29 29.71 23.52 -6.04
CA LYS J 29 30.99 23.69 -6.72
C LYS J 29 30.78 23.87 -8.21
N ASP J 30 31.57 24.74 -8.83
CA ASP J 30 31.49 24.95 -10.27
C ASP J 30 32.82 24.65 -11.00
N SER J 31 33.67 23.83 -10.38
CA SER J 31 34.99 23.50 -10.92
C SER J 31 35.40 22.06 -10.63
N ASP J 32 34.44 21.14 -10.71
CA ASP J 32 34.69 19.75 -10.40
C ASP J 32 35.26 19.00 -11.58
N ASP J 33 36.31 18.23 -11.32
CA ASP J 33 36.97 17.42 -12.35
C ASP J 33 36.49 15.98 -12.24
N LYS J 34 35.52 15.62 -13.08
CA LYS J 34 34.89 14.30 -13.04
C LYS J 34 35.68 13.24 -13.80
N THR J 35 37.00 13.24 -13.60
CA THR J 35 37.87 12.33 -14.34
C THR J 35 39.00 11.77 -13.48
N ARG J 36 39.52 10.59 -13.86
CA ARG J 36 40.76 10.06 -13.28
C ARG J 36 41.65 9.49 -14.38
N GLN J 37 42.94 9.79 -14.29
CA GLN J 37 43.91 9.17 -15.18
C GLN J 37 44.22 7.78 -14.67
N LEU J 38 43.87 6.77 -15.46
CA LEU J 38 44.10 5.38 -15.06
C LEU J 38 45.51 4.92 -15.39
N SER J 39 46.05 5.43 -16.49
CA SER J 39 47.43 5.18 -16.91
C SER J 39 47.84 6.30 -17.87
N PRO J 40 49.16 6.46 -18.14
CA PRO J 40 49.64 7.53 -19.02
C PRO J 40 48.80 7.80 -20.28
N HIS J 41 48.19 6.76 -20.85
CA HIS J 41 47.44 6.88 -22.10
C HIS J 41 45.97 6.44 -21.97
N THR J 42 45.45 6.39 -20.74
CA THR J 42 44.07 5.98 -20.48
C THR J 42 43.39 6.85 -19.42
N LEU J 43 42.22 7.39 -19.80
CA LEU J 43 41.47 8.33 -18.98
C LEU J 43 40.02 7.87 -18.88
N MET J 44 39.45 8.00 -17.67
CA MET J 44 38.06 7.62 -17.44
C MET J 44 37.26 8.78 -16.84
N SER J 45 36.14 9.10 -17.48
CA SER J 45 35.19 10.06 -16.91
C SER J 45 34.03 9.31 -16.30
N PHE J 46 33.38 9.91 -15.30
CA PHE J 46 32.33 9.22 -14.52
C PHE J 46 31.21 10.13 -14.05
N ALA J 47 29.99 9.57 -14.00
CA ALA J 47 28.80 10.27 -13.50
C ALA J 47 27.79 9.28 -12.92
N GLY J 48 27.18 9.64 -11.79
CA GLY J 48 26.16 8.81 -11.15
C GLY J 48 25.80 9.24 -9.74
N GLU J 49 25.61 8.26 -8.87
CA GLU J 49 25.22 8.49 -7.48
C GLU J 49 26.33 9.17 -6.68
N ALA J 50 25.93 10.09 -5.81
CA ALA J 50 26.83 10.94 -5.01
C ALA J 50 28.17 10.33 -4.59
N GLY J 51 28.13 9.32 -3.73
CA GLY J 51 29.36 8.78 -3.16
C GLY J 51 30.05 7.78 -4.06
N ASP J 52 29.24 6.88 -4.63
CA ASP J 52 29.70 5.77 -5.47
C ASP J 52 30.61 6.22 -6.61
N THR J 53 30.37 7.42 -7.09
CA THR J 53 31.03 7.93 -8.29
C THR J 53 32.56 8.03 -8.16
N VAL J 54 33.04 8.74 -7.15
CA VAL J 54 34.48 8.93 -6.94
C VAL J 54 35.13 7.66 -6.37
N GLN J 55 34.44 7.06 -5.39
CA GLN J 55 34.89 5.81 -4.76
C GLN J 55 35.20 4.70 -5.77
N PHE J 56 34.36 4.56 -6.79
CA PHE J 56 34.60 3.58 -7.85
C PHE J 56 35.79 3.94 -8.70
N ALA J 57 35.86 5.21 -9.14
CA ALA J 57 36.93 5.67 -10.02
C ALA J 57 38.32 5.48 -9.41
N GLU J 58 38.45 5.81 -8.13
CA GLU J 58 39.73 5.70 -7.43
C GLU J 58 40.12 4.24 -7.22
N TYR J 59 39.12 3.40 -7.00
CA TYR J 59 39.33 1.96 -6.85
C TYR J 59 39.92 1.38 -8.13
N ILE J 60 39.31 1.74 -9.26
CA ILE J 60 39.80 1.31 -10.57
C ILE J 60 41.21 1.83 -10.79
N GLN J 61 41.42 3.11 -10.47
CA GLN J 61 42.72 3.76 -10.62
C GLN J 61 43.83 3.04 -9.83
N ALA J 62 43.52 2.65 -8.60
CA ALA J 62 44.48 1.93 -7.77
C ALA J 62 44.89 0.59 -8.38
N ASN J 63 43.92 -0.17 -8.86
CA ASN J 63 44.15 -1.48 -9.47
C ASN J 63 45.01 -1.43 -10.71
N ILE J 64 44.71 -0.48 -11.59
CA ILE J 64 45.48 -0.30 -12.84
C ILE J 64 46.91 0.14 -12.54
N GLN J 65 47.05 1.06 -11.59
CA GLN J 65 48.36 1.52 -11.14
C GLN J 65 49.16 0.41 -10.49
N LEU J 66 48.47 -0.48 -9.79
CA LEU J 66 49.10 -1.66 -9.18
C LEU J 66 49.57 -2.63 -10.26
N TYR J 67 48.77 -2.78 -11.31
CA TYR J 67 49.12 -3.63 -12.44
C TYR J 67 50.37 -3.11 -13.14
N SER J 68 50.42 -1.81 -13.38
CA SER J 68 51.52 -1.17 -14.08
C SER J 68 52.87 -1.40 -13.39
N ILE J 69 52.89 -1.28 -12.07
CA ILE J 69 54.11 -1.49 -11.29
C ILE J 69 54.53 -2.97 -11.33
N ARG J 70 53.57 -3.87 -11.18
CA ARG J 70 53.82 -5.30 -11.15
C ARG J 70 54.44 -5.81 -12.46
N GLU J 71 53.96 -5.27 -13.58
CA GLU J 71 54.34 -5.74 -14.91
C GLU J 71 55.32 -4.83 -15.66
N ASP J 72 55.57 -3.63 -15.13
CA ASP J 72 56.33 -2.57 -15.81
C ASP J 72 55.84 -2.41 -17.26
N TYR J 73 54.52 -2.27 -17.39
CA TYR J 73 53.85 -2.30 -18.69
C TYR J 73 52.47 -1.65 -18.54
N GLU J 74 51.95 -1.11 -19.65
CA GLU J 74 50.67 -0.43 -19.65
C GLU J 74 49.62 -1.23 -20.43
N LEU J 75 48.50 -1.54 -19.76
CA LEU J 75 47.40 -2.27 -20.37
C LEU J 75 46.78 -1.47 -21.50
N SER J 76 46.33 -2.17 -22.54
CA SER J 76 45.64 -1.55 -23.66
C SER J 76 44.29 -0.99 -23.21
N PRO J 77 43.81 0.08 -23.86
CA PRO J 77 42.47 0.60 -23.60
C PRO J 77 41.39 -0.49 -23.59
N GLN J 78 41.52 -1.47 -24.48
CA GLN J 78 40.59 -2.60 -24.53
C GLN J 78 40.63 -3.40 -23.22
N ALA J 79 41.83 -3.66 -22.72
CA ALA J 79 41.99 -4.48 -21.52
C ALA J 79 41.50 -3.78 -20.26
N VAL J 80 41.74 -2.47 -20.17
CA VAL J 80 41.26 -1.66 -19.05
C VAL J 80 39.72 -1.61 -19.02
N SER J 81 39.10 -1.49 -20.19
CA SER J 81 37.64 -1.39 -20.30
C SER J 81 36.96 -2.72 -19.95
N SER J 82 37.59 -3.83 -20.33
CA SER J 82 37.11 -5.16 -19.97
C SER J 82 37.16 -5.36 -18.47
N PHE J 83 38.21 -4.83 -17.84
CA PHE J 83 38.36 -4.88 -16.39
C PHE J 83 37.25 -4.08 -15.71
N VAL J 84 37.03 -2.84 -16.15
CA VAL J 84 35.99 -1.99 -15.56
C VAL J 84 34.60 -2.65 -15.67
N ARG J 85 34.29 -3.18 -16.85
CA ARG J 85 33.00 -3.83 -17.08
C ARG J 85 32.73 -4.96 -16.10
N GLN J 86 33.71 -5.82 -15.91
CA GLN J 86 33.57 -6.97 -15.03
C GLN J 86 33.35 -6.55 -13.57
N GLU J 87 33.96 -5.43 -13.16
CA GLU J 87 33.76 -4.88 -11.82
C GLU J 87 32.34 -4.39 -11.61
N LEU J 88 31.77 -3.77 -12.65
CA LEU J 88 30.39 -3.30 -12.61
C LEU J 88 29.42 -4.48 -12.76
N ALA J 89 29.79 -5.46 -13.58
CA ALA J 89 28.95 -6.64 -13.79
C ALA J 89 28.83 -7.48 -12.51
N LYS J 90 29.90 -7.51 -11.71
CA LYS J 90 29.88 -8.10 -10.37
C LYS J 90 28.98 -7.30 -9.45
N SER J 91 28.96 -5.99 -9.67
CA SER J 91 28.35 -5.03 -8.74
C SER J 91 26.82 -5.08 -8.68
N ILE J 92 26.18 -5.22 -9.84
CA ILE J 92 24.71 -5.19 -9.91
C ILE J 92 23.99 -6.27 -9.10
N ARG J 93 24.62 -7.44 -8.98
CA ARG J 93 24.04 -8.52 -8.18
C ARG J 93 24.64 -8.64 -6.77
N SER J 94 25.22 -7.54 -6.28
CA SER J 94 25.72 -7.48 -4.91
C SER J 94 24.70 -6.77 -4.00
N ARG J 95 25.02 -6.67 -2.71
CA ARG J 95 24.12 -6.10 -1.71
C ARG J 95 23.77 -4.65 -2.04
N ARG J 96 24.79 -3.85 -2.37
CA ARG J 96 24.57 -2.48 -2.80
C ARG J 96 25.42 -2.17 -4.03
N PRO J 97 24.80 -2.13 -5.22
CA PRO J 97 25.51 -1.95 -6.49
C PRO J 97 26.05 -0.54 -6.68
N TYR J 98 27.28 -0.44 -7.19
CA TYR J 98 27.83 0.83 -7.67
C TYR J 98 26.90 1.41 -8.73
N GLN J 99 26.41 2.62 -8.48
CA GLN J 99 25.58 3.33 -9.45
C GLN J 99 26.39 4.38 -10.19
N VAL J 100 27.29 3.91 -11.05
CA VAL J 100 28.24 4.78 -11.77
C VAL J 100 28.30 4.42 -13.25
N ASN J 101 28.16 5.43 -14.10
CA ASN J 101 28.34 5.27 -15.54
C ASN J 101 29.66 5.90 -15.95
N VAL J 102 30.41 5.21 -16.79
CA VAL J 102 31.76 5.67 -17.15
C VAL J 102 32.01 5.78 -18.66
N LEU J 103 32.99 6.60 -19.02
CA LEU J 103 33.55 6.61 -20.37
C LEU J 103 35.04 6.37 -20.27
N ILE J 104 35.56 5.41 -21.04
CA ILE J 104 36.99 5.15 -21.09
C ILE J 104 37.53 5.70 -22.41
N GLY J 105 38.49 6.62 -22.32
CA GLY J 105 39.15 7.16 -23.50
C GLY J 105 40.64 6.85 -23.50
N GLY J 106 41.08 6.05 -24.47
CA GLY J 106 42.47 5.64 -24.51
C GLY J 106 43.12 5.71 -25.88
N TYR J 107 44.46 5.84 -25.86
CA TYR J 107 45.26 5.67 -27.06
C TYR J 107 46.08 4.39 -26.95
N ASP J 108 45.75 3.41 -27.78
CA ASP J 108 46.48 2.15 -27.84
C ASP J 108 47.80 2.36 -28.58
N LYS J 109 48.90 2.36 -27.84
CA LYS J 109 50.24 2.58 -28.38
C LYS J 109 50.71 1.43 -29.28
N LYS J 110 50.15 0.25 -29.07
CA LYS J 110 50.46 -0.92 -29.88
C LYS J 110 49.79 -0.86 -31.26
N LYS J 111 48.49 -0.53 -31.28
CA LYS J 111 47.73 -0.41 -32.53
C LYS J 111 47.85 0.96 -33.20
N ASN J 112 48.36 1.95 -32.45
CA ASN J 112 48.39 3.36 -32.86
C ASN J 112 47.03 3.95 -33.25
N LYS J 113 46.01 3.59 -32.46
CA LYS J 113 44.65 4.07 -32.70
C LYS J 113 43.94 4.53 -31.43
N PRO J 114 43.23 5.67 -31.51
CA PRO J 114 42.40 6.14 -30.40
C PRO J 114 41.19 5.24 -30.22
N GLU J 115 40.75 5.07 -28.97
CA GLU J 115 39.61 4.20 -28.67
C GLU J 115 38.74 4.75 -27.55
N LEU J 116 37.43 4.70 -27.75
CA LEU J 116 36.48 5.20 -26.76
C LEU J 116 35.47 4.12 -26.37
N TYR J 117 35.30 3.93 -25.06
CA TYR J 117 34.40 2.91 -24.54
C TYR J 117 33.33 3.51 -23.64
N GLN J 118 32.08 3.19 -23.93
CA GLN J 118 30.97 3.59 -23.09
C GLN J 118 30.50 2.39 -22.25
N ILE J 119 30.61 2.51 -20.93
CA ILE J 119 30.11 1.47 -20.01
C ILE J 119 29.13 2.08 -19.01
N ASP J 120 27.90 1.55 -18.99
CA ASP J 120 26.91 1.99 -18.01
C ASP J 120 27.00 1.16 -16.72
N TYR J 121 26.21 1.54 -15.72
CA TYR J 121 26.33 0.95 -14.37
C TYR J 121 26.01 -0.54 -14.28
N LEU J 122 25.24 -1.05 -15.23
CA LEU J 122 24.91 -2.49 -15.30
C LEU J 122 26.08 -3.34 -15.77
N GLY J 123 27.08 -2.71 -16.37
CA GLY J 123 28.20 -3.41 -16.97
C GLY J 123 27.94 -3.66 -18.45
N THR J 124 27.26 -2.70 -19.08
CA THR J 124 27.02 -2.75 -20.52
C THR J 124 28.12 -1.95 -21.20
N LYS J 125 29.06 -2.66 -21.82
CA LYS J 125 30.15 -2.02 -22.56
C LYS J 125 29.87 -2.04 -24.05
N VAL J 126 30.29 -0.96 -24.71
CA VAL J 126 30.25 -0.86 -26.16
C VAL J 126 31.30 0.16 -26.64
N GLU J 127 32.00 -0.17 -27.72
CA GLU J 127 33.00 0.72 -28.31
C GLU J 127 32.33 1.62 -29.34
N LEU J 128 32.58 2.93 -29.25
CA LEU J 128 31.86 3.91 -30.05
C LEU J 128 32.74 5.01 -30.65
N PRO J 129 32.33 5.59 -31.79
CA PRO J 129 32.98 6.80 -32.33
C PRO J 129 32.73 7.99 -31.40
N TYR J 130 31.51 8.09 -30.89
CA TYR J 130 31.15 9.10 -29.90
C TYR J 130 30.16 8.53 -28.89
N GLY J 131 30.21 9.03 -27.67
CA GLY J 131 29.35 8.53 -26.60
C GLY J 131 28.94 9.56 -25.56
N ALA J 132 27.83 9.29 -24.87
CA ALA J 132 27.31 10.15 -23.82
C ALA J 132 26.50 9.36 -22.79
N HIS J 133 26.53 9.81 -21.54
CA HIS J 133 25.73 9.22 -20.49
C HIS J 133 24.62 10.16 -20.01
N GLY J 134 23.56 9.57 -19.48
CA GLY J 134 22.43 10.31 -18.96
C GLY J 134 21.57 10.91 -20.07
N TYR J 135 20.99 12.07 -19.77
CA TYR J 135 20.08 12.76 -20.68
C TYR J 135 20.82 13.49 -21.79
N SER J 136 22.10 13.80 -21.56
CA SER J 136 22.97 14.46 -22.53
C SER J 136 22.86 13.81 -23.90
N GLY J 137 22.86 12.47 -23.92
CA GLY J 137 22.75 11.69 -25.14
C GLY J 137 21.57 12.04 -26.01
N PHE J 138 20.42 12.30 -25.37
CA PHE J 138 19.20 12.68 -26.07
C PHE J 138 19.34 13.90 -26.98
N TYR J 139 20.37 14.72 -26.77
CA TYR J 139 20.65 15.85 -27.65
C TYR J 139 21.84 15.59 -28.57
N THR J 140 22.94 15.11 -27.99
CA THR J 140 24.23 15.03 -28.68
C THR J 140 24.31 13.92 -29.73
N PHE J 141 23.69 12.76 -29.46
CA PHE J 141 23.76 11.62 -30.38
C PHE J 141 23.29 11.94 -31.80
N SER J 142 22.18 12.66 -31.92
CA SER J 142 21.63 13.03 -33.22
C SER J 142 22.43 14.14 -33.91
N LEU J 143 22.97 15.05 -33.09
CA LEU J 143 23.81 16.15 -33.58
C LEU J 143 25.12 15.60 -34.15
N LEU J 144 25.71 14.64 -33.42
CA LEU J 144 26.94 13.98 -33.87
C LEU J 144 26.69 13.02 -35.04
N ASP J 145 25.52 12.40 -35.07
CA ASP J 145 25.09 11.63 -36.25
C ASP J 145 25.21 12.46 -37.53
N HIS J 146 24.96 13.76 -37.42
CA HIS J 146 24.96 14.66 -38.57
C HIS J 146 26.35 15.21 -38.91
N HIS J 147 27.07 15.71 -37.91
CA HIS J 147 28.31 16.47 -38.15
C HIS J 147 29.61 15.67 -38.09
N TYR J 148 29.57 14.47 -37.53
CA TYR J 148 30.78 13.68 -37.32
C TYR J 148 31.33 13.05 -38.59
N ARG J 149 32.66 13.12 -38.73
CA ARG J 149 33.39 12.37 -39.74
C ARG J 149 34.51 11.61 -39.01
N PRO J 150 34.82 10.37 -39.46
CA PRO J 150 35.78 9.55 -38.71
C PRO J 150 37.25 9.98 -38.88
N ASP J 151 37.50 10.87 -39.85
CA ASP J 151 38.85 11.34 -40.19
C ASP J 151 39.15 12.77 -39.70
N MET J 152 38.33 13.27 -38.78
CA MET J 152 38.47 14.64 -38.26
C MET J 152 39.75 14.83 -37.45
N THR J 153 40.31 16.04 -37.53
CA THR J 153 41.47 16.41 -36.71
C THR J 153 41.02 16.69 -35.29
N THR J 154 41.98 16.73 -34.37
CA THR J 154 41.70 17.03 -32.96
C THR J 154 41.01 18.38 -32.83
N GLU J 155 41.42 19.34 -33.66
CA GLU J 155 40.83 20.67 -33.66
C GLU J 155 39.39 20.65 -34.19
N GLU J 156 39.13 19.80 -35.18
CA GLU J 156 37.78 19.60 -35.71
C GLU J 156 36.88 18.88 -34.71
N GLY J 157 37.49 18.01 -33.91
CA GLY J 157 36.79 17.34 -32.82
C GLY J 157 36.37 18.31 -31.74
N LEU J 158 37.22 19.30 -31.47
CA LEU J 158 36.96 20.32 -30.45
C LEU J 158 35.85 21.30 -30.87
N ASP J 159 35.84 21.68 -32.14
CA ASP J 159 34.77 22.51 -32.69
C ASP J 159 33.43 21.78 -32.62
N LEU J 160 33.47 20.48 -32.86
CA LEU J 160 32.29 19.61 -32.83
C LEU J 160 31.77 19.45 -31.41
N LEU J 161 32.69 19.42 -30.45
CA LEU J 161 32.35 19.41 -29.02
C LEU J 161 31.66 20.69 -28.59
N LYS J 162 32.19 21.82 -29.05
CA LYS J 162 31.65 23.13 -28.72
C LYS J 162 30.20 23.21 -29.19
N LEU J 163 29.93 22.57 -30.33
CA LEU J 163 28.59 22.54 -30.91
C LEU J 163 27.63 21.72 -30.06
N CYS J 164 28.16 20.68 -29.43
CA CYS J 164 27.37 19.84 -28.53
C CYS J 164 27.08 20.56 -27.22
N VAL J 165 28.05 21.34 -26.75
CA VAL J 165 27.93 22.06 -25.48
C VAL J 165 27.00 23.27 -25.62
N GLN J 166 27.09 23.97 -26.75
CA GLN J 166 26.20 25.10 -27.04
C GLN J 166 24.74 24.65 -27.10
N GLU J 167 24.52 23.44 -27.61
CA GLU J 167 23.19 22.85 -27.69
C GLU J 167 22.66 22.43 -26.31
N LEU J 168 23.53 21.86 -25.48
CA LEU J 168 23.14 21.47 -24.12
C LEU J 168 22.92 22.69 -23.22
N GLU J 169 23.62 23.78 -23.49
CA GLU J 169 23.44 25.02 -22.74
C GLU J 169 22.15 25.75 -23.15
N LYS J 170 21.62 25.40 -24.31
CA LYS J 170 20.41 26.03 -24.82
C LYS J 170 19.15 25.28 -24.40
N ARG J 171 19.22 23.96 -24.36
CA ARG J 171 18.02 23.12 -24.21
C ARG J 171 17.86 22.38 -22.88
N MET J 172 18.98 22.00 -22.25
CA MET J 172 18.95 21.31 -20.95
C MET J 172 18.46 22.25 -19.84
N PRO J 173 17.61 21.74 -18.95
CA PRO J 173 16.97 22.58 -17.92
C PRO J 173 17.93 23.09 -16.84
N MET J 174 18.97 22.32 -16.53
CA MET J 174 19.88 22.68 -15.45
C MET J 174 21.18 23.36 -15.91
N ASP J 175 21.74 24.19 -15.03
CA ASP J 175 23.02 24.85 -15.25
C ASP J 175 24.15 23.92 -14.78
N PHE J 176 24.88 23.36 -15.73
CA PHE J 176 25.98 22.45 -15.43
C PHE J 176 27.34 23.15 -15.39
N LYS J 177 27.32 24.47 -15.54
CA LYS J 177 28.50 25.33 -15.35
C LYS J 177 29.67 25.05 -16.31
N GLY J 178 29.35 24.66 -17.54
CA GLY J 178 30.36 24.41 -18.56
C GLY J 178 31.05 23.06 -18.40
N VAL J 179 32.11 22.83 -19.17
CA VAL J 179 32.84 21.55 -19.16
C VAL J 179 34.35 21.70 -19.03
N ILE J 180 34.98 20.69 -18.42
CA ILE J 180 36.42 20.52 -18.48
C ILE J 180 36.73 19.54 -19.61
N VAL J 181 37.61 19.93 -20.51
CA VAL J 181 37.92 19.13 -21.70
C VAL J 181 39.33 18.55 -21.64
N LYS J 182 39.46 17.26 -21.95
CA LYS J 182 40.76 16.59 -21.99
C LYS J 182 40.99 15.87 -23.32
N ILE J 183 42.24 15.89 -23.78
CA ILE J 183 42.63 15.19 -25.01
C ILE J 183 43.56 14.02 -24.69
N VAL J 184 43.19 12.84 -25.16
CA VAL J 184 44.03 11.64 -25.03
C VAL J 184 44.57 11.27 -26.40
N ASP J 185 45.90 11.28 -26.55
CA ASP J 185 46.55 10.86 -27.79
C ASP J 185 47.88 10.14 -27.54
N LYS J 186 48.72 10.04 -28.58
CA LYS J 186 49.99 9.32 -28.52
C LYS J 186 51.00 9.92 -27.53
N ASP J 187 50.77 11.17 -27.13
CA ASP J 187 51.68 11.88 -26.23
C ASP J 187 51.19 11.89 -24.79
N GLY J 188 50.02 11.28 -24.55
CA GLY J 188 49.45 11.21 -23.21
C GLY J 188 48.15 11.98 -23.07
N ILE J 189 47.92 12.51 -21.88
CA ILE J 189 46.69 13.24 -21.57
C ILE J 189 47.03 14.69 -21.20
N ARG J 190 46.38 15.63 -21.89
CA ARG J 190 46.52 17.05 -21.58
C ARG J 190 45.15 17.72 -21.41
N GLN J 191 45.11 18.84 -20.69
CA GLN J 191 43.85 19.55 -20.46
C GLN J 191 43.76 20.85 -21.26
N VAL J 192 42.62 21.04 -21.92
CA VAL J 192 42.34 22.29 -22.62
C VAL J 192 41.80 23.29 -21.60
N ASP J 193 42.62 24.27 -21.24
CA ASP J 193 42.23 25.26 -20.23
C ASP J 193 41.28 26.32 -20.80
N ASP J 194 41.54 26.72 -22.04
CA ASP J 194 40.68 27.70 -22.72
C ASP J 194 39.61 27.03 -23.60
N PHE J 195 38.58 26.52 -22.96
CA PHE J 195 37.40 26.02 -23.66
C PHE J 195 36.16 26.85 -23.31
N GLN J 196 36.09 27.27 -22.05
CA GLN J 196 34.94 28.00 -21.50
C GLN J 196 34.82 29.44 -22.02
N ALA J 197 35.90 29.94 -22.63
CA ALA J 197 35.90 31.28 -23.24
C ALA J 197 36.72 31.31 -24.54
N GLN J 198 36.42 30.37 -25.44
CA GLN J 198 37.13 30.22 -26.72
C GLN J 198 36.69 31.26 -27.74
N THR K 1 20.41 23.56 11.39
CA THR K 1 21.75 24.17 11.36
C THR K 1 22.01 25.18 10.25
N THR K 2 22.84 26.20 10.50
CA THR K 2 23.70 26.82 9.48
C THR K 2 25.19 26.82 9.87
N THR K 3 26.04 26.37 8.95
CA THR K 3 27.50 26.44 9.12
C THR K 3 28.13 27.00 7.85
N LEU K 4 29.22 27.75 7.99
CA LEU K 4 30.02 28.15 6.82
C LEU K 4 31.52 28.17 7.09
N ALA K 5 32.29 27.94 6.03
CA ALA K 5 33.73 28.13 6.05
C ALA K 5 34.17 28.67 4.70
N PHE K 6 34.98 29.73 4.74
CA PHE K 6 35.54 30.29 3.51
C PHE K 6 37.02 30.62 3.64
N ARG K 7 37.68 30.70 2.49
CA ARG K 7 39.12 30.90 2.41
C ARG K 7 39.40 32.27 1.79
N PHE K 8 40.36 32.98 2.36
CA PHE K 8 40.73 34.31 1.89
C PHE K 8 42.21 34.60 2.09
N GLN K 9 42.63 35.82 1.75
CA GLN K 9 44.00 36.30 1.92
C GLN K 9 44.68 35.84 3.22
N GLY K 10 43.98 35.97 4.34
CA GLY K 10 44.58 35.74 5.66
C GLY K 10 44.26 34.41 6.30
N GLY K 11 43.84 33.43 5.51
CA GLY K 11 43.56 32.08 6.02
C GLY K 11 42.15 31.60 5.79
N ILE K 12 41.53 31.09 6.86
CA ILE K 12 40.18 30.52 6.82
C ILE K 12 39.30 31.10 7.93
N ILE K 13 38.07 31.47 7.56
CA ILE K 13 37.05 31.85 8.54
C ILE K 13 36.02 30.72 8.67
N VAL K 14 35.74 30.33 9.91
CA VAL K 14 34.73 29.31 10.20
C VAL K 14 33.66 29.87 11.15
N ALA K 15 32.41 29.84 10.72
CA ALA K 15 31.30 30.37 11.51
C ALA K 15 30.12 29.39 11.53
N VAL K 16 29.49 29.25 12.70
CA VAL K 16 28.37 28.31 12.89
C VAL K 16 27.30 28.92 13.78
N ASP K 17 26.05 28.48 13.62
CA ASP K 17 24.99 28.79 14.57
C ASP K 17 25.07 27.80 15.74
N SER K 18 24.11 27.84 16.65
CA SER K 18 24.14 26.95 17.82
C SER K 18 22.79 26.31 18.20
N ARG K 19 21.92 26.09 17.22
CA ARG K 19 20.57 25.61 17.49
C ARG K 19 20.40 24.13 17.18
N ALA K 20 19.71 23.41 18.07
CA ALA K 20 19.33 22.02 17.85
C ALA K 20 17.83 21.91 17.92
N THR K 21 17.25 21.21 16.94
CA THR K 21 15.80 21.04 16.87
C THR K 21 15.39 19.57 16.84
N ALA K 22 14.19 19.30 17.33
CA ALA K 22 13.53 18.01 17.16
C ALA K 22 12.12 18.29 16.67
N GLY K 23 11.93 18.24 15.35
CA GLY K 23 10.71 18.74 14.72
C GLY K 23 10.71 20.25 14.84
N ASN K 24 9.62 20.80 15.37
CA ASN K 24 9.51 22.24 15.59
C ASN K 24 9.92 22.66 17.00
N TRP K 25 10.26 21.66 17.82
CA TRP K 25 10.73 21.89 19.17
C TRP K 25 12.20 22.30 19.16
N VAL K 26 12.49 23.45 19.76
CA VAL K 26 13.87 23.91 19.91
C VAL K 26 14.48 23.17 21.10
N ALA K 27 15.36 22.21 20.80
CA ALA K 27 15.96 21.38 21.84
C ALA K 27 17.01 22.15 22.62
N SER K 28 17.88 22.85 21.90
CA SER K 28 18.97 23.61 22.52
C SER K 28 19.31 24.87 21.73
N GLN K 29 19.82 25.88 22.43
CA GLN K 29 20.31 27.11 21.81
C GLN K 29 21.82 27.26 21.97
N THR K 30 22.46 26.30 22.64
CA THR K 30 23.87 26.43 23.02
C THR K 30 24.76 25.26 22.60
N VAL K 31 24.47 24.69 21.42
CA VAL K 31 25.25 23.56 20.92
C VAL K 31 26.56 24.02 20.27
N LYS K 32 27.66 23.39 20.70
CA LYS K 32 28.96 23.58 20.06
C LYS K 32 29.03 22.77 18.78
N LYS K 33 28.92 23.45 17.65
CA LYS K 33 28.92 22.79 16.34
C LYS K 33 30.30 22.76 15.67
N VAL K 34 31.32 23.10 16.45
CA VAL K 34 32.72 23.00 15.98
C VAL K 34 33.50 22.05 16.89
N ILE K 35 34.09 21.02 16.28
CA ILE K 35 34.96 20.10 16.99
C ILE K 35 36.40 20.54 16.79
N GLU K 36 37.11 20.73 17.89
CA GLU K 36 38.52 21.11 17.84
C GLU K 36 39.38 19.84 17.79
N ILE K 37 39.69 19.39 16.57
CA ILE K 37 40.44 18.14 16.33
C ILE K 37 41.85 18.22 16.91
N ASN K 38 42.57 19.27 16.56
CA ASN K 38 43.87 19.61 17.15
C ASN K 38 44.16 21.11 16.94
N PRO K 39 45.30 21.62 17.49
CA PRO K 39 45.71 23.02 17.28
C PRO K 39 45.57 23.59 15.86
N PHE K 40 45.59 22.71 14.85
CA PHE K 40 45.56 23.13 13.45
C PHE K 40 44.37 22.59 12.65
N LEU K 41 43.44 21.91 13.32
CA LEU K 41 42.30 21.27 12.63
C LEU K 41 40.94 21.47 13.31
N LEU K 42 39.95 21.80 12.49
CA LEU K 42 38.57 21.99 12.95
C LEU K 42 37.60 21.19 12.10
N GLY K 43 36.50 20.77 12.72
CA GLY K 43 35.40 20.12 12.02
C GLY K 43 34.08 20.76 12.40
N THR K 44 33.24 21.02 11.40
CA THR K 44 31.91 21.61 11.63
C THR K 44 30.84 20.51 11.60
N MET K 45 29.66 20.81 12.13
CA MET K 45 28.59 19.82 12.24
C MET K 45 27.23 20.30 11.74
N ALA K 46 26.57 19.45 10.95
CA ALA K 46 25.21 19.69 10.44
C ALA K 46 24.51 18.37 10.16
N GLY K 47 23.18 18.34 10.35
CA GLY K 47 22.42 17.11 10.23
C GLY K 47 22.19 16.46 11.59
N GLY K 48 22.34 15.13 11.63
CA GLY K 48 22.16 14.38 12.88
C GLY K 48 23.20 14.74 13.92
N ALA K 49 22.75 15.28 15.05
CA ALA K 49 23.64 15.72 16.13
C ALA K 49 24.57 14.60 16.60
N ALA K 50 23.98 13.49 17.05
CA ALA K 50 24.76 12.33 17.49
C ALA K 50 25.72 11.84 16.40
N ASP K 51 25.23 11.73 15.16
CA ASP K 51 26.07 11.27 14.05
C ASP K 51 27.32 12.13 13.85
N CYS K 52 27.16 13.45 13.91
CA CYS K 52 28.32 14.35 13.81
C CYS K 52 29.19 14.29 15.06
N GLN K 53 28.57 14.42 16.23
CA GLN K 53 29.30 14.42 17.49
C GLN K 53 30.13 13.14 17.65
N PHE K 54 29.51 11.99 17.46
CA PHE K 54 30.17 10.70 17.65
C PHE K 54 31.35 10.49 16.70
N TRP K 55 31.10 10.64 15.41
CA TRP K 55 32.11 10.32 14.39
C TRP K 55 33.23 11.34 14.26
N GLU K 56 32.93 12.61 14.54
CA GLU K 56 33.96 13.65 14.49
C GLU K 56 34.85 13.63 15.74
N THR K 57 34.30 13.18 16.86
CA THR K 57 35.11 12.90 18.04
C THR K 57 35.93 11.64 17.78
N TRP K 58 35.36 10.70 17.03
CA TRP K 58 36.09 9.50 16.59
C TRP K 58 37.20 9.86 15.62
N LEU K 59 36.95 10.84 14.76
CA LEU K 59 37.94 11.32 13.80
C LEU K 59 39.15 11.90 14.53
N GLY K 60 38.88 12.72 15.55
CA GLY K 60 39.94 13.29 16.39
C GLY K 60 40.90 12.24 16.90
N SER K 61 40.36 11.11 17.33
CA SER K 61 41.13 9.96 17.80
C SER K 61 42.01 9.35 16.69
N GLN K 62 41.47 9.31 15.48
CA GLN K 62 42.19 8.74 14.34
C GLN K 62 43.35 9.62 13.93
N CYS K 63 43.13 10.94 14.01
CA CYS K 63 44.16 11.93 13.72
C CYS K 63 45.30 11.91 14.73
N ARG K 64 44.95 11.68 15.99
CA ARG K 64 45.95 11.55 17.06
C ARG K 64 46.80 10.30 16.86
N LEU K 65 46.17 9.19 16.48
CA LEU K 65 46.87 7.94 16.15
C LEU K 65 47.87 8.13 15.01
N HIS K 66 47.48 8.92 14.01
CA HIS K 66 48.35 9.23 12.88
C HIS K 66 49.62 9.94 13.34
N GLU K 67 49.47 10.90 14.25
CA GLU K 67 50.58 11.68 14.81
C GLU K 67 51.59 10.81 15.56
N LEU K 68 51.09 9.87 16.34
CA LEU K 68 51.92 8.95 17.09
C LEU K 68 52.62 7.96 16.17
N ARG K 69 51.91 7.55 15.11
CA ARG K 69 52.40 6.54 14.19
C ARG K 69 53.43 7.11 13.22
N GLU K 70 53.12 8.26 12.63
CA GLU K 70 53.93 8.83 11.54
C GLU K 70 54.84 9.97 11.96
N LYS K 71 54.79 10.32 13.24
CA LYS K 71 55.60 11.39 13.84
C LYS K 71 55.44 12.74 13.12
N GLU K 72 54.22 12.99 12.64
CA GLU K 72 53.86 14.20 11.92
C GLU K 72 52.35 14.44 12.02
N ARG K 73 51.96 15.70 11.97
CA ARG K 73 50.55 16.09 12.02
C ARG K 73 49.85 15.73 10.70
N ILE K 74 48.63 15.22 10.81
CA ILE K 74 47.86 14.73 9.67
C ILE K 74 47.45 15.87 8.72
N SER K 75 47.51 15.61 7.42
CA SER K 75 47.05 16.58 6.41
C SER K 75 45.53 16.71 6.40
N VAL K 76 45.03 17.82 5.87
CA VAL K 76 43.59 18.06 5.80
C VAL K 76 42.94 17.08 4.83
N ALA K 77 43.62 16.81 3.72
CA ALA K 77 43.16 15.84 2.75
C ALA K 77 42.98 14.45 3.37
N ALA K 78 43.99 14.00 4.13
CA ALA K 78 43.96 12.69 4.77
C ALA K 78 42.86 12.61 5.84
N ALA K 79 42.82 13.61 6.72
CA ALA K 79 41.84 13.63 7.80
C ALA K 79 40.41 13.56 7.24
N SER K 80 40.15 14.35 6.21
CA SER K 80 38.80 14.39 5.61
C SER K 80 38.43 13.06 4.97
N LYS K 81 39.42 12.35 4.44
CA LYS K 81 39.19 11.08 3.77
C LYS K 81 38.89 9.95 4.74
N ILE K 82 39.52 9.99 5.92
CA ILE K 82 39.18 9.06 7.00
C ILE K 82 37.67 9.12 7.21
N LEU K 83 37.15 10.31 7.52
CA LEU K 83 35.72 10.52 7.76
C LEU K 83 34.88 10.14 6.54
N SER K 84 35.36 10.51 5.37
CA SER K 84 34.70 10.23 4.11
C SER K 84 34.53 8.73 3.85
N ASN K 85 35.62 7.97 4.04
CA ASN K 85 35.61 6.53 3.82
C ASN K 85 34.77 5.76 4.83
N LEU K 86 34.78 6.23 6.09
CA LEU K 86 33.98 5.63 7.16
C LEU K 86 32.49 5.82 6.85
N VAL K 87 32.12 7.06 6.55
CA VAL K 87 30.77 7.42 6.17
C VAL K 87 30.28 6.65 4.93
N TYR K 88 31.21 6.26 4.06
CA TYR K 88 30.85 5.45 2.90
C TYR K 88 30.54 4.01 3.29
N GLN K 89 31.28 3.46 4.25
CA GLN K 89 30.98 2.12 4.78
C GLN K 89 29.54 1.98 5.26
N TYR K 90 28.97 3.10 5.73
CA TYR K 90 27.60 3.12 6.25
C TYR K 90 26.56 3.63 5.26
N LYS K 91 26.95 3.86 4.00
CA LYS K 91 26.04 4.44 3.02
C LYS K 91 24.74 3.64 2.92
N GLY K 92 23.62 4.33 3.03
CA GLY K 92 22.30 3.70 2.94
C GLY K 92 21.72 3.21 4.26
N ALA K 93 22.53 3.24 5.33
CA ALA K 93 22.07 2.84 6.66
C ALA K 93 21.37 3.99 7.40
N GLY K 94 21.42 5.18 6.82
CA GLY K 94 20.67 6.31 7.33
C GLY K 94 21.44 7.32 8.16
N LEU K 95 22.77 7.29 8.08
CA LEU K 95 23.56 8.34 8.73
C LEU K 95 23.24 9.67 8.05
N SER K 96 23.14 10.72 8.85
CA SER K 96 22.79 12.04 8.36
C SER K 96 23.77 13.07 8.88
N MET K 97 24.66 13.55 8.01
CA MET K 97 25.68 14.52 8.41
C MET K 97 26.26 15.30 7.22
N GLY K 98 26.33 16.62 7.40
CA GLY K 98 26.98 17.51 6.45
C GLY K 98 28.08 18.24 7.20
N THR K 99 29.32 18.00 6.81
CA THR K 99 30.46 18.49 7.57
C THR K 99 31.52 19.22 6.74
N MET K 100 32.26 20.11 7.39
CA MET K 100 33.44 20.73 6.79
C MET K 100 34.65 20.49 7.66
N ILE K 101 35.77 20.14 7.04
CA ILE K 101 37.02 19.92 7.75
C ILE K 101 38.05 20.94 7.31
N CYS K 102 38.37 21.86 8.21
CA CYS K 102 39.19 23.03 7.90
C CYS K 102 40.48 23.01 8.72
N GLY K 103 41.59 23.30 8.06
CA GLY K 103 42.88 23.31 8.72
C GLY K 103 44.00 23.94 7.94
N TYR K 104 45.17 24.00 8.57
CA TYR K 104 46.39 24.43 7.92
C TYR K 104 47.50 23.39 8.10
N THR K 105 48.19 23.09 7.01
CA THR K 105 49.44 22.33 7.04
C THR K 105 50.44 23.04 6.12
N ARG K 106 51.73 22.74 6.32
CA ARG K 106 52.78 23.32 5.48
C ARG K 106 52.63 22.88 4.02
N LYS K 107 52.31 21.61 3.80
CA LYS K 107 52.18 21.02 2.47
C LYS K 107 51.03 21.63 1.66
N GLU K 108 49.87 21.78 2.30
CA GLU K 108 48.63 22.15 1.62
C GLU K 108 48.30 23.64 1.67
N GLY K 109 48.78 24.32 2.71
CA GLY K 109 48.32 25.67 3.02
C GLY K 109 46.93 25.60 3.65
N PRO K 110 46.18 26.71 3.61
CA PRO K 110 44.79 26.68 4.10
C PRO K 110 43.93 25.86 3.15
N THR K 111 43.13 24.94 3.71
CA THR K 111 42.33 24.02 2.90
C THR K 111 40.97 23.72 3.56
N ILE K 112 39.92 23.71 2.74
CA ILE K 112 38.58 23.31 3.19
C ILE K 112 38.13 22.04 2.47
N TYR K 113 37.57 21.10 3.23
CA TYR K 113 36.95 19.92 2.64
C TYR K 113 35.50 19.76 3.10
N TYR K 114 34.61 19.57 2.14
CA TYR K 114 33.22 19.25 2.43
C TYR K 114 33.06 17.74 2.37
N VAL K 115 32.47 17.17 3.42
CA VAL K 115 32.15 15.74 3.48
C VAL K 115 30.71 15.58 3.97
N ASP K 116 29.93 14.75 3.29
CA ASP K 116 28.57 14.45 3.77
C ASP K 116 28.31 12.96 3.88
N SER K 117 27.15 12.59 4.41
CA SER K 117 26.82 11.19 4.66
C SER K 117 26.50 10.42 3.38
N ASP K 118 26.32 11.12 2.27
CA ASP K 118 26.17 10.50 0.96
C ASP K 118 27.50 9.90 0.48
N GLY K 119 28.61 10.40 1.02
CA GLY K 119 29.94 9.97 0.61
C GLY K 119 30.68 10.98 -0.25
N THR K 120 30.02 12.09 -0.57
CA THR K 120 30.61 13.20 -1.32
C THR K 120 31.73 13.87 -0.52
N ARG K 121 32.86 14.10 -1.17
CA ARG K 121 34.02 14.78 -0.57
C ARG K 121 34.59 15.76 -1.58
N LEU K 122 34.57 17.04 -1.21
CA LEU K 122 34.96 18.10 -2.14
C LEU K 122 35.91 19.12 -1.52
N LYS K 123 36.96 19.46 -2.25
CA LYS K 123 37.85 20.57 -1.87
C LYS K 123 37.35 21.86 -2.50
N GLY K 124 37.29 22.93 -1.70
CA GLY K 124 36.84 24.22 -2.19
C GLY K 124 37.22 25.40 -1.31
N ASP K 125 36.93 26.60 -1.79
CA ASP K 125 37.28 27.84 -1.09
C ASP K 125 36.13 28.38 -0.25
N ILE K 126 34.89 28.08 -0.66
CA ILE K 126 33.69 28.57 0.01
C ILE K 126 32.68 27.44 0.14
N PHE K 127 32.15 27.24 1.34
CA PHE K 127 31.07 26.27 1.57
C PHE K 127 30.09 26.72 2.65
N CYS K 128 28.80 26.57 2.37
CA CYS K 128 27.76 26.74 3.37
C CYS K 128 26.93 25.46 3.46
N VAL K 129 26.72 24.97 4.67
CA VAL K 129 26.07 23.68 4.88
C VAL K 129 25.01 23.77 5.97
N GLY K 130 23.86 23.16 5.71
CA GLY K 130 22.76 23.09 6.67
C GLY K 130 21.44 23.58 6.08
N SER K 131 20.39 23.47 6.89
CA SER K 131 19.05 23.92 6.51
C SER K 131 19.01 25.38 6.06
N GLY K 132 19.90 26.20 6.62
CA GLY K 132 19.95 27.63 6.30
C GLY K 132 21.13 28.04 5.43
N GLN K 133 21.71 27.11 4.69
CA GLN K 133 22.89 27.38 3.87
C GLN K 133 22.64 28.45 2.80
N THR K 134 21.49 28.37 2.15
CA THR K 134 21.11 29.30 1.09
C THR K 134 21.08 30.75 1.57
N PHE K 135 20.58 30.97 2.78
CA PHE K 135 20.52 32.31 3.38
C PHE K 135 21.91 32.84 3.68
N ALA K 136 22.80 31.98 4.18
CA ALA K 136 24.19 32.32 4.41
C ALA K 136 24.91 32.63 3.10
N TYR K 137 24.69 31.78 2.09
CA TYR K 137 25.28 31.98 0.76
C TYR K 137 24.97 33.36 0.18
N GLY K 138 23.73 33.81 0.31
CA GLY K 138 23.27 35.08 -0.25
C GLY K 138 24.11 36.27 0.18
N VAL K 139 24.38 36.37 1.48
CA VAL K 139 25.17 37.46 2.04
C VAL K 139 26.67 37.25 1.78
N LEU K 140 27.12 36.01 1.88
CA LEU K 140 28.53 35.66 1.66
C LEU K 140 29.00 35.91 0.23
N ASP K 141 28.28 35.36 -0.74
CA ASP K 141 28.63 35.50 -2.16
C ASP K 141 28.64 36.96 -2.64
N SER K 142 27.69 37.75 -2.14
CA SER K 142 27.50 39.12 -2.59
C SER K 142 28.46 40.14 -1.97
N ASN K 143 29.26 39.70 -0.99
CA ASN K 143 30.24 40.58 -0.35
C ASN K 143 31.67 40.08 -0.40
N TYR K 144 31.85 38.80 -0.72
CA TYR K 144 33.16 38.15 -0.67
C TYR K 144 34.16 38.69 -1.70
N LYS K 145 35.35 38.99 -1.23
CA LYS K 145 36.54 39.13 -2.07
C LYS K 145 37.68 38.35 -1.40
N TRP K 146 38.67 37.95 -2.19
CA TRP K 146 39.86 37.33 -1.63
C TRP K 146 40.65 38.34 -0.79
N ASP K 147 40.68 39.59 -1.24
CA ASP K 147 41.48 40.65 -0.62
C ASP K 147 40.84 41.32 0.60
N LEU K 148 39.94 40.59 1.27
CA LEU K 148 39.35 41.05 2.53
C LEU K 148 40.39 41.02 3.65
N SER K 149 40.23 41.93 4.62
CA SER K 149 41.07 41.93 5.81
C SER K 149 40.53 40.91 6.80
N VAL K 150 41.38 40.48 7.74
CA VAL K 150 40.98 39.54 8.80
C VAL K 150 39.74 40.05 9.55
N GLU K 151 39.75 41.35 9.89
CA GLU K 151 38.64 41.99 10.61
C GLU K 151 37.34 42.02 9.80
N ASP K 152 37.45 42.31 8.51
CA ASP K 152 36.29 42.32 7.61
C ASP K 152 35.80 40.91 7.28
N ALA K 153 36.73 39.97 7.20
CA ALA K 153 36.42 38.57 6.93
C ALA K 153 35.70 37.93 8.12
N LEU K 154 36.17 38.24 9.32
CA LEU K 154 35.51 37.76 10.54
C LEU K 154 34.08 38.28 10.65
N TYR K 155 33.90 39.56 10.31
CA TYR K 155 32.59 40.18 10.37
C TYR K 155 31.63 39.57 9.33
N LEU K 156 32.12 39.36 8.12
CA LEU K 156 31.31 38.79 7.05
C LEU K 156 30.79 37.40 7.39
N GLY K 157 31.65 36.56 7.97
CA GLY K 157 31.27 35.22 8.40
C GLY K 157 30.19 35.27 9.47
N LYS K 158 30.40 36.14 10.45
CA LYS K 158 29.45 36.40 11.54
C LYS K 158 28.08 36.85 11.00
N ARG K 159 28.12 37.81 10.07
CA ARG K 159 26.92 38.44 9.50
C ARG K 159 26.13 37.47 8.62
N SER K 160 26.83 36.54 7.98
CA SER K 160 26.21 35.51 7.15
C SER K 160 25.39 34.51 7.97
N ILE K 161 25.94 34.06 9.10
CA ILE K 161 25.20 33.24 10.05
C ILE K 161 23.95 33.97 10.54
N LEU K 162 24.12 35.23 10.93
CA LEU K 162 23.01 36.08 11.37
C LEU K 162 21.86 36.14 10.35
N ALA K 163 22.21 36.28 9.08
CA ALA K 163 21.23 36.30 8.01
C ALA K 163 20.38 35.03 8.04
N ALA K 164 21.05 33.88 8.16
CA ALA K 164 20.39 32.58 8.22
C ALA K 164 19.61 32.36 9.50
N ALA K 165 20.20 32.72 10.65
CA ALA K 165 19.51 32.65 11.93
C ALA K 165 18.14 33.31 11.86
N HIS K 166 18.13 34.52 11.29
CA HIS K 166 16.92 35.32 11.10
C HIS K 166 15.84 34.62 10.24
N ARG K 167 16.18 34.28 8.99
CA ARG K 167 15.19 33.73 8.05
C ARG K 167 14.86 32.25 8.26
N ASP K 168 15.88 31.44 8.47
CA ASP K 168 15.70 30.00 8.71
C ASP K 168 15.16 29.77 10.11
N ALA K 169 14.04 29.05 10.18
CA ALA K 169 13.39 28.75 11.46
C ALA K 169 14.22 27.78 12.31
N TYR K 170 15.03 26.96 11.64
CA TYR K 170 15.83 25.93 12.31
C TYR K 170 17.29 26.36 12.48
N SER K 171 17.54 27.66 12.39
CA SER K 171 18.84 28.24 12.71
C SER K 171 18.69 29.36 13.73
N GLY K 172 19.68 29.47 14.62
CA GLY K 172 19.70 30.55 15.59
C GLY K 172 20.50 30.22 16.83
N GLY K 173 20.16 30.91 17.92
CA GLY K 173 20.86 30.78 19.19
C GLY K 173 21.97 31.80 19.25
N SER K 174 23.18 31.36 18.91
CA SER K 174 24.36 32.23 18.92
C SER K 174 25.31 31.87 17.79
N VAL K 175 26.31 32.73 17.59
CA VAL K 175 27.31 32.52 16.54
C VAL K 175 28.66 32.22 17.17
N ASN K 176 29.32 31.16 16.68
CA ASN K 176 30.68 30.85 17.09
C ASN K 176 31.66 31.07 15.95
N LEU K 177 32.67 31.91 16.20
CA LEU K 177 33.64 32.30 15.18
C LEU K 177 35.03 31.73 15.40
N TYR K 178 35.67 31.35 14.30
CA TYR K 178 37.03 30.85 14.29
C TYR K 178 37.83 31.44 13.13
N HIS K 179 39.13 31.58 13.35
CA HIS K 179 40.06 32.02 12.31
C HIS K 179 41.23 31.05 12.28
N VAL K 180 41.46 30.43 11.12
CA VAL K 180 42.57 29.49 10.94
C VAL K 180 43.74 30.20 10.26
N THR K 181 44.90 30.20 10.92
CA THR K 181 46.09 30.86 10.40
C THR K 181 47.24 29.89 10.17
N GLU K 182 48.37 30.44 9.75
CA GLU K 182 49.63 29.73 9.65
C GLU K 182 49.99 29.04 10.97
N ASP K 183 49.54 29.64 12.08
CA ASP K 183 49.87 29.19 13.42
C ASP K 183 48.75 28.38 14.10
N GLY K 184 47.66 28.13 13.38
CA GLY K 184 46.56 27.32 13.89
C GLY K 184 45.29 28.12 14.14
N TRP K 185 44.26 27.47 14.68
CA TRP K 185 42.98 28.13 14.91
C TRP K 185 42.97 29.07 16.12
N ILE K 186 42.19 30.14 16.00
CA ILE K 186 41.97 31.10 17.08
C ILE K 186 40.46 31.26 17.24
N TYR K 187 39.98 31.10 18.47
CA TYR K 187 38.56 31.28 18.77
C TYR K 187 38.25 32.77 18.85
N HIS K 188 37.13 33.17 18.25
CA HIS K 188 36.73 34.57 18.25
C HIS K 188 35.35 34.83 18.85
N GLY K 189 34.97 33.98 19.80
CA GLY K 189 33.84 34.26 20.69
C GLY K 189 32.46 33.73 20.32
N ASN K 190 31.62 33.62 21.35
CA ASN K 190 30.21 33.25 21.22
C ASN K 190 29.36 34.52 21.14
N HIS K 191 28.65 34.70 20.03
CA HIS K 191 27.87 35.92 19.82
C HIS K 191 26.36 35.65 19.73
N ASP K 192 25.67 35.92 20.83
CA ASP K 192 24.22 35.70 20.94
C ASP K 192 23.43 36.53 19.95
N VAL K 193 22.53 35.89 19.22
CA VAL K 193 21.67 36.55 18.23
C VAL K 193 20.68 37.54 18.89
N GLY K 194 20.32 37.25 20.14
CA GLY K 194 19.43 38.12 20.91
C GLY K 194 19.91 39.55 21.07
N GLU K 195 21.24 39.74 21.06
CA GLU K 195 21.84 41.07 21.19
C GLU K 195 22.53 41.51 19.90
N LEU K 196 23.03 40.54 19.14
CA LEU K 196 23.76 40.81 17.91
C LEU K 196 22.87 41.42 16.81
N PHE K 197 21.65 40.89 16.70
CA PHE K 197 20.71 41.37 15.68
C PHE K 197 20.47 42.87 15.78
N TRP K 198 20.14 43.34 16.98
CA TRP K 198 19.84 44.74 17.23
C TRP K 198 21.08 45.64 17.13
N LYS K 199 22.23 45.07 17.49
CA LYS K 199 23.51 45.77 17.35
C LYS K 199 23.84 46.00 15.87
N VAL K 200 23.73 44.94 15.07
CA VAL K 200 23.99 45.02 13.64
C VAL K 200 22.99 45.92 12.91
N LYS K 201 21.70 45.76 13.22
CA LYS K 201 20.64 46.58 12.62
C LYS K 201 20.94 48.08 12.75
N GLU K 202 21.29 48.52 13.95
CA GLU K 202 21.54 49.93 14.24
C GLU K 202 22.81 50.45 13.54
N GLU K 203 23.90 49.72 13.71
CA GLU K 203 25.20 50.12 13.15
C GLU K 203 25.24 50.06 11.62
N GLU K 204 24.62 49.02 11.05
CA GLU K 204 24.67 48.78 9.62
C GLU K 204 23.53 49.45 8.85
N GLY K 205 22.36 49.54 9.49
CA GLY K 205 21.17 50.14 8.86
C GLY K 205 20.28 49.09 8.20
N SER K 206 20.75 47.85 8.20
CA SER K 206 20.07 46.73 7.57
C SER K 206 18.87 46.24 8.40
N PHE K 207 18.16 45.24 7.86
CA PHE K 207 17.00 44.62 8.51
C PHE K 207 15.83 45.58 8.70
N ASN K 208 15.32 46.13 7.60
CA ASN K 208 14.19 47.06 7.64
C ASN K 208 12.83 46.35 7.55
N ASN K 209 12.86 45.04 7.33
CA ASN K 209 11.66 44.21 7.38
C ASN K 209 11.11 44.09 8.80
N VAL K 210 11.96 44.42 9.77
CA VAL K 210 11.67 44.24 11.18
C VAL K 210 11.20 45.54 11.83
N ILE K 211 10.15 45.45 12.64
CA ILE K 211 9.70 46.58 13.46
C ILE K 211 10.67 46.78 14.63
N GLY K 212 11.21 48.00 14.74
CA GLY K 212 12.13 48.33 15.84
C GLY K 212 13.03 49.52 15.54
N GLN L 1 1.64 -6.16 13.25
CA GLN L 1 3.05 -6.61 13.41
C GLN L 1 3.61 -6.08 14.74
N PHE L 2 4.54 -6.84 15.33
CA PHE L 2 5.08 -6.53 16.66
C PHE L 2 5.86 -5.21 16.74
N ASN L 3 5.43 -4.37 17.68
CA ASN L 3 6.07 -3.10 17.99
C ASN L 3 6.95 -3.30 19.21
N PRO L 4 8.29 -3.17 19.04
CA PRO L 4 9.22 -3.38 20.15
C PRO L 4 9.26 -2.23 21.16
N TYR L 5 8.65 -1.10 20.81
CA TYR L 5 8.62 0.06 21.69
C TYR L 5 7.27 0.31 22.34
N GLY L 6 7.30 0.98 23.49
CA GLY L 6 6.10 1.49 24.15
C GLY L 6 6.41 2.82 24.79
N ASP L 7 5.41 3.45 25.40
CA ASP L 7 5.57 4.74 26.04
C ASP L 7 5.03 4.70 27.46
N ASN L 8 5.91 4.91 28.44
CA ASN L 8 5.54 4.79 29.85
C ASN L 8 5.32 6.12 30.57
N GLY L 9 5.34 7.22 29.82
CA GLY L 9 5.01 8.53 30.35
C GLY L 9 6.08 9.06 31.28
N GLY L 10 5.64 9.84 32.27
CA GLY L 10 6.56 10.44 33.23
C GLY L 10 7.35 11.61 32.69
N THR L 11 7.92 12.40 33.60
CA THR L 11 8.75 13.55 33.26
C THR L 11 9.88 13.70 34.30
N ILE L 12 11.06 14.08 33.81
CA ILE L 12 12.23 14.24 34.67
C ILE L 12 12.81 15.65 34.53
N LEU L 13 13.54 16.10 35.54
CA LEU L 13 14.06 17.47 35.59
C LEU L 13 15.37 17.58 36.38
N GLY L 14 16.37 18.22 35.77
CA GLY L 14 17.67 18.41 36.42
C GLY L 14 18.14 19.85 36.44
N ILE L 15 18.54 20.33 37.62
CA ILE L 15 19.08 21.68 37.79
C ILE L 15 20.38 21.67 38.61
N ALA L 16 21.36 22.44 38.16
CA ALA L 16 22.64 22.55 38.83
C ALA L 16 22.84 23.92 39.49
N GLY L 17 23.35 23.91 40.71
CA GLY L 17 23.71 25.13 41.42
C GLY L 17 25.22 25.33 41.45
N GLU L 18 25.71 26.04 42.46
CA GLU L 18 27.14 26.30 42.60
C GLU L 18 27.88 25.10 43.15
N ASP L 19 27.38 24.53 44.25
CA ASP L 19 28.04 23.38 44.88
C ASP L 19 27.09 22.19 45.09
N PHE L 20 26.05 22.13 44.27
CA PHE L 20 25.07 21.05 44.33
C PHE L 20 24.39 20.87 42.98
N ALA L 21 23.72 19.72 42.82
CA ALA L 21 22.86 19.48 41.67
C ALA L 21 21.67 18.64 42.11
N VAL L 22 20.54 18.81 41.42
CA VAL L 22 19.35 18.00 41.69
C VAL L 22 18.85 17.31 40.43
N LEU L 23 18.27 16.13 40.61
CA LEU L 23 17.59 15.42 39.52
C LEU L 23 16.27 14.88 40.08
N ALA L 24 15.17 15.36 39.52
CA ALA L 24 13.83 14.99 39.98
C ALA L 24 13.06 14.25 38.89
N GLY L 25 11.99 13.56 39.29
CA GLY L 25 11.12 12.85 38.37
C GLY L 25 9.89 12.31 39.07
N ASP L 26 8.74 12.43 38.41
CA ASP L 26 7.48 11.90 38.93
C ASP L 26 7.54 10.38 39.09
N THR L 27 6.74 9.84 39.99
CA THR L 27 6.83 8.41 40.28
C THR L 27 5.77 7.59 39.54
N ARG L 28 4.93 8.27 38.77
CA ARG L 28 3.88 7.62 37.98
C ARG L 28 4.43 6.87 36.78
N ASN L 29 3.93 5.65 36.56
CA ASN L 29 4.24 4.84 35.38
C ASN L 29 2.95 4.47 34.64
N ILE L 30 2.89 4.73 33.32
CA ILE L 30 1.65 4.53 32.56
C ILE L 30 1.78 3.67 31.29
N THR L 31 0.65 3.06 30.89
CA THR L 31 0.53 2.41 29.59
C THR L 31 -0.79 2.84 28.97
N ASP L 32 -0.69 3.53 27.83
CA ASP L 32 -1.85 4.16 27.18
C ASP L 32 -2.60 5.08 28.15
N TYR L 33 -3.82 4.68 28.54
CA TYR L 33 -4.65 5.47 29.44
C TYR L 33 -4.79 4.87 30.85
N SER L 34 -4.13 3.73 31.08
CA SER L 34 -4.12 3.10 32.40
C SER L 34 -2.89 3.50 33.19
N ILE L 35 -3.01 3.44 34.52
CA ILE L 35 -1.88 3.63 35.42
C ILE L 35 -1.32 2.27 35.84
N ASN L 36 -0.01 2.09 35.69
CA ASN L 36 0.67 0.87 36.08
C ASN L 36 1.08 0.88 37.54
N SER L 37 1.67 1.99 37.96
CA SER L 37 2.11 2.19 39.34
C SER L 37 2.11 3.68 39.67
N ARG L 38 1.75 4.00 40.91
CA ARG L 38 1.76 5.38 41.38
C ARG L 38 3.12 5.74 41.97
N TYR L 39 3.90 4.70 42.29
CA TYR L 39 5.24 4.89 42.81
C TYR L 39 6.21 3.88 42.21
N GLU L 40 6.89 4.31 41.16
CA GLU L 40 7.95 3.51 40.53
C GLU L 40 9.16 4.41 40.30
N PRO L 41 10.17 4.29 41.18
CA PRO L 41 11.34 5.17 41.15
C PRO L 41 12.00 5.16 39.78
N LYS L 42 12.36 6.36 39.32
CA LYS L 42 12.80 6.56 37.95
C LYS L 42 14.17 7.22 37.90
N VAL L 43 14.56 7.85 39.01
CA VAL L 43 15.87 8.46 39.15
C VAL L 43 16.70 7.61 40.12
N PHE L 44 17.93 7.29 39.73
CA PHE L 44 18.76 6.36 40.49
C PHE L 44 20.14 6.90 40.85
N ASP L 45 20.59 6.56 42.05
CA ASP L 45 21.98 6.78 42.47
C ASP L 45 22.84 5.68 41.84
N CYS L 46 23.95 6.08 41.21
CA CYS L 46 24.79 5.14 40.45
C CYS L 46 26.21 4.97 40.99
N GLY L 47 26.46 5.50 42.18
CA GLY L 47 27.82 5.50 42.74
C GLY L 47 28.60 6.70 42.24
N ASP L 48 29.70 7.00 42.93
CA ASP L 48 30.59 8.12 42.60
C ASP L 48 29.89 9.49 42.51
N ASN L 49 28.84 9.66 43.31
CA ASN L 49 28.02 10.87 43.31
C ASN L 49 27.44 11.26 41.95
N ILE L 50 26.95 10.24 41.23
CA ILE L 50 26.27 10.44 39.96
C ILE L 50 24.86 9.90 40.11
N VAL L 51 23.89 10.76 39.80
CA VAL L 51 22.50 10.34 39.74
C VAL L 51 22.03 10.35 38.28
N MET L 52 21.15 9.41 37.94
CA MET L 52 20.77 9.18 36.55
C MET L 52 19.30 8.82 36.37
N SER L 53 18.73 9.29 35.26
CA SER L 53 17.39 8.89 34.86
C SER L 53 17.29 8.82 33.34
N ALA L 54 16.59 7.81 32.85
CA ALA L 54 16.32 7.64 31.42
C ALA L 54 14.82 7.49 31.22
N ASN L 55 14.18 8.59 30.84
CA ASN L 55 12.73 8.64 30.70
C ASN L 55 12.25 8.30 29.29
N GLY L 56 11.09 7.65 29.18
CA GLY L 56 10.51 7.30 27.90
C GLY L 56 9.97 5.89 27.95
N PHE L 57 10.57 5.00 27.16
CA PHE L 57 10.27 3.57 27.22
C PHE L 57 11.05 2.98 28.39
N ALA L 58 10.33 2.60 29.44
CA ALA L 58 10.93 2.17 30.71
C ALA L 58 11.86 0.97 30.61
N ALA L 59 11.50 -0.01 29.78
CA ALA L 59 12.32 -1.20 29.59
C ALA L 59 13.70 -0.83 29.05
N ASP L 60 13.73 0.13 28.14
CA ASP L 60 14.97 0.70 27.62
C ASP L 60 15.68 1.57 28.66
N GLY L 61 14.90 2.27 29.48
CA GLY L 61 15.44 3.09 30.55
C GLY L 61 16.13 2.27 31.62
N ASP L 62 15.50 1.18 32.02
CA ASP L 62 16.04 0.30 33.06
C ASP L 62 17.24 -0.48 32.55
N ALA L 63 17.24 -0.80 31.26
CA ALA L 63 18.38 -1.46 30.63
C ALA L 63 19.62 -0.58 30.73
N LEU L 64 19.48 0.69 30.34
CA LEU L 64 20.59 1.64 30.29
C LEU L 64 21.19 1.91 31.66
N VAL L 65 20.34 2.27 32.61
CA VAL L 65 20.75 2.47 34.01
C VAL L 65 21.54 1.24 34.49
N LYS L 66 20.94 0.07 34.33
CA LYS L 66 21.57 -1.20 34.70
C LYS L 66 22.93 -1.38 34.03
N ARG L 67 22.98 -1.06 32.74
CA ARG L 67 24.21 -1.20 31.95
C ARG L 67 25.28 -0.19 32.34
N PHE L 68 24.85 1.04 32.65
CA PHE L 68 25.76 2.09 33.10
C PHE L 68 26.29 1.82 34.50
N LYS L 69 25.40 1.40 35.40
CA LYS L 69 25.79 1.05 36.77
C LYS L 69 26.88 -0.02 36.77
N ASN L 70 26.72 -0.98 35.86
CA ASN L 70 27.69 -2.05 35.68
C ASN L 70 29.01 -1.53 35.13
N SER L 71 28.91 -0.48 34.31
CA SER L 71 30.07 0.20 33.74
C SER L 71 30.89 0.89 34.82
N VAL L 72 30.21 1.54 35.76
CA VAL L 72 30.85 2.17 36.92
C VAL L 72 31.60 1.13 37.75
N LYS L 73 30.95 -0.02 37.96
CA LYS L 73 31.51 -1.14 38.72
C LYS L 73 32.81 -1.64 38.08
N TRP L 74 32.80 -1.83 36.77
CA TRP L 74 33.97 -2.33 36.06
C TRP L 74 35.09 -1.31 35.94
N TYR L 75 34.71 -0.02 35.92
CA TYR L 75 35.67 1.07 35.91
C TYR L 75 36.57 1.02 37.15
N HIS L 76 35.96 0.77 38.31
CA HIS L 76 36.70 0.58 39.57
C HIS L 76 37.63 -0.63 39.48
N PHE L 77 37.11 -1.74 38.96
CA PHE L 77 37.88 -2.97 38.76
C PHE L 77 39.08 -2.78 37.84
N ASP L 78 38.92 -1.94 36.81
CA ASP L 78 39.93 -1.79 35.77
C ASP L 78 40.94 -0.67 36.00
N HIS L 79 40.59 0.31 36.84
CA HIS L 79 41.42 1.50 37.01
C HIS L 79 41.71 1.86 38.46
N ASN L 80 42.00 0.83 39.27
CA ASN L 80 42.44 1.01 40.65
C ASN L 80 41.47 1.84 41.49
N ASP L 81 40.18 1.48 41.46
CA ASP L 81 39.12 2.14 42.24
C ASP L 81 38.97 3.65 41.99
N LYS L 82 39.38 4.12 40.83
CA LYS L 82 39.32 5.55 40.52
C LYS L 82 37.88 6.02 40.46
N LYS L 83 37.62 7.22 41.00
CA LYS L 83 36.31 7.84 40.91
C LYS L 83 36.05 8.29 39.48
N LEU L 84 34.89 7.91 38.95
CA LEU L 84 34.47 8.32 37.63
C LEU L 84 33.93 9.75 37.69
N SER L 85 34.67 10.68 37.08
CA SER L 85 34.22 12.07 36.99
C SER L 85 32.96 12.18 36.13
N ILE L 86 32.18 13.24 36.35
CA ILE L 86 30.88 13.41 35.67
C ILE L 86 31.00 13.56 34.15
N ASN L 87 32.09 14.18 33.69
CA ASN L 87 32.33 14.34 32.26
C ASN L 87 32.70 13.01 31.61
N SER L 88 33.35 12.14 32.38
CA SER L 88 33.73 10.81 31.93
C SER L 88 32.50 9.92 31.83
N ALA L 89 31.61 10.04 32.82
CA ALA L 89 30.35 9.32 32.82
C ALA L 89 29.52 9.70 31.61
N ALA L 90 29.49 11.00 31.30
CA ALA L 90 28.73 11.53 30.17
C ALA L 90 29.20 10.93 28.84
N ARG L 91 30.52 10.93 28.64
CA ARG L 91 31.13 10.40 27.42
C ARG L 91 30.90 8.89 27.30
N ASN L 92 30.99 8.19 28.43
CA ASN L 92 30.74 6.76 28.49
C ASN L 92 29.29 6.41 28.13
N ILE L 93 28.36 7.27 28.55
CA ILE L 93 26.95 7.08 28.22
C ILE L 93 26.69 7.28 26.73
N GLN L 94 27.38 8.23 26.11
CA GLN L 94 27.25 8.46 24.67
C GLN L 94 27.55 7.17 23.89
N HIS L 95 28.59 6.45 24.32
CA HIS L 95 29.01 5.23 23.66
C HIS L 95 28.06 4.07 23.90
N LEU L 96 27.41 4.07 25.06
CA LEU L 96 26.35 3.10 25.35
C LEU L 96 25.17 3.36 24.43
N LEU L 97 24.74 4.62 24.38
CA LEU L 97 23.60 5.03 23.57
C LEU L 97 23.82 4.83 22.07
N TYR L 98 24.93 5.37 21.55
CA TYR L 98 25.22 5.25 20.12
C TYR L 98 25.50 3.81 19.71
N GLY L 99 25.89 2.98 20.67
CA GLY L 99 26.09 1.54 20.46
C GLY L 99 24.85 0.82 19.97
N LYS L 100 23.71 1.50 20.05
CA LYS L 100 22.44 1.01 19.53
C LYS L 100 21.79 2.05 18.64
N ARG L 101 22.61 2.70 17.81
CA ARG L 101 22.17 3.75 16.88
C ARG L 101 21.12 3.26 15.88
N PHE L 102 21.13 1.96 15.60
CA PHE L 102 20.21 1.41 14.60
C PHE L 102 19.11 0.51 15.20
N PHE L 103 18.97 0.59 16.52
CA PHE L 103 17.84 0.01 17.27
C PHE L 103 17.88 0.71 18.63
N PRO L 104 17.55 2.01 18.66
CA PRO L 104 17.86 2.90 19.78
C PRO L 104 17.09 2.60 21.06
N TYR L 105 17.62 3.07 22.18
CA TYR L 105 16.84 3.17 23.41
C TYR L 105 15.92 4.39 23.25
N TYR L 106 14.61 4.18 23.35
CA TYR L 106 13.66 5.31 23.31
C TYR L 106 13.62 6.03 24.66
N VAL L 107 14.73 6.67 25.00
CA VAL L 107 14.83 7.41 26.26
C VAL L 107 15.46 8.78 26.09
N HIS L 108 14.93 9.75 26.83
CA HIS L 108 15.62 11.01 27.06
C HIS L 108 16.33 10.81 28.38
N THR L 109 17.64 10.96 28.39
CA THR L 109 18.43 10.67 29.57
C THR L 109 19.19 11.89 30.11
N ILE L 110 19.19 12.03 31.43
CA ILE L 110 19.87 13.12 32.12
C ILE L 110 20.69 12.56 33.29
N ILE L 111 21.92 13.03 33.42
CA ILE L 111 22.72 12.75 34.62
C ILE L 111 23.10 14.04 35.35
N ALA L 112 23.27 13.91 36.66
CA ALA L 112 23.66 15.04 37.50
C ALA L 112 24.67 14.65 38.56
N GLY L 113 25.48 15.62 38.97
CA GLY L 113 26.46 15.46 40.03
C GLY L 113 27.35 16.68 40.13
N LEU L 114 28.61 16.45 40.48
CA LEU L 114 29.59 17.53 40.58
C LEU L 114 30.75 17.26 39.65
N ASP L 115 31.27 18.32 39.04
CA ASP L 115 32.49 18.20 38.25
C ASP L 115 33.73 18.21 39.14
N GLU L 116 34.91 18.24 38.52
CA GLU L 116 36.17 18.15 39.26
C GLU L 116 36.59 19.45 39.95
N ASP L 117 35.77 20.49 39.81
CA ASP L 117 35.99 21.76 40.52
C ASP L 117 35.01 21.95 41.68
N GLY L 118 34.12 20.97 41.87
CA GLY L 118 33.14 21.00 42.93
C GLY L 118 31.83 21.68 42.54
N LYS L 119 31.78 22.25 41.34
CA LYS L 119 30.57 22.89 40.83
C LYS L 119 29.53 21.84 40.44
N GLY L 120 28.25 22.20 40.63
CA GLY L 120 27.15 21.35 40.19
C GLY L 120 27.12 21.23 38.68
N ALA L 121 26.74 20.06 38.18
CA ALA L 121 26.73 19.79 36.74
C ALA L 121 25.53 18.94 36.30
N VAL L 122 24.99 19.28 35.13
CA VAL L 122 23.91 18.53 34.50
C VAL L 122 24.24 18.25 33.04
N TYR L 123 24.19 16.98 32.67
CA TYR L 123 24.37 16.56 31.28
C TYR L 123 23.07 15.91 30.79
N SER L 124 22.69 16.23 29.56
CA SER L 124 21.47 15.66 28.98
C SER L 124 21.73 15.04 27.61
N PHE L 125 21.02 13.95 27.32
CA PHE L 125 21.33 13.08 26.20
C PHE L 125 20.20 12.93 25.19
N ASP L 126 20.60 12.67 23.95
CA ASP L 126 19.74 12.23 22.87
C ASP L 126 19.27 10.80 23.15
N PRO L 127 18.27 10.32 22.39
CA PRO L 127 18.07 8.87 22.38
C PRO L 127 19.26 8.12 21.77
N VAL L 128 19.98 8.77 20.86
CA VAL L 128 21.10 8.12 20.16
C VAL L 128 22.51 8.62 20.52
N GLY L 129 22.66 9.34 21.64
CA GLY L 129 23.98 9.63 22.20
C GLY L 129 24.53 11.05 22.14
N SER L 130 23.83 11.95 21.45
CA SER L 130 24.21 13.36 21.40
C SER L 130 24.06 13.99 22.79
N TYR L 131 25.11 14.63 23.28
CA TYR L 131 25.09 15.19 24.64
C TYR L 131 25.73 16.57 24.80
N GLU L 132 25.32 17.26 25.85
CA GLU L 132 25.75 18.62 26.13
C GLU L 132 25.61 18.91 27.63
N ARG L 133 26.56 19.63 28.20
CA ARG L 133 26.44 20.10 29.59
C ARG L 133 25.62 21.39 29.65
N GLU L 134 24.70 21.44 30.61
CA GLU L 134 23.75 22.55 30.73
C GLU L 134 23.53 22.97 32.18
N GLN L 135 22.91 24.13 32.38
CA GLN L 135 22.56 24.60 33.72
C GLN L 135 21.30 23.89 34.24
N CYS L 136 20.36 23.65 33.33
CA CYS L 136 19.13 22.93 33.65
C CYS L 136 18.55 22.25 32.41
N ARG L 137 17.74 21.23 32.64
CA ARG L 137 17.09 20.50 31.56
C ARG L 137 15.90 19.67 32.07
N ALA L 138 14.80 19.74 31.33
CA ALA L 138 13.66 18.86 31.53
C ALA L 138 13.58 17.85 30.37
N GLY L 139 13.21 16.62 30.71
CA GLY L 139 13.05 15.56 29.71
C GLY L 139 11.79 14.76 29.93
N GLY L 140 11.28 14.16 28.86
CA GLY L 140 10.09 13.33 28.96
C GLY L 140 8.82 13.97 28.43
N ALA L 141 7.69 13.51 28.93
CA ALA L 141 6.37 13.88 28.41
C ALA L 141 6.09 15.40 28.48
N ALA L 142 6.30 15.98 29.65
CA ALA L 142 6.01 17.39 29.88
C ALA L 142 7.24 18.29 29.73
N ALA L 143 8.28 17.78 29.09
CA ALA L 143 9.50 18.55 28.86
C ALA L 143 9.22 19.87 28.11
N SER L 144 8.30 19.83 27.15
CA SER L 144 7.95 21.02 26.37
C SER L 144 7.16 22.04 27.18
N LEU L 145 6.59 21.62 28.30
CA LEU L 145 5.89 22.51 29.22
C LEU L 145 6.85 23.21 30.18
N ILE L 146 7.80 22.44 30.71
CA ILE L 146 8.69 22.91 31.78
C ILE L 146 9.89 23.72 31.29
N MET L 147 10.53 23.29 30.20
CA MET L 147 11.74 23.96 29.70
C MET L 147 11.67 25.48 29.54
N PRO L 148 10.58 26.02 28.96
CA PRO L 148 10.51 27.48 28.80
C PRO L 148 10.50 28.22 30.14
N PHE L 149 9.87 27.62 31.14
CA PHE L 149 9.84 28.13 32.51
C PHE L 149 11.25 28.16 33.12
N LEU L 150 12.02 27.11 32.86
CA LEU L 150 13.40 27.02 33.32
C LEU L 150 14.32 28.00 32.63
N ASP L 151 14.05 28.28 31.34
CA ASP L 151 14.79 29.29 30.61
C ASP L 151 14.57 30.66 31.25
N ASN L 152 13.33 30.91 31.65
CA ASN L 152 12.94 32.18 32.26
C ASN L 152 13.43 32.33 33.69
N GLN L 153 13.36 31.24 34.46
CA GLN L 153 13.58 31.31 35.91
C GLN L 153 14.97 30.88 36.40
N VAL L 154 15.69 30.11 35.59
CA VAL L 154 17.06 29.70 35.94
C VAL L 154 18.08 30.54 35.17
N ASN L 155 17.87 30.70 33.87
CA ASN L 155 18.80 31.45 33.03
C ASN L 155 18.37 32.91 32.79
N PHE L 156 17.24 33.28 33.40
CA PHE L 156 16.70 34.65 33.36
C PHE L 156 16.44 35.21 31.96
N LYS L 157 16.11 34.33 31.02
CA LYS L 157 15.88 34.72 29.62
C LYS L 157 14.68 35.65 29.49
N ASN L 158 14.80 36.62 28.57
CA ASN L 158 13.75 37.63 28.30
C ASN L 158 13.48 38.62 29.44
N GLN L 159 14.23 38.47 30.54
CA GLN L 159 14.12 39.38 31.68
C GLN L 159 15.17 40.48 31.60
N TYR L 160 14.73 41.73 31.72
CA TYR L 160 15.62 42.89 31.70
C TYR L 160 15.60 43.66 33.01
N GLU L 161 16.61 44.49 33.21
CA GLU L 161 16.68 45.40 34.34
C GLU L 161 15.68 46.53 34.15
N PRO L 162 14.74 46.71 35.11
CA PRO L 162 13.73 47.75 34.97
C PRO L 162 14.35 49.13 34.83
N GLY L 163 13.83 49.93 33.89
CA GLY L 163 14.27 51.32 33.73
C GLY L 163 15.47 51.51 32.84
N THR L 164 16.09 50.42 32.39
CA THR L 164 17.26 50.49 31.50
C THR L 164 16.88 50.50 30.01
N ASN L 165 15.57 50.59 29.74
CA ASN L 165 15.03 50.58 28.37
C ASN L 165 15.26 49.26 27.63
N GLY L 166 15.37 48.17 28.40
CA GLY L 166 15.69 46.85 27.85
C GLY L 166 17.07 46.80 27.25
N LYS L 167 18.01 47.55 27.83
CA LYS L 167 19.39 47.61 27.36
C LYS L 167 20.31 46.74 28.19
N VAL L 168 20.03 46.67 29.49
CA VAL L 168 20.82 45.84 30.40
C VAL L 168 20.00 44.62 30.82
N LYS L 169 20.55 43.43 30.56
CA LYS L 169 19.91 42.17 30.93
C LYS L 169 20.00 41.92 32.44
N LYS L 170 19.11 41.06 32.93
CA LYS L 170 19.19 40.59 34.31
C LYS L 170 20.41 39.67 34.46
N PRO L 171 21.35 40.04 35.36
CA PRO L 171 22.59 39.28 35.52
C PRO L 171 22.34 37.83 35.95
N LEU L 172 23.14 36.93 35.42
CA LEU L 172 23.08 35.50 35.77
C LEU L 172 23.58 35.28 37.19
N LYS L 173 22.90 34.39 37.91
CA LYS L 173 23.27 34.02 39.28
C LYS L 173 22.96 32.56 39.57
N TYR L 174 23.78 31.95 40.44
CA TYR L 174 23.48 30.63 40.98
C TYR L 174 22.26 30.70 41.88
N LEU L 175 21.59 29.56 42.08
CA LEU L 175 20.43 29.50 42.94
C LEU L 175 20.70 28.66 44.18
N SER L 176 20.03 29.00 45.29
CA SER L 176 20.10 28.22 46.52
C SER L 176 19.48 26.85 46.30
N VAL L 177 19.84 25.88 47.14
CA VAL L 177 19.19 24.57 47.12
C VAL L 177 17.70 24.71 47.49
N GLU L 178 17.41 25.65 48.40
CA GLU L 178 16.05 25.96 48.82
C GLU L 178 15.25 26.58 47.67
N GLU L 179 15.87 27.49 46.92
CA GLU L 179 15.21 28.16 45.81
C GLU L 179 15.03 27.23 44.60
N VAL L 180 15.95 26.29 44.44
CA VAL L 180 15.88 25.29 43.36
C VAL L 180 14.73 24.30 43.60
N ILE L 181 14.60 23.81 44.83
CA ILE L 181 13.51 22.89 45.19
C ILE L 181 12.14 23.51 44.89
N LYS L 182 11.99 24.80 45.19
CA LYS L 182 10.74 25.51 44.93
C LYS L 182 10.33 25.45 43.46
N LEU L 183 11.28 25.73 42.58
CA LEU L 183 11.04 25.69 41.14
C LEU L 183 10.70 24.27 40.68
N VAL L 184 11.43 23.29 41.19
CA VAL L 184 11.18 21.88 40.90
C VAL L 184 9.75 21.49 41.28
N ARG L 185 9.36 21.82 42.52
CA ARG L 185 8.03 21.48 43.04
C ARG L 185 6.90 22.18 42.29
N ASP L 186 7.14 23.41 41.85
CA ASP L 186 6.16 24.16 41.08
C ASP L 186 6.07 23.68 39.63
N SER L 187 7.21 23.36 39.03
CA SER L 187 7.24 22.83 37.67
C SER L 187 6.41 21.56 37.55
N PHE L 188 6.52 20.70 38.56
CA PHE L 188 5.84 19.41 38.56
C PHE L 188 4.35 19.50 38.86
N THR L 189 3.96 20.43 39.73
CA THR L 189 2.54 20.66 40.01
C THR L 189 1.86 21.33 38.81
N SER L 190 2.62 22.14 38.07
CA SER L 190 2.12 22.76 36.85
C SER L 190 1.96 21.75 35.72
N ALA L 191 2.89 20.80 35.65
CA ALA L 191 2.83 19.74 34.64
C ALA L 191 1.72 18.72 34.93
N THR L 192 1.49 18.46 36.22
CA THR L 192 0.43 17.54 36.65
C THR L 192 -0.95 18.09 36.27
N GLU L 193 -1.07 19.42 36.28
CA GLU L 193 -2.32 20.12 35.91
C GLU L 193 -2.68 19.96 34.43
N ARG L 194 -1.66 19.98 33.56
CA ARG L 194 -1.89 20.04 32.12
C ARG L 194 -1.45 18.82 31.32
N HIS L 195 -0.65 17.95 31.90
CA HIS L 195 -0.28 16.70 31.24
C HIS L 195 -0.88 15.48 31.95
N ILE L 196 -1.54 14.61 31.18
CA ILE L 196 -2.26 13.47 31.74
C ILE L 196 -1.35 12.32 32.19
N GLN L 197 -0.11 12.32 31.71
CA GLN L 197 0.86 11.27 32.06
C GLN L 197 1.71 11.63 33.29
N VAL L 198 1.50 12.83 33.82
CA VAL L 198 2.29 13.33 34.96
C VAL L 198 1.42 13.47 36.22
N GLY L 199 1.88 12.87 37.32
CA GLY L 199 1.19 12.97 38.61
C GLY L 199 1.65 12.00 39.68
N ASP L 200 0.76 11.76 40.65
CA ASP L 200 0.96 10.79 41.76
C ASP L 200 1.97 11.20 42.83
N GLY L 201 3.24 11.31 42.44
CA GLY L 201 4.30 11.66 43.39
C GLY L 201 5.52 12.26 42.71
N LEU L 202 6.25 13.07 43.48
CA LEU L 202 7.51 13.64 43.03
C LEU L 202 8.65 13.16 43.91
N GLU L 203 9.73 12.69 43.28
CA GLU L 203 10.91 12.24 44.00
C GLU L 203 12.15 12.98 43.50
N ILE L 204 12.81 13.69 44.40
CA ILE L 204 13.98 14.51 44.07
C ILE L 204 15.24 13.97 44.76
N LEU L 205 16.31 13.84 43.98
CA LEU L 205 17.61 13.45 44.51
C LEU L 205 18.57 14.64 44.47
N ILE L 206 19.14 14.97 45.63
CA ILE L 206 20.05 16.12 45.77
C ILE L 206 21.46 15.61 45.97
N VAL L 207 22.40 16.19 45.22
CA VAL L 207 23.79 15.76 45.23
C VAL L 207 24.71 16.87 45.70
N THR L 208 25.30 16.68 46.88
CA THR L 208 26.30 17.60 47.42
C THR L 208 27.62 16.84 47.53
N LYS L 209 28.65 17.48 48.08
CA LYS L 209 29.94 16.82 48.31
C LYS L 209 29.86 15.76 49.43
N ASP L 210 28.76 15.77 50.17
CA ASP L 210 28.52 14.80 51.24
C ASP L 210 27.73 13.56 50.78
N GLY L 211 27.29 13.56 49.52
CA GLY L 211 26.60 12.40 48.96
C GLY L 211 25.23 12.69 48.40
N VAL L 212 24.38 11.67 48.38
CA VAL L 212 23.07 11.72 47.73
C VAL L 212 21.92 11.70 48.74
N ARG L 213 21.14 12.77 48.74
CA ARG L 213 19.99 12.94 49.64
C ARG L 213 18.68 12.86 48.86
N LYS L 214 17.63 12.35 49.49
CA LYS L 214 16.32 12.19 48.83
C LYS L 214 15.20 13.03 49.47
N GLU L 215 14.26 13.48 48.64
CA GLU L 215 13.04 14.14 49.10
C GLU L 215 11.84 13.68 48.27
N PHE L 216 10.70 13.52 48.94
CA PHE L 216 9.48 13.04 48.30
C PHE L 216 8.30 13.95 48.59
N TYR L 217 7.52 14.25 47.55
CA TYR L 217 6.32 15.08 47.69
C TYR L 217 5.15 14.51 46.90
N GLU L 218 3.96 14.53 47.50
CA GLU L 218 2.74 14.06 46.87
C GLU L 218 2.35 14.96 45.70
N LEU L 219 1.84 14.34 44.64
CA LEU L 219 1.24 15.06 43.51
C LEU L 219 -0.22 14.61 43.30
N LYS L 220 -0.96 15.39 42.52
CA LYS L 220 -2.37 15.05 42.24
C LYS L 220 -2.49 13.72 41.50
N ARG L 221 -3.52 12.96 41.84
CA ARG L 221 -3.61 11.57 41.41
C ARG L 221 -4.63 11.31 40.28
N ASP L 222 -5.28 12.37 39.81
CA ASP L 222 -6.25 12.24 38.71
C ASP L 222 -5.60 12.14 37.32
N THR M 1 8.56 -11.78 15.96
CA THR M 1 7.49 -11.44 14.98
C THR M 1 6.51 -12.61 14.93
N GLN M 2 5.42 -12.47 15.68
CA GLN M 2 4.45 -13.55 15.85
C GLN M 2 3.08 -13.01 16.23
N GLN M 3 2.14 -13.93 16.43
CA GLN M 3 0.80 -13.58 16.87
C GLN M 3 0.34 -14.63 17.88
N PRO M 4 -0.39 -14.20 18.94
CA PRO M 4 -0.90 -15.16 19.92
C PRO M 4 -2.04 -16.02 19.34
N ILE M 5 -2.05 -17.30 19.66
CA ILE M 5 -3.07 -18.21 19.15
C ILE M 5 -4.03 -18.66 20.27
N VAL M 6 -3.54 -19.51 21.18
CA VAL M 6 -4.30 -19.89 22.35
C VAL M 6 -3.93 -18.91 23.46
N THR M 7 -4.92 -18.19 23.97
CA THR M 7 -4.66 -17.07 24.87
C THR M 7 -5.35 -17.21 26.22
N GLY M 8 -4.71 -16.69 27.25
CA GLY M 8 -5.31 -16.60 28.57
C GLY M 8 -5.58 -15.14 28.89
N THR M 9 -6.74 -14.86 29.48
CA THR M 9 -7.12 -13.48 29.79
C THR M 9 -6.45 -12.98 31.08
N SER M 10 -7.05 -11.96 31.70
CA SER M 10 -6.52 -11.28 32.88
C SER M 10 -6.01 -12.17 34.04
N VAL M 11 -4.92 -11.71 34.65
CA VAL M 11 -4.40 -12.21 35.92
C VAL M 11 -4.44 -11.03 36.88
N ILE M 12 -5.01 -11.21 38.07
CA ILE M 12 -5.06 -10.12 39.04
C ILE M 12 -4.50 -10.51 40.41
N SER M 13 -3.93 -9.53 41.11
CA SER M 13 -3.24 -9.75 42.38
C SER M 13 -3.11 -8.50 43.24
N MET M 14 -2.96 -8.70 44.53
CA MET M 14 -2.66 -7.63 45.49
C MET M 14 -1.93 -8.18 46.71
N LYS M 15 -1.38 -7.28 47.51
CA LYS M 15 -0.75 -7.67 48.78
C LYS M 15 -1.57 -7.19 49.97
N TYR M 16 -1.51 -7.96 51.06
CA TYR M 16 -2.17 -7.62 52.31
C TYR M 16 -1.12 -7.53 53.41
N ASP M 17 -1.55 -7.49 54.67
CA ASP M 17 -0.64 -7.29 55.81
C ASP M 17 0.55 -8.25 55.86
N ASN M 18 0.28 -9.54 55.68
CA ASN M 18 1.30 -10.59 55.86
C ASN M 18 1.88 -11.17 54.58
N GLY M 19 1.09 -11.20 53.51
CA GLY M 19 1.53 -11.80 52.26
C GLY M 19 0.86 -11.25 51.00
N VAL M 20 0.71 -12.12 50.00
CA VAL M 20 0.14 -11.73 48.71
C VAL M 20 -0.92 -12.71 48.21
N ILE M 21 -1.84 -12.20 47.37
CA ILE M 21 -2.87 -13.03 46.74
C ILE M 21 -2.82 -12.85 45.22
N ILE M 22 -3.13 -13.93 44.49
CA ILE M 22 -3.10 -13.92 43.02
C ILE M 22 -4.16 -14.88 42.45
N ALA M 23 -4.82 -14.46 41.37
CA ALA M 23 -5.85 -15.29 40.73
C ALA M 23 -5.92 -15.16 39.21
N ALA M 24 -6.37 -16.22 38.55
CA ALA M 24 -6.58 -16.26 37.10
C ALA M 24 -7.54 -17.39 36.75
N ASP M 25 -8.43 -17.16 35.79
CA ASP M 25 -9.39 -18.19 35.39
C ASP M 25 -8.79 -19.34 34.59
N ASN M 26 -9.56 -20.41 34.44
CA ASN M 26 -9.07 -21.67 33.87
C ASN M 26 -9.28 -21.78 32.36
N LEU M 27 -9.36 -20.65 31.68
CA LEU M 27 -9.70 -20.63 30.26
C LEU M 27 -8.51 -20.44 29.35
N GLY M 28 -8.53 -21.16 28.22
CA GLY M 28 -7.62 -20.93 27.12
C GLY M 28 -8.47 -20.69 25.88
N SER M 29 -8.54 -19.43 25.47
CA SER M 29 -9.37 -19.03 24.35
C SER M 29 -8.60 -19.15 23.04
N TYR M 30 -9.34 -19.33 21.95
CA TYR M 30 -8.78 -19.43 20.61
C TYR M 30 -9.55 -18.46 19.75
N GLY M 31 -9.07 -17.22 19.70
CA GLY M 31 -9.83 -16.14 19.10
C GLY M 31 -11.04 -15.89 19.99
N SER M 32 -12.23 -16.08 19.42
CA SER M 32 -13.47 -15.91 20.17
C SER M 32 -14.09 -17.25 20.58
N LEU M 33 -13.42 -18.34 20.23
CA LEU M 33 -13.84 -19.68 20.65
C LEU M 33 -13.21 -20.00 22.00
N LEU M 34 -14.05 -20.29 22.99
CA LEU M 34 -13.61 -20.60 24.34
C LEU M 34 -13.19 -22.08 24.41
N ARG M 35 -12.04 -22.39 23.84
CA ARG M 35 -11.60 -23.76 23.56
C ARG M 35 -11.38 -24.67 24.77
N PHE M 36 -10.42 -24.31 25.61
CA PHE M 36 -10.00 -25.18 26.70
C PHE M 36 -10.40 -24.61 28.05
N ASN M 37 -10.98 -25.46 28.88
CA ASN M 37 -11.50 -25.03 30.18
C ASN M 37 -10.75 -25.58 31.39
N GLY M 38 -9.77 -26.44 31.17
CA GLY M 38 -9.02 -27.02 32.26
C GLY M 38 -7.59 -26.51 32.28
N VAL M 39 -7.43 -25.21 32.11
CA VAL M 39 -6.11 -24.59 31.95
C VAL M 39 -5.65 -23.89 33.22
N GLU M 40 -4.63 -24.45 33.86
CA GLU M 40 -4.04 -23.81 35.03
C GLU M 40 -3.06 -22.74 34.60
N ARG M 41 -3.35 -21.49 34.95
CA ARG M 41 -2.51 -20.35 34.58
C ARG M 41 -1.70 -19.80 35.75
N LEU M 42 -1.81 -20.45 36.91
CA LEU M 42 -0.99 -20.09 38.07
C LEU M 42 0.08 -21.14 38.29
N ILE M 43 1.33 -20.68 38.39
CA ILE M 43 2.48 -21.57 38.45
C ILE M 43 3.20 -21.49 39.80
N PRO M 44 3.04 -22.52 40.65
CA PRO M 44 3.78 -22.58 41.91
C PRO M 44 5.25 -22.86 41.67
N VAL M 45 6.12 -22.06 42.29
CA VAL M 45 7.56 -22.29 42.27
C VAL M 45 8.09 -22.35 43.71
N GLY M 46 8.56 -23.53 44.11
CA GLY M 46 8.93 -23.75 45.50
C GLY M 46 7.70 -23.63 46.39
N ASP M 47 7.90 -23.17 47.62
CA ASP M 47 6.80 -22.98 48.56
C ASP M 47 6.54 -21.52 48.91
N ASN M 48 7.08 -20.61 48.10
CA ASN M 48 7.02 -19.18 48.42
C ASN M 48 6.69 -18.24 47.24
N THR M 49 6.49 -18.82 46.06
CA THR M 49 6.30 -18.04 44.84
C THR M 49 5.25 -18.64 43.92
N VAL M 50 4.40 -17.77 43.36
CA VAL M 50 3.45 -18.14 42.31
C VAL M 50 3.62 -17.22 41.11
N VAL M 51 3.62 -17.81 39.91
CA VAL M 51 3.76 -17.04 38.67
C VAL M 51 2.45 -17.08 37.88
N GLY M 52 1.80 -15.93 37.79
CA GLY M 52 0.58 -15.79 36.98
C GLY M 52 0.90 -15.29 35.58
N ILE M 53 0.49 -16.06 34.57
CA ILE M 53 0.80 -15.73 33.18
C ILE M 53 -0.47 -15.55 32.35
N SER M 54 -0.44 -14.57 31.45
CA SER M 54 -1.53 -14.31 30.51
C SER M 54 -0.98 -14.09 29.10
N GLY M 55 -1.84 -14.21 28.10
CA GLY M 55 -1.41 -14.15 26.72
C GLY M 55 -1.23 -15.55 26.16
N ASP M 56 -0.24 -15.70 25.29
CA ASP M 56 -0.03 -16.95 24.56
C ASP M 56 0.26 -18.14 25.48
N ILE M 57 -0.55 -19.19 25.35
CA ILE M 57 -0.49 -20.37 26.20
C ILE M 57 0.67 -21.30 25.83
N SER M 58 1.02 -21.35 24.54
CA SER M 58 2.21 -22.11 24.13
C SER M 58 3.48 -21.48 24.73
N ASP M 59 3.50 -20.15 24.78
CA ASP M 59 4.58 -19.41 25.43
C ASP M 59 4.56 -19.56 26.94
N MET M 60 3.36 -19.69 27.50
CA MET M 60 3.19 -19.95 28.93
C MET M 60 3.78 -21.31 29.30
N GLN M 61 3.46 -22.33 28.50
CA GLN M 61 3.94 -23.70 28.71
C GLN M 61 5.45 -23.80 28.61
N HIS M 62 6.04 -22.93 27.79
CA HIS M 62 7.50 -22.83 27.65
C HIS M 62 8.10 -22.19 28.91
N ILE M 63 7.49 -21.10 29.37
CA ILE M 63 7.93 -20.44 30.59
C ILE M 63 7.79 -21.39 31.77
N GLU M 64 6.72 -22.18 31.76
CA GLU M 64 6.47 -23.21 32.76
C GLU M 64 7.65 -24.18 32.88
N ARG M 65 8.20 -24.57 31.73
CA ARG M 65 9.30 -25.51 31.65
C ARG M 65 10.62 -24.88 32.12
N LEU M 66 10.76 -23.57 31.92
CA LEU M 66 11.97 -22.83 32.31
C LEU M 66 12.10 -22.79 33.83
N LEU M 67 10.97 -22.69 34.51
CA LEU M 67 10.94 -22.61 35.96
C LEU M 67 11.16 -23.97 36.60
N LYS M 68 10.70 -25.03 35.93
CA LYS M 68 11.00 -26.40 36.35
C LYS M 68 12.51 -26.62 36.36
N ASP M 69 13.18 -26.15 35.31
CA ASP M 69 14.63 -26.24 35.20
C ASP M 69 15.36 -25.37 36.20
N LEU M 70 14.84 -24.16 36.45
CA LEU M 70 15.41 -23.26 37.42
C LEU M 70 15.49 -23.93 38.80
N VAL M 71 14.44 -24.68 39.15
CA VAL M 71 14.39 -25.47 40.39
C VAL M 71 15.45 -26.57 40.37
N THR M 72 15.41 -27.43 39.35
CA THR M 72 16.37 -28.51 39.15
C THR M 72 17.81 -28.00 39.25
N GLU M 73 18.10 -26.95 38.49
CA GLU M 73 19.44 -26.35 38.44
C GLU M 73 19.89 -25.77 39.78
N ASN M 74 18.95 -25.22 40.53
CA ASN M 74 19.25 -24.62 41.84
C ASN M 74 19.65 -25.66 42.88
N ALA M 75 19.11 -26.87 42.73
CA ALA M 75 19.39 -27.97 43.66
C ALA M 75 20.77 -28.60 43.44
N TYR M 76 21.35 -28.38 42.26
CA TYR M 76 22.67 -28.90 41.90
C TYR M 76 23.79 -28.33 42.77
N ASP M 77 24.57 -29.23 43.37
CA ASP M 77 25.70 -28.89 44.25
C ASP M 77 25.34 -27.79 45.26
N ASN M 78 24.18 -27.97 45.88
CA ASN M 78 23.62 -26.99 46.81
C ASN M 78 22.88 -27.71 47.95
N PRO M 79 23.60 -27.99 49.05
CA PRO M 79 23.01 -28.68 50.20
C PRO M 79 22.00 -27.83 50.97
N LEU M 80 21.82 -26.58 50.56
CA LEU M 80 20.88 -25.66 51.22
C LEU M 80 19.78 -25.19 50.26
N ALA M 81 19.36 -26.07 49.37
CA ALA M 81 18.35 -25.76 48.35
C ALA M 81 16.93 -25.70 48.92
N ASP M 82 16.75 -26.25 50.12
CA ASP M 82 15.48 -26.19 50.83
C ASP M 82 15.54 -25.24 52.03
N ALA M 83 16.72 -24.66 52.24
CA ALA M 83 16.95 -23.73 53.35
C ALA M 83 17.33 -22.32 52.86
N GLU M 84 18.54 -21.87 53.20
CA GLU M 84 19.01 -20.50 52.90
C GLU M 84 19.17 -20.21 51.41
N GLU M 85 19.51 -21.22 50.62
CA GLU M 85 19.74 -21.03 49.20
C GLU M 85 18.59 -21.53 48.33
N ALA M 86 17.37 -21.47 48.87
CA ALA M 86 16.16 -21.75 48.10
C ALA M 86 15.84 -20.58 47.16
N LEU M 87 15.03 -20.83 46.14
CA LEU M 87 14.65 -19.78 45.20
C LEU M 87 13.74 -18.75 45.85
N GLU M 88 14.14 -17.49 45.77
CA GLU M 88 13.35 -16.35 46.23
C GLU M 88 12.50 -15.85 45.06
N PRO M 89 11.33 -15.25 45.35
CA PRO M 89 10.52 -14.63 44.30
C PRO M 89 11.30 -13.62 43.45
N SER M 90 12.13 -12.80 44.11
CA SER M 90 12.90 -11.76 43.40
C SER M 90 13.91 -12.33 42.40
N TYR M 91 14.44 -13.52 42.68
CA TYR M 91 15.35 -14.21 41.76
C TYR M 91 14.56 -14.71 40.56
N ILE M 92 13.40 -15.31 40.85
CA ILE M 92 12.51 -15.83 39.82
C ILE M 92 12.06 -14.70 38.89
N PHE M 93 11.66 -13.57 39.48
CA PHE M 93 11.26 -12.43 38.66
C PHE M 93 12.39 -11.89 37.80
N GLU M 94 13.54 -11.61 38.43
CA GLU M 94 14.67 -11.03 37.71
C GLU M 94 15.08 -11.85 36.50
N TYR M 95 15.05 -13.18 36.65
CA TYR M 95 15.35 -14.11 35.57
C TYR M 95 14.35 -13.97 34.42
N LEU M 96 13.06 -13.99 34.76
CA LEU M 96 12.02 -13.84 33.75
C LEU M 96 12.06 -12.46 33.06
N ALA M 97 12.32 -11.40 33.84
CA ALA M 97 12.43 -10.04 33.30
C ALA M 97 13.57 -9.90 32.30
N THR M 98 14.66 -10.64 32.54
CA THR M 98 15.81 -10.67 31.64
C THR M 98 15.45 -11.38 30.32
N VAL M 99 14.80 -12.53 30.43
CA VAL M 99 14.36 -13.31 29.27
C VAL M 99 13.35 -12.52 28.43
N MET M 100 12.42 -11.84 29.09
CA MET M 100 11.38 -11.07 28.39
C MET M 100 11.98 -9.92 27.58
N TYR M 101 12.91 -9.17 28.19
CA TYR M 101 13.58 -8.06 27.50
C TYR M 101 14.50 -8.53 26.37
N GLN M 102 15.12 -9.70 26.55
CA GLN M 102 16.04 -10.26 25.57
C GLN M 102 15.32 -10.73 24.31
N ARG M 103 14.14 -11.33 24.50
CA ARG M 103 13.33 -11.82 23.39
C ARG M 103 12.71 -10.68 22.57
N ARG M 104 12.31 -9.58 23.24
CA ARG M 104 11.78 -8.42 22.52
C ARG M 104 12.89 -7.72 21.73
N SER M 105 14.11 -7.78 22.25
CA SER M 105 15.26 -7.17 21.59
C SER M 105 15.75 -7.98 20.39
N LYS M 106 15.38 -9.25 20.35
CA LYS M 106 15.67 -10.13 19.23
C LYS M 106 14.52 -10.12 18.23
N MET M 107 13.53 -9.27 18.50
CA MET M 107 12.32 -9.13 17.67
C MET M 107 11.48 -10.41 17.58
N ASN M 108 11.53 -11.21 18.65
CA ASN M 108 10.80 -12.47 18.74
C ASN M 108 10.32 -12.70 20.18
N PRO M 109 9.31 -11.90 20.61
CA PRO M 109 8.91 -11.86 22.01
C PRO M 109 8.15 -13.09 22.49
N LEU M 110 8.13 -13.30 23.80
CA LEU M 110 7.21 -14.24 24.42
C LEU M 110 5.93 -13.46 24.72
N TRP M 111 4.86 -13.81 24.01
CA TRP M 111 3.64 -12.99 23.98
C TRP M 111 2.82 -13.09 25.28
N ASN M 112 3.40 -12.58 26.38
CA ASN M 112 2.79 -12.71 27.70
C ASN M 112 2.83 -11.45 28.54
N ALA M 113 1.93 -11.41 29.52
CA ALA M 113 2.03 -10.48 30.64
C ALA M 113 2.09 -11.35 31.89
N ILE M 114 3.10 -11.09 32.72
CA ILE M 114 3.42 -11.98 33.84
C ILE M 114 3.46 -11.22 35.17
N ILE M 115 2.81 -11.79 36.19
CA ILE M 115 2.87 -11.25 37.56
C ILE M 115 3.48 -12.29 38.49
N VAL M 116 4.60 -11.93 39.11
CA VAL M 116 5.26 -12.80 40.08
C VAL M 116 4.88 -12.35 41.48
N ALA M 117 4.14 -13.21 42.18
CA ALA M 117 3.75 -12.95 43.56
C ALA M 117 4.47 -13.90 44.49
N GLY M 118 4.90 -13.37 45.64
CA GLY M 118 5.56 -14.20 46.64
C GLY M 118 5.96 -13.48 47.91
N VAL M 119 6.69 -14.21 48.76
CA VAL M 119 7.22 -13.68 50.01
C VAL M 119 8.71 -14.02 50.09
N GLN M 120 9.54 -12.99 50.24
CA GLN M 120 10.99 -13.15 50.39
C GLN M 120 11.31 -13.82 51.74
N SER M 121 12.57 -14.22 51.92
CA SER M 121 13.01 -14.93 53.12
C SER M 121 12.89 -14.09 54.40
N ASN M 122 12.93 -12.77 54.26
CA ASN M 122 12.79 -11.84 55.39
C ASN M 122 11.33 -11.50 55.73
N GLY M 123 10.39 -12.12 55.02
CA GLY M 123 8.97 -11.93 55.26
C GLY M 123 8.31 -10.88 54.40
N ASP M 124 9.13 -10.11 53.68
CA ASP M 124 8.65 -9.02 52.81
C ASP M 124 7.74 -9.52 51.69
N GLN M 125 6.73 -8.71 51.38
CA GLN M 125 5.82 -8.98 50.27
C GLN M 125 6.52 -8.67 48.96
N PHE M 126 6.36 -9.56 47.98
CA PHE M 126 6.88 -9.32 46.63
C PHE M 126 5.76 -9.42 45.59
N LEU M 127 5.66 -8.39 44.76
CA LEU M 127 4.66 -8.35 43.70
C LEU M 127 5.20 -7.47 42.57
N ARG M 128 5.50 -8.10 41.44
CA ARG M 128 6.04 -7.36 40.29
C ARG M 128 5.51 -7.90 38.96
N TYR M 129 5.48 -7.00 37.97
CA TYR M 129 4.90 -7.24 36.66
C TYR M 129 5.99 -7.21 35.60
N VAL M 130 5.87 -8.07 34.61
CA VAL M 130 6.72 -8.04 33.41
C VAL M 130 5.91 -8.52 32.20
N ASN M 131 6.17 -7.95 31.03
CA ASN M 131 5.46 -8.33 29.82
C ASN M 131 6.35 -8.48 28.59
N LEU M 132 5.74 -8.77 27.45
CA LEU M 132 6.44 -9.08 26.21
C LEU M 132 7.46 -7.99 25.80
N LEU M 133 7.24 -6.77 26.27
CA LEU M 133 8.13 -5.64 25.95
C LEU M 133 9.30 -5.51 26.93
N GLY M 134 9.29 -6.33 27.98
CA GLY M 134 10.29 -6.25 29.03
C GLY M 134 10.05 -5.11 30.01
N VAL M 135 8.84 -4.55 29.96
CA VAL M 135 8.43 -3.50 30.89
C VAL M 135 8.18 -4.09 32.27
N THR M 136 8.78 -3.50 33.30
CA THR M 136 8.57 -3.97 34.67
C THR M 136 8.03 -2.86 35.57
N TYR M 137 7.11 -3.23 36.45
CA TYR M 137 6.63 -2.32 37.51
C TYR M 137 6.03 -3.06 38.71
N SER M 138 6.10 -2.42 39.87
CA SER M 138 5.45 -2.91 41.09
C SER M 138 4.42 -1.92 41.56
N SER M 139 3.35 -2.44 42.17
CA SER M 139 2.33 -1.63 42.81
C SER M 139 1.71 -2.49 43.93
N PRO M 140 1.04 -1.86 44.92
CA PRO M 140 0.28 -2.65 45.90
C PRO M 140 -0.76 -3.57 45.26
N THR M 141 -1.29 -3.15 44.11
CA THR M 141 -2.19 -3.96 43.28
C THR M 141 -1.62 -4.05 41.88
N LEU M 142 -1.76 -5.22 41.25
CA LEU M 142 -1.31 -5.44 39.89
C LEU M 142 -2.26 -6.35 39.10
N ALA M 143 -2.47 -6.03 37.83
CA ALA M 143 -3.37 -6.81 36.98
C ALA M 143 -3.01 -6.69 35.49
N THR M 144 -3.20 -7.79 34.76
CA THR M 144 -2.90 -7.84 33.33
C THR M 144 -4.19 -7.75 32.51
N GLY M 145 -4.08 -7.25 31.28
CA GLY M 145 -5.19 -7.22 30.33
C GLY M 145 -6.40 -6.42 30.79
N PHE M 146 -7.57 -7.05 30.74
CA PHE M 146 -8.81 -6.43 31.20
C PHE M 146 -8.82 -6.14 32.69
N GLY M 147 -8.03 -6.90 33.44
CA GLY M 147 -7.92 -6.69 34.89
C GLY M 147 -7.38 -5.34 35.27
N ALA M 148 -6.50 -4.79 34.42
CA ALA M 148 -5.90 -3.47 34.67
C ALA M 148 -6.91 -2.34 34.53
N HIS M 149 -8.00 -2.62 33.83
CA HIS M 149 -9.05 -1.64 33.59
C HIS M 149 -10.18 -1.71 34.62
N MET M 150 -10.47 -2.93 35.10
CA MET M 150 -11.65 -3.15 35.94
C MET M 150 -11.34 -3.64 37.36
N ALA M 151 -10.34 -4.50 37.50
CA ALA M 151 -9.97 -5.04 38.82
C ALA M 151 -9.18 -4.03 39.65
N ASN M 152 -8.13 -3.45 39.07
CA ASN M 152 -7.32 -2.43 39.75
C ASN M 152 -8.13 -1.29 40.39
N PRO M 153 -9.09 -0.68 39.65
CA PRO M 153 -9.92 0.35 40.29
C PRO M 153 -10.65 -0.12 41.55
N LEU M 154 -11.06 -1.38 41.57
CA LEU M 154 -11.76 -1.97 42.72
C LEU M 154 -10.81 -2.35 43.84
N LEU M 155 -9.62 -2.83 43.47
CA LEU M 155 -8.61 -3.24 44.43
C LEU M 155 -7.90 -2.04 45.06
N ARG M 156 -7.76 -0.97 44.29
CA ARG M 156 -7.16 0.28 44.79
C ARG M 156 -8.06 1.02 45.77
N LYS M 157 -9.34 0.65 45.81
CA LYS M 157 -10.27 1.16 46.80
C LYS M 157 -9.94 0.63 48.19
N VAL M 158 -9.42 -0.60 48.23
CA VAL M 158 -9.00 -1.24 49.47
C VAL M 158 -7.59 -0.77 49.86
N VAL M 159 -6.63 -0.97 48.96
CA VAL M 159 -5.24 -0.55 49.18
C VAL M 159 -4.81 0.53 48.19
N ASP M 160 -4.95 1.78 48.60
CA ASP M 160 -4.70 2.92 47.72
C ASP M 160 -3.22 3.31 47.69
N ARG M 161 -2.57 3.30 48.85
CA ARG M 161 -1.13 3.49 48.90
C ARG M 161 -0.44 2.40 49.75
N GLU M 162 0.88 2.53 49.92
CA GLU M 162 1.67 1.59 50.69
C GLU M 162 1.23 1.53 52.15
N SER M 163 0.87 2.67 52.73
CA SER M 163 0.48 2.75 54.14
C SER M 163 -0.84 2.03 54.45
N ASP M 164 -1.50 1.51 53.41
CA ASP M 164 -2.74 0.74 53.57
C ASP M 164 -2.48 -0.76 53.71
N ILE M 165 -1.23 -1.18 53.48
CA ILE M 165 -0.85 -2.60 53.46
C ILE M 165 -1.05 -3.32 54.82
N PRO M 166 -0.40 -2.83 55.90
CA PRO M 166 -0.55 -3.53 57.18
C PRO M 166 -1.97 -3.46 57.76
N LYS M 167 -2.84 -2.69 57.13
CA LYS M 167 -4.24 -2.54 57.56
C LYS M 167 -5.15 -3.59 56.94
N THR M 168 -4.82 -4.03 55.73
CA THR M 168 -5.63 -4.98 54.98
C THR M 168 -5.37 -6.43 55.42
N THR M 169 -6.44 -7.11 55.85
CA THR M 169 -6.34 -8.50 56.29
C THR M 169 -6.57 -9.47 55.13
N VAL M 170 -6.22 -10.74 55.36
CA VAL M 170 -6.39 -11.81 54.37
C VAL M 170 -7.86 -11.98 53.97
N GLN M 171 -8.73 -11.93 54.97
CA GLN M 171 -10.18 -12.04 54.79
C GLN M 171 -10.72 -10.94 53.87
N VAL M 172 -10.27 -9.70 54.10
CA VAL M 172 -10.65 -8.55 53.27
C VAL M 172 -10.01 -8.63 51.88
N ALA M 173 -8.73 -9.00 51.84
CA ALA M 173 -7.97 -9.09 50.60
C ALA M 173 -8.51 -10.16 49.65
N GLU M 174 -8.89 -11.32 50.20
CA GLU M 174 -9.45 -12.40 49.40
C GLU M 174 -10.85 -12.05 48.88
N GLU M 175 -11.63 -11.36 49.71
CA GLU M 175 -12.96 -10.87 49.34
C GLU M 175 -12.88 -9.93 48.13
N ALA M 176 -11.92 -9.01 48.15
CA ALA M 176 -11.72 -8.05 47.07
C ALA M 176 -11.33 -8.71 45.74
N ILE M 177 -10.55 -9.79 45.82
CA ILE M 177 -10.13 -10.55 44.64
C ILE M 177 -11.31 -11.33 44.03
N VAL M 178 -12.08 -12.00 44.89
CA VAL M 178 -13.22 -12.81 44.44
C VAL M 178 -14.31 -11.94 43.80
N ASN M 179 -14.57 -10.77 44.39
CA ASN M 179 -15.51 -9.79 43.82
C ASN M 179 -15.04 -9.31 42.44
N ALA M 180 -13.74 -9.07 42.32
CA ALA M 180 -13.14 -8.63 41.06
C ALA M 180 -13.23 -9.71 39.99
N MET M 181 -13.10 -10.98 40.39
CA MET M 181 -13.24 -12.12 39.47
C MET M 181 -14.63 -12.20 38.86
N ARG M 182 -15.65 -11.86 39.66
CA ARG M 182 -17.03 -11.80 39.18
C ARG M 182 -17.25 -10.65 38.16
N VAL M 183 -16.68 -9.48 38.47
CA VAL M 183 -16.82 -8.30 37.61
C VAL M 183 -16.21 -8.54 36.22
N LEU M 184 -15.04 -9.17 36.19
CA LEU M 184 -14.42 -9.55 34.93
C LEU M 184 -15.26 -10.60 34.19
N TYR M 185 -15.92 -11.48 34.92
CA TYR M 185 -16.80 -12.49 34.32
C TYR M 185 -18.04 -11.84 33.72
N TYR M 186 -18.53 -10.79 34.37
CA TYR M 186 -19.65 -9.99 33.85
C TYR M 186 -19.32 -9.31 32.52
N ARG M 187 -18.11 -8.77 32.39
CA ARG M 187 -17.79 -7.82 31.31
C ARG M 187 -16.69 -8.21 30.32
N ASP M 188 -15.82 -9.15 30.68
CA ASP M 188 -14.76 -9.63 29.77
C ASP M 188 -15.26 -10.82 28.97
N ALA M 189 -15.42 -10.63 27.67
CA ALA M 189 -15.99 -11.65 26.80
C ALA M 189 -15.08 -12.87 26.58
N ARG M 190 -13.84 -12.76 27.04
CA ARG M 190 -12.87 -13.86 26.94
C ARG M 190 -12.53 -14.46 28.31
N SER M 191 -13.50 -14.47 29.22
CA SER M 191 -13.28 -14.98 30.57
C SER M 191 -14.14 -16.20 30.91
N SER M 192 -13.82 -16.84 32.04
CA SER M 192 -14.49 -18.06 32.49
C SER M 192 -15.01 -17.91 33.90
N ARG M 193 -15.97 -18.76 34.26
CA ARG M 193 -16.53 -18.78 35.60
C ARG M 193 -15.58 -19.46 36.59
N ASN M 194 -14.91 -20.52 36.13
CA ASN M 194 -13.99 -21.27 36.96
C ASN M 194 -12.60 -20.67 36.97
N PHE M 195 -12.04 -20.49 38.17
CA PHE M 195 -10.72 -19.88 38.33
C PHE M 195 -9.93 -20.47 39.49
N SER M 196 -8.61 -20.24 39.46
CA SER M 196 -7.73 -20.66 40.54
C SER M 196 -7.23 -19.45 41.31
N LEU M 197 -7.10 -19.60 42.61
CA LEU M 197 -6.61 -18.53 43.47
C LEU M 197 -5.48 -19.08 44.34
N ALA M 198 -4.50 -18.23 44.63
CA ALA M 198 -3.38 -18.62 45.49
C ALA M 198 -3.01 -17.52 46.46
N ILE M 199 -2.90 -17.90 47.73
CA ILE M 199 -2.43 -17.03 48.80
C ILE M 199 -1.05 -17.49 49.24
N ILE M 200 -0.08 -16.57 49.25
CA ILE M 200 1.23 -16.83 49.82
C ILE M 200 1.38 -15.96 51.06
N ASP M 201 1.42 -16.61 52.21
CA ASP M 201 1.43 -15.95 53.52
C ASP M 201 2.77 -16.18 54.19
N LYS M 202 3.25 -15.18 54.93
CA LYS M 202 4.53 -15.29 55.63
C LYS M 202 4.46 -16.20 56.88
N ASN M 203 3.25 -16.58 57.28
CA ASN M 203 3.07 -17.48 58.42
C ASN M 203 2.55 -18.87 58.04
N THR M 204 1.53 -18.92 57.19
CA THR M 204 0.92 -20.19 56.79
C THR M 204 1.42 -20.72 55.43
N GLY M 205 2.40 -20.02 54.86
CA GLY M 205 3.04 -20.48 53.62
C GLY M 205 2.17 -20.35 52.37
N LEU M 206 2.20 -21.39 51.54
CA LEU M 206 1.49 -21.40 50.26
C LEU M 206 0.14 -22.12 50.36
N THR M 207 -0.92 -21.41 50.00
CA THR M 207 -2.26 -21.99 49.90
C THR M 207 -2.80 -21.86 48.48
N PHE M 208 -2.88 -22.98 47.78
CA PHE M 208 -3.35 -23.02 46.40
C PHE M 208 -4.77 -23.55 46.36
N LYS M 209 -5.64 -22.85 45.63
CA LYS M 209 -7.05 -23.22 45.55
C LYS M 209 -7.47 -23.43 44.10
N LYS M 210 -8.10 -24.58 43.83
CA LYS M 210 -8.54 -24.94 42.48
C LYS M 210 -10.06 -25.08 42.40
N ASN M 211 -10.58 -25.00 41.18
CA ASN M 211 -12.00 -25.22 40.88
C ASN M 211 -12.96 -24.27 41.60
N LEU M 212 -12.56 -23.01 41.73
CA LEU M 212 -13.44 -21.99 42.31
C LEU M 212 -14.41 -21.47 41.25
N GLN M 213 -15.60 -21.10 41.68
CA GLN M 213 -16.61 -20.58 40.77
C GLN M 213 -17.11 -19.20 41.20
N VAL M 214 -17.45 -18.39 40.19
CA VAL M 214 -18.11 -17.12 40.42
C VAL M 214 -19.50 -17.42 40.96
N GLU M 215 -19.83 -16.80 42.10
CA GLU M 215 -21.12 -17.03 42.76
C GLU M 215 -21.78 -15.69 43.11
N ASN M 216 -23.04 -15.77 43.54
CA ASN M 216 -23.83 -14.60 43.96
C ASN M 216 -23.96 -13.54 42.86
N MET M 217 -24.41 -13.97 41.68
CA MET M 217 -24.52 -13.08 40.54
C MET M 217 -25.88 -12.42 40.44
N LYS M 218 -25.87 -11.15 40.03
CA LYS M 218 -27.09 -10.38 39.84
C LYS M 218 -27.54 -10.41 38.38
N TRP M 219 -28.69 -11.03 38.15
CA TRP M 219 -29.25 -11.14 36.80
C TRP M 219 -30.75 -10.82 36.79
N ASP M 220 -31.37 -10.85 37.97
CA ASP M 220 -32.82 -10.67 38.10
C ASP M 220 -33.39 -9.48 37.33
N PHE M 221 -32.64 -8.38 37.31
CA PHE M 221 -33.07 -7.13 36.65
C PHE M 221 -33.19 -7.25 35.12
N ALA M 222 -32.67 -8.33 34.56
CA ALA M 222 -32.71 -8.55 33.11
C ALA M 222 -34.13 -8.75 32.58
N LYS M 223 -35.00 -9.33 33.40
CA LYS M 223 -36.39 -9.59 33.01
C LYS M 223 -37.20 -8.30 32.83
N ASP M 224 -36.74 -7.22 33.47
CA ASP M 224 -37.40 -5.92 33.42
C ASP M 224 -36.99 -5.09 32.20
N ILE M 225 -35.95 -5.52 31.51
CA ILE M 225 -35.44 -4.81 30.33
C ILE M 225 -35.98 -5.41 29.04
N LYS M 226 -36.85 -4.67 28.37
CA LYS M 226 -37.41 -5.07 27.08
C LYS M 226 -37.28 -3.98 26.02
N GLY M 227 -36.93 -4.39 24.80
CA GLY M 227 -36.69 -3.48 23.68
C GLY M 227 -35.36 -2.76 23.82
N TYR M 228 -35.20 -1.70 23.04
CA TYR M 228 -34.00 -0.86 23.10
C TYR M 228 -34.37 0.63 23.16
N GLY M 229 -35.67 0.92 23.21
CA GLY M 229 -36.16 2.29 23.24
C GLY M 229 -37.62 2.45 23.59
N THR M 230 -38.48 2.26 22.60
CA THR M 230 -39.91 2.58 22.73
C THR M 230 -40.83 1.37 22.91
N GLN M 231 -40.26 0.18 22.73
CA GLN M 231 -41.00 -1.09 22.85
C GLN M 231 -41.39 -1.38 24.30
N LYS M 232 -42.69 -1.64 24.51
CA LYS M 232 -43.27 -1.77 25.85
C LYS M 232 -43.42 -3.20 26.37
N ILE M 233 -43.32 -4.18 25.46
CA ILE M 233 -43.43 -5.61 25.83
C ILE M 233 -42.21 -6.41 25.36
N THR N 1 -10.47 -30.14 6.48
CA THR N 1 -10.53 -31.37 7.29
C THR N 1 -11.59 -31.40 8.38
N SER N 2 -12.09 -32.59 8.75
CA SER N 2 -12.64 -32.90 10.06
C SER N 2 -11.95 -34.10 10.72
N ILE N 3 -11.32 -33.87 11.87
CA ILE N 3 -10.60 -34.92 12.60
C ILE N 3 -10.97 -34.97 14.08
N MET N 4 -10.94 -36.17 14.65
CA MET N 4 -11.17 -36.36 16.10
C MET N 4 -10.54 -37.62 16.67
N ALA N 5 -10.22 -37.58 17.97
CA ALA N 5 -9.79 -38.76 18.70
C ALA N 5 -10.53 -38.87 20.03
N VAL N 6 -11.04 -40.07 20.33
CA VAL N 6 -11.84 -40.30 21.54
C VAL N 6 -11.29 -41.47 22.37
N THR N 7 -10.91 -41.19 23.62
CA THR N 7 -10.55 -42.25 24.57
C THR N 7 -11.80 -42.98 25.03
N PHE N 8 -11.68 -44.28 25.27
CA PHE N 8 -12.78 -45.06 25.80
C PHE N 8 -12.30 -46.20 26.71
N LYS N 9 -13.24 -46.88 27.33
CA LYS N 9 -12.99 -47.98 28.26
C LYS N 9 -11.76 -48.85 27.90
N ASP N 10 -11.71 -49.35 26.68
CA ASP N 10 -10.67 -50.29 26.25
C ASP N 10 -9.39 -49.63 25.71
N GLY N 11 -9.52 -48.41 25.17
CA GLY N 11 -8.38 -47.71 24.59
C GLY N 11 -8.71 -46.36 24.00
N VAL N 12 -8.53 -46.23 22.69
CA VAL N 12 -8.77 -44.96 21.98
C VAL N 12 -9.10 -45.22 20.50
N ILE N 13 -9.99 -44.39 19.94
CA ILE N 13 -10.28 -44.43 18.50
C ILE N 13 -10.03 -43.07 17.85
N LEU N 14 -9.33 -43.08 16.71
CA LEU N 14 -9.12 -41.89 15.90
C LEU N 14 -10.07 -41.92 14.71
N GLY N 15 -10.55 -40.75 14.30
CA GLY N 15 -11.46 -40.62 13.16
C GLY N 15 -11.18 -39.40 12.30
N ALA N 16 -11.51 -39.50 11.02
CA ALA N 16 -11.25 -38.43 10.04
C ALA N 16 -12.07 -38.60 8.76
N ASP N 17 -12.35 -37.49 8.09
CA ASP N 17 -12.88 -37.52 6.72
C ASP N 17 -11.73 -37.79 5.75
N SER N 18 -12.01 -37.75 4.44
CA SER N 18 -10.97 -38.09 3.45
C SER N 18 -10.82 -37.03 2.36
N ARG N 19 -11.25 -35.81 2.63
CA ARG N 19 -11.21 -34.74 1.64
C ARG N 19 -10.01 -33.81 1.83
N THR N 20 -9.26 -33.62 0.75
CA THR N 20 -8.30 -32.51 0.70
C THR N 20 -8.69 -31.60 -0.46
N THR N 21 -8.69 -30.30 -0.21
CA THR N 21 -9.06 -29.32 -1.21
C THR N 21 -7.97 -28.30 -1.48
N THR N 22 -7.99 -27.78 -2.71
CA THR N 22 -7.23 -26.60 -3.10
C THR N 22 -8.26 -25.60 -3.64
N GLY N 23 -8.71 -24.71 -2.77
CA GLY N 23 -9.80 -23.80 -3.08
C GLY N 23 -11.11 -24.54 -2.93
N ALA N 24 -11.86 -24.64 -4.02
CA ALA N 24 -13.13 -25.36 -4.02
C ALA N 24 -13.04 -26.68 -4.78
N TYR N 25 -11.85 -27.00 -5.26
CA TYR N 25 -11.61 -28.25 -5.99
C TYR N 25 -11.08 -29.32 -5.05
N ILE N 26 -11.68 -30.50 -5.12
CA ILE N 26 -11.26 -31.63 -4.31
C ILE N 26 -10.11 -32.36 -5.02
N ALA N 27 -8.89 -32.14 -4.52
CA ALA N 27 -7.68 -32.72 -5.12
C ALA N 27 -7.56 -34.21 -4.83
N ASN N 28 -8.11 -34.63 -3.70
CA ASN N 28 -8.12 -36.01 -3.30
C ASN N 28 -9.37 -36.25 -2.44
N ARG N 29 -10.20 -37.22 -2.86
CA ARG N 29 -11.44 -37.52 -2.14
C ARG N 29 -11.34 -38.76 -1.25
N VAL N 30 -10.16 -39.40 -1.26
CA VAL N 30 -9.94 -40.63 -0.51
C VAL N 30 -8.66 -40.58 0.35
N THR N 31 -8.33 -39.38 0.82
CA THR N 31 -7.13 -39.14 1.63
C THR N 31 -7.13 -39.92 2.94
N ASP N 32 -5.98 -40.48 3.29
CA ASP N 32 -5.77 -41.08 4.60
C ASP N 32 -5.09 -40.07 5.52
N LYS N 33 -5.88 -39.45 6.40
CA LYS N 33 -5.40 -38.43 7.32
C LYS N 33 -4.98 -39.00 8.66
N LEU N 34 -5.21 -40.30 8.85
CA LEU N 34 -4.80 -41.01 10.07
C LEU N 34 -3.43 -41.63 9.85
N THR N 35 -2.44 -41.12 10.57
CA THR N 35 -1.03 -41.44 10.30
C THR N 35 -0.32 -42.13 11.48
N ARG N 36 0.33 -43.25 11.18
CA ARG N 36 1.11 -44.01 12.15
C ARG N 36 2.45 -43.33 12.40
N VAL N 37 2.80 -43.16 13.67
CA VAL N 37 4.13 -42.69 14.04
C VAL N 37 4.89 -43.74 14.85
N HIS N 38 4.14 -44.70 15.37
CA HIS N 38 4.67 -45.89 16.04
C HIS N 38 3.58 -46.97 16.03
N ASP N 39 3.93 -48.19 16.47
CA ASP N 39 3.00 -49.32 16.51
C ASP N 39 1.61 -48.97 17.03
N LYS N 40 1.56 -48.36 18.22
CA LYS N 40 0.29 -48.01 18.84
C LYS N 40 0.17 -46.52 19.18
N ILE N 41 0.89 -45.68 18.44
CA ILE N 41 0.71 -44.23 18.52
C ILE N 41 0.43 -43.68 17.13
N TRP N 42 -0.70 -43.01 16.98
CA TRP N 42 -1.13 -42.46 15.70
C TRP N 42 -1.48 -40.99 15.86
N CYS N 43 -1.58 -40.27 14.74
CA CYS N 43 -1.97 -38.87 14.77
C CYS N 43 -3.06 -38.54 13.76
N CYS N 44 -3.77 -37.45 14.01
CA CYS N 44 -4.73 -36.89 13.08
C CYS N 44 -4.16 -35.59 12.52
N ARG N 45 -4.13 -35.48 11.20
CA ARG N 45 -3.52 -34.32 10.55
C ARG N 45 -4.56 -33.33 10.00
N SER N 46 -4.41 -32.07 10.41
CA SER N 46 -5.17 -30.95 9.83
C SER N 46 -4.24 -29.76 9.63
N GLY N 47 -4.58 -28.92 8.63
CA GLY N 47 -3.73 -27.80 8.24
C GLY N 47 -3.14 -28.03 6.87
N SER N 48 -1.88 -27.63 6.69
CA SER N 48 -1.16 -27.87 5.44
C SER N 48 -0.71 -29.32 5.34
N ALA N 49 -1.13 -30.00 4.28
CA ALA N 49 -0.72 -31.38 4.00
C ALA N 49 0.81 -31.50 3.99
N ALA N 50 1.47 -30.65 3.20
CA ALA N 50 2.93 -30.63 3.12
C ALA N 50 3.59 -30.49 4.50
N ASP N 51 3.13 -29.52 5.28
CA ASP N 51 3.64 -29.32 6.64
C ASP N 51 3.43 -30.53 7.54
N THR N 52 2.20 -31.06 7.59
CA THR N 52 1.86 -32.15 8.52
C THR N 52 2.51 -33.49 8.15
N GLN N 53 2.71 -33.72 6.85
CA GLN N 53 3.43 -34.91 6.38
C GLN N 53 4.90 -34.82 6.77
N ALA N 54 5.52 -33.67 6.52
CA ALA N 54 6.91 -33.43 6.87
C ALA N 54 7.16 -33.59 8.38
N ILE N 55 6.23 -33.11 9.20
CA ILE N 55 6.31 -33.22 10.65
C ILE N 55 6.14 -34.67 11.11
N ALA N 56 5.11 -35.34 10.60
CA ALA N 56 4.79 -36.71 10.98
C ALA N 56 5.91 -37.68 10.60
N ASP N 57 6.59 -37.39 9.49
CA ASP N 57 7.74 -38.18 9.06
C ASP N 57 8.92 -38.04 10.02
N ILE N 58 9.19 -36.81 10.49
CA ILE N 58 10.26 -36.54 11.46
C ILE N 58 9.97 -37.18 12.82
N VAL N 59 8.71 -37.13 13.25
CA VAL N 59 8.29 -37.77 14.50
C VAL N 59 8.50 -39.29 14.43
N GLN N 60 8.04 -39.91 13.35
CA GLN N 60 8.23 -41.34 13.15
C GLN N 60 9.71 -41.71 13.22
N TYR N 61 10.55 -40.91 12.57
CA TYR N 61 12.00 -41.07 12.67
C TYR N 61 12.50 -41.00 14.11
N HIS N 62 12.04 -39.99 14.86
CA HIS N 62 12.47 -39.80 16.25
C HIS N 62 12.04 -40.93 17.19
N LEU N 63 10.83 -41.44 16.97
CA LEU N 63 10.29 -42.51 17.80
C LEU N 63 10.87 -43.88 17.43
N GLU N 64 11.38 -43.98 16.20
CA GLU N 64 12.10 -45.17 15.77
C GLU N 64 13.47 -45.21 16.42
N LEU N 65 14.13 -44.05 16.48
CA LEU N 65 15.42 -43.93 17.16
C LEU N 65 15.27 -44.08 18.68
N TYR N 66 14.11 -43.69 19.21
CA TYR N 66 13.79 -43.89 20.63
C TYR N 66 13.64 -45.38 20.95
N THR N 67 12.93 -46.12 20.10
CA THR N 67 12.66 -47.55 20.28
C THR N 67 13.94 -48.38 20.26
N SER N 68 14.85 -48.04 19.34
CA SER N 68 16.15 -48.70 19.24
C SER N 68 16.93 -48.65 20.55
N GLN N 69 16.84 -47.53 21.25
CA GLN N 69 17.66 -47.27 22.43
C GLN N 69 16.94 -47.51 23.75
N TYR N 70 15.70 -47.07 23.85
CA TYR N 70 15.00 -47.04 25.14
C TYR N 70 13.70 -47.86 25.18
N GLY N 71 13.39 -48.54 24.08
CA GLY N 71 12.17 -49.34 23.98
C GLY N 71 10.97 -48.53 23.57
N THR N 72 9.78 -49.09 23.78
CA THR N 72 8.52 -48.45 23.38
C THR N 72 8.31 -47.11 24.09
N PRO N 73 8.12 -46.02 23.34
CA PRO N 73 7.83 -44.70 23.91
C PRO N 73 6.39 -44.56 24.39
N SER N 74 6.18 -43.69 25.37
CA SER N 74 4.85 -43.37 25.84
C SER N 74 4.15 -42.43 24.85
N THR N 75 2.84 -42.27 24.99
CA THR N 75 2.08 -41.37 24.12
C THR N 75 2.48 -39.92 24.42
N GLU N 76 2.72 -39.62 25.69
CA GLU N 76 3.19 -38.30 26.11
C GLU N 76 4.53 -37.92 25.45
N THR N 77 5.45 -38.87 25.36
CA THR N 77 6.72 -38.66 24.67
C THR N 77 6.47 -38.26 23.21
N ALA N 78 5.57 -38.96 22.54
CA ALA N 78 5.21 -38.68 21.15
C ALA N 78 4.61 -37.29 20.99
N ALA N 79 3.73 -36.91 21.92
CA ALA N 79 3.13 -35.59 21.95
C ALA N 79 4.19 -34.49 22.18
N SER N 80 5.20 -34.82 22.98
CA SER N 80 6.28 -33.89 23.30
C SER N 80 7.16 -33.59 22.09
N VAL N 81 7.39 -34.61 21.27
CA VAL N 81 8.20 -34.47 20.05
C VAL N 81 7.46 -33.60 19.01
N PHE N 82 6.18 -33.90 18.81
CA PHE N 82 5.30 -33.08 17.95
C PHE N 82 5.30 -31.61 18.38
N LYS N 83 5.06 -31.39 19.68
CA LYS N 83 5.04 -30.04 20.26
C LYS N 83 6.35 -29.31 20.02
N GLU N 84 7.46 -30.02 20.16
CA GLU N 84 8.78 -29.44 19.98
C GLU N 84 8.96 -28.89 18.55
N LEU N 85 8.51 -29.64 17.56
CA LEU N 85 8.60 -29.23 16.17
C LEU N 85 7.61 -28.10 15.83
N CYS N 86 6.41 -28.18 16.40
CA CYS N 86 5.35 -27.21 16.13
C CYS N 86 5.61 -25.88 16.82
N TYR N 87 6.06 -25.92 18.07
CA TYR N 87 6.33 -24.72 18.83
C TYR N 87 7.56 -23.99 18.28
N GLU N 88 8.62 -24.75 18.04
CA GLU N 88 9.89 -24.15 17.63
C GLU N 88 9.87 -23.59 16.21
N ASN N 89 9.01 -24.15 15.36
CA ASN N 89 8.86 -23.68 13.99
C ASN N 89 7.47 -23.07 13.72
N LYS N 90 6.89 -22.42 14.73
CA LYS N 90 5.52 -21.89 14.63
C LYS N 90 5.33 -20.82 13.55
N ASP N 91 6.39 -20.10 13.22
CA ASP N 91 6.34 -19.06 12.20
C ASP N 91 6.26 -19.62 10.78
N ASN N 92 6.63 -20.88 10.61
CA ASN N 92 6.73 -21.50 9.28
C ASN N 92 5.80 -22.69 9.07
N LEU N 93 4.88 -22.91 10.01
CA LEU N 93 3.99 -24.05 9.93
C LEU N 93 2.52 -23.70 10.09
N THR N 94 1.67 -24.40 9.35
CA THR N 94 0.23 -24.37 9.54
C THR N 94 -0.21 -25.81 9.78
N ALA N 95 -0.10 -26.23 11.04
CA ALA N 95 -0.38 -27.62 11.42
C ALA N 95 -1.17 -27.71 12.73
N GLY N 96 -2.29 -28.42 12.67
CA GLY N 96 -3.08 -28.75 13.85
C GLY N 96 -3.17 -30.26 13.98
N ILE N 97 -2.52 -30.81 15.00
CA ILE N 97 -2.35 -32.26 15.13
C ILE N 97 -2.99 -32.81 16.40
N ILE N 98 -3.71 -33.92 16.26
CA ILE N 98 -4.19 -34.67 17.42
C ILE N 98 -3.41 -35.98 17.54
N VAL N 99 -2.74 -36.17 18.67
CA VAL N 99 -1.96 -37.38 18.93
C VAL N 99 -2.73 -38.30 19.87
N ALA N 100 -2.94 -39.53 19.42
CA ALA N 100 -3.63 -40.54 20.22
C ALA N 100 -2.88 -41.85 20.18
N GLY N 101 -2.82 -42.53 21.33
CA GLY N 101 -2.10 -43.79 21.42
C GLY N 101 -2.52 -44.66 22.60
N TYR N 102 -2.44 -45.98 22.39
CA TYR N 102 -2.74 -46.93 23.45
C TYR N 102 -1.47 -47.41 24.13
N ASP N 103 -1.45 -47.25 25.45
CA ASP N 103 -0.39 -47.79 26.29
C ASP N 103 -1.03 -48.84 27.18
N ASP N 104 -0.24 -49.76 27.70
CA ASP N 104 -0.78 -50.79 28.59
C ASP N 104 -1.00 -50.26 30.01
N LYS N 105 -0.02 -49.51 30.50
CA LYS N 105 -0.07 -48.88 31.82
C LYS N 105 -1.06 -47.72 31.83
N ASN N 106 -1.03 -46.90 30.78
CA ASN N 106 -1.81 -45.66 30.70
C ASN N 106 -3.15 -45.77 29.98
N LYS N 107 -3.45 -46.95 29.45
CA LYS N 107 -4.63 -47.18 28.59
C LYS N 107 -4.66 -46.23 27.38
N GLY N 108 -5.81 -45.57 27.14
CA GLY N 108 -5.95 -44.66 26.00
C GLY N 108 -5.74 -43.20 26.38
N GLU N 109 -4.97 -42.49 25.55
CA GLU N 109 -4.65 -41.08 25.79
C GLU N 109 -4.75 -40.22 24.54
N VAL N 110 -5.25 -39.00 24.70
CA VAL N 110 -5.39 -38.04 23.59
C VAL N 110 -4.73 -36.70 23.93
N TYR N 111 -3.86 -36.24 23.05
CA TYR N 111 -3.21 -34.94 23.16
C TYR N 111 -3.48 -34.12 21.91
N THR N 112 -4.01 -32.91 22.09
CA THR N 112 -4.24 -32.01 20.97
C THR N 112 -3.19 -30.90 20.92
N ILE N 113 -2.76 -30.56 19.70
CA ILE N 113 -1.69 -29.58 19.47
C ILE N 113 -2.14 -28.60 18.38
N PRO N 114 -2.68 -27.43 18.77
CA PRO N 114 -3.19 -26.48 17.81
C PRO N 114 -2.09 -25.60 17.20
N LEU N 115 -2.48 -24.59 16.42
CA LEU N 115 -1.53 -23.73 15.72
C LEU N 115 -0.43 -23.15 16.60
N GLY N 116 -0.76 -22.84 17.85
CA GLY N 116 0.23 -22.28 18.78
C GLY N 116 1.51 -23.10 18.93
N GLY N 117 1.35 -24.41 19.13
CA GLY N 117 2.44 -25.28 19.56
C GLY N 117 2.20 -25.74 20.99
N SER N 118 1.06 -25.33 21.56
CA SER N 118 0.67 -25.72 22.91
C SER N 118 0.21 -27.18 22.95
N VAL N 119 0.30 -27.80 24.12
CA VAL N 119 -0.11 -29.19 24.28
C VAL N 119 -1.29 -29.25 25.25
N HIS N 120 -2.28 -30.06 24.91
CA HIS N 120 -3.46 -30.20 25.75
C HIS N 120 -3.90 -31.66 25.80
N LYS N 121 -3.81 -32.25 26.99
CA LYS N 121 -4.30 -33.60 27.24
C LYS N 121 -5.81 -33.53 27.49
N LEU N 122 -6.57 -34.34 26.77
CA LEU N 122 -8.02 -34.32 26.85
C LEU N 122 -8.64 -35.72 26.77
N PRO N 123 -9.88 -35.87 27.27
CA PRO N 123 -10.63 -37.13 27.15
C PRO N 123 -10.98 -37.42 25.69
N TYR N 124 -11.34 -36.37 24.96
CA TYR N 124 -11.52 -36.42 23.52
C TYR N 124 -11.13 -35.06 22.93
N ALA N 125 -10.82 -35.05 21.64
CA ALA N 125 -10.46 -33.81 20.94
C ALA N 125 -11.02 -33.81 19.53
N ILE N 126 -11.66 -32.70 19.16
CA ILE N 126 -12.05 -32.48 17.77
C ILE N 126 -11.21 -31.34 17.18
N ALA N 127 -10.85 -31.46 15.91
CA ALA N 127 -10.10 -30.41 15.18
C ALA N 127 -10.38 -30.42 13.67
N GLY N 128 -9.82 -29.45 12.97
CA GLY N 128 -10.12 -29.25 11.54
C GLY N 128 -11.21 -28.23 11.35
N SER N 129 -11.33 -27.72 10.13
CA SER N 129 -12.35 -26.71 9.79
C SER N 129 -13.78 -27.17 10.10
N GLY N 130 -14.05 -28.46 9.91
CA GLY N 130 -15.39 -29.01 10.13
C GLY N 130 -15.76 -29.20 11.59
N SER N 131 -14.78 -29.07 12.48
CA SER N 131 -15.00 -29.32 13.91
C SER N 131 -15.89 -28.28 14.57
N THR N 132 -15.87 -27.06 14.05
CA THR N 132 -16.62 -25.94 14.64
C THR N 132 -18.10 -26.23 14.78
N PHE N 133 -18.66 -26.96 13.81
CA PHE N 133 -20.09 -27.24 13.77
C PHE N 133 -20.54 -28.31 14.75
N ILE N 134 -19.58 -29.06 15.28
CA ILE N 134 -19.90 -30.20 16.13
C ILE N 134 -19.43 -30.04 17.59
N TYR N 135 -19.10 -28.81 17.98
CA TYR N 135 -18.77 -28.53 19.38
C TYR N 135 -19.96 -28.76 20.28
N GLY N 136 -21.14 -28.32 19.84
CA GLY N 136 -22.38 -28.55 20.56
C GLY N 136 -22.70 -30.03 20.67
N TYR N 137 -22.70 -30.73 19.54
CA TYR N 137 -23.06 -32.14 19.50
C TYR N 137 -22.15 -33.01 20.36
N CYS N 138 -20.84 -32.79 20.27
CA CYS N 138 -19.87 -33.61 20.99
C CYS N 138 -19.86 -33.37 22.49
N ASP N 139 -20.11 -32.13 22.90
CA ASP N 139 -20.15 -31.78 24.32
C ASP N 139 -21.35 -32.45 25.00
N LYS N 140 -22.46 -32.56 24.28
CA LYS N 140 -23.69 -33.10 24.85
C LYS N 140 -23.82 -34.62 24.72
N ASN N 141 -22.98 -35.23 23.89
CA ASN N 141 -23.07 -36.67 23.61
C ASN N 141 -21.91 -37.52 24.14
N PHE N 142 -20.76 -36.90 24.41
CA PHE N 142 -19.61 -37.63 24.92
C PHE N 142 -19.76 -37.99 26.40
N ARG N 143 -19.55 -39.27 26.70
CA ARG N 143 -19.50 -39.78 28.07
C ARG N 143 -18.17 -40.50 28.26
N GLU N 144 -17.72 -40.61 29.52
CA GLU N 144 -16.47 -41.29 29.80
C GLU N 144 -16.65 -42.81 29.94
N ASN N 145 -15.64 -43.55 29.49
CA ASN N 145 -15.62 -45.01 29.52
C ASN N 145 -16.76 -45.67 28.73
N MET N 146 -16.89 -45.29 27.47
CA MET N 146 -17.87 -45.89 26.57
C MET N 146 -17.31 -47.20 26.01
N SER N 147 -18.20 -48.05 25.50
CA SER N 147 -17.77 -49.29 24.83
C SER N 147 -17.22 -48.97 23.44
N LYS N 148 -16.67 -49.98 22.77
CA LYS N 148 -16.12 -49.81 21.43
C LYS N 148 -17.19 -49.40 20.41
N GLU N 149 -18.32 -50.13 20.42
CA GLU N 149 -19.43 -49.85 19.51
C GLU N 149 -20.05 -48.47 19.74
N GLU N 150 -20.17 -48.09 21.01
CA GLU N 150 -20.67 -46.77 21.41
C GLU N 150 -19.80 -45.62 20.88
N THR N 151 -18.49 -45.82 20.93
CA THR N 151 -17.51 -44.83 20.49
C THR N 151 -17.51 -44.70 18.96
N VAL N 152 -17.54 -45.84 18.27
CA VAL N 152 -17.65 -45.87 16.81
C VAL N 152 -18.90 -45.11 16.33
N ASP N 153 -20.02 -45.35 17.02
CA ASP N 153 -21.25 -44.61 16.76
C ASP N 153 -21.10 -43.11 17.01
N PHE N 154 -20.45 -42.76 18.13
CA PHE N 154 -20.23 -41.35 18.50
C PHE N 154 -19.42 -40.60 17.45
N ILE N 155 -18.31 -41.21 17.02
CA ILE N 155 -17.45 -40.62 15.99
C ILE N 155 -18.18 -40.58 14.64
N LYS N 156 -18.90 -41.65 14.32
CA LYS N 156 -19.64 -41.75 13.06
C LYS N 156 -20.65 -40.60 12.90
N HIS N 157 -21.46 -40.38 13.94
CA HIS N 157 -22.48 -39.33 13.92
C HIS N 157 -21.88 -37.92 13.88
N SER N 158 -20.84 -37.71 14.69
CA SER N 158 -20.19 -36.41 14.82
C SER N 158 -19.59 -35.97 13.49
N LEU N 159 -18.80 -36.84 12.87
CA LEU N 159 -18.12 -36.52 11.62
C LEU N 159 -19.07 -36.40 10.43
N SER N 160 -20.23 -37.08 10.52
CA SER N 160 -21.26 -36.99 9.47
C SER N 160 -21.91 -35.62 9.49
N GLN N 161 -22.04 -35.04 10.69
CA GLN N 161 -22.51 -33.67 10.84
C GLN N 161 -21.48 -32.66 10.33
N ALA N 162 -20.22 -32.86 10.72
CA ALA N 162 -19.10 -32.05 10.23
C ALA N 162 -19.04 -32.04 8.70
N ILE N 163 -19.10 -33.22 8.10
CA ILE N 163 -19.08 -33.38 6.64
C ILE N 163 -20.30 -32.72 5.97
N LYS N 164 -21.45 -32.80 6.64
CA LYS N 164 -22.70 -32.25 6.15
C LYS N 164 -22.68 -30.73 6.04
N TRP N 165 -22.01 -30.08 6.99
CA TRP N 165 -22.03 -28.63 7.06
C TRP N 165 -20.79 -27.97 6.47
N ASP N 166 -19.64 -28.60 6.64
CA ASP N 166 -18.38 -28.08 6.12
C ASP N 166 -18.10 -28.60 4.72
N GLY N 167 -17.94 -27.67 3.78
CA GLY N 167 -17.59 -28.01 2.41
C GLY N 167 -16.19 -28.56 2.27
N SER N 168 -15.32 -28.21 3.23
CA SER N 168 -13.92 -28.65 3.22
C SER N 168 -13.78 -30.10 3.65
N SER N 169 -14.84 -30.67 4.22
CA SER N 169 -14.85 -32.05 4.68
C SER N 169 -15.78 -32.89 3.83
N GLY N 170 -15.42 -34.16 3.66
CA GLY N 170 -16.24 -35.09 2.87
C GLY N 170 -15.54 -36.41 2.59
N GLY N 171 -16.13 -37.18 1.68
CA GLY N 171 -15.56 -38.46 1.25
C GLY N 171 -16.01 -39.61 2.13
N VAL N 172 -15.06 -40.47 2.50
CA VAL N 172 -15.34 -41.57 3.42
C VAL N 172 -14.94 -41.18 4.85
N ILE N 173 -15.50 -41.87 5.84
CA ILE N 173 -15.05 -41.71 7.22
C ILE N 173 -14.10 -42.85 7.57
N ARG N 174 -12.85 -42.50 7.84
CA ARG N 174 -11.85 -43.47 8.26
C ARG N 174 -11.72 -43.46 9.77
N MET N 175 -11.51 -44.64 10.34
CA MET N 175 -11.22 -44.76 11.77
C MET N 175 -10.04 -45.70 11.99
N VAL N 176 -9.40 -45.55 13.14
CA VAL N 176 -8.34 -46.46 13.59
C VAL N 176 -8.58 -46.75 15.07
N VAL N 177 -8.73 -48.03 15.40
CA VAL N 177 -8.99 -48.46 16.77
C VAL N 177 -7.70 -48.95 17.43
N LEU N 178 -7.40 -48.40 18.61
CA LEU N 178 -6.16 -48.68 19.32
C LEU N 178 -6.40 -49.27 20.70
N THR N 179 -6.19 -50.59 20.82
CA THR N 179 -6.38 -51.31 22.09
C THR N 179 -5.27 -52.34 22.33
N ALA N 180 -5.44 -53.14 23.37
CA ALA N 180 -4.51 -54.22 23.71
C ALA N 180 -4.50 -55.32 22.64
N ALA N 181 -5.62 -55.48 21.94
CA ALA N 181 -5.76 -56.47 20.88
C ALA N 181 -4.93 -56.13 19.64
N GLY N 182 -4.73 -54.83 19.41
CA GLY N 182 -3.89 -54.35 18.31
C GLY N 182 -4.44 -53.14 17.59
N VAL N 183 -4.29 -53.15 16.27
CA VAL N 183 -4.73 -52.05 15.41
C VAL N 183 -5.90 -52.51 14.54
N GLU N 184 -6.87 -51.63 14.35
CA GLU N 184 -8.04 -51.95 13.54
C GLU N 184 -8.42 -50.78 12.62
N ARG N 185 -8.41 -51.05 11.31
CA ARG N 185 -8.81 -50.06 10.30
C ARG N 185 -10.30 -50.16 10.01
N LEU N 186 -11.00 -49.04 10.14
CA LEU N 186 -12.42 -49.00 9.81
C LEU N 186 -12.70 -47.95 8.75
N ILE N 187 -13.73 -48.19 7.95
CA ILE N 187 -14.13 -47.27 6.89
C ILE N 187 -15.65 -47.27 6.73
N PHE N 188 -16.23 -46.08 6.56
CA PHE N 188 -17.67 -45.94 6.38
C PHE N 188 -17.98 -45.03 5.20
N TYR N 189 -18.83 -45.53 4.30
CA TYR N 189 -19.11 -44.87 3.03
C TYR N 189 -20.30 -43.92 3.13
N PRO N 190 -20.38 -42.92 2.23
CA PRO N 190 -21.45 -41.91 2.23
C PRO N 190 -22.87 -42.48 2.29
N ASP N 191 -23.11 -43.60 1.62
CA ASP N 191 -24.45 -44.21 1.63
C ASP N 191 -24.87 -44.74 3.01
N GLU N 192 -23.92 -44.77 3.95
CA GLU N 192 -24.19 -45.19 5.32
C GLU N 192 -24.39 -44.00 6.25
N TYR N 193 -23.41 -43.11 6.32
CA TYR N 193 -23.41 -42.05 7.33
C TYR N 193 -24.31 -40.83 7.02
N GLU N 194 -24.63 -40.60 5.75
CA GLU N 194 -25.56 -39.55 5.37
C GLU N 194 -27.00 -39.89 5.79
N GLN N 195 -27.26 -41.19 5.92
CA GLN N 195 -28.58 -41.72 6.31
C GLN N 195 -28.90 -41.41 7.78
N LEU N 196 -27.88 -41.12 8.58
CA LEU N 196 -28.05 -40.89 10.01
C LEU N 196 -28.66 -39.52 10.30
N MET O 1 -50.96 19.31 -12.46
CA MET O 1 -50.78 18.68 -11.17
C MET O 1 -49.79 19.50 -10.38
N THR O 2 -49.07 20.37 -11.07
CA THR O 2 -48.11 21.23 -10.40
C THR O 2 -48.63 22.64 -10.38
N ASP O 3 -48.14 23.41 -9.42
CA ASP O 3 -48.64 24.73 -9.17
C ASP O 3 -48.16 25.69 -10.20
N ARG O 4 -49.10 26.31 -10.89
CA ARG O 4 -48.79 27.20 -11.97
C ARG O 4 -49.02 28.64 -11.58
N TYR O 5 -49.21 28.88 -10.30
CA TYR O 5 -49.42 30.22 -9.81
C TYR O 5 -48.13 30.83 -9.33
N SER O 6 -47.32 31.28 -10.26
CA SER O 6 -46.03 31.89 -9.95
C SER O 6 -46.09 33.42 -9.98
N PHE O 7 -47.27 33.96 -10.31
CA PHE O 7 -47.51 35.39 -10.37
C PHE O 7 -48.17 35.89 -9.09
N SER O 8 -48.09 37.20 -8.85
CA SER O 8 -48.66 37.81 -7.66
C SER O 8 -50.18 37.88 -7.73
N LEU O 9 -50.82 37.57 -6.60
CA LEU O 9 -52.26 37.73 -6.47
C LEU O 9 -52.59 39.04 -5.76
N THR O 10 -51.55 39.79 -5.39
CA THR O 10 -51.68 41.14 -4.86
C THR O 10 -50.95 42.09 -5.78
N THR O 11 -51.71 43.01 -6.39
CA THR O 11 -51.17 43.96 -7.35
C THR O 11 -51.73 45.36 -7.10
N PHE O 12 -51.00 46.39 -7.53
CA PHE O 12 -51.43 47.77 -7.40
C PHE O 12 -52.60 48.07 -8.34
N SER O 13 -53.63 48.72 -7.80
CA SER O 13 -54.75 49.20 -8.61
C SER O 13 -54.47 50.64 -9.04
N PRO O 14 -55.15 51.14 -10.10
CA PRO O 14 -54.88 52.48 -10.63
C PRO O 14 -54.80 53.60 -9.58
N SER O 15 -55.49 53.43 -8.46
CA SER O 15 -55.51 54.42 -7.39
C SER O 15 -54.30 54.30 -6.46
N GLY O 16 -53.56 53.21 -6.59
CA GLY O 16 -52.37 52.96 -5.78
C GLY O 16 -52.61 52.05 -4.60
N LYS O 17 -53.87 51.66 -4.41
CA LYS O 17 -54.23 50.73 -3.33
C LYS O 17 -53.70 49.33 -3.64
N LEU O 18 -53.35 48.59 -2.59
CA LEU O 18 -53.07 47.17 -2.73
C LEU O 18 -54.29 46.42 -2.20
N GLY O 19 -55.22 46.13 -3.11
CA GLY O 19 -56.53 45.58 -2.80
C GLY O 19 -56.57 44.48 -1.77
N GLN O 20 -55.77 43.43 -1.99
CA GLN O 20 -55.76 42.27 -1.10
C GLN O 20 -55.30 42.57 0.33
N ILE O 21 -54.40 43.55 0.47
CA ILE O 21 -53.97 44.01 1.80
C ILE O 21 -55.11 44.78 2.49
N ASP O 22 -55.80 45.62 1.73
CA ASP O 22 -56.98 46.34 2.23
C ASP O 22 -58.06 45.37 2.70
N TYR O 23 -58.31 44.32 1.91
CA TYR O 23 -59.37 43.36 2.22
C TYR O 23 -59.02 42.50 3.43
N ALA O 24 -57.72 42.23 3.61
CA ALA O 24 -57.22 41.54 4.80
C ALA O 24 -57.43 42.39 6.06
N LEU O 25 -57.22 43.69 5.94
CA LEU O 25 -57.48 44.64 7.03
C LEU O 25 -58.96 44.71 7.37
N THR O 26 -59.81 44.55 6.36
CA THR O 26 -61.26 44.50 6.55
C THR O 26 -61.66 43.25 7.33
N ALA O 27 -60.93 42.16 7.11
CA ALA O 27 -61.17 40.91 7.82
C ALA O 27 -60.83 41.04 9.30
N VAL O 28 -59.72 41.74 9.58
CA VAL O 28 -59.28 42.01 10.96
C VAL O 28 -60.31 42.85 11.71
N LYS O 29 -60.96 43.78 11.00
CA LYS O 29 -62.03 44.61 11.56
C LYS O 29 -63.24 43.79 12.06
N GLN O 30 -63.48 42.63 11.43
CA GLN O 30 -64.57 41.75 11.83
C GLN O 30 -64.18 40.91 13.06
N GLY O 31 -62.87 40.73 13.23
CA GLY O 31 -62.33 39.91 14.31
C GLY O 31 -62.58 40.44 15.71
N VAL O 32 -62.49 39.56 16.69
CA VAL O 32 -62.71 39.88 18.09
C VAL O 32 -61.61 40.80 18.64
N THR O 33 -62.02 41.81 19.40
CA THR O 33 -61.12 42.81 19.98
C THR O 33 -60.02 42.19 20.84
N SER O 34 -58.79 42.58 20.56
CA SER O 34 -57.63 42.22 21.38
C SER O 34 -56.81 43.47 21.66
N LEU O 35 -56.15 43.49 22.81
CA LEU O 35 -55.44 44.70 23.25
C LEU O 35 -54.09 44.43 23.92
N GLY O 36 -53.29 45.49 24.03
CA GLY O 36 -52.02 45.46 24.73
C GLY O 36 -51.74 46.77 25.45
N ILE O 37 -51.28 46.68 26.70
CA ILE O 37 -50.84 47.85 27.47
C ILE O 37 -49.46 47.59 28.05
N LYS O 38 -48.58 48.59 27.94
CA LYS O 38 -47.23 48.52 28.48
C LYS O 38 -47.09 49.33 29.77
N ALA O 39 -46.68 48.66 30.84
CA ALA O 39 -46.39 49.30 32.12
C ALA O 39 -44.87 49.42 32.32
N THR O 40 -44.46 50.04 33.42
CA THR O 40 -43.04 50.27 33.70
C THR O 40 -42.31 48.96 34.04
N ASN O 41 -43.02 48.05 34.71
CA ASN O 41 -42.43 46.77 35.11
C ASN O 41 -43.04 45.55 34.41
N GLY O 42 -43.63 45.77 33.24
CA GLY O 42 -44.21 44.67 32.46
C GLY O 42 -45.11 45.09 31.31
N VAL O 43 -45.62 44.09 30.58
CA VAL O 43 -46.60 44.31 29.51
C VAL O 43 -47.77 43.34 29.67
N VAL O 44 -48.97 43.80 29.31
CA VAL O 44 -50.15 42.95 29.33
C VAL O 44 -50.80 42.82 27.95
N ILE O 45 -51.13 41.59 27.57
CA ILE O 45 -51.91 41.33 26.35
C ILE O 45 -53.17 40.54 26.71
N ALA O 46 -54.28 40.90 26.08
CA ALA O 46 -55.58 40.33 26.42
C ALA O 46 -56.54 40.25 25.22
N THR O 47 -57.43 39.27 25.26
CA THR O 47 -58.48 39.12 24.26
C THR O 47 -59.71 38.39 24.82
N GLU O 48 -60.80 38.41 24.07
CA GLU O 48 -62.01 37.68 24.41
C GLU O 48 -61.98 36.28 23.79
N LYS O 49 -62.32 35.27 24.58
CA LYS O 49 -62.44 33.90 24.09
C LYS O 49 -63.86 33.64 23.58
N LYS O 50 -64.19 34.25 22.44
CA LYS O 50 -65.51 34.11 21.83
C LYS O 50 -65.77 32.65 21.45
N SER O 51 -66.63 31.99 22.23
CA SER O 51 -66.92 30.57 22.03
C SER O 51 -67.91 30.37 20.87
N SER O 52 -67.57 29.44 19.97
CA SER O 52 -68.41 29.11 18.81
C SER O 52 -69.63 28.30 19.22
N SER O 53 -69.47 27.47 20.24
CA SER O 53 -70.55 26.66 20.81
C SER O 53 -70.28 26.44 22.30
N PRO O 54 -71.35 26.36 23.13
CA PRO O 54 -71.13 26.05 24.55
C PRO O 54 -70.64 24.63 24.82
N LEU O 55 -70.76 23.75 23.83
CA LEU O 55 -70.21 22.40 23.91
C LEU O 55 -68.70 22.38 23.74
N ALA O 56 -68.17 23.41 23.06
CA ALA O 56 -66.74 23.53 22.81
C ALA O 56 -65.97 23.89 24.08
N MET O 57 -64.81 23.26 24.26
CA MET O 57 -63.94 23.53 25.40
C MET O 57 -62.99 24.66 25.03
N SER O 58 -63.30 25.86 25.53
CA SER O 58 -62.56 27.07 25.19
C SER O 58 -61.13 27.09 25.75
N GLU O 59 -60.86 26.19 26.69
CA GLU O 59 -59.52 26.04 27.28
C GLU O 59 -58.52 25.48 26.27
N THR O 60 -59.02 24.65 25.33
CA THR O 60 -58.18 24.01 24.33
C THR O 60 -57.73 24.97 23.22
N LEU O 61 -58.34 26.16 23.19
CA LEU O 61 -57.98 27.16 22.18
C LEU O 61 -57.23 28.33 22.80
N SER O 62 -55.93 28.38 22.52
CA SER O 62 -55.09 29.49 22.97
C SER O 62 -55.06 30.62 21.95
N LYS O 63 -55.74 31.72 22.26
CA LYS O 63 -55.64 32.93 21.46
C LYS O 63 -54.35 33.68 21.81
N VAL O 64 -53.90 33.51 23.05
CA VAL O 64 -52.62 34.04 23.49
C VAL O 64 -51.58 32.90 23.50
N SER O 65 -50.41 33.17 22.93
CA SER O 65 -49.39 32.13 22.77
C SER O 65 -47.99 32.61 23.10
N LEU O 66 -47.22 31.72 23.73
CA LEU O 66 -45.80 31.93 24.00
C LEU O 66 -45.00 31.69 22.72
N LEU O 67 -44.14 32.64 22.38
CA LEU O 67 -43.23 32.47 21.25
C LEU O 67 -41.84 32.09 21.78
N THR O 68 -41.28 32.98 22.58
CA THR O 68 -40.08 32.68 23.37
C THR O 68 -40.45 32.82 24.85
N PRO O 69 -39.61 32.32 25.78
CA PRO O 69 -39.92 32.50 27.20
C PRO O 69 -40.03 33.97 27.66
N ASP O 70 -39.71 34.91 26.78
CA ASP O 70 -39.84 36.33 27.11
C ASP O 70 -40.76 37.08 26.15
N ILE O 71 -41.32 36.38 25.17
CA ILE O 71 -42.17 37.01 24.14
C ILE O 71 -43.50 36.28 23.96
N GLY O 72 -44.60 37.03 24.04
CA GLY O 72 -45.93 36.50 23.80
C GLY O 72 -46.64 37.19 22.64
N ALA O 73 -47.65 36.54 22.09
CA ALA O 73 -48.43 37.10 20.99
C ALA O 73 -49.93 36.90 21.16
N VAL O 74 -50.70 37.85 20.63
CA VAL O 74 -52.15 37.75 20.54
C VAL O 74 -52.57 38.35 19.19
N TYR O 75 -53.83 38.17 18.80
CA TYR O 75 -54.26 38.56 17.46
C TYR O 75 -55.71 39.04 17.36
N SER O 76 -56.04 39.60 16.20
CA SER O 76 -57.41 39.77 15.74
C SER O 76 -57.48 39.42 14.26
N GLY O 77 -58.55 38.73 13.87
CA GLY O 77 -58.72 38.33 12.48
C GLY O 77 -59.03 36.86 12.34
N MET O 78 -58.25 36.17 11.51
CA MET O 78 -58.51 34.77 11.18
C MET O 78 -57.65 33.82 12.01
N GLY O 79 -58.31 33.12 12.95
CA GLY O 79 -57.66 32.18 13.85
C GLY O 79 -56.67 31.20 13.24
N PRO O 80 -57.10 30.47 12.17
CA PRO O 80 -56.20 29.54 11.49
C PRO O 80 -54.90 30.17 11.00
N ASP O 81 -54.99 31.39 10.46
CA ASP O 81 -53.81 32.13 9.99
C ASP O 81 -52.85 32.43 11.13
N TYR O 82 -53.40 32.84 12.27
CA TYR O 82 -52.62 33.11 13.47
C TYR O 82 -51.86 31.86 13.92
N ARG O 83 -52.58 30.73 13.98
CA ARG O 83 -52.01 29.49 14.48
C ARG O 83 -50.75 29.06 13.73
N VAL O 84 -50.80 29.13 12.40
CA VAL O 84 -49.64 28.74 11.58
C VAL O 84 -48.48 29.73 11.72
N LEU O 85 -48.82 31.01 11.85
CA LEU O 85 -47.82 32.06 12.06
C LEU O 85 -47.05 31.90 13.36
N VAL O 86 -47.75 31.48 14.42
CA VAL O 86 -47.13 31.19 15.71
C VAL O 86 -46.10 30.07 15.56
N ASP O 87 -46.48 29.00 14.86
CA ASP O 87 -45.57 27.89 14.57
C ASP O 87 -44.31 28.36 13.84
N LYS O 88 -44.48 29.18 12.81
CA LYS O 88 -43.37 29.70 12.01
C LYS O 88 -42.50 30.67 12.81
N SER O 89 -43.15 31.53 13.61
CA SER O 89 -42.45 32.51 14.45
C SER O 89 -41.62 31.85 15.53
N ARG O 90 -42.13 30.75 16.08
CA ARG O 90 -41.39 29.96 17.06
C ARG O 90 -40.15 29.34 16.43
N LYS O 91 -40.31 28.80 15.22
CA LYS O 91 -39.20 28.16 14.51
C LYS O 91 -38.14 29.17 14.08
N VAL O 92 -38.59 30.31 13.55
CA VAL O 92 -37.65 31.35 13.06
C VAL O 92 -36.80 31.94 14.20
N ALA O 93 -37.36 31.95 15.42
CA ALA O 93 -36.65 32.43 16.60
C ALA O 93 -35.49 31.50 16.94
N HIS O 94 -35.63 30.23 16.56
CA HIS O 94 -34.57 29.25 16.74
C HIS O 94 -33.60 29.25 15.55
N THR O 95 -34.13 29.14 14.34
CA THR O 95 -33.30 29.02 13.12
C THR O 95 -32.50 30.28 12.78
N SER O 96 -33.09 31.45 12.98
CA SER O 96 -32.44 32.72 12.64
C SER O 96 -31.67 33.35 13.80
N TYR O 97 -31.88 32.86 15.02
CA TYR O 97 -31.26 33.50 16.17
C TYR O 97 -30.62 32.53 17.17
N LYS O 98 -31.43 31.76 17.89
CA LYS O 98 -30.94 30.94 19.00
C LYS O 98 -29.85 29.93 18.60
N ARG O 99 -29.98 29.37 17.39
CA ARG O 99 -28.99 28.41 16.88
C ARG O 99 -27.70 29.08 16.40
N ILE O 100 -27.76 30.41 16.22
CA ILE O 100 -26.59 31.19 15.81
C ILE O 100 -25.90 31.82 17.03
N TYR O 101 -26.70 32.43 17.91
CA TYR O 101 -26.18 33.27 18.99
C TYR O 101 -26.26 32.67 20.39
N GLY O 102 -27.00 31.57 20.53
CA GLY O 102 -27.11 30.87 21.81
C GLY O 102 -28.07 31.54 22.80
N GLU O 103 -28.75 32.57 22.33
CA GLU O 103 -29.75 33.28 23.13
C GLU O 103 -31.03 33.50 22.31
N TYR O 104 -32.13 33.81 22.98
CA TYR O 104 -33.40 34.13 22.32
C TYR O 104 -33.37 35.56 21.75
N PRO O 105 -34.06 35.78 20.60
CA PRO O 105 -34.03 37.07 19.92
C PRO O 105 -34.72 38.19 20.70
N PRO O 106 -34.20 39.42 20.59
CA PRO O 106 -34.88 40.57 21.18
C PRO O 106 -36.21 40.81 20.46
N THR O 107 -37.18 41.38 21.18
CA THR O 107 -38.56 41.52 20.70
C THR O 107 -38.66 42.14 19.30
N LYS O 108 -37.97 43.26 19.09
CA LYS O 108 -38.01 43.98 17.80
C LYS O 108 -37.54 43.12 16.61
N LEU O 109 -36.54 42.28 16.84
CA LEU O 109 -35.95 41.46 15.77
C LEU O 109 -36.83 40.28 15.40
N LEU O 110 -37.44 39.64 16.39
CA LEU O 110 -38.41 38.59 16.13
C LEU O 110 -39.62 39.19 15.39
N VAL O 111 -40.10 40.34 15.88
CA VAL O 111 -41.19 41.08 15.24
C VAL O 111 -40.85 41.35 13.77
N SER O 112 -39.62 41.78 13.53
CA SER O 112 -39.10 42.03 12.19
C SER O 112 -39.17 40.78 11.33
N GLU O 113 -38.86 39.63 11.94
CA GLU O 113 -38.88 38.34 11.24
C GLU O 113 -40.29 37.87 10.88
N VAL O 114 -41.24 38.08 11.81
CA VAL O 114 -42.65 37.75 11.57
C VAL O 114 -43.22 38.65 10.48
N ALA O 115 -42.89 39.93 10.56
CA ALA O 115 -43.26 40.92 9.55
C ALA O 115 -42.76 40.52 8.16
N LYS O 116 -41.56 39.96 8.10
CA LYS O 116 -40.99 39.50 6.84
C LYS O 116 -41.85 38.39 6.24
N ILE O 117 -42.32 37.46 7.09
CA ILE O 117 -43.16 36.35 6.65
C ILE O 117 -44.52 36.83 6.13
N MET O 118 -45.01 37.94 6.70
CA MET O 118 -46.26 38.52 6.28
C MET O 118 -46.13 39.38 5.01
N GLN O 119 -44.99 40.04 4.86
CA GLN O 119 -44.66 40.75 3.62
C GLN O 119 -44.61 39.79 2.44
N GLU O 120 -44.00 38.63 2.64
CA GLU O 120 -43.82 37.66 1.56
C GLU O 120 -45.13 37.17 1.00
N ALA O 121 -46.13 36.99 1.88
CA ALA O 121 -47.48 36.59 1.48
C ALA O 121 -48.21 37.72 0.75
N THR O 122 -47.56 38.88 0.73
CA THR O 122 -48.07 40.08 0.07
C THR O 122 -47.50 40.23 -1.34
N GLN O 123 -46.40 39.51 -1.61
CA GLN O 123 -45.69 39.64 -2.90
C GLN O 123 -45.43 38.32 -3.62
N SER O 124 -45.18 37.24 -2.87
CA SER O 124 -44.94 35.91 -3.45
C SER O 124 -46.05 35.47 -4.38
N GLY O 125 -45.69 34.59 -5.31
CA GLY O 125 -46.65 34.07 -6.28
C GLY O 125 -47.62 33.12 -5.63
N GLY O 126 -48.88 33.22 -6.04
CA GLY O 126 -49.91 32.25 -5.69
C GLY O 126 -50.38 32.19 -4.24
N VAL O 127 -50.26 33.31 -3.53
CA VAL O 127 -50.72 33.38 -2.13
C VAL O 127 -51.55 34.63 -1.84
N ARG O 128 -52.44 34.52 -0.85
CA ARG O 128 -53.16 35.66 -0.30
C ARG O 128 -52.47 36.16 0.98
N PRO O 129 -52.56 37.48 1.27
CA PRO O 129 -51.97 37.97 2.52
C PRO O 129 -52.59 37.31 3.74
N PHE O 130 -51.90 37.38 4.87
CA PHE O 130 -52.43 36.85 6.12
C PHE O 130 -53.54 37.76 6.63
N GLY O 131 -54.69 37.16 6.96
CA GLY O 131 -55.84 37.89 7.45
C GLY O 131 -55.83 38.13 8.95
N VAL O 132 -54.67 38.51 9.49
CA VAL O 132 -54.52 38.80 10.91
C VAL O 132 -53.70 40.05 11.19
N SER O 133 -54.01 40.70 12.30
CA SER O 133 -53.12 41.68 12.92
C SER O 133 -52.65 41.09 14.24
N LEU O 134 -51.36 41.22 14.52
CA LEU O 134 -50.78 40.67 15.74
C LEU O 134 -50.38 41.76 16.72
N LEU O 135 -50.46 41.43 18.00
CA LEU O 135 -49.86 42.26 19.03
C LEU O 135 -48.83 41.42 19.76
N ILE O 136 -47.58 41.87 19.72
CA ILE O 136 -46.46 41.14 20.30
C ILE O 136 -45.82 41.90 21.44
N ALA O 137 -45.84 41.28 22.62
CA ALA O 137 -45.28 41.86 23.83
C ALA O 137 -44.07 41.03 24.26
N GLY O 138 -43.01 41.72 24.65
CA GLY O 138 -41.78 41.03 25.04
C GLY O 138 -40.83 41.83 25.91
N HIS O 139 -39.78 41.16 26.36
CA HIS O 139 -38.71 41.78 27.14
C HIS O 139 -37.35 41.20 26.75
N ASP O 140 -36.39 42.08 26.54
CA ASP O 140 -35.00 41.66 26.35
C ASP O 140 -34.10 42.58 27.16
N GLU O 141 -32.91 42.08 27.48
CA GLU O 141 -32.00 42.74 28.43
C GLU O 141 -31.67 44.19 28.09
N PHE O 142 -31.50 44.48 26.80
CA PHE O 142 -30.98 45.78 26.37
C PHE O 142 -32.03 46.77 25.85
N ASN O 143 -33.28 46.32 25.71
CA ASN O 143 -34.37 47.18 25.27
C ASN O 143 -35.47 47.35 26.31
N GLY O 144 -35.47 46.48 27.31
CA GLY O 144 -36.51 46.44 28.33
C GLY O 144 -37.80 45.87 27.77
N PHE O 145 -38.93 46.40 28.24
CA PHE O 145 -40.24 45.94 27.80
C PHE O 145 -40.66 46.67 26.51
N SER O 146 -41.37 45.95 25.64
CA SER O 146 -41.83 46.52 24.37
C SER O 146 -43.12 45.86 23.86
N LEU O 147 -43.84 46.60 23.02
CA LEU O 147 -45.11 46.15 22.44
C LEU O 147 -45.21 46.62 20.99
N TYR O 148 -45.43 45.68 20.08
CA TYR O 148 -45.49 45.97 18.65
C TYR O 148 -46.78 45.46 18.00
N GLN O 149 -47.24 46.15 16.96
CA GLN O 149 -48.39 45.72 16.16
C GLN O 149 -47.90 45.37 14.76
N VAL O 150 -48.35 44.22 14.25
CA VAL O 150 -47.96 43.76 12.91
C VAL O 150 -49.18 43.57 12.01
N ASP O 151 -49.18 44.25 10.86
CA ASP O 151 -50.33 44.24 9.94
C ASP O 151 -50.12 43.31 8.73
N PRO O 152 -51.21 42.94 8.03
CA PRO O 152 -51.17 42.04 6.87
C PRO O 152 -50.14 42.43 5.79
N SER O 153 -49.72 43.68 5.79
CA SER O 153 -48.74 44.18 4.83
C SER O 153 -47.31 43.87 5.26
N GLY O 154 -47.13 43.62 6.56
CA GLY O 154 -45.81 43.42 7.14
C GLY O 154 -45.31 44.62 7.91
N SER O 155 -46.08 45.71 7.88
CA SER O 155 -45.74 46.91 8.65
C SER O 155 -45.83 46.63 10.14
N TYR O 156 -44.93 47.22 10.91
CA TYR O 156 -44.97 47.15 12.37
C TYR O 156 -44.64 48.49 13.02
N PHE O 157 -45.34 48.78 14.12
CA PHE O 157 -45.12 50.01 14.88
C PHE O 157 -45.13 49.70 16.37
N PRO O 158 -44.28 50.40 17.15
CA PRO O 158 -44.30 50.21 18.60
C PRO O 158 -45.42 51.03 19.27
N TRP O 159 -46.01 50.47 20.30
CA TRP O 159 -47.12 51.10 21.01
C TRP O 159 -46.87 51.21 22.51
N LYS O 160 -47.45 52.22 23.13
CA LYS O 160 -47.52 52.29 24.58
C LYS O 160 -48.70 51.43 25.03
N ALA O 161 -49.82 51.62 24.35
CA ALA O 161 -51.02 50.80 24.54
C ALA O 161 -51.88 50.93 23.29
N THR O 162 -52.49 49.81 22.86
CA THR O 162 -53.36 49.82 21.70
C THR O 162 -54.36 48.66 21.70
N ALA O 163 -55.33 48.74 20.79
CA ALA O 163 -56.27 47.66 20.56
C ALA O 163 -56.51 47.48 19.05
N ILE O 164 -56.82 46.25 18.67
CA ILE O 164 -57.21 45.92 17.29
C ILE O 164 -58.50 45.10 17.30
N GLY O 165 -59.18 45.05 16.16
CA GLY O 165 -60.43 44.30 16.04
C GLY O 165 -61.65 45.21 15.92
N LYS O 166 -62.84 44.62 16.11
CA LYS O 166 -64.11 45.34 15.93
C LYS O 166 -64.30 46.54 16.86
N GLY O 167 -63.91 46.38 18.12
CA GLY O 167 -64.11 47.40 19.13
C GLY O 167 -62.88 48.25 19.41
N SER O 168 -61.95 48.29 18.46
CA SER O 168 -60.70 49.01 18.62
C SER O 168 -60.88 50.53 18.76
N VAL O 169 -61.72 51.10 17.89
CA VAL O 169 -61.94 52.55 17.85
C VAL O 169 -62.26 53.11 19.24
N ALA O 170 -63.27 52.53 19.90
CA ALA O 170 -63.68 52.93 21.25
C ALA O 170 -62.65 52.54 22.32
N ALA O 171 -61.96 51.43 22.10
CA ALA O 171 -60.95 50.95 23.03
C ALA O 171 -59.69 51.82 23.04
N LYS O 172 -59.24 52.23 21.85
CA LYS O 172 -58.12 53.17 21.71
C LYS O 172 -58.38 54.48 22.45
N THR O 173 -59.62 54.98 22.36
CA THR O 173 -60.04 56.18 23.06
C THR O 173 -60.01 55.95 24.58
N PHE O 174 -60.54 54.81 25.00
CA PHE O 174 -60.58 54.46 26.43
C PHE O 174 -59.19 54.29 27.04
N LEU O 175 -58.22 53.88 26.22
CA LEU O 175 -56.84 53.72 26.67
C LEU O 175 -56.10 55.05 26.81
N GLU O 176 -56.31 55.95 25.85
CA GLU O 176 -55.70 57.29 25.87
C GLU O 176 -56.01 58.05 27.15
N LYS O 177 -57.25 57.91 27.63
CA LYS O 177 -57.71 58.59 28.83
C LYS O 177 -57.14 58.01 30.12
N ARG O 178 -56.68 56.77 30.08
CA ARG O 178 -56.22 56.07 31.30
C ARG O 178 -54.73 55.69 31.34
N TRP O 179 -54.04 55.82 30.21
CA TRP O 179 -52.62 55.49 30.17
C TRP O 179 -51.72 56.65 30.61
N ASN O 180 -50.75 56.33 31.45
CA ASN O 180 -49.66 57.24 31.82
C ASN O 180 -48.35 56.46 31.90
N ASP O 181 -47.22 57.17 31.80
CA ASP O 181 -45.90 56.51 31.76
C ASP O 181 -45.37 56.07 33.12
N GLU O 182 -46.23 56.08 34.14
CA GLU O 182 -45.83 55.71 35.50
C GLU O 182 -46.55 54.47 36.01
N LEU O 183 -47.39 53.88 35.16
CA LEU O 183 -48.21 52.72 35.52
C LEU O 183 -47.39 51.53 36.00
N GLU O 184 -47.90 50.86 37.02
CA GLU O 184 -47.36 49.60 37.51
C GLU O 184 -48.08 48.47 36.76
N LEU O 185 -47.52 47.26 36.79
CA LEU O 185 -48.08 46.10 36.07
C LEU O 185 -49.51 45.78 36.53
N GLU O 186 -49.74 45.76 37.83
CA GLU O 186 -51.06 45.48 38.41
C GLU O 186 -52.10 46.50 37.96
N ASP O 187 -51.68 47.75 37.82
CA ASP O 187 -52.54 48.83 37.33
C ASP O 187 -52.91 48.61 35.87
N ALA O 188 -51.97 48.08 35.09
CA ALA O 188 -52.18 47.81 33.67
C ALA O 188 -53.13 46.63 33.44
N ILE O 189 -53.09 45.64 34.33
CA ILE O 189 -54.00 44.50 34.25
C ILE O 189 -55.42 44.98 34.52
N HIS O 190 -55.57 45.83 35.53
CA HIS O 190 -56.84 46.44 35.90
C HIS O 190 -57.49 47.19 34.74
N ILE O 191 -56.71 48.06 34.09
CA ILE O 191 -57.19 48.83 32.94
C ILE O 191 -57.60 47.90 31.78
N ALA O 192 -56.78 46.86 31.55
CA ALA O 192 -57.02 45.90 30.48
C ALA O 192 -58.37 45.20 30.62
N LEU O 193 -58.74 44.87 31.86
CA LEU O 193 -60.01 44.20 32.14
C LEU O 193 -61.19 45.15 31.97
N LEU O 194 -60.98 46.43 32.29
CA LEU O 194 -62.00 47.47 32.13
C LEU O 194 -62.29 47.73 30.65
N THR O 195 -61.24 47.81 29.85
CA THR O 195 -61.35 48.07 28.42
C THR O 195 -62.11 46.95 27.73
N LEU O 196 -61.85 45.72 28.18
CA LEU O 196 -62.40 44.52 27.54
C LEU O 196 -63.87 44.30 27.88
N LYS O 197 -64.34 44.93 28.97
CA LYS O 197 -65.73 44.85 29.37
C LYS O 197 -66.65 45.63 28.43
N GLU O 198 -66.08 46.58 27.69
CA GLU O 198 -66.84 47.36 26.71
C GLU O 198 -67.03 46.61 25.39
N SER O 199 -66.22 45.56 25.18
CA SER O 199 -66.29 44.76 23.96
C SER O 199 -67.27 43.59 24.04
N VAL O 200 -67.12 42.76 25.07
CA VAL O 200 -67.91 41.54 25.20
C VAL O 200 -69.34 41.83 25.65
N GLU O 201 -70.30 41.25 24.93
CA GLU O 201 -71.73 41.42 25.26
C GLU O 201 -72.24 40.30 26.19
N GLY O 202 -71.59 39.14 26.14
CA GLY O 202 -72.00 37.98 26.93
C GLY O 202 -71.41 37.95 28.33
N GLU O 203 -71.17 36.75 28.84
CA GLU O 203 -70.59 36.55 30.16
C GLU O 203 -69.18 37.12 30.20
N PHE O 204 -68.82 37.71 31.33
CA PHE O 204 -67.50 38.31 31.51
C PHE O 204 -66.79 37.74 32.74
N ASN O 205 -66.06 36.63 32.53
CA ASN O 205 -65.34 35.94 33.59
C ASN O 205 -63.98 35.39 33.16
N GLY O 206 -63.30 34.68 34.05
CA GLY O 206 -62.00 34.10 33.76
C GLY O 206 -62.02 32.94 32.77
N ASP O 207 -63.23 32.55 32.35
CA ASP O 207 -63.40 31.45 31.40
C ASP O 207 -63.59 31.95 29.97
N THR O 208 -64.17 33.14 29.82
CA THR O 208 -64.40 33.75 28.51
C THR O 208 -63.37 34.81 28.17
N ILE O 209 -62.38 34.99 29.05
CA ILE O 209 -61.32 35.97 28.86
C ILE O 209 -59.94 35.30 28.96
N GLU O 210 -59.08 35.59 27.99
CA GLU O 210 -57.71 35.09 27.99
C GLU O 210 -56.75 36.26 28.16
N LEU O 211 -55.84 36.13 29.12
CA LEU O 211 -54.92 37.22 29.48
C LEU O 211 -53.54 36.71 29.93
N ALA O 212 -52.50 37.31 29.38
CA ALA O 212 -51.12 36.96 29.74
C ALA O 212 -50.27 38.20 29.97
N ILE O 213 -49.18 38.04 30.70
CA ILE O 213 -48.26 39.13 30.99
C ILE O 213 -46.82 38.81 30.61
N ILE O 214 -46.04 39.87 30.37
CA ILE O 214 -44.59 39.77 30.26
C ILE O 214 -44.01 40.61 31.38
N GLY O 215 -43.58 39.97 32.46
CA GLY O 215 -43.10 40.68 33.64
C GLY O 215 -41.79 40.17 34.21
N ASP O 216 -41.85 39.73 35.47
CA ASP O 216 -40.68 39.24 36.18
C ASP O 216 -40.37 37.79 35.86
N GLU O 217 -39.13 37.39 36.09
CA GLU O 217 -38.69 36.01 35.90
C GLU O 217 -39.38 35.07 36.90
N ASN O 218 -39.85 33.93 36.40
CA ASN O 218 -40.53 32.95 37.22
C ASN O 218 -39.70 31.67 37.41
N PRO O 219 -38.91 31.60 38.49
CA PRO O 219 -38.05 30.44 38.73
C PRO O 219 -38.83 29.14 38.96
N ASP O 220 -40.05 29.26 39.48
CA ASP O 220 -40.93 28.12 39.71
C ASP O 220 -41.46 27.52 38.42
N LEU O 221 -41.45 28.30 37.34
CA LEU O 221 -41.94 27.85 36.03
C LEU O 221 -40.81 27.42 35.09
N LEU O 222 -39.58 27.38 35.60
CA LEU O 222 -38.42 27.03 34.78
C LEU O 222 -38.34 25.53 34.53
N GLY O 223 -38.62 24.74 35.56
CA GLY O 223 -38.60 23.28 35.46
C GLY O 223 -37.39 22.66 36.14
N TYR O 224 -36.34 23.45 36.28
CA TYR O 224 -35.08 22.97 36.85
C TYR O 224 -34.34 24.04 37.66
N THR O 225 -33.48 23.58 38.56
CA THR O 225 -32.57 24.44 39.31
C THR O 225 -31.13 23.99 39.07
N GLY O 226 -30.20 24.93 39.11
CA GLY O 226 -28.79 24.60 38.92
C GLY O 226 -27.98 25.73 38.31
N ILE O 227 -28.41 26.22 37.16
CA ILE O 227 -27.75 27.34 36.49
C ILE O 227 -28.30 28.66 37.05
N PRO O 228 -27.44 29.45 37.70
CA PRO O 228 -27.84 30.70 38.34
C PRO O 228 -28.29 31.78 37.35
N THR O 229 -27.72 31.78 36.15
CA THR O 229 -28.05 32.77 35.12
C THR O 229 -29.34 32.43 34.35
N ASP O 230 -29.96 31.30 34.70
CA ASP O 230 -31.29 30.94 34.19
C ASP O 230 -32.32 31.09 35.32
N LYS O 231 -33.15 32.12 35.23
CA LYS O 231 -34.11 32.42 36.30
C LYS O 231 -35.58 32.28 35.91
N GLY O 232 -35.84 31.74 34.72
CA GLY O 232 -37.20 31.41 34.31
C GLY O 232 -37.83 32.38 33.32
N PRO O 233 -39.00 31.99 32.78
CA PRO O 233 -39.67 32.79 31.75
C PRO O 233 -40.36 34.04 32.31
N ARG O 234 -40.35 35.12 31.54
CA ARG O 234 -41.04 36.35 31.90
C ARG O 234 -42.48 36.36 31.36
N PHE O 235 -42.78 35.43 30.46
CA PHE O 235 -44.13 35.20 29.97
C PHE O 235 -44.89 34.37 30.99
N ARG O 236 -46.07 34.85 31.37
CA ARG O 236 -46.97 34.08 32.22
C ARG O 236 -48.39 34.31 31.77
N LYS O 237 -49.10 33.21 31.56
CA LYS O 237 -50.52 33.23 31.22
C LYS O 237 -51.33 33.08 32.51
N LEU O 238 -52.18 34.06 32.80
CA LEU O 238 -53.00 34.04 34.02
C LEU O 238 -54.09 32.99 33.99
N THR O 239 -54.29 32.32 35.12
CA THR O 239 -55.27 31.24 35.24
C THR O 239 -56.71 31.80 35.20
N SER O 240 -57.68 30.92 35.01
CA SER O 240 -59.10 31.27 35.10
C SER O 240 -59.43 31.80 36.49
N GLN O 241 -58.80 31.22 37.52
CA GLN O 241 -58.95 31.66 38.90
C GLN O 241 -58.28 33.03 39.17
N GLU O 242 -57.12 33.24 38.54
CA GLU O 242 -56.35 34.49 38.74
C GLU O 242 -57.03 35.73 38.14
N ILE O 243 -57.82 35.51 37.08
CA ILE O 243 -58.57 36.59 36.45
C ILE O 243 -59.79 36.96 37.31
N ASN O 244 -60.48 35.95 37.83
CA ASN O 244 -61.66 36.15 38.67
C ASN O 244 -61.41 36.96 39.94
N ASP O 245 -60.23 36.75 40.55
CA ASP O 245 -59.83 37.45 41.77
C ASP O 245 -59.72 38.96 41.57
N ARG O 246 -59.26 39.36 40.40
CA ARG O 246 -59.15 40.77 40.04
C ARG O 246 -60.49 41.34 39.58
N LEU O 247 -61.41 40.46 39.18
CA LEU O 247 -62.75 40.85 38.76
C LEU O 247 -63.70 41.11 39.93
N GLU O 248 -63.34 40.58 41.10
CA GLU O 248 -64.12 40.79 42.32
C GLU O 248 -63.98 42.21 42.85
N ALA O 249 -62.77 42.77 42.74
CA ALA O 249 -62.53 44.19 43.00
C ALA O 249 -62.43 44.92 41.66
N LEU O 250 -63.59 45.17 41.06
CA LEU O 250 -63.69 45.79 39.74
C LEU O 250 -64.96 46.63 39.64
N GLY P 1 -56.68 26.56 -16.69
CA GLY P 1 -55.44 26.80 -15.90
C GLY P 1 -55.44 28.10 -15.12
N SER P 2 -54.25 28.58 -14.80
CA SER P 2 -54.08 29.78 -13.98
C SER P 2 -54.08 31.08 -14.78
N ARG P 3 -54.00 30.95 -16.10
CA ARG P 3 -53.93 32.07 -17.04
C ARG P 3 -55.00 33.14 -16.79
N ARG P 4 -56.15 32.71 -16.25
CA ARG P 4 -57.32 33.55 -16.05
C ARG P 4 -57.13 34.58 -14.94
N TYR P 5 -56.28 34.25 -13.97
CA TYR P 5 -56.11 35.06 -12.76
C TYR P 5 -54.81 35.88 -12.76
N ASP P 6 -53.98 35.68 -13.79
CA ASP P 6 -52.72 36.42 -13.92
C ASP P 6 -52.98 37.86 -14.33
N SER P 7 -52.59 38.78 -13.46
CA SER P 7 -52.72 40.23 -13.73
C SER P 7 -51.76 40.71 -14.81
N ARG P 8 -50.68 39.95 -15.02
CA ARG P 8 -49.59 40.32 -15.93
C ARG P 8 -48.95 41.62 -15.47
N THR P 9 -48.16 41.53 -14.41
CA THR P 9 -47.61 42.71 -13.76
C THR P 9 -46.56 43.45 -14.58
N THR P 10 -45.90 42.74 -15.49
CA THR P 10 -44.75 43.29 -16.22
C THR P 10 -45.01 43.59 -17.70
N ILE P 11 -46.23 43.99 -18.04
CA ILE P 11 -46.54 44.32 -19.45
C ILE P 11 -46.68 45.82 -19.72
N PHE P 12 -46.46 46.21 -20.97
CA PHE P 12 -46.61 47.59 -21.41
C PHE P 12 -48.06 47.94 -21.71
N SER P 13 -48.41 49.21 -21.47
CA SER P 13 -49.67 49.77 -21.96
C SER P 13 -49.49 50.13 -23.43
N PRO P 14 -50.61 50.38 -24.16
CA PRO P 14 -50.47 50.85 -25.54
C PRO P 14 -49.63 52.12 -25.67
N GLU P 15 -49.61 52.93 -24.60
CA GLU P 15 -48.85 54.18 -24.54
C GLU P 15 -47.35 53.97 -24.38
N GLY P 16 -46.97 52.85 -23.77
CA GLY P 16 -45.57 52.51 -23.57
C GLY P 16 -45.14 52.61 -22.11
N ARG P 17 -46.10 52.89 -21.23
CA ARG P 17 -45.85 52.94 -19.80
C ARG P 17 -46.01 51.56 -19.20
N LEU P 18 -45.48 51.38 -18.00
CA LEU P 18 -45.60 50.12 -17.28
C LEU P 18 -46.63 50.24 -16.19
N TYR P 19 -47.82 49.67 -16.43
CA TYR P 19 -48.95 49.73 -15.52
C TYR P 19 -48.57 49.70 -14.04
N GLN P 20 -48.01 48.59 -13.60
CA GLN P 20 -47.71 48.37 -12.19
C GLN P 20 -46.72 49.39 -11.61
N VAL P 21 -45.72 49.77 -12.40
CA VAL P 21 -44.77 50.82 -12.02
C VAL P 21 -45.50 52.15 -11.78
N GLU P 22 -46.32 52.56 -12.73
CA GLU P 22 -47.11 53.79 -12.65
C GLU P 22 -48.00 53.82 -11.41
N TYR P 23 -48.64 52.70 -11.11
CA TYR P 23 -49.58 52.63 -10.00
C TYR P 23 -48.85 52.56 -8.65
N ALA P 24 -47.64 52.00 -8.64
CA ALA P 24 -46.80 51.96 -7.45
C ALA P 24 -46.34 53.37 -7.04
N LEU P 25 -46.06 54.20 -8.05
CA LEU P 25 -45.72 55.60 -7.84
C LEU P 25 -46.90 56.38 -7.28
N GLU P 26 -48.10 56.03 -7.73
CA GLU P 26 -49.34 56.60 -7.19
C GLU P 26 -49.49 56.25 -5.71
N SER P 27 -49.10 55.04 -5.35
CA SER P 27 -49.12 54.58 -3.96
C SER P 27 -48.18 55.40 -3.10
N ILE P 28 -46.98 55.66 -3.63
CA ILE P 28 -45.94 56.41 -2.93
C ILE P 28 -46.34 57.87 -2.71
N SER P 29 -47.12 58.42 -3.63
CA SER P 29 -47.59 59.79 -3.55
C SER P 29 -48.45 60.07 -2.31
N HIS P 30 -48.97 59.00 -1.70
CA HIS P 30 -49.77 59.13 -0.48
C HIS P 30 -48.96 58.86 0.79
N ALA P 31 -47.72 58.42 0.62
CA ALA P 31 -46.84 58.13 1.75
C ALA P 31 -46.29 59.41 2.36
N GLY P 32 -45.84 59.33 3.61
CA GLY P 32 -45.26 60.47 4.32
C GLY P 32 -44.06 61.03 3.59
N THR P 33 -43.96 62.36 3.58
CA THR P 33 -42.91 63.05 2.83
C THR P 33 -41.53 62.86 3.45
N ALA P 34 -40.54 62.66 2.60
CA ALA P 34 -39.13 62.61 3.00
C ALA P 34 -38.31 63.59 2.16
N ILE P 35 -37.40 64.31 2.82
CA ILE P 35 -36.57 65.32 2.16
C ILE P 35 -35.09 65.04 2.36
N GLY P 36 -34.30 65.25 1.30
CA GLY P 36 -32.84 65.20 1.38
C GLY P 36 -32.22 66.47 0.83
N ILE P 37 -31.29 67.05 1.57
CA ILE P 37 -30.58 68.26 1.14
C ILE P 37 -29.06 68.12 1.30
N MET P 38 -28.34 68.49 0.25
CA MET P 38 -26.88 68.47 0.27
C MET P 38 -26.29 69.86 0.53
N ALA P 39 -25.42 69.94 1.53
CA ALA P 39 -24.66 71.15 1.81
C ALA P 39 -23.23 70.97 1.31
N SER P 40 -22.39 71.97 1.55
CA SER P 40 -20.98 71.92 1.19
C SER P 40 -20.19 71.01 2.12
N ASP P 41 -20.68 70.85 3.34
CA ASP P 41 -19.98 70.08 4.38
C ASP P 41 -20.85 69.01 5.06
N GLY P 42 -21.83 68.48 4.34
CA GLY P 42 -22.70 67.43 4.88
C GLY P 42 -24.06 67.31 4.23
N ILE P 43 -24.78 66.23 4.55
CA ILE P 43 -26.11 65.98 4.00
C ILE P 43 -27.14 65.87 5.12
N VAL P 44 -28.35 66.34 4.84
CA VAL P 44 -29.47 66.29 5.77
C VAL P 44 -30.57 65.35 5.25
N LEU P 45 -31.14 64.55 6.15
CA LEU P 45 -32.31 63.74 5.86
C LEU P 45 -33.43 64.04 6.84
N ALA P 46 -34.64 64.22 6.31
CA ALA P 46 -35.81 64.54 7.11
C ALA P 46 -37.04 63.79 6.61
N ALA P 47 -37.83 63.26 7.53
CA ALA P 47 -39.00 62.47 7.16
C ALA P 47 -40.18 62.75 8.09
N GLU P 48 -41.37 62.81 7.50
CA GLU P 48 -42.60 63.06 8.25
C GLU P 48 -43.43 61.79 8.36
N ARG P 49 -43.70 61.37 9.60
CA ARG P 49 -44.62 60.26 9.87
C ARG P 49 -46.05 60.73 9.63
N LYS P 50 -46.99 59.80 9.48
CA LYS P 50 -48.39 60.19 9.31
C LYS P 50 -49.42 59.35 10.08
N VAL P 51 -50.63 59.89 10.18
CA VAL P 51 -51.78 59.31 10.93
C VAL P 51 -51.50 58.81 12.36
N THR P 52 -50.45 59.36 12.96
CA THR P 52 -49.92 58.91 14.26
C THR P 52 -50.88 59.13 15.43
N SER P 53 -50.61 58.45 16.54
CA SER P 53 -51.44 58.51 17.75
C SER P 53 -50.67 59.01 18.97
N THR P 54 -51.39 59.34 20.03
CA THR P 54 -50.81 59.76 21.31
C THR P 54 -50.08 58.60 21.97
N LEU P 55 -50.59 57.39 21.74
CA LEU P 55 -50.08 56.17 22.36
C LEU P 55 -48.96 55.49 21.55
N LEU P 56 -48.66 56.03 20.38
CA LEU P 56 -47.60 55.51 19.54
C LEU P 56 -46.24 55.86 20.13
N GLU P 57 -45.39 54.85 20.35
CA GLU P 57 -44.06 55.03 20.91
C GLU P 57 -43.12 55.65 19.88
N GLN P 58 -42.40 56.69 20.28
CA GLN P 58 -41.46 57.38 19.41
C GLN P 58 -40.01 56.97 19.70
N ASP P 59 -39.74 56.66 20.97
CA ASP P 59 -38.41 56.25 21.43
C ASP P 59 -37.80 55.11 20.60
N THR P 60 -38.40 53.93 20.69
CA THR P 60 -37.87 52.72 20.05
C THR P 60 -38.22 52.60 18.57
N SER P 61 -38.84 53.64 18.02
CA SER P 61 -39.27 53.64 16.61
C SER P 61 -38.29 54.35 15.68
N THR P 62 -37.95 53.68 14.59
CA THR P 62 -37.22 54.28 13.48
C THR P 62 -37.76 53.63 12.21
N GLU P 63 -38.86 54.18 11.71
CA GLU P 63 -39.65 53.57 10.63
C GLU P 63 -39.33 54.09 9.22
N LYS P 64 -38.74 55.28 9.15
CA LYS P 64 -38.50 55.95 7.87
C LYS P 64 -37.02 56.23 7.56
N LEU P 65 -36.17 56.19 8.58
CA LEU P 65 -34.73 56.45 8.41
C LEU P 65 -33.90 55.24 8.80
N TYR P 66 -33.15 54.72 7.84
CA TYR P 66 -32.38 53.50 8.04
C TYR P 66 -30.91 53.65 7.69
N LYS P 67 -30.07 53.08 8.54
CA LYS P 67 -28.63 53.06 8.34
C LYS P 67 -28.26 51.85 7.50
N LEU P 68 -27.60 52.08 6.37
CA LEU P 68 -27.18 50.99 5.47
C LEU P 68 -25.73 50.59 5.71
N ASN P 69 -24.96 51.55 6.20
CA ASN P 69 -23.50 51.49 6.21
C ASN P 69 -23.00 52.36 7.36
N ASP P 70 -21.69 52.50 7.47
CA ASP P 70 -21.13 53.52 8.37
C ASP P 70 -21.15 54.89 7.69
N LYS P 71 -21.33 54.88 6.37
CA LYS P 71 -21.19 56.08 5.55
C LYS P 71 -22.39 56.37 4.67
N ILE P 72 -23.36 55.46 4.64
CA ILE P 72 -24.56 55.60 3.80
C ILE P 72 -25.85 55.35 4.59
N ALA P 73 -26.85 56.21 4.36
CA ALA P 73 -28.17 56.08 5.00
C ALA P 73 -29.27 56.32 3.97
N VAL P 74 -30.47 55.83 4.25
CA VAL P 74 -31.63 56.04 3.37
C VAL P 74 -32.87 56.58 4.08
N ALA P 75 -33.63 57.39 3.34
CA ALA P 75 -34.97 57.81 3.74
C ALA P 75 -36.00 57.07 2.90
N VAL P 76 -37.07 56.61 3.56
CA VAL P 76 -38.07 55.74 2.93
C VAL P 76 -39.40 56.47 2.70
N ALA P 77 -39.98 56.26 1.52
CA ALA P 77 -41.35 56.67 1.25
C ALA P 77 -42.08 55.52 0.54
N GLY P 78 -43.09 54.97 1.21
CA GLY P 78 -43.87 53.86 0.66
C GLY P 78 -44.16 52.80 1.71
N LEU P 79 -44.15 51.55 1.28
CA LEU P 79 -44.41 50.42 2.18
C LEU P 79 -43.16 50.07 2.99
N THR P 80 -43.28 50.16 4.32
CA THR P 80 -42.16 49.92 5.22
C THR P 80 -41.61 48.49 5.10
N ALA P 81 -42.51 47.51 5.05
CA ALA P 81 -42.13 46.11 4.94
C ALA P 81 -41.40 45.79 3.63
N ASP P 82 -41.92 46.32 2.52
CA ASP P 82 -41.27 46.21 1.22
C ASP P 82 -39.86 46.81 1.30
N ALA P 83 -39.76 47.98 1.94
CA ALA P 83 -38.50 48.69 2.08
C ALA P 83 -37.43 47.92 2.85
N GLU P 84 -37.85 47.24 3.93
CA GLU P 84 -36.91 46.49 4.76
C GLU P 84 -36.28 45.31 4.02
N ILE P 85 -37.07 44.63 3.18
CA ILE P 85 -36.57 43.57 2.30
C ILE P 85 -35.38 44.10 1.48
N LEU P 86 -35.56 45.30 0.92
CA LEU P 86 -34.54 45.93 0.09
C LEU P 86 -33.35 46.50 0.89
N ILE P 87 -33.64 47.03 2.07
CA ILE P 87 -32.62 47.57 2.98
C ILE P 87 -31.66 46.45 3.39
N ASN P 88 -32.23 45.28 3.69
CA ASN P 88 -31.43 44.15 4.12
C ASN P 88 -30.50 43.60 3.05
N THR P 89 -30.93 43.61 1.79
CA THR P 89 -30.07 43.14 0.70
C THR P 89 -28.99 44.17 0.38
N ALA P 90 -29.32 45.45 0.58
CA ALA P 90 -28.37 46.54 0.43
C ALA P 90 -27.30 46.51 1.53
N ARG P 91 -27.71 46.18 2.76
CA ARG P 91 -26.78 46.00 3.88
C ARG P 91 -25.83 44.82 3.64
N ILE P 92 -26.32 43.78 2.96
CA ILE P 92 -25.50 42.61 2.60
C ILE P 92 -24.53 42.93 1.45
N HIS P 93 -25.03 43.62 0.43
CA HIS P 93 -24.21 43.97 -0.74
C HIS P 93 -23.00 44.81 -0.32
N ALA P 94 -23.24 45.73 0.62
CA ALA P 94 -22.21 46.60 1.17
C ALA P 94 -21.12 45.80 1.85
N GLN P 95 -21.54 44.78 2.59
CA GLN P 95 -20.62 43.93 3.31
C GLN P 95 -19.86 42.96 2.39
N ASN P 96 -20.53 42.51 1.32
CA ASN P 96 -19.90 41.73 0.27
C ASN P 96 -18.76 42.49 -0.40
N TYR P 97 -19.01 43.78 -0.64
CA TYR P 97 -18.02 44.66 -1.24
C TYR P 97 -16.81 44.85 -0.32
N LEU P 98 -17.07 45.02 0.98
CA LEU P 98 -16.00 45.21 1.97
C LEU P 98 -15.18 43.94 2.18
N LYS P 99 -15.84 42.78 2.12
CA LYS P 99 -15.15 41.48 2.23
C LYS P 99 -14.22 41.25 1.04
N THR P 100 -14.66 41.66 -0.14
CA THR P 100 -13.92 41.44 -1.39
C THR P 100 -12.73 42.40 -1.54
N TYR P 101 -12.95 43.69 -1.34
CA TYR P 101 -11.95 44.71 -1.67
C TYR P 101 -11.25 45.37 -0.48
N ASN P 102 -11.70 45.06 0.73
CA ASN P 102 -11.24 45.73 1.96
C ASN P 102 -11.42 47.24 1.92
N GLU P 103 -12.42 47.67 1.16
CA GLU P 103 -12.76 49.09 1.01
C GLU P 103 -14.27 49.23 1.10
N ASP P 104 -14.73 50.31 1.73
CA ASP P 104 -16.16 50.60 1.83
C ASP P 104 -16.75 50.86 0.45
N ILE P 105 -17.96 50.35 0.23
CA ILE P 105 -18.64 50.47 -1.05
C ILE P 105 -18.88 51.93 -1.45
N PRO P 106 -18.51 52.31 -2.69
CA PRO P 106 -18.86 53.62 -3.23
C PRO P 106 -20.37 53.77 -3.33
N VAL P 107 -20.87 54.98 -3.14
CA VAL P 107 -22.31 55.22 -3.01
C VAL P 107 -23.09 54.80 -4.26
N GLU P 108 -22.64 55.22 -5.44
CA GLU P 108 -23.33 54.89 -6.68
C GLU P 108 -23.48 53.39 -6.93
N ILE P 109 -22.42 52.62 -6.64
CA ILE P 109 -22.44 51.17 -6.82
C ILE P 109 -23.57 50.52 -6.01
N LEU P 110 -23.68 50.90 -4.73
CA LEU P 110 -24.75 50.39 -3.87
C LEU P 110 -26.13 50.80 -4.38
N VAL P 111 -26.26 52.06 -4.80
CA VAL P 111 -27.50 52.60 -5.36
C VAL P 111 -27.88 51.86 -6.66
N ARG P 112 -26.89 51.62 -7.51
CA ARG P 112 -27.12 50.95 -8.78
C ARG P 112 -27.65 49.52 -8.59
N ARG P 113 -27.05 48.80 -7.63
CA ARG P 113 -27.45 47.43 -7.31
C ARG P 113 -28.91 47.36 -6.85
N LEU P 114 -29.29 48.22 -5.91
CA LEU P 114 -30.66 48.31 -5.44
C LEU P 114 -31.64 48.65 -6.57
N SER P 115 -31.21 49.53 -7.46
CA SER P 115 -32.05 49.95 -8.57
C SER P 115 -32.20 48.87 -9.63
N ASP P 116 -31.21 47.97 -9.70
CA ASP P 116 -31.24 46.82 -10.61
C ASP P 116 -32.20 45.76 -10.12
N ILE P 117 -32.24 45.55 -8.81
CA ILE P 117 -33.18 44.63 -8.19
C ILE P 117 -34.63 45.09 -8.43
N LYS P 118 -34.86 46.39 -8.24
CA LYS P 118 -36.16 47.00 -8.53
C LYS P 118 -36.55 46.80 -9.98
N GLN P 119 -35.58 47.01 -10.89
CA GLN P 119 -35.81 46.86 -12.33
C GLN P 119 -36.20 45.42 -12.69
N GLY P 120 -35.68 44.44 -11.95
CA GLY P 120 -35.97 43.04 -12.22
C GLY P 120 -37.45 42.75 -12.17
N TYR P 121 -38.10 43.21 -11.09
CA TYR P 121 -39.52 43.01 -10.85
C TYR P 121 -40.37 43.77 -11.87
N THR P 122 -39.70 44.61 -12.66
CA THR P 122 -40.33 45.41 -13.70
C THR P 122 -40.36 44.67 -15.04
N GLN P 123 -39.39 43.79 -15.27
CA GLN P 123 -39.22 43.14 -16.57
C GLN P 123 -39.53 41.65 -16.60
N HIS P 124 -39.29 40.93 -15.49
CA HIS P 124 -39.55 39.50 -15.45
C HIS P 124 -40.03 38.99 -14.10
N GLY P 125 -40.63 37.80 -14.09
CA GLY P 125 -40.97 37.10 -12.86
C GLY P 125 -42.45 37.04 -12.51
N GLY P 126 -43.23 37.93 -13.10
CA GLY P 126 -44.68 37.97 -12.85
C GLY P 126 -45.12 38.50 -11.50
N LEU P 127 -44.20 39.10 -10.76
CA LEU P 127 -44.48 39.61 -9.42
C LEU P 127 -44.66 41.13 -9.43
N ARG P 128 -45.36 41.65 -8.41
CA ARG P 128 -45.56 43.09 -8.28
C ARG P 128 -44.26 43.79 -7.86
N PRO P 129 -44.07 45.05 -8.29
CA PRO P 129 -42.88 45.80 -7.88
C PRO P 129 -42.91 46.14 -6.39
N PHE P 130 -41.82 46.70 -5.88
CA PHE P 130 -41.80 47.20 -4.52
C PHE P 130 -42.34 48.62 -4.50
N GLY P 131 -43.38 48.85 -3.68
CA GLY P 131 -43.96 50.19 -3.56
C GLY P 131 -43.12 51.08 -2.67
N VAL P 132 -41.90 51.37 -3.12
CA VAL P 132 -40.90 52.05 -2.30
C VAL P 132 -40.06 53.04 -3.12
N SER P 133 -39.90 54.25 -2.60
CA SER P 133 -38.93 55.20 -3.12
C SER P 133 -37.88 55.50 -2.07
N PHE P 134 -36.62 55.59 -2.49
CA PHE P 134 -35.50 55.85 -1.59
C PHE P 134 -34.85 57.20 -1.85
N ILE P 135 -34.39 57.82 -0.77
CA ILE P 135 -33.40 58.91 -0.85
C ILE P 135 -32.12 58.39 -0.20
N TYR P 136 -31.03 58.39 -0.96
CA TYR P 136 -29.73 57.93 -0.47
C TYR P 136 -28.85 59.11 -0.08
N ALA P 137 -28.37 59.11 1.15
CA ALA P 137 -27.37 60.07 1.60
C ALA P 137 -26.09 59.32 1.96
N GLY P 138 -24.97 59.71 1.36
CA GLY P 138 -23.71 59.02 1.55
C GLY P 138 -22.45 59.77 1.21
N TYR P 139 -21.32 59.18 1.56
CA TYR P 139 -20.00 59.75 1.31
C TYR P 139 -19.01 58.67 0.88
N ASP P 140 -18.19 58.99 -0.11
CA ASP P 140 -17.02 58.19 -0.46
C ASP P 140 -15.90 59.12 -0.92
N ASP P 141 -14.67 58.63 -0.93
CA ASP P 141 -13.51 59.47 -1.25
C ASP P 141 -13.36 59.80 -2.75
N ARG P 142 -14.35 59.41 -3.55
CA ARG P 142 -14.33 59.69 -4.98
C ARG P 142 -15.16 60.93 -5.35
N TYR P 143 -16.40 61.00 -4.86
CA TYR P 143 -17.30 62.09 -5.18
C TYR P 143 -17.69 62.94 -3.97
N GLY P 144 -17.25 62.52 -2.78
CA GLY P 144 -17.62 63.20 -1.54
C GLY P 144 -19.07 62.98 -1.18
N TYR P 145 -19.77 64.07 -0.87
CA TYR P 145 -21.17 64.01 -0.48
C TYR P 145 -22.06 63.78 -1.69
N GLN P 146 -22.87 62.73 -1.62
CA GLN P 146 -23.75 62.32 -2.73
C GLN P 146 -25.18 62.11 -2.27
N LEU P 147 -26.12 62.54 -3.10
CA LEU P 147 -27.54 62.39 -2.82
C LEU P 147 -28.24 61.78 -4.02
N TYR P 148 -28.79 60.58 -3.85
CA TYR P 148 -29.49 59.87 -4.91
C TYR P 148 -30.95 59.62 -4.56
N THR P 149 -31.76 59.39 -5.59
CA THR P 149 -33.15 58.98 -5.44
C THR P 149 -33.41 57.75 -6.32
N SER P 150 -34.24 56.83 -5.85
CA SER P 150 -34.64 55.67 -6.67
C SER P 150 -36.09 55.27 -6.43
N ASN P 151 -36.80 54.94 -7.51
CA ASN P 151 -38.22 54.60 -7.46
C ASN P 151 -38.49 53.18 -8.00
N PRO P 152 -39.77 52.71 -7.95
CA PRO P 152 -40.11 51.33 -8.36
C PRO P 152 -39.70 50.93 -9.79
N SER P 153 -39.50 51.91 -10.67
CA SER P 153 -39.11 51.63 -12.06
C SER P 153 -37.68 51.09 -12.19
N GLY P 154 -36.83 51.42 -11.21
CA GLY P 154 -35.42 51.05 -11.25
C GLY P 154 -34.52 52.19 -11.68
N ASN P 155 -35.12 53.35 -11.90
CA ASN P 155 -34.38 54.54 -12.30
C ASN P 155 -33.80 55.28 -11.10
N TYR P 156 -32.54 55.70 -11.20
CA TYR P 156 -31.92 56.50 -10.15
C TYR P 156 -31.22 57.75 -10.70
N THR P 157 -31.30 58.84 -9.93
CA THR P 157 -30.67 60.11 -10.32
C THR P 157 -30.05 60.80 -9.10
N GLY P 158 -29.06 61.65 -9.37
CA GLY P 158 -28.39 62.43 -8.33
C GLY P 158 -29.03 63.79 -8.12
N TRP P 159 -28.93 64.30 -6.89
CA TRP P 159 -29.64 65.52 -6.50
C TRP P 159 -28.86 66.41 -5.54
N LYS P 160 -29.17 67.70 -5.59
CA LYS P 160 -28.67 68.67 -4.61
C LYS P 160 -29.69 68.82 -3.48
N ALA P 161 -30.97 68.82 -3.87
CA ALA P 161 -32.08 68.80 -2.93
C ALA P 161 -33.26 68.08 -3.59
N ILE P 162 -33.93 67.23 -2.83
CA ILE P 162 -35.00 66.39 -3.39
C ILE P 162 -36.00 65.90 -2.34
N SER P 163 -37.19 65.55 -2.81
CA SER P 163 -38.27 65.05 -1.97
C SER P 163 -39.00 63.89 -2.65
N VAL P 164 -39.41 62.91 -1.84
CA VAL P 164 -40.23 61.79 -2.31
C VAL P 164 -41.46 61.64 -1.41
N GLY P 165 -42.51 61.01 -1.95
CA GLY P 165 -43.74 60.80 -1.19
C GLY P 165 -44.82 61.82 -1.49
N ALA P 166 -45.50 62.28 -0.43
CA ALA P 166 -46.60 63.22 -0.57
C ALA P 166 -46.15 64.63 -0.89
N ASN P 167 -46.93 65.33 -1.71
CA ASN P 167 -46.74 66.75 -2.01
C ASN P 167 -45.32 67.10 -2.44
N THR P 168 -44.78 66.35 -3.39
CA THR P 168 -43.42 66.60 -3.86
C THR P 168 -43.36 67.82 -4.77
N SER P 169 -44.43 68.03 -5.53
CA SER P 169 -44.55 69.16 -6.42
C SER P 169 -44.41 70.48 -5.65
N ALA P 170 -45.19 70.61 -4.57
CA ALA P 170 -45.14 71.78 -3.71
C ALA P 170 -43.80 71.90 -2.98
N ALA P 171 -43.25 70.76 -2.56
CA ALA P 171 -41.97 70.71 -1.84
C ALA P 171 -40.80 71.06 -2.75
N GLN P 172 -40.88 70.62 -4.00
CA GLN P 172 -39.83 70.86 -4.98
C GLN P 172 -39.76 72.33 -5.36
N THR P 173 -40.91 73.00 -5.42
CA THR P 173 -40.99 74.43 -5.71
C THR P 173 -40.31 75.25 -4.61
N LEU P 174 -40.54 74.85 -3.35
CA LEU P 174 -40.00 75.56 -2.20
C LEU P 174 -38.50 75.40 -2.03
N LEU P 175 -37.97 74.24 -2.44
CA LEU P 175 -36.53 73.99 -2.41
C LEU P 175 -35.83 74.72 -3.54
N GLN P 176 -36.46 74.73 -4.71
CA GLN P 176 -35.95 75.44 -5.90
C GLN P 176 -35.93 76.95 -5.66
N MET P 177 -36.52 77.37 -4.53
CA MET P 177 -36.67 78.78 -4.20
C MET P 177 -35.62 79.25 -3.20
N ASP P 178 -35.21 78.36 -2.31
CA ASP P 178 -34.35 78.73 -1.17
C ASP P 178 -32.99 78.04 -1.12
N TYR P 179 -32.79 77.02 -1.97
CA TYR P 179 -31.50 76.33 -2.01
C TYR P 179 -30.45 77.13 -2.78
N LYS P 180 -29.25 77.21 -2.21
CA LYS P 180 -28.09 77.73 -2.95
C LYS P 180 -26.85 76.85 -2.69
N ASP P 181 -25.88 76.93 -3.60
CA ASP P 181 -24.75 75.98 -3.62
C ASP P 181 -23.79 76.07 -2.42
N ASP P 182 -23.55 77.29 -1.93
CA ASP P 182 -22.66 77.47 -0.78
C ASP P 182 -23.39 77.41 0.57
N MET P 183 -24.24 76.39 0.73
CA MET P 183 -24.99 76.18 1.97
C MET P 183 -24.19 75.39 3.00
N LYS P 184 -24.50 75.66 4.27
CA LYS P 184 -23.92 74.94 5.39
C LYS P 184 -24.99 74.00 5.94
N VAL P 185 -24.55 72.91 6.57
CA VAL P 185 -25.45 71.87 7.08
C VAL P 185 -26.57 72.43 7.97
N ASP P 186 -26.21 73.34 8.86
CA ASP P 186 -27.16 73.96 9.79
C ASP P 186 -28.20 74.80 9.07
N ASP P 187 -27.82 75.38 7.94
CA ASP P 187 -28.77 76.11 7.08
C ASP P 187 -29.68 75.13 6.34
N ALA P 188 -29.14 73.97 6.01
CA ALA P 188 -29.88 72.92 5.31
C ALA P 188 -30.90 72.24 6.22
N ILE P 189 -30.55 72.09 7.49
CA ILE P 189 -31.47 71.57 8.50
C ILE P 189 -32.68 72.50 8.62
N GLU P 190 -32.40 73.80 8.63
CA GLU P 190 -33.42 74.84 8.68
C GLU P 190 -34.35 74.75 7.47
N LEU P 191 -33.75 74.64 6.27
CA LEU P 191 -34.50 74.54 5.02
C LEU P 191 -35.41 73.31 5.01
N ALA P 192 -34.88 72.19 5.49
CA ALA P 192 -35.61 70.92 5.54
C ALA P 192 -36.88 71.01 6.38
N LEU P 193 -36.77 71.64 7.55
CA LEU P 193 -37.92 71.80 8.45
C LEU P 193 -38.97 72.75 7.89
N LYS P 194 -38.53 73.87 7.31
CA LYS P 194 -39.43 74.86 6.74
C LYS P 194 -40.31 74.24 5.65
N THR P 195 -39.68 73.50 4.74
CA THR P 195 -40.37 72.86 3.63
C THR P 195 -41.46 71.92 4.11
N LEU P 196 -41.09 70.98 4.99
CA LEU P 196 -42.03 70.02 5.57
C LEU P 196 -43.20 70.72 6.27
N SER P 197 -42.91 71.85 6.91
CA SER P 197 -43.88 72.59 7.72
C SER P 197 -44.99 73.24 6.89
N LYS P 198 -44.70 73.50 5.62
CA LYS P 198 -45.66 74.15 4.73
C LYS P 198 -46.41 73.15 3.84
N THR P 199 -45.88 71.94 3.76
CA THR P 199 -46.47 70.88 2.92
C THR P 199 -47.15 69.76 3.73
N THR P 200 -47.12 69.87 5.06
CA THR P 200 -47.80 68.94 5.95
C THR P 200 -49.31 68.90 5.67
N ASP P 201 -49.93 67.75 5.92
CA ASP P 201 -51.38 67.62 5.89
C ASP P 201 -51.98 67.81 7.28
N SER P 202 -51.14 68.18 8.25
CA SER P 202 -51.55 68.35 9.64
C SER P 202 -51.51 69.81 10.07
N SER P 203 -51.96 70.08 11.30
CA SER P 203 -52.02 71.44 11.85
C SER P 203 -50.63 72.07 12.02
N ALA P 204 -49.98 71.74 13.13
CA ALA P 204 -48.63 72.21 13.41
C ALA P 204 -47.66 71.03 13.42
N LEU P 205 -46.45 71.27 12.91
CA LEU P 205 -45.44 70.24 12.83
C LEU P 205 -44.80 70.02 14.20
N THR P 206 -45.01 68.83 14.77
CA THR P 206 -44.47 68.48 16.08
C THR P 206 -43.31 67.50 15.98
N TYR P 207 -42.55 67.36 17.07
CA TYR P 207 -41.33 66.55 17.08
C TYR P 207 -41.61 65.05 16.94
N ASP P 208 -42.71 64.59 17.52
CA ASP P 208 -43.06 63.16 17.53
C ASP P 208 -43.47 62.62 16.15
N ARG P 209 -43.66 63.54 15.21
CA ARG P 209 -44.03 63.18 13.85
C ARG P 209 -42.88 63.39 12.87
N LEU P 210 -41.66 63.47 13.40
CA LEU P 210 -40.47 63.74 12.59
C LEU P 210 -39.32 62.79 12.84
N GLU P 211 -38.53 62.55 11.80
CA GLU P 211 -37.28 61.81 11.91
C GLU P 211 -36.19 62.60 11.19
N PHE P 212 -35.00 62.66 11.80
CA PHE P 212 -33.93 63.51 11.30
C PHE P 212 -32.57 62.81 11.31
N ALA P 213 -31.81 62.98 10.23
CA ALA P 213 -30.49 62.36 10.10
C ALA P 213 -29.51 63.27 9.37
N THR P 214 -28.30 63.39 9.91
CA THR P 214 -27.25 64.19 9.27
C THR P 214 -25.96 63.39 9.11
N ILE P 215 -25.44 63.38 7.89
CA ILE P 215 -24.13 62.79 7.60
C ILE P 215 -23.09 63.90 7.49
N ARG P 216 -22.41 64.15 8.61
CA ARG P 216 -21.41 65.19 8.71
C ARG P 216 -19.99 64.62 8.81
N LYS P 217 -19.01 65.50 8.67
CA LYS P 217 -17.63 65.13 8.91
C LYS P 217 -17.17 65.77 10.23
N GLY P 218 -16.61 64.94 11.11
CA GLY P 218 -16.20 65.35 12.46
C GLY P 218 -15.46 66.67 12.51
N ALA P 219 -16.08 67.65 13.17
CA ALA P 219 -15.55 69.03 13.27
C ALA P 219 -14.18 69.12 13.95
N ASN P 220 -13.66 67.97 14.38
CA ASN P 220 -12.32 67.86 14.97
C ASN P 220 -11.70 66.49 14.69
N ASP P 221 -12.55 65.53 14.31
CA ASP P 221 -12.13 64.16 14.07
C ASP P 221 -11.39 63.98 12.74
N GLY P 222 -11.98 64.51 11.66
CA GLY P 222 -11.46 64.30 10.31
C GLY P 222 -11.93 62.97 9.74
N GLU P 223 -13.16 62.60 10.08
CA GLU P 223 -13.78 61.35 9.64
C GLU P 223 -15.30 61.54 9.55
N VAL P 224 -15.97 60.68 8.78
CA VAL P 224 -17.40 60.83 8.51
C VAL P 224 -18.29 60.22 9.60
N TYR P 225 -19.15 61.07 10.17
CA TYR P 225 -20.03 60.66 11.26
C TYR P 225 -21.50 60.64 10.83
N GLN P 226 -22.20 59.57 11.21
CA GLN P 226 -23.65 59.46 11.01
C GLN P 226 -24.37 59.77 12.31
N LYS P 227 -25.56 60.37 12.18
CA LYS P 227 -26.31 60.80 13.35
C LYS P 227 -27.81 60.70 13.07
N ILE P 228 -28.45 59.68 13.63
CA ILE P 228 -29.91 59.60 13.60
C ILE P 228 -30.42 60.29 14.87
N PHE P 229 -30.95 61.51 14.68
CA PHE P 229 -31.43 62.36 15.78
C PHE P 229 -32.41 61.64 16.69
N LYS P 230 -32.19 61.77 17.99
CA LYS P 230 -33.08 61.21 18.99
C LYS P 230 -34.26 62.16 19.25
N PRO P 231 -35.44 61.61 19.59
CA PRO P 231 -36.66 62.38 19.88
C PRO P 231 -36.41 63.75 20.53
N GLN P 232 -35.63 63.77 21.62
CA GLN P 232 -35.34 65.00 22.36
C GLN P 232 -34.58 66.03 21.53
N GLU P 233 -33.66 65.55 20.68
CA GLU P 233 -32.84 66.41 19.83
C GLU P 233 -33.65 67.11 18.73
N ILE P 234 -34.66 66.42 18.21
CA ILE P 234 -35.57 67.00 17.21
C ILE P 234 -36.40 68.10 17.85
N LYS P 235 -36.86 67.84 19.08
CA LYS P 235 -37.60 68.82 19.87
C LYS P 235 -36.75 70.07 20.10
N ASP P 236 -35.45 69.86 20.27
CA ASP P 236 -34.49 70.97 20.48
C ASP P 236 -34.26 71.77 19.20
N ILE P 237 -34.09 71.08 18.08
CA ILE P 237 -33.84 71.72 16.79
C ILE P 237 -35.10 72.40 16.24
N LEU P 238 -36.25 72.09 16.85
CA LEU P 238 -37.53 72.64 16.45
C LEU P 238 -37.77 74.01 17.10
N VAL P 239 -37.11 74.25 18.23
CA VAL P 239 -37.22 75.52 18.96
C VAL P 239 -36.27 76.59 18.39
N LYS P 240 -35.07 76.17 17.99
CA LYS P 240 -34.07 77.05 17.37
C LYS P 240 -34.69 77.83 16.21
N THR P 241 -35.38 77.11 15.32
CA THR P 241 -36.02 77.69 14.15
C THR P 241 -37.26 78.51 14.50
N GLY P 242 -37.84 78.25 15.67
CA GLY P 242 -38.99 79.00 16.16
C GLY P 242 -40.33 78.40 15.81
N ILE P 243 -40.40 77.07 15.79
CA ILE P 243 -41.65 76.35 15.52
C ILE P 243 -42.31 75.87 16.82
N THR P 244 -41.50 75.64 17.85
CA THR P 244 -41.94 75.13 19.18
C THR P 244 -42.74 73.84 19.06
N GLY Q 1 -41.02 28.23 -12.53
CA GLY Q 1 -40.89 29.69 -12.74
C GLY Q 1 -42.04 30.29 -13.53
N TYR Q 2 -42.03 31.61 -13.66
CA TYR Q 2 -43.06 32.31 -14.42
C TYR Q 2 -42.66 32.36 -15.90
N ASP Q 3 -43.43 31.66 -16.73
CA ASP Q 3 -43.11 31.54 -18.15
C ASP Q 3 -44.27 31.86 -19.09
N ARG Q 4 -45.20 32.70 -18.62
CA ARG Q 4 -46.35 33.12 -19.42
C ARG Q 4 -45.87 33.80 -20.70
N ALA Q 5 -46.47 33.43 -21.83
CA ALA Q 5 -46.15 34.03 -23.12
C ALA Q 5 -46.70 35.45 -23.18
N LEU Q 6 -45.82 36.42 -22.99
CA LEU Q 6 -46.20 37.83 -22.96
C LEU Q 6 -46.10 38.47 -24.35
N SER Q 7 -45.09 38.08 -25.10
CA SER Q 7 -44.93 38.53 -26.48
C SER Q 7 -45.53 37.51 -27.45
N ILE Q 8 -46.75 37.79 -27.91
CA ILE Q 8 -47.48 36.89 -28.81
C ILE Q 8 -48.03 37.64 -30.03
N PHE Q 9 -48.35 36.88 -31.08
CA PHE Q 9 -48.90 37.46 -32.31
C PHE Q 9 -50.36 37.86 -32.14
N SER Q 10 -50.77 38.88 -32.89
CA SER Q 10 -52.16 39.31 -32.95
C SER Q 10 -52.75 38.90 -34.30
N PRO Q 11 -54.10 38.94 -34.44
CA PRO Q 11 -54.77 38.55 -35.69
C PRO Q 11 -54.18 39.14 -36.99
N ASP Q 12 -53.63 40.35 -36.92
CA ASP Q 12 -53.07 41.01 -38.10
C ASP Q 12 -51.54 40.87 -38.21
N GLY Q 13 -50.95 40.06 -37.33
CA GLY Q 13 -49.54 39.71 -37.41
C GLY Q 13 -48.57 40.65 -36.72
N HIS Q 14 -48.99 41.22 -35.60
CA HIS Q 14 -48.11 42.13 -34.83
C HIS Q 14 -47.84 41.58 -33.44
N ILE Q 15 -46.64 41.86 -32.93
CA ILE Q 15 -46.35 41.61 -31.52
C ILE Q 15 -46.58 42.94 -30.82
N PHE Q 16 -47.74 43.08 -30.19
CA PHE Q 16 -48.11 44.32 -29.51
C PHE Q 16 -47.12 44.75 -28.42
N GLN Q 17 -46.49 43.79 -27.75
CA GLN Q 17 -45.51 44.10 -26.71
C GLN Q 17 -44.23 44.71 -27.26
N VAL Q 18 -43.80 44.23 -28.42
CA VAL Q 18 -42.67 44.81 -29.15
C VAL Q 18 -43.08 46.17 -29.69
N GLU Q 19 -44.32 46.25 -30.17
CA GLU Q 19 -44.88 47.48 -30.71
C GLU Q 19 -44.92 48.57 -29.63
N TYR Q 20 -45.39 48.21 -28.43
CA TYR Q 20 -45.52 49.16 -27.33
C TYR Q 20 -44.17 49.54 -26.74
N ALA Q 21 -43.18 48.66 -26.89
CA ALA Q 21 -41.81 48.95 -26.45
C ALA Q 21 -41.21 50.11 -27.24
N LEU Q 22 -41.59 50.22 -28.52
CA LEU Q 22 -41.17 51.32 -29.38
C LEU Q 22 -41.79 52.65 -28.97
N GLU Q 23 -43.00 52.59 -28.41
CA GLU Q 23 -43.70 53.77 -27.91
C GLU Q 23 -43.02 54.34 -26.67
N ALA Q 24 -42.33 53.47 -25.93
CA ALA Q 24 -41.50 53.89 -24.80
C ALA Q 24 -40.22 54.56 -25.29
N VAL Q 25 -39.69 54.09 -26.42
CA VAL Q 25 -38.52 54.69 -27.05
C VAL Q 25 -38.86 56.10 -27.56
N LYS Q 26 -40.06 56.24 -28.12
CA LYS Q 26 -40.58 57.55 -28.56
C LYS Q 26 -40.75 58.52 -27.39
N ARG Q 27 -41.04 57.99 -26.21
CA ARG Q 27 -41.19 58.78 -25.00
C ARG Q 27 -39.84 59.27 -24.48
N GLY Q 28 -38.82 58.43 -24.62
CA GLY Q 28 -37.47 58.75 -24.15
C GLY Q 28 -36.86 59.94 -24.86
N THR Q 29 -35.95 60.63 -24.17
CA THR Q 29 -35.23 61.78 -24.70
C THR Q 29 -34.48 61.44 -25.99
N CYS Q 30 -34.25 62.46 -26.81
CA CYS Q 30 -33.64 62.27 -28.13
C CYS Q 30 -32.15 61.95 -28.08
N ALA Q 31 -31.72 61.08 -28.99
CA ALA Q 31 -30.31 60.77 -29.20
C ALA Q 31 -30.01 60.74 -30.69
N VAL Q 32 -28.85 61.26 -31.07
CA VAL Q 32 -28.45 61.36 -32.47
C VAL Q 32 -26.99 60.93 -32.67
N GLY Q 33 -26.70 60.34 -33.83
CA GLY Q 33 -25.35 59.93 -34.18
C GLY Q 33 -24.99 60.24 -35.63
N VAL Q 34 -23.83 60.87 -35.81
CA VAL Q 34 -23.31 61.20 -37.15
C VAL Q 34 -21.85 60.77 -37.29
N LYS Q 35 -21.52 60.14 -38.41
CA LYS Q 35 -20.15 59.74 -38.70
C LYS Q 35 -19.49 60.61 -39.77
N GLY Q 36 -18.26 61.02 -39.52
CA GLY Q 36 -17.49 61.79 -40.49
C GLY Q 36 -16.59 60.88 -41.31
N LYS Q 37 -15.46 61.44 -41.75
CA LYS Q 37 -14.47 60.67 -42.50
C LYS Q 37 -13.55 59.90 -41.57
N ASN Q 38 -13.26 60.49 -40.41
CA ASN Q 38 -12.37 59.89 -39.41
C ASN Q 38 -12.86 60.06 -37.98
N CYS Q 39 -14.18 60.10 -37.80
CA CYS Q 39 -14.79 60.30 -36.48
C CYS Q 39 -16.27 59.88 -36.46
N VAL Q 40 -16.79 59.63 -35.26
CA VAL Q 40 -18.21 59.45 -35.02
C VAL Q 40 -18.61 60.31 -33.84
N VAL Q 41 -19.75 60.99 -33.95
CA VAL Q 41 -20.21 61.90 -32.89
C VAL Q 41 -21.60 61.50 -32.38
N LEU Q 42 -21.75 61.43 -31.05
CA LEU Q 42 -23.04 61.15 -30.42
C LEU Q 42 -23.54 62.35 -29.62
N GLY Q 43 -24.83 62.65 -29.77
CA GLY Q 43 -25.46 63.76 -29.06
C GLY Q 43 -26.78 63.37 -28.42
N CYS Q 44 -27.01 63.87 -27.22
CA CYS Q 44 -28.24 63.56 -26.47
C CYS Q 44 -28.86 64.82 -25.86
N GLU Q 45 -30.15 64.76 -25.56
CA GLU Q 45 -30.82 65.88 -24.90
C GLU Q 45 -31.15 65.58 -23.43
N ARG Q 46 -31.19 66.63 -22.63
CA ARG Q 46 -31.58 66.54 -21.23
C ARG Q 46 -32.92 67.22 -20.98
N ARG Q 47 -33.71 66.62 -20.10
CA ARG Q 47 -35.07 67.07 -19.81
C ARG Q 47 -35.09 68.42 -19.08
N SER Q 48 -36.28 68.98 -18.88
CA SER Q 48 -36.43 70.27 -18.22
C SER Q 48 -37.63 70.32 -17.25
N THR Q 49 -38.19 69.14 -16.94
CA THR Q 49 -39.31 69.04 -15.99
C THR Q 49 -38.83 69.32 -14.56
N LEU Q 50 -37.75 68.66 -14.16
CA LEU Q 50 -37.10 68.88 -12.88
C LEU Q 50 -35.62 69.25 -13.10
N LYS Q 51 -35.20 70.38 -12.55
CA LYS Q 51 -33.82 70.85 -12.72
C LYS Q 51 -33.23 71.43 -11.42
N LEU Q 52 -32.75 70.51 -10.58
CA LEU Q 52 -32.01 70.82 -9.35
C LEU Q 52 -31.11 69.62 -9.09
N GLN Q 53 -30.61 69.03 -10.17
CA GLN Q 53 -29.83 67.80 -10.14
C GLN Q 53 -28.37 68.04 -9.79
N ASP Q 54 -27.71 66.97 -9.35
CA ASP Q 54 -26.26 66.94 -9.20
C ASP Q 54 -25.68 66.35 -10.49
N THR Q 55 -25.13 67.23 -11.33
CA THR Q 55 -24.70 66.88 -12.68
C THR Q 55 -23.55 65.86 -12.76
N ARG Q 56 -22.69 65.87 -11.74
CA ARG Q 56 -21.51 64.99 -11.70
C ARG Q 56 -21.88 63.52 -11.55
N ILE Q 57 -22.64 63.22 -10.49
CA ILE Q 57 -22.91 61.84 -10.07
C ILE Q 57 -24.04 61.17 -10.87
N THR Q 58 -24.91 61.99 -11.47
CA THR Q 58 -25.98 61.49 -12.34
C THR Q 58 -25.39 60.81 -13.57
N PRO Q 59 -25.81 59.57 -13.85
CA PRO Q 59 -25.33 58.84 -15.03
C PRO Q 59 -25.68 59.58 -16.35
N SER Q 60 -24.66 59.93 -17.13
CA SER Q 60 -24.87 60.56 -18.44
C SER Q 60 -25.31 59.53 -19.48
N LYS Q 61 -25.92 60.00 -20.56
CA LYS Q 61 -26.64 59.13 -21.51
C LYS Q 61 -25.73 58.24 -22.39
N VAL Q 62 -24.45 58.61 -22.49
CA VAL Q 62 -23.49 57.82 -23.28
C VAL Q 62 -22.64 56.95 -22.38
N SER Q 63 -22.61 55.65 -22.66
CA SER Q 63 -21.82 54.70 -21.88
C SER Q 63 -20.70 54.09 -22.69
N LYS Q 64 -19.54 53.92 -22.05
CA LYS Q 64 -18.42 53.20 -22.64
C LYS Q 64 -18.58 51.69 -22.41
N ILE Q 65 -18.53 50.92 -23.49
CA ILE Q 65 -18.66 49.46 -23.43
C ILE Q 65 -17.28 48.81 -23.35
N ASP Q 66 -16.38 49.26 -24.23
CA ASP Q 66 -14.94 49.02 -24.12
C ASP Q 66 -14.27 50.36 -24.45
N SER Q 67 -12.94 50.39 -24.42
CA SER Q 67 -12.22 51.66 -24.62
C SER Q 67 -12.35 52.22 -26.04
N HIS Q 68 -12.99 51.47 -26.94
CA HIS Q 68 -13.10 51.87 -28.34
C HIS Q 68 -14.53 51.92 -28.87
N VAL Q 69 -15.50 51.41 -28.10
CA VAL Q 69 -16.90 51.40 -28.49
C VAL Q 69 -17.80 52.06 -27.44
N VAL Q 70 -18.69 52.93 -27.90
CA VAL Q 70 -19.66 53.60 -27.03
C VAL Q 70 -21.12 53.30 -27.40
N LEU Q 71 -22.01 53.43 -26.42
CA LEU Q 71 -23.42 53.14 -26.59
C LEU Q 71 -24.31 54.21 -25.94
N SER Q 72 -25.16 54.83 -26.76
CA SER Q 72 -26.18 55.74 -26.28
C SER Q 72 -27.55 55.13 -26.56
N PHE Q 73 -28.59 55.65 -25.92
CA PHE Q 73 -29.92 55.03 -26.01
C PHE Q 73 -31.07 56.02 -25.92
N SER Q 74 -32.26 55.55 -26.29
CA SER Q 74 -33.51 56.25 -26.02
C SER Q 74 -34.52 55.24 -25.48
N GLY Q 75 -35.25 55.65 -24.45
CA GLY Q 75 -36.27 54.79 -23.83
C GLY Q 75 -36.16 54.71 -22.33
N LEU Q 76 -36.48 53.53 -21.79
CA LEU Q 76 -36.44 53.30 -20.34
C LEU Q 76 -35.00 53.23 -19.84
N ASN Q 77 -34.66 54.15 -18.94
CA ASN Q 77 -33.30 54.24 -18.40
C ASN Q 77 -32.84 52.96 -17.71
N ALA Q 78 -33.75 52.35 -16.97
CA ALA Q 78 -33.45 51.15 -16.19
C ALA Q 78 -33.16 49.94 -17.07
N ASP Q 79 -33.88 49.82 -18.19
CA ASP Q 79 -33.68 48.73 -19.13
C ASP Q 79 -32.32 48.81 -19.82
N SER Q 80 -31.87 50.04 -20.09
CA SER Q 80 -30.62 50.27 -20.80
C SER Q 80 -29.41 49.81 -19.99
N ARG Q 81 -29.49 49.94 -18.67
CA ARG Q 81 -28.40 49.50 -17.79
C ARG Q 81 -28.14 48.01 -17.92
N ILE Q 82 -29.21 47.23 -18.01
CA ILE Q 82 -29.14 45.78 -18.16
C ILE Q 82 -28.42 45.40 -19.46
N LEU Q 83 -28.77 46.08 -20.54
CA LEU Q 83 -28.10 45.88 -21.82
C LEU Q 83 -26.63 46.29 -21.77
N ILE Q 84 -26.36 47.46 -21.18
CA ILE Q 84 -24.99 47.97 -21.08
C ILE Q 84 -24.09 46.98 -20.34
N GLU Q 85 -24.56 46.48 -19.20
CA GLU Q 85 -23.81 45.53 -18.38
C GLU Q 85 -23.47 44.26 -19.17
N LYS Q 86 -24.46 43.71 -19.86
CA LYS Q 86 -24.29 42.50 -20.65
C LYS Q 86 -23.31 42.69 -21.81
N ALA Q 87 -23.39 43.85 -22.46
CA ALA Q 87 -22.46 44.22 -23.53
C ALA Q 87 -21.02 44.40 -23.02
N ARG Q 88 -20.89 44.97 -21.83
CA ARG Q 88 -19.58 45.17 -21.21
C ARG Q 88 -18.91 43.85 -20.86
N VAL Q 89 -19.70 42.91 -20.34
CA VAL Q 89 -19.19 41.57 -20.01
C VAL Q 89 -18.81 40.82 -21.28
N GLU Q 90 -19.66 40.88 -22.29
CA GLU Q 90 -19.39 40.22 -23.57
C GLU Q 90 -18.11 40.73 -24.21
N ALA Q 91 -17.86 42.04 -24.08
CA ALA Q 91 -16.66 42.67 -24.62
C ALA Q 91 -15.40 42.10 -23.97
N GLN Q 92 -15.46 41.89 -22.66
CA GLN Q 92 -14.32 41.32 -21.91
C GLN Q 92 -14.12 39.84 -22.24
N SER Q 93 -15.23 39.12 -22.40
CA SER Q 93 -15.22 37.71 -22.73
C SER Q 93 -14.66 37.47 -24.14
N HIS Q 94 -14.93 38.40 -25.05
CA HIS Q 94 -14.40 38.33 -26.41
C HIS Q 94 -12.89 38.52 -26.42
N ARG Q 95 -12.41 39.46 -25.60
CA ARG Q 95 -10.97 39.73 -25.49
C ARG Q 95 -10.25 38.53 -24.89
N LEU Q 96 -10.95 37.82 -24.00
CA LEU Q 96 -10.40 36.70 -23.27
C LEU Q 96 -10.19 35.46 -24.13
N THR Q 97 -11.10 35.20 -25.06
CA THR Q 97 -11.08 33.98 -25.87
C THR Q 97 -10.55 34.18 -27.29
N LEU Q 98 -10.79 35.36 -27.87
CA LEU Q 98 -10.33 35.68 -29.23
C LEU Q 98 -9.00 36.47 -29.25
N GLU Q 99 -8.58 36.96 -28.08
CA GLU Q 99 -7.37 37.79 -27.93
C GLU Q 99 -7.38 39.04 -28.82
N ASP Q 100 -8.56 39.64 -28.98
CA ASP Q 100 -8.76 40.81 -29.82
C ASP Q 100 -10.10 41.45 -29.45
N PRO Q 101 -10.10 42.78 -29.18
CA PRO Q 101 -11.35 43.50 -28.88
C PRO Q 101 -12.44 43.34 -29.95
N VAL Q 102 -13.69 43.55 -29.54
CA VAL Q 102 -14.84 43.39 -30.42
C VAL Q 102 -14.86 44.41 -31.57
N THR Q 103 -15.32 43.98 -32.73
CA THR Q 103 -15.65 44.91 -33.79
C THR Q 103 -16.99 45.53 -33.40
N VAL Q 104 -17.25 46.75 -33.89
CA VAL Q 104 -18.51 47.44 -33.60
C VAL Q 104 -19.69 46.61 -34.11
N GLU Q 105 -19.51 46.03 -35.30
CA GLU Q 105 -20.50 45.16 -35.93
C GLU Q 105 -20.88 43.99 -35.02
N TYR Q 106 -19.88 43.31 -34.47
CA TYR Q 106 -20.10 42.15 -33.59
C TYR Q 106 -20.83 42.51 -32.31
N LEU Q 107 -20.35 43.56 -31.64
CA LEU Q 107 -20.93 44.01 -30.37
C LEU Q 107 -22.38 44.45 -30.53
N THR Q 108 -22.68 45.07 -31.67
CA THR Q 108 -24.05 45.43 -32.00
C THR Q 108 -24.91 44.17 -32.12
N ARG Q 109 -24.42 43.19 -32.87
CA ARG Q 109 -25.12 41.91 -33.10
C ARG Q 109 -25.43 41.17 -31.79
N TYR Q 110 -24.56 41.30 -30.80
CA TYR Q 110 -24.80 40.72 -29.49
C TYR Q 110 -25.96 41.43 -28.78
N VAL Q 111 -25.89 42.75 -28.69
CA VAL Q 111 -26.93 43.55 -28.03
C VAL Q 111 -28.29 43.33 -28.73
N ALA Q 112 -28.26 43.29 -30.05
CA ALA Q 112 -29.45 42.99 -30.85
C ALA Q 112 -30.02 41.60 -30.57
N GLY Q 113 -29.12 40.63 -30.35
CA GLY Q 113 -29.49 39.26 -30.04
C GLY Q 113 -30.17 39.14 -28.68
N VAL Q 114 -29.62 39.84 -27.70
CA VAL Q 114 -30.20 39.89 -26.36
C VAL Q 114 -31.62 40.44 -26.43
N GLN Q 115 -31.79 41.56 -27.14
CA GLN Q 115 -33.09 42.20 -27.30
C GLN Q 115 -34.12 41.28 -27.95
N GLN Q 116 -33.67 40.51 -28.94
CA GLN Q 116 -34.54 39.57 -29.65
C GLN Q 116 -34.98 38.43 -28.74
N ARG Q 117 -34.04 37.88 -27.96
CA ARG Q 117 -34.31 36.79 -27.02
C ARG Q 117 -35.48 37.11 -26.08
N TYR Q 118 -35.54 38.36 -25.65
CA TYR Q 118 -36.60 38.83 -24.74
C TYR Q 118 -37.95 39.03 -25.44
N THR Q 119 -38.01 38.75 -26.75
CA THR Q 119 -39.26 38.86 -27.50
C THR Q 119 -39.91 37.50 -27.75
N GLN Q 120 -39.16 36.42 -27.54
CA GLN Q 120 -39.76 35.08 -27.60
C GLN Q 120 -39.34 34.13 -26.47
N SER Q 121 -39.19 34.70 -25.27
CA SER Q 121 -38.99 33.91 -24.06
C SER Q 121 -40.18 34.15 -23.14
N GLY Q 122 -40.61 33.10 -22.45
CA GLY Q 122 -41.74 33.20 -21.53
C GLY Q 122 -41.39 33.97 -20.27
N GLY Q 123 -42.34 34.78 -19.79
CA GLY Q 123 -42.18 35.51 -18.54
C GLY Q 123 -41.30 36.75 -18.56
N VAL Q 124 -41.01 37.24 -19.76
CA VAL Q 124 -40.27 38.50 -19.91
C VAL Q 124 -40.98 39.44 -20.90
N ARG Q 125 -40.75 40.73 -20.73
CA ARG Q 125 -41.20 41.72 -21.70
C ARG Q 125 -39.99 42.22 -22.50
N PRO Q 126 -40.23 42.75 -23.71
CA PRO Q 126 -39.12 43.31 -24.48
C PRO Q 126 -38.52 44.53 -23.79
N PHE Q 127 -37.26 44.82 -24.07
CA PHE Q 127 -36.62 46.05 -23.61
C PHE Q 127 -37.28 47.25 -24.29
N GLY Q 128 -37.58 48.28 -23.49
CA GLY Q 128 -38.13 49.52 -24.02
C GLY Q 128 -37.00 50.48 -24.36
N VAL Q 129 -36.08 50.00 -25.20
CA VAL Q 129 -34.82 50.69 -25.48
C VAL Q 129 -34.37 50.43 -26.91
N SER Q 130 -34.04 51.52 -27.62
CA SER Q 130 -33.27 51.42 -28.86
C SER Q 130 -31.90 52.02 -28.58
N THR Q 131 -30.87 51.41 -29.17
CA THR Q 131 -29.50 51.85 -28.91
C THR Q 131 -28.83 52.40 -30.16
N LEU Q 132 -27.93 53.35 -29.96
CA LEU Q 132 -26.97 53.76 -30.98
C LEU Q 132 -25.60 53.32 -30.50
N ILE Q 133 -24.95 52.48 -31.30
CA ILE Q 133 -23.64 51.94 -30.97
C ILE Q 133 -22.63 52.45 -31.98
N ALA Q 134 -21.58 53.11 -31.50
CA ALA Q 134 -20.59 53.74 -32.37
C ALA Q 134 -19.17 53.48 -31.91
N GLY Q 135 -18.23 53.51 -32.85
CA GLY Q 135 -16.81 53.35 -32.55
C GLY Q 135 -15.98 52.95 -33.74
N PHE Q 136 -14.80 52.39 -33.47
CA PHE Q 136 -13.87 51.96 -34.50
C PHE Q 136 -13.36 50.54 -34.22
N ASP Q 137 -13.35 49.71 -35.26
CA ASP Q 137 -12.79 48.36 -35.19
C ASP Q 137 -11.30 48.44 -34.82
N PRO Q 138 -10.78 47.45 -34.07
CA PRO Q 138 -9.36 47.45 -33.69
C PRO Q 138 -8.45 47.59 -34.91
N ARG Q 139 -7.42 48.43 -34.78
CA ARG Q 139 -6.44 48.70 -35.85
C ARG Q 139 -7.07 49.23 -37.15
N ASP Q 140 -8.29 49.76 -37.06
CA ASP Q 140 -9.01 50.30 -38.21
C ASP Q 140 -9.39 51.76 -37.99
N ASP Q 141 -9.49 52.51 -39.08
CA ASP Q 141 -9.82 53.94 -39.01
C ASP Q 141 -11.11 54.35 -39.74
N GLU Q 142 -11.86 53.35 -40.21
CA GLU Q 142 -13.17 53.58 -40.83
C GLU Q 142 -14.25 53.67 -39.76
N PRO Q 143 -15.00 54.79 -39.72
CA PRO Q 143 -16.03 55.02 -38.69
C PRO Q 143 -17.22 54.06 -38.78
N LYS Q 144 -17.71 53.64 -37.62
CA LYS Q 144 -18.83 52.71 -37.53
C LYS Q 144 -19.95 53.28 -36.67
N LEU Q 145 -21.19 53.14 -37.16
CA LEU Q 145 -22.36 53.54 -36.40
C LEU Q 145 -23.50 52.57 -36.69
N TYR Q 146 -24.08 52.02 -35.61
CA TYR Q 146 -25.15 51.04 -35.73
C TYR Q 146 -26.32 51.41 -34.83
N GLN Q 147 -27.49 50.81 -35.11
CA GLN Q 147 -28.68 51.03 -34.30
C GLN Q 147 -29.43 49.72 -34.10
N THR Q 148 -29.74 49.42 -32.83
CA THR Q 148 -30.62 48.30 -32.50
C THR Q 148 -31.97 48.82 -32.02
N GLU Q 149 -32.98 47.93 -32.03
CA GLU Q 149 -34.32 48.27 -31.54
C GLU Q 149 -34.96 47.06 -30.82
N PRO Q 150 -36.07 47.30 -30.08
CA PRO Q 150 -36.70 46.25 -29.27
C PRO Q 150 -36.96 44.92 -29.99
N SER Q 151 -37.29 44.97 -31.28
CA SER Q 151 -37.54 43.76 -32.07
C SER Q 151 -36.27 42.91 -32.25
N GLY Q 152 -35.11 43.54 -32.09
CA GLY Q 152 -33.84 42.85 -32.25
C GLY Q 152 -33.14 43.14 -33.57
N ILE Q 153 -33.81 43.89 -34.44
CA ILE Q 153 -33.24 44.29 -35.73
C ILE Q 153 -32.11 45.32 -35.54
N TYR Q 154 -31.02 45.15 -36.29
CA TYR Q 154 -29.91 46.10 -36.27
C TYR Q 154 -29.45 46.46 -37.68
N SER Q 155 -28.87 47.65 -37.83
CA SER Q 155 -28.32 48.11 -39.12
C SER Q 155 -27.39 49.32 -38.94
N SER Q 156 -26.48 49.51 -39.90
CA SER Q 156 -25.55 50.64 -39.85
C SER Q 156 -26.11 51.87 -40.56
N TRP Q 157 -25.75 53.04 -40.03
CA TRP Q 157 -26.25 54.31 -40.54
C TRP Q 157 -25.11 55.29 -40.74
N SER Q 158 -25.20 56.06 -41.83
CA SER Q 158 -24.35 57.23 -42.02
C SER Q 158 -24.71 58.24 -40.94
N ALA Q 159 -26.01 58.40 -40.70
CA ALA Q 159 -26.53 59.21 -39.61
C ALA Q 159 -27.90 58.68 -39.19
N GLN Q 160 -28.18 58.74 -37.89
CA GLN Q 160 -29.44 58.24 -37.36
C GLN Q 160 -29.81 58.91 -36.03
N THR Q 161 -31.11 58.96 -35.76
CA THR Q 161 -31.63 59.51 -34.52
C THR Q 161 -32.73 58.60 -33.94
N ILE Q 162 -32.85 58.61 -32.61
CA ILE Q 162 -33.87 57.83 -31.91
C ILE Q 162 -34.43 58.63 -30.73
N GLY Q 163 -35.70 58.42 -30.42
CA GLY Q 163 -36.34 59.07 -29.28
C GLY Q 163 -37.45 60.01 -29.67
N ARG Q 164 -37.74 60.97 -28.78
CA ARG Q 164 -38.80 61.95 -29.03
C ARG Q 164 -38.39 62.97 -30.09
N ASN Q 165 -39.36 63.33 -30.93
CA ASN Q 165 -39.16 64.23 -32.07
C ASN Q 165 -38.03 63.79 -33.01
N SER Q 166 -37.78 62.49 -33.04
CA SER Q 166 -36.78 61.90 -33.94
C SER Q 166 -37.23 61.98 -35.41
N LYS Q 167 -38.53 62.19 -35.60
CA LYS Q 167 -39.11 62.39 -36.93
C LYS Q 167 -38.61 63.71 -37.54
N THR Q 168 -38.55 64.75 -36.69
CA THR Q 168 -38.13 66.09 -37.12
C THR Q 168 -36.62 66.17 -37.40
N VAL Q 169 -35.82 65.48 -36.59
CA VAL Q 169 -34.36 65.52 -36.74
C VAL Q 169 -33.85 64.58 -37.84
N ARG Q 170 -34.56 63.48 -38.07
CA ARG Q 170 -34.26 62.60 -39.22
C ARG Q 170 -34.60 63.34 -40.52
N GLU Q 171 -35.68 64.12 -40.47
CA GLU Q 171 -36.06 65.03 -41.55
C GLU Q 171 -34.89 65.97 -41.86
N PHE Q 172 -34.35 66.57 -40.81
CA PHE Q 172 -33.21 67.49 -40.92
C PHE Q 172 -31.98 66.81 -41.51
N LEU Q 173 -31.59 65.67 -40.94
CA LEU Q 173 -30.39 64.95 -41.37
C LEU Q 173 -30.46 64.47 -42.82
N GLU Q 174 -31.64 64.07 -43.26
CA GLU Q 174 -31.84 63.55 -44.62
C GLU Q 174 -31.56 64.57 -45.73
N LYS Q 175 -31.74 65.85 -45.43
CA LYS Q 175 -31.48 66.92 -46.40
C LYS Q 175 -30.13 67.62 -46.17
N ASN Q 176 -29.50 67.36 -45.02
CA ASN Q 176 -28.25 68.02 -44.65
C ASN Q 176 -26.99 67.18 -44.79
N TYR Q 177 -27.12 65.86 -44.57
CA TYR Q 177 -25.98 64.95 -44.68
C TYR Q 177 -25.75 64.53 -46.12
N ASP Q 178 -24.53 64.77 -46.60
CA ASP Q 178 -24.12 64.35 -47.94
C ASP Q 178 -23.24 63.11 -47.84
N ARG Q 179 -23.65 62.05 -48.54
CA ARG Q 179 -22.89 60.81 -48.58
C ARG Q 179 -21.63 60.95 -49.43
N LYS Q 180 -21.73 61.75 -50.49
CA LYS Q 180 -20.60 62.06 -51.37
C LYS Q 180 -19.42 62.59 -50.55
N GLU Q 181 -19.70 63.57 -49.70
CA GLU Q 181 -18.68 64.15 -48.82
C GLU Q 181 -19.20 64.27 -47.37
N PRO Q 182 -18.77 63.34 -46.49
CA PRO Q 182 -19.06 63.42 -45.06
C PRO Q 182 -18.30 64.59 -44.42
N PRO Q 183 -18.69 64.99 -43.19
CA PRO Q 183 -17.91 66.01 -42.47
C PRO Q 183 -16.46 65.58 -42.31
N ALA Q 184 -15.57 66.24 -43.07
CA ALA Q 184 -14.16 65.86 -43.12
C ALA Q 184 -13.40 66.14 -41.80
N THR Q 185 -13.82 67.18 -41.09
CA THR Q 185 -13.18 67.56 -39.83
C THR Q 185 -13.97 67.05 -38.63
N VAL Q 186 -13.26 66.86 -37.51
CA VAL Q 186 -13.88 66.55 -36.22
C VAL Q 186 -14.75 67.73 -35.79
N GLU Q 187 -14.21 68.94 -35.95
CA GLU Q 187 -14.88 70.18 -35.56
C GLU Q 187 -16.21 70.41 -36.27
N GLU Q 188 -16.21 70.24 -37.59
CA GLU Q 188 -17.42 70.47 -38.40
C GLU Q 188 -18.46 69.35 -38.28
N CYS Q 189 -18.02 68.17 -37.82
CA CYS Q 189 -18.92 67.05 -37.56
C CYS Q 189 -19.77 67.31 -36.32
N VAL Q 190 -19.16 67.88 -35.30
CA VAL Q 190 -19.84 68.26 -34.06
C VAL Q 190 -20.84 69.39 -34.33
N LYS Q 191 -20.46 70.31 -35.22
CA LYS Q 191 -21.31 71.43 -35.62
C LYS Q 191 -22.66 70.96 -36.19
N LEU Q 192 -22.61 69.93 -37.03
CA LEU Q 192 -23.82 69.36 -37.64
C LEU Q 192 -24.71 68.66 -36.60
N THR Q 193 -24.07 68.04 -35.61
CA THR Q 193 -24.78 67.30 -34.55
C THR Q 193 -25.57 68.24 -33.63
N VAL Q 194 -25.01 69.42 -33.36
CA VAL Q 194 -25.68 70.42 -32.54
C VAL Q 194 -26.86 71.05 -33.29
N ARG Q 195 -26.67 71.33 -34.57
CA ARG Q 195 -27.71 71.89 -35.44
C ARG Q 195 -28.97 71.02 -35.46
N SER Q 196 -28.77 69.71 -35.58
CA SER Q 196 -29.87 68.75 -35.63
C SER Q 196 -30.64 68.67 -34.31
N LEU Q 197 -29.92 68.83 -33.19
CA LEU Q 197 -30.54 68.81 -31.86
C LEU Q 197 -31.25 70.12 -31.52
N LEU Q 198 -30.69 71.24 -31.98
CA LEU Q 198 -31.27 72.57 -31.70
C LEU Q 198 -32.67 72.75 -32.28
N GLU Q 199 -33.04 71.90 -33.22
CA GLU Q 199 -34.39 71.87 -33.78
C GLU Q 199 -35.39 71.32 -32.76
N VAL Q 200 -34.93 70.42 -31.90
CA VAL Q 200 -35.78 69.68 -30.96
C VAL Q 200 -35.74 70.22 -29.52
N VAL Q 201 -34.54 70.61 -29.05
CA VAL Q 201 -34.32 70.95 -27.63
C VAL Q 201 -34.82 72.34 -27.22
N GLN Q 202 -34.60 73.33 -28.08
CA GLN Q 202 -34.97 74.73 -27.81
C GLN Q 202 -34.12 75.36 -26.69
N THR Q 203 -33.10 76.12 -27.09
CA THR Q 203 -32.15 76.78 -26.17
C THR Q 203 -31.67 75.82 -25.07
N GLY Q 204 -30.86 74.83 -25.45
CA GLY Q 204 -30.42 73.79 -24.53
C GLY Q 204 -28.93 73.74 -24.31
N ALA Q 205 -28.35 74.86 -23.88
CA ALA Q 205 -26.93 74.96 -23.59
C ALA Q 205 -26.48 73.90 -22.58
N LYS Q 206 -27.24 73.77 -21.49
CA LYS Q 206 -26.98 72.75 -20.47
C LYS Q 206 -27.83 71.49 -20.69
N ASN Q 207 -28.63 71.48 -21.76
CA ASN Q 207 -29.49 70.35 -22.09
C ASN Q 207 -28.95 69.49 -23.25
N ILE Q 208 -27.84 69.91 -23.84
CA ILE Q 208 -27.20 69.17 -24.93
C ILE Q 208 -25.79 68.71 -24.52
N GLU Q 209 -25.54 67.40 -24.63
CA GLU Q 209 -24.20 66.85 -24.41
C GLU Q 209 -23.67 66.14 -25.65
N ILE Q 210 -22.39 66.35 -25.93
CA ILE Q 210 -21.73 65.78 -27.10
C ILE Q 210 -20.49 64.98 -26.69
N THR Q 211 -20.38 63.76 -27.21
CA THR Q 211 -19.23 62.90 -26.98
C THR Q 211 -18.60 62.49 -28.32
N VAL Q 212 -17.30 62.74 -28.45
CA VAL Q 212 -16.58 62.45 -29.70
C VAL Q 212 -15.70 61.19 -29.55
N VAL Q 213 -15.85 60.26 -30.48
CA VAL Q 213 -15.02 59.05 -30.53
C VAL Q 213 -14.17 59.02 -31.79
N LYS Q 214 -12.86 58.91 -31.60
CA LYS Q 214 -11.88 58.84 -32.69
C LYS Q 214 -11.24 57.45 -32.72
N PRO Q 215 -10.47 57.13 -33.79
CA PRO Q 215 -9.78 55.83 -33.86
C PRO Q 215 -8.78 55.59 -32.73
N ASP Q 216 -8.44 54.31 -32.52
CA ASP Q 216 -7.46 53.88 -31.51
C ASP Q 216 -7.78 54.37 -30.09
N SER Q 217 -9.00 54.08 -29.64
CA SER Q 217 -9.46 54.40 -28.30
C SER Q 217 -9.22 55.85 -27.90
N ASP Q 218 -9.99 56.75 -28.51
CA ASP Q 218 -9.91 58.18 -28.20
C ASP Q 218 -11.33 58.75 -28.03
N ILE Q 219 -11.91 58.50 -26.86
CA ILE Q 219 -13.26 58.97 -26.56
C ILE Q 219 -13.20 60.11 -25.54
N VAL Q 220 -13.81 61.23 -25.89
CA VAL Q 220 -13.80 62.42 -25.03
C VAL Q 220 -15.16 63.14 -25.05
N ALA Q 221 -15.66 63.45 -23.86
CA ALA Q 221 -16.88 64.24 -23.71
C ALA Q 221 -16.56 65.73 -23.73
N LEU Q 222 -17.49 66.53 -24.25
CA LEU Q 222 -17.30 67.98 -24.32
C LEU Q 222 -17.92 68.67 -23.11
N SER Q 223 -17.19 69.67 -22.60
CA SER Q 223 -17.66 70.46 -21.46
C SER Q 223 -18.75 71.45 -21.87
N SER Q 224 -19.38 72.08 -20.89
CA SER Q 224 -20.45 73.04 -21.14
C SER Q 224 -20.06 74.16 -22.10
N GLU Q 225 -18.91 74.78 -21.84
CA GLU Q 225 -18.42 75.90 -22.65
C GLU Q 225 -18.07 75.51 -24.10
N GLU Q 226 -17.49 74.32 -24.25
CA GLU Q 226 -17.11 73.82 -25.58
C GLU Q 226 -18.35 73.57 -26.45
N ILE Q 227 -19.40 73.02 -25.84
CA ILE Q 227 -20.69 72.85 -26.50
C ILE Q 227 -21.34 74.22 -26.74
N ASN Q 228 -21.30 75.08 -25.72
CA ASN Q 228 -21.89 76.41 -25.76
C ASN Q 228 -21.33 77.29 -26.88
N GLN Q 229 -20.05 77.10 -27.20
CA GLN Q 229 -19.40 77.83 -28.29
C GLN Q 229 -20.00 77.49 -29.66
N TYR Q 230 -20.36 76.22 -29.85
CA TYR Q 230 -21.05 75.78 -31.07
C TYR Q 230 -22.47 76.35 -31.11
N VAL Q 231 -23.13 76.39 -29.96
CA VAL Q 231 -24.46 76.96 -29.82
C VAL Q 231 -24.48 78.46 -30.14
N THR Q 232 -23.43 79.18 -29.70
CA THR Q 232 -23.31 80.61 -29.92
C THR Q 232 -23.09 80.96 -31.39
N GLN Q 233 -22.28 80.16 -32.08
CA GLN Q 233 -21.94 80.40 -33.49
C GLN Q 233 -23.10 80.08 -34.44
N ILE Q 234 -23.72 78.92 -34.26
CA ILE Q 234 -24.82 78.45 -35.11
C ILE Q 234 -26.00 79.42 -35.14
N GLU Q 235 -26.34 79.98 -33.99
CA GLU Q 235 -27.45 80.92 -33.85
C GLU Q 235 -27.16 82.30 -34.47
N GLN Q 236 -25.89 82.55 -34.80
CA GLN Q 236 -25.48 83.76 -35.50
C GLN Q 236 -25.48 83.58 -37.02
N GLU Q 237 -25.51 82.33 -37.47
CA GLU Q 237 -25.54 81.99 -38.89
C GLU Q 237 -26.89 82.31 -39.53
N LYS Q 238 -27.95 82.16 -38.74
CA LYS Q 238 -29.32 82.41 -39.18
C LYS Q 238 -29.57 83.89 -39.48
N GLN Q 239 -29.03 84.75 -38.62
CA GLN Q 239 -29.32 86.20 -38.64
C GLN Q 239 -28.70 86.95 -39.81
N GLU Q 240 -27.59 86.42 -40.35
CA GLU Q 240 -26.93 87.00 -41.52
C GLU Q 240 -27.69 86.68 -42.80
N GLN Q 241 -28.36 85.52 -42.82
CA GLN Q 241 -29.16 85.08 -43.96
C GLN Q 241 -30.63 85.45 -43.75
N ASP R 1 -58.07 35.69 -21.77
CA ASP R 1 -57.19 35.48 -22.95
C ASP R 1 -57.35 34.05 -23.50
N ARG R 2 -56.31 33.52 -24.12
CA ARG R 2 -56.35 32.22 -24.79
C ARG R 2 -54.94 31.68 -25.00
N GLY R 3 -54.78 30.37 -24.77
CA GLY R 3 -53.47 29.70 -24.84
C GLY R 3 -52.74 29.84 -26.16
N VAL R 4 -51.42 29.66 -26.12
CA VAL R 4 -50.57 29.82 -27.31
C VAL R 4 -50.87 28.76 -28.39
N SER R 5 -50.50 27.51 -28.11
CA SER R 5 -50.80 26.42 -29.03
C SER R 5 -52.25 25.97 -28.82
N THR R 6 -53.16 26.68 -29.49
CA THR R 6 -54.60 26.43 -29.38
C THR R 6 -55.19 26.27 -30.77
N PHE R 7 -56.19 25.41 -30.88
CA PHE R 7 -56.88 25.15 -32.16
C PHE R 7 -58.10 26.04 -32.36
N SER R 8 -58.23 26.55 -33.59
CA SER R 8 -59.45 27.24 -34.02
C SER R 8 -60.51 26.19 -34.36
N PRO R 9 -61.79 26.60 -34.41
CA PRO R 9 -62.85 25.67 -34.82
C PRO R 9 -62.65 25.07 -36.21
N GLU R 10 -61.79 25.70 -37.01
CA GLU R 10 -61.50 25.27 -38.38
C GLU R 10 -60.30 24.30 -38.48
N GLY R 11 -59.67 24.02 -37.34
CA GLY R 11 -58.58 23.05 -37.27
C GLY R 11 -57.20 23.63 -37.53
N ARG R 12 -57.02 24.91 -37.21
CA ARG R 12 -55.75 25.58 -37.39
C ARG R 12 -55.23 26.15 -36.08
N LEU R 13 -53.91 26.30 -35.98
CA LEU R 13 -53.28 26.89 -34.80
C LEU R 13 -53.23 28.41 -34.95
N PHE R 14 -54.02 29.09 -34.12
CA PHE R 14 -54.11 30.55 -34.13
C PHE R 14 -52.76 31.23 -34.33
N GLN R 15 -51.83 30.96 -33.41
CA GLN R 15 -50.51 31.60 -33.43
C GLN R 15 -49.73 31.35 -34.71
N VAL R 16 -49.84 30.14 -35.27
CA VAL R 16 -49.18 29.82 -36.53
C VAL R 16 -49.79 30.63 -37.68
N GLU R 17 -51.12 30.70 -37.71
CA GLU R 17 -51.84 31.45 -38.75
C GLU R 17 -51.57 32.96 -38.65
N TYR R 18 -51.46 33.47 -37.42
CA TYR R 18 -51.12 34.87 -37.20
C TYR R 18 -49.67 35.15 -37.57
N SER R 19 -48.82 34.14 -37.39
CA SER R 19 -47.41 34.22 -37.78
C SER R 19 -47.22 34.34 -39.28
N LEU R 20 -48.08 33.64 -40.04
CA LEU R 20 -48.10 33.71 -41.50
C LEU R 20 -48.47 35.10 -42.01
N GLU R 21 -49.32 35.80 -41.26
CA GLU R 21 -49.72 37.16 -41.58
C GLU R 21 -48.60 38.16 -41.38
N ALA R 22 -47.70 37.86 -40.45
CA ALA R 22 -46.53 38.69 -40.19
C ALA R 22 -45.51 38.57 -41.33
N ILE R 23 -45.44 37.40 -41.94
CA ILE R 23 -44.55 37.13 -43.07
C ILE R 23 -45.00 37.92 -44.30
N LYS R 24 -46.31 38.06 -44.47
CA LYS R 24 -46.89 38.83 -45.57
C LYS R 24 -46.49 40.30 -45.53
N LEU R 25 -46.18 40.80 -44.34
CA LEU R 25 -45.73 42.19 -44.19
C LEU R 25 -44.22 42.33 -44.39
N GLY R 26 -43.53 41.21 -44.61
CA GLY R 26 -42.09 41.20 -44.85
C GLY R 26 -41.70 41.61 -46.25
N SER R 27 -40.40 41.74 -46.48
CA SER R 27 -39.86 42.09 -47.79
C SER R 27 -39.76 40.87 -48.69
N THR R 28 -39.95 41.08 -49.99
CA THR R 28 -40.04 39.99 -50.95
C THR R 28 -38.72 39.23 -51.14
N ALA R 29 -38.81 37.91 -51.13
CA ALA R 29 -37.70 37.02 -51.44
C ALA R 29 -38.14 36.01 -52.49
N ILE R 30 -37.27 35.77 -53.48
CA ILE R 30 -37.59 34.89 -54.60
C ILE R 30 -36.46 33.90 -54.86
N GLY R 31 -36.83 32.63 -55.07
CA GLY R 31 -35.88 31.59 -55.45
C GLY R 31 -36.32 30.86 -56.72
N ILE R 32 -35.34 30.53 -57.56
CA ILE R 32 -35.58 29.72 -58.77
C ILE R 32 -34.53 28.62 -58.86
N ALA R 33 -34.98 27.38 -59.03
CA ALA R 33 -34.08 26.24 -59.19
C ALA R 33 -33.96 25.81 -60.65
N THR R 34 -32.71 25.59 -61.09
CA THR R 34 -32.44 25.07 -62.44
C THR R 34 -31.55 23.83 -62.35
N LYS R 35 -31.01 23.39 -63.48
CA LYS R 35 -30.04 22.30 -63.51
C LYS R 35 -28.60 22.82 -63.58
N GLU R 36 -28.48 24.14 -63.68
CA GLU R 36 -27.18 24.82 -63.64
C GLU R 36 -26.94 25.49 -62.29
N GLY R 37 -27.97 25.52 -61.44
CA GLY R 37 -27.88 26.12 -60.12
C GLY R 37 -29.18 26.67 -59.59
N VAL R 38 -29.18 27.08 -58.31
CA VAL R 38 -30.33 27.75 -57.70
C VAL R 38 -29.99 29.22 -57.47
N VAL R 39 -30.95 30.10 -57.72
CA VAL R 39 -30.74 31.54 -57.55
C VAL R 39 -31.68 32.10 -56.48
N LEU R 40 -31.11 32.90 -55.59
CA LEU R 40 -31.86 33.57 -54.52
C LEU R 40 -31.70 35.10 -54.60
N GLY R 41 -32.82 35.80 -54.60
CA GLY R 41 -32.82 37.26 -54.64
C GLY R 41 -33.78 37.88 -53.64
N VAL R 42 -33.40 39.03 -53.09
CA VAL R 42 -34.22 39.73 -52.10
C VAL R 42 -34.37 41.23 -52.37
N GLU R 43 -35.45 41.80 -51.84
CA GLU R 43 -35.66 43.24 -51.80
C GLU R 43 -35.14 43.77 -50.47
N LYS R 44 -34.19 44.70 -50.52
CA LYS R 44 -33.62 45.28 -49.30
C LYS R 44 -34.64 46.07 -48.48
N ARG R 45 -35.33 47.02 -49.12
CA ARG R 45 -36.31 47.90 -48.48
C ARG R 45 -35.74 48.67 -47.28
N ALA R 46 -34.85 49.62 -47.55
CA ALA R 46 -34.31 50.50 -46.52
C ALA R 46 -35.35 51.56 -46.18
N THR R 47 -35.64 51.72 -44.89
CA THR R 47 -36.67 52.66 -44.43
C THR R 47 -36.28 54.13 -44.58
N SER R 48 -34.97 54.39 -44.73
CA SER R 48 -34.44 55.74 -44.86
C SER R 48 -33.22 55.78 -45.78
N PRO R 49 -33.02 56.89 -46.53
CA PRO R 49 -31.83 57.07 -47.37
C PRO R 49 -30.50 57.06 -46.62
N LEU R 50 -30.52 57.43 -45.33
CA LEU R 50 -29.31 57.45 -44.50
C LEU R 50 -28.83 56.06 -44.09
N LEU R 51 -29.71 55.08 -44.23
CA LEU R 51 -29.41 53.69 -43.89
C LEU R 51 -28.47 53.07 -44.93
N GLU R 52 -27.30 52.60 -44.48
CA GLU R 52 -26.34 51.94 -45.36
C GLU R 52 -26.85 50.58 -45.80
N SER R 53 -27.29 50.51 -47.06
CA SER R 53 -28.01 49.35 -47.61
C SER R 53 -27.21 48.05 -47.64
N ASP R 54 -25.88 48.16 -47.65
CA ASP R 54 -24.99 47.00 -47.67
C ASP R 54 -24.92 46.28 -46.31
N SER R 55 -25.50 46.87 -45.28
CA SER R 55 -25.61 46.24 -43.97
C SER R 55 -26.83 45.33 -43.86
N ILE R 56 -27.84 45.57 -44.70
CA ILE R 56 -29.03 44.71 -44.76
C ILE R 56 -28.61 43.33 -45.30
N GLU R 57 -28.56 42.36 -44.39
CA GLU R 57 -28.13 41.01 -44.72
C GLU R 57 -29.34 40.07 -44.64
N LYS R 58 -30.00 39.86 -45.77
CA LYS R 58 -31.18 39.00 -45.82
C LYS R 58 -30.93 37.73 -46.64
N ILE R 59 -29.72 37.61 -47.18
CA ILE R 59 -29.24 36.36 -47.77
C ILE R 59 -28.03 35.92 -46.95
N VAL R 60 -28.09 34.71 -46.39
CA VAL R 60 -26.99 34.22 -45.56
C VAL R 60 -26.50 32.84 -45.97
N GLU R 61 -25.21 32.58 -45.74
CA GLU R 61 -24.60 31.28 -46.00
C GLU R 61 -24.81 30.34 -44.83
N ILE R 62 -25.23 29.11 -45.13
CA ILE R 62 -25.36 28.07 -44.13
C ILE R 62 -24.13 27.17 -44.16
N ASP R 63 -23.85 26.59 -45.33
CA ASP R 63 -22.59 25.90 -45.60
C ASP R 63 -22.13 26.28 -47.01
N ARG R 64 -20.98 25.76 -47.45
CA ARG R 64 -20.48 26.10 -48.78
C ARG R 64 -21.43 25.63 -49.89
N HIS R 65 -22.29 24.66 -49.56
CA HIS R 65 -23.22 24.08 -50.53
C HIS R 65 -24.69 24.43 -50.27
N ILE R 66 -24.96 25.20 -49.22
CA ILE R 66 -26.33 25.59 -48.86
C ILE R 66 -26.45 27.09 -48.57
N GLY R 67 -27.49 27.72 -49.13
CA GLY R 67 -27.76 29.14 -48.91
C GLY R 67 -29.16 29.39 -48.39
N CYS R 68 -29.41 30.60 -47.90
CA CYS R 68 -30.67 30.92 -47.24
C CYS R 68 -31.13 32.36 -47.46
N ALA R 69 -32.43 32.53 -47.73
CA ALA R 69 -33.06 33.85 -47.84
C ALA R 69 -34.24 33.95 -46.88
N MET R 70 -34.51 35.15 -46.39
CA MET R 70 -35.52 35.36 -45.35
C MET R 70 -36.52 36.48 -45.67
N SER R 71 -37.71 36.38 -45.06
CA SER R 71 -38.76 37.38 -45.21
C SER R 71 -39.66 37.43 -43.99
N GLY R 72 -39.92 38.63 -43.49
CA GLY R 72 -40.74 38.84 -42.29
C GLY R 72 -39.94 39.49 -41.19
N LEU R 73 -40.10 38.99 -39.97
CA LEU R 73 -39.32 39.48 -38.83
C LEU R 73 -37.92 38.87 -38.86
N THR R 74 -37.02 39.56 -39.54
CA THR R 74 -35.69 39.04 -39.85
C THR R 74 -34.80 38.77 -38.63
N ALA R 75 -35.12 39.40 -37.50
CA ALA R 75 -34.37 39.18 -36.26
C ALA R 75 -34.57 37.77 -35.71
N ASP R 76 -35.74 37.19 -35.99
CA ASP R 76 -36.08 35.83 -35.55
C ASP R 76 -35.30 34.76 -36.30
N ALA R 77 -34.70 35.13 -37.42
CA ALA R 77 -33.97 34.20 -38.27
C ALA R 77 -32.59 33.84 -37.71
N ARG R 78 -31.98 34.75 -36.94
CA ARG R 78 -30.62 34.56 -36.44
C ARG R 78 -30.38 33.23 -35.72
N SER R 79 -31.32 32.83 -34.86
CA SER R 79 -31.20 31.56 -34.15
C SER R 79 -31.48 30.35 -35.06
N MET R 80 -32.34 30.54 -36.05
CA MET R 80 -32.60 29.51 -37.07
C MET R 80 -31.35 29.26 -37.91
N ILE R 81 -30.69 30.34 -38.33
CA ILE R 81 -29.43 30.27 -39.08
C ILE R 81 -28.35 29.63 -38.22
N GLU R 82 -28.27 30.06 -36.96
CA GLU R 82 -27.33 29.49 -36.00
C GLU R 82 -27.54 27.99 -35.82
N HIS R 83 -28.80 27.57 -35.72
CA HIS R 83 -29.13 26.14 -35.65
C HIS R 83 -28.81 25.42 -36.95
N ALA R 84 -29.02 26.12 -38.08
CA ALA R 84 -28.75 25.57 -39.40
C ALA R 84 -27.26 25.31 -39.61
N ARG R 85 -26.44 26.29 -39.24
CA ARG R 85 -24.98 26.20 -39.40
C ARG R 85 -24.38 25.13 -38.50
N THR R 86 -24.89 25.03 -37.28
CA THR R 86 -24.47 24.02 -36.32
C THR R 86 -24.79 22.61 -36.83
N ALA R 87 -26.00 22.44 -37.36
CA ALA R 87 -26.45 21.14 -37.87
C ALA R 87 -25.59 20.64 -39.02
N ALA R 88 -25.26 21.54 -39.94
CA ALA R 88 -24.39 21.24 -41.09
C ALA R 88 -22.96 20.89 -40.67
N VAL R 89 -22.33 21.77 -39.90
CA VAL R 89 -20.97 21.56 -39.41
C VAL R 89 -20.86 20.33 -38.51
N THR R 90 -21.88 20.11 -37.67
CA THR R 90 -21.94 18.92 -36.82
C THR R 90 -22.08 17.65 -37.64
N HIS R 91 -22.93 17.69 -38.67
CA HIS R 91 -23.10 16.53 -39.53
C HIS R 91 -21.77 16.13 -40.18
N ASN R 92 -21.03 17.14 -40.62
CA ASN R 92 -19.70 16.92 -41.19
C ASN R 92 -18.74 16.30 -40.20
N LEU R 93 -18.90 16.63 -38.92
CA LEU R 93 -18.04 16.07 -37.87
C LEU R 93 -18.32 14.59 -37.60
N TYR R 94 -19.60 14.21 -37.52
CA TYR R 94 -19.99 12.81 -37.29
C TYR R 94 -19.77 11.89 -38.50
N TYR R 95 -19.90 12.45 -39.70
CA TYR R 95 -20.00 11.61 -40.90
C TYR R 95 -18.99 11.88 -42.03
N ASP R 96 -18.11 12.86 -41.84
CA ASP R 96 -17.09 13.20 -42.85
C ASP R 96 -17.69 13.38 -44.25
N GLU R 97 -18.81 14.10 -44.31
CA GLU R 97 -19.50 14.36 -45.57
C GLU R 97 -20.39 15.59 -45.43
N ASP R 98 -20.99 16.02 -46.53
CA ASP R 98 -21.91 17.14 -46.52
C ASP R 98 -23.32 16.72 -46.12
N ILE R 99 -23.96 17.55 -45.32
CA ILE R 99 -25.37 17.40 -44.97
C ILE R 99 -26.24 17.51 -46.23
N ASN R 100 -27.21 16.61 -46.36
CA ASN R 100 -28.22 16.73 -47.42
C ASN R 100 -29.11 17.95 -47.19
N VAL R 101 -29.42 18.65 -48.28
CA VAL R 101 -30.25 19.86 -48.20
C VAL R 101 -31.61 19.58 -47.54
N GLU R 102 -32.23 18.47 -47.93
CA GLU R 102 -33.52 18.06 -47.37
C GLU R 102 -33.41 17.79 -45.86
N SER R 103 -32.30 17.15 -45.46
CA SER R 103 -32.03 16.84 -44.06
C SER R 103 -31.75 18.09 -43.24
N LEU R 104 -31.06 19.05 -43.85
CA LEU R 104 -30.77 20.33 -43.21
C LEU R 104 -32.07 21.12 -42.99
N THR R 105 -32.93 21.13 -43.99
CA THR R 105 -34.21 21.82 -43.91
C THR R 105 -35.11 21.19 -42.85
N GLN R 106 -35.13 19.86 -42.80
CA GLN R 106 -35.90 19.12 -41.79
C GLN R 106 -35.52 19.50 -40.35
N SER R 107 -34.22 19.67 -40.12
CA SER R 107 -33.70 20.02 -38.79
C SER R 107 -34.10 21.42 -38.36
N VAL R 108 -34.06 22.35 -39.32
CA VAL R 108 -34.51 23.73 -39.11
C VAL R 108 -36.02 23.78 -38.83
N CYS R 109 -36.78 22.96 -39.57
CA CYS R 109 -38.23 22.89 -39.38
C CYS R 109 -38.65 22.25 -38.05
N ASP R 110 -37.76 21.44 -37.48
CA ASP R 110 -38.01 20.82 -36.18
C ASP R 110 -38.07 21.85 -35.05
N LEU R 111 -37.39 22.99 -35.24
CA LEU R 111 -37.43 24.10 -34.29
C LEU R 111 -38.77 24.81 -34.25
N ALA R 112 -39.43 24.87 -35.41
CA ALA R 112 -40.63 25.69 -35.61
C ALA R 112 -41.78 25.42 -34.65
N LEU R 113 -41.93 24.17 -34.21
CA LEU R 113 -43.03 23.81 -33.29
C LEU R 113 -42.62 23.83 -31.80
N ARG R 114 -41.37 24.16 -31.53
CA ARG R 114 -40.86 24.18 -30.15
C ARG R 114 -41.41 25.33 -29.29
N PHE R 115 -42.56 25.88 -29.67
CA PHE R 115 -43.22 26.92 -28.89
C PHE R 115 -44.32 26.33 -28.01
N GLY R 116 -44.87 27.16 -27.12
CA GLY R 116 -45.93 26.75 -26.21
C GLY R 116 -45.56 26.93 -24.74
N GLU R 117 -46.53 26.68 -23.85
CA GLU R 117 -46.29 26.79 -22.41
C GLU R 117 -46.11 25.42 -21.74
N GLY R 118 -45.67 24.43 -22.53
CA GLY R 118 -45.30 23.11 -22.00
C GLY R 118 -46.09 21.92 -22.54
N ALA R 119 -45.93 21.64 -23.83
CA ALA R 119 -46.54 20.47 -24.46
C ALA R 119 -45.81 19.18 -24.05
N SER R 120 -46.58 18.24 -23.47
CA SER R 120 -46.03 16.99 -22.91
C SER R 120 -45.27 16.12 -23.92
N GLY R 121 -44.23 15.42 -23.43
CA GLY R 121 -43.38 14.57 -24.26
C GLY R 121 -41.92 14.99 -24.26
N GLU R 122 -41.66 16.17 -24.82
CA GLU R 122 -40.32 16.77 -24.83
C GLU R 122 -40.41 18.26 -24.46
N GLU R 123 -39.56 18.69 -23.54
CA GLU R 123 -39.53 20.07 -23.06
C GLU R 123 -39.15 21.05 -24.18
N ARG R 124 -39.92 22.14 -24.30
CA ARG R 124 -39.72 23.11 -25.38
C ARG R 124 -39.75 24.57 -24.90
N LEU R 125 -38.58 25.21 -24.92
CA LEU R 125 -38.43 26.59 -24.49
C LEU R 125 -38.56 27.58 -25.65
N MET R 126 -39.76 28.15 -25.79
CA MET R 126 -40.06 29.22 -26.75
C MET R 126 -41.50 29.66 -26.50
N SER R 127 -41.74 30.97 -26.55
CA SER R 127 -43.05 31.52 -26.18
C SER R 127 -43.99 31.74 -27.36
N ARG R 128 -43.43 31.79 -28.57
CA ARG R 128 -44.20 32.03 -29.79
C ARG R 128 -43.47 31.45 -31.00
N PRO R 129 -44.21 31.19 -32.11
CA PRO R 129 -43.57 30.74 -33.35
C PRO R 129 -42.70 31.84 -33.97
N PHE R 130 -41.78 31.46 -34.85
CA PHE R 130 -40.96 32.43 -35.57
C PHE R 130 -41.84 33.26 -36.50
N GLY R 131 -41.52 34.54 -36.65
CA GLY R 131 -42.26 35.42 -37.55
C GLY R 131 -41.52 35.64 -38.86
N VAL R 132 -40.96 34.55 -39.40
CA VAL R 132 -40.12 34.61 -40.59
C VAL R 132 -40.18 33.30 -41.36
N ALA R 133 -40.34 33.40 -42.69
CA ALA R 133 -40.25 32.26 -43.57
C ALA R 133 -38.84 32.21 -44.16
N LEU R 134 -38.37 31.00 -44.47
CA LEU R 134 -37.06 30.82 -45.08
C LEU R 134 -37.12 30.14 -46.43
N LEU R 135 -36.29 30.61 -47.35
CA LEU R 135 -36.04 29.91 -48.60
C LEU R 135 -34.65 29.30 -48.53
N ILE R 136 -34.60 27.97 -48.44
CA ILE R 136 -33.34 27.25 -48.32
C ILE R 136 -32.97 26.61 -49.66
N ALA R 137 -31.83 27.02 -50.20
CA ALA R 137 -31.37 26.54 -51.50
C ALA R 137 -29.98 25.90 -51.39
N GLY R 138 -29.80 24.78 -52.09
CA GLY R 138 -28.51 24.09 -52.06
C GLY R 138 -28.31 23.02 -53.10
N HIS R 139 -27.29 22.19 -52.89
CA HIS R 139 -26.97 21.09 -53.78
C HIS R 139 -26.35 19.94 -53.02
N ASP R 140 -26.73 18.72 -53.38
CA ASP R 140 -26.08 17.51 -52.91
C ASP R 140 -26.04 16.45 -54.01
N ALA R 141 -25.16 15.47 -53.85
CA ALA R 141 -24.96 14.42 -54.87
C ALA R 141 -26.24 13.61 -55.14
N ASP R 142 -27.06 13.41 -54.11
CA ASP R 142 -28.25 12.56 -54.20
C ASP R 142 -29.37 13.14 -55.06
N ASP R 143 -29.82 14.35 -54.73
CA ASP R 143 -30.99 14.95 -55.37
C ASP R 143 -30.70 16.23 -56.15
N GLY R 144 -29.42 16.59 -56.27
CA GLY R 144 -29.00 17.73 -57.07
C GLY R 144 -29.43 19.07 -56.52
N TYR R 145 -29.72 20.01 -57.42
CA TYR R 145 -30.11 21.37 -57.04
C TYR R 145 -31.55 21.42 -56.53
N GLN R 146 -31.73 22.00 -55.35
CA GLN R 146 -33.01 21.99 -54.65
C GLN R 146 -33.35 23.34 -54.01
N LEU R 147 -34.65 23.66 -54.01
CA LEU R 147 -35.16 24.85 -53.34
C LEU R 147 -36.30 24.47 -52.39
N PHE R 148 -36.19 24.90 -51.14
CA PHE R 148 -37.15 24.57 -50.10
C PHE R 148 -37.75 25.83 -49.47
N HIS R 149 -39.02 25.75 -49.08
CA HIS R 149 -39.69 26.82 -48.36
C HIS R 149 -40.03 26.34 -46.95
N ALA R 150 -39.45 26.98 -45.93
CA ALA R 150 -39.63 26.56 -44.54
C ALA R 150 -40.51 27.50 -43.73
N GLU R 151 -41.69 27.01 -43.37
CA GLU R 151 -42.68 27.82 -42.64
C GLU R 151 -42.61 27.64 -41.13
N PRO R 152 -43.08 28.63 -40.36
CA PRO R 152 -43.11 28.54 -38.90
C PRO R 152 -44.08 27.46 -38.36
N SER R 153 -44.83 26.83 -39.27
CA SER R 153 -45.72 25.74 -38.92
C SER R 153 -44.94 24.45 -38.64
N GLY R 154 -43.80 24.31 -39.31
CA GLY R 154 -42.98 23.12 -39.22
C GLY R 154 -42.96 22.34 -40.52
N THR R 155 -43.90 22.68 -41.41
CA THR R 155 -43.97 22.06 -42.73
C THR R 155 -43.01 22.76 -43.69
N PHE R 156 -42.47 21.98 -44.63
CA PHE R 156 -41.64 22.52 -45.70
C PHE R 156 -41.96 21.84 -47.02
N TYR R 157 -42.00 22.64 -48.08
CA TYR R 157 -42.23 22.13 -49.43
C TYR R 157 -41.00 22.37 -50.27
N ARG R 158 -40.73 21.45 -51.22
CA ARG R 158 -39.73 21.69 -52.23
C ARG R 158 -40.38 22.43 -53.41
N TYR R 159 -39.70 23.44 -53.93
CA TYR R 159 -40.22 24.24 -55.03
C TYR R 159 -39.25 24.28 -56.22
N ASN R 160 -39.81 24.39 -57.41
CA ASN R 160 -39.04 24.71 -58.60
C ASN R 160 -38.76 26.21 -58.61
N ALA R 161 -39.73 26.96 -58.09
CA ALA R 161 -39.61 28.40 -57.88
C ALA R 161 -40.65 28.83 -56.85
N LYS R 162 -40.26 29.77 -55.99
CA LYS R 162 -41.14 30.24 -54.92
C LYS R 162 -40.82 31.67 -54.52
N ALA R 163 -41.86 32.44 -54.20
CA ALA R 163 -41.70 33.78 -53.70
C ALA R 163 -42.43 33.95 -52.38
N ILE R 164 -41.74 34.55 -51.40
CA ILE R 164 -42.33 34.86 -50.11
C ILE R 164 -42.25 36.36 -49.85
N GLY R 165 -43.19 36.87 -49.05
CA GLY R 165 -43.18 38.29 -48.67
C GLY R 165 -44.37 39.10 -49.17
N SER R 166 -44.16 40.40 -49.29
CA SER R 166 -45.23 41.37 -49.55
C SER R 166 -46.01 41.16 -50.84
N GLY R 167 -45.31 40.88 -51.94
CA GLY R 167 -45.94 40.71 -53.24
C GLY R 167 -45.88 39.28 -53.76
N SER R 168 -45.94 38.32 -52.83
CA SER R 168 -45.70 36.91 -53.13
C SER R 168 -46.75 36.23 -54.02
N GLU R 169 -48.01 36.66 -53.92
CA GLU R 169 -49.08 36.07 -54.75
C GLU R 169 -48.99 36.56 -56.20
N GLY R 170 -48.53 37.79 -56.38
CA GLY R 170 -48.27 38.36 -57.70
C GLY R 170 -47.00 37.76 -58.29
N ALA R 171 -46.01 37.55 -57.43
CA ALA R 171 -44.73 36.96 -57.82
C ALA R 171 -44.86 35.49 -58.24
N GLN R 172 -45.64 34.72 -57.48
CA GLN R 172 -45.87 33.30 -57.76
C GLN R 172 -46.60 33.10 -59.09
N ALA R 173 -47.60 33.95 -59.36
CA ALA R 173 -48.36 33.90 -60.60
C ALA R 173 -47.49 34.15 -61.83
N GLU R 174 -46.46 34.98 -61.67
CA GLU R 174 -45.52 35.25 -62.75
C GLU R 174 -44.54 34.09 -62.94
N LEU R 175 -44.06 33.54 -61.83
CA LEU R 175 -43.16 32.38 -61.85
C LEU R 175 -43.83 31.14 -62.44
N LEU R 176 -45.14 31.04 -62.24
CA LEU R 176 -45.94 29.92 -62.75
C LEU R 176 -45.84 29.82 -64.27
N ASN R 177 -45.98 30.95 -64.95
CA ASN R 177 -45.89 31.01 -66.41
C ASN R 177 -44.46 30.93 -66.93
N GLU R 178 -43.53 31.56 -66.19
CA GLU R 178 -42.15 31.73 -66.65
C GLU R 178 -41.25 30.50 -66.51
N TRP R 179 -41.48 29.69 -65.47
CA TRP R 179 -40.58 28.56 -65.18
C TRP R 179 -40.76 27.37 -66.12
N HIS R 180 -39.64 26.91 -66.67
CA HIS R 180 -39.58 25.64 -67.40
C HIS R 180 -38.35 24.82 -66.99
N SER R 181 -38.35 23.54 -67.35
CA SER R 181 -37.34 22.58 -66.87
C SER R 181 -35.92 22.81 -67.41
N SER R 182 -35.81 23.58 -68.49
CA SER R 182 -34.52 23.79 -69.16
C SER R 182 -33.99 25.25 -69.09
N LEU R 183 -34.41 25.97 -68.06
CA LEU R 183 -33.91 27.33 -67.79
C LEU R 183 -32.42 27.32 -67.47
N THR R 184 -31.70 28.28 -68.01
CA THR R 184 -30.28 28.44 -67.72
C THR R 184 -30.09 29.35 -66.52
N LEU R 185 -28.90 29.32 -65.92
CA LEU R 185 -28.60 30.12 -64.73
C LEU R 185 -28.76 31.62 -64.99
N LYS R 186 -28.28 32.08 -66.15
CA LYS R 186 -28.39 33.48 -66.54
C LYS R 186 -29.84 33.92 -66.73
N GLU R 187 -30.65 33.03 -67.30
CA GLU R 187 -32.08 33.28 -67.48
C GLU R 187 -32.79 33.38 -66.13
N ALA R 188 -32.39 32.53 -65.20
CA ALA R 188 -32.91 32.55 -63.84
C ALA R 188 -32.56 33.84 -63.10
N GLU R 189 -31.35 34.36 -63.37
CA GLU R 189 -30.88 35.62 -62.79
C GLU R 189 -31.74 36.81 -63.22
N LEU R 190 -31.93 36.94 -64.53
CA LEU R 190 -32.73 38.04 -65.09
C LEU R 190 -34.21 37.90 -64.73
N LEU R 191 -34.66 36.67 -64.53
CA LEU R 191 -36.04 36.39 -64.14
C LEU R 191 -36.32 36.87 -62.72
N VAL R 192 -35.41 36.57 -61.80
CA VAL R 192 -35.50 37.03 -60.42
C VAL R 192 -35.57 38.56 -60.36
N LEU R 193 -34.67 39.22 -61.09
CA LEU R 193 -34.64 40.67 -61.17
C LEU R 193 -35.91 41.27 -61.77
N LYS R 194 -36.51 40.56 -62.73
CA LYS R 194 -37.73 41.01 -63.37
C LYS R 194 -38.90 41.07 -62.39
N ILE R 195 -39.18 39.94 -61.74
CA ILE R 195 -40.31 39.84 -60.81
C ILE R 195 -40.11 40.75 -59.58
N LEU R 196 -38.88 40.86 -59.11
CA LEU R 196 -38.55 41.78 -58.01
C LEU R 196 -38.92 43.23 -58.37
N LYS R 197 -38.52 43.68 -59.56
CA LYS R 197 -38.82 45.02 -60.04
C LYS R 197 -40.32 45.29 -60.11
N GLN R 198 -41.07 44.26 -60.52
CA GLN R 198 -42.52 44.34 -60.64
C GLN R 198 -43.23 44.61 -59.31
N VAL R 199 -42.83 43.88 -58.26
CA VAL R 199 -43.54 43.92 -56.98
C VAL R 199 -42.93 44.88 -55.93
N MET R 200 -41.74 45.41 -56.21
CA MET R 200 -41.10 46.38 -55.32
C MET R 200 -41.80 47.74 -55.36
N GLU R 201 -41.89 48.38 -54.20
CA GLU R 201 -42.44 49.74 -54.10
C GLU R 201 -41.46 50.77 -54.68
N GLU R 202 -40.16 50.48 -54.56
CA GLU R 202 -39.12 51.36 -55.10
C GLU R 202 -38.67 50.88 -56.47
N LYS R 203 -38.03 51.78 -57.22
CA LYS R 203 -37.43 51.43 -58.50
C LYS R 203 -36.18 50.60 -58.24
N LEU R 204 -36.17 49.37 -58.76
CA LEU R 204 -35.11 48.40 -58.51
C LEU R 204 -33.74 48.87 -59.01
N ASP R 205 -32.74 48.77 -58.13
CA ASP R 205 -31.34 49.03 -58.47
C ASP R 205 -30.40 48.11 -57.69
N GLU R 206 -29.09 48.32 -57.85
CA GLU R 206 -28.09 47.46 -57.19
C GLU R 206 -28.04 47.61 -55.66
N ASN R 207 -28.63 48.68 -55.14
CA ASN R 207 -28.60 48.98 -53.71
C ASN R 207 -29.80 48.47 -52.92
N ASN R 208 -31.00 48.59 -53.48
CA ASN R 208 -32.20 48.10 -52.80
C ASN R 208 -32.63 46.68 -53.20
N ALA R 209 -31.71 45.96 -53.83
CA ALA R 209 -31.90 44.56 -54.19
C ALA R 209 -30.57 43.83 -54.18
N GLN R 210 -30.63 42.50 -54.09
CA GLN R 210 -29.43 41.69 -53.99
C GLN R 210 -29.67 40.31 -54.60
N LEU R 211 -28.69 39.83 -55.34
CA LEU R 211 -28.73 38.50 -55.94
C LEU R 211 -27.72 37.57 -55.27
N SER R 212 -27.95 36.28 -55.45
CA SER R 212 -27.06 35.23 -54.96
C SER R 212 -27.41 33.94 -55.66
N CYS R 213 -26.43 33.06 -55.79
CA CYS R 213 -26.67 31.75 -56.39
C CYS R 213 -25.88 30.67 -55.66
N ILE R 214 -26.13 29.43 -56.04
CA ILE R 214 -25.38 28.29 -55.53
C ILE R 214 -25.18 27.27 -56.65
N THR R 215 -23.91 26.98 -56.93
CA THR R 215 -23.55 26.01 -57.95
C THR R 215 -22.64 24.95 -57.35
N LYS R 216 -22.56 23.80 -58.00
CA LYS R 216 -21.73 22.69 -57.57
C LYS R 216 -20.24 23.09 -57.50
N GLN R 217 -19.75 23.69 -58.58
CA GLN R 217 -18.33 24.02 -58.72
C GLN R 217 -17.87 25.17 -57.82
N ASP R 218 -18.65 26.25 -57.79
CA ASP R 218 -18.23 27.48 -57.13
C ASP R 218 -18.79 27.61 -55.70
N GLY R 219 -19.75 26.76 -55.36
CA GLY R 219 -20.42 26.83 -54.06
C GLY R 219 -21.46 27.93 -54.01
N PHE R 220 -21.67 28.47 -52.82
CA PHE R 220 -22.63 29.56 -52.60
C PHE R 220 -21.93 30.92 -52.58
N LYS R 221 -22.40 31.84 -53.43
CA LYS R 221 -21.82 33.18 -53.52
C LYS R 221 -22.89 34.27 -53.49
N ILE R 222 -22.55 35.38 -52.85
CA ILE R 222 -23.41 36.57 -52.87
C ILE R 222 -22.88 37.57 -53.90
N TYR R 223 -23.77 37.99 -54.81
CA TYR R 223 -23.40 38.89 -55.90
C TYR R 223 -23.14 40.30 -55.39
N ASP R 224 -21.96 40.81 -55.69
CA ASP R 224 -21.58 42.17 -55.33
C ASP R 224 -22.33 43.20 -56.17
N ASN R 225 -22.37 44.44 -55.70
CA ASN R 225 -23.15 45.50 -56.33
C ASN R 225 -22.83 45.76 -57.81
N GLU R 226 -21.57 45.63 -58.19
CA GLU R 226 -21.13 45.80 -59.57
C GLU R 226 -21.69 44.73 -60.51
N LYS R 227 -21.70 43.48 -60.06
CA LYS R 227 -22.18 42.37 -60.87
C LYS R 227 -23.69 42.38 -61.04
N THR R 228 -24.41 42.80 -59.99
CA THR R 228 -25.86 42.90 -60.03
C THR R 228 -26.32 44.03 -60.94
N ALA R 229 -25.62 45.17 -60.87
CA ALA R 229 -25.93 46.35 -61.68
C ALA R 229 -25.89 46.05 -63.18
N GLU R 230 -24.99 45.15 -63.59
CA GLU R 230 -24.87 44.75 -65.00
C GLU R 230 -26.06 43.95 -65.48
N LEU R 231 -26.54 43.04 -64.64
CA LEU R 231 -27.70 42.22 -64.97
C LEU R 231 -28.99 43.04 -65.05
N ILE R 232 -29.07 44.10 -64.23
CA ILE R 232 -30.14 45.08 -64.31
C ILE R 232 -30.08 45.84 -65.64
N LYS R 233 -28.87 46.25 -66.01
CA LYS R 233 -28.61 46.93 -67.27
C LYS R 233 -28.95 46.02 -68.46
N GLU R 234 -28.66 44.73 -68.33
CA GLU R 234 -28.95 43.74 -69.36
C GLU R 234 -30.44 43.42 -69.44
N LEU R 235 -31.12 43.50 -68.30
CA LEU R 235 -32.56 43.26 -68.22
C LEU R 235 -33.35 44.38 -68.87
N LYS R 236 -33.00 45.63 -68.55
CA LYS R 236 -33.69 46.80 -69.10
C LYS R 236 -33.60 46.86 -70.62
N GLU R 237 -32.47 46.42 -71.16
CA GLU R 237 -32.23 46.43 -72.61
C GLU R 237 -33.03 45.38 -73.37
N LYS R 238 -33.18 44.20 -72.77
CA LYS R 238 -33.94 43.11 -73.39
C LYS R 238 -35.44 43.33 -73.33
N GLU R 239 -35.91 43.98 -72.26
CA GLU R 239 -37.31 44.38 -72.15
C GLU R 239 -37.66 45.53 -73.10
N ALA R 240 -36.67 46.37 -73.38
CA ALA R 240 -36.84 47.49 -74.31
C ALA R 240 -37.04 47.02 -75.75
N ALA R 241 -36.39 45.91 -76.10
CA ALA R 241 -36.52 45.31 -77.43
C ALA R 241 -37.86 44.59 -77.55
N GLU R 242 -38.07 43.58 -76.70
CA GLU R 242 -39.33 42.84 -76.66
C GLU R 242 -39.74 42.56 -75.21
N PHE S 1 -72.40 30.64 -25.83
CA PHE S 1 -72.33 29.28 -25.21
C PHE S 1 -71.00 28.59 -25.49
N ARG S 2 -70.79 28.19 -26.74
CA ARG S 2 -69.70 27.29 -27.14
C ARG S 2 -68.28 27.87 -26.95
N ASN S 3 -68.17 29.19 -27.03
CA ASN S 3 -66.87 29.86 -26.95
C ASN S 3 -66.23 29.83 -25.55
N ASN S 4 -67.03 29.52 -24.53
CA ASN S 4 -66.55 29.49 -23.15
C ASN S 4 -65.86 28.18 -22.74
N TYR S 5 -66.05 27.12 -23.52
CA TYR S 5 -65.56 25.79 -23.15
C TYR S 5 -64.54 25.22 -24.13
N ASP S 6 -64.12 26.04 -25.10
CA ASP S 6 -63.18 25.59 -26.13
C ASP S 6 -61.80 26.26 -26.01
N GLY S 7 -61.56 26.91 -24.88
CA GLY S 7 -60.30 27.60 -24.61
C GLY S 7 -59.08 26.69 -24.60
N ASP S 8 -59.21 25.56 -23.90
CA ASP S 8 -58.11 24.59 -23.76
C ASP S 8 -58.63 23.18 -23.53
N THR S 9 -57.73 22.20 -23.62
CA THR S 9 -58.09 20.78 -23.58
C THR S 9 -58.48 20.30 -22.19
N VAL S 10 -58.23 21.13 -21.19
CA VAL S 10 -58.45 20.77 -19.80
C VAL S 10 -59.89 21.06 -19.35
N THR S 11 -60.72 21.52 -20.29
CA THR S 11 -62.10 21.95 -20.00
C THR S 11 -63.16 21.05 -20.66
N PHE S 12 -64.14 20.62 -19.85
CA PHE S 12 -65.31 19.92 -20.36
C PHE S 12 -66.44 20.90 -20.68
N SER S 13 -67.20 20.61 -21.72
CA SER S 13 -68.41 21.37 -22.02
C SER S 13 -69.57 20.82 -21.18
N PRO S 14 -70.66 21.58 -21.02
CA PRO S 14 -71.79 21.09 -20.23
C PRO S 14 -72.39 19.76 -20.72
N THR S 15 -72.32 19.50 -22.02
CA THR S 15 -72.84 18.26 -22.60
C THR S 15 -71.90 17.07 -22.43
N GLY S 16 -70.62 17.36 -22.14
CA GLY S 16 -69.62 16.32 -21.88
C GLY S 16 -68.52 16.24 -22.93
N ARG S 17 -68.50 17.23 -23.82
CA ARG S 17 -67.61 17.22 -24.98
C ARG S 17 -66.27 17.91 -24.70
N LEU S 18 -65.24 17.47 -25.42
CA LEU S 18 -63.93 18.11 -25.40
C LEU S 18 -63.68 18.80 -26.75
N PHE S 19 -63.95 20.10 -26.79
CA PHE S 19 -63.94 20.86 -28.05
C PHE S 19 -62.57 20.99 -28.72
N GLN S 20 -61.52 21.18 -27.92
CA GLN S 20 -60.16 21.26 -28.47
C GLN S 20 -59.73 19.97 -29.15
N VAL S 21 -60.18 18.84 -28.62
CA VAL S 21 -59.97 17.54 -29.25
C VAL S 21 -60.77 17.46 -30.55
N GLU S 22 -62.00 17.98 -30.51
CA GLU S 22 -62.88 17.98 -31.68
C GLU S 22 -62.34 18.87 -32.79
N TYR S 23 -61.73 19.99 -32.42
CA TYR S 23 -61.14 20.91 -33.40
C TYR S 23 -59.89 20.32 -34.04
N ALA S 24 -59.18 19.49 -33.27
CA ALA S 24 -58.04 18.74 -33.79
C ALA S 24 -58.49 17.71 -34.82
N LEU S 25 -59.65 17.09 -34.56
CA LEU S 25 -60.27 16.13 -35.50
C LEU S 25 -60.64 16.80 -36.83
N GLU S 26 -60.98 18.08 -36.77
CA GLU S 26 -61.36 18.87 -37.94
C GLU S 26 -60.18 19.11 -38.89
N ALA S 27 -58.96 19.10 -38.36
CA ALA S 27 -57.75 19.26 -39.17
C ALA S 27 -57.50 18.06 -40.06
N ILE S 28 -58.00 16.89 -39.65
CA ILE S 28 -57.88 15.65 -40.42
C ILE S 28 -58.79 15.68 -41.64
N LYS S 29 -60.04 16.09 -41.43
CA LYS S 29 -61.02 16.17 -42.50
C LYS S 29 -60.63 17.18 -43.58
N GLN S 30 -59.89 18.22 -43.18
CA GLN S 30 -59.36 19.20 -44.11
C GLN S 30 -58.08 18.68 -44.79
N GLY S 31 -57.53 17.59 -44.27
CA GLY S 31 -56.34 16.94 -44.83
C GLY S 31 -56.66 16.03 -46.00
N SER S 32 -55.66 15.77 -46.84
CA SER S 32 -55.83 14.95 -48.05
C SER S 32 -56.20 13.50 -47.72
N VAL S 33 -56.91 12.87 -48.64
CA VAL S 33 -57.44 11.52 -48.42
C VAL S 33 -56.34 10.45 -48.45
N THR S 34 -56.49 9.43 -47.60
CA THR S 34 -55.60 8.27 -47.57
C THR S 34 -56.38 7.01 -47.19
N VAL S 35 -55.99 5.87 -47.75
CA VAL S 35 -56.73 4.62 -47.60
C VAL S 35 -55.86 3.48 -47.09
N GLY S 36 -56.46 2.60 -46.28
CA GLY S 36 -55.81 1.38 -45.81
C GLY S 36 -56.70 0.17 -46.00
N LEU S 37 -56.08 -0.97 -46.28
CA LEU S 37 -56.79 -2.25 -46.47
C LEU S 37 -55.82 -3.44 -46.38
N ARG S 38 -56.34 -4.61 -46.06
CA ARG S 38 -55.53 -5.81 -45.88
C ARG S 38 -56.26 -7.11 -46.23
N SER S 39 -55.48 -8.14 -46.52
CA SER S 39 -56.00 -9.50 -46.63
C SER S 39 -55.51 -10.29 -45.42
N ASN S 40 -55.17 -11.57 -45.63
CA ASN S 40 -54.53 -12.37 -44.60
C ASN S 40 -53.01 -12.40 -44.76
N THR S 41 -52.54 -12.08 -45.96
CA THR S 41 -51.10 -12.18 -46.27
C THR S 41 -50.39 -10.84 -46.48
N HIS S 42 -51.14 -9.80 -46.86
CA HIS S 42 -50.54 -8.48 -47.09
C HIS S 42 -51.39 -7.32 -46.56
N ALA S 43 -50.75 -6.17 -46.38
CA ALA S 43 -51.41 -4.94 -45.94
C ALA S 43 -50.97 -3.76 -46.80
N VAL S 44 -51.93 -2.93 -47.20
CA VAL S 44 -51.69 -1.90 -48.20
C VAL S 44 -52.10 -0.51 -47.71
N LEU S 45 -51.19 0.45 -47.88
CA LEU S 45 -51.51 1.86 -47.69
C LEU S 45 -51.51 2.57 -49.03
N VAL S 46 -52.57 3.35 -49.28
CA VAL S 46 -52.68 4.16 -50.48
C VAL S 46 -52.97 5.60 -50.06
N ALA S 47 -52.16 6.53 -50.55
CA ALA S 47 -52.32 7.94 -50.20
C ALA S 47 -52.38 8.84 -51.42
N LEU S 48 -53.29 9.81 -51.37
CA LEU S 48 -53.31 10.91 -52.33
C LEU S 48 -52.57 12.08 -51.68
N LYS S 49 -51.51 12.55 -52.34
CA LYS S 49 -50.69 13.63 -51.81
C LYS S 49 -51.16 14.99 -52.35
N ARG S 50 -50.96 16.03 -51.55
CA ARG S 50 -51.42 17.36 -51.87
C ARG S 50 -50.25 18.29 -52.17
N ASN S 51 -50.41 19.13 -53.18
CA ASN S 51 -49.44 20.17 -53.51
C ASN S 51 -49.95 21.57 -53.13
N ALA S 52 -49.06 22.54 -53.11
CA ALA S 52 -49.43 23.95 -52.88
C ALA S 52 -49.55 24.70 -54.22
N ASP S 53 -48.62 24.41 -55.13
CA ASP S 53 -48.63 24.93 -56.49
C ASP S 53 -48.23 23.81 -57.45
N GLU S 54 -48.35 24.06 -58.75
CA GLU S 54 -47.79 23.16 -59.76
C GLU S 54 -46.26 23.29 -59.79
N LEU S 55 -45.75 24.20 -58.98
CA LEU S 55 -44.31 24.43 -58.85
C LEU S 55 -43.75 23.79 -57.57
N SER S 56 -44.64 23.21 -56.76
CA SER S 56 -44.24 22.58 -55.50
C SER S 56 -44.26 21.05 -55.57
N SER S 57 -43.60 20.41 -54.61
CA SER S 57 -43.63 18.96 -54.46
C SER S 57 -44.94 18.50 -53.83
N TYR S 58 -45.29 17.24 -54.05
CA TYR S 58 -46.42 16.62 -53.37
C TYR S 58 -45.92 16.05 -52.03
N GLN S 59 -46.30 16.70 -50.94
CA GLN S 59 -45.76 16.39 -49.61
C GLN S 59 -46.10 14.98 -49.15
N LYS S 60 -45.05 14.21 -48.80
CA LYS S 60 -45.19 12.77 -48.56
C LYS S 60 -46.07 12.42 -47.37
N LYS S 61 -46.83 11.34 -47.52
CA LYS S 61 -47.87 10.97 -46.57
C LYS S 61 -47.57 9.65 -45.87
N ILE S 62 -46.57 8.92 -46.38
CA ILE S 62 -46.23 7.60 -45.85
C ILE S 62 -44.83 7.58 -45.22
N ILE S 63 -44.77 7.15 -43.96
CA ILE S 63 -43.53 7.10 -43.21
C ILE S 63 -43.25 5.68 -42.74
N LYS S 64 -42.01 5.22 -42.95
CA LYS S 64 -41.56 3.91 -42.50
C LYS S 64 -41.26 3.94 -41.00
N CYS S 65 -41.65 2.88 -40.29
CA CYS S 65 -41.43 2.78 -38.84
C CYS S 65 -40.41 1.70 -38.46
N ASP S 66 -40.60 0.51 -39.00
CA ASP S 66 -39.65 -0.59 -38.88
C ASP S 66 -39.71 -1.41 -40.17
N GLU S 67 -38.97 -2.52 -40.21
CA GLU S 67 -38.93 -3.38 -41.39
C GLU S 67 -40.26 -4.08 -41.65
N HIS S 68 -41.15 -4.02 -40.67
CA HIS S 68 -42.42 -4.75 -40.72
C HIS S 68 -43.62 -3.83 -40.45
N MET S 69 -43.37 -2.53 -40.30
CA MET S 69 -44.41 -1.59 -39.90
C MET S 69 -44.24 -0.20 -40.51
N GLY S 70 -45.37 0.48 -40.71
CA GLY S 70 -45.39 1.84 -41.24
C GLY S 70 -46.77 2.45 -41.18
N LEU S 71 -46.87 3.73 -41.54
CA LEU S 71 -48.12 4.47 -41.39
C LEU S 71 -48.33 5.55 -42.46
N SER S 72 -49.59 5.93 -42.66
CA SER S 72 -49.95 7.06 -43.52
C SER S 72 -50.60 8.16 -42.70
N LEU S 73 -50.44 9.41 -43.14
CA LEU S 73 -50.90 10.57 -42.36
C LEU S 73 -52.01 11.36 -43.04
N ALA S 74 -52.79 12.08 -42.24
CA ALA S 74 -53.80 13.03 -42.73
C ALA S 74 -54.03 14.12 -41.68
N GLY S 75 -53.53 15.32 -41.97
CA GLY S 75 -53.59 16.44 -41.03
C GLY S 75 -52.26 17.18 -40.93
N LEU S 76 -51.89 17.60 -39.73
CA LEU S 76 -50.62 18.29 -39.49
C LEU S 76 -49.42 17.37 -39.66
N ALA S 77 -48.59 17.69 -40.66
CA ALA S 77 -47.43 16.86 -41.02
C ALA S 77 -46.34 16.78 -39.95
N PRO S 78 -46.02 17.91 -39.28
CA PRO S 78 -45.04 17.85 -38.19
C PRO S 78 -45.49 16.99 -37.00
N ASP S 79 -46.79 16.94 -36.75
CA ASP S 79 -47.35 16.09 -35.70
C ASP S 79 -47.27 14.61 -36.04
N ALA S 80 -47.32 14.30 -37.34
CA ALA S 80 -47.14 12.93 -37.81
C ALA S 80 -45.67 12.52 -37.68
N ARG S 81 -44.77 13.50 -37.80
CA ARG S 81 -43.34 13.27 -37.66
C ARG S 81 -42.97 12.96 -36.20
N VAL S 82 -43.63 13.64 -35.26
CA VAL S 82 -43.40 13.42 -33.83
C VAL S 82 -43.86 12.01 -33.41
N LEU S 83 -45.07 11.64 -33.83
CA LEU S 83 -45.67 10.36 -33.46
C LEU S 83 -45.01 9.16 -34.14
N SER S 84 -44.57 9.36 -35.39
CA SER S 84 -43.83 8.32 -36.10
C SER S 84 -42.44 8.10 -35.50
N ASN S 85 -41.72 9.19 -35.19
CA ASN S 85 -40.42 9.09 -34.53
C ASN S 85 -40.53 8.36 -33.19
N TYR S 86 -41.61 8.64 -32.46
CA TYR S 86 -41.88 7.95 -31.21
C TYR S 86 -42.12 6.46 -31.45
N LEU S 87 -42.88 6.15 -32.49
CA LEU S 87 -43.17 4.75 -32.83
C LEU S 87 -41.94 4.04 -33.36
N ARG S 88 -41.02 4.78 -33.96
CA ARG S 88 -39.74 4.24 -34.43
C ARG S 88 -38.89 3.80 -33.23
N GLN S 89 -38.88 4.62 -32.19
CA GLN S 89 -38.14 4.34 -30.96
C GLN S 89 -38.73 3.17 -30.17
N GLN S 90 -40.05 3.07 -30.12
CA GLN S 90 -40.72 1.96 -29.44
C GLN S 90 -40.47 0.63 -30.14
N CYS S 91 -40.50 0.65 -31.48
CA CYS S 91 -40.15 -0.51 -32.29
C CYS S 91 -38.67 -0.87 -32.10
N ASN S 92 -37.85 0.17 -31.91
CA ASN S 92 -36.41 0.00 -31.75
C ASN S 92 -36.03 -0.55 -30.38
N TYR S 93 -36.72 -0.10 -29.35
CA TYR S 93 -36.55 -0.60 -27.98
C TYR S 93 -36.91 -2.09 -27.91
N SER S 94 -38.02 -2.45 -28.55
CA SER S 94 -38.47 -3.84 -28.59
C SER S 94 -37.44 -4.75 -29.24
N SER S 95 -36.82 -4.28 -30.32
CA SER S 95 -35.81 -5.03 -31.05
C SER S 95 -34.53 -5.22 -30.24
N LEU S 96 -34.01 -4.13 -29.69
CA LEU S 96 -32.74 -4.16 -28.98
C LEU S 96 -32.84 -4.92 -27.65
N VAL S 97 -33.84 -4.57 -26.85
CA VAL S 97 -33.98 -5.11 -25.50
C VAL S 97 -34.50 -6.55 -25.46
N PHE S 98 -35.45 -6.87 -26.34
CA PHE S 98 -36.11 -8.18 -26.32
C PHE S 98 -35.85 -9.05 -27.55
N ASN S 99 -35.20 -8.48 -28.57
CA ASN S 99 -35.03 -9.13 -29.88
C ASN S 99 -36.38 -9.54 -30.46
N ARG S 100 -37.35 -8.65 -30.29
CA ARG S 100 -38.74 -8.92 -30.57
C ARG S 100 -39.28 -7.84 -31.49
N LYS S 101 -39.82 -8.26 -32.63
CA LYS S 101 -40.54 -7.35 -33.51
C LYS S 101 -41.82 -6.93 -32.80
N LEU S 102 -41.98 -5.62 -32.63
CA LEU S 102 -43.12 -5.07 -31.88
C LEU S 102 -44.45 -5.37 -32.57
N ALA S 103 -45.38 -5.95 -31.82
CA ALA S 103 -46.71 -6.27 -32.32
C ALA S 103 -47.46 -5.00 -32.73
N VAL S 104 -48.19 -5.08 -33.84
CA VAL S 104 -48.92 -3.94 -34.40
C VAL S 104 -49.99 -3.41 -33.43
N GLU S 105 -50.67 -4.34 -32.76
CA GLU S 105 -51.69 -4.01 -31.76
C GLU S 105 -51.07 -3.24 -30.59
N ARG S 106 -49.87 -3.64 -30.20
CA ARG S 106 -49.13 -3.01 -29.11
C ARG S 106 -48.65 -1.61 -29.49
N ALA S 107 -48.32 -1.43 -30.77
CA ALA S 107 -47.97 -0.12 -31.31
C ALA S 107 -49.14 0.84 -31.22
N GLY S 108 -50.34 0.33 -31.48
CA GLY S 108 -51.57 1.12 -31.36
C GLY S 108 -51.84 1.57 -29.94
N HIS S 109 -51.64 0.67 -28.98
CA HIS S 109 -51.86 0.99 -27.57
C HIS S 109 -50.91 2.07 -27.07
N LEU S 110 -49.71 2.13 -27.64
CA LEU S 110 -48.70 3.10 -27.25
C LEU S 110 -49.02 4.50 -27.78
N LEU S 111 -49.49 4.58 -29.02
CA LEU S 111 -49.91 5.85 -29.63
C LEU S 111 -51.16 6.42 -28.94
N CYS S 112 -52.08 5.52 -28.57
CA CYS S 112 -53.27 5.89 -27.82
C CYS S 112 -52.91 6.58 -26.50
N ASP S 113 -51.98 5.97 -25.77
CA ASP S 113 -51.58 6.48 -24.46
C ASP S 113 -50.79 7.79 -24.55
N LYS S 114 -50.05 7.97 -25.63
CA LYS S 114 -49.30 9.20 -25.85
C LYS S 114 -50.24 10.36 -26.16
N ALA S 115 -51.27 10.07 -26.96
CA ALA S 115 -52.27 11.07 -27.35
C ALA S 115 -53.16 11.48 -26.17
N GLN S 116 -53.49 10.53 -25.30
CA GLN S 116 -54.35 10.77 -24.13
C GLN S 116 -53.75 11.81 -23.19
N LYS S 117 -52.44 11.74 -22.97
CA LYS S 117 -51.73 12.67 -22.09
C LYS S 117 -51.88 14.13 -22.51
N ASN S 118 -52.00 14.34 -23.82
CA ASN S 118 -52.18 15.68 -24.37
C ASN S 118 -53.63 16.16 -24.35
N THR S 119 -54.53 15.35 -23.80
CA THR S 119 -55.94 15.71 -23.68
C THR S 119 -56.36 15.99 -22.23
N GLN S 120 -55.44 15.79 -21.30
CA GLN S 120 -55.76 15.87 -19.86
C GLN S 120 -54.93 16.89 -19.08
N SER S 121 -53.81 17.33 -19.64
CA SER S 121 -52.95 18.31 -18.96
C SER S 121 -53.05 19.69 -19.59
N TYR S 122 -52.90 20.72 -18.76
CA TYR S 122 -52.91 22.10 -19.20
C TYR S 122 -51.66 22.45 -20.01
N GLY S 123 -51.79 23.44 -20.89
CA GLY S 123 -50.66 23.97 -21.64
C GLY S 123 -50.37 23.23 -22.93
N GLY S 124 -50.70 21.93 -22.96
CA GLY S 124 -50.53 21.11 -24.15
C GLY S 124 -51.68 21.27 -25.13
N ARG S 125 -51.60 20.52 -26.22
CA ARG S 125 -52.65 20.50 -27.23
C ARG S 125 -52.77 19.08 -27.80
N PRO S 126 -53.99 18.71 -28.25
CA PRO S 126 -54.12 17.41 -28.89
C PRO S 126 -53.36 17.41 -30.20
N TYR S 127 -52.85 16.24 -30.60
CA TYR S 127 -52.19 16.09 -31.89
C TYR S 127 -53.22 16.33 -33.00
N GLY S 128 -52.80 17.01 -34.06
CA GLY S 128 -53.71 17.36 -35.15
C GLY S 128 -53.52 16.51 -36.39
N VAL S 129 -53.39 15.19 -36.20
CA VAL S 129 -53.15 14.28 -37.31
C VAL S 129 -53.76 12.89 -37.07
N GLY S 130 -54.40 12.35 -38.10
CA GLY S 130 -54.90 10.98 -38.08
C GLY S 130 -53.91 10.08 -38.77
N LEU S 131 -53.79 8.84 -38.28
CA LEU S 131 -52.80 7.90 -38.81
C LEU S 131 -53.41 6.54 -39.11
N LEU S 132 -53.00 5.95 -40.23
CA LEU S 132 -53.35 4.57 -40.57
C LEU S 132 -52.09 3.71 -40.51
N ILE S 133 -52.07 2.77 -39.57
CA ILE S 133 -50.90 1.93 -39.35
C ILE S 133 -51.12 0.54 -39.95
N ILE S 134 -50.21 0.14 -40.84
CA ILE S 134 -50.19 -1.24 -41.34
C ILE S 134 -48.97 -1.98 -40.81
N GLY S 135 -49.05 -3.31 -40.78
CA GLY S 135 -47.96 -4.13 -40.28
C GLY S 135 -48.22 -5.62 -40.33
N TYR S 136 -47.14 -6.39 -40.44
CA TYR S 136 -47.21 -7.84 -40.42
C TYR S 136 -46.31 -8.37 -39.31
N ASP S 137 -46.92 -8.92 -38.27
CA ASP S 137 -46.20 -9.48 -37.13
C ASP S 137 -46.41 -10.99 -37.02
N LYS S 138 -46.37 -11.51 -35.79
CA LYS S 138 -46.51 -12.94 -35.56
C LYS S 138 -47.95 -13.46 -35.65
N SER S 139 -48.91 -12.55 -35.84
CA SER S 139 -50.33 -12.94 -35.94
C SER S 139 -50.95 -12.55 -37.28
N GLY S 140 -50.11 -12.25 -38.26
CA GLY S 140 -50.57 -11.97 -39.61
C GLY S 140 -50.66 -10.50 -39.96
N ALA S 141 -51.55 -10.19 -40.91
CA ALA S 141 -51.71 -8.83 -41.42
C ALA S 141 -52.58 -7.99 -40.49
N HIS S 142 -52.25 -6.70 -40.39
CA HIS S 142 -52.96 -5.78 -39.51
C HIS S 142 -53.11 -4.37 -40.10
N LEU S 143 -54.27 -3.77 -39.85
CA LEU S 143 -54.49 -2.35 -40.12
C LEU S 143 -55.20 -1.68 -38.95
N LEU S 144 -54.67 -0.54 -38.52
CA LEU S 144 -55.21 0.20 -37.39
C LEU S 144 -55.52 1.65 -37.76
N GLU S 145 -56.54 2.22 -37.13
CA GLU S 145 -56.87 3.63 -37.31
C GLU S 145 -56.63 4.44 -36.03
N PHE S 146 -55.76 5.45 -36.13
CA PHE S 146 -55.45 6.33 -35.01
C PHE S 146 -56.22 7.64 -35.10
N GLN S 147 -56.82 8.04 -33.99
CA GLN S 147 -57.49 9.33 -33.87
C GLN S 147 -56.89 10.11 -32.70
N PRO S 148 -56.63 11.43 -32.88
CA PRO S 148 -55.97 12.31 -31.92
C PRO S 148 -56.58 12.31 -30.51
N SER S 149 -57.84 11.89 -30.43
CA SER S 149 -58.52 11.72 -29.13
C SER S 149 -57.88 10.60 -28.33
N GLY S 150 -57.15 9.72 -29.01
CA GLY S 150 -56.53 8.56 -28.40
C GLY S 150 -57.16 7.26 -28.87
N ASN S 151 -58.35 7.36 -29.47
CA ASN S 151 -59.09 6.19 -29.95
C ASN S 151 -58.38 5.45 -31.09
N VAL S 152 -58.11 4.17 -30.88
CA VAL S 152 -57.46 3.30 -31.86
C VAL S 152 -58.31 2.06 -32.12
N THR S 153 -58.58 1.79 -33.40
CA THR S 153 -59.42 0.66 -33.80
C THR S 153 -58.77 -0.18 -34.91
N GLU S 154 -58.75 -1.50 -34.73
CA GLU S 154 -58.28 -2.41 -35.77
C GLU S 154 -59.38 -2.69 -36.78
N LEU S 155 -59.01 -2.66 -38.07
CA LEU S 155 -59.98 -2.75 -39.16
C LEU S 155 -59.45 -3.58 -40.34
N TYR S 156 -60.37 -4.15 -41.12
CA TYR S 156 -60.03 -4.81 -42.38
C TYR S 156 -59.64 -3.79 -43.44
N GLY S 157 -60.26 -2.61 -43.35
CA GLY S 157 -60.04 -1.53 -44.29
C GLY S 157 -60.67 -0.25 -43.77
N THR S 158 -60.13 0.89 -44.19
CA THR S 158 -60.64 2.20 -43.77
C THR S 158 -60.04 3.35 -44.59
N ALA S 159 -60.60 4.56 -44.39
CA ALA S 159 -60.10 5.76 -45.04
C ALA S 159 -60.33 7.00 -44.16
N ILE S 160 -59.34 7.90 -44.15
CA ILE S 160 -59.45 9.17 -43.43
C ILE S 160 -59.06 10.35 -44.32
N GLY S 161 -59.56 11.53 -43.97
CA GLY S 161 -59.29 12.74 -44.73
C GLY S 161 -60.50 13.23 -45.50
N ALA S 162 -60.27 14.17 -46.41
CA ALA S 162 -61.33 14.78 -47.20
C ALA S 162 -61.99 13.77 -48.12
N ARG S 163 -63.33 13.74 -48.07
CA ARG S 163 -64.17 12.91 -48.93
C ARG S 163 -63.98 11.40 -48.69
N SER S 164 -63.39 11.05 -47.55
CA SER S 164 -63.03 9.67 -47.23
C SER S 164 -64.22 8.70 -47.20
N GLN S 165 -65.43 9.24 -47.13
CA GLN S 165 -66.66 8.46 -47.07
C GLN S 165 -66.87 7.58 -48.30
N GLY S 166 -66.52 8.10 -49.47
CA GLY S 166 -66.62 7.35 -50.73
C GLY S 166 -65.79 6.09 -50.75
N ALA S 167 -64.57 6.20 -50.21
CA ALA S 167 -63.67 5.06 -50.08
C ALA S 167 -64.17 4.08 -49.02
N LYS S 168 -64.69 4.62 -47.92
CA LYS S 168 -65.20 3.81 -46.82
C LYS S 168 -66.48 3.05 -47.17
N THR S 169 -67.33 3.66 -48.01
CA THR S 169 -68.53 3.01 -48.55
C THR S 169 -68.13 1.87 -49.48
N TYR S 170 -67.19 2.15 -50.38
CA TYR S 170 -66.68 1.17 -51.34
C TYR S 170 -66.05 -0.04 -50.65
N LEU S 171 -65.18 0.22 -49.68
CA LEU S 171 -64.50 -0.84 -48.94
C LEU S 171 -65.48 -1.71 -48.16
N GLU S 172 -66.52 -1.08 -47.62
CA GLU S 172 -67.57 -1.77 -46.87
C GLU S 172 -68.35 -2.69 -47.79
N ARG S 173 -68.53 -2.26 -49.04
CA ARG S 173 -69.28 -3.01 -50.05
C ARG S 173 -68.42 -4.09 -50.72
N THR S 174 -67.09 -3.95 -50.58
CA THR S 174 -66.14 -4.85 -51.24
C THR S 174 -65.40 -5.75 -50.23
N LEU S 175 -65.89 -5.80 -49.00
CA LEU S 175 -65.24 -6.51 -47.89
C LEU S 175 -64.89 -7.97 -48.19
N ASP S 176 -65.82 -8.70 -48.80
CA ASP S 176 -65.64 -10.13 -49.07
C ASP S 176 -64.62 -10.42 -50.18
N THR S 177 -64.38 -9.42 -51.04
CA THR S 177 -63.47 -9.58 -52.18
C THR S 177 -62.00 -9.46 -51.78
N PHE S 178 -61.62 -8.33 -51.17
CA PHE S 178 -60.21 -8.04 -50.89
C PHE S 178 -59.59 -8.85 -49.73
N ILE S 179 -60.44 -9.27 -48.79
CA ILE S 179 -60.00 -10.07 -47.63
C ILE S 179 -59.37 -11.40 -48.07
N LYS S 180 -59.74 -11.85 -49.26
CA LYS S 180 -59.29 -13.14 -49.79
C LYS S 180 -58.23 -12.99 -50.89
N ILE S 181 -57.62 -11.81 -50.99
CA ILE S 181 -56.51 -11.59 -51.93
C ILE S 181 -55.19 -12.03 -51.25
N ASP S 182 -54.99 -13.34 -51.20
CA ASP S 182 -53.85 -13.92 -50.49
C ASP S 182 -52.76 -14.38 -51.46
N GLY S 183 -51.55 -13.86 -51.25
CA GLY S 183 -50.40 -14.19 -52.10
C GLY S 183 -50.45 -13.51 -53.46
N ASN S 184 -51.24 -12.45 -53.55
CA ASN S 184 -51.34 -11.65 -54.77
C ASN S 184 -51.22 -10.17 -54.40
N PRO S 185 -49.97 -9.67 -54.28
CA PRO S 185 -49.72 -8.33 -53.79
C PRO S 185 -50.30 -7.22 -54.66
N ASP S 186 -50.11 -7.32 -55.98
CA ASP S 186 -50.58 -6.30 -56.92
C ASP S 186 -52.09 -6.12 -56.95
N GLU S 187 -52.83 -7.20 -56.68
CA GLU S 187 -54.30 -7.15 -56.67
C GLU S 187 -54.86 -6.43 -55.45
N LEU S 188 -54.12 -6.45 -54.34
CA LEU S 188 -54.47 -5.64 -53.17
C LEU S 188 -54.23 -4.16 -53.41
N ILE S 189 -53.26 -3.83 -54.27
CA ILE S 189 -53.03 -2.45 -54.67
C ILE S 189 -54.16 -1.98 -55.59
N LYS S 190 -54.58 -2.86 -56.50
CA LYS S 190 -55.72 -2.61 -57.38
C LYS S 190 -56.97 -2.21 -56.61
N ALA S 191 -57.26 -2.95 -55.54
CA ALA S 191 -58.43 -2.68 -54.70
C ALA S 191 -58.30 -1.35 -53.95
N GLY S 192 -57.07 -1.03 -53.54
CA GLY S 192 -56.76 0.22 -52.85
C GLY S 192 -56.88 1.46 -53.72
N VAL S 193 -56.33 1.37 -54.94
CA VAL S 193 -56.38 2.47 -55.91
C VAL S 193 -57.82 2.72 -56.39
N GLU S 194 -58.60 1.64 -56.54
CA GLU S 194 -60.02 1.74 -56.89
C GLU S 194 -60.83 2.32 -55.72
N ALA S 195 -60.33 2.12 -54.50
CA ALA S 195 -60.97 2.67 -53.30
C ALA S 195 -60.73 4.16 -53.16
N ILE S 196 -59.48 4.59 -53.35
CA ILE S 196 -59.10 6.00 -53.18
C ILE S 196 -59.69 6.92 -54.25
N SER S 197 -59.93 6.36 -55.44
CA SER S 197 -60.48 7.12 -56.57
C SER S 197 -61.98 7.37 -56.42
N GLN S 198 -62.60 6.70 -55.45
CA GLN S 198 -63.99 6.93 -55.07
C GLN S 198 -64.11 8.23 -54.28
N SER S 199 -63.01 8.67 -53.70
CA SER S 199 -62.94 9.88 -52.89
C SER S 199 -62.43 11.09 -53.69
N LEU S 200 -61.95 10.83 -54.91
CA LEU S 200 -61.58 11.90 -55.83
C LEU S 200 -62.82 12.65 -56.29
N ARG S 201 -62.64 13.90 -56.70
CA ARG S 201 -63.76 14.73 -57.15
C ARG S 201 -63.34 15.70 -58.26
N ASP S 202 -62.18 16.32 -58.09
CA ASP S 202 -61.71 17.38 -58.97
C ASP S 202 -60.62 16.93 -59.93
N GLU S 203 -59.61 16.26 -59.39
CA GLU S 203 -58.43 15.88 -60.17
C GLU S 203 -58.31 14.38 -60.38
N SER S 204 -57.42 14.00 -61.30
CA SER S 204 -57.07 12.60 -61.53
C SER S 204 -55.71 12.31 -60.91
N LEU S 205 -55.59 11.13 -60.29
CA LEU S 205 -54.35 10.70 -59.65
C LEU S 205 -53.26 10.40 -60.68
N THR S 206 -52.10 11.04 -60.53
CA THR S 206 -51.02 10.95 -61.50
C THR S 206 -49.75 10.30 -60.94
N VAL S 207 -48.66 10.39 -61.69
CA VAL S 207 -47.41 9.70 -61.40
C VAL S 207 -46.69 10.27 -60.16
N ASP S 208 -46.84 11.57 -59.92
CA ASP S 208 -46.24 12.24 -58.76
C ASP S 208 -47.30 12.54 -57.68
N ASN S 209 -48.54 12.17 -57.97
CA ASN S 209 -49.68 12.40 -57.09
C ASN S 209 -49.97 11.22 -56.16
N LEU S 210 -49.84 10.00 -56.71
CA LEU S 210 -50.16 8.78 -55.98
C LEU S 210 -48.99 8.27 -55.16
N SER S 211 -49.31 7.72 -53.99
CA SER S 211 -48.32 7.15 -53.08
C SER S 211 -48.85 5.86 -52.45
N ILE S 212 -48.06 4.78 -52.58
CA ILE S 212 -48.47 3.44 -52.15
C ILE S 212 -47.40 2.77 -51.28
N ALA S 213 -47.84 2.00 -50.29
CA ALA S 213 -46.94 1.21 -49.44
C ALA S 213 -47.49 -0.21 -49.25
N ILE S 214 -46.59 -1.15 -48.97
CA ILE S 214 -46.98 -2.55 -48.77
C ILE S 214 -46.07 -3.27 -47.77
N VAL S 215 -46.68 -4.20 -47.03
CA VAL S 215 -45.97 -5.08 -46.11
C VAL S 215 -46.73 -6.41 -46.06
N GLY S 216 -46.01 -7.52 -45.88
CA GLY S 216 -46.66 -8.83 -45.89
C GLY S 216 -45.82 -9.99 -45.41
N LYS S 217 -46.18 -11.19 -45.86
CA LYS S 217 -45.54 -12.43 -45.42
C LYS S 217 -44.05 -12.43 -45.69
N ASP S 218 -43.68 -12.35 -46.97
CA ASP S 218 -42.27 -12.27 -47.35
C ASP S 218 -41.94 -10.92 -47.99
N THR S 219 -42.62 -9.88 -47.53
CA THR S 219 -42.50 -8.54 -48.09
C THR S 219 -42.29 -7.50 -46.99
N PRO S 220 -41.07 -6.95 -46.90
CA PRO S 220 -40.79 -5.87 -45.94
C PRO S 220 -41.48 -4.56 -46.36
N PHE S 221 -41.68 -3.66 -45.40
CA PHE S 221 -42.35 -2.39 -45.64
C PHE S 221 -41.57 -1.55 -46.64
N THR S 222 -42.19 -1.28 -47.79
CA THR S 222 -41.58 -0.50 -48.87
C THR S 222 -42.56 0.46 -49.53
N ILE S 223 -42.12 1.70 -49.74
CA ILE S 223 -42.94 2.76 -50.31
C ILE S 223 -42.63 2.95 -51.79
N TYR S 224 -43.68 3.14 -52.60
CA TYR S 224 -43.52 3.40 -54.03
C TYR S 224 -44.01 4.80 -54.42
N ASP S 225 -43.16 5.52 -55.15
CA ASP S 225 -43.46 6.86 -55.67
C ASP S 225 -42.94 6.99 -57.09
N GLY S 226 -43.43 8.00 -57.81
CA GLY S 226 -42.97 8.27 -59.17
C GLY S 226 -43.31 7.15 -60.13
N GLU S 227 -42.34 6.76 -60.97
CA GLU S 227 -42.53 5.74 -62.00
C GLU S 227 -42.97 4.39 -61.45
N ALA S 228 -42.69 4.16 -60.16
CA ALA S 228 -43.02 2.91 -59.49
C ALA S 228 -44.52 2.66 -59.33
N VAL S 229 -45.31 3.73 -59.33
CA VAL S 229 -46.76 3.62 -59.22
C VAL S 229 -47.48 3.82 -60.56
N ALA S 230 -46.70 4.06 -61.62
CA ALA S 230 -47.24 4.32 -62.95
C ALA S 230 -48.07 3.17 -63.51
N LYS S 231 -47.72 1.94 -63.13
CA LYS S 231 -48.44 0.75 -63.62
C LYS S 231 -49.83 0.59 -63.00
N TYR S 232 -50.08 1.30 -61.90
CA TYR S 232 -51.38 1.25 -61.21
C TYR S 232 -52.33 2.35 -61.67
N ILE S 233 -51.81 3.30 -62.46
CA ILE S 233 -52.61 4.33 -63.11
C ILE S 233 -53.34 3.74 -64.32
N GLY T 1 -71.81 37.85 -11.53
CA GLY T 1 -72.21 36.77 -12.49
C GLY T 1 -71.95 35.37 -11.95
N THR T 2 -71.56 34.47 -12.84
CA THR T 2 -71.27 33.08 -12.47
C THR T 2 -69.94 32.61 -13.10
N GLY T 3 -69.98 31.47 -13.79
CA GLY T 3 -68.78 30.92 -14.45
C GLY T 3 -68.02 29.93 -13.58
N TYR T 4 -68.71 29.34 -12.61
CA TYR T 4 -68.11 28.37 -11.70
C TYR T 4 -67.88 27.00 -12.35
N ASP T 5 -68.22 26.87 -13.63
CA ASP T 5 -68.09 25.62 -14.35
C ASP T 5 -66.98 25.67 -15.40
N LEU T 6 -66.25 26.78 -15.43
CA LEU T 6 -65.19 26.98 -16.42
C LEU T 6 -63.82 26.42 -16.02
N SER T 7 -63.65 26.12 -14.75
CA SER T 7 -62.36 25.61 -14.25
C SER T 7 -62.57 24.43 -13.30
N ASN T 8 -61.60 23.52 -13.25
CA ASN T 8 -61.77 22.25 -12.55
C ASN T 8 -62.03 22.34 -11.04
N SER T 9 -61.03 22.72 -10.25
CA SER T 9 -61.15 22.62 -8.78
C SER T 9 -62.06 23.66 -8.09
N VAL T 10 -62.89 24.36 -8.87
CA VAL T 10 -63.73 25.44 -8.35
C VAL T 10 -65.05 24.94 -7.74
N PHE T 11 -65.31 25.32 -6.50
CA PHE T 11 -66.61 25.07 -5.87
C PHE T 11 -67.63 26.07 -6.37
N SER T 12 -68.82 25.58 -6.70
CA SER T 12 -69.95 26.44 -7.01
C SER T 12 -70.61 26.86 -5.68
N PRO T 13 -71.47 27.90 -5.70
CA PRO T 13 -72.11 28.36 -4.47
C PRO T 13 -72.88 27.27 -3.72
N ASP T 14 -73.16 26.15 -4.37
CA ASP T 14 -73.86 25.02 -3.75
C ASP T 14 -72.96 23.80 -3.49
N GLY T 15 -71.65 24.06 -3.36
CA GLY T 15 -70.69 23.04 -2.94
C GLY T 15 -70.34 21.98 -3.97
N ARG T 16 -70.69 22.23 -5.22
CA ARG T 16 -70.44 21.26 -6.29
C ARG T 16 -69.23 21.60 -7.14
N ASN T 17 -68.64 20.57 -7.74
CA ASN T 17 -67.58 20.72 -8.72
C ASN T 17 -68.13 20.41 -10.11
N PHE T 18 -68.62 21.45 -10.78
CA PHE T 18 -69.34 21.31 -12.06
C PHE T 18 -68.56 20.61 -13.19
N GLN T 19 -67.23 20.74 -13.18
CA GLN T 19 -66.40 20.10 -14.20
C GLN T 19 -66.43 18.57 -14.10
N VAL T 20 -66.50 18.06 -12.87
CA VAL T 20 -66.64 16.62 -12.63
C VAL T 20 -67.99 16.12 -13.12
N GLU T 21 -69.02 16.93 -12.90
CA GLU T 21 -70.38 16.60 -13.32
C GLU T 21 -70.51 16.55 -14.84
N TYR T 22 -69.67 17.34 -15.51
CA TYR T 22 -69.64 17.33 -16.96
C TYR T 22 -68.92 16.09 -17.50
N ALA T 23 -67.95 15.59 -16.74
CA ALA T 23 -67.26 14.36 -17.07
C ALA T 23 -68.21 13.18 -17.04
N VAL T 24 -69.12 13.20 -16.06
CA VAL T 24 -70.19 12.21 -15.91
C VAL T 24 -71.08 12.17 -17.14
N LYS T 25 -71.33 13.33 -17.74
CA LYS T 25 -72.09 13.42 -18.99
C LYS T 25 -71.44 12.64 -20.13
N ALA T 26 -70.11 12.65 -20.18
CA ALA T 26 -69.35 11.89 -21.17
C ALA T 26 -69.44 10.39 -20.91
N VAL T 27 -69.59 10.02 -19.64
CA VAL T 27 -69.71 8.62 -19.23
C VAL T 27 -71.07 8.06 -19.66
N GLU T 28 -72.12 8.83 -19.42
CA GLU T 28 -73.49 8.48 -19.79
C GLU T 28 -73.65 8.40 -21.31
N ASN T 29 -72.79 9.13 -22.02
CA ASN T 29 -72.77 9.13 -23.47
C ASN T 29 -72.08 7.88 -24.03
N GLY T 30 -71.36 7.18 -23.17
CA GLY T 30 -70.59 6.02 -23.56
C GLY T 30 -71.37 4.73 -23.63
N THR T 31 -70.70 3.70 -24.15
CA THR T 31 -71.19 2.32 -24.22
C THR T 31 -71.51 1.76 -22.82
N THR T 32 -72.54 0.93 -22.74
CA THR T 32 -72.92 0.31 -21.46
C THR T 32 -72.01 -0.86 -21.08
N SER T 33 -71.69 -0.97 -19.79
CA SER T 33 -70.88 -2.06 -19.25
C SER T 33 -71.34 -2.43 -17.84
N ILE T 34 -71.17 -3.71 -17.48
CA ILE T 34 -71.70 -4.22 -16.21
C ILE T 34 -70.69 -5.04 -15.40
N GLY T 35 -71.06 -5.32 -14.15
CA GLY T 35 -70.28 -6.18 -13.27
C GLY T 35 -71.20 -6.98 -12.35
N ILE T 36 -71.00 -8.29 -12.30
CA ILE T 36 -71.79 -9.16 -11.43
C ILE T 36 -70.89 -9.94 -10.47
N LYS T 37 -71.12 -9.74 -9.17
CA LYS T 37 -70.45 -10.51 -8.13
C LYS T 37 -71.23 -11.82 -7.90
N CYS T 38 -70.51 -12.93 -7.89
CA CYS T 38 -71.12 -14.24 -7.66
C CYS T 38 -70.57 -14.88 -6.38
N ASN T 39 -70.91 -16.14 -6.13
CA ASN T 39 -70.58 -16.79 -4.85
C ASN T 39 -69.10 -17.08 -4.56
N ASP T 40 -68.24 -16.96 -5.56
CA ASP T 40 -66.79 -17.12 -5.37
C ASP T 40 -65.94 -16.31 -6.36
N GLY T 41 -66.56 -15.33 -7.01
CA GLY T 41 -65.86 -14.49 -7.98
C GLY T 41 -66.69 -13.36 -8.57
N VAL T 42 -66.19 -12.79 -9.67
CA VAL T 42 -66.84 -11.68 -10.36
C VAL T 42 -66.87 -11.87 -11.87
N VAL T 43 -67.91 -11.32 -12.52
CA VAL T 43 -68.07 -11.40 -13.97
C VAL T 43 -68.21 -10.00 -14.56
N PHE T 44 -67.42 -9.71 -15.59
CA PHE T 44 -67.46 -8.41 -16.26
C PHE T 44 -67.90 -8.56 -17.71
N ALA T 45 -68.75 -7.65 -18.18
CA ALA T 45 -69.23 -7.66 -19.56
C ALA T 45 -69.34 -6.24 -20.15
N VAL T 46 -69.24 -6.14 -21.48
CA VAL T 46 -69.32 -4.85 -22.15
C VAL T 46 -69.96 -4.92 -23.55
N GLU T 47 -70.70 -3.87 -23.90
CA GLU T 47 -71.24 -3.65 -25.24
C GLU T 47 -70.15 -3.10 -26.15
N LYS T 48 -70.11 -3.54 -27.40
CA LYS T 48 -69.15 -3.02 -28.39
C LYS T 48 -69.89 -2.69 -29.68
N LEU T 49 -70.16 -1.41 -29.89
CA LEU T 49 -70.93 -0.97 -31.06
C LEU T 49 -70.17 -1.18 -32.37
N ILE T 50 -70.80 -1.91 -33.29
CA ILE T 50 -70.23 -2.18 -34.61
C ILE T 50 -70.52 -0.99 -35.54
N THR T 51 -69.58 -0.04 -35.57
CA THR T 51 -69.70 1.17 -36.40
C THR T 51 -69.74 0.80 -37.89
N SER T 52 -68.94 -0.20 -38.26
CA SER T 52 -68.85 -0.68 -39.63
C SER T 52 -68.57 -2.17 -39.64
N LYS T 53 -68.91 -2.83 -40.75
CA LYS T 53 -68.55 -4.23 -40.96
C LYS T 53 -67.03 -4.39 -41.06
N LEU T 54 -66.34 -3.27 -41.29
CA LEU T 54 -64.89 -3.23 -41.45
C LEU T 54 -64.12 -3.46 -40.16
N LEU T 55 -64.80 -3.37 -39.01
CA LEU T 55 -64.21 -3.72 -37.73
C LEU T 55 -63.95 -5.22 -37.66
N VAL T 56 -62.73 -5.60 -37.28
CA VAL T 56 -62.37 -7.00 -37.14
C VAL T 56 -63.01 -7.53 -35.85
N PRO T 57 -63.79 -8.62 -35.97
CA PRO T 57 -64.45 -9.22 -34.80
C PRO T 57 -63.46 -9.81 -33.81
N GLN T 58 -63.78 -9.72 -32.52
CA GLN T 58 -62.99 -10.29 -31.41
C GLN T 58 -61.59 -9.67 -31.29
N LYS T 59 -61.41 -8.47 -31.85
CA LYS T 59 -60.07 -7.88 -31.98
C LYS T 59 -59.93 -6.42 -31.52
N ASN T 60 -60.98 -5.89 -30.89
CA ASN T 60 -60.90 -4.56 -30.26
C ASN T 60 -61.26 -4.66 -28.78
N VAL T 61 -60.46 -5.43 -28.05
CA VAL T 61 -60.74 -5.81 -26.66
C VAL T 61 -60.78 -4.58 -25.75
N LYS T 62 -61.87 -4.45 -24.99
CA LYS T 62 -62.06 -3.33 -24.09
C LYS T 62 -61.70 -3.68 -22.65
N ILE T 63 -62.04 -4.90 -22.23
CA ILE T 63 -61.71 -5.37 -20.89
C ILE T 63 -60.20 -5.55 -20.73
N GLN T 64 -59.66 -5.01 -19.64
CA GLN T 64 -58.24 -5.07 -19.36
C GLN T 64 -57.94 -5.79 -18.05
N VAL T 65 -56.80 -6.44 -17.99
CA VAL T 65 -56.34 -7.11 -16.78
C VAL T 65 -55.36 -6.23 -16.01
N VAL T 66 -55.45 -6.28 -14.68
CA VAL T 66 -54.47 -5.68 -13.79
C VAL T 66 -53.84 -6.81 -12.98
N ASP T 67 -52.52 -6.90 -13.02
CA ASP T 67 -51.78 -8.02 -12.42
C ASP T 67 -52.17 -9.33 -13.12
N ARG T 68 -52.79 -10.24 -12.38
CA ARG T 68 -53.25 -11.51 -12.93
C ARG T 68 -54.64 -11.86 -12.39
N HIS T 69 -55.12 -11.08 -11.43
CA HIS T 69 -56.32 -11.39 -10.67
C HIS T 69 -57.42 -10.32 -10.68
N ILE T 70 -57.13 -9.17 -11.28
CA ILE T 70 -58.09 -8.07 -11.35
C ILE T 70 -58.51 -7.80 -12.79
N GLY T 71 -59.82 -7.65 -13.00
CA GLY T 71 -60.36 -7.26 -14.30
C GLY T 71 -60.91 -5.85 -14.24
N CYS T 72 -60.73 -5.10 -15.33
CA CYS T 72 -61.22 -3.72 -15.41
C CYS T 72 -61.99 -3.45 -16.71
N VAL T 73 -63.23 -2.99 -16.55
CA VAL T 73 -64.04 -2.55 -17.68
C VAL T 73 -64.56 -1.14 -17.38
N TYR T 74 -64.73 -0.32 -18.41
CA TYR T 74 -65.19 1.06 -18.23
C TYR T 74 -66.14 1.57 -19.31
N SER T 75 -66.76 2.72 -19.01
CA SER T 75 -67.62 3.42 -19.96
C SER T 75 -67.22 4.87 -20.03
N GLY T 76 -67.29 5.45 -21.23
CA GLY T 76 -66.98 6.86 -21.44
C GLY T 76 -65.89 7.06 -22.48
N LEU T 77 -64.93 7.92 -22.15
CA LEU T 77 -63.74 8.12 -22.98
C LEU T 77 -62.75 6.97 -22.74
N ILE T 78 -62.61 6.11 -23.75
CA ILE T 78 -61.77 4.90 -23.64
C ILE T 78 -60.28 5.18 -23.33
N PRO T 79 -59.67 6.20 -23.98
CA PRO T 79 -58.28 6.51 -23.64
C PRO T 79 -58.06 6.84 -22.16
N ASP T 80 -58.99 7.58 -21.56
CA ASP T 80 -58.93 7.88 -20.13
C ASP T 80 -58.94 6.61 -19.29
N GLY T 81 -59.75 5.64 -19.71
CA GLY T 81 -59.86 4.35 -19.04
C GLY T 81 -58.55 3.59 -19.07
N ARG T 82 -57.92 3.59 -20.25
CA ARG T 82 -56.62 2.95 -20.44
C ARG T 82 -55.54 3.59 -19.54
N HIS T 83 -55.52 4.91 -19.52
CA HIS T 83 -54.61 5.68 -18.68
C HIS T 83 -54.73 5.26 -17.21
N LEU T 84 -55.96 5.14 -16.74
CA LEU T 84 -56.26 4.76 -15.37
C LEU T 84 -55.82 3.32 -15.04
N VAL T 85 -55.84 2.44 -16.04
CA VAL T 85 -55.41 1.05 -15.87
C VAL T 85 -53.88 0.94 -15.87
N ASN T 86 -53.22 1.74 -16.71
CA ASN T 86 -51.76 1.84 -16.71
C ASN T 86 -51.22 2.30 -15.37
N ARG T 87 -51.92 3.24 -14.74
CA ARG T 87 -51.63 3.67 -13.39
C ARG T 87 -51.87 2.53 -12.40
N GLY T 88 -53.05 1.90 -12.50
CA GLY T 88 -53.40 0.75 -11.68
C GLY T 88 -52.39 -0.39 -11.74
N ARG T 89 -51.84 -0.65 -12.93
CA ARG T 89 -50.82 -1.67 -13.10
C ARG T 89 -49.51 -1.30 -12.39
N GLU T 90 -49.12 -0.03 -12.48
CA GLU T 90 -47.97 0.51 -11.74
C GLU T 90 -48.21 0.37 -10.25
N GLU T 91 -49.41 0.74 -9.83
CA GLU T 91 -49.81 0.71 -8.43
C GLU T 91 -49.78 -0.73 -7.90
N ALA T 92 -50.29 -1.67 -8.68
CA ALA T 92 -50.27 -3.09 -8.33
C ALA T 92 -48.85 -3.68 -8.30
N ALA T 93 -48.01 -3.25 -9.25
CA ALA T 93 -46.62 -3.68 -9.30
C ALA T 93 -45.85 -3.18 -8.08
N SER T 94 -46.15 -1.95 -7.68
CA SER T 94 -45.54 -1.33 -6.51
C SER T 94 -45.87 -2.09 -5.22
N PHE T 95 -47.14 -2.50 -5.09
CA PHE T 95 -47.62 -3.24 -3.92
C PHE T 95 -46.94 -4.61 -3.83
N LYS T 96 -46.94 -5.35 -4.94
CA LYS T 96 -46.35 -6.69 -5.01
C LYS T 96 -44.84 -6.66 -4.72
N LYS T 97 -44.16 -5.66 -5.26
CA LYS T 97 -42.72 -5.52 -5.09
C LYS T 97 -42.33 -5.34 -3.62
N LEU T 98 -43.13 -4.57 -2.88
CA LEU T 98 -42.84 -4.26 -1.49
C LEU T 98 -43.39 -5.31 -0.51
N TYR T 99 -44.62 -5.75 -0.74
CA TYR T 99 -45.32 -6.63 0.20
C TYR T 99 -45.41 -8.09 -0.23
N LYS T 100 -44.89 -8.40 -1.42
CA LYS T 100 -44.83 -9.77 -1.96
C LYS T 100 -46.19 -10.33 -2.39
N THR T 101 -47.18 -10.24 -1.51
CA THR T 101 -48.54 -10.68 -1.79
C THR T 101 -49.19 -9.82 -2.88
N PRO T 102 -49.93 -10.46 -3.82
CA PRO T 102 -50.68 -9.70 -4.82
C PRO T 102 -51.71 -8.77 -4.17
N ILE T 103 -51.88 -7.58 -4.75
CA ILE T 103 -52.71 -6.52 -4.14
C ILE T 103 -54.16 -6.93 -3.87
N PRO T 104 -54.62 -6.76 -2.62
CA PRO T 104 -56.03 -6.98 -2.26
C PRO T 104 -56.94 -6.01 -3.01
N ILE T 105 -58.17 -6.44 -3.29
CA ILE T 105 -59.09 -5.67 -4.12
C ILE T 105 -59.54 -4.35 -3.47
N PRO T 106 -59.92 -4.36 -2.18
CA PRO T 106 -60.24 -3.09 -1.54
C PRO T 106 -59.06 -2.12 -1.55
N ALA T 107 -57.86 -2.65 -1.32
CA ALA T 107 -56.61 -1.89 -1.40
C ALA T 107 -56.40 -1.27 -2.78
N PHE T 108 -56.64 -2.05 -3.83
CA PHE T 108 -56.48 -1.59 -5.20
C PHE T 108 -57.50 -0.49 -5.53
N ALA T 109 -58.72 -0.66 -5.04
CA ALA T 109 -59.80 0.30 -5.27
C ALA T 109 -59.42 1.69 -4.78
N ASP T 110 -58.84 1.76 -3.58
CA ASP T 110 -58.47 3.04 -2.98
C ASP T 110 -57.34 3.69 -3.76
N ARG T 111 -56.44 2.88 -4.30
CA ARG T 111 -55.33 3.39 -5.11
C ARG T 111 -55.86 4.15 -6.32
N LEU T 112 -56.88 3.60 -6.98
CA LEU T 112 -57.55 4.28 -8.08
C LEU T 112 -58.34 5.49 -7.57
N GLY T 113 -59.10 5.26 -6.50
CA GLY T 113 -59.88 6.32 -5.85
C GLY T 113 -59.04 7.57 -5.59
N GLN T 114 -57.91 7.38 -4.92
CA GLN T 114 -57.01 8.48 -4.55
C GLN T 114 -56.42 9.19 -5.77
N TYR T 115 -56.14 8.42 -6.82
CA TYR T 115 -55.58 8.96 -8.06
C TYR T 115 -56.61 9.77 -8.84
N VAL T 116 -57.82 9.24 -8.96
CA VAL T 116 -58.91 9.93 -9.66
C VAL T 116 -59.34 11.17 -8.87
N GLN T 117 -59.34 11.06 -7.54
CA GLN T 117 -59.67 12.17 -6.65
C GLN T 117 -58.68 13.31 -6.83
N ALA T 118 -57.40 12.97 -6.96
CA ALA T 118 -56.34 13.95 -7.15
C ALA T 118 -56.58 14.83 -8.38
N HIS T 119 -57.28 14.28 -9.38
CA HIS T 119 -57.60 15.03 -10.59
C HIS T 119 -58.84 15.92 -10.47
N THR T 120 -59.33 16.08 -9.24
CA THR T 120 -60.41 17.02 -8.95
C THR T 120 -59.92 18.12 -7.99
N LEU T 121 -58.61 18.15 -7.73
CA LEU T 121 -57.99 19.05 -6.76
C LEU T 121 -57.34 20.29 -7.37
N TYR T 122 -57.02 20.21 -8.66
CA TYR T 122 -56.27 21.27 -9.33
C TYR T 122 -56.98 21.72 -10.59
N ASN T 123 -56.77 22.98 -10.98
CA ASN T 123 -57.35 23.53 -12.21
C ASN T 123 -56.51 23.26 -13.46
N SER T 124 -55.32 22.69 -13.27
CA SER T 124 -54.40 22.41 -14.37
C SER T 124 -54.57 20.99 -14.92
N VAL T 125 -55.43 20.20 -14.29
CA VAL T 125 -55.78 18.87 -14.79
C VAL T 125 -57.29 18.78 -15.02
N ARG T 126 -57.66 17.89 -15.93
CA ARG T 126 -59.05 17.62 -16.27
C ARG T 126 -59.47 16.31 -15.60
N PRO T 127 -60.69 16.25 -15.03
CA PRO T 127 -61.18 15.00 -14.46
C PRO T 127 -61.29 13.86 -15.47
N PHE T 128 -61.37 12.63 -14.98
CA PHE T 128 -61.50 11.48 -15.87
C PHE T 128 -62.91 11.34 -16.43
N GLY T 129 -62.98 11.05 -17.72
CA GLY T 129 -64.26 10.88 -18.39
C GLY T 129 -64.67 9.42 -18.47
N VAL T 130 -64.52 8.71 -17.35
CA VAL T 130 -64.89 7.29 -17.26
C VAL T 130 -65.49 6.90 -15.92
N SER T 131 -66.43 5.96 -15.95
CA SER T 131 -66.80 5.19 -14.77
C SER T 131 -66.22 3.80 -14.95
N THR T 132 -65.54 3.30 -13.93
CA THR T 132 -64.81 2.04 -14.05
C THR T 132 -65.43 0.96 -13.16
N ILE T 133 -65.66 -0.22 -13.74
CA ILE T 133 -66.08 -1.39 -12.98
C ILE T 133 -64.93 -2.38 -12.95
N PHE T 134 -64.57 -2.83 -11.75
CA PHE T 134 -63.43 -3.70 -11.56
C PHE T 134 -63.60 -4.57 -10.32
N GLY T 135 -62.80 -5.64 -10.25
CA GLY T 135 -62.84 -6.57 -9.11
C GLY T 135 -62.08 -7.85 -9.36
N GLY T 136 -62.04 -8.70 -8.34
CA GLY T 136 -61.34 -9.98 -8.42
C GLY T 136 -61.45 -10.78 -7.15
N VAL T 137 -60.53 -11.74 -6.97
CA VAL T 137 -60.52 -12.63 -5.82
C VAL T 137 -59.23 -12.47 -5.03
N ASP T 138 -59.34 -12.15 -3.74
CA ASP T 138 -58.17 -12.10 -2.88
C ASP T 138 -58.28 -13.09 -1.70
N LYS T 139 -57.41 -12.91 -0.71
CA LYS T 139 -57.26 -13.83 0.42
C LYS T 139 -58.58 -14.14 1.14
N ASN T 140 -59.46 -13.13 1.21
CA ASN T 140 -60.76 -13.31 1.85
C ASN T 140 -61.94 -12.88 0.98
N GLY T 141 -62.24 -13.69 -0.03
CA GLY T 141 -63.46 -13.53 -0.82
C GLY T 141 -63.32 -12.76 -2.12
N ALA T 142 -64.46 -12.57 -2.78
CA ALA T 142 -64.55 -11.83 -4.04
C ALA T 142 -65.08 -10.43 -3.77
N HIS T 143 -64.66 -9.48 -4.61
CA HIS T 143 -65.05 -8.08 -4.46
C HIS T 143 -65.38 -7.46 -5.80
N LEU T 144 -66.44 -6.64 -5.82
CA LEU T 144 -66.78 -5.83 -6.99
C LEU T 144 -66.84 -4.35 -6.61
N TYR T 145 -66.30 -3.50 -7.49
CA TYR T 145 -66.24 -2.05 -7.26
C TYR T 145 -66.66 -1.25 -8.49
N MET T 146 -67.20 -0.05 -8.24
CA MET T 146 -67.47 0.91 -9.30
C MET T 146 -66.96 2.29 -8.90
N LEU T 147 -66.10 2.86 -9.74
CA LEU T 147 -65.44 4.13 -9.46
C LEU T 147 -65.94 5.24 -10.38
N GLU T 148 -66.34 6.36 -9.76
CA GLU T 148 -66.92 7.49 -10.47
C GLU T 148 -65.85 8.53 -10.80
N PRO T 149 -66.10 9.41 -11.81
CA PRO T 149 -65.17 10.49 -12.15
C PRO T 149 -64.76 11.39 -10.97
N SER T 150 -65.60 11.45 -9.93
CA SER T 150 -65.29 12.23 -8.73
C SER T 150 -64.26 11.56 -7.83
N GLY T 151 -64.03 10.26 -8.05
CA GLY T 151 -63.17 9.46 -7.17
C GLY T 151 -63.96 8.64 -6.18
N SER T 152 -65.29 8.80 -6.22
CA SER T 152 -66.20 8.03 -5.37
C SER T 152 -66.25 6.58 -5.82
N TYR T 153 -66.20 5.67 -4.87
CA TYR T 153 -66.36 4.23 -5.13
C TYR T 153 -66.99 3.51 -3.95
N TRP T 154 -67.70 2.42 -4.24
CA TRP T 154 -68.26 1.55 -3.21
C TRP T 154 -68.15 0.08 -3.66
N GLY T 155 -68.37 -0.84 -2.72
CA GLY T 155 -68.51 -2.25 -3.04
C GLY T 155 -69.89 -2.49 -3.64
N TYR T 156 -70.00 -3.49 -4.49
CA TYR T 156 -71.26 -3.77 -5.18
C TYR T 156 -71.57 -5.25 -5.28
N LYS T 157 -72.85 -5.58 -5.15
CA LYS T 157 -73.38 -6.91 -5.49
C LYS T 157 -73.49 -6.98 -7.01
N GLY T 158 -73.90 -5.86 -7.60
CA GLY T 158 -73.98 -5.72 -9.05
C GLY T 158 -73.72 -4.28 -9.41
N ALA T 159 -73.13 -4.06 -10.59
CA ALA T 159 -72.77 -2.71 -11.03
C ALA T 159 -73.07 -2.52 -12.51
N ALA T 160 -73.39 -1.29 -12.88
CA ALA T 160 -73.69 -0.93 -14.26
C ALA T 160 -73.46 0.56 -14.52
N THR T 161 -72.92 0.87 -15.69
CA THR T 161 -72.68 2.25 -16.10
C THR T 161 -72.76 2.41 -17.63
N GLY T 162 -73.04 3.63 -18.08
CA GLY T 162 -73.10 3.92 -19.52
C GLY T 162 -74.50 4.21 -20.03
N LYS T 163 -74.63 4.22 -21.35
CA LYS T 163 -75.88 4.53 -22.05
C LYS T 163 -77.09 3.76 -21.52
N GLY T 164 -76.91 2.46 -21.25
CA GLY T 164 -78.00 1.62 -20.80
C GLY T 164 -77.91 1.20 -19.33
N ARG T 165 -77.46 2.13 -18.48
CA ARG T 165 -77.28 1.84 -17.07
C ARG T 165 -78.61 1.61 -16.32
N GLN T 166 -79.66 2.29 -16.77
CA GLN T 166 -81.00 2.14 -16.19
C GLN T 166 -81.52 0.69 -16.30
N SER T 167 -81.58 0.19 -17.52
CA SER T 167 -82.09 -1.16 -17.81
C SER T 167 -81.34 -2.23 -17.03
N ALA T 168 -80.02 -2.06 -16.95
CA ALA T 168 -79.14 -3.00 -16.26
C ALA T 168 -79.37 -2.98 -14.75
N LYS T 169 -79.46 -1.78 -14.18
CA LYS T 169 -79.69 -1.60 -12.73
C LYS T 169 -80.97 -2.29 -12.23
N ALA T 170 -82.04 -2.21 -13.01
CA ALA T 170 -83.30 -2.87 -12.66
C ALA T 170 -83.15 -4.39 -12.72
N GLU T 171 -82.51 -4.87 -13.79
CA GLU T 171 -82.28 -6.30 -14.00
C GLU T 171 -81.43 -6.92 -12.90
N LEU T 172 -80.35 -6.23 -12.52
CA LEU T 172 -79.47 -6.67 -11.43
C LEU T 172 -80.20 -6.73 -10.09
N GLU T 173 -81.09 -5.76 -9.85
CA GLU T 173 -81.87 -5.70 -8.61
C GLU T 173 -82.83 -6.88 -8.46
N LYS T 174 -83.30 -7.42 -9.58
CA LYS T 174 -84.16 -8.60 -9.59
C LYS T 174 -83.38 -9.86 -9.22
N LEU T 175 -82.11 -9.89 -9.61
CA LEU T 175 -81.21 -11.00 -9.29
C LEU T 175 -80.85 -11.02 -7.81
N VAL T 176 -80.56 -9.85 -7.25
CA VAL T 176 -80.20 -9.70 -5.84
C VAL T 176 -81.36 -10.13 -4.94
N ASP T 177 -82.58 -9.81 -5.36
CA ASP T 177 -83.79 -10.12 -4.60
C ASP T 177 -84.27 -11.55 -4.80
N HIS T 178 -83.93 -12.17 -5.93
CA HIS T 178 -84.35 -13.54 -6.23
C HIS T 178 -83.30 -14.60 -5.86
N HIS T 179 -82.03 -14.17 -5.77
CA HIS T 179 -80.95 -15.05 -5.35
C HIS T 179 -80.21 -14.45 -4.15
N PRO T 180 -80.78 -14.61 -2.94
CA PRO T 180 -80.25 -13.95 -1.74
C PRO T 180 -78.94 -14.54 -1.22
N GLU T 181 -78.84 -15.87 -1.23
CA GLU T 181 -77.64 -16.58 -0.79
C GLU T 181 -76.48 -16.42 -1.77
N GLY T 182 -76.74 -16.62 -3.06
CA GLY T 182 -75.72 -16.42 -4.09
C GLY T 182 -76.02 -17.01 -5.45
N LEU T 183 -75.42 -16.40 -6.48
CA LEU T 183 -75.48 -16.88 -7.84
C LEU T 183 -74.14 -17.55 -8.17
N SER T 184 -74.17 -18.64 -8.93
CA SER T 184 -72.94 -19.34 -9.30
C SER T 184 -72.24 -18.62 -10.45
N ALA T 185 -70.91 -18.77 -10.51
CA ALA T 185 -70.09 -18.13 -11.53
C ALA T 185 -70.54 -18.48 -12.95
N ARG T 186 -70.82 -19.77 -13.17
CA ARG T 186 -71.26 -20.28 -14.46
C ARG T 186 -72.58 -19.63 -14.88
N GLU T 187 -73.48 -19.43 -13.91
CA GLU T 187 -74.76 -18.77 -14.14
C GLU T 187 -74.59 -17.29 -14.45
N ALA T 188 -73.68 -16.65 -13.72
CA ALA T 188 -73.44 -15.20 -13.84
C ALA T 188 -72.90 -14.79 -15.21
N VAL T 189 -72.17 -15.68 -15.86
CA VAL T 189 -71.67 -15.46 -17.23
C VAL T 189 -72.84 -15.33 -18.20
N LYS T 190 -73.73 -16.33 -18.18
CA LYS T 190 -74.93 -16.33 -19.02
C LYS T 190 -75.81 -15.14 -18.70
N GLN T 191 -76.04 -14.93 -17.40
CA GLN T 191 -76.89 -13.86 -16.92
C GLN T 191 -76.40 -12.49 -17.36
N ALA T 192 -75.08 -12.29 -17.33
CA ALA T 192 -74.43 -11.07 -17.83
C ALA T 192 -74.74 -10.79 -19.30
N ALA T 193 -74.83 -11.86 -20.09
CA ALA T 193 -75.16 -11.75 -21.51
C ALA T 193 -76.57 -11.21 -21.73
N LYS T 194 -77.51 -11.68 -20.91
CA LYS T 194 -78.90 -11.22 -20.96
C LYS T 194 -79.00 -9.73 -20.63
N ILE T 195 -78.18 -9.27 -19.67
CA ILE T 195 -78.18 -7.88 -19.23
C ILE T 195 -77.70 -6.93 -20.33
N ILE T 196 -76.59 -7.27 -20.98
CA ILE T 196 -76.03 -6.47 -22.07
C ILE T 196 -76.98 -6.40 -23.27
N TYR T 197 -77.62 -7.52 -23.59
CA TYR T 197 -78.60 -7.60 -24.68
C TYR T 197 -79.85 -6.77 -24.42
N LEU T 198 -80.32 -6.77 -23.17
CA LEU T 198 -81.47 -5.96 -22.74
C LEU T 198 -81.11 -4.47 -22.63
N ALA T 199 -79.88 -4.17 -22.23
CA ALA T 199 -79.41 -2.80 -22.12
C ALA T 199 -79.09 -2.20 -23.49
N HIS T 200 -79.03 -3.05 -24.51
CA HIS T 200 -78.76 -2.60 -25.88
C HIS T 200 -79.96 -1.89 -26.50
N GLU T 201 -81.12 -2.00 -25.85
CA GLU T 201 -82.37 -1.38 -26.30
C GLU T 201 -82.28 0.14 -26.43
N ASP T 202 -81.39 0.76 -25.66
CA ASP T 202 -81.13 2.20 -25.73
C ASP T 202 -80.27 2.55 -26.95
N ASN T 203 -79.14 1.86 -27.08
CA ASN T 203 -78.20 2.08 -28.18
C ASN T 203 -78.47 1.13 -29.36
N LYS T 204 -79.74 0.92 -29.67
CA LYS T 204 -80.16 -0.15 -30.58
C LYS T 204 -80.11 0.18 -32.07
N GLU T 205 -79.60 1.37 -32.41
CA GLU T 205 -79.50 1.78 -33.81
C GLU T 205 -78.39 1.03 -34.56
N LYS T 206 -77.32 0.70 -33.86
CA LYS T 206 -76.20 -0.03 -34.45
C LYS T 206 -76.03 -1.40 -33.77
N ASP T 207 -75.55 -2.37 -34.56
CA ASP T 207 -75.31 -3.72 -34.06
C ASP T 207 -74.12 -3.74 -33.07
N PHE T 208 -74.04 -4.79 -32.26
CA PHE T 208 -73.02 -4.85 -31.21
C PHE T 208 -72.34 -6.20 -31.07
N GLU T 209 -71.22 -6.20 -30.35
CA GLU T 209 -70.43 -7.41 -30.09
C GLU T 209 -70.26 -7.60 -28.59
N LEU T 210 -70.74 -8.73 -28.07
CA LEU T 210 -70.63 -9.05 -26.65
C LEU T 210 -69.22 -9.47 -26.26
N GLU T 211 -68.77 -8.99 -25.10
CA GLU T 211 -67.46 -9.35 -24.55
C GLU T 211 -67.57 -9.58 -23.05
N ILE T 212 -67.23 -10.79 -22.61
CA ILE T 212 -67.33 -11.18 -21.21
C ILE T 212 -65.99 -11.69 -20.69
N SER T 213 -65.69 -11.42 -19.43
CA SER T 213 -64.54 -11.98 -18.74
C SER T 213 -64.94 -12.33 -17.31
N TRP T 214 -64.21 -13.25 -16.70
CA TRP T 214 -64.57 -13.70 -15.34
C TRP T 214 -63.36 -14.03 -14.47
N CYS T 215 -63.59 -13.99 -13.16
CA CYS T 215 -62.57 -14.28 -12.18
C CYS T 215 -63.23 -15.06 -11.04
N SER T 216 -63.02 -16.37 -11.01
CA SER T 216 -63.69 -17.25 -10.04
C SER T 216 -62.74 -18.25 -9.40
N LEU T 217 -62.88 -18.43 -8.08
CA LEU T 217 -62.01 -19.31 -7.30
C LEU T 217 -62.06 -20.78 -7.76
N SER T 218 -63.24 -21.25 -8.14
CA SER T 218 -63.41 -22.63 -8.58
C SER T 218 -63.20 -22.80 -10.09
N GLU T 219 -63.60 -21.79 -10.85
CA GLU T 219 -63.61 -21.89 -12.32
C GLU T 219 -62.31 -21.44 -12.99
N THR T 220 -61.62 -20.46 -12.38
CA THR T 220 -60.40 -19.89 -12.98
C THR T 220 -59.21 -19.91 -12.04
N ASN T 221 -59.39 -20.53 -10.86
CA ASN T 221 -58.40 -20.52 -9.77
C ASN T 221 -58.05 -19.10 -9.28
N GLY T 222 -59.02 -18.20 -9.39
CA GLY T 222 -58.86 -16.83 -8.92
C GLY T 222 -58.03 -15.95 -9.83
N LEU T 223 -57.84 -16.39 -11.08
CA LEU T 223 -57.11 -15.60 -12.06
C LEU T 223 -58.07 -15.03 -13.10
N HIS T 224 -57.84 -13.80 -13.53
CA HIS T 224 -58.68 -13.17 -14.53
C HIS T 224 -58.51 -13.83 -15.92
N LYS T 225 -59.64 -14.26 -16.48
CA LYS T 225 -59.66 -14.89 -17.80
C LYS T 225 -60.82 -14.34 -18.63
N PHE T 226 -60.63 -14.29 -19.95
CA PHE T 226 -61.70 -13.95 -20.86
C PHE T 226 -62.50 -15.20 -21.19
N VAL T 227 -63.82 -15.03 -21.32
CA VAL T 227 -64.70 -16.10 -21.77
C VAL T 227 -64.57 -16.19 -23.29
N LYS T 228 -64.32 -17.40 -23.78
CA LYS T 228 -64.02 -17.63 -25.19
C LYS T 228 -64.64 -18.93 -25.67
N GLY T 229 -64.79 -19.06 -26.98
CA GLY T 229 -65.25 -20.30 -27.61
C GLY T 229 -66.64 -20.77 -27.18
N ASP T 230 -66.70 -22.02 -26.71
CA ASP T 230 -67.95 -22.70 -26.36
C ASP T 230 -68.80 -21.97 -25.34
N LEU T 231 -68.18 -21.52 -24.26
CA LEU T 231 -68.90 -20.86 -23.17
C LEU T 231 -69.44 -19.48 -23.56
N LEU T 232 -68.71 -18.79 -24.46
CA LEU T 232 -69.14 -17.49 -24.98
C LEU T 232 -70.40 -17.61 -25.84
N GLN T 233 -70.41 -18.60 -26.74
CA GLN T 233 -71.55 -18.83 -27.63
C GLN T 233 -72.79 -19.32 -26.87
N GLU T 234 -72.54 -20.10 -25.83
CA GLU T 234 -73.59 -20.59 -24.92
C GLU T 234 -74.27 -19.42 -24.21
N ALA T 235 -73.49 -18.42 -23.83
CA ALA T 235 -74.01 -17.20 -23.20
C ALA T 235 -74.84 -16.38 -24.18
N ILE T 236 -74.34 -16.21 -25.40
CA ILE T 236 -75.08 -15.52 -26.46
C ILE T 236 -76.38 -16.25 -26.80
N ASP T 237 -76.33 -17.58 -26.89
CA ASP T 237 -77.52 -18.40 -27.12
C ASP T 237 -78.58 -18.24 -26.03
N PHE T 238 -78.12 -18.11 -24.78
CA PHE T 238 -79.02 -17.93 -23.63
C PHE T 238 -79.70 -16.56 -23.67
N ALA T 239 -78.94 -15.53 -24.03
CA ALA T 239 -79.46 -14.17 -24.15
C ALA T 239 -80.44 -14.02 -25.30
N GLN T 240 -80.11 -14.63 -26.44
CA GLN T 240 -80.94 -14.59 -27.64
C GLN T 240 -82.27 -15.31 -27.47
N LYS T 241 -82.28 -16.36 -26.65
CA LYS T 241 -83.48 -17.16 -26.41
C LYS T 241 -84.47 -16.42 -25.50
N GLU T 242 -83.95 -15.66 -24.54
CA GLU T 242 -84.78 -14.86 -23.64
C GLU T 242 -84.82 -13.39 -24.04
N ILE T 243 -84.89 -13.15 -25.35
CA ILE T 243 -85.17 -11.82 -25.90
C ILE T 243 -86.50 -11.88 -26.67
N ASN T 244 -86.96 -13.09 -26.97
CA ASN T 244 -88.21 -13.31 -27.68
C ASN T 244 -89.43 -13.22 -26.75
N ALA U 1 -63.48 41.90 -10.02
CA ALA U 1 -64.96 42.04 -9.98
C ALA U 1 -65.70 40.74 -10.35
N GLY U 2 -65.04 39.60 -10.12
CA GLY U 2 -65.61 38.29 -10.43
C GLY U 2 -64.82 37.11 -9.91
N TYR U 3 -63.51 37.13 -10.13
CA TYR U 3 -62.65 35.96 -9.83
C TYR U 3 -62.24 35.82 -8.36
N ASP U 4 -62.73 36.72 -7.50
CA ASP U 4 -62.49 36.63 -6.07
C ASP U 4 -63.36 35.56 -5.40
N ARG U 5 -64.13 34.84 -6.22
CA ARG U 5 -65.02 33.79 -5.74
C ARG U 5 -64.66 32.42 -6.30
N HIS U 6 -63.66 32.39 -7.18
CA HIS U 6 -63.24 31.17 -7.84
C HIS U 6 -61.99 30.57 -7.20
N ILE U 7 -61.15 31.45 -6.66
CA ILE U 7 -59.95 31.03 -5.93
C ILE U 7 -59.98 31.57 -4.51
N THR U 8 -59.07 31.08 -3.67
CA THR U 8 -59.03 31.47 -2.26
C THR U 8 -58.26 32.77 -2.06
N ILE U 9 -58.81 33.86 -2.58
CA ILE U 9 -58.33 35.21 -2.30
C ILE U 9 -59.48 36.02 -1.69
N PHE U 10 -59.14 37.11 -1.02
CA PHE U 10 -60.13 37.91 -0.30
C PHE U 10 -61.11 38.63 -1.21
N SER U 11 -62.37 38.69 -0.78
CA SER U 11 -63.37 39.55 -1.38
C SER U 11 -63.30 40.91 -0.68
N PRO U 12 -63.85 41.98 -1.30
CA PRO U 12 -63.85 43.31 -0.68
C PRO U 12 -64.29 43.34 0.79
N GLU U 13 -65.09 42.35 1.20
CA GLU U 13 -65.60 42.28 2.57
C GLU U 13 -64.67 41.48 3.50
N GLY U 14 -63.62 40.90 2.93
CA GLY U 14 -62.64 40.15 3.71
C GLY U 14 -62.98 38.67 3.83
N ARG U 15 -63.82 38.19 2.91
CA ARG U 15 -64.28 36.80 2.94
C ARG U 15 -63.61 35.96 1.88
N LEU U 16 -63.61 34.65 2.11
CA LEU U 16 -63.10 33.68 1.14
C LEU U 16 -64.25 32.74 0.75
N TYR U 17 -64.93 33.08 -0.34
CA TYR U 17 -66.12 32.33 -0.79
C TYR U 17 -65.86 30.84 -1.05
N GLN U 18 -64.72 30.52 -1.65
CA GLN U 18 -64.36 29.13 -1.93
C GLN U 18 -64.34 28.27 -0.68
N VAL U 19 -63.96 28.89 0.44
CA VAL U 19 -63.95 28.21 1.73
C VAL U 19 -65.39 28.05 2.24
N GLU U 20 -66.18 29.10 2.06
CA GLU U 20 -67.59 29.08 2.45
C GLU U 20 -68.37 28.05 1.65
N TYR U 21 -68.07 27.94 0.35
CA TYR U 21 -68.72 26.96 -0.50
C TYR U 21 -68.22 25.55 -0.20
N ALA U 22 -67.03 25.44 0.39
CA ALA U 22 -66.51 24.16 0.86
C ALA U 22 -67.33 23.63 2.05
N PHE U 23 -67.76 24.53 2.92
CA PHE U 23 -68.65 24.18 4.03
C PHE U 23 -69.98 23.65 3.52
N LYS U 24 -70.48 24.28 2.45
CA LYS U 24 -71.72 23.87 1.79
C LYS U 24 -71.63 22.42 1.31
N ALA U 25 -70.44 22.01 0.89
CA ALA U 25 -70.21 20.67 0.35
C ALA U 25 -70.30 19.57 1.42
N THR U 26 -69.97 19.93 2.66
CA THR U 26 -69.96 18.97 3.78
C THR U 26 -71.35 18.41 4.08
N ASN U 27 -72.39 19.11 3.61
CA ASN U 27 -73.78 18.69 3.81
C ASN U 27 -74.36 17.89 2.64
N GLN U 28 -73.57 17.67 1.61
CA GLN U 28 -74.04 17.04 0.37
C GLN U 28 -74.53 15.59 0.56
N THR U 29 -73.88 14.85 1.46
CA THR U 29 -74.22 13.45 1.71
C THR U 29 -75.44 13.30 2.60
N ASN U 30 -75.94 14.43 3.11
CA ASN U 30 -77.19 14.51 3.87
C ASN U 30 -77.20 13.60 5.11
N ILE U 31 -76.03 13.46 5.72
CA ILE U 31 -75.83 12.59 6.87
C ILE U 31 -75.50 13.40 8.12
N ASN U 32 -76.11 13.02 9.25
CA ASN U 32 -75.78 13.60 10.54
C ASN U 32 -74.91 12.67 11.37
N SER U 33 -73.89 13.24 12.01
CA SER U 33 -73.04 12.50 12.93
C SER U 33 -72.97 13.22 14.27
N LEU U 34 -72.56 12.49 15.31
CA LEU U 34 -72.35 13.07 16.63
C LEU U 34 -71.31 12.30 17.43
N ALA U 35 -70.68 12.99 18.38
CA ALA U 35 -69.69 12.37 19.26
C ALA U 35 -69.99 12.72 20.72
N VAL U 36 -69.78 11.74 21.61
CA VAL U 36 -69.92 11.95 23.06
C VAL U 36 -68.80 11.27 23.85
N ARG U 37 -68.51 11.80 25.03
CA ARG U 37 -67.50 11.23 25.91
C ARG U 37 -68.16 10.52 27.09
N GLY U 38 -67.70 9.31 27.36
CA GLY U 38 -68.10 8.57 28.56
C GLY U 38 -67.11 8.82 29.69
N LYS U 39 -67.15 7.95 30.70
CA LYS U 39 -66.22 8.02 31.82
C LYS U 39 -64.79 7.74 31.35
N ASP U 40 -64.62 6.66 30.58
CA ASP U 40 -63.33 6.26 30.05
C ASP U 40 -63.43 5.77 28.59
N CYS U 41 -64.33 6.37 27.82
CA CYS U 41 -64.51 6.04 26.41
C CYS U 41 -65.01 7.24 25.60
N THR U 42 -64.95 7.11 24.27
CA THR U 42 -65.52 8.11 23.36
C THR U 42 -66.27 7.40 22.25
N VAL U 43 -67.51 7.83 22.02
CA VAL U 43 -68.38 7.19 21.04
C VAL U 43 -68.77 8.15 19.93
N VAL U 44 -68.70 7.66 18.68
CA VAL U 44 -69.18 8.42 17.52
C VAL U 44 -70.30 7.69 16.78
N ILE U 45 -71.43 8.39 16.63
CA ILE U 45 -72.58 7.88 15.91
C ILE U 45 -72.70 8.64 14.59
N SER U 46 -73.02 7.92 13.52
CA SER U 46 -73.21 8.52 12.23
C SER U 46 -74.31 7.78 11.48
N GLN U 47 -75.18 8.52 10.81
CA GLN U 47 -76.24 7.92 10.00
C GLN U 47 -75.65 7.17 8.83
N LYS U 48 -76.31 6.08 8.45
CA LYS U 48 -75.88 5.27 7.33
C LYS U 48 -77.05 5.15 6.35
N LYS U 49 -76.88 5.71 5.16
CA LYS U 49 -77.91 5.70 4.14
C LYS U 49 -77.45 4.96 2.90
N VAL U 50 -78.05 3.80 2.66
CA VAL U 50 -77.78 3.01 1.47
C VAL U 50 -79.01 3.06 0.57
N PRO U 51 -79.02 3.98 -0.40
CA PRO U 51 -80.21 4.18 -1.25
C PRO U 51 -80.34 3.12 -2.34
N ASP U 52 -79.26 2.40 -2.62
CA ASP U 52 -79.20 1.42 -3.70
C ASP U 52 -79.23 -0.01 -3.14
N LYS U 53 -80.04 -0.86 -3.76
CA LYS U 53 -80.09 -2.29 -3.39
C LYS U 53 -78.88 -3.06 -3.92
N LEU U 54 -78.16 -2.44 -4.86
CA LEU U 54 -77.00 -3.04 -5.50
C LEU U 54 -75.68 -2.80 -4.75
N LEU U 55 -75.72 -1.90 -3.78
CA LEU U 55 -74.52 -1.57 -2.99
C LEU U 55 -74.23 -2.63 -1.93
N ASP U 56 -72.96 -2.84 -1.67
CA ASP U 56 -72.52 -3.67 -0.56
C ASP U 56 -72.46 -2.79 0.70
N PRO U 57 -73.41 -2.98 1.62
CA PRO U 57 -73.52 -2.12 2.82
C PRO U 57 -72.26 -2.09 3.69
N THR U 58 -71.51 -3.19 3.71
CA THR U 58 -70.31 -3.32 4.53
C THR U 58 -69.18 -2.39 4.09
N THR U 59 -69.24 -1.93 2.84
CA THR U 59 -68.22 -1.02 2.29
C THR U 59 -68.60 0.45 2.37
N VAL U 60 -69.87 0.72 2.68
CA VAL U 60 -70.39 2.09 2.79
C VAL U 60 -70.15 2.61 4.20
N SER U 61 -69.13 3.43 4.36
CA SER U 61 -68.69 3.89 5.67
C SER U 61 -68.02 5.26 5.60
N TYR U 62 -68.30 6.11 6.59
CA TYR U 62 -67.65 7.41 6.73
C TYR U 62 -66.87 7.49 8.05
N ILE U 63 -66.68 6.33 8.67
CA ILE U 63 -65.84 6.21 9.86
C ILE U 63 -64.57 5.47 9.48
N PHE U 64 -63.43 5.99 9.94
CA PHE U 64 -62.13 5.43 9.58
C PHE U 64 -61.29 5.20 10.82
N CYS U 65 -60.56 4.09 10.83
CA CYS U 65 -59.60 3.81 11.89
C CYS U 65 -58.23 4.35 11.47
N ILE U 66 -57.88 5.52 12.01
CA ILE U 66 -56.65 6.23 11.63
C ILE U 66 -55.42 5.52 12.20
N SER U 67 -55.52 5.09 13.45
CA SER U 67 -54.47 4.31 14.09
C SER U 67 -55.08 3.33 15.11
N ARG U 68 -54.22 2.63 15.85
CA ARG U 68 -54.65 1.77 16.95
C ARG U 68 -55.60 2.53 17.91
N THR U 69 -55.26 3.78 18.20
CA THR U 69 -55.98 4.59 19.21
C THR U 69 -56.96 5.61 18.65
N ILE U 70 -56.69 6.15 17.46
CA ILE U 70 -57.50 7.25 16.92
C ILE U 70 -58.50 6.80 15.84
N GLY U 71 -59.74 7.26 16.00
CA GLY U 71 -60.78 7.09 14.99
C GLY U 71 -61.25 8.43 14.45
N MET U 72 -61.74 8.43 13.22
CA MET U 72 -62.20 9.65 12.57
C MET U 72 -63.47 9.46 11.77
N VAL U 73 -64.48 10.30 12.04
CA VAL U 73 -65.71 10.33 11.26
C VAL U 73 -65.75 11.59 10.39
N VAL U 74 -66.28 11.46 9.19
CA VAL U 74 -66.24 12.54 8.20
C VAL U 74 -67.64 12.93 7.73
N ASN U 75 -67.90 14.22 7.68
CA ASN U 75 -69.06 14.75 6.97
C ASN U 75 -68.62 15.43 5.67
N GLY U 76 -69.12 14.91 4.55
CA GLY U 76 -68.75 15.41 3.23
C GLY U 76 -68.67 14.27 2.23
N PRO U 77 -68.42 14.60 0.93
CA PRO U 77 -68.33 13.58 -0.11
C PRO U 77 -67.19 12.61 0.16
N ILE U 78 -67.40 11.34 -0.19
CA ILE U 78 -66.45 10.28 0.14
C ILE U 78 -65.05 10.41 -0.50
N PRO U 79 -64.95 10.95 -1.74
CA PRO U 79 -63.61 11.07 -2.31
C PRO U 79 -62.71 11.96 -1.46
N ASP U 80 -63.23 13.10 -1.04
CA ASP U 80 -62.50 14.01 -0.16
C ASP U 80 -62.29 13.40 1.22
N ALA U 81 -63.29 12.66 1.70
CA ALA U 81 -63.21 11.96 2.99
C ALA U 81 -62.06 10.96 3.01
N ARG U 82 -61.92 10.20 1.92
CA ARG U 82 -60.85 9.21 1.80
C ARG U 82 -59.48 9.87 1.63
N ASN U 83 -59.47 11.04 1.00
CA ASN U 83 -58.25 11.85 0.85
C ASN U 83 -57.68 12.23 2.23
N ALA U 84 -58.55 12.74 3.10
CA ALA U 84 -58.14 13.13 4.44
C ALA U 84 -57.78 11.90 5.28
N ALA U 85 -58.55 10.82 5.10
CA ALA U 85 -58.29 9.55 5.77
C ALA U 85 -56.86 9.05 5.54
N LEU U 86 -56.48 8.91 4.27
CA LEU U 86 -55.15 8.40 3.91
C LEU U 86 -54.04 9.28 4.47
N ARG U 87 -54.23 10.60 4.37
CA ARG U 87 -53.26 11.56 4.88
C ARG U 87 -53.04 11.39 6.37
N ALA U 88 -54.14 11.30 7.12
CA ALA U 88 -54.09 11.18 8.57
C ALA U 88 -53.41 9.88 9.01
N LYS U 89 -53.68 8.79 8.29
CA LYS U 89 -53.05 7.51 8.56
C LYS U 89 -51.54 7.59 8.35
N ALA U 90 -51.15 8.25 7.26
CA ALA U 90 -49.74 8.49 6.94
C ALA U 90 -49.08 9.36 8.00
N GLU U 91 -49.75 10.45 8.38
CA GLU U 91 -49.24 11.38 9.38
C GLU U 91 -49.05 10.74 10.74
N ALA U 92 -49.96 9.83 11.11
CA ALA U 92 -49.93 9.16 12.41
C ALA U 92 -48.81 8.13 12.51
N ALA U 93 -48.57 7.40 11.42
CA ALA U 93 -47.48 6.43 11.35
C ALA U 93 -46.13 7.14 11.38
N GLU U 94 -46.04 8.26 10.68
CA GLU U 94 -44.80 9.06 10.63
C GLU U 94 -44.47 9.68 11.99
N PHE U 95 -45.48 10.16 12.69
CA PHE U 95 -45.31 10.70 14.04
C PHE U 95 -44.70 9.67 14.97
N ARG U 96 -45.23 8.45 14.92
CA ARG U 96 -44.76 7.34 15.76
C ARG U 96 -43.31 6.98 15.47
N TYR U 97 -42.94 7.03 14.19
CA TYR U 97 -41.59 6.68 13.77
C TYR U 97 -40.55 7.71 14.24
N LYS U 98 -40.90 8.98 14.12
CA LYS U 98 -39.99 10.08 14.43
C LYS U 98 -39.88 10.39 15.92
N TYR U 99 -40.98 10.21 16.66
CA TYR U 99 -41.05 10.67 18.05
C TYR U 99 -41.21 9.57 19.11
N GLY U 100 -41.42 8.34 18.66
CA GLY U 100 -41.40 7.17 19.56
C GLY U 100 -42.61 6.96 20.44
N TYR U 101 -43.66 7.74 20.22
CA TYR U 101 -44.93 7.54 20.90
C TYR U 101 -46.11 7.79 19.96
N ASP U 102 -47.28 7.27 20.32
CA ASP U 102 -48.47 7.38 19.48
C ASP U 102 -48.97 8.82 19.39
N MET U 103 -49.29 9.26 18.18
CA MET U 103 -49.77 10.62 17.95
C MET U 103 -51.08 10.86 18.69
N PRO U 104 -51.10 11.87 19.58
CA PRO U 104 -52.31 12.20 20.32
C PRO U 104 -53.39 12.73 19.38
N CYS U 105 -54.65 12.56 19.79
CA CYS U 105 -55.80 12.99 19.01
C CYS U 105 -55.76 14.47 18.61
N ASP U 106 -55.45 15.33 19.59
CA ASP U 106 -55.46 16.79 19.36
C ASP U 106 -54.35 17.27 18.43
N VAL U 107 -53.20 16.59 18.46
CA VAL U 107 -52.05 16.94 17.61
C VAL U 107 -52.36 16.63 16.14
N LEU U 108 -52.89 15.43 15.91
CA LEU U 108 -53.37 15.04 14.58
C LEU U 108 -54.47 15.97 14.04
N ALA U 109 -55.35 16.43 14.92
CA ALA U 109 -56.35 17.42 14.56
C ALA U 109 -55.67 18.72 14.12
N LYS U 110 -54.74 19.21 14.94
CA LYS U 110 -53.95 20.42 14.62
C LYS U 110 -53.24 20.31 13.27
N ARG U 111 -52.53 19.20 13.06
CA ARG U 111 -51.78 18.99 11.83
C ARG U 111 -52.69 18.99 10.59
N MET U 112 -53.86 18.37 10.70
CA MET U 112 -54.83 18.35 9.60
C MET U 112 -55.44 19.74 9.40
N ALA U 113 -55.65 20.45 10.50
CA ALA U 113 -56.13 21.81 10.47
C ALA U 113 -55.13 22.75 9.77
N ASN U 114 -53.84 22.54 10.05
CA ASN U 114 -52.76 23.32 9.42
C ASN U 114 -52.68 23.06 7.92
N LEU U 115 -52.82 21.79 7.54
CA LEU U 115 -52.88 21.40 6.13
C LEU U 115 -54.05 22.06 5.41
N SER U 116 -55.22 22.07 6.06
CA SER U 116 -56.39 22.75 5.52
C SER U 116 -56.18 24.26 5.38
N GLN U 117 -55.48 24.85 6.34
CA GLN U 117 -55.18 26.27 6.30
C GLN U 117 -54.39 26.63 5.05
N ILE U 118 -53.47 25.74 4.65
CA ILE U 118 -52.66 25.97 3.45
C ILE U 118 -53.52 26.10 2.19
N TYR U 119 -54.53 25.24 2.03
CA TYR U 119 -55.40 25.25 0.86
C TYR U 119 -56.27 26.51 0.85
N THR U 120 -56.47 27.05 2.05
CA THR U 120 -57.13 28.31 2.29
C THR U 120 -56.29 29.49 1.81
N GLN U 121 -54.96 29.36 1.90
CA GLN U 121 -54.05 30.47 1.56
C GLN U 121 -53.41 30.38 0.17
N ARG U 122 -53.05 29.16 -0.24
CA ARG U 122 -52.45 28.94 -1.56
C ARG U 122 -53.53 28.68 -2.61
N ALA U 123 -53.34 29.27 -3.79
CA ALA U 123 -54.37 29.32 -4.82
C ALA U 123 -54.59 28.00 -5.59
N TYR U 124 -53.51 27.26 -5.83
CA TYR U 124 -53.58 26.08 -6.69
C TYR U 124 -54.24 24.88 -6.01
N MET U 125 -54.27 24.89 -4.68
CA MET U 125 -54.96 23.86 -3.90
C MET U 125 -56.38 24.33 -3.60
N ARG U 126 -57.37 23.49 -3.92
CA ARG U 126 -58.73 23.72 -3.44
C ARG U 126 -58.88 23.18 -2.02
N PRO U 127 -59.80 23.78 -1.22
CA PRO U 127 -60.11 23.18 0.08
C PRO U 127 -60.83 21.85 -0.11
N LEU U 128 -60.70 20.96 0.88
CA LEU U 128 -61.49 19.72 0.88
C LEU U 128 -62.83 20.02 1.53
N GLY U 129 -63.91 19.59 0.88
CA GLY U 129 -65.26 19.84 1.39
C GLY U 129 -65.63 18.84 2.47
N VAL U 130 -64.88 18.83 3.55
CA VAL U 130 -65.12 17.88 4.64
C VAL U 130 -64.91 18.47 6.02
N ILE U 131 -65.67 17.92 6.97
CA ILE U 131 -65.46 18.19 8.38
C ILE U 131 -65.01 16.87 9.04
N LEU U 132 -63.87 16.94 9.73
CA LEU U 132 -63.27 15.75 10.32
C LEU U 132 -63.38 15.77 11.83
N THR U 133 -64.02 14.75 12.39
CA THR U 133 -64.17 14.61 13.84
C THR U 133 -63.23 13.50 14.33
N PHE U 134 -62.23 13.88 15.11
CA PHE U 134 -61.24 12.95 15.63
C PHE U 134 -61.56 12.55 17.08
N VAL U 135 -61.52 11.25 17.36
CA VAL U 135 -61.88 10.73 18.68
C VAL U 135 -60.92 9.66 19.18
N SER U 136 -60.61 9.72 20.48
CA SER U 136 -59.75 8.75 21.13
C SER U 136 -59.89 8.79 22.65
N VAL U 137 -59.22 7.86 23.32
CA VAL U 137 -58.95 7.98 24.75
C VAL U 137 -57.44 8.22 24.90
N ASP U 138 -57.09 9.51 24.98
CA ASP U 138 -55.71 9.94 25.09
C ASP U 138 -55.13 9.47 26.42
N GLU U 139 -53.84 9.15 26.42
CA GLU U 139 -53.15 8.68 27.62
C GLU U 139 -52.85 9.83 28.58
N GLU U 140 -52.95 11.06 28.09
CA GLU U 140 -52.73 12.24 28.93
C GLU U 140 -54.02 13.01 29.23
N LEU U 141 -54.88 13.14 28.22
CA LEU U 141 -56.08 13.97 28.32
C LEU U 141 -57.38 13.19 28.56
N GLY U 142 -57.34 11.87 28.41
CA GLY U 142 -58.53 11.03 28.55
C GLY U 142 -59.41 11.09 27.31
N PRO U 143 -60.71 10.78 27.46
CA PRO U 143 -61.66 10.81 26.34
C PRO U 143 -61.64 12.17 25.65
N SER U 144 -61.42 12.16 24.33
CA SER U 144 -61.17 13.39 23.57
C SER U 144 -61.93 13.44 22.25
N ILE U 145 -62.49 14.62 21.96
CA ILE U 145 -63.13 14.91 20.67
C ILE U 145 -62.52 16.18 20.10
N TYR U 146 -62.02 16.09 18.87
CA TYR U 146 -61.44 17.26 18.17
C TYR U 146 -61.89 17.30 16.71
N LYS U 147 -62.38 18.46 16.28
CA LYS U 147 -63.03 18.58 14.97
C LYS U 147 -62.44 19.69 14.12
N THR U 148 -62.13 19.37 12.87
CA THR U 148 -61.56 20.33 11.91
C THR U 148 -62.49 20.57 10.72
N ASP U 149 -62.49 21.79 10.20
CA ASP U 149 -63.33 22.17 9.05
C ASP U 149 -62.48 22.70 7.88
N PRO U 150 -63.12 23.05 6.74
CA PRO U 150 -62.36 23.51 5.57
C PRO U 150 -61.71 24.89 5.70
N ALA U 151 -61.97 25.57 6.82
CA ALA U 151 -61.41 26.89 7.08
C ALA U 151 -60.01 26.80 7.69
N GLY U 152 -59.66 25.62 8.19
CA GLY U 152 -58.43 25.41 8.92
C GLY U 152 -58.62 25.62 10.41
N TYR U 153 -59.88 25.62 10.83
CA TYR U 153 -60.24 25.80 12.24
C TYR U 153 -60.32 24.45 12.93
N TYR U 154 -60.04 24.44 14.24
CA TYR U 154 -60.18 23.24 15.06
C TYR U 154 -60.31 23.59 16.54
N VAL U 155 -61.05 22.77 17.27
CA VAL U 155 -61.22 22.95 18.71
C VAL U 155 -61.66 21.64 19.37
N GLY U 156 -61.44 21.53 20.68
CA GLY U 156 -61.93 20.41 21.46
C GLY U 156 -63.38 20.58 21.84
N TYR U 157 -64.07 19.47 22.08
CA TYR U 157 -65.49 19.49 22.46
C TYR U 157 -65.76 18.56 23.63
N LYS U 158 -66.73 18.94 24.45
CA LYS U 158 -67.32 18.04 25.46
C LYS U 158 -68.11 16.97 24.72
N ALA U 159 -68.93 17.43 23.77
CA ALA U 159 -69.62 16.59 22.81
C ALA U 159 -69.80 17.43 21.55
N THR U 160 -70.07 16.79 20.41
CA THR U 160 -70.27 17.55 19.18
C THR U 160 -71.28 16.92 18.23
N ALA U 161 -71.73 17.71 17.26
CA ALA U 161 -72.64 17.25 16.21
C ALA U 161 -72.33 17.94 14.89
N THR U 162 -72.53 17.21 13.79
CA THR U 162 -72.25 17.71 12.45
C THR U 162 -73.26 17.14 11.47
N GLY U 163 -73.61 17.94 10.45
CA GLY U 163 -74.57 17.51 9.43
C GLY U 163 -75.62 18.58 9.17
N PRO U 164 -76.58 18.28 8.28
CA PRO U 164 -77.64 19.23 7.94
C PRO U 164 -78.49 19.64 9.14
N LYS U 165 -78.70 18.69 10.06
CA LYS U 165 -79.50 18.92 11.26
C LYS U 165 -78.64 19.13 12.51
N GLN U 166 -77.43 19.65 12.31
CA GLN U 166 -76.47 19.91 13.39
C GLN U 166 -77.06 20.67 14.58
N GLN U 167 -77.70 21.80 14.31
CA GLN U 167 -78.22 22.68 15.36
C GLN U 167 -79.21 21.99 16.31
N GLU U 168 -80.04 21.10 15.76
CA GLU U 168 -81.02 20.34 16.56
C GLU U 168 -80.36 19.37 17.54
N ILE U 169 -79.30 18.70 17.08
CA ILE U 169 -78.55 17.75 17.90
C ILE U 169 -77.78 18.49 18.98
N THR U 170 -77.18 19.61 18.60
CA THR U 170 -76.35 20.42 19.49
C THR U 170 -77.14 20.95 20.69
N THR U 171 -78.28 21.61 20.42
CA THR U 171 -79.13 22.14 21.48
C THR U 171 -79.73 21.04 22.35
N ASN U 172 -79.96 19.87 21.74
CA ASN U 172 -80.40 18.67 22.47
C ASN U 172 -79.34 18.21 23.47
N LEU U 173 -78.08 18.20 23.02
CA LEU U 173 -76.94 17.82 23.86
C LEU U 173 -76.59 18.87 24.91
N GLU U 174 -76.67 20.15 24.53
CA GLU U 174 -76.51 21.28 25.45
C GLU U 174 -77.43 21.15 26.65
N ASN U 175 -78.70 20.84 26.37
CA ASN U 175 -79.74 20.73 27.38
C ASN U 175 -79.50 19.59 28.37
N HIS U 176 -78.91 18.50 27.89
CA HIS U 176 -78.58 17.36 28.75
C HIS U 176 -77.45 17.69 29.73
N PHE U 177 -76.50 18.52 29.30
CA PHE U 177 -75.37 18.90 30.16
C PHE U 177 -75.70 20.05 31.13
N LYS U 178 -76.71 20.85 30.80
CA LYS U 178 -77.27 21.82 31.73
C LYS U 178 -77.90 21.09 32.92
N LYS U 179 -78.64 20.03 32.60
CA LYS U 179 -79.35 19.24 33.60
C LYS U 179 -78.40 18.36 34.43
N SER U 180 -77.44 17.72 33.78
CA SER U 180 -76.49 16.82 34.46
C SER U 180 -75.36 17.56 35.19
N LYS U 181 -75.15 18.82 34.83
CA LYS U 181 -74.13 19.69 35.45
C LYS U 181 -72.69 19.23 35.25
N ILE U 182 -72.50 18.08 34.60
CA ILE U 182 -71.16 17.57 34.28
C ILE U 182 -70.93 17.47 32.77
N ASP U 183 -69.67 17.46 32.37
CA ASP U 183 -69.29 17.63 30.96
C ASP U 183 -69.09 16.30 30.19
N HIS U 184 -69.64 15.20 30.70
CA HIS U 184 -69.50 13.89 30.06
C HIS U 184 -70.70 12.97 30.32
N ILE U 185 -70.57 11.69 30.00
CA ILE U 185 -71.62 10.70 30.28
C ILE U 185 -71.16 9.76 31.40
N ASN U 186 -71.85 9.85 32.54
CA ASN U 186 -71.47 9.11 33.73
C ASN U 186 -71.85 7.63 33.63
N GLU U 187 -70.98 6.85 32.99
CA GLU U 187 -71.21 5.42 32.80
C GLU U 187 -69.90 4.66 32.63
N GLU U 188 -69.78 3.53 33.34
CA GLU U 188 -68.55 2.71 33.30
C GLU U 188 -68.36 2.00 31.96
N SER U 189 -69.41 1.32 31.49
CA SER U 189 -69.34 0.56 30.26
C SER U 189 -69.67 1.44 29.05
N TRP U 190 -68.98 1.18 27.93
CA TRP U 190 -69.23 1.92 26.68
C TRP U 190 -70.59 1.59 26.07
N GLU U 191 -71.08 0.38 26.34
CA GLU U 191 -72.35 -0.09 25.78
C GLU U 191 -73.50 0.87 26.04
N LYS U 192 -73.58 1.38 27.27
CA LYS U 192 -74.62 2.34 27.67
C LYS U 192 -74.35 3.75 27.12
N VAL U 193 -73.07 4.08 26.91
CA VAL U 193 -72.70 5.37 26.32
C VAL U 193 -73.13 5.41 24.85
N VAL U 194 -72.96 4.28 24.16
CA VAL U 194 -73.49 4.09 22.81
C VAL U 194 -75.02 4.21 22.84
N GLU U 195 -75.64 3.59 23.85
CA GLU U 195 -77.09 3.60 24.01
C GLU U 195 -77.63 5.01 24.23
N PHE U 196 -76.91 5.80 25.03
CA PHE U 196 -77.25 7.21 25.25
C PHE U 196 -77.20 7.99 23.95
N ALA U 197 -76.13 7.78 23.19
CA ALA U 197 -75.89 8.50 21.94
C ALA U 197 -76.97 8.24 20.90
N ILE U 198 -77.43 6.99 20.81
CA ILE U 198 -78.51 6.61 19.89
C ILE U 198 -79.83 7.22 20.34
N THR U 199 -80.12 7.10 21.64
CA THR U 199 -81.33 7.66 22.23
C THR U 199 -81.44 9.16 21.96
N HIS U 200 -80.35 9.90 22.22
CA HIS U 200 -80.35 11.35 22.05
C HIS U 200 -80.31 11.81 20.59
N MET U 201 -79.89 10.90 19.70
CA MET U 201 -79.96 11.12 18.27
C MET U 201 -81.41 11.02 17.78
N ILE U 202 -82.11 9.98 18.23
CA ILE U 202 -83.51 9.76 17.87
C ILE U 202 -84.37 10.94 18.32
N ASP U 203 -84.20 11.37 19.57
CA ASP U 203 -84.97 12.48 20.15
C ASP U 203 -84.83 13.79 19.37
N ALA U 204 -83.67 14.00 18.77
CA ALA U 204 -83.38 15.23 18.04
C ALA U 204 -83.84 15.18 16.58
N LEU U 205 -83.60 14.05 15.92
CA LEU U 205 -83.97 13.87 14.51
C LEU U 205 -85.45 13.54 14.31
N GLY U 206 -86.07 12.92 15.32
CA GLY U 206 -87.46 12.49 15.24
C GLY U 206 -87.66 11.32 14.30
N THR U 207 -86.72 10.38 14.31
CA THR U 207 -86.79 9.18 13.47
C THR U 207 -86.25 7.95 14.19
N GLU U 208 -86.96 6.83 14.02
CA GLU U 208 -86.52 5.54 14.56
C GLU U 208 -85.44 4.96 13.64
N PHE U 209 -84.58 4.11 14.21
CA PHE U 209 -83.50 3.48 13.45
C PHE U 209 -83.57 1.96 13.50
N SER U 210 -83.08 1.32 12.44
CA SER U 210 -82.84 -0.12 12.44
C SER U 210 -81.34 -0.38 12.36
N LYS U 211 -80.93 -1.65 12.38
CA LYS U 211 -79.51 -2.01 12.45
C LYS U 211 -78.65 -1.52 11.27
N ASN U 212 -79.29 -1.29 10.13
CA ASN U 212 -78.58 -0.85 8.92
C ASN U 212 -78.64 0.66 8.69
N ASP U 213 -79.32 1.36 9.60
CA ASP U 213 -79.51 2.81 9.50
C ASP U 213 -78.39 3.60 10.17
N LEU U 214 -77.60 2.92 10.99
CA LEU U 214 -76.55 3.59 11.77
C LEU U 214 -75.17 3.03 11.55
N GLU U 215 -74.21 3.65 12.22
CA GLU U 215 -72.80 3.31 12.16
C GLU U 215 -72.20 3.81 13.45
N VAL U 216 -71.48 2.94 14.16
CA VAL U 216 -70.97 3.29 15.49
C VAL U 216 -69.47 2.97 15.61
N GLY U 217 -68.72 3.96 16.11
CA GLY U 217 -67.31 3.80 16.40
C GLY U 217 -67.05 4.11 17.87
N VAL U 218 -66.24 3.28 18.51
CA VAL U 218 -65.94 3.43 19.93
C VAL U 218 -64.44 3.47 20.17
N ALA U 219 -64.01 4.41 21.01
CA ALA U 219 -62.60 4.53 21.38
C ALA U 219 -62.43 4.28 22.87
N THR U 220 -61.62 3.27 23.21
CA THR U 220 -61.25 2.98 24.60
C THR U 220 -59.76 3.22 24.83
N LYS U 221 -59.27 2.85 26.01
CA LYS U 221 -57.83 2.85 26.28
C LYS U 221 -57.15 1.82 25.39
N ASP U 222 -56.20 2.30 24.58
CA ASP U 222 -55.40 1.46 23.68
C ASP U 222 -56.17 0.76 22.54
N LYS U 223 -57.37 1.24 22.21
CA LYS U 223 -58.15 0.66 21.11
C LYS U 223 -59.28 1.55 20.59
N PHE U 224 -59.38 1.65 19.27
CA PHE U 224 -60.57 2.17 18.60
C PHE U 224 -61.14 1.10 17.68
N PHE U 225 -62.47 0.93 17.73
CA PHE U 225 -63.15 -0.08 16.90
C PHE U 225 -64.52 0.37 16.43
N THR U 226 -64.98 -0.18 15.31
CA THR U 226 -66.33 0.07 14.82
C THR U 226 -67.23 -1.14 15.10
N LEU U 227 -68.51 -0.86 15.38
CA LEU U 227 -69.47 -1.93 15.67
C LEU U 227 -70.04 -2.55 14.39
N SER U 228 -70.32 -3.84 14.45
CA SER U 228 -70.99 -4.53 13.35
C SER U 228 -72.48 -4.18 13.38
N ALA U 229 -73.18 -4.46 12.28
CA ALA U 229 -74.62 -4.26 12.24
C ALA U 229 -75.33 -5.07 13.33
N GLU U 230 -74.70 -6.17 13.74
CA GLU U 230 -75.23 -7.04 14.77
C GLU U 230 -74.96 -6.53 16.19
N ASN U 231 -73.85 -5.81 16.36
CA ASN U 231 -73.53 -5.18 17.65
C ASN U 231 -74.48 -4.03 17.97
N ILE U 232 -74.85 -3.28 16.92
CA ILE U 232 -75.79 -2.16 17.03
C ILE U 232 -77.22 -2.68 17.26
N GLU U 233 -77.52 -3.83 16.66
CA GLU U 233 -78.80 -4.51 16.85
C GLU U 233 -79.02 -4.84 18.33
N GLU U 234 -78.00 -5.36 18.99
CA GLU U 234 -78.03 -5.65 20.43
C GLU U 234 -78.28 -4.37 21.22
N ARG U 235 -77.63 -3.29 20.80
CA ARG U 235 -77.75 -1.98 21.43
C ARG U 235 -79.15 -1.38 21.26
N LEU U 236 -79.75 -1.61 20.10
CA LEU U 236 -81.10 -1.14 19.79
C LEU U 236 -82.18 -1.86 20.58
N VAL U 237 -81.94 -3.13 20.88
CA VAL U 237 -82.86 -3.95 21.67
C VAL U 237 -82.91 -3.43 23.12
N ALA U 238 -81.77 -2.98 23.63
CA ALA U 238 -81.65 -2.51 25.01
C ALA U 238 -82.46 -1.24 25.32
N ILE U 239 -82.42 -0.26 24.41
CA ILE U 239 -83.14 0.99 24.60
C ILE U 239 -84.66 0.81 24.48
N ALA U 240 -85.07 -0.15 23.66
CA ALA U 240 -86.49 -0.47 23.44
C ALA U 240 -87.13 -1.00 24.71
N GLU U 241 -86.35 -1.72 25.51
CA GLU U 241 -86.81 -2.27 26.79
C GLU U 241 -86.85 -1.20 27.89
N GLN U 242 -86.08 -0.13 27.71
CA GLN U 242 -85.99 0.96 28.68
C GLN U 242 -87.20 1.90 28.64
N ASP U 243 -87.47 2.48 27.47
CA ASP U 243 -88.53 3.50 27.30
C ASP U 243 -89.94 2.97 27.60
N THR V 1 -12.81 10.84 29.52
CA THR V 1 -14.16 11.16 29.94
C THR V 1 -14.76 9.95 30.63
N THR V 2 -15.40 10.19 31.78
CA THR V 2 -16.30 9.23 32.39
C THR V 2 -17.69 9.83 32.57
N ILE V 3 -18.70 9.12 32.08
CA ILE V 3 -20.10 9.49 32.29
C ILE V 3 -20.93 8.29 32.76
N VAL V 4 -21.85 8.52 33.70
CA VAL V 4 -22.72 7.47 34.22
C VAL V 4 -24.17 7.89 34.37
N GLY V 5 -25.06 6.90 34.41
CA GLY V 5 -26.45 7.08 34.77
C GLY V 5 -26.89 5.93 35.67
N VAL V 6 -27.66 6.25 36.70
CA VAL V 6 -28.18 5.24 37.64
C VAL V 6 -29.65 5.54 37.93
N LYS V 7 -30.51 4.53 37.74
CA LYS V 7 -31.92 4.65 38.09
C LYS V 7 -32.17 4.29 39.54
N PHE V 8 -33.06 5.05 40.19
CA PHE V 8 -33.51 4.71 41.54
C PHE V 8 -35.04 4.58 41.63
N ASN V 9 -35.54 4.39 42.85
CA ASN V 9 -36.97 4.11 43.07
C ASN V 9 -37.94 5.21 42.62
N ASN V 10 -37.46 6.45 42.52
CA ASN V 10 -38.31 7.58 42.19
C ASN V 10 -37.80 8.47 41.04
N GLY V 11 -36.76 8.01 40.35
CA GLY V 11 -36.23 8.76 39.21
C GLY V 11 -34.94 8.25 38.61
N VAL V 12 -34.10 9.19 38.17
CA VAL V 12 -32.83 8.86 37.53
C VAL V 12 -31.77 9.94 37.83
N VAL V 13 -30.52 9.49 37.97
CA VAL V 13 -29.40 10.39 38.23
C VAL V 13 -28.30 10.20 37.18
N ILE V 14 -27.72 11.32 36.72
CA ILE V 14 -26.57 11.25 35.83
C ILE V 14 -25.39 12.07 36.37
N ALA V 15 -24.18 11.55 36.17
CA ALA V 15 -22.97 12.20 36.64
C ALA V 15 -21.85 12.12 35.61
N ALA V 16 -20.88 13.03 35.72
CA ALA V 16 -19.74 13.08 34.79
C ALA V 16 -18.54 13.78 35.40
N ASP V 17 -17.34 13.42 34.93
CA ASP V 17 -16.13 14.16 35.26
C ASP V 17 -16.08 15.46 34.44
N THR V 18 -15.03 16.26 34.63
CA THR V 18 -14.96 17.58 33.99
C THR V 18 -13.68 17.86 33.21
N ARG V 19 -12.96 16.80 32.82
CA ARG V 19 -11.72 16.97 32.06
C ARG V 19 -11.95 16.94 30.54
N SER V 20 -11.35 17.91 29.84
CA SER V 20 -11.37 17.95 28.38
C SER V 20 -9.93 17.91 27.85
N THR V 21 -9.65 17.06 26.87
CA THR V 21 -8.27 16.82 26.43
C THR V 21 -7.99 17.10 24.95
N GLN V 22 -6.75 17.47 24.65
CA GLN V 22 -6.22 17.52 23.29
C GLN V 22 -4.96 16.67 23.23
N GLY V 23 -5.12 15.40 22.85
CA GLY V 23 -4.05 14.44 22.96
C GLY V 23 -3.74 14.20 24.43
N PRO V 24 -2.46 14.34 24.82
CA PRO V 24 -2.10 14.14 26.21
C PRO V 24 -2.23 15.40 27.08
N ILE V 25 -2.60 16.52 26.47
CA ILE V 25 -2.70 17.77 27.22
C ILE V 25 -4.14 18.09 27.62
N VAL V 26 -4.34 18.38 28.90
CA VAL V 26 -5.62 18.87 29.42
C VAL V 26 -5.93 20.25 28.85
N ALA V 27 -7.05 20.34 28.12
CA ALA V 27 -7.48 21.61 27.52
C ALA V 27 -8.34 22.42 28.48
N ASP V 28 -9.36 21.76 29.05
CA ASP V 28 -10.26 22.37 30.01
C ASP V 28 -10.33 21.51 31.26
N LYS V 29 -10.18 22.14 32.43
CA LYS V 29 -10.18 21.43 33.70
C LYS V 29 -11.56 21.35 34.35
N ASN V 30 -12.50 22.14 33.86
CA ASN V 30 -13.83 22.21 34.47
C ASN V 30 -14.95 22.45 33.45
N CYS V 31 -14.90 21.75 32.32
CA CYS V 31 -15.98 21.87 31.34
C CYS V 31 -17.19 21.03 31.76
N ALA V 32 -18.37 21.51 31.40
CA ALA V 32 -19.62 20.84 31.75
C ALA V 32 -19.99 19.83 30.68
N LYS V 33 -20.07 18.57 31.08
CA LYS V 33 -20.40 17.49 30.15
C LYS V 33 -21.87 17.10 30.25
N LEU V 34 -22.57 17.73 31.19
CA LEU V 34 -24.01 17.53 31.38
C LEU V 34 -24.79 18.60 30.62
N HIS V 35 -25.67 18.14 29.74
CA HIS V 35 -26.42 19.03 28.85
C HIS V 35 -27.91 18.87 29.03
N ARG V 36 -28.60 20.01 28.97
CA ARG V 36 -30.04 20.04 29.11
C ARG V 36 -30.72 19.95 27.73
N ILE V 37 -31.44 18.86 27.49
CA ILE V 37 -32.27 18.72 26.30
C ILE V 37 -33.55 19.54 26.49
N SER V 38 -34.26 19.25 27.57
CA SER V 38 -35.43 20.03 27.99
C SER V 38 -35.36 20.11 29.52
N PRO V 39 -36.21 20.96 30.14
CA PRO V 39 -36.17 21.12 31.60
C PRO V 39 -35.97 19.80 32.37
N LYS V 40 -36.70 18.76 32.00
CA LYS V 40 -36.65 17.50 32.75
C LYS V 40 -36.05 16.32 31.99
N ILE V 41 -35.37 16.59 30.88
CA ILE V 41 -34.58 15.58 30.17
C ILE V 41 -33.15 16.08 30.03
N TRP V 42 -32.23 15.44 30.73
CA TRP V 42 -30.81 15.83 30.68
C TRP V 42 -29.96 14.77 30.00
N CYS V 43 -28.72 15.13 29.68
CA CYS V 43 -27.88 14.29 28.83
C CYS V 43 -26.39 14.46 29.13
N ALA V 44 -25.66 13.35 29.19
CA ALA V 44 -24.21 13.38 29.38
C ALA V 44 -23.50 12.94 28.10
N GLY V 45 -22.40 13.62 27.76
CA GLY V 45 -21.76 13.43 26.45
C GLY V 45 -20.28 13.11 26.47
N ALA V 46 -19.87 12.20 25.59
CA ALA V 46 -18.49 11.73 25.49
C ALA V 46 -18.07 11.58 24.03
N GLY V 47 -16.76 11.65 23.78
CA GLY V 47 -16.24 11.61 22.41
C GLY V 47 -15.84 13.01 21.97
N THR V 48 -16.11 13.34 20.70
CA THR V 48 -15.83 14.67 20.17
C THR V 48 -16.70 15.71 20.88
N ALA V 49 -16.04 16.65 21.57
CA ALA V 49 -16.72 17.64 22.40
C ALA V 49 -17.67 18.54 21.62
N ALA V 50 -17.22 18.99 20.44
CA ALA V 50 -18.05 19.82 19.58
C ALA V 50 -19.27 19.06 19.08
N ASP V 51 -19.10 17.77 18.79
CA ASP V 51 -20.18 16.91 18.32
C ASP V 51 -21.27 16.67 19.36
N THR V 52 -20.87 16.29 20.57
CA THR V 52 -21.84 16.06 21.66
C THR V 52 -22.62 17.33 21.96
N GLU V 53 -21.95 18.48 21.86
CA GLU V 53 -22.56 19.79 22.14
C GLU V 53 -23.58 20.16 21.08
N ALA V 54 -23.22 20.00 19.81
CA ALA V 54 -24.04 20.42 18.70
C ALA V 54 -25.29 19.57 18.53
N VAL V 55 -25.13 18.25 18.69
CA VAL V 55 -26.23 17.31 18.53
C VAL V 55 -27.20 17.41 19.71
N THR V 56 -26.69 17.90 20.84
CA THR V 56 -27.50 18.15 22.02
C THR V 56 -28.34 19.41 21.83
N GLN V 57 -27.69 20.49 21.39
CA GLN V 57 -28.37 21.77 21.17
C GLN V 57 -29.41 21.68 20.05
N LEU V 58 -29.12 20.90 19.01
CA LEU V 58 -30.04 20.72 17.89
C LEU V 58 -31.29 19.96 18.30
N ILE V 59 -31.12 18.77 18.85
CA ILE V 59 -32.22 17.96 19.31
C ILE V 59 -33.05 18.69 20.38
N GLY V 60 -32.35 19.37 21.30
CA GLY V 60 -33.00 20.19 22.32
C GLY V 60 -33.83 21.33 21.75
N SER V 61 -33.37 21.90 20.65
CA SER V 61 -34.09 22.96 19.96
C SER V 61 -35.38 22.40 19.36
N ASN V 62 -35.26 21.27 18.68
CA ASN V 62 -36.40 20.60 18.06
C ASN V 62 -37.39 20.03 19.10
N ILE V 63 -36.87 19.57 20.23
CA ILE V 63 -37.70 19.09 21.33
C ILE V 63 -38.58 20.22 21.89
N GLU V 64 -37.98 21.41 22.04
CA GLU V 64 -38.73 22.56 22.51
C GLU V 64 -39.86 22.95 21.54
N LEU V 65 -39.55 22.96 20.24
CA LEU V 65 -40.54 23.28 19.22
C LEU V 65 -41.65 22.23 19.14
N HIS V 66 -41.26 20.97 19.30
CA HIS V 66 -42.21 19.86 19.35
C HIS V 66 -43.13 20.00 20.55
N SER V 67 -42.56 20.38 21.69
CA SER V 67 -43.32 20.58 22.92
C SER V 67 -44.34 21.72 22.79
N LEU V 68 -43.94 22.82 22.17
CA LEU V 68 -44.83 23.96 21.96
C LEU V 68 -45.96 23.62 21.01
N TYR V 69 -45.64 22.88 19.96
CA TYR V 69 -46.60 22.43 18.97
C TYR V 69 -47.67 21.53 19.60
N THR V 70 -47.23 20.55 20.41
CA THR V 70 -48.13 19.55 20.98
C THR V 70 -48.77 19.95 22.30
N SER V 71 -48.27 21.02 22.91
CA SER V 71 -48.73 21.49 24.24
C SER V 71 -48.54 20.43 25.33
N ARG V 72 -47.48 19.63 25.20
CA ARG V 72 -47.20 18.52 26.11
C ARG V 72 -45.76 18.56 26.59
N GLU V 73 -45.55 18.07 27.82
CA GLU V 73 -44.21 17.83 28.33
C GLU V 73 -43.49 16.85 27.40
N PRO V 74 -42.22 17.13 27.08
CA PRO V 74 -41.47 16.27 26.16
C PRO V 74 -41.20 14.91 26.79
N ARG V 75 -41.03 13.89 25.94
CA ARG V 75 -40.72 12.55 26.43
C ARG V 75 -39.29 12.16 26.08
N VAL V 76 -38.66 11.38 26.97
CA VAL V 76 -37.28 10.94 26.77
C VAL V 76 -37.16 10.09 25.50
N VAL V 77 -38.16 9.25 25.24
CA VAL V 77 -38.19 8.42 24.02
C VAL V 77 -38.18 9.25 22.73
N SER V 78 -38.67 10.48 22.79
CA SER V 78 -38.62 11.40 21.66
C SER V 78 -37.20 11.91 21.43
N ALA V 79 -36.56 12.41 22.48
CA ALA V 79 -35.17 12.83 22.43
C ALA V 79 -34.29 11.67 21.95
N LEU V 80 -34.59 10.47 22.45
CA LEU V 80 -33.87 9.26 22.08
C LEU V 80 -34.00 8.92 20.61
N GLN V 81 -35.22 9.01 20.09
CA GLN V 81 -35.47 8.70 18.69
C GLN V 81 -34.85 9.75 17.76
N MET V 82 -34.92 11.02 18.17
CA MET V 82 -34.39 12.12 17.38
C MET V 82 -32.85 12.06 17.29
N LEU V 83 -32.21 11.77 18.43
CA LEU V 83 -30.77 11.63 18.50
C LEU V 83 -30.26 10.42 17.72
N LYS V 84 -30.89 9.26 17.90
CA LYS V 84 -30.41 8.03 17.27
C LYS V 84 -30.58 8.02 15.75
N GLN V 85 -31.59 8.73 15.25
CA GLN V 85 -31.82 8.80 13.80
C GLN V 85 -30.88 9.80 13.12
N HIS V 86 -30.51 10.85 13.85
CA HIS V 86 -29.55 11.83 13.37
C HIS V 86 -28.15 11.20 13.31
N LEU V 87 -27.76 10.55 14.39
CA LEU V 87 -26.45 9.91 14.46
C LEU V 87 -26.29 8.81 13.40
N PHE V 88 -27.32 7.97 13.24
CA PHE V 88 -27.30 6.92 12.23
C PHE V 88 -27.08 7.49 10.83
N LYS V 89 -27.81 8.55 10.52
CA LYS V 89 -27.72 9.23 9.23
C LYS V 89 -26.28 9.55 8.85
N TYR V 90 -25.45 9.80 9.88
CA TYR V 90 -24.06 10.23 9.70
C TYR V 90 -23.02 9.13 9.87
N GLN V 91 -23.49 7.90 10.00
CA GLN V 91 -22.64 6.69 10.00
C GLN V 91 -21.42 6.73 10.95
N GLY V 92 -21.60 7.34 12.11
CA GLY V 92 -20.54 7.42 13.11
C GLY V 92 -19.60 8.61 13.02
N HIS V 93 -19.68 9.37 11.93
CA HIS V 93 -18.79 10.52 11.69
C HIS V 93 -18.99 11.65 12.70
N ILE V 94 -20.22 11.81 13.18
CA ILE V 94 -20.48 12.65 14.34
C ILE V 94 -20.19 11.81 15.58
N GLY V 95 -19.00 12.02 16.15
CA GLY V 95 -18.52 11.22 17.27
C GLY V 95 -19.18 11.59 18.59
N ALA V 96 -20.47 11.27 18.70
CA ALA V 96 -21.21 11.55 19.93
C ALA V 96 -21.61 10.28 20.65
N TYR V 97 -21.22 10.17 21.91
CA TYR V 97 -21.60 9.04 22.75
C TYR V 97 -22.34 9.59 23.95
N LEU V 98 -23.63 9.30 24.02
CA LEU V 98 -24.52 9.99 24.95
C LEU V 98 -25.23 9.06 25.93
N ILE V 99 -25.33 9.52 27.18
CA ILE V 99 -26.26 8.94 28.14
C ILE V 99 -27.39 9.94 28.35
N VAL V 100 -28.55 9.62 27.80
CA VAL V 100 -29.74 10.46 27.93
C VAL V 100 -30.70 9.89 28.98
N ALA V 101 -31.19 10.78 29.85
CA ALA V 101 -32.09 10.38 30.94
C ALA V 101 -33.06 11.50 31.31
N GLY V 102 -34.18 11.12 31.93
CA GLY V 102 -35.13 12.12 32.40
C GLY V 102 -36.45 11.55 32.89
N VAL V 103 -37.32 12.46 33.33
CA VAL V 103 -38.67 12.11 33.76
C VAL V 103 -39.70 12.79 32.86
N ASP V 104 -40.73 12.05 32.49
CA ASP V 104 -41.83 12.56 31.68
C ASP V 104 -43.15 11.96 32.19
N PRO V 105 -44.29 12.41 31.64
CA PRO V 105 -45.59 11.86 32.07
C PRO V 105 -45.71 10.32 32.13
N THR V 106 -44.79 9.60 31.50
CA THR V 106 -44.82 8.13 31.50
C THR V 106 -43.82 7.50 32.47
N GLY V 107 -43.09 8.34 33.22
CA GLY V 107 -42.18 7.86 34.26
C GLY V 107 -40.73 8.29 34.10
N SER V 108 -39.82 7.50 34.66
CA SER V 108 -38.39 7.77 34.59
C SER V 108 -37.72 6.82 33.60
N HIS V 109 -36.70 7.33 32.91
CA HIS V 109 -36.06 6.60 31.82
C HIS V 109 -34.55 6.80 31.80
N LEU V 110 -33.83 5.78 31.35
CA LEU V 110 -32.37 5.82 31.22
C LEU V 110 -31.91 5.10 29.97
N PHE V 111 -31.27 5.83 29.06
CA PHE V 111 -30.75 5.26 27.81
C PHE V 111 -29.32 5.69 27.53
N SER V 112 -28.65 4.93 26.65
CA SER V 112 -27.36 5.34 26.09
C SER V 112 -27.41 5.28 24.56
N ILE V 113 -26.67 6.17 23.91
CA ILE V 113 -26.59 6.17 22.45
C ILE V 113 -25.13 6.19 22.00
N HIS V 114 -24.80 5.30 21.08
CA HIS V 114 -23.47 5.25 20.48
C HIS V 114 -23.45 6.04 19.17
N ALA V 115 -22.26 6.48 18.77
CA ALA V 115 -22.07 7.35 17.61
C ALA V 115 -22.72 6.85 16.32
N HIS V 116 -22.70 5.54 16.10
CA HIS V 116 -23.31 4.95 14.90
C HIS V 116 -24.83 4.91 14.95
N GLY V 117 -25.39 5.18 16.12
CA GLY V 117 -26.84 5.34 16.27
C GLY V 117 -27.56 4.24 17.01
N SER V 118 -26.81 3.33 17.63
CA SER V 118 -27.41 2.23 18.41
C SER V 118 -27.74 2.66 19.83
N THR V 119 -28.88 2.21 20.33
CA THR V 119 -29.31 2.56 21.69
C THR V 119 -29.42 1.36 22.61
N ASP V 120 -29.16 1.60 23.90
CA ASP V 120 -29.30 0.61 24.95
C ASP V 120 -30.10 1.17 26.12
N VAL V 121 -30.89 0.30 26.75
CA VAL V 121 -31.64 0.66 27.96
C VAL V 121 -31.07 -0.13 29.15
N GLY V 122 -31.06 0.48 30.32
CA GLY V 122 -30.57 -0.18 31.53
C GLY V 122 -30.89 0.55 32.82
N TYR V 123 -30.51 -0.05 33.94
CA TYR V 123 -30.71 0.56 35.26
C TYR V 123 -29.48 1.31 35.74
N TYR V 124 -28.34 0.94 35.16
CA TYR V 124 -27.08 1.61 35.39
C TYR V 124 -26.24 1.50 34.12
N LEU V 125 -25.65 2.62 33.71
CA LEU V 125 -24.89 2.68 32.45
C LEU V 125 -23.64 3.55 32.60
N SER V 126 -22.61 3.24 31.81
CA SER V 126 -21.40 4.06 31.78
C SER V 126 -20.82 4.15 30.37
N LEU V 127 -20.30 5.32 30.01
CA LEU V 127 -19.60 5.49 28.73
C LEU V 127 -18.34 6.32 28.90
N GLY V 128 -17.48 6.30 27.88
CA GLY V 128 -16.24 7.09 27.89
C GLY V 128 -15.00 6.25 28.17
N SER V 129 -13.84 6.90 28.25
CA SER V 129 -12.59 6.18 28.47
C SER V 129 -12.56 5.52 29.84
N GLY V 130 -13.11 6.19 30.85
CA GLY V 130 -13.21 5.64 32.20
C GLY V 130 -14.41 4.72 32.40
N SER V 131 -15.05 4.33 31.30
CA SER V 131 -16.24 3.47 31.31
C SER V 131 -16.05 2.14 32.04
N LEU V 132 -14.85 1.57 31.93
CA LEU V 132 -14.56 0.28 32.54
C LEU V 132 -14.28 0.41 34.04
N ALA V 133 -13.68 1.53 34.44
CA ALA V 133 -13.43 1.81 35.85
C ALA V 133 -14.73 2.05 36.61
N ALA V 134 -15.65 2.76 35.95
CA ALA V 134 -16.95 3.09 36.51
C ALA V 134 -17.87 1.87 36.64
N MET V 135 -18.00 1.11 35.56
CA MET V 135 -18.81 -0.10 35.52
C MET V 135 -18.37 -1.11 36.59
N ALA V 136 -17.05 -1.20 36.81
CA ALA V 136 -16.51 -2.04 37.87
C ALA V 136 -17.12 -1.70 39.23
N VAL V 137 -17.24 -0.40 39.52
CA VAL V 137 -17.85 0.08 40.76
C VAL V 137 -19.36 -0.15 40.76
N LEU V 138 -19.99 0.03 39.60
CA LEU V 138 -21.43 -0.16 39.45
C LEU V 138 -21.84 -1.63 39.59
N GLU V 139 -21.01 -2.54 39.06
CA GLU V 139 -21.29 -3.97 39.14
C GLU V 139 -21.12 -4.52 40.55
N SER V 140 -20.31 -3.84 41.35
CA SER V 140 -20.03 -4.27 42.70
C SER V 140 -21.03 -3.73 43.72
N HIS V 141 -21.58 -2.56 43.46
CA HIS V 141 -22.38 -1.85 44.46
C HIS V 141 -23.84 -1.59 44.09
N TRP V 142 -24.20 -1.76 42.82
CA TRP V 142 -25.59 -1.54 42.41
C TRP V 142 -26.50 -2.61 42.96
N LYS V 143 -27.68 -2.17 43.40
CA LYS V 143 -28.75 -3.07 43.84
C LYS V 143 -30.08 -2.52 43.34
N GLN V 144 -31.10 -3.38 43.32
CA GLN V 144 -32.45 -2.96 42.98
C GLN V 144 -33.05 -2.17 44.14
N ASP V 145 -33.94 -1.22 43.82
CA ASP V 145 -34.59 -0.36 44.81
C ASP V 145 -33.62 0.53 45.61
N LEU V 146 -32.90 1.37 44.89
CA LEU V 146 -32.01 2.35 45.51
C LEU V 146 -32.79 3.60 45.92
N THR V 147 -32.30 4.31 46.93
CA THR V 147 -32.85 5.61 47.30
C THR V 147 -32.12 6.71 46.54
N LYS V 148 -32.69 7.93 46.58
CA LYS V 148 -32.09 9.09 45.93
C LYS V 148 -30.64 9.29 46.38
N GLU V 149 -30.40 9.28 47.69
CA GLU V 149 -29.05 9.47 48.24
C GLU V 149 -28.12 8.32 47.92
N GLU V 150 -28.65 7.10 47.93
CA GLU V 150 -27.90 5.90 47.56
C GLU V 150 -27.53 5.89 46.08
N ALA V 151 -28.35 6.57 45.27
CA ALA V 151 -28.08 6.72 43.84
C ALA V 151 -27.02 7.79 43.57
N ILE V 152 -27.09 8.91 44.31
CA ILE V 152 -26.08 9.96 44.22
C ILE V 152 -24.70 9.38 44.54
N LYS V 153 -24.63 8.69 45.67
CA LYS V 153 -23.39 8.09 46.17
C LYS V 153 -22.81 7.10 45.15
N LEU V 154 -23.66 6.23 44.61
CA LEU V 154 -23.26 5.21 43.65
C LEU V 154 -22.70 5.82 42.38
N ALA V 155 -23.40 6.82 41.85
CA ALA V 155 -22.98 7.54 40.64
C ALA V 155 -21.70 8.32 40.85
N SER V 156 -21.59 8.98 42.00
CA SER V 156 -20.40 9.73 42.40
C SER V 156 -19.18 8.83 42.54
N ASP V 157 -19.35 7.69 43.21
CA ASP V 157 -18.28 6.70 43.39
C ASP V 157 -17.79 6.14 42.06
N ALA V 158 -18.73 5.99 41.11
CA ALA V 158 -18.42 5.48 39.77
C ALA V 158 -17.59 6.49 38.97
N ILE V 159 -17.91 7.77 39.12
CA ILE V 159 -17.16 8.85 38.45
C ILE V 159 -15.75 8.95 39.02
N GLN V 160 -15.66 8.89 40.35
CA GLN V 160 -14.38 8.93 41.04
C GLN V 160 -13.47 7.82 40.55
N ALA V 161 -14.00 6.60 40.49
CA ALA V 161 -13.28 5.46 39.94
C ALA V 161 -12.59 5.80 38.61
N GLY V 162 -13.30 6.54 37.77
CA GLY V 162 -12.77 7.01 36.50
C GLY V 162 -11.77 8.14 36.65
N ILE V 163 -12.03 9.07 37.57
CA ILE V 163 -11.14 10.20 37.81
C ILE V 163 -9.73 9.74 38.18
N TRP V 164 -9.64 8.86 39.18
CA TRP V 164 -8.36 8.40 39.72
C TRP V 164 -7.62 7.42 38.79
N ASN V 165 -8.35 6.42 38.28
CA ASN V 165 -7.73 5.32 37.53
C ASN V 165 -7.62 5.50 36.02
N ASP V 166 -8.39 6.43 35.48
CA ASP V 166 -8.36 6.72 34.04
C ASP V 166 -7.64 8.05 33.76
N LEU V 167 -6.74 8.02 32.77
CA LEU V 167 -5.95 9.20 32.42
C LEU V 167 -6.73 10.19 31.58
N GLY V 168 -7.76 9.72 30.88
CA GLY V 168 -8.63 10.59 30.08
C GLY V 168 -9.68 11.28 30.92
N SER V 169 -9.67 11.02 32.22
CA SER V 169 -10.66 11.57 33.13
C SER V 169 -9.97 12.20 34.34
N GLY V 170 -10.61 13.21 34.91
CA GLY V 170 -10.11 13.84 36.13
C GLY V 170 -10.93 15.01 36.61
N SER V 171 -10.33 15.82 37.48
CA SER V 171 -10.92 17.06 38.00
C SER V 171 -12.12 16.86 38.93
N ASN V 172 -13.30 17.31 38.49
CA ASN V 172 -14.48 17.40 39.35
C ASN V 172 -15.61 16.42 39.00
N VAL V 173 -16.65 16.41 39.85
CA VAL V 173 -17.83 15.56 39.61
C VAL V 173 -19.08 16.43 39.46
N ASP V 174 -19.71 16.36 38.28
CA ASP V 174 -20.99 17.02 38.02
C ASP V 174 -22.14 16.03 38.09
N VAL V 175 -23.14 16.33 38.92
CA VAL V 175 -24.29 15.45 39.10
C VAL V 175 -25.59 16.16 38.69
N CYS V 176 -26.54 15.42 38.14
CA CYS V 176 -27.89 15.92 37.90
C CYS V 176 -28.95 14.91 38.31
N VAL V 177 -29.90 15.36 39.13
CA VAL V 177 -30.93 14.48 39.68
C VAL V 177 -32.30 14.81 39.11
N MET V 178 -32.94 13.80 38.52
CA MET V 178 -34.28 13.94 37.95
C MET V 178 -35.25 12.98 38.64
N GLU V 179 -36.19 13.56 39.39
CA GLU V 179 -37.15 12.79 40.18
C GLU V 179 -38.56 12.93 39.61
N ILE V 180 -39.39 11.90 39.79
CA ILE V 180 -40.72 11.78 39.16
C ILE V 180 -41.60 13.04 39.22
N GLY V 181 -41.74 13.63 40.40
CA GLY V 181 -42.65 14.76 40.56
C GLY V 181 -42.03 16.06 41.04
N LYS V 182 -40.73 16.21 40.81
CA LYS V 182 -40.02 17.40 41.27
C LYS V 182 -39.28 18.09 40.12
N ASP V 183 -38.75 19.28 40.39
CA ASP V 183 -37.88 19.98 39.46
C ASP V 183 -36.51 19.29 39.44
N ALA V 184 -36.00 19.02 38.24
CA ALA V 184 -34.66 18.45 38.09
C ALA V 184 -33.62 19.36 38.74
N GLU V 185 -32.71 18.78 39.51
CA GLU V 185 -31.65 19.58 40.12
C GLU V 185 -30.27 19.32 39.54
N TYR V 186 -29.65 20.40 39.06
CA TYR V 186 -28.34 20.36 38.46
C TYR V 186 -27.28 20.78 39.48
N LEU V 187 -26.40 19.84 39.81
CA LEU V 187 -25.37 20.08 40.81
C LEU V 187 -24.00 20.23 40.13
N ARG V 188 -23.72 21.46 39.69
CA ARG V 188 -22.43 21.79 39.09
C ARG V 188 -21.33 21.75 40.14
N ASN V 189 -20.30 20.97 39.86
CA ASN V 189 -19.22 20.70 40.81
C ASN V 189 -19.74 20.17 42.15
N TYR V 190 -20.41 19.03 42.09
CA TYR V 190 -20.90 18.34 43.29
C TYR V 190 -19.74 17.92 44.19
N LEU V 191 -18.62 17.55 43.57
CA LEU V 191 -17.37 17.27 44.28
C LEU V 191 -16.22 18.04 43.66
N THR V 192 -15.31 18.52 44.49
CA THR V 192 -14.07 19.15 44.02
C THR V 192 -12.83 18.51 44.69
N PRO V 193 -12.52 17.24 44.34
CA PRO V 193 -11.46 16.49 45.00
C PRO V 193 -10.08 16.64 44.34
N ASN V 194 -9.92 17.64 43.47
CA ASN V 194 -8.65 17.87 42.78
C ASN V 194 -8.25 19.35 42.73
N VAL V 195 -8.41 20.04 43.85
CA VAL V 195 -8.00 21.43 44.01
C VAL V 195 -6.48 21.53 44.05
N ARG V 196 -5.92 22.37 43.18
CA ARG V 196 -4.47 22.59 43.11
C ARG V 196 -3.96 23.21 44.41
N GLU V 197 -2.86 22.66 44.93
CA GLU V 197 -2.24 23.15 46.16
C GLU V 197 -1.62 24.55 45.97
N GLU V 198 -1.41 25.25 47.08
CA GLU V 198 -0.72 26.55 47.04
C GLU V 198 0.63 26.42 46.34
N LYS V 199 0.92 27.38 45.45
CA LYS V 199 2.21 27.42 44.78
C LYS V 199 3.32 27.74 45.76
N GLN V 200 4.51 27.22 45.48
CA GLN V 200 5.66 27.35 46.37
C GLN V 200 6.24 28.77 46.38
N LYS V 201 5.94 29.54 45.34
CA LYS V 201 6.51 30.86 45.13
C LYS V 201 5.54 31.71 44.31
N SER V 202 5.65 33.03 44.41
CA SER V 202 4.92 33.93 43.52
C SER V 202 5.83 34.38 42.39
N TYR V 203 5.36 34.24 41.16
CA TYR V 203 6.18 34.55 39.98
C TYR V 203 5.82 35.91 39.37
N LYS V 204 5.39 36.83 40.23
CA LYS V 204 5.09 38.20 39.85
C LYS V 204 6.41 38.92 39.56
N PHE V 205 6.48 39.56 38.40
CA PHE V 205 7.70 40.24 37.95
C PHE V 205 7.72 41.70 38.39
N PRO V 206 8.92 42.25 38.68
CA PRO V 206 9.07 43.69 38.86
C PRO V 206 8.73 44.45 37.58
N ARG V 207 7.99 45.55 37.70
CA ARG V 207 7.53 46.31 36.56
C ARG V 207 8.68 46.92 35.77
N GLY V 208 8.68 46.68 34.46
CA GLY V 208 9.76 47.13 33.58
C GLY V 208 10.72 46.02 33.17
N THR V 209 10.41 44.80 33.61
CA THR V 209 11.18 43.60 33.24
C THR V 209 11.14 43.34 31.73
N THR V 210 9.95 43.46 31.14
CA THR V 210 9.79 43.24 29.71
C THR V 210 10.11 44.49 28.92
N ALA V 211 11.03 44.36 27.97
CA ALA V 211 11.40 45.45 27.08
C ALA V 211 10.28 45.75 26.09
N VAL V 212 10.00 47.04 25.90
CA VAL V 212 8.95 47.49 24.98
C VAL V 212 9.56 48.34 23.86
N LEU V 213 9.13 48.10 22.63
CA LEU V 213 9.62 48.85 21.47
C LEU V 213 8.75 50.05 21.13
N LYS V 214 7.44 49.87 21.24
CA LYS V 214 6.46 50.83 20.73
C LYS V 214 5.15 50.69 21.49
N GLU V 215 4.49 51.82 21.75
CA GLU V 215 3.30 51.86 22.58
C GLU V 215 2.23 52.79 21.96
N SER V 216 0.98 52.34 21.96
CA SER V 216 -0.12 53.11 21.37
C SER V 216 -1.50 52.81 21.99
N ILE V 217 -2.43 53.75 21.81
CA ILE V 217 -3.81 53.60 22.27
C ILE V 217 -4.70 53.11 21.12
N VAL V 218 -5.52 52.10 21.39
CA VAL V 218 -6.44 51.57 20.38
C VAL V 218 -7.84 52.17 20.56
N ASN V 219 -8.37 52.75 19.49
CA ASN V 219 -9.70 53.35 19.49
C ASN V 219 -10.81 52.33 19.24
N ILE V 220 -12.00 52.60 19.74
CA ILE V 220 -13.16 51.72 19.59
C ILE V 220 -14.41 52.48 19.13
N CYS V 221 -14.65 53.64 19.74
CA CYS V 221 -15.88 54.42 19.56
C CYS V 221 -15.90 55.22 18.24
N ASP V 222 -16.78 56.22 18.19
CA ASP V 222 -16.89 57.17 17.07
C ASP V 222 -17.66 58.43 17.49
N SER W 1 2.72 19.17 6.20
CA SER W 1 1.56 18.24 5.99
C SER W 1 0.34 18.74 6.76
N ASP W 2 0.57 19.06 8.04
CA ASP W 2 -0.46 19.55 8.93
C ASP W 2 -0.72 21.02 8.62
N PRO W 3 -1.95 21.37 8.20
CA PRO W 3 -2.27 22.77 7.87
C PRO W 3 -2.13 23.71 9.06
N SER W 4 -1.86 23.16 10.24
CA SER W 4 -1.70 23.95 11.45
C SER W 4 -0.25 24.33 11.66
N SER W 5 0.65 23.59 11.02
CA SER W 5 2.08 23.77 11.19
C SER W 5 2.75 24.58 10.08
N ILE W 6 2.09 24.68 8.92
CA ILE W 6 2.68 25.33 7.75
C ILE W 6 3.16 26.76 8.02
N ASN W 7 2.34 27.53 8.73
CA ASN W 7 2.61 28.96 8.90
C ASN W 7 3.26 29.36 10.22
N GLY W 8 2.85 28.70 11.30
CA GLY W 8 3.35 28.99 12.64
C GLY W 8 2.60 30.15 13.27
N GLY W 9 2.89 30.41 14.54
CA GLY W 9 2.24 31.51 15.26
C GLY W 9 1.56 31.08 16.55
N ILE W 10 1.50 31.99 17.51
CA ILE W 10 0.86 31.74 18.81
C ILE W 10 -0.01 32.89 19.29
N VAL W 11 -1.08 32.56 20.00
CA VAL W 11 -1.93 33.54 20.67
C VAL W 11 -2.15 33.11 22.13
N VAL W 12 -2.18 34.09 23.03
CA VAL W 12 -2.46 33.84 24.44
C VAL W 12 -3.38 34.92 25.00
N ALA W 13 -4.34 34.51 25.83
CA ALA W 13 -5.22 35.45 26.53
C ALA W 13 -5.19 35.17 28.03
N MET W 14 -5.39 36.21 28.83
CA MET W 14 -5.24 36.14 30.27
C MET W 14 -6.11 37.19 30.95
N THR W 15 -6.74 36.82 32.06
CA THR W 15 -7.57 37.74 32.84
C THR W 15 -6.82 38.31 34.04
N GLY W 16 -7.26 39.46 34.52
CA GLY W 16 -6.74 40.09 35.72
C GLY W 16 -7.85 40.80 36.47
N LYS W 17 -7.47 41.72 37.36
CA LYS W 17 -8.42 42.53 38.12
C LYS W 17 -9.08 43.59 37.23
N ASP W 18 -10.33 43.34 36.86
CA ASP W 18 -11.13 44.22 36.00
C ASP W 18 -10.49 44.55 34.64
N CYS W 19 -9.67 43.62 34.15
CA CYS W 19 -8.98 43.77 32.87
C CYS W 19 -8.68 42.41 32.25
N VAL W 20 -8.61 42.37 30.93
CA VAL W 20 -8.11 41.20 30.20
C VAL W 20 -6.92 41.59 29.32
N ALA W 21 -6.13 40.58 28.93
CA ALA W 21 -5.00 40.80 28.05
C ALA W 21 -4.94 39.71 26.98
N ILE W 22 -4.67 40.13 25.74
CA ILE W 22 -4.46 39.20 24.63
C ILE W 22 -3.17 39.57 23.87
N ALA W 23 -2.36 38.56 23.56
CA ALA W 23 -1.06 38.76 22.92
C ALA W 23 -0.81 37.74 21.82
N CYS W 24 0.05 38.11 20.86
CA CYS W 24 0.42 37.24 19.75
C CYS W 24 1.82 37.55 19.20
N ASP W 25 2.42 36.57 18.52
CA ASP W 25 3.68 36.77 17.79
C ASP W 25 3.37 37.36 16.42
N LEU W 26 4.39 37.73 15.66
CA LEU W 26 4.18 38.42 14.38
C LEU W 26 4.62 37.62 13.16
N ARG W 27 5.11 36.41 13.38
CA ARG W 27 5.67 35.59 12.31
C ARG W 27 4.62 35.06 11.34
N LEU W 28 4.96 35.11 10.06
CA LEU W 28 4.26 34.36 9.03
C LEU W 28 5.34 33.66 8.23
N GLY W 29 5.35 32.34 8.32
CA GLY W 29 6.36 31.55 7.65
C GLY W 29 5.76 30.58 6.67
N SER W 30 6.64 29.93 5.90
CA SER W 30 6.29 28.77 5.11
C SER W 30 7.36 27.71 5.34
N GLN W 31 7.04 26.75 6.21
CA GLN W 31 8.00 25.74 6.68
C GLN W 31 9.17 26.44 7.38
N SER W 32 10.38 26.20 6.90
CA SER W 32 11.57 26.81 7.49
C SER W 32 11.73 28.29 7.14
N LEU W 33 11.13 28.72 6.02
CA LEU W 33 11.29 30.07 5.53
C LEU W 33 10.39 31.08 6.23
N GLY W 34 10.99 32.06 6.89
CA GLY W 34 10.26 33.21 7.43
C GLY W 34 9.97 34.17 6.29
N VAL W 35 8.69 34.55 6.15
CA VAL W 35 8.25 35.37 5.02
C VAL W 35 7.92 36.80 5.45
N SER W 36 7.16 36.93 6.55
CA SER W 36 6.76 38.23 7.06
C SER W 36 6.90 38.32 8.58
N ASN W 37 7.40 39.46 9.03
CA ASN W 37 7.51 39.76 10.46
C ASN W 37 6.58 40.88 10.91
N LYS W 38 5.44 40.99 10.24
CA LYS W 38 4.43 42.00 10.55
C LYS W 38 3.00 41.42 10.52
N PHE W 39 2.91 40.09 10.46
CA PHE W 39 1.62 39.40 10.37
C PHE W 39 0.92 39.33 11.72
N GLU W 40 0.04 40.30 11.97
CA GLU W 40 -0.70 40.37 13.22
C GLU W 40 -1.86 39.38 13.24
N LYS W 41 -2.10 38.78 14.40
CA LYS W 41 -3.11 37.74 14.55
C LYS W 41 -4.24 38.14 15.51
N ILE W 42 -4.20 39.39 15.99
CA ILE W 42 -5.28 39.94 16.82
C ILE W 42 -6.12 40.95 16.04
N PHE W 43 -7.43 40.75 16.06
CA PHE W 43 -8.38 41.66 15.41
C PHE W 43 -9.42 42.10 16.44
N HIS W 44 -10.10 43.20 16.16
CA HIS W 44 -11.20 43.64 17.04
C HIS W 44 -12.42 44.15 16.28
N TYR W 45 -13.59 43.78 16.81
CA TYR W 45 -14.87 44.20 16.28
C TYR W 45 -15.58 44.86 17.44
N GLY W 46 -15.54 46.19 17.47
CA GLY W 46 -15.97 46.96 18.64
C GLY W 46 -14.99 46.71 19.77
N HIS W 47 -15.53 46.50 20.98
CA HIS W 47 -14.71 46.24 22.16
C HIS W 47 -14.34 44.76 22.33
N VAL W 48 -14.76 43.94 21.37
CA VAL W 48 -14.50 42.49 21.42
C VAL W 48 -13.27 42.13 20.57
N PHE W 49 -12.28 41.52 21.21
CA PHE W 49 -11.03 41.15 20.55
C PHE W 49 -10.97 39.66 20.20
N LEU W 50 -10.41 39.36 19.02
CA LEU W 50 -10.25 37.98 18.56
C LEU W 50 -8.85 37.71 18.02
N GLY W 51 -8.20 36.70 18.58
CA GLY W 51 -6.91 36.22 18.10
C GLY W 51 -7.11 34.89 17.40
N ILE W 52 -6.38 34.67 16.30
CA ILE W 52 -6.52 33.43 15.54
C ILE W 52 -5.17 32.85 15.08
N THR W 53 -4.94 31.59 15.40
CA THR W 53 -3.73 30.88 14.95
C THR W 53 -4.08 29.84 13.88
N GLY W 54 -3.07 29.14 13.35
CA GLY W 54 -3.28 28.11 12.35
C GLY W 54 -2.95 28.59 10.95
N LEU W 55 -3.60 27.99 9.95
CA LEU W 55 -3.40 28.31 8.53
C LEU W 55 -3.74 29.77 8.25
N ALA W 56 -2.77 30.53 7.75
CA ALA W 56 -2.88 31.99 7.63
C ALA W 56 -4.00 32.50 6.71
N THR W 57 -4.30 31.75 5.65
CA THR W 57 -5.39 32.10 4.75
C THR W 57 -6.73 32.05 5.45
N ASP W 58 -6.88 31.09 6.38
CA ASP W 58 -8.10 30.95 7.17
C ASP W 58 -8.20 32.01 8.26
N VAL W 59 -7.04 32.43 8.77
CA VAL W 59 -6.98 33.55 9.72
C VAL W 59 -7.54 34.81 9.06
N THR W 60 -7.06 35.11 7.86
CA THR W 60 -7.51 36.26 7.09
C THR W 60 -9.01 36.16 6.73
N THR W 61 -9.42 34.99 6.24
CA THR W 61 -10.81 34.75 5.86
C THR W 61 -11.78 34.88 7.04
N LEU W 62 -11.44 34.27 8.17
CA LEU W 62 -12.28 34.34 9.37
C LEU W 62 -12.40 35.77 9.89
N ASN W 63 -11.30 36.51 9.84
CA ASN W 63 -11.34 37.92 10.23
C ASN W 63 -12.37 38.66 9.40
N GLU W 64 -12.27 38.52 8.08
CA GLU W 64 -13.17 39.20 7.16
C GLU W 64 -14.62 38.77 7.36
N MET W 65 -14.82 37.49 7.66
CA MET W 65 -16.16 36.95 7.94
C MET W 65 -16.78 37.55 9.20
N PHE W 66 -16.00 37.62 10.28
CA PHE W 66 -16.51 38.11 11.57
C PHE W 66 -16.66 39.63 11.58
N ARG W 67 -15.92 40.32 10.71
CA ARG W 67 -16.15 41.74 10.49
C ARG W 67 -17.51 41.89 9.80
N TYR W 68 -17.68 41.11 8.73
CA TYR W 68 -18.95 41.00 7.99
C TYR W 68 -20.14 40.75 8.93
N LYS W 69 -20.04 39.73 9.78
CA LYS W 69 -21.13 39.33 10.67
C LYS W 69 -21.44 40.32 11.79
N THR W 70 -20.40 40.86 12.43
CA THR W 70 -20.59 41.84 13.50
C THR W 70 -21.09 43.20 12.99
N ASN W 71 -20.75 43.53 11.74
CA ASN W 71 -21.24 44.75 11.11
C ASN W 71 -22.74 44.70 10.93
N LEU W 72 -23.24 43.58 10.40
CA LEU W 72 -24.67 43.36 10.22
C LEU W 72 -25.38 43.26 11.57
N TYR W 73 -24.72 42.61 12.53
CA TYR W 73 -25.23 42.50 13.90
C TYR W 73 -25.54 43.89 14.46
N LYS W 74 -24.56 44.79 14.34
CA LYS W 74 -24.68 46.14 14.87
C LYS W 74 -25.78 46.95 14.18
N LEU W 75 -26.01 46.67 12.89
CA LEU W 75 -27.03 47.37 12.12
C LEU W 75 -28.44 46.89 12.48
N LYS W 76 -28.58 45.60 12.76
CA LYS W 76 -29.87 45.01 13.11
C LYS W 76 -30.23 45.26 14.58
N GLU W 77 -29.25 45.09 15.47
CA GLU W 77 -29.46 45.17 16.92
C GLU W 77 -29.35 46.59 17.47
N GLU W 78 -28.62 47.44 16.76
CA GLU W 78 -28.34 48.83 17.18
C GLU W 78 -27.48 48.91 18.46
N ARG W 79 -26.62 47.92 18.62
CA ARG W 79 -25.64 47.88 19.71
C ARG W 79 -24.50 46.95 19.30
N ALA W 80 -23.33 47.14 19.91
CA ALA W 80 -22.15 46.34 19.59
C ALA W 80 -22.27 44.92 20.12
N ILE W 81 -21.69 43.97 19.39
CA ILE W 81 -21.63 42.56 19.80
C ILE W 81 -20.87 42.42 21.14
N GLU W 82 -21.36 41.52 22.01
CA GLU W 82 -20.77 41.27 23.32
C GLU W 82 -19.93 39.99 23.32
N PRO W 83 -18.90 39.92 24.19
CA PRO W 83 -17.96 38.79 24.17
C PRO W 83 -18.63 37.40 24.25
N GLU W 84 -19.57 37.25 25.17
CA GLU W 84 -20.32 35.99 25.35
C GLU W 84 -21.08 35.60 24.09
N THR W 85 -21.77 36.57 23.51
CA THR W 85 -22.54 36.37 22.29
C THR W 85 -21.64 36.10 21.10
N PHE W 86 -20.54 36.84 21.00
CA PHE W 86 -19.57 36.66 19.92
C PHE W 86 -18.96 35.27 19.96
N THR W 87 -18.67 34.78 21.17
CA THR W 87 -18.17 33.43 21.38
C THR W 87 -19.08 32.39 20.71
N GLN W 88 -20.39 32.54 20.91
CA GLN W 88 -21.38 31.65 20.33
C GLN W 88 -21.45 31.75 18.81
N LEU W 89 -21.29 32.97 18.29
CA LEU W 89 -21.22 33.21 16.84
C LEU W 89 -20.00 32.52 16.22
N VAL W 90 -18.85 32.61 16.88
CA VAL W 90 -17.61 31.96 16.44
C VAL W 90 -17.81 30.44 16.41
N SER W 91 -18.35 29.90 17.50
CA SER W 91 -18.58 28.47 17.64
C SER W 91 -19.47 27.90 16.53
N SER W 92 -20.64 28.50 16.31
CA SER W 92 -21.58 27.99 15.32
C SER W 92 -21.11 28.21 13.88
N SER W 93 -20.32 29.26 13.67
CA SER W 93 -19.70 29.50 12.36
C SER W 93 -18.64 28.45 12.05
N LEU W 94 -17.88 28.05 13.07
CA LEU W 94 -16.89 27.00 12.93
C LEU W 94 -17.52 25.63 12.72
N TYR W 95 -18.56 25.32 13.49
CA TYR W 95 -19.24 24.01 13.38
C TYR W 95 -20.06 23.88 12.10
N GLU W 96 -20.35 25.01 11.47
CA GLU W 96 -21.04 25.03 10.19
C GLU W 96 -20.19 24.36 9.12
N ARG W 97 -18.88 24.35 9.34
CA ARG W 97 -17.90 23.71 8.44
C ARG W 97 -17.34 22.43 9.05
N ARG W 98 -18.16 21.72 9.82
CA ARG W 98 -17.73 20.51 10.55
C ARG W 98 -16.87 19.54 9.74
N PHE W 99 -17.31 19.21 8.53
CA PHE W 99 -16.62 18.20 7.72
C PHE W 99 -15.68 18.77 6.65
N GLY W 100 -15.41 20.07 6.73
CA GLY W 100 -14.38 20.72 5.91
C GLY W 100 -13.85 21.95 6.62
N PRO W 101 -13.28 21.78 7.83
CA PRO W 101 -13.07 22.90 8.74
C PRO W 101 -11.96 23.86 8.33
N TYR W 102 -12.04 25.08 8.84
CA TYR W 102 -10.94 26.03 8.79
C TYR W 102 -9.91 25.53 9.79
N PHE W 103 -8.63 25.54 9.40
CA PHE W 103 -7.58 25.07 10.29
C PHE W 103 -7.07 26.21 11.15
N VAL W 104 -7.81 26.49 12.21
CA VAL W 104 -7.55 27.65 13.07
C VAL W 104 -7.69 27.32 14.55
N GLY W 105 -7.21 28.23 15.41
CA GLY W 105 -7.35 28.09 16.85
C GLY W 105 -7.73 29.41 17.48
N PRO W 106 -9.03 29.76 17.43
CA PRO W 106 -9.49 31.10 17.81
C PRO W 106 -9.47 31.34 19.32
N VAL W 107 -9.24 32.60 19.69
CA VAL W 107 -9.26 33.04 21.08
C VAL W 107 -10.07 34.33 21.17
N VAL W 108 -11.04 34.36 22.09
CA VAL W 108 -11.85 35.54 22.33
C VAL W 108 -11.45 36.19 23.66
N ALA W 109 -11.28 37.51 23.63
CA ALA W 109 -10.96 38.28 24.83
C ALA W 109 -11.75 39.59 24.79
N GLY W 110 -12.25 40.01 25.96
CA GLY W 110 -12.98 41.26 26.08
C GLY W 110 -13.55 41.48 27.47
N ILE W 111 -14.20 42.64 27.65
CA ILE W 111 -14.92 42.94 28.88
C ILE W 111 -16.34 43.32 28.53
N ASN W 112 -17.31 42.61 29.11
CA ASN W 112 -18.73 42.87 28.91
C ASN W 112 -19.07 44.30 29.36
N SER W 113 -19.70 45.06 28.46
CA SER W 113 -19.97 46.48 28.70
C SER W 113 -21.08 46.71 29.72
N LYS W 114 -21.89 45.69 29.98
CA LYS W 114 -23.02 45.84 30.91
C LYS W 114 -22.68 45.40 32.33
N SER W 115 -21.97 44.29 32.47
CA SER W 115 -21.60 43.76 33.79
C SER W 115 -20.23 44.25 34.26
N GLY W 116 -19.32 44.46 33.31
CA GLY W 116 -17.95 44.86 33.62
C GLY W 116 -17.04 43.67 33.88
N LYS W 117 -17.59 42.47 33.68
CA LYS W 117 -16.87 41.24 33.96
C LYS W 117 -15.91 40.86 32.83
N PRO W 118 -14.63 40.61 33.16
CA PRO W 118 -13.61 40.14 32.20
C PRO W 118 -13.98 38.77 31.63
N PHE W 119 -13.74 38.58 30.34
CA PHE W 119 -14.13 37.36 29.65
C PHE W 119 -13.09 36.89 28.65
N ILE W 120 -12.66 35.65 28.79
CA ILE W 120 -11.80 34.99 27.80
C ILE W 120 -12.32 33.60 27.45
N ALA W 121 -12.13 33.19 26.19
CA ALA W 121 -12.50 31.84 25.75
C ALA W 121 -11.66 31.39 24.56
N GLY W 122 -11.47 30.08 24.43
CA GLY W 122 -10.78 29.48 23.31
C GLY W 122 -11.62 28.43 22.58
N PHE W 123 -11.23 28.12 21.35
CA PHE W 123 -11.96 27.16 20.52
C PHE W 123 -11.00 26.17 19.86
N ASP W 124 -11.50 24.97 19.56
CA ASP W 124 -10.82 24.11 18.60
C ASP W 124 -11.34 24.43 17.20
N LEU W 125 -10.82 23.74 16.18
CA LEU W 125 -11.12 24.10 14.79
C LEU W 125 -12.60 23.89 14.38
N ILE W 126 -13.33 23.08 15.15
CA ILE W 126 -14.74 22.82 14.84
C ILE W 126 -15.72 23.44 15.86
N GLY W 127 -15.23 24.41 16.64
CA GLY W 127 -16.10 25.25 17.44
C GLY W 127 -16.43 24.82 18.86
N CYS W 128 -15.64 23.91 19.43
CA CYS W 128 -15.83 23.55 20.82
C CYS W 128 -15.35 24.68 21.73
N ILE W 129 -16.27 25.24 22.52
CA ILE W 129 -15.95 26.37 23.39
C ILE W 129 -15.21 25.95 24.66
N ASP W 130 -14.13 26.68 24.95
CA ASP W 130 -13.36 26.48 26.17
C ASP W 130 -13.31 27.82 26.91
N GLU W 131 -14.17 27.96 27.91
CA GLU W 131 -14.21 29.17 28.72
C GLU W 131 -13.39 28.99 29.99
N ALA W 132 -12.50 29.95 30.26
CA ALA W 132 -11.59 29.85 31.39
C ALA W 132 -11.64 31.10 32.26
N LYS W 133 -11.43 30.92 33.56
CA LYS W 133 -11.32 32.02 34.49
C LYS W 133 -9.91 32.62 34.47
N ASP W 134 -8.95 31.81 34.06
CA ASP W 134 -7.52 32.14 34.16
C ASP W 134 -6.87 32.53 32.83
N PHE W 135 -6.58 31.55 31.98
CA PHE W 135 -5.86 31.76 30.73
C PHE W 135 -6.33 30.84 29.60
N ILE W 136 -6.07 31.26 28.37
CA ILE W 136 -6.37 30.48 27.17
C ILE W 136 -5.17 30.56 26.23
N VAL W 137 -4.71 29.41 25.74
CA VAL W 137 -3.56 29.37 24.81
C VAL W 137 -3.92 28.77 23.44
N SER W 138 -3.13 29.12 22.43
CA SER W 138 -3.36 28.67 21.06
C SER W 138 -2.11 28.81 20.19
N GLY W 139 -1.90 27.85 19.31
CA GLY W 139 -0.79 27.93 18.35
C GLY W 139 0.16 26.74 18.36
N THR W 140 1.22 26.86 17.57
CA THR W 140 2.22 25.80 17.40
C THR W 140 3.07 25.57 18.65
N ALA W 141 3.06 26.54 19.57
CA ALA W 141 3.74 26.40 20.85
C ALA W 141 2.75 26.35 22.01
N SER W 142 1.59 25.71 21.78
CA SER W 142 0.55 25.59 22.79
C SER W 142 1.07 24.94 24.07
N ASP W 143 1.77 23.82 23.93
CA ASP W 143 2.38 23.13 25.08
C ASP W 143 3.27 24.05 25.91
N GLN W 144 4.12 24.82 25.23
CA GLN W 144 5.04 25.74 25.90
C GLN W 144 4.28 26.82 26.64
N LEU W 145 3.26 27.38 26.00
CA LEU W 145 2.41 28.40 26.60
C LEU W 145 1.65 27.87 27.83
N PHE W 146 1.07 26.68 27.69
CA PHE W 146 0.41 26.00 28.81
C PHE W 146 1.31 25.89 30.03
N GLY W 147 2.57 25.53 29.79
CA GLY W 147 3.56 25.39 30.85
C GLY W 147 3.99 26.70 31.47
N MET W 148 4.04 27.76 30.65
CA MET W 148 4.35 29.10 31.14
C MET W 148 3.21 29.64 32.00
N CYS W 149 1.99 29.56 31.46
CA CYS W 149 0.80 30.08 32.12
C CYS W 149 0.50 29.38 33.44
N GLU W 150 0.48 28.05 33.42
CA GLU W 150 0.16 27.25 34.61
C GLU W 150 1.13 27.49 35.78
N SER W 151 2.24 28.17 35.50
CA SER W 151 3.25 28.49 36.51
C SER W 151 3.27 29.98 36.85
N LEU W 152 3.32 30.82 35.83
CA LEU W 152 3.42 32.27 36.03
C LEU W 152 2.14 32.91 36.58
N TYR W 153 1.00 32.49 36.06
CA TYR W 153 -0.29 33.10 36.39
C TYR W 153 -0.65 33.05 37.88
N GLU W 154 -1.25 34.14 38.34
CA GLU W 154 -1.98 34.20 39.61
C GLU W 154 -3.22 35.08 39.40
N PRO W 155 -4.29 34.88 40.19
CA PRO W 155 -5.52 35.61 39.93
C PRO W 155 -5.45 37.08 40.32
N ASN W 156 -6.41 37.88 39.83
CA ASN W 156 -6.61 39.27 40.23
C ASN W 156 -5.39 40.19 40.11
N LEU W 157 -4.69 40.10 38.98
CA LEU W 157 -3.54 40.95 38.73
C LEU W 157 -3.92 42.30 38.14
N GLU W 158 -3.21 43.34 38.55
CA GLU W 158 -3.41 44.68 38.01
C GLU W 158 -2.89 44.76 36.58
N PRO W 159 -3.46 45.66 35.74
CA PRO W 159 -3.08 45.75 34.32
C PRO W 159 -1.57 45.89 34.05
N GLU W 160 -0.84 46.58 34.93
CA GLU W 160 0.60 46.73 34.79
C GLU W 160 1.38 45.46 35.14
N ASP W 161 0.81 44.67 36.07
CA ASP W 161 1.40 43.38 36.45
C ASP W 161 1.01 42.28 35.46
N LEU W 162 -0.26 42.29 35.04
CA LEU W 162 -0.75 41.34 34.05
C LEU W 162 0.02 41.42 32.74
N PHE W 163 0.42 42.63 32.37
CA PHE W 163 1.25 42.85 31.19
C PHE W 163 2.57 42.09 31.29
N GLU W 164 3.23 42.20 32.44
CA GLU W 164 4.51 41.51 32.66
C GLU W 164 4.37 40.00 32.58
N THR W 165 3.31 39.46 33.20
CA THR W 165 3.07 38.03 33.22
C THR W 165 2.75 37.46 31.83
N ILE W 166 1.85 38.09 31.10
CA ILE W 166 1.46 37.60 29.77
C ILE W 166 2.61 37.71 28.75
N SER W 167 3.38 38.80 28.85
CA SER W 167 4.52 39.01 27.96
C SER W 167 5.61 37.96 28.16
N GLN W 168 5.92 37.66 29.42
CA GLN W 168 6.94 36.69 29.77
C GLN W 168 6.50 35.25 29.47
N ALA W 169 5.19 35.03 29.46
CA ALA W 169 4.63 33.75 29.06
C ALA W 169 4.84 33.54 27.56
N LEU W 170 4.47 34.55 26.79
CA LEU W 170 4.58 34.52 25.32
C LEU W 170 6.02 34.39 24.87
N LEU W 171 6.87 35.29 25.33
CA LEU W 171 8.26 35.38 24.90
C LEU W 171 9.02 34.08 25.09
N ASN W 172 8.90 33.49 26.27
CA ASN W 172 9.63 32.28 26.64
C ASN W 172 9.07 31.01 26.00
N ALA W 173 7.79 31.05 25.66
CA ALA W 173 7.17 29.99 24.88
C ALA W 173 7.63 30.06 23.43
N ALA W 174 7.65 31.26 22.87
CA ALA W 174 8.05 31.50 21.49
C ALA W 174 9.48 31.06 21.21
N ASP W 175 10.35 31.20 22.22
CA ASP W 175 11.77 30.91 22.07
C ASP W 175 12.09 29.43 22.08
N ARG W 176 11.10 28.60 22.42
CA ARG W 176 11.26 27.15 22.39
C ARG W 176 10.58 26.50 21.18
N ASP W 177 10.01 27.33 20.30
CA ASP W 177 9.30 26.87 19.11
C ASP W 177 9.88 27.50 17.85
N ALA W 178 10.28 26.66 16.90
CA ALA W 178 10.93 27.11 15.67
C ALA W 178 10.03 27.96 14.76
N LEU W 179 8.71 27.83 14.94
CA LEU W 179 7.76 28.46 14.04
C LEU W 179 7.05 29.69 14.61
N SER W 180 7.36 30.05 15.86
CA SER W 180 6.80 31.25 16.47
C SER W 180 7.90 32.28 16.77
N GLY W 181 7.49 33.52 17.00
CA GLY W 181 8.40 34.59 17.37
C GLY W 181 8.42 35.71 16.35
N TRP W 182 9.62 36.19 16.01
CA TRP W 182 9.82 37.23 15.00
C TRP W 182 9.11 38.55 15.32
N GLY W 183 8.98 38.85 16.62
CA GLY W 183 8.25 40.03 17.07
C GLY W 183 6.95 39.63 17.75
N ALA W 184 6.45 40.51 18.62
CA ALA W 184 5.25 40.24 19.39
C ALA W 184 4.47 41.52 19.70
N VAL W 185 3.16 41.38 19.87
CA VAL W 185 2.29 42.50 20.24
C VAL W 185 1.36 42.09 21.40
N VAL W 186 1.22 42.97 22.39
CA VAL W 186 0.35 42.72 23.54
C VAL W 186 -0.74 43.77 23.65
N TYR W 187 -1.98 43.32 23.84
CA TYR W 187 -3.11 44.21 24.09
C TYR W 187 -3.53 44.12 25.55
N ILE W 188 -3.56 45.26 26.24
CA ILE W 188 -4.12 45.35 27.57
C ILE W 188 -5.51 46.01 27.49
N ILE W 189 -6.55 45.21 27.75
CA ILE W 189 -7.93 45.67 27.64
C ILE W 189 -8.48 46.03 29.02
N LYS W 190 -8.90 47.29 29.16
CA LYS W 190 -9.61 47.76 30.33
C LYS W 190 -11.00 48.21 29.88
N LYS W 191 -11.85 48.57 30.84
CA LYS W 191 -13.23 48.99 30.54
C LYS W 191 -13.33 50.18 29.58
N ASP W 192 -12.48 51.18 29.79
CA ASP W 192 -12.57 52.44 29.04
C ASP W 192 -11.39 52.73 28.09
N GLU W 193 -10.31 51.97 28.22
CA GLU W 193 -9.14 52.14 27.36
C GLU W 193 -8.49 50.82 26.96
N VAL W 194 -7.80 50.84 25.83
CA VAL W 194 -7.02 49.69 25.35
C VAL W 194 -5.61 50.16 24.99
N VAL W 195 -4.61 49.54 25.60
CA VAL W 195 -3.22 49.84 25.30
C VAL W 195 -2.60 48.71 24.47
N LYS W 196 -1.93 49.07 23.39
CA LYS W 196 -1.25 48.12 22.51
C LYS W 196 0.26 48.34 22.58
N ARG W 197 0.98 47.30 22.96
CA ARG W 197 2.43 47.39 23.10
C ARG W 197 3.15 46.39 22.22
N TYR W 198 4.26 46.83 21.63
CA TYR W 198 5.13 45.96 20.83
C TYR W 198 6.32 45.52 21.66
N LEU W 199 6.50 44.21 21.76
CA LEU W 199 7.58 43.63 22.56
C LEU W 199 8.87 43.47 21.78
N LYS W 200 9.99 43.61 22.49
CA LYS W 200 11.31 43.36 21.92
C LYS W 200 11.74 41.92 22.24
N MET W 201 11.89 41.12 21.19
CA MET W 201 12.31 39.72 21.36
C MET W 201 13.39 39.30 20.37
N ARG W 202 13.86 38.07 20.52
CA ARG W 202 14.83 37.46 19.61
C ARG W 202 14.28 37.45 18.19
N GLN W 203 15.14 37.69 17.21
CA GLN W 203 14.72 37.67 15.81
C GLN W 203 15.35 36.49 15.03
N ASP W 204 15.23 35.29 15.59
CA ASP W 204 15.77 34.08 14.97
C ASP W 204 14.84 32.87 15.03
N MET X 1 10.22 26.44 -8.25
CA MET X 1 10.94 26.37 -9.56
C MET X 1 11.22 27.77 -10.15
N ASP X 2 10.26 28.30 -10.91
CA ASP X 2 10.36 29.64 -11.55
C ASP X 2 10.79 30.77 -10.62
N ILE X 3 11.37 31.82 -11.21
CA ILE X 3 11.79 32.97 -10.43
C ILE X 3 10.76 34.10 -10.58
N ILE X 4 10.20 34.50 -9.44
CA ILE X 4 9.24 35.60 -9.36
C ILE X 4 9.67 36.49 -8.20
N LEU X 5 10.35 37.59 -8.53
CA LEU X 5 10.88 38.53 -7.54
C LEU X 5 10.15 39.86 -7.63
N GLY X 6 10.18 40.62 -6.54
CA GLY X 6 9.60 41.96 -6.49
C GLY X 6 10.22 42.80 -5.41
N ILE X 7 10.47 44.07 -5.71
CA ILE X 7 11.03 45.00 -4.74
C ILE X 7 10.40 46.39 -4.80
N ARG X 8 9.94 46.88 -3.65
CA ARG X 8 9.36 48.21 -3.51
C ARG X 8 10.40 49.20 -3.00
N VAL X 9 10.62 50.26 -3.77
CA VAL X 9 11.55 51.32 -3.36
C VAL X 9 10.78 52.61 -3.03
N GLN X 10 11.44 53.77 -3.14
CA GLN X 10 10.85 55.05 -2.76
C GLN X 10 9.55 55.35 -3.50
N ASP X 11 9.63 55.40 -4.83
CA ASP X 11 8.51 55.85 -5.65
C ASP X 11 8.11 54.89 -6.77
N SER X 12 8.56 53.65 -6.67
CA SER X 12 8.22 52.62 -7.67
C SER X 12 8.28 51.19 -7.11
N VAL X 13 7.69 50.27 -7.86
CA VAL X 13 7.76 48.84 -7.57
C VAL X 13 8.36 48.15 -8.78
N ILE X 14 9.38 47.33 -8.55
CA ILE X 14 10.06 46.62 -9.63
C ILE X 14 9.78 45.12 -9.54
N LEU X 15 9.30 44.54 -10.64
CA LEU X 15 9.07 43.09 -10.74
C LEU X 15 10.03 42.43 -11.72
N ALA X 16 10.72 41.38 -11.26
CA ALA X 16 11.62 40.61 -12.09
C ALA X 16 11.16 39.17 -12.17
N SER X 17 11.01 38.66 -13.40
CA SER X 17 10.42 37.35 -13.64
C SER X 17 11.21 36.55 -14.68
N SER X 18 11.41 35.25 -14.39
CA SER X 18 12.24 34.39 -15.24
C SER X 18 11.64 34.15 -16.63
N LYS X 19 12.52 33.98 -17.62
CA LYS X 19 12.10 33.88 -19.03
C LYS X 19 11.94 32.46 -19.54
N ALA X 20 12.30 31.47 -18.74
CA ALA X 20 12.29 30.08 -19.18
C ALA X 20 10.94 29.38 -19.00
N VAL X 21 10.61 28.52 -19.97
CA VAL X 21 9.49 27.59 -19.85
C VAL X 21 10.01 26.19 -20.21
N THR X 22 10.11 25.34 -19.19
CA THR X 22 10.71 24.01 -19.31
C THR X 22 9.65 22.94 -19.09
N ARG X 23 9.62 21.94 -19.98
CA ARG X 23 8.76 20.78 -19.81
C ARG X 23 9.53 19.50 -20.08
N GLY X 24 9.81 18.75 -19.03
CA GLY X 24 10.60 17.55 -19.13
C GLY X 24 12.07 17.88 -19.21
N ILE X 25 12.75 17.34 -20.22
CA ILE X 25 14.18 17.53 -20.40
C ILE X 25 14.50 18.62 -21.45
N SER X 26 13.50 19.46 -21.75
CA SER X 26 13.65 20.51 -22.76
C SER X 26 13.20 21.89 -22.28
N VAL X 27 13.96 22.92 -22.63
CA VAL X 27 13.56 24.31 -22.43
C VAL X 27 12.89 24.80 -23.71
N LEU X 28 11.56 24.92 -23.65
CA LEU X 28 10.74 25.19 -24.84
C LEU X 28 10.80 26.64 -25.32
N LYS X 29 10.97 27.57 -24.38
CA LYS X 29 11.00 29.00 -24.68
C LYS X 29 11.91 29.72 -23.69
N ASP X 30 12.62 30.73 -24.18
CA ASP X 30 13.55 31.51 -23.33
C ASP X 30 13.25 33.01 -23.32
N SER X 31 12.00 33.37 -23.62
CA SER X 31 11.58 34.77 -23.69
C SER X 31 10.16 34.98 -23.18
N ASP X 32 9.78 34.18 -22.19
CA ASP X 32 8.42 34.19 -21.64
C ASP X 32 8.18 35.36 -20.69
N ASP X 33 7.16 36.15 -21.00
CA ASP X 33 6.72 37.23 -20.12
C ASP X 33 5.70 36.67 -19.14
N LYS X 34 6.10 36.50 -17.89
CA LYS X 34 5.26 35.86 -16.86
C LYS X 34 4.48 36.89 -16.04
N THR X 35 3.79 37.79 -16.75
CA THR X 35 3.09 38.90 -16.10
C THR X 35 1.88 39.37 -16.91
N ARG X 36 0.91 39.97 -16.20
CA ARG X 36 -0.22 40.65 -16.84
C ARG X 36 -0.43 42.01 -16.22
N GLN X 37 -0.74 42.99 -17.06
CA GLN X 37 -1.12 44.31 -16.59
C GLN X 37 -2.62 44.32 -16.30
N LEU X 38 -2.97 44.51 -15.04
CA LEU X 38 -4.36 44.45 -14.61
C LEU X 38 -5.06 45.80 -14.78
N SER X 39 -4.29 46.87 -14.59
CA SER X 39 -4.76 48.24 -14.84
C SER X 39 -3.55 49.12 -15.17
N PRO X 40 -3.78 50.39 -15.59
CA PRO X 40 -2.67 51.30 -15.90
C PRO X 40 -1.53 51.36 -14.87
N HIS X 41 -1.85 51.16 -13.58
CA HIS X 41 -0.85 51.27 -12.52
C HIS X 41 -0.74 50.03 -11.62
N THR X 42 -1.24 48.89 -12.10
CA THR X 42 -1.17 47.63 -11.36
C THR X 42 -0.75 46.47 -12.25
N LEU X 43 0.31 45.78 -11.83
CA LEU X 43 0.88 44.66 -12.56
C LEU X 43 0.98 43.40 -11.68
N MET X 44 0.69 42.25 -12.28
CA MET X 44 0.76 40.98 -11.55
C MET X 44 1.69 39.98 -12.24
N SER X 45 2.66 39.47 -11.49
CA SER X 45 3.53 38.39 -11.97
C SER X 45 3.08 37.08 -11.35
N PHE X 46 3.33 35.97 -12.05
CA PHE X 46 2.80 34.66 -11.65
C PHE X 46 3.70 33.48 -11.99
N ALA X 47 3.71 32.50 -11.09
CA ALA X 47 4.43 31.24 -11.30
C ALA X 47 3.64 30.10 -10.67
N GLY X 48 3.75 28.91 -11.26
CA GLY X 48 3.10 27.72 -10.69
C GLY X 48 2.85 26.61 -11.68
N GLU X 49 1.75 25.89 -11.48
CA GLU X 49 1.36 24.74 -12.30
C GLU X 49 1.16 25.11 -13.78
N ALA X 50 1.60 24.20 -14.66
CA ALA X 50 1.64 24.39 -16.12
C ALA X 50 0.48 25.16 -16.75
N GLY X 51 -0.76 24.73 -16.51
CA GLY X 51 -1.91 25.36 -17.16
C GLY X 51 -2.56 26.46 -16.35
N ASP X 52 -2.70 26.23 -15.05
CA ASP X 52 -3.39 27.14 -14.13
C ASP X 52 -2.79 28.54 -14.09
N THR X 53 -1.49 28.62 -14.36
CA THR X 53 -0.74 29.87 -14.27
C THR X 53 -1.33 31.01 -15.12
N VAL X 54 -1.45 30.81 -16.43
CA VAL X 54 -1.92 31.84 -17.36
C VAL X 54 -3.44 32.01 -17.31
N GLN X 55 -4.15 30.89 -17.14
CA GLN X 55 -5.61 30.89 -17.05
C GLN X 55 -6.11 31.79 -15.92
N PHE X 56 -5.46 31.70 -14.77
CA PHE X 56 -5.80 32.51 -13.61
C PHE X 56 -5.54 34.00 -13.87
N ALA X 57 -4.34 34.31 -14.35
CA ALA X 57 -3.93 35.68 -14.60
C ALA X 57 -4.86 36.42 -15.56
N GLU X 58 -5.22 35.74 -16.65
CA GLU X 58 -6.11 36.32 -17.66
C GLU X 58 -7.56 36.47 -17.15
N TYR X 59 -7.95 35.59 -16.23
CA TYR X 59 -9.23 35.69 -15.55
C TYR X 59 -9.27 36.91 -14.62
N ILE X 60 -8.17 37.14 -13.90
CA ILE X 60 -8.05 38.32 -13.02
C ILE X 60 -7.99 39.61 -13.85
N GLN X 61 -7.22 39.57 -14.95
CA GLN X 61 -7.12 40.71 -15.85
C GLN X 61 -8.49 41.09 -16.42
N ALA X 62 -9.23 40.10 -16.91
CA ALA X 62 -10.56 40.33 -17.48
C ALA X 62 -11.52 40.96 -16.47
N ASN X 63 -11.44 40.51 -15.22
CA ASN X 63 -12.29 41.03 -14.14
C ASN X 63 -12.01 42.49 -13.73
N ILE X 64 -10.73 42.82 -13.58
CA ILE X 64 -10.32 44.18 -13.21
C ILE X 64 -10.62 45.17 -14.34
N GLN X 65 -10.39 44.74 -15.58
CA GLN X 65 -10.70 45.57 -16.76
C GLN X 65 -12.20 45.82 -16.87
N LEU X 66 -13.01 44.80 -16.57
CA LEU X 66 -14.46 44.94 -16.52
C LEU X 66 -14.89 45.97 -15.47
N TYR X 67 -14.22 45.95 -14.32
CA TYR X 67 -14.49 46.93 -13.27
C TYR X 67 -14.14 48.34 -13.75
N SER X 68 -12.97 48.47 -14.40
CA SER X 68 -12.48 49.77 -14.88
C SER X 68 -13.45 50.45 -15.86
N ILE X 69 -14.07 49.65 -16.72
CA ILE X 69 -15.04 50.15 -17.68
C ILE X 69 -16.36 50.54 -17.00
N ARG X 70 -16.84 49.67 -16.11
CA ARG X 70 -18.12 49.89 -15.42
C ARG X 70 -18.11 51.15 -14.55
N GLU X 71 -17.01 51.38 -13.85
CA GLU X 71 -16.92 52.50 -12.90
C GLU X 71 -16.18 53.73 -13.44
N ASP X 72 -15.58 53.59 -14.62
CA ASP X 72 -14.69 54.61 -15.18
C ASP X 72 -13.67 55.05 -14.12
N TYR X 73 -13.01 54.07 -13.52
CA TYR X 73 -12.14 54.30 -12.38
C TYR X 73 -11.17 53.14 -12.23
N GLU X 74 -10.00 53.44 -11.66
CA GLU X 74 -8.99 52.42 -11.39
C GLU X 74 -9.00 52.06 -9.92
N LEU X 75 -9.18 50.78 -9.63
CA LEU X 75 -9.11 50.25 -8.26
C LEU X 75 -7.71 50.36 -7.72
N SER X 76 -7.61 50.67 -6.44
CA SER X 76 -6.32 50.76 -5.75
C SER X 76 -5.61 49.39 -5.73
N PRO X 77 -4.27 49.39 -5.59
CA PRO X 77 -3.51 48.15 -5.44
C PRO X 77 -4.05 47.27 -4.31
N GLN X 78 -4.40 47.88 -3.18
CA GLN X 78 -4.96 47.18 -2.03
C GLN X 78 -6.27 46.46 -2.41
N ALA X 79 -7.15 47.19 -3.09
CA ALA X 79 -8.44 46.63 -3.51
C ALA X 79 -8.27 45.44 -4.45
N VAL X 80 -7.31 45.56 -5.37
CA VAL X 80 -7.01 44.50 -6.33
C VAL X 80 -6.45 43.27 -5.60
N SER X 81 -5.48 43.49 -4.71
CA SER X 81 -4.84 42.40 -3.97
C SER X 81 -5.84 41.62 -3.12
N SER X 82 -6.84 42.32 -2.60
CA SER X 82 -7.90 41.70 -1.81
C SER X 82 -8.85 40.88 -2.67
N PHE X 83 -9.05 41.34 -3.91
CA PHE X 83 -9.88 40.60 -4.87
C PHE X 83 -9.20 39.29 -5.26
N VAL X 84 -7.89 39.38 -5.54
CA VAL X 84 -7.09 38.23 -5.93
C VAL X 84 -7.01 37.21 -4.80
N ARG X 85 -6.76 37.69 -3.58
CA ARG X 85 -6.68 36.81 -2.42
C ARG X 85 -7.96 35.98 -2.26
N GLN X 86 -9.10 36.67 -2.26
CA GLN X 86 -10.40 36.02 -2.10
C GLN X 86 -10.65 34.99 -3.19
N GLU X 87 -10.21 35.29 -4.41
CA GLU X 87 -10.35 34.35 -5.52
C GLU X 87 -9.57 33.07 -5.26
N LEU X 88 -8.34 33.23 -4.80
CA LEU X 88 -7.49 32.09 -4.47
C LEU X 88 -8.01 31.37 -3.23
N ALA X 89 -8.56 32.13 -2.29
CA ALA X 89 -9.09 31.55 -1.04
C ALA X 89 -10.31 30.65 -1.25
N LYS X 90 -11.15 30.96 -2.25
CA LYS X 90 -12.28 30.10 -2.63
C LYS X 90 -11.75 28.84 -3.32
N SER X 91 -10.69 29.04 -4.10
CA SER X 91 -10.09 28.00 -4.92
C SER X 91 -9.61 26.76 -4.13
N ILE X 92 -8.92 26.99 -3.02
CA ILE X 92 -8.30 25.88 -2.27
C ILE X 92 -9.26 24.81 -1.75
N ARG X 93 -10.53 25.17 -1.62
CA ARG X 93 -11.54 24.22 -1.13
C ARG X 93 -12.48 23.69 -2.22
N SER X 94 -12.21 24.07 -3.47
CA SER X 94 -12.94 23.57 -4.62
C SER X 94 -12.36 22.23 -5.11
N ARG X 95 -13.06 21.59 -6.05
CA ARG X 95 -12.66 20.28 -6.57
C ARG X 95 -11.22 20.24 -7.08
N ARG X 96 -10.80 21.31 -7.76
CA ARG X 96 -9.44 21.40 -8.29
C ARG X 96 -8.90 22.83 -8.18
N PRO X 97 -8.15 23.12 -7.09
CA PRO X 97 -7.65 24.48 -6.83
C PRO X 97 -6.65 24.95 -7.87
N TYR X 98 -6.59 26.27 -8.07
CA TYR X 98 -5.51 26.90 -8.82
C TYR X 98 -4.22 26.75 -8.04
N GLN X 99 -3.16 26.31 -8.73
CA GLN X 99 -1.83 26.23 -8.13
C GLN X 99 -0.93 27.32 -8.72
N VAL X 100 -1.23 28.56 -8.33
CA VAL X 100 -0.56 29.75 -8.85
C VAL X 100 -0.17 30.66 -7.70
N ASN X 101 1.09 31.08 -7.69
CA ASN X 101 1.56 32.08 -6.74
C ASN X 101 1.75 33.41 -7.48
N VAL X 102 1.39 34.51 -6.84
CA VAL X 102 1.44 35.81 -7.51
C VAL X 102 2.14 36.90 -6.70
N LEU X 103 2.62 37.93 -7.41
CA LEU X 103 3.03 39.18 -6.80
C LEU X 103 2.24 40.32 -7.43
N ILE X 104 1.67 41.20 -6.61
CA ILE X 104 0.96 42.36 -7.11
C ILE X 104 1.83 43.61 -6.92
N GLY X 105 2.20 44.24 -8.03
CA GLY X 105 2.97 45.47 -7.98
C GLY X 105 2.14 46.63 -8.51
N GLY X 106 1.90 47.62 -7.65
CA GLY X 106 1.09 48.77 -8.02
C GLY X 106 1.50 50.09 -7.42
N TYR X 107 1.10 51.18 -8.08
CA TYR X 107 1.27 52.51 -7.54
C TYR X 107 -0.10 53.11 -7.25
N ASP X 108 -0.36 53.40 -5.97
CA ASP X 108 -1.60 54.02 -5.56
C ASP X 108 -1.54 55.50 -5.89
N LYS X 109 -2.36 55.93 -6.85
CA LYS X 109 -2.38 57.33 -7.27
C LYS X 109 -2.99 58.23 -6.22
N LYS X 110 -3.90 57.67 -5.42
CA LYS X 110 -4.56 58.39 -4.34
C LYS X 110 -3.62 58.61 -3.14
N LYS X 111 -2.86 57.58 -2.79
CA LYS X 111 -1.89 57.65 -1.69
C LYS X 111 -0.56 58.25 -2.14
N ASN X 112 -0.29 58.20 -3.44
CA ASN X 112 1.03 58.53 -4.00
C ASN X 112 2.17 57.66 -3.44
N LYS X 113 1.88 56.37 -3.29
CA LYS X 113 2.85 55.42 -2.75
C LYS X 113 2.86 54.10 -3.49
N PRO X 114 4.06 53.55 -3.76
CA PRO X 114 4.19 52.23 -4.37
C PRO X 114 3.86 51.14 -3.36
N GLU X 115 3.24 50.06 -3.83
CA GLU X 115 2.88 48.93 -2.96
C GLU X 115 3.18 47.59 -3.61
N LEU X 116 3.70 46.66 -2.80
CA LEU X 116 3.99 45.30 -3.27
C LEU X 116 3.26 44.27 -2.41
N TYR X 117 2.49 43.41 -3.07
CA TYR X 117 1.77 42.36 -2.38
C TYR X 117 2.24 40.98 -2.83
N GLN X 118 2.45 40.10 -1.86
CA GLN X 118 2.76 38.71 -2.13
C GLN X 118 1.58 37.85 -1.70
N ILE X 119 1.02 37.09 -2.65
CA ILE X 119 -0.06 36.15 -2.35
C ILE X 119 0.29 34.78 -2.91
N ASP X 120 0.22 33.75 -2.06
CA ASP X 120 0.46 32.38 -2.51
C ASP X 120 -0.85 31.68 -2.88
N TYR X 121 -0.75 30.44 -3.36
CA TYR X 121 -1.88 29.73 -3.94
C TYR X 121 -3.01 29.42 -2.95
N LEU X 122 -2.68 29.42 -1.66
CA LEU X 122 -3.65 29.18 -0.61
C LEU X 122 -4.52 30.41 -0.35
N GLY X 123 -4.03 31.57 -0.81
CA GLY X 123 -4.69 32.84 -0.54
C GLY X 123 -4.11 33.52 0.69
N THR X 124 -2.80 33.38 0.88
CA THR X 124 -2.10 34.04 1.96
C THR X 124 -1.50 35.34 1.45
N LYS X 125 -2.10 36.46 1.86
CA LYS X 125 -1.65 37.78 1.40
C LYS X 125 -0.81 38.49 2.45
N VAL X 126 0.24 39.16 1.98
CA VAL X 126 1.09 39.96 2.84
C VAL X 126 1.77 41.07 2.04
N GLU X 127 1.71 42.30 2.56
CA GLU X 127 2.41 43.44 1.95
C GLU X 127 3.86 43.42 2.42
N LEU X 128 4.79 43.57 1.48
CA LEU X 128 6.21 43.48 1.81
C LEU X 128 7.05 44.53 1.08
N PRO X 129 8.19 44.93 1.69
CA PRO X 129 9.18 45.77 1.01
C PRO X 129 9.82 45.04 -0.17
N TYR X 130 9.99 43.72 -0.01
CA TYR X 130 10.54 42.86 -1.05
C TYR X 130 9.99 41.44 -0.88
N GLY X 131 9.76 40.76 -2.00
CA GLY X 131 9.17 39.43 -1.96
C GLY X 131 9.63 38.51 -3.07
N ALA X 132 9.41 37.21 -2.86
CA ALA X 132 9.76 36.17 -3.82
C ALA X 132 8.87 34.95 -3.62
N HIS X 133 8.70 34.17 -4.69
CA HIS X 133 7.97 32.91 -4.62
C HIS X 133 8.86 31.74 -5.00
N GLY X 134 8.52 30.55 -4.49
CA GLY X 134 9.30 29.35 -4.72
C GLY X 134 10.64 29.40 -4.00
N TYR X 135 11.62 28.68 -4.54
CA TYR X 135 12.93 28.53 -3.91
C TYR X 135 13.80 29.79 -3.98
N SER X 136 13.41 30.73 -4.85
CA SER X 136 14.13 31.99 -5.04
C SER X 136 14.34 32.72 -3.72
N GLY X 137 13.29 32.75 -2.90
CA GLY X 137 13.32 33.44 -1.61
C GLY X 137 14.41 32.95 -0.69
N PHE X 138 14.75 31.67 -0.81
CA PHE X 138 15.80 31.07 0.02
C PHE X 138 17.15 31.73 -0.18
N TYR X 139 17.32 32.42 -1.30
CA TYR X 139 18.56 33.15 -1.57
C TYR X 139 18.40 34.67 -1.43
N THR X 140 17.29 35.21 -1.94
CA THR X 140 17.14 36.66 -2.07
C THR X 140 16.77 37.36 -0.76
N PHE X 141 15.88 36.74 0.02
CA PHE X 141 15.42 37.33 1.28
C PHE X 141 16.56 37.80 2.20
N SER X 142 17.57 36.95 2.39
CA SER X 142 18.69 37.27 3.27
C SER X 142 19.62 38.32 2.64
N LEU X 143 19.70 38.29 1.32
CA LEU X 143 20.50 39.24 0.55
C LEU X 143 19.89 40.63 0.62
N LEU X 144 18.56 40.68 0.54
CA LEU X 144 17.82 41.94 0.62
C LEU X 144 17.72 42.46 2.05
N ASP X 145 17.62 41.53 3.02
CA ASP X 145 17.68 41.89 4.44
C ASP X 145 18.92 42.73 4.75
N HIS X 146 19.99 42.47 4.00
CA HIS X 146 21.29 43.13 4.20
C HIS X 146 21.42 44.42 3.39
N HIS X 147 21.10 44.34 2.10
CA HIS X 147 21.36 45.44 1.17
C HIS X 147 20.22 46.43 0.96
N TYR X 148 19.03 46.10 1.45
CA TYR X 148 17.85 46.94 1.21
C TYR X 148 17.77 48.15 2.14
N ARG X 149 17.41 49.29 1.54
CA ARG X 149 17.02 50.50 2.26
C ARG X 149 15.67 50.98 1.71
N PRO X 150 14.80 51.52 2.58
CA PRO X 150 13.45 51.84 2.11
C PRO X 150 13.35 53.13 1.28
N ASP X 151 14.42 53.93 1.27
CA ASP X 151 14.41 55.21 0.56
C ASP X 151 15.30 55.22 -0.70
N MET X 152 15.38 54.07 -1.36
CA MET X 152 16.21 53.92 -2.55
C MET X 152 15.53 54.47 -3.80
N THR X 153 16.33 55.00 -4.74
CA THR X 153 15.83 55.42 -6.04
C THR X 153 15.54 54.18 -6.89
N THR X 154 14.82 54.37 -7.99
CA THR X 154 14.50 53.26 -8.90
C THR X 154 15.78 52.65 -9.48
N GLU X 155 16.75 53.51 -9.75
CA GLU X 155 18.06 53.09 -10.28
C GLU X 155 18.85 52.25 -9.27
N GLU X 156 18.74 52.60 -7.99
CA GLU X 156 19.37 51.83 -6.91
C GLU X 156 18.66 50.50 -6.72
N GLY X 157 17.34 50.50 -6.91
CA GLY X 157 16.52 49.29 -6.83
C GLY X 157 16.84 48.28 -7.92
N LEU X 158 17.22 48.78 -9.09
CA LEU X 158 17.65 47.92 -10.21
C LEU X 158 19.00 47.26 -9.95
N ASP X 159 19.91 47.98 -9.30
CA ASP X 159 21.22 47.43 -8.92
C ASP X 159 21.06 46.30 -7.91
N LEU X 160 20.00 46.39 -7.12
CA LEU X 160 19.71 45.40 -6.09
C LEU X 160 19.19 44.10 -6.68
N LEU X 161 18.35 44.21 -7.72
CA LEU X 161 17.88 43.02 -8.46
C LEU X 161 19.03 42.35 -9.19
N LYS X 162 19.91 43.16 -9.78
CA LYS X 162 21.07 42.65 -10.50
C LYS X 162 21.91 41.78 -9.58
N LEU X 163 21.98 42.19 -8.31
CA LEU X 163 22.71 41.45 -7.28
C LEU X 163 21.99 40.15 -6.94
N CYS X 164 20.66 40.21 -6.90
CA CYS X 164 19.82 39.03 -6.64
C CYS X 164 19.91 38.01 -7.77
N VAL X 165 19.78 38.48 -9.01
CA VAL X 165 19.84 37.64 -10.20
C VAL X 165 21.21 36.98 -10.36
N GLN X 166 22.27 37.74 -10.05
CA GLN X 166 23.64 37.19 -10.08
C GLN X 166 23.83 36.08 -9.06
N GLU X 167 23.19 36.22 -7.90
CA GLU X 167 23.25 35.21 -6.85
C GLU X 167 22.51 33.94 -7.28
N LEU X 168 21.33 34.11 -7.86
CA LEU X 168 20.52 32.99 -8.32
C LEU X 168 21.15 32.27 -9.50
N GLU X 169 21.84 33.01 -10.36
CA GLU X 169 22.53 32.40 -11.50
C GLU X 169 23.79 31.65 -11.08
N LYS X 170 24.32 31.98 -9.91
CA LYS X 170 25.50 31.30 -9.36
C LYS X 170 25.15 30.03 -8.58
N ARG X 171 24.08 30.09 -7.77
CA ARG X 171 23.80 29.05 -6.78
C ARG X 171 22.64 28.09 -7.08
N MET X 172 21.70 28.53 -7.91
CA MET X 172 20.56 27.68 -8.23
C MET X 172 20.84 26.67 -9.34
N PRO X 173 20.32 25.44 -9.22
CA PRO X 173 20.68 24.34 -10.10
C PRO X 173 20.22 24.45 -11.55
N MET X 174 19.15 25.21 -11.81
CA MET X 174 18.59 25.26 -13.16
C MET X 174 18.73 26.62 -13.87
N ASP X 175 18.82 26.57 -15.20
CA ASP X 175 18.97 27.75 -16.03
C ASP X 175 17.60 28.36 -16.31
N PHE X 176 17.32 29.50 -15.68
CA PHE X 176 16.03 30.18 -15.83
C PHE X 176 16.05 31.22 -16.95
N LYS X 177 17.17 31.29 -17.66
CA LYS X 177 17.34 32.12 -18.86
C LYS X 177 17.13 33.62 -18.64
N GLY X 178 17.65 34.14 -17.52
CA GLY X 178 17.53 35.57 -17.22
C GLY X 178 16.14 36.03 -16.82
N VAL X 179 16.00 37.33 -16.59
CA VAL X 179 14.74 37.90 -16.12
C VAL X 179 14.25 39.08 -16.95
N ILE X 180 12.92 39.18 -17.09
CA ILE X 180 12.26 40.36 -17.64
C ILE X 180 11.92 41.27 -16.46
N VAL X 181 12.32 42.54 -16.58
CA VAL X 181 12.16 43.51 -15.50
C VAL X 181 11.15 44.60 -15.89
N LYS X 182 10.20 44.85 -15.00
CA LYS X 182 9.17 45.87 -15.25
C LYS X 182 9.00 46.83 -14.06
N ILE X 183 8.98 48.12 -14.36
CA ILE X 183 8.79 49.17 -13.35
C ILE X 183 7.34 49.64 -13.31
N VAL X 184 6.81 49.78 -12.10
CA VAL X 184 5.48 50.32 -11.88
C VAL X 184 5.61 51.57 -11.02
N ASP X 185 5.29 52.73 -11.59
CA ASP X 185 5.36 54.01 -10.85
C ASP X 185 4.17 54.93 -11.13
N LYS X 186 4.33 56.21 -10.82
CA LYS X 186 3.26 57.21 -11.00
C LYS X 186 2.90 57.44 -12.46
N ASP X 187 3.79 57.04 -13.37
CA ASP X 187 3.58 57.22 -14.81
C ASP X 187 3.08 55.95 -15.49
N GLY X 188 2.89 54.89 -14.72
CA GLY X 188 2.37 53.63 -15.23
C GLY X 188 3.39 52.51 -15.21
N ILE X 189 3.32 51.65 -16.23
CA ILE X 189 4.16 50.47 -16.32
C ILE X 189 5.04 50.51 -17.56
N ARG X 190 6.35 50.28 -17.38
CA ARG X 190 7.30 50.24 -18.50
C ARG X 190 8.26 49.06 -18.34
N GLN X 191 8.85 48.61 -19.46
CA GLN X 191 9.75 47.46 -19.47
C GLN X 191 11.21 47.86 -19.71
N VAL X 192 12.09 47.42 -18.81
CA VAL X 192 13.54 47.63 -18.96
C VAL X 192 14.11 46.51 -19.83
N ASP X 193 14.54 46.87 -21.03
CA ASP X 193 15.01 45.88 -22.00
C ASP X 193 16.50 45.50 -21.82
N ASP X 194 17.34 46.49 -21.57
CA ASP X 194 18.77 46.26 -21.38
C ASP X 194 19.10 45.87 -19.93
N PHE X 195 18.69 44.66 -19.56
CA PHE X 195 18.97 44.13 -18.22
C PHE X 195 19.86 42.89 -18.28
N GLN X 196 19.53 41.98 -19.21
CA GLN X 196 20.22 40.71 -19.38
C GLN X 196 21.66 40.87 -19.90
N ALA X 197 22.01 42.09 -20.32
CA ALA X 197 23.37 42.41 -20.76
C ALA X 197 23.77 43.82 -20.29
N GLN X 198 23.45 44.14 -19.03
CA GLN X 198 23.70 45.46 -18.45
C GLN X 198 25.17 45.70 -18.13
N THR Y 1 6.06 9.61 -31.10
CA THR Y 1 6.12 10.69 -32.10
C THR Y 1 7.35 11.59 -32.08
N THR Y 2 7.76 12.10 -33.26
CA THR Y 2 8.42 13.40 -33.38
C THR Y 2 7.68 14.35 -34.34
N THR Y 3 7.49 15.59 -33.91
CA THR Y 3 6.92 16.64 -34.76
C THR Y 3 7.69 17.94 -34.55
N LEU Y 4 7.96 18.67 -35.63
CA LEU Y 4 8.54 20.01 -35.51
C LEU Y 4 7.82 21.05 -36.38
N ALA Y 5 8.00 22.32 -36.00
CA ALA Y 5 7.57 23.45 -36.81
C ALA Y 5 8.43 24.66 -36.49
N PHE Y 6 8.95 25.31 -37.52
CA PHE Y 6 9.74 26.52 -37.33
C PHE Y 6 9.39 27.64 -38.30
N ARG Y 7 9.79 28.85 -37.93
CA ARG Y 7 9.48 30.07 -38.67
C ARG Y 7 10.76 30.62 -39.28
N PHE Y 8 10.66 31.12 -40.51
CA PHE Y 8 11.80 31.66 -41.24
C PHE Y 8 11.39 32.68 -42.31
N GLN Y 9 12.39 33.24 -42.98
CA GLN Y 9 12.23 34.21 -44.07
C GLN Y 9 11.06 33.93 -45.01
N GLY Y 10 10.92 32.68 -45.42
CA GLY Y 10 9.91 32.29 -46.41
C GLY Y 10 8.67 31.62 -45.85
N GLY Y 11 8.39 31.86 -44.57
CA GLY Y 11 7.17 31.36 -43.93
C GLY Y 11 7.40 30.37 -42.81
N ILE Y 12 6.72 29.22 -42.90
CA ILE Y 12 6.78 28.18 -41.87
C ILE Y 12 7.05 26.81 -42.50
N ILE Y 13 7.94 26.06 -41.88
CA ILE Y 13 8.11 24.64 -42.20
C ILE Y 13 7.47 23.79 -41.10
N VAL Y 14 6.67 22.82 -41.51
CA VAL Y 14 6.14 21.81 -40.59
C VAL Y 14 6.55 20.43 -41.10
N ALA Y 15 7.14 19.64 -40.21
CA ALA Y 15 7.53 18.25 -40.52
C ALA Y 15 7.20 17.32 -39.36
N VAL Y 16 6.68 16.14 -39.69
CA VAL Y 16 6.28 15.13 -38.70
C VAL Y 16 6.70 13.73 -39.15
N ASP Y 17 6.75 12.79 -38.21
CA ASP Y 17 6.91 11.38 -38.58
C ASP Y 17 5.54 10.72 -38.75
N SER Y 18 5.50 9.40 -38.89
CA SER Y 18 4.22 8.71 -39.09
C SER Y 18 4.06 7.42 -38.27
N ARG Y 19 4.78 7.32 -37.15
CA ARG Y 19 4.76 6.09 -36.36
C ARG Y 19 3.81 6.12 -35.17
N ALA Y 20 3.01 5.06 -35.04
CA ALA Y 20 2.12 4.89 -33.89
C ALA Y 20 2.52 3.62 -33.13
N THR Y 21 2.68 3.75 -31.82
CA THR Y 21 3.07 2.62 -30.99
C THR Y 21 2.09 2.34 -29.85
N ALA Y 22 1.96 1.06 -29.51
CA ALA Y 22 1.29 0.64 -28.28
C ALA Y 22 2.32 -0.15 -27.49
N GLY Y 23 3.00 0.54 -26.58
CA GLY Y 23 4.14 -0.03 -25.87
C GLY Y 23 5.30 -0.20 -26.82
N ASN Y 24 5.81 -1.43 -26.91
CA ASN Y 24 6.89 -1.78 -27.83
C ASN Y 24 6.37 -2.27 -29.17
N TRP Y 25 5.06 -2.48 -29.25
CA TRP Y 25 4.41 -2.86 -30.49
C TRP Y 25 4.26 -1.65 -31.41
N VAL Y 26 4.83 -1.75 -32.60
CA VAL Y 26 4.63 -0.76 -33.65
C VAL Y 26 3.24 -0.98 -34.25
N ALA Y 27 2.32 -0.06 -33.94
CA ALA Y 27 0.93 -0.19 -34.36
C ALA Y 27 0.74 0.25 -35.82
N SER Y 28 1.46 1.28 -36.22
CA SER Y 28 1.41 1.80 -37.59
C SER Y 28 2.68 2.57 -37.97
N GLN Y 29 2.93 2.63 -39.27
CA GLN Y 29 4.05 3.41 -39.83
C GLN Y 29 3.50 4.44 -40.82
N THR Y 30 2.18 4.56 -40.87
CA THR Y 30 1.50 5.37 -41.88
C THR Y 30 0.39 6.26 -41.30
N VAL Y 31 0.69 6.92 -40.19
CA VAL Y 31 -0.28 7.79 -39.54
C VAL Y 31 -0.06 9.24 -39.94
N LYS Y 32 -1.06 9.83 -40.58
CA LYS Y 32 -1.06 11.25 -40.87
C LYS Y 32 -1.14 12.01 -39.55
N LYS Y 33 -0.06 12.72 -39.21
CA LYS Y 33 0.02 13.45 -37.95
C LYS Y 33 -0.18 14.95 -38.12
N VAL Y 34 -0.50 15.36 -39.35
CA VAL Y 34 -0.86 16.74 -39.63
C VAL Y 34 -2.32 16.83 -40.04
N ILE Y 35 -3.05 17.73 -39.39
CA ILE Y 35 -4.44 17.98 -39.72
C ILE Y 35 -4.52 19.28 -40.50
N GLU Y 36 -5.20 19.24 -41.64
CA GLU Y 36 -5.45 20.42 -42.44
C GLU Y 36 -6.77 21.03 -41.98
N ILE Y 37 -6.68 22.09 -41.19
CA ILE Y 37 -7.85 22.78 -40.63
C ILE Y 37 -8.59 23.54 -41.72
N ASN Y 38 -7.83 24.34 -42.46
CA ASN Y 38 -8.30 25.01 -43.69
C ASN Y 38 -7.11 25.26 -44.63
N PRO Y 39 -7.33 25.94 -45.78
CA PRO Y 39 -6.20 26.22 -46.67
C PRO Y 39 -5.03 27.01 -46.06
N PHE Y 40 -5.26 27.58 -44.87
CA PHE Y 40 -4.27 28.46 -44.23
C PHE Y 40 -3.84 28.02 -42.83
N LEU Y 41 -4.44 26.95 -42.31
CA LEU Y 41 -4.16 26.47 -40.94
C LEU Y 41 -3.81 24.99 -40.85
N LEU Y 42 -2.71 24.68 -40.16
CA LEU Y 42 -2.29 23.30 -39.89
C LEU Y 42 -2.21 23.01 -38.39
N GLY Y 43 -2.48 21.75 -38.04
CA GLY Y 43 -2.33 21.28 -36.67
C GLY Y 43 -1.55 19.98 -36.63
N THR Y 44 -0.52 19.94 -35.79
CA THR Y 44 0.33 18.74 -35.65
C THR Y 44 -0.12 17.90 -34.46
N MET Y 45 0.14 16.60 -34.52
CA MET Y 45 -0.35 15.66 -33.49
C MET Y 45 0.77 14.90 -32.79
N ALA Y 46 0.72 14.87 -31.45
CA ALA Y 46 1.65 14.07 -30.64
C ALA Y 46 1.05 13.76 -29.28
N GLY Y 47 1.24 12.53 -28.82
CA GLY Y 47 0.65 12.06 -27.57
C GLY Y 47 -0.29 10.91 -27.84
N GLY Y 48 -1.49 10.97 -27.28
CA GLY Y 48 -2.50 9.95 -27.50
C GLY Y 48 -3.13 10.13 -28.86
N ALA Y 49 -3.14 9.07 -29.66
CA ALA Y 49 -3.63 9.11 -31.03
C ALA Y 49 -5.06 9.62 -31.09
N ALA Y 50 -5.99 8.87 -30.49
CA ALA Y 50 -7.40 9.26 -30.44
C ALA Y 50 -7.61 10.68 -29.90
N ASP Y 51 -6.93 11.01 -28.80
CA ASP Y 51 -7.07 12.33 -28.17
C ASP Y 51 -6.78 13.47 -29.13
N CYS Y 52 -5.66 13.39 -29.84
CA CYS Y 52 -5.27 14.41 -30.81
C CYS Y 52 -6.23 14.42 -31.99
N GLN Y 53 -6.45 13.24 -32.56
CA GLN Y 53 -7.25 13.07 -33.78
C GLN Y 53 -8.69 13.55 -33.60
N PHE Y 54 -9.30 13.21 -32.46
CA PHE Y 54 -10.68 13.60 -32.16
C PHE Y 54 -10.82 15.10 -31.96
N TRP Y 55 -9.94 15.68 -31.14
CA TRP Y 55 -10.08 17.08 -30.76
C TRP Y 55 -9.63 18.07 -31.82
N GLU Y 56 -8.60 17.72 -32.57
CA GLU Y 56 -8.16 18.57 -33.67
C GLU Y 56 -9.12 18.52 -34.87
N THR Y 57 -9.88 17.45 -34.98
CA THR Y 57 -10.95 17.38 -35.98
C THR Y 57 -12.09 18.28 -35.51
N TRP Y 58 -12.36 18.24 -34.20
CA TRP Y 58 -13.36 19.11 -33.58
C TRP Y 58 -12.96 20.58 -33.70
N LEU Y 59 -11.65 20.85 -33.62
CA LEU Y 59 -11.12 22.20 -33.76
C LEU Y 59 -11.47 22.79 -35.11
N GLY Y 60 -11.33 21.99 -36.16
CA GLY Y 60 -11.62 22.42 -37.53
C GLY Y 60 -13.08 22.78 -37.71
N SER Y 61 -13.94 22.10 -36.98
CA SER Y 61 -15.37 22.36 -37.02
C SER Y 61 -15.71 23.69 -36.36
N GLN Y 62 -14.98 24.04 -35.30
CA GLN Y 62 -15.14 25.32 -34.63
C GLN Y 62 -14.59 26.48 -35.48
N CYS Y 63 -13.48 26.23 -36.16
CA CYS Y 63 -12.86 27.22 -37.04
C CYS Y 63 -13.73 27.55 -38.25
N ARG Y 64 -14.39 26.52 -38.78
CA ARG Y 64 -15.32 26.66 -39.90
C ARG Y 64 -16.57 27.44 -39.44
N LEU Y 65 -16.99 27.17 -38.21
CA LEU Y 65 -18.14 27.83 -37.62
C LEU Y 65 -17.84 29.31 -37.33
N HIS Y 66 -16.58 29.61 -37.04
CA HIS Y 66 -16.11 31.00 -36.88
C HIS Y 66 -16.18 31.77 -38.20
N GLU Y 67 -15.87 31.09 -39.31
CA GLU Y 67 -15.92 31.71 -40.64
C GLU Y 67 -17.34 32.11 -41.04
N LEU Y 68 -18.30 31.25 -40.72
CA LEU Y 68 -19.70 31.50 -41.03
C LEU Y 68 -20.27 32.64 -40.18
N ARG Y 69 -19.93 32.63 -38.89
CA ARG Y 69 -20.43 33.60 -37.94
C ARG Y 69 -19.87 35.00 -38.17
N GLU Y 70 -18.56 35.07 -38.42
CA GLU Y 70 -17.85 36.35 -38.48
C GLU Y 70 -17.53 36.83 -39.89
N LYS Y 71 -17.86 36.01 -40.89
CA LYS Y 71 -17.60 36.31 -42.31
C LYS Y 71 -16.12 36.62 -42.57
N GLU Y 72 -15.25 35.90 -41.85
CA GLU Y 72 -13.81 36.13 -41.86
C GLU Y 72 -13.11 34.88 -41.33
N ARG Y 73 -11.93 34.57 -41.88
CA ARG Y 73 -11.18 33.40 -41.47
C ARG Y 73 -10.56 33.59 -40.07
N ILE Y 74 -10.57 32.52 -39.28
CA ILE Y 74 -10.10 32.55 -37.90
C ILE Y 74 -8.58 32.82 -37.82
N SER Y 75 -8.16 33.57 -36.82
CA SER Y 75 -6.74 33.82 -36.58
C SER Y 75 -6.10 32.60 -35.93
N VAL Y 76 -4.76 32.51 -36.02
CA VAL Y 76 -4.02 31.45 -35.37
C VAL Y 76 -4.14 31.54 -33.85
N ALA Y 77 -4.11 32.77 -33.33
CA ALA Y 77 -4.28 33.04 -31.91
C ALA Y 77 -5.58 32.47 -31.36
N ALA Y 78 -6.70 32.83 -31.99
CA ALA Y 78 -8.01 32.36 -31.58
C ALA Y 78 -8.20 30.85 -31.78
N ALA Y 79 -7.67 30.33 -32.89
CA ALA Y 79 -7.76 28.90 -33.20
C ALA Y 79 -6.98 28.04 -32.21
N SER Y 80 -5.86 28.55 -31.73
CA SER Y 80 -5.05 27.85 -30.74
C SER Y 80 -5.74 27.87 -29.39
N LYS Y 81 -6.39 29.00 -29.08
CA LYS Y 81 -7.02 29.18 -27.79
C LYS Y 81 -8.32 28.39 -27.63
N ILE Y 82 -8.99 28.08 -28.75
CA ILE Y 82 -10.16 27.19 -28.73
C ILE Y 82 -9.71 25.83 -28.20
N LEU Y 83 -8.66 25.28 -28.81
CA LEU Y 83 -8.09 23.99 -28.38
C LEU Y 83 -7.53 24.07 -26.95
N SER Y 84 -6.86 25.17 -26.65
CA SER Y 84 -6.25 25.40 -25.35
C SER Y 84 -7.27 25.47 -24.20
N ASN Y 85 -8.40 26.12 -24.44
CA ASN Y 85 -9.45 26.25 -23.43
C ASN Y 85 -10.24 24.98 -23.23
N LEU Y 86 -10.43 24.23 -24.32
CA LEU Y 86 -11.12 22.95 -24.28
C LEU Y 86 -10.30 21.97 -23.45
N VAL Y 87 -9.06 21.76 -23.89
CA VAL Y 87 -8.11 20.94 -23.16
C VAL Y 87 -8.03 21.29 -21.66
N TYR Y 88 -8.14 22.57 -21.33
CA TYR Y 88 -8.09 23.02 -19.94
C TYR Y 88 -9.31 22.59 -19.12
N GLN Y 89 -10.49 22.55 -19.76
CA GLN Y 89 -11.70 22.04 -19.11
C GLN Y 89 -11.52 20.59 -18.67
N TYR Y 90 -10.63 19.87 -19.36
CA TYR Y 90 -10.38 18.46 -19.09
C TYR Y 90 -9.17 18.21 -18.19
N LYS Y 91 -8.40 19.27 -17.90
CA LYS Y 91 -7.17 19.14 -17.10
C LYS Y 91 -7.37 18.23 -15.88
N GLY Y 92 -6.54 17.19 -15.80
CA GLY Y 92 -6.59 16.22 -14.71
C GLY Y 92 -7.35 14.95 -15.04
N ALA Y 93 -8.08 14.96 -16.16
CA ALA Y 93 -8.90 13.82 -16.56
C ALA Y 93 -8.09 12.73 -17.25
N GLY Y 94 -6.87 13.07 -17.64
CA GLY Y 94 -5.97 12.10 -18.24
C GLY Y 94 -5.69 12.26 -19.72
N LEU Y 95 -6.22 13.33 -20.33
CA LEU Y 95 -5.93 13.61 -21.74
C LEU Y 95 -4.43 13.84 -21.97
N SER Y 96 -3.92 13.29 -23.06
CA SER Y 96 -2.50 13.35 -23.36
C SER Y 96 -2.28 13.82 -24.79
N MET Y 97 -1.93 15.09 -24.94
CA MET Y 97 -1.65 15.66 -26.27
C MET Y 97 -0.62 16.79 -26.25
N GLY Y 98 0.24 16.79 -27.27
CA GLY Y 98 1.25 17.82 -27.48
C GLY Y 98 1.16 18.28 -28.92
N THR Y 99 0.49 19.42 -29.11
CA THR Y 99 0.12 19.87 -30.45
C THR Y 99 0.71 21.23 -30.82
N MET Y 100 0.91 21.44 -32.11
CA MET Y 100 1.28 22.75 -32.63
C MET Y 100 0.23 23.19 -33.63
N ILE Y 101 -0.11 24.48 -33.60
CA ILE Y 101 -1.08 25.05 -34.52
C ILE Y 101 -0.41 26.17 -35.31
N CYS Y 102 -0.32 25.97 -36.63
CA CYS Y 102 0.45 26.85 -37.50
C CYS Y 102 -0.38 27.36 -38.66
N GLY Y 103 -0.23 28.64 -38.97
CA GLY Y 103 -0.92 29.25 -40.10
C GLY Y 103 -0.51 30.67 -40.40
N TYR Y 104 -1.07 31.22 -41.48
CA TYR Y 104 -0.82 32.60 -41.87
C TYR Y 104 -2.14 33.37 -41.94
N THR Y 105 -2.12 34.59 -41.40
CA THR Y 105 -3.17 35.58 -41.62
C THR Y 105 -2.54 36.93 -41.94
N ARG Y 106 -3.35 37.87 -42.42
CA ARG Y 106 -2.87 39.22 -42.69
C ARG Y 106 -2.55 39.95 -41.39
N LYS Y 107 -3.36 39.71 -40.36
CA LYS Y 107 -3.18 40.29 -39.03
C LYS Y 107 -1.85 39.92 -38.39
N GLU Y 108 -1.53 38.62 -38.41
CA GLU Y 108 -0.44 38.08 -37.60
C GLU Y 108 0.83 37.77 -38.40
N GLY Y 109 0.65 37.36 -39.66
CA GLY Y 109 1.75 36.81 -40.44
C GLY Y 109 1.92 35.34 -40.12
N PRO Y 110 3.11 34.77 -40.40
CA PRO Y 110 3.37 33.38 -40.05
C PRO Y 110 3.45 33.23 -38.54
N THR Y 111 2.71 32.27 -37.99
CA THR Y 111 2.59 32.11 -36.55
C THR Y 111 2.53 30.64 -36.13
N ILE Y 112 3.30 30.31 -35.09
CA ILE Y 112 3.26 28.97 -34.48
C ILE Y 112 2.78 29.08 -33.03
N TYR Y 113 1.86 28.20 -32.65
CA TYR Y 113 1.46 28.08 -31.25
C TYR Y 113 1.67 26.65 -30.76
N TYR Y 114 2.34 26.52 -29.62
CA TYR Y 114 2.45 25.24 -28.92
C TYR Y 114 1.29 25.15 -27.92
N VAL Y 115 0.53 24.05 -28.01
CA VAL Y 115 -0.59 23.80 -27.11
C VAL Y 115 -0.50 22.34 -26.64
N ASP Y 116 -0.47 22.15 -25.32
CA ASP Y 116 -0.44 20.80 -24.74
C ASP Y 116 -1.56 20.57 -23.73
N SER Y 117 -1.78 19.31 -23.37
CA SER Y 117 -2.91 18.93 -22.53
C SER Y 117 -2.76 19.32 -21.05
N ASP Y 118 -1.61 19.89 -20.70
CA ASP Y 118 -1.42 20.51 -19.38
C ASP Y 118 -2.15 21.85 -19.33
N GLY Y 119 -2.42 22.44 -20.50
CA GLY Y 119 -3.04 23.75 -20.60
C GLY Y 119 -2.08 24.82 -21.09
N THR Y 120 -0.81 24.44 -21.20
CA THR Y 120 0.26 25.32 -21.68
C THR Y 120 0.01 25.76 -23.13
N ARG Y 121 0.00 27.07 -23.35
CA ARG Y 121 -0.13 27.66 -24.69
C ARG Y 121 0.95 28.72 -24.89
N LEU Y 122 1.82 28.49 -25.86
CA LEU Y 122 2.98 29.38 -26.09
C LEU Y 122 3.14 29.76 -27.56
N LYS Y 123 3.48 31.03 -27.78
CA LYS Y 123 3.86 31.49 -29.11
C LYS Y 123 5.37 31.43 -29.23
N GLY Y 124 5.86 31.02 -30.40
CA GLY Y 124 7.30 30.93 -30.63
C GLY Y 124 7.69 30.70 -32.08
N ASP Y 125 8.99 30.80 -32.35
CA ASP Y 125 9.51 30.63 -33.70
C ASP Y 125 9.87 29.18 -34.01
N ILE Y 126 10.33 28.44 -33.00
CA ILE Y 126 10.79 27.06 -33.17
C ILE Y 126 10.23 26.15 -32.06
N PHE Y 127 9.66 25.01 -32.45
CA PHE Y 127 9.18 24.00 -31.49
C PHE Y 127 9.42 22.58 -31.99
N CYS Y 128 9.74 21.68 -31.06
CA CYS Y 128 9.77 20.25 -31.32
C CYS Y 128 8.99 19.54 -30.23
N VAL Y 129 8.04 18.70 -30.64
CA VAL Y 129 7.13 18.05 -29.71
C VAL Y 129 7.15 16.54 -29.91
N GLY Y 130 7.10 15.80 -28.79
CA GLY Y 130 7.03 14.35 -28.83
C GLY Y 130 8.24 13.68 -28.21
N SER Y 131 8.21 12.35 -28.20
CA SER Y 131 9.25 11.53 -27.56
C SER Y 131 10.62 11.65 -28.22
N GLY Y 132 10.65 12.05 -29.48
CA GLY Y 132 11.92 12.23 -30.18
C GLY Y 132 12.32 13.69 -30.36
N GLN Y 133 11.67 14.58 -29.62
CA GLN Y 133 11.88 16.03 -29.76
C GLN Y 133 13.33 16.47 -29.60
N THR Y 134 14.00 15.92 -28.60
CA THR Y 134 15.38 16.28 -28.27
C THR Y 134 16.35 15.95 -29.39
N PHE Y 135 16.08 14.89 -30.13
CA PHE Y 135 16.92 14.51 -31.27
C PHE Y 135 16.75 15.51 -32.41
N ALA Y 136 15.51 15.94 -32.64
CA ALA Y 136 15.19 16.96 -33.64
C ALA Y 136 15.84 18.31 -33.33
N TYR Y 137 15.78 18.73 -32.07
CA TYR Y 137 16.41 19.99 -31.63
C TYR Y 137 17.91 20.05 -31.93
N GLY Y 138 18.61 18.94 -31.69
CA GLY Y 138 20.06 18.86 -31.89
C GLY Y 138 20.47 19.22 -33.31
N VAL Y 139 19.71 18.74 -34.28
CA VAL Y 139 19.96 19.00 -35.69
C VAL Y 139 19.41 20.37 -36.10
N LEU Y 140 18.24 20.71 -35.57
CA LEU Y 140 17.55 21.94 -35.92
C LEU Y 140 18.26 23.20 -35.40
N ASP Y 141 18.54 23.24 -34.10
CA ASP Y 141 19.18 24.39 -33.46
C ASP Y 141 20.58 24.70 -33.98
N SER Y 142 21.27 23.66 -34.46
CA SER Y 142 22.67 23.79 -34.90
C SER Y 142 22.80 24.19 -36.39
N ASN Y 143 21.71 24.09 -37.14
CA ASN Y 143 21.71 24.40 -38.56
C ASN Y 143 20.72 25.49 -38.94
N TYR Y 144 19.98 26.00 -37.96
CA TYR Y 144 18.95 26.99 -38.24
C TYR Y 144 19.51 28.39 -38.42
N LYS Y 145 19.15 29.00 -39.56
CA LYS Y 145 19.25 30.45 -39.75
C LYS Y 145 17.88 30.97 -40.12
N TRP Y 146 17.63 32.24 -39.86
CA TRP Y 146 16.43 32.91 -40.36
C TRP Y 146 16.49 33.06 -41.89
N ASP Y 147 17.71 33.28 -42.40
CA ASP Y 147 17.93 33.55 -43.83
C ASP Y 147 17.99 32.30 -44.72
N LEU Y 148 17.53 31.16 -44.18
CA LEU Y 148 17.44 29.91 -44.94
C LEU Y 148 16.53 30.06 -46.16
N SER Y 149 16.94 29.46 -47.27
CA SER Y 149 16.11 29.41 -48.46
C SER Y 149 14.98 28.41 -48.26
N VAL Y 150 13.92 28.55 -49.05
CA VAL Y 150 12.77 27.64 -48.99
C VAL Y 150 13.23 26.18 -49.18
N GLU Y 151 14.13 25.98 -50.13
CA GLU Y 151 14.69 24.66 -50.43
C GLU Y 151 15.49 24.08 -49.25
N ASP Y 152 16.34 24.92 -48.63
CA ASP Y 152 17.16 24.50 -47.49
C ASP Y 152 16.35 24.30 -46.20
N ALA Y 153 15.34 25.14 -46.00
CA ALA Y 153 14.47 25.03 -44.84
C ALA Y 153 13.61 23.76 -44.90
N LEU Y 154 13.16 23.42 -46.10
CA LEU Y 154 12.44 22.17 -46.32
C LEU Y 154 13.33 20.98 -45.96
N TYR Y 155 14.55 20.97 -46.51
CA TYR Y 155 15.50 19.90 -46.25
C TYR Y 155 15.82 19.74 -44.77
N LEU Y 156 16.09 20.85 -44.09
CA LEU Y 156 16.43 20.84 -42.67
C LEU Y 156 15.32 20.22 -41.82
N GLY Y 157 14.09 20.66 -42.04
CA GLY Y 157 12.93 20.11 -41.34
C GLY Y 157 12.81 18.62 -41.54
N LYS Y 158 13.02 18.17 -42.78
CA LYS Y 158 12.99 16.76 -43.13
C LYS Y 158 14.12 15.99 -42.43
N ARG Y 159 15.34 16.53 -42.52
CA ARG Y 159 16.53 15.92 -41.94
C ARG Y 159 16.44 15.78 -40.43
N SER Y 160 15.80 16.75 -39.79
CA SER Y 160 15.63 16.74 -38.35
C SER Y 160 14.66 15.64 -37.89
N ILE Y 161 13.65 15.34 -38.71
CA ILE Y 161 12.74 14.23 -38.41
C ILE Y 161 13.48 12.91 -38.58
N LEU Y 162 14.27 12.80 -39.66
CA LEU Y 162 15.12 11.64 -39.89
C LEU Y 162 16.03 11.38 -38.69
N ALA Y 163 16.67 12.45 -38.21
CA ALA Y 163 17.54 12.39 -37.03
C ALA Y 163 16.86 11.68 -35.86
N ALA Y 164 15.63 12.10 -35.56
CA ALA Y 164 14.87 11.53 -34.44
C ALA Y 164 14.37 10.13 -34.75
N ALA Y 165 13.90 9.92 -35.98
CA ALA Y 165 13.41 8.62 -36.41
C ALA Y 165 14.47 7.55 -36.21
N HIS Y 166 15.72 7.91 -36.50
CA HIS Y 166 16.88 7.03 -36.35
C HIS Y 166 17.14 6.64 -34.90
N ARG Y 167 17.33 7.64 -34.03
CA ARG Y 167 17.70 7.38 -32.63
C ARG Y 167 16.54 6.98 -31.72
N ASP Y 168 15.42 7.70 -31.82
CA ASP Y 168 14.23 7.42 -31.01
C ASP Y 168 13.53 6.17 -31.53
N ALA Y 169 13.34 5.21 -30.62
CA ALA Y 169 12.73 3.94 -30.96
C ALA Y 169 11.24 4.10 -31.29
N TYR Y 170 10.63 5.13 -30.68
CA TYR Y 170 9.21 5.39 -30.85
C TYR Y 170 8.92 6.42 -31.95
N SER Y 171 9.91 6.68 -32.79
CA SER Y 171 9.75 7.52 -33.97
C SER Y 171 10.19 6.76 -35.21
N GLY Y 172 9.51 7.02 -36.32
CA GLY Y 172 9.88 6.44 -37.60
C GLY Y 172 8.75 6.41 -38.62
N GLY Y 173 8.86 5.46 -39.55
CA GLY Y 173 7.92 5.34 -40.64
C GLY Y 173 8.34 6.21 -41.82
N SER Y 174 7.79 7.42 -41.87
CA SER Y 174 8.02 8.33 -42.99
C SER Y 174 7.93 9.79 -42.55
N VAL Y 175 8.48 10.69 -43.37
CA VAL Y 175 8.42 12.13 -43.12
C VAL Y 175 7.36 12.77 -44.00
N ASN Y 176 6.48 13.58 -43.40
CA ASN Y 176 5.53 14.39 -44.14
C ASN Y 176 5.89 15.86 -43.99
N LEU Y 177 6.03 16.55 -45.13
CA LEU Y 177 6.49 17.93 -45.16
C LEU Y 177 5.39 18.92 -45.55
N TYR Y 178 5.40 20.07 -44.89
CA TYR Y 178 4.51 21.17 -45.24
C TYR Y 178 5.23 22.51 -45.23
N HIS Y 179 4.87 23.37 -46.17
CA HIS Y 179 5.39 24.73 -46.23
C HIS Y 179 4.22 25.71 -46.23
N VAL Y 180 4.18 26.57 -45.22
CA VAL Y 180 3.13 27.57 -45.10
C VAL Y 180 3.59 28.92 -45.64
N THR Y 181 2.88 29.41 -46.64
CA THR Y 181 3.25 30.65 -47.32
C THR Y 181 2.22 31.75 -47.07
N GLU Y 182 2.52 32.93 -47.61
CA GLU Y 182 1.57 34.03 -47.69
C GLU Y 182 0.24 33.55 -48.28
N ASP Y 183 0.30 32.51 -49.12
CA ASP Y 183 -0.85 32.02 -49.86
C ASP Y 183 -1.47 30.74 -49.30
N GLY Y 184 -0.88 30.22 -48.21
CA GLY Y 184 -1.40 29.01 -47.55
C GLY Y 184 -0.41 27.87 -47.53
N TRP Y 185 -0.83 26.74 -46.98
CA TRP Y 185 0.06 25.57 -46.88
C TRP Y 185 0.25 24.86 -48.21
N ILE Y 186 1.45 24.30 -48.39
CA ILE Y 186 1.77 23.47 -49.54
C ILE Y 186 2.38 22.17 -49.06
N TYR Y 187 1.78 21.04 -49.45
CA TYR Y 187 2.27 19.72 -49.09
C TYR Y 187 3.49 19.34 -49.93
N HIS Y 188 4.57 18.96 -49.26
CA HIS Y 188 5.83 18.64 -49.95
C HIS Y 188 6.24 17.17 -49.82
N GLY Y 189 5.26 16.29 -49.67
CA GLY Y 189 5.46 14.85 -49.88
C GLY Y 189 5.61 13.95 -48.66
N ASN Y 190 5.49 12.65 -48.91
CA ASN Y 190 5.71 11.61 -47.92
C ASN Y 190 7.03 10.90 -48.22
N HIS Y 191 7.94 10.94 -47.27
CA HIS Y 191 9.30 10.45 -47.50
C HIS Y 191 9.65 9.28 -46.56
N ASP Y 192 9.64 8.08 -47.13
CA ASP Y 192 9.91 6.85 -46.39
C ASP Y 192 11.35 6.83 -45.88
N VAL Y 193 11.51 6.57 -44.59
CA VAL Y 193 12.83 6.51 -43.96
C VAL Y 193 13.66 5.34 -44.48
N GLY Y 194 13.00 4.24 -44.84
CA GLY Y 194 13.64 3.07 -45.43
C GLY Y 194 14.46 3.39 -46.68
N GLU Y 195 14.12 4.48 -47.35
CA GLU Y 195 14.82 4.94 -48.54
C GLU Y 195 15.53 6.27 -48.30
N LEU Y 196 14.97 7.08 -47.40
CA LEU Y 196 15.50 8.42 -47.14
C LEU Y 196 16.84 8.38 -46.42
N PHE Y 197 16.96 7.51 -45.42
CA PHE Y 197 18.19 7.33 -44.67
C PHE Y 197 19.41 7.12 -45.58
N TRP Y 198 19.34 6.10 -46.44
CA TRP Y 198 20.45 5.71 -47.29
C TRP Y 198 20.79 6.78 -48.33
N LYS Y 199 19.75 7.42 -48.85
CA LYS Y 199 19.89 8.55 -49.77
C LYS Y 199 20.65 9.68 -49.10
N VAL Y 200 20.22 10.02 -47.89
CA VAL Y 200 20.85 11.08 -47.11
C VAL Y 200 22.29 10.70 -46.72
N LYS Y 201 22.46 9.49 -46.21
CA LYS Y 201 23.77 9.00 -45.77
C LYS Y 201 24.83 9.13 -46.88
N GLU Y 202 24.48 8.64 -48.06
CA GLU Y 202 25.39 8.68 -49.22
C GLU Y 202 25.65 10.12 -49.66
N GLU Y 203 24.59 10.91 -49.80
CA GLU Y 203 24.69 12.28 -50.32
C GLU Y 203 25.38 13.24 -49.36
N GLU Y 204 25.14 13.07 -48.08
CA GLU Y 204 25.64 14.01 -47.07
C GLU Y 204 26.96 13.56 -46.46
N GLY Y 205 27.20 12.25 -46.44
CA GLY Y 205 28.39 11.68 -45.82
C GLY Y 205 28.24 11.46 -44.33
N SER Y 206 27.04 11.72 -43.80
CA SER Y 206 26.76 11.58 -42.38
C SER Y 206 26.41 10.14 -41.99
N PHE Y 207 25.89 9.96 -40.78
CA PHE Y 207 25.55 8.64 -40.23
C PHE Y 207 26.69 7.62 -40.36
N ASN Y 208 27.83 7.95 -39.74
CA ASN Y 208 29.01 7.08 -39.78
C ASN Y 208 28.95 5.98 -38.73
N ASN Y 209 28.09 6.17 -37.74
CA ASN Y 209 27.80 5.16 -36.72
C ASN Y 209 27.14 3.89 -37.30
N VAL Y 210 26.85 3.92 -38.60
CA VAL Y 210 26.07 2.86 -39.25
C VAL Y 210 26.88 2.04 -40.25
N ILE Y 211 26.75 0.72 -40.17
CA ILE Y 211 27.33 -0.20 -41.15
C ILE Y 211 26.49 -0.20 -42.42
N GLY Y 212 27.03 0.34 -43.50
CA GLY Y 212 26.29 0.41 -44.77
C GLY Y 212 27.15 0.79 -45.97
N GLN Z 1 -12.18 -6.59 -5.43
CA GLN Z 1 -12.91 -5.47 -6.10
C GLN Z 1 -13.32 -5.90 -7.52
N PHE Z 2 -14.54 -5.49 -7.92
CA PHE Z 2 -15.12 -5.87 -9.20
C PHE Z 2 -14.37 -5.31 -10.41
N ASN Z 3 -13.95 -6.21 -11.29
CA ASN Z 3 -13.28 -5.86 -12.54
C ASN Z 3 -14.30 -5.94 -13.68
N PRO Z 4 -14.67 -4.78 -14.26
CA PRO Z 4 -15.69 -4.74 -15.31
C PRO Z 4 -15.24 -5.36 -16.65
N TYR Z 5 -13.96 -5.60 -16.81
CA TYR Z 5 -13.41 -6.10 -18.08
C TYR Z 5 -13.02 -7.58 -18.04
N GLY Z 6 -13.06 -8.21 -19.20
CA GLY Z 6 -12.58 -9.57 -19.39
C GLY Z 6 -11.88 -9.69 -20.72
N ASP Z 7 -11.37 -10.87 -21.03
CA ASP Z 7 -10.65 -11.10 -22.28
C ASP Z 7 -11.11 -12.41 -22.90
N ASN Z 8 -11.85 -12.29 -24.00
CA ASN Z 8 -12.48 -13.43 -24.65
C ASN Z 8 -11.69 -13.97 -25.84
N GLY Z 9 -10.45 -13.53 -25.97
CA GLY Z 9 -9.51 -14.04 -26.96
C GLY Z 9 -9.93 -13.81 -28.39
N GLY Z 10 -9.58 -14.76 -29.26
CA GLY Z 10 -9.88 -14.65 -30.69
C GLY Z 10 -8.98 -13.68 -31.43
N THR Z 11 -9.12 -13.66 -32.75
CA THR Z 11 -8.29 -12.82 -33.61
C THR Z 11 -9.02 -12.54 -34.93
N ILE Z 12 -8.91 -11.31 -35.40
CA ILE Z 12 -9.51 -10.89 -36.67
C ILE Z 12 -8.45 -10.38 -37.65
N LEU Z 13 -8.82 -10.34 -38.93
CA LEU Z 13 -7.90 -9.97 -40.01
C LEU Z 13 -8.66 -9.41 -41.22
N GLY Z 14 -8.23 -8.25 -41.71
CA GLY Z 14 -8.87 -7.61 -42.85
C GLY Z 14 -7.91 -7.21 -43.96
N ILE Z 15 -8.29 -7.50 -45.20
CA ILE Z 15 -7.45 -7.19 -46.38
C ILE Z 15 -8.31 -6.61 -47.51
N ALA Z 16 -7.83 -5.48 -48.05
CA ALA Z 16 -8.50 -4.81 -49.15
C ALA Z 16 -7.88 -5.20 -50.48
N GLY Z 17 -8.73 -5.46 -51.47
CA GLY Z 17 -8.29 -5.73 -52.84
C GLY Z 17 -8.61 -4.55 -53.75
N GLU Z 18 -8.68 -4.82 -55.05
CA GLU Z 18 -9.00 -3.76 -56.00
C GLU Z 18 -10.49 -3.42 -55.99
N ASP Z 19 -11.35 -4.43 -56.17
CA ASP Z 19 -12.80 -4.24 -56.18
C ASP Z 19 -13.51 -5.10 -55.13
N PHE Z 20 -12.78 -5.45 -54.07
CA PHE Z 20 -13.29 -6.29 -53.00
C PHE Z 20 -12.53 -6.03 -51.68
N ALA Z 21 -13.07 -6.57 -50.59
CA ALA Z 21 -12.39 -6.58 -49.31
C ALA Z 21 -12.85 -7.79 -48.50
N VAL Z 22 -11.96 -8.33 -47.66
CA VAL Z 22 -12.31 -9.44 -46.78
C VAL Z 22 -12.12 -9.04 -45.33
N LEU Z 23 -12.94 -9.60 -44.45
CA LEU Z 23 -12.80 -9.45 -43.01
C LEU Z 23 -13.01 -10.81 -42.37
N ALA Z 24 -11.93 -11.38 -41.86
CA ALA Z 24 -11.96 -12.73 -41.30
C ALA Z 24 -11.76 -12.72 -39.80
N GLY Z 25 -12.23 -13.77 -39.15
CA GLY Z 25 -12.01 -13.97 -37.72
C GLY Z 25 -12.23 -15.43 -37.37
N ASP Z 26 -11.53 -15.90 -36.34
CA ASP Z 26 -11.79 -17.22 -35.79
C ASP Z 26 -13.13 -17.22 -35.05
N THR Z 27 -13.64 -18.40 -34.75
CA THR Z 27 -14.97 -18.52 -34.16
C THR Z 27 -14.91 -18.90 -32.68
N ARG Z 28 -13.70 -19.12 -32.17
CA ARG Z 28 -13.50 -19.53 -30.78
C ARG Z 28 -13.66 -18.36 -29.79
N ASN Z 29 -14.37 -18.62 -28.70
CA ASN Z 29 -14.58 -17.68 -27.60
C ASN Z 29 -14.07 -18.30 -26.30
N ILE Z 30 -13.14 -17.63 -25.62
CA ILE Z 30 -12.50 -18.20 -24.42
C ILE Z 30 -12.67 -17.37 -23.15
N THR Z 31 -12.45 -18.01 -22.01
CA THR Z 31 -12.31 -17.33 -20.72
C THR Z 31 -11.21 -18.04 -19.95
N ASP Z 32 -10.14 -17.30 -19.67
CA ASP Z 32 -8.92 -17.84 -19.05
C ASP Z 32 -8.41 -19.03 -19.86
N TYR Z 33 -8.54 -20.23 -19.31
CA TYR Z 33 -8.04 -21.44 -19.95
C TYR Z 33 -9.15 -22.37 -20.46
N SER Z 34 -10.39 -21.91 -20.33
CA SER Z 34 -11.56 -22.68 -20.76
C SER Z 34 -12.14 -22.14 -22.06
N ILE Z 35 -12.57 -23.06 -22.93
CA ILE Z 35 -13.29 -22.69 -24.15
C ILE Z 35 -14.77 -22.56 -23.83
N ASN Z 36 -15.32 -21.41 -24.19
CA ASN Z 36 -16.74 -21.14 -23.98
C ASN Z 36 -17.57 -21.62 -25.15
N SER Z 37 -17.09 -21.32 -26.35
CA SER Z 37 -17.74 -21.71 -27.59
C SER Z 37 -16.70 -21.97 -28.67
N ARG Z 38 -16.92 -23.01 -29.47
CA ARG Z 38 -16.07 -23.33 -30.60
C ARG Z 38 -16.56 -22.60 -31.84
N TYR Z 39 -17.85 -22.24 -31.84
CA TYR Z 39 -18.46 -21.47 -32.92
C TYR Z 39 -19.30 -20.30 -32.39
N GLU Z 40 -18.68 -19.14 -32.26
CA GLU Z 40 -19.38 -17.91 -31.92
C GLU Z 40 -18.97 -16.81 -32.89
N PRO Z 41 -19.83 -16.52 -33.90
CA PRO Z 41 -19.54 -15.54 -34.94
C PRO Z 41 -19.15 -14.18 -34.38
N LYS Z 42 -18.16 -13.55 -35.02
CA LYS Z 42 -17.49 -12.38 -34.48
C LYS Z 42 -17.38 -11.27 -35.52
N VAL Z 43 -17.69 -11.60 -36.77
CA VAL Z 43 -17.70 -10.64 -37.88
C VAL Z 43 -19.11 -10.57 -38.45
N PHE Z 44 -19.67 -9.37 -38.53
CA PHE Z 44 -21.08 -9.19 -38.87
C PHE Z 44 -21.35 -8.32 -40.09
N ASP Z 45 -22.43 -8.65 -40.81
CA ASP Z 45 -22.96 -7.78 -41.86
C ASP Z 45 -23.82 -6.69 -41.20
N CYS Z 46 -23.51 -5.43 -41.49
CA CYS Z 46 -24.18 -4.29 -40.85
C CYS Z 46 -25.07 -3.48 -41.80
N GLY Z 47 -25.25 -3.99 -43.01
CA GLY Z 47 -26.01 -3.27 -44.04
C GLY Z 47 -25.11 -2.31 -44.80
N ASP Z 48 -25.63 -1.80 -45.92
CA ASP Z 48 -24.90 -0.88 -46.81
C ASP Z 48 -23.53 -1.40 -47.23
N ASN Z 49 -23.43 -2.72 -47.39
CA ASN Z 49 -22.18 -3.40 -47.69
C ASN Z 49 -21.00 -3.00 -46.80
N ILE Z 50 -21.27 -2.99 -45.49
CA ILE Z 50 -20.25 -2.75 -44.49
C ILE Z 50 -20.19 -3.98 -43.58
N VAL Z 51 -18.98 -4.52 -43.41
CA VAL Z 51 -18.76 -5.61 -42.47
C VAL Z 51 -17.89 -5.12 -41.31
N MET Z 52 -18.15 -5.64 -40.12
CA MET Z 52 -17.56 -5.12 -38.90
C MET Z 52 -17.20 -6.24 -37.94
N SER Z 53 -16.09 -6.07 -37.23
CA SER Z 53 -15.76 -6.91 -36.09
C SER Z 53 -15.08 -6.08 -35.02
N ALA Z 54 -15.39 -6.37 -33.76
CA ALA Z 54 -14.80 -5.68 -32.61
C ALA Z 54 -14.22 -6.69 -31.62
N ASN Z 55 -12.94 -7.00 -31.79
CA ASN Z 55 -12.30 -8.08 -31.04
C ASN Z 55 -11.57 -7.63 -29.78
N GLY Z 56 -11.86 -8.30 -28.67
CA GLY Z 56 -11.22 -8.04 -27.39
C GLY Z 56 -12.07 -8.57 -26.25
N PHE Z 57 -12.88 -7.68 -25.68
CA PHE Z 57 -13.85 -8.04 -24.64
C PHE Z 57 -15.22 -8.15 -25.32
N ALA Z 58 -15.68 -9.39 -25.49
CA ALA Z 58 -16.86 -9.69 -26.32
C ALA Z 58 -18.14 -8.94 -25.91
N ALA Z 59 -18.29 -8.67 -24.61
CA ALA Z 59 -19.43 -7.89 -24.11
C ALA Z 59 -19.38 -6.45 -24.63
N ASP Z 60 -18.18 -5.89 -24.72
CA ASP Z 60 -18.00 -4.55 -25.28
C ASP Z 60 -18.15 -4.56 -26.80
N GLY Z 61 -17.67 -5.62 -27.44
CA GLY Z 61 -17.77 -5.76 -28.89
C GLY Z 61 -19.20 -5.97 -29.36
N ASP Z 62 -19.97 -6.68 -28.54
CA ASP Z 62 -21.39 -6.93 -28.82
C ASP Z 62 -22.22 -5.68 -28.68
N ALA Z 63 -21.80 -4.80 -27.78
CA ALA Z 63 -22.46 -3.51 -27.57
C ALA Z 63 -22.20 -2.59 -28.76
N LEU Z 64 -20.95 -2.50 -29.17
CA LEU Z 64 -20.53 -1.58 -30.22
C LEU Z 64 -21.17 -1.93 -31.56
N VAL Z 65 -21.09 -3.21 -31.93
CA VAL Z 65 -21.69 -3.70 -33.17
C VAL Z 65 -23.21 -3.47 -33.16
N LYS Z 66 -23.84 -3.75 -32.02
CA LYS Z 66 -25.26 -3.48 -31.83
C LYS Z 66 -25.58 -2.01 -31.97
N ARG Z 67 -24.68 -1.15 -31.46
CA ARG Z 67 -24.90 0.29 -31.45
C ARG Z 67 -24.66 0.92 -32.82
N PHE Z 68 -23.69 0.38 -33.55
CA PHE Z 68 -23.41 0.86 -34.91
C PHE Z 68 -24.48 0.43 -35.90
N LYS Z 69 -24.95 -0.82 -35.79
CA LYS Z 69 -26.06 -1.32 -36.60
C LYS Z 69 -27.27 -0.41 -36.48
N ASN Z 70 -27.58 -0.05 -35.23
CA ASN Z 70 -28.64 0.90 -34.93
C ASN Z 70 -28.41 2.28 -35.54
N SER Z 71 -27.15 2.70 -35.57
CA SER Z 71 -26.77 3.99 -36.16
C SER Z 71 -27.00 4.00 -37.67
N VAL Z 72 -26.74 2.86 -38.31
CA VAL Z 72 -27.02 2.67 -39.74
C VAL Z 72 -28.53 2.77 -40.00
N LYS Z 73 -29.31 2.14 -39.13
CA LYS Z 73 -30.78 2.14 -39.22
C LYS Z 73 -31.34 3.56 -39.16
N TRP Z 74 -30.76 4.39 -38.30
CA TRP Z 74 -31.22 5.77 -38.13
C TRP Z 74 -30.68 6.71 -39.21
N TYR Z 75 -29.51 6.41 -39.74
CA TYR Z 75 -28.97 7.15 -40.88
C TYR Z 75 -29.93 7.08 -42.07
N HIS Z 76 -30.53 5.90 -42.28
CA HIS Z 76 -31.54 5.73 -43.33
C HIS Z 76 -32.82 6.50 -43.02
N PHE Z 77 -33.22 6.50 -41.75
CA PHE Z 77 -34.42 7.20 -41.30
C PHE Z 77 -34.30 8.72 -41.43
N ASP Z 78 -33.13 9.24 -41.04
CA ASP Z 78 -32.90 10.68 -40.98
C ASP Z 78 -32.47 11.31 -42.30
N HIS Z 79 -31.96 10.48 -43.22
CA HIS Z 79 -31.40 10.98 -44.47
C HIS Z 79 -31.94 10.29 -45.72
N ASN Z 80 -33.27 10.12 -45.77
CA ASN Z 80 -33.96 9.61 -46.94
C ASN Z 80 -33.31 8.38 -47.58
N ASP Z 81 -33.06 7.35 -46.75
CA ASP Z 81 -32.51 6.07 -47.19
C ASP Z 81 -31.16 6.11 -47.92
N LYS Z 82 -30.38 7.17 -47.70
CA LYS Z 82 -29.05 7.30 -48.30
C LYS Z 82 -28.13 6.19 -47.81
N LYS Z 83 -27.25 5.72 -48.70
CA LYS Z 83 -26.25 4.74 -48.34
C LYS Z 83 -25.14 5.38 -47.51
N LEU Z 84 -24.78 4.73 -46.40
CA LEU Z 84 -23.68 5.18 -45.54
C LEU Z 84 -22.35 4.73 -46.14
N SER Z 85 -21.61 5.69 -46.70
CA SER Z 85 -20.30 5.41 -47.28
C SER Z 85 -19.33 4.92 -46.20
N ILE Z 86 -18.38 4.09 -46.59
CA ILE Z 86 -17.45 3.46 -45.65
C ILE Z 86 -16.61 4.46 -44.84
N ASN Z 87 -16.27 5.60 -45.46
CA ASN Z 87 -15.56 6.67 -44.77
C ASN Z 87 -16.44 7.35 -43.72
N SER Z 88 -17.75 7.37 -43.98
CA SER Z 88 -18.72 7.97 -43.07
C SER Z 88 -18.97 7.06 -41.87
N ALA Z 89 -19.00 5.75 -42.12
CA ALA Z 89 -19.11 4.75 -41.08
C ALA Z 89 -17.91 4.81 -40.16
N ALA Z 90 -16.73 4.96 -40.76
CA ALA Z 90 -15.47 5.03 -40.02
C ALA Z 90 -15.49 6.17 -39.02
N ARG Z 91 -15.88 7.36 -39.48
CA ARG Z 91 -15.96 8.54 -38.63
C ARG Z 91 -17.04 8.40 -37.55
N ASN Z 92 -18.16 7.80 -37.91
CA ASN Z 92 -19.26 7.54 -36.98
C ASN Z 92 -18.81 6.61 -35.85
N ILE Z 93 -18.07 5.55 -36.21
CA ILE Z 93 -17.51 4.62 -35.24
C ILE Z 93 -16.49 5.31 -34.31
N GLN Z 94 -15.69 6.24 -34.85
CA GLN Z 94 -14.81 7.04 -34.01
C GLN Z 94 -15.58 7.71 -32.87
N HIS Z 95 -16.67 8.39 -33.22
CA HIS Z 95 -17.50 9.08 -32.23
C HIS Z 95 -18.17 8.14 -31.21
N LEU Z 96 -18.50 6.93 -31.66
CA LEU Z 96 -19.05 5.90 -30.78
C LEU Z 96 -18.02 5.46 -29.74
N LEU Z 97 -16.80 5.25 -30.20
CA LEU Z 97 -15.70 4.81 -29.34
C LEU Z 97 -15.23 5.93 -28.41
N TYR Z 98 -15.01 7.12 -28.95
CA TYR Z 98 -14.49 8.23 -28.15
C TYR Z 98 -15.48 8.72 -27.09
N GLY Z 99 -16.77 8.49 -27.32
CA GLY Z 99 -17.81 8.80 -26.35
C GLY Z 99 -17.62 8.07 -25.03
N LYS Z 100 -16.81 7.02 -25.04
CA LYS Z 100 -16.48 6.27 -23.84
C LYS Z 100 -14.99 6.35 -23.49
N ARG Z 101 -14.36 7.46 -23.86
CA ARG Z 101 -12.93 7.69 -23.65
C ARG Z 101 -12.48 7.49 -22.20
N PHE Z 102 -13.38 7.73 -21.25
CA PHE Z 102 -13.06 7.61 -19.83
C PHE Z 102 -13.64 6.35 -19.18
N PHE Z 103 -14.20 5.48 -20.01
CA PHE Z 103 -14.61 4.12 -19.62
C PHE Z 103 -14.69 3.31 -20.90
N PRO Z 104 -13.54 3.00 -21.51
CA PRO Z 104 -13.46 2.53 -22.90
C PRO Z 104 -14.08 1.16 -23.17
N TYR Z 105 -14.48 0.95 -24.43
CA TYR Z 105 -14.73 -0.38 -24.95
C TYR Z 105 -13.34 -1.03 -25.11
N TYR Z 106 -13.14 -2.20 -24.50
CA TYR Z 106 -11.86 -2.89 -24.68
C TYR Z 106 -11.91 -3.77 -25.92
N VAL Z 107 -12.01 -3.13 -27.09
CA VAL Z 107 -11.99 -3.84 -28.36
C VAL Z 107 -11.09 -3.16 -29.36
N HIS Z 108 -10.41 -3.97 -30.16
CA HIS Z 108 -9.77 -3.50 -31.37
C HIS Z 108 -10.76 -3.81 -32.50
N THR Z 109 -11.22 -2.75 -33.17
CA THR Z 109 -12.27 -2.88 -34.17
C THR Z 109 -11.80 -2.56 -35.61
N ILE Z 110 -12.28 -3.35 -36.56
CA ILE Z 110 -11.95 -3.22 -37.98
C ILE Z 110 -13.24 -3.24 -38.79
N ILE Z 111 -13.29 -2.44 -39.85
CA ILE Z 111 -14.39 -2.49 -40.82
C ILE Z 111 -13.88 -2.58 -42.25
N ALA Z 112 -14.64 -3.28 -43.10
CA ALA Z 112 -14.27 -3.47 -44.50
C ALA Z 112 -15.47 -3.21 -45.41
N GLY Z 113 -15.18 -2.89 -46.67
CA GLY Z 113 -16.22 -2.64 -47.66
C GLY Z 113 -15.66 -2.05 -48.93
N LEU Z 114 -16.42 -1.14 -49.55
CA LEU Z 114 -15.99 -0.46 -50.76
C LEU Z 114 -16.16 1.04 -50.61
N ASP Z 115 -15.17 1.80 -51.07
CA ASP Z 115 -15.27 3.26 -51.09
C ASP Z 115 -16.18 3.72 -52.24
N GLU Z 116 -16.36 5.04 -52.37
CA GLU Z 116 -17.27 5.61 -53.36
C GLU Z 116 -16.73 5.58 -54.81
N ASP Z 117 -15.51 5.06 -54.98
CA ASP Z 117 -14.90 4.86 -56.29
C ASP Z 117 -15.03 3.41 -56.76
N GLY Z 118 -15.37 2.51 -55.83
CA GLY Z 118 -15.52 1.09 -56.14
C GLY Z 118 -14.38 0.24 -55.62
N LYS Z 119 -13.33 0.90 -55.13
CA LYS Z 119 -12.14 0.21 -54.60
C LYS Z 119 -12.40 -0.34 -53.20
N GLY Z 120 -11.71 -1.43 -52.85
CA GLY Z 120 -11.83 -2.05 -51.53
C GLY Z 120 -11.20 -1.22 -50.45
N ALA Z 121 -11.80 -1.25 -49.25
CA ALA Z 121 -11.37 -0.42 -48.13
C ALA Z 121 -11.37 -1.16 -46.80
N VAL Z 122 -10.30 -0.94 -46.03
CA VAL Z 122 -10.21 -1.45 -44.66
C VAL Z 122 -9.87 -0.29 -43.74
N TYR Z 123 -10.72 -0.10 -42.74
CA TYR Z 123 -10.50 0.89 -41.69
C TYR Z 123 -10.32 0.16 -40.37
N SER Z 124 -9.33 0.57 -39.59
CA SER Z 124 -9.03 -0.06 -38.30
C SER Z 124 -8.98 0.96 -37.15
N PHE Z 125 -9.39 0.52 -35.97
CA PHE Z 125 -9.66 1.43 -34.86
C PHE Z 125 -8.87 1.12 -33.60
N ASP Z 126 -8.53 2.20 -32.89
CA ASP Z 126 -8.06 2.16 -31.52
C ASP Z 126 -9.17 1.61 -30.63
N PRO Z 127 -8.86 1.26 -29.37
CA PRO Z 127 -9.94 1.07 -28.42
C PRO Z 127 -10.70 2.37 -28.10
N VAL Z 128 -10.05 3.52 -28.24
CA VAL Z 128 -10.70 4.80 -27.90
C VAL Z 128 -11.04 5.72 -29.08
N GLY Z 129 -10.89 5.25 -30.32
CA GLY Z 129 -11.41 5.97 -31.48
C GLY Z 129 -10.47 6.34 -32.63
N SER Z 130 -9.17 6.29 -32.39
CA SER Z 130 -8.19 6.61 -33.42
C SER Z 130 -8.38 5.67 -34.61
N TYR Z 131 -8.44 6.21 -35.82
CA TYR Z 131 -8.67 5.39 -37.01
C TYR Z 131 -7.87 5.81 -38.24
N GLU Z 132 -7.53 4.82 -39.05
CA GLU Z 132 -6.67 4.98 -40.20
C GLU Z 132 -7.16 4.02 -41.29
N ARG Z 133 -7.15 4.46 -42.54
CA ARG Z 133 -7.44 3.57 -43.66
C ARG Z 133 -6.16 2.87 -44.10
N GLU Z 134 -6.25 1.55 -44.27
CA GLU Z 134 -5.09 0.72 -44.64
C GLU Z 134 -5.49 -0.37 -45.62
N GLN Z 135 -4.49 -0.98 -46.25
CA GLN Z 135 -4.72 -2.07 -47.20
C GLN Z 135 -4.98 -3.38 -46.47
N CYS Z 136 -4.39 -3.52 -45.29
CA CYS Z 136 -4.57 -4.70 -44.46
C CYS Z 136 -4.29 -4.43 -42.98
N ARG Z 137 -4.93 -5.20 -42.11
CA ARG Z 137 -4.79 -5.08 -40.66
C ARG Z 137 -5.19 -6.36 -39.95
N ALA Z 138 -4.40 -6.76 -38.96
CA ALA Z 138 -4.74 -7.83 -38.06
C ALA Z 138 -5.10 -7.26 -36.69
N GLY Z 139 -6.07 -7.87 -36.02
CA GLY Z 139 -6.52 -7.41 -34.71
C GLY Z 139 -6.77 -8.54 -33.74
N GLY Z 140 -6.61 -8.25 -32.46
CA GLY Z 140 -6.84 -9.23 -31.41
C GLY Z 140 -5.60 -9.91 -30.88
N ALA Z 141 -5.80 -11.06 -30.25
CA ALA Z 141 -4.74 -11.78 -29.54
C ALA Z 141 -3.50 -12.07 -30.39
N ALA Z 142 -3.71 -12.55 -31.62
CA ALA Z 142 -2.60 -12.94 -32.48
C ALA Z 142 -2.20 -11.87 -33.52
N ALA Z 143 -2.63 -10.63 -33.29
CA ALA Z 143 -2.32 -9.51 -34.18
C ALA Z 143 -0.81 -9.32 -34.40
N SER Z 144 -0.04 -9.51 -33.33
CA SER Z 144 1.41 -9.37 -33.39
C SER Z 144 2.08 -10.53 -34.13
N LEU Z 145 1.39 -11.67 -34.19
CA LEU Z 145 1.87 -12.81 -34.98
C LEU Z 145 1.60 -12.66 -36.47
N ILE Z 146 0.49 -12.01 -36.82
CA ILE Z 146 0.01 -11.95 -38.20
C ILE Z 146 0.44 -10.69 -38.99
N MET Z 147 0.42 -9.52 -38.33
CA MET Z 147 0.79 -8.25 -39.01
C MET Z 147 2.12 -8.28 -39.78
N PRO Z 148 3.18 -8.86 -39.19
CA PRO Z 148 4.44 -8.91 -39.94
C PRO Z 148 4.34 -9.73 -41.22
N PHE Z 149 3.60 -10.83 -41.17
CA PHE Z 149 3.35 -11.69 -42.32
C PHE Z 149 2.59 -10.94 -43.41
N LEU Z 150 1.63 -10.12 -42.99
CA LEU Z 150 0.83 -9.30 -43.89
C LEU Z 150 1.62 -8.18 -44.55
N ASP Z 151 2.48 -7.51 -43.78
CA ASP Z 151 3.37 -6.48 -44.33
C ASP Z 151 4.21 -7.08 -45.46
N ASN Z 152 4.77 -8.25 -45.20
CA ASN Z 152 5.63 -8.96 -46.13
C ASN Z 152 4.89 -9.44 -47.38
N GLN Z 153 3.66 -9.93 -47.20
CA GLN Z 153 2.94 -10.60 -48.28
C GLN Z 153 1.92 -9.73 -49.04
N VAL Z 154 1.33 -8.77 -48.34
CA VAL Z 154 0.34 -7.88 -48.96
C VAL Z 154 1.00 -6.61 -49.48
N ASN Z 155 1.87 -6.01 -48.66
CA ASN Z 155 2.54 -4.75 -49.02
C ASN Z 155 4.00 -4.91 -49.50
N PHE Z 156 4.41 -6.16 -49.71
CA PHE Z 156 5.73 -6.53 -50.21
C PHE Z 156 6.93 -5.86 -49.51
N LYS Z 157 6.79 -5.63 -48.20
CA LYS Z 157 7.82 -4.98 -47.39
C LYS Z 157 9.10 -5.83 -47.33
N ASN Z 158 10.24 -5.14 -47.29
CA ASN Z 158 11.59 -5.77 -47.26
C ASN Z 158 11.96 -6.60 -48.50
N GLN Z 159 11.03 -6.71 -49.44
CA GLN Z 159 11.26 -7.48 -50.67
C GLN Z 159 11.78 -6.60 -51.79
N TYR Z 160 12.94 -6.97 -52.33
CA TYR Z 160 13.57 -6.22 -53.42
C TYR Z 160 13.59 -7.02 -54.72
N GLU Z 161 13.76 -6.31 -55.83
CA GLU Z 161 13.92 -6.95 -57.14
C GLU Z 161 15.27 -7.66 -57.20
N PRO Z 162 15.26 -8.98 -57.49
CA PRO Z 162 16.50 -9.74 -57.57
C PRO Z 162 17.44 -9.19 -58.63
N GLY Z 163 18.73 -9.08 -58.29
CA GLY Z 163 19.75 -8.61 -59.22
C GLY Z 163 19.94 -7.11 -59.25
N THR Z 164 19.07 -6.37 -58.56
CA THR Z 164 19.10 -4.90 -58.58
C THR Z 164 19.91 -4.31 -57.42
N ASN Z 165 20.83 -5.12 -56.86
CA ASN Z 165 21.70 -4.69 -55.76
C ASN Z 165 20.90 -4.16 -54.55
N GLY Z 166 19.61 -4.48 -54.51
CA GLY Z 166 18.70 -3.97 -53.48
C GLY Z 166 18.43 -2.49 -53.59
N LYS Z 167 18.53 -1.97 -54.81
CA LYS Z 167 18.20 -0.59 -55.05
C LYS Z 167 16.86 -0.40 -55.73
N VAL Z 168 16.16 -1.49 -55.97
CA VAL Z 168 14.83 -1.37 -56.49
C VAL Z 168 13.93 -2.38 -55.87
N LYS Z 169 12.71 -2.00 -55.54
CA LYS Z 169 11.84 -2.83 -54.74
C LYS Z 169 10.72 -3.49 -55.48
N LYS Z 170 10.41 -4.71 -55.10
CA LYS Z 170 9.39 -5.42 -55.76
C LYS Z 170 8.25 -4.47 -55.62
N PRO Z 171 7.51 -4.27 -56.67
CA PRO Z 171 6.53 -3.19 -56.67
C PRO Z 171 5.17 -3.68 -56.26
N LEU Z 172 4.37 -2.73 -55.82
CA LEU Z 172 3.05 -2.99 -55.30
C LEU Z 172 2.08 -3.47 -56.34
N LYS Z 173 1.27 -4.45 -55.98
CA LYS Z 173 0.20 -4.87 -56.84
C LYS Z 173 -1.01 -5.32 -56.05
N TYR Z 174 -2.20 -5.05 -56.54
CA TYR Z 174 -3.39 -5.54 -55.88
C TYR Z 174 -3.35 -7.03 -55.99
N LEU Z 175 -3.87 -7.70 -54.99
CA LEU Z 175 -3.97 -9.15 -55.02
C LEU Z 175 -5.35 -9.58 -55.47
N SER Z 176 -5.43 -10.75 -56.11
CA SER Z 176 -6.71 -11.33 -56.50
C SER Z 176 -7.39 -11.92 -55.27
N VAL Z 177 -8.71 -12.06 -55.34
CA VAL Z 177 -9.51 -12.57 -54.22
C VAL Z 177 -9.11 -14.00 -53.82
N GLU Z 178 -8.86 -14.86 -54.81
CA GLU Z 178 -8.42 -16.24 -54.58
C GLU Z 178 -7.08 -16.27 -53.85
N GLU Z 179 -6.21 -15.31 -54.19
CA GLU Z 179 -4.90 -15.16 -53.57
C GLU Z 179 -5.02 -14.66 -52.11
N VAL Z 180 -6.00 -13.80 -51.86
CA VAL Z 180 -6.21 -13.22 -50.53
C VAL Z 180 -6.73 -14.26 -49.53
N ILE Z 181 -7.59 -15.16 -49.99
CA ILE Z 181 -8.07 -16.26 -49.15
C ILE Z 181 -6.92 -17.17 -48.71
N LYS Z 182 -5.96 -17.39 -49.60
CA LYS Z 182 -4.78 -18.20 -49.31
C LYS Z 182 -3.95 -17.62 -48.17
N LEU Z 183 -3.75 -16.30 -48.20
CA LEU Z 183 -3.03 -15.59 -47.14
C LEU Z 183 -3.80 -15.62 -45.82
N VAL Z 184 -5.10 -15.35 -45.90
CA VAL Z 184 -5.99 -15.40 -44.74
C VAL Z 184 -5.91 -16.77 -44.05
N ARG Z 185 -6.06 -17.83 -44.84
CA ARG Z 185 -6.05 -19.21 -44.32
C ARG Z 185 -4.71 -19.62 -43.72
N ASP Z 186 -3.61 -19.22 -44.37
CA ASP Z 186 -2.27 -19.49 -43.85
C ASP Z 186 -1.97 -18.68 -42.60
N SER Z 187 -2.47 -17.44 -42.54
CA SER Z 187 -2.32 -16.58 -41.35
C SER Z 187 -2.97 -17.20 -40.13
N PHE Z 188 -4.17 -17.75 -40.30
CA PHE Z 188 -4.93 -18.31 -39.20
C PHE Z 188 -4.46 -19.69 -38.77
N THR Z 189 -4.03 -20.52 -39.71
CA THR Z 189 -3.44 -21.82 -39.37
C THR Z 189 -2.14 -21.62 -38.59
N SER Z 190 -1.37 -20.59 -38.96
CA SER Z 190 -0.15 -20.22 -38.23
C SER Z 190 -0.45 -19.66 -36.82
N ALA Z 191 -1.47 -18.83 -36.73
CA ALA Z 191 -1.91 -18.28 -35.45
C ALA Z 191 -2.41 -19.38 -34.50
N THR Z 192 -3.08 -20.38 -35.06
CA THR Z 192 -3.60 -21.51 -34.27
C THR Z 192 -2.50 -22.38 -33.67
N GLU Z 193 -1.43 -22.59 -34.44
CA GLU Z 193 -0.25 -23.34 -33.99
C GLU Z 193 0.41 -22.72 -32.76
N ARG Z 194 0.53 -21.40 -32.74
CA ARG Z 194 1.34 -20.72 -31.74
C ARG Z 194 0.58 -19.97 -30.64
N HIS Z 195 -0.63 -19.50 -30.93
CA HIS Z 195 -1.43 -18.81 -29.93
C HIS Z 195 -2.56 -19.68 -29.41
N ILE Z 196 -2.62 -19.85 -28.08
CA ILE Z 196 -3.59 -20.76 -27.46
C ILE Z 196 -5.05 -20.31 -27.54
N GLN Z 197 -5.26 -19.02 -27.78
CA GLN Z 197 -6.61 -18.44 -27.82
C GLN Z 197 -7.22 -18.45 -29.22
N VAL Z 198 -6.48 -18.97 -30.19
CA VAL Z 198 -6.92 -19.01 -31.58
C VAL Z 198 -7.09 -20.45 -32.05
N GLY Z 199 -8.23 -20.73 -32.69
CA GLY Z 199 -8.49 -22.05 -33.27
C GLY Z 199 -9.95 -22.34 -33.59
N ASP Z 200 -10.28 -23.63 -33.61
CA ASP Z 200 -11.64 -24.16 -33.82
C ASP Z 200 -12.22 -23.98 -35.23
N GLY Z 201 -12.38 -22.74 -35.67
CA GLY Z 201 -12.92 -22.44 -36.99
C GLY Z 201 -12.56 -21.06 -37.49
N LEU Z 202 -12.64 -20.87 -38.80
CA LEU Z 202 -12.39 -19.58 -39.43
C LEU Z 202 -13.58 -19.17 -40.31
N GLU Z 203 -14.06 -17.95 -40.11
CA GLU Z 203 -15.15 -17.41 -40.90
C GLU Z 203 -14.72 -16.16 -41.65
N ILE Z 204 -14.81 -16.19 -42.97
CA ILE Z 204 -14.41 -15.09 -43.83
C ILE Z 204 -15.63 -14.45 -44.50
N LEU Z 205 -15.72 -13.13 -44.41
CA LEU Z 205 -16.76 -12.39 -45.10
C LEU Z 205 -16.15 -11.55 -46.23
N ILE Z 206 -16.60 -11.79 -47.45
CA ILE Z 206 -16.09 -11.08 -48.63
C ILE Z 206 -17.13 -10.07 -49.12
N VAL Z 207 -16.68 -8.85 -49.40
CA VAL Z 207 -17.56 -7.79 -49.89
C VAL Z 207 -17.13 -7.29 -51.27
N THR Z 208 -17.93 -7.61 -52.29
CA THR Z 208 -17.77 -7.05 -53.63
C THR Z 208 -18.92 -6.08 -53.90
N LYS Z 209 -19.07 -5.64 -55.15
CA LYS Z 209 -20.18 -4.74 -55.50
C LYS Z 209 -21.53 -5.47 -55.56
N ASP Z 210 -21.50 -6.79 -55.39
CA ASP Z 210 -22.70 -7.63 -55.46
C ASP Z 210 -23.27 -8.04 -54.09
N GLY Z 211 -22.59 -7.63 -53.01
CA GLY Z 211 -23.06 -7.92 -51.66
C GLY Z 211 -22.05 -8.65 -50.79
N VAL Z 212 -22.57 -9.31 -49.75
CA VAL Z 212 -21.72 -10.01 -48.79
C VAL Z 212 -21.86 -11.53 -48.90
N ARG Z 213 -20.74 -12.20 -49.16
CA ARG Z 213 -20.65 -13.67 -49.22
C ARG Z 213 -19.91 -14.21 -47.98
N LYS Z 214 -20.14 -15.49 -47.65
CA LYS Z 214 -19.51 -16.13 -46.48
C LYS Z 214 -18.82 -17.46 -46.80
N GLU Z 215 -17.62 -17.64 -46.26
CA GLU Z 215 -16.87 -18.89 -46.37
C GLU Z 215 -16.41 -19.34 -44.98
N PHE Z 216 -16.58 -20.63 -44.67
CA PHE Z 216 -16.17 -21.17 -43.37
C PHE Z 216 -15.16 -22.30 -43.52
N TYR Z 217 -14.05 -22.19 -42.80
CA TYR Z 217 -12.99 -23.21 -42.81
C TYR Z 217 -12.65 -23.69 -41.41
N GLU Z 218 -12.51 -25.00 -41.25
CA GLU Z 218 -12.12 -25.61 -39.99
C GLU Z 218 -10.71 -25.20 -39.55
N LEU Z 219 -10.52 -25.03 -38.24
CA LEU Z 219 -9.20 -24.83 -37.65
C LEU Z 219 -8.98 -25.83 -36.53
N LYS Z 220 -7.71 -26.06 -36.17
CA LYS Z 220 -7.36 -27.03 -35.13
C LYS Z 220 -8.05 -26.72 -33.81
N ARG Z 221 -8.48 -27.77 -33.11
CA ARG Z 221 -9.40 -27.62 -31.98
C ARG Z 221 -8.76 -27.76 -30.59
N ASP Z 222 -7.44 -27.80 -30.53
CA ASP Z 222 -6.71 -27.92 -29.26
C ASP Z 222 -6.36 -26.57 -28.62
N THR AA 1 -20.34 -2.17 -6.80
CA THR AA 1 -19.26 -3.11 -6.39
C THR AA 1 -19.69 -3.82 -5.11
N GLN AA 2 -19.51 -5.14 -5.11
CA GLN AA 2 -20.05 -6.00 -4.06
C GLN AA 2 -19.26 -7.30 -3.98
N GLN AA 3 -19.68 -8.16 -3.07
CA GLN AA 3 -19.14 -9.51 -2.95
C GLN AA 3 -20.30 -10.49 -2.77
N PRO AA 4 -20.25 -11.63 -3.51
CA PRO AA 4 -21.32 -12.62 -3.38
C PRO AA 4 -21.29 -13.23 -1.98
N ILE AA 5 -22.47 -13.47 -1.42
CA ILE AA 5 -22.56 -13.95 -0.03
C ILE AA 5 -23.12 -15.36 0.04
N VAL AA 6 -24.39 -15.54 -0.31
CA VAL AA 6 -24.97 -16.87 -0.39
C VAL AA 6 -24.92 -17.30 -1.85
N THR AA 7 -24.25 -18.41 -2.14
CA THR AA 7 -23.91 -18.74 -3.52
C THR AA 7 -24.44 -20.07 -4.04
N GLY AA 8 -24.74 -20.09 -5.33
CA GLY AA 8 -25.09 -21.30 -6.05
C GLY AA 8 -23.94 -21.68 -6.95
N THR AA 9 -23.69 -22.97 -7.07
CA THR AA 9 -22.56 -23.47 -7.86
C THR AA 9 -22.97 -23.80 -9.30
N SER AA 10 -22.25 -24.71 -9.94
CA SER AA 10 -22.44 -25.02 -11.37
C SER AA 10 -23.87 -25.33 -11.83
N VAL AA 11 -24.23 -24.72 -12.95
CA VAL AA 11 -25.41 -25.08 -13.74
C VAL AA 11 -24.86 -25.65 -15.05
N ILE AA 12 -25.22 -26.88 -15.38
CA ILE AA 12 -24.77 -27.48 -16.65
C ILE AA 12 -25.94 -27.84 -17.56
N SER AA 13 -25.70 -27.84 -18.87
CA SER AA 13 -26.76 -28.00 -19.87
C SER AA 13 -26.22 -28.48 -21.23
N MET AA 14 -27.13 -29.00 -22.06
CA MET AA 14 -26.82 -29.43 -23.42
C MET AA 14 -28.09 -29.55 -24.26
N LYS AA 15 -27.94 -29.48 -25.58
CA LYS AA 15 -29.06 -29.68 -26.49
C LYS AA 15 -28.96 -31.01 -27.22
N TYR AA 16 -30.09 -31.71 -27.30
CA TYR AA 16 -30.19 -32.98 -28.03
C TYR AA 16 -31.07 -32.82 -29.26
N ASP AA 17 -31.49 -33.92 -29.90
CA ASP AA 17 -32.20 -33.86 -31.18
C ASP AA 17 -33.48 -33.01 -31.18
N ASN AA 18 -34.31 -33.16 -30.15
CA ASN AA 18 -35.61 -32.50 -30.12
C ASN AA 18 -35.71 -31.28 -29.20
N GLY AA 19 -34.75 -31.13 -28.29
CA GLY AA 19 -34.77 -30.00 -27.36
C GLY AA 19 -33.50 -29.80 -26.54
N VAL AA 20 -33.70 -29.40 -25.28
CA VAL AA 20 -32.60 -29.07 -24.38
C VAL AA 20 -32.80 -29.68 -22.99
N ILE AA 21 -31.68 -29.94 -22.30
CA ILE AA 21 -31.69 -30.40 -20.91
C ILE AA 21 -30.84 -29.45 -20.07
N ILE AA 22 -31.30 -29.12 -18.87
CA ILE AA 22 -30.57 -28.23 -17.97
C ILE AA 22 -30.70 -28.68 -16.50
N ALA AA 23 -29.57 -28.69 -15.79
CA ALA AA 23 -29.54 -29.15 -14.40
C ALA AA 23 -28.73 -28.23 -13.46
N ALA AA 24 -29.12 -28.23 -12.18
CA ALA AA 24 -28.44 -27.48 -11.13
C ALA AA 24 -28.75 -28.13 -9.78
N ASP AA 25 -27.76 -28.14 -8.88
CA ASP AA 25 -27.96 -28.75 -7.56
C ASP AA 25 -28.68 -27.81 -6.59
N ASN AA 26 -29.26 -28.39 -5.54
CA ASN AA 26 -30.15 -27.66 -4.64
C ASN AA 26 -29.45 -26.95 -3.47
N LEU AA 27 -28.19 -26.59 -3.66
CA LEU AA 27 -27.39 -25.99 -2.58
C LEU AA 27 -27.24 -24.47 -2.69
N GLY AA 28 -27.34 -23.80 -1.54
CA GLY AA 28 -26.97 -22.40 -1.39
C GLY AA 28 -25.89 -22.30 -0.33
N SER AA 29 -24.65 -22.12 -0.77
CA SER AA 29 -23.51 -22.07 0.16
C SER AA 29 -23.33 -20.69 0.80
N TYR AA 30 -22.61 -20.66 1.92
CA TYR AA 30 -22.29 -19.42 2.63
C TYR AA 30 -20.81 -19.52 3.00
N GLY AA 31 -19.95 -19.09 2.08
CA GLY AA 31 -18.52 -19.37 2.20
C GLY AA 31 -18.32 -20.86 2.08
N SER AA 32 -17.72 -21.47 3.10
CA SER AA 32 -17.50 -22.92 3.12
C SER AA 32 -18.61 -23.68 3.84
N LEU AA 33 -19.55 -22.94 4.43
CA LEU AA 33 -20.71 -23.55 5.08
C LEU AA 33 -21.79 -23.91 4.05
N LEU AA 34 -22.09 -25.20 3.95
CA LEU AA 34 -23.14 -25.69 3.06
C LEU AA 34 -24.48 -25.42 3.73
N ARG AA 35 -24.92 -24.17 3.65
CA ARG AA 35 -25.97 -23.64 4.53
C ARG AA 35 -27.41 -24.04 4.17
N PHE AA 36 -27.81 -23.78 2.93
CA PHE AA 36 -29.20 -24.02 2.52
C PHE AA 36 -29.29 -25.16 1.49
N ASN AA 37 -30.20 -26.11 1.75
CA ASN AA 37 -30.33 -27.29 0.90
C ASN AA 37 -31.62 -27.41 0.09
N GLY AA 38 -32.55 -26.48 0.30
CA GLY AA 38 -33.80 -26.49 -0.46
C GLY AA 38 -33.88 -25.35 -1.47
N VAL AA 39 -32.74 -25.02 -2.08
CA VAL AA 39 -32.68 -23.91 -3.04
C VAL AA 39 -32.89 -24.39 -4.47
N GLU AA 40 -33.94 -23.90 -5.10
CA GLU AA 40 -34.23 -24.22 -6.49
C GLU AA 40 -33.61 -23.16 -7.39
N ARG AA 41 -32.64 -23.56 -8.18
CA ARG AA 41 -31.88 -22.63 -9.03
C ARG AA 41 -32.26 -22.72 -10.51
N LEU AA 42 -33.29 -23.50 -10.82
CA LEU AA 42 -33.86 -23.54 -12.17
C LEU AA 42 -35.23 -22.85 -12.17
N ILE AA 43 -35.35 -21.79 -12.96
CA ILE AA 43 -36.57 -20.98 -12.98
C ILE AA 43 -37.34 -21.19 -14.28
N PRO AA 44 -38.46 -21.95 -14.22
CA PRO AA 44 -39.28 -22.16 -15.41
C PRO AA 44 -40.10 -20.91 -15.74
N VAL AA 45 -40.05 -20.49 -17.00
CA VAL AA 45 -40.80 -19.33 -17.49
C VAL AA 45 -41.72 -19.75 -18.63
N GLY AA 46 -43.01 -19.75 -18.38
CA GLY AA 46 -43.98 -20.27 -19.33
C GLY AA 46 -43.82 -21.77 -19.43
N ASP AA 47 -44.09 -22.32 -20.62
CA ASP AA 47 -43.97 -23.76 -20.84
C ASP AA 47 -42.77 -24.13 -21.71
N ASN AA 48 -42.06 -23.12 -22.22
CA ASN AA 48 -41.01 -23.36 -23.22
C ASN AA 48 -39.59 -22.93 -22.84
N THR AA 49 -39.41 -22.43 -21.62
CA THR AA 49 -38.12 -21.90 -21.19
C THR AA 49 -37.80 -22.23 -19.74
N VAL AA 50 -36.54 -22.57 -19.48
CA VAL AA 50 -36.01 -22.69 -18.13
C VAL AA 50 -34.76 -21.82 -18.01
N VAL AA 51 -34.69 -21.04 -16.93
CA VAL AA 51 -33.57 -20.16 -16.66
C VAL AA 51 -32.83 -20.68 -15.43
N GLY AA 52 -31.58 -21.13 -15.65
CA GLY AA 52 -30.76 -21.69 -14.58
C GLY AA 52 -29.69 -20.71 -14.14
N ILE AA 53 -29.62 -20.48 -12.83
CA ILE AA 53 -28.76 -19.42 -12.29
C ILE AA 53 -27.74 -19.94 -11.27
N SER AA 54 -26.53 -19.37 -11.32
CA SER AA 54 -25.49 -19.63 -10.33
C SER AA 54 -24.95 -18.29 -9.80
N GLY AA 55 -24.14 -18.35 -8.73
CA GLY AA 55 -23.63 -17.14 -8.11
C GLY AA 55 -24.50 -16.68 -6.95
N ASP AA 56 -24.54 -15.37 -6.73
CA ASP AA 56 -25.24 -14.78 -5.58
C ASP AA 56 -26.75 -15.04 -5.63
N ILE AA 57 -27.27 -15.56 -4.54
CA ILE AA 57 -28.66 -16.05 -4.46
C ILE AA 57 -29.65 -14.91 -4.26
N SER AA 58 -29.25 -13.83 -3.59
CA SER AA 58 -30.13 -12.67 -3.45
C SER AA 58 -30.35 -11.98 -4.80
N ASP AA 59 -29.29 -11.92 -5.61
CA ASP AA 59 -29.41 -11.45 -6.99
C ASP AA 59 -30.24 -12.41 -7.85
N MET AA 60 -30.11 -13.72 -7.60
CA MET AA 60 -30.94 -14.73 -8.26
C MET AA 60 -32.42 -14.51 -7.96
N GLN AA 61 -32.73 -14.24 -6.70
CA GLN AA 61 -34.10 -13.99 -6.26
C GLN AA 61 -34.65 -12.70 -6.86
N HIS AA 62 -33.76 -11.75 -7.13
CA HIS AA 62 -34.11 -10.52 -7.83
C HIS AA 62 -34.49 -10.81 -9.30
N ILE AA 63 -33.66 -11.61 -9.96
CA ILE AA 63 -33.91 -12.02 -11.35
C ILE AA 63 -35.19 -12.85 -11.45
N GLU AA 64 -35.40 -13.70 -10.44
CA GLU AA 64 -36.63 -14.49 -10.33
C GLU AA 64 -37.87 -13.58 -10.35
N ARG AA 65 -37.83 -12.52 -9.53
CA ARG AA 65 -38.91 -11.55 -9.46
C ARG AA 65 -39.10 -10.80 -10.78
N LEU AA 66 -37.98 -10.45 -11.41
CA LEU AA 66 -38.01 -9.76 -12.71
C LEU AA 66 -38.72 -10.58 -13.76
N LEU AA 67 -38.48 -11.89 -13.73
CA LEU AA 67 -39.05 -12.81 -14.71
C LEU AA 67 -40.56 -13.01 -14.54
N LYS AA 68 -41.04 -12.96 -13.30
CA LYS AA 68 -42.48 -13.10 -13.03
C LYS AA 68 -43.25 -11.87 -13.51
N ASP AA 69 -42.60 -10.71 -13.44
CA ASP AA 69 -43.18 -9.47 -13.95
C ASP AA 69 -43.18 -9.43 -15.46
N LEU AA 70 -42.18 -10.04 -16.07
CA LEU AA 70 -42.12 -10.13 -17.51
C LEU AA 70 -43.31 -10.93 -18.05
N VAL AA 71 -43.73 -11.95 -17.30
CA VAL AA 71 -44.92 -12.73 -17.62
C VAL AA 71 -46.18 -11.88 -17.45
N THR AA 72 -46.30 -11.23 -16.30
CA THR AA 72 -47.43 -10.35 -15.98
C THR AA 72 -47.58 -9.24 -17.01
N GLU AA 73 -46.46 -8.59 -17.33
CA GLU AA 73 -46.43 -7.47 -18.27
C GLU AA 73 -46.79 -7.92 -19.70
N ASN AA 74 -46.31 -9.10 -20.08
CA ASN AA 74 -46.58 -9.67 -21.40
C ASN AA 74 -48.05 -10.01 -21.59
N ALA AA 75 -48.72 -10.36 -20.48
CA ALA AA 75 -50.13 -10.71 -20.49
C ALA AA 75 -51.03 -9.48 -20.72
N TYR AA 76 -50.55 -8.32 -20.29
CA TYR AA 76 -51.32 -7.07 -20.39
C TYR AA 76 -51.70 -6.70 -21.82
N ASP AA 77 -53.01 -6.55 -22.06
CA ASP AA 77 -53.54 -6.15 -23.36
C ASP AA 77 -53.05 -7.04 -24.50
N ASN AA 78 -52.95 -8.34 -24.22
CA ASN AA 78 -52.42 -9.31 -25.18
C ASN AA 78 -53.26 -10.60 -25.16
N PRO AA 79 -54.32 -10.65 -26.00
CA PRO AA 79 -55.18 -11.84 -26.02
C PRO AA 79 -54.50 -13.08 -26.60
N LEU AA 80 -53.24 -12.92 -27.02
CA LEU AA 80 -52.46 -14.05 -27.54
C LEU AA 80 -51.24 -14.34 -26.67
N ALA AA 81 -51.36 -14.05 -25.38
CA ALA AA 81 -50.27 -14.28 -24.41
C ALA AA 81 -50.03 -15.77 -24.17
N ASP AA 82 -51.02 -16.58 -24.51
CA ASP AA 82 -50.97 -18.03 -24.33
C ASP AA 82 -50.66 -18.75 -25.64
N ALA AA 83 -50.64 -18.01 -26.75
CA ALA AA 83 -50.36 -18.58 -28.07
C ALA AA 83 -49.21 -17.88 -28.81
N GLU AA 84 -49.51 -17.26 -29.96
CA GLU AA 84 -48.50 -16.66 -30.84
C GLU AA 84 -47.61 -15.63 -30.17
N GLU AA 85 -48.18 -14.83 -29.28
CA GLU AA 85 -47.44 -13.76 -28.61
C GLU AA 85 -47.03 -14.14 -27.18
N ALA AA 86 -46.73 -15.43 -26.98
CA ALA AA 86 -46.17 -15.90 -25.72
C ALA AA 86 -44.68 -15.55 -25.67
N LEU AA 87 -44.11 -15.62 -24.47
CA LEU AA 87 -42.68 -15.35 -24.30
C LEU AA 87 -41.83 -16.48 -24.88
N GLU AA 88 -40.94 -16.10 -25.79
CA GLU AA 88 -39.94 -16.99 -26.37
C GLU AA 88 -38.68 -17.02 -25.49
N PRO AA 89 -37.88 -18.10 -25.57
CA PRO AA 89 -36.61 -18.16 -24.85
C PRO AA 89 -35.63 -17.06 -25.30
N SER AA 90 -35.66 -16.73 -26.59
CA SER AA 90 -34.80 -15.69 -27.14
C SER AA 90 -35.15 -14.30 -26.60
N TYR AA 91 -36.44 -14.06 -26.34
CA TYR AA 91 -36.87 -12.79 -25.74
C TYR AA 91 -36.40 -12.68 -24.29
N ILE AA 92 -36.56 -13.77 -23.53
CA ILE AA 92 -36.15 -13.83 -22.13
C ILE AA 92 -34.65 -13.58 -21.97
N PHE AA 93 -33.84 -14.25 -22.79
CA PHE AA 93 -32.40 -14.10 -22.72
C PHE AA 93 -31.95 -12.68 -23.05
N GLU AA 94 -32.46 -12.14 -24.16
CA GLU AA 94 -32.05 -10.81 -24.63
C GLU AA 94 -32.36 -9.72 -23.59
N TYR AA 95 -33.44 -9.91 -22.85
CA TYR AA 95 -33.79 -9.03 -21.74
C TYR AA 95 -32.75 -9.12 -20.64
N LEU AA 96 -32.47 -10.35 -20.19
CA LEU AA 96 -31.48 -10.59 -19.14
C LEU AA 96 -30.08 -10.15 -19.53
N ALA AA 97 -29.70 -10.41 -20.79
CA ALA AA 97 -28.41 -9.96 -21.31
C ALA AA 97 -28.27 -8.45 -21.26
N THR AA 98 -29.33 -7.75 -21.68
CA THR AA 98 -29.39 -6.28 -21.60
C THR AA 98 -29.14 -5.80 -20.18
N VAL AA 99 -29.90 -6.37 -19.23
CA VAL AA 99 -29.82 -6.00 -17.82
C VAL AA 99 -28.44 -6.28 -17.21
N MET AA 100 -27.86 -7.44 -17.55
CA MET AA 100 -26.54 -7.82 -17.03
C MET AA 100 -25.47 -6.81 -17.46
N TYR AA 101 -25.51 -6.43 -18.74
CA TYR AA 101 -24.54 -5.48 -19.28
C TYR AA 101 -24.71 -4.06 -18.75
N GLN AA 102 -25.95 -3.64 -18.52
CA GLN AA 102 -26.23 -2.32 -17.96
C GLN AA 102 -25.73 -2.22 -16.53
N ARG AA 103 -25.94 -3.29 -15.78
CA ARG AA 103 -25.51 -3.35 -14.38
C ARG AA 103 -23.98 -3.39 -14.22
N ARG AA 104 -23.28 -4.02 -15.17
CA ARG AA 104 -21.80 -4.01 -15.15
C ARG AA 104 -21.27 -2.65 -15.60
N SER AA 105 -22.03 -1.96 -16.45
CA SER AA 105 -21.63 -0.66 -16.95
C SER AA 105 -21.87 0.44 -15.91
N LYS AA 106 -22.71 0.13 -14.93
CA LYS AA 106 -22.94 1.03 -13.80
C LYS AA 106 -22.06 0.66 -12.62
N MET AA 107 -21.17 -0.32 -12.82
CA MET AA 107 -20.23 -0.80 -11.80
C MET AA 107 -20.92 -1.42 -10.59
N ASN AA 108 -22.12 -1.95 -10.83
CA ASN AA 108 -22.95 -2.54 -9.79
C ASN AA 108 -23.60 -3.84 -10.33
N PRO AA 109 -22.79 -4.90 -10.50
CA PRO AA 109 -23.28 -6.07 -11.22
C PRO AA 109 -24.21 -6.97 -10.41
N LEU AA 110 -25.03 -7.75 -11.11
CA LEU AA 110 -25.72 -8.89 -10.54
C LEU AA 110 -24.74 -10.05 -10.60
N TRP AA 111 -24.28 -10.52 -9.45
CA TRP AA 111 -23.16 -11.46 -9.37
C TRP AA 111 -23.52 -12.90 -9.75
N ASN AA 112 -23.92 -13.09 -11.01
CA ASN AA 112 -24.45 -14.37 -11.49
C ASN AA 112 -23.82 -14.85 -12.78
N ALA AA 113 -23.99 -16.15 -13.03
CA ALA AA 113 -23.81 -16.73 -14.36
C ALA AA 113 -25.13 -17.43 -14.69
N ILE AA 114 -25.68 -17.13 -15.86
CA ILE AA 114 -27.02 -17.57 -16.23
C ILE AA 114 -27.02 -18.35 -17.55
N ILE AA 115 -27.72 -19.47 -17.59
CA ILE AA 115 -27.98 -20.19 -18.83
C ILE AA 115 -29.49 -20.24 -19.08
N VAL AA 116 -29.90 -19.73 -20.25
CA VAL AA 116 -31.31 -19.78 -20.65
C VAL AA 116 -31.51 -20.93 -21.64
N ALA AA 117 -32.20 -21.96 -21.18
CA ALA AA 117 -32.48 -23.15 -21.99
C ALA AA 117 -33.95 -23.13 -22.40
N GLY AA 118 -34.23 -23.42 -23.68
CA GLY AA 118 -35.61 -23.48 -24.15
C GLY AA 118 -35.82 -23.93 -25.59
N VAL AA 119 -37.09 -23.92 -26.01
CA VAL AA 119 -37.48 -24.26 -27.37
C VAL AA 119 -38.29 -23.12 -27.98
N GLN AA 120 -37.80 -22.59 -29.11
CA GLN AA 120 -38.50 -21.53 -29.86
C GLN AA 120 -39.83 -22.03 -30.44
N SER AA 121 -40.67 -21.11 -30.88
CA SER AA 121 -42.00 -21.44 -31.43
C SER AA 121 -41.94 -22.27 -32.72
N ASN AA 122 -40.80 -22.25 -33.40
CA ASN AA 122 -40.60 -23.03 -34.62
C ASN AA 122 -39.86 -24.36 -34.38
N GLY AA 123 -39.59 -24.68 -33.12
CA GLY AA 123 -38.98 -25.95 -32.75
C GLY AA 123 -37.47 -25.91 -32.55
N ASP AA 124 -36.85 -24.78 -32.90
CA ASP AA 124 -35.41 -24.62 -32.73
C ASP AA 124 -35.00 -24.64 -31.27
N GLN AA 125 -33.91 -25.37 -30.97
CA GLN AA 125 -33.33 -25.40 -29.63
C GLN AA 125 -32.69 -24.06 -29.35
N PHE AA 126 -32.92 -23.53 -28.14
CA PHE AA 126 -32.24 -22.31 -27.70
C PHE AA 126 -31.40 -22.58 -26.45
N LEU AA 127 -30.12 -22.22 -26.53
CA LEU AA 127 -29.22 -22.40 -25.41
C LEU AA 127 -28.14 -21.32 -25.41
N ARG AA 128 -28.28 -20.35 -24.52
CA ARG AA 128 -27.34 -19.23 -24.46
C ARG AA 128 -26.98 -18.84 -23.02
N TYR AA 129 -25.72 -18.42 -22.86
CA TYR AA 129 -25.15 -18.08 -21.55
C TYR AA 129 -24.92 -16.57 -21.44
N VAL AA 130 -25.15 -16.03 -20.25
CA VAL AA 130 -24.78 -14.65 -19.93
C VAL AA 130 -24.34 -14.54 -18.47
N ASN AA 131 -23.30 -13.75 -18.21
CA ASN AA 131 -22.79 -13.55 -16.86
C ASN AA 131 -22.73 -12.08 -16.41
N LEU AA 132 -22.05 -11.86 -15.27
CA LEU AA 132 -22.00 -10.55 -14.62
C LEU AA 132 -21.33 -9.45 -15.45
N LEU AA 133 -20.51 -9.84 -16.42
CA LEU AA 133 -19.82 -8.87 -17.28
C LEU AA 133 -20.67 -8.53 -18.51
N GLY AA 134 -21.69 -9.36 -18.76
CA GLY AA 134 -22.54 -9.22 -19.93
C GLY AA 134 -22.02 -10.01 -21.11
N VAL AA 135 -21.07 -10.91 -20.86
CA VAL AA 135 -20.51 -11.79 -21.89
C VAL AA 135 -21.53 -12.86 -22.24
N THR AA 136 -21.87 -12.94 -23.53
CA THR AA 136 -22.83 -13.92 -24.02
C THR AA 136 -22.20 -14.84 -25.05
N TYR AA 137 -22.56 -16.12 -24.99
CA TYR AA 137 -22.16 -17.09 -26.03
C TYR AA 137 -23.10 -18.28 -26.09
N SER AA 138 -23.10 -18.96 -27.24
CA SER AA 138 -23.82 -20.22 -27.40
C SER AA 138 -22.90 -21.34 -27.83
N SER AA 139 -23.27 -22.56 -27.43
CA SER AA 139 -22.55 -23.78 -27.79
C SER AA 139 -23.53 -24.95 -27.65
N PRO AA 140 -23.27 -26.08 -28.34
CA PRO AA 140 -24.09 -27.27 -28.10
C PRO AA 140 -24.10 -27.72 -26.64
N THR AA 141 -23.01 -27.44 -25.91
CA THR AA 141 -22.94 -27.65 -24.47
C THR AA 141 -22.59 -26.35 -23.77
N LEU AA 142 -23.26 -26.08 -22.66
CA LEU AA 142 -22.96 -24.92 -21.83
C LEU AA 142 -22.95 -25.31 -20.37
N ALA AA 143 -21.96 -24.79 -19.64
CA ALA AA 143 -21.84 -25.01 -18.21
C ALA AA 143 -21.16 -23.83 -17.53
N THR AA 144 -21.56 -23.56 -16.28
CA THR AA 144 -21.00 -22.44 -15.50
C THR AA 144 -20.12 -22.97 -14.36
N GLY AA 145 -19.26 -22.11 -13.83
CA GLY AA 145 -18.44 -22.43 -12.66
C GLY AA 145 -17.52 -23.62 -12.86
N PHE AA 146 -17.59 -24.58 -11.93
CA PHE AA 146 -16.84 -25.84 -12.04
C PHE AA 146 -17.32 -26.72 -13.18
N GLY AA 147 -18.61 -26.63 -13.50
CA GLY AA 147 -19.19 -27.36 -14.63
C GLY AA 147 -18.46 -27.07 -15.93
N ALA AA 148 -18.03 -25.83 -16.11
CA ALA AA 148 -17.27 -25.43 -17.30
C ALA AA 148 -16.01 -26.28 -17.43
N HIS AA 149 -15.37 -26.54 -16.29
CA HIS AA 149 -14.11 -27.26 -16.25
C HIS AA 149 -14.25 -28.78 -16.34
N MET AA 150 -15.36 -29.32 -15.81
CA MET AA 150 -15.52 -30.76 -15.67
C MET AA 150 -16.67 -31.38 -16.47
N ALA AA 151 -17.82 -30.70 -16.49
CA ALA AA 151 -18.99 -31.20 -17.22
C ALA AA 151 -18.81 -31.06 -18.73
N ASN AA 152 -18.37 -29.88 -19.17
CA ASN AA 152 -18.17 -29.62 -20.60
C ASN AA 152 -17.31 -30.66 -21.33
N PRO AA 153 -16.14 -31.03 -20.78
CA PRO AA 153 -15.36 -32.08 -21.43
C PRO AA 153 -16.12 -33.40 -21.63
N LEU AA 154 -17.01 -33.73 -20.69
CA LEU AA 154 -17.78 -34.98 -20.74
C LEU AA 154 -18.97 -34.88 -21.69
N LEU AA 155 -19.66 -33.75 -21.66
CA LEU AA 155 -20.81 -33.52 -22.53
C LEU AA 155 -20.39 -33.36 -23.99
N ARG AA 156 -19.23 -32.75 -24.21
CA ARG AA 156 -18.68 -32.56 -25.56
C ARG AA 156 -18.24 -33.87 -26.22
N LYS AA 157 -18.06 -34.91 -25.42
CA LYS AA 157 -17.78 -36.26 -25.95
C LYS AA 157 -19.02 -36.84 -26.64
N VAL AA 158 -20.19 -36.33 -26.26
CA VAL AA 158 -21.46 -36.73 -26.88
C VAL AA 158 -21.79 -35.78 -28.04
N VAL AA 159 -21.80 -34.48 -27.76
CA VAL AA 159 -22.00 -33.45 -28.80
C VAL AA 159 -20.76 -32.58 -28.98
N ASP AA 160 -19.95 -32.94 -29.98
CA ASP AA 160 -18.70 -32.26 -30.29
C ASP AA 160 -18.94 -31.06 -31.20
N ARG AA 161 -19.95 -31.16 -32.06
CA ARG AA 161 -20.34 -30.08 -32.97
C ARG AA 161 -21.84 -30.07 -33.28
N GLU AA 162 -22.24 -29.22 -34.22
CA GLU AA 162 -23.64 -29.01 -34.57
C GLU AA 162 -24.26 -30.23 -35.27
N SER AA 163 -23.45 -30.96 -36.04
CA SER AA 163 -23.94 -32.15 -36.73
C SER AA 163 -24.24 -33.30 -35.77
N ASP AA 164 -23.65 -33.26 -34.58
CA ASP AA 164 -23.87 -34.26 -33.53
C ASP AA 164 -25.25 -34.14 -32.86
N ILE AA 165 -25.90 -32.98 -33.03
CA ILE AA 165 -27.19 -32.72 -32.39
C ILE AA 165 -28.27 -33.76 -32.76
N PRO AA 166 -28.66 -33.86 -34.05
CA PRO AA 166 -29.77 -34.75 -34.39
C PRO AA 166 -29.49 -36.26 -34.24
N LYS AA 167 -28.32 -36.60 -33.71
CA LYS AA 167 -27.93 -37.99 -33.43
C LYS AA 167 -28.02 -38.32 -31.94
N THR AA 168 -28.26 -37.30 -31.12
CA THR AA 168 -28.36 -37.46 -29.66
C THR AA 168 -29.81 -37.53 -29.21
N THR AA 169 -30.19 -38.65 -28.59
CA THR AA 169 -31.53 -38.84 -28.07
C THR AA 169 -31.63 -38.41 -26.61
N VAL AA 170 -32.86 -38.21 -26.14
CA VAL AA 170 -33.13 -37.78 -24.76
C VAL AA 170 -32.47 -38.71 -23.73
N GLN AA 171 -32.53 -40.01 -24.00
CA GLN AA 171 -31.94 -41.02 -23.12
C GLN AA 171 -30.44 -40.84 -22.97
N VAL AA 172 -29.75 -40.69 -24.11
CA VAL AA 172 -28.29 -40.52 -24.16
C VAL AA 172 -27.87 -39.20 -23.52
N ALA AA 173 -28.58 -38.12 -23.85
CA ALA AA 173 -28.29 -36.78 -23.36
C ALA AA 173 -28.51 -36.64 -21.85
N GLU AA 174 -29.63 -37.15 -21.35
CA GLU AA 174 -29.94 -37.08 -19.92
C GLU AA 174 -28.94 -37.89 -19.10
N GLU AA 175 -28.62 -39.09 -19.59
CA GLU AA 175 -27.63 -39.96 -18.95
C GLU AA 175 -26.28 -39.25 -18.77
N ALA AA 176 -25.89 -38.45 -19.76
CA ALA AA 176 -24.67 -37.66 -19.70
C ALA AA 176 -24.76 -36.56 -18.65
N ILE AA 177 -25.93 -35.93 -18.55
CA ILE AA 177 -26.18 -34.87 -17.56
C ILE AA 177 -26.16 -35.44 -16.14
N VAL AA 178 -26.81 -36.58 -15.93
CA VAL AA 178 -26.82 -37.26 -14.63
C VAL AA 178 -25.41 -37.73 -14.22
N ASN AA 179 -24.64 -38.22 -15.20
CA ASN AA 179 -23.25 -38.61 -14.96
C ASN AA 179 -22.38 -37.40 -14.62
N ALA AA 180 -22.54 -36.31 -15.38
CA ALA AA 180 -21.80 -35.08 -15.15
C ALA AA 180 -22.04 -34.56 -13.74
N MET AA 181 -23.28 -34.63 -13.29
CA MET AA 181 -23.66 -34.21 -11.93
C MET AA 181 -22.94 -35.01 -10.84
N ARG AA 182 -22.72 -36.30 -11.08
CA ARG AA 182 -22.02 -37.17 -10.14
C ARG AA 182 -20.55 -36.77 -10.03
N VAL AA 183 -19.92 -36.57 -11.19
CA VAL AA 183 -18.54 -36.10 -11.27
C VAL AA 183 -18.38 -34.78 -10.52
N LEU AA 184 -19.33 -33.88 -10.70
CA LEU AA 184 -19.32 -32.60 -9.99
C LEU AA 184 -19.45 -32.77 -8.48
N TYR AA 185 -20.18 -33.78 -8.05
CA TYR AA 185 -20.32 -34.07 -6.63
C TYR AA 185 -19.04 -34.65 -6.04
N TYR AA 186 -18.29 -35.37 -6.87
CA TYR AA 186 -17.00 -35.94 -6.48
C TYR AA 186 -15.94 -34.87 -6.19
N ARG AA 187 -15.86 -33.85 -7.05
CA ARG AA 187 -14.71 -32.93 -7.04
C ARG AA 187 -15.01 -31.47 -6.67
N ASP AA 188 -16.28 -31.07 -6.77
CA ASP AA 188 -16.71 -29.72 -6.38
C ASP AA 188 -17.05 -29.70 -4.89
N ALA AA 189 -16.26 -28.97 -4.12
CA ALA AA 189 -16.43 -28.90 -2.67
C ALA AA 189 -17.68 -28.11 -2.27
N ARG AA 190 -18.23 -27.32 -3.19
CA ARG AA 190 -19.45 -26.55 -2.91
C ARG AA 190 -20.68 -27.17 -3.61
N SER AA 191 -20.67 -28.49 -3.80
CA SER AA 191 -21.76 -29.18 -4.48
C SER AA 191 -22.69 -29.96 -3.54
N SER AA 192 -23.90 -30.23 -4.03
CA SER AA 192 -24.90 -31.00 -3.30
C SER AA 192 -25.23 -32.30 -4.04
N ARG AA 193 -25.64 -33.31 -3.28
CA ARG AA 193 -26.06 -34.58 -3.85
C ARG AA 193 -27.45 -34.46 -4.50
N ASN AA 194 -28.27 -33.58 -3.95
CA ASN AA 194 -29.62 -33.34 -4.44
C ASN AA 194 -29.64 -32.27 -5.52
N PHE AA 195 -30.32 -32.57 -6.63
CA PHE AA 195 -30.37 -31.65 -7.76
C PHE AA 195 -31.69 -31.69 -8.52
N SER AA 196 -31.93 -30.64 -9.29
CA SER AA 196 -33.11 -30.55 -10.15
C SER AA 196 -32.70 -30.64 -11.61
N LEU AA 197 -33.59 -31.16 -12.44
CA LEU AA 197 -33.33 -31.33 -13.87
C LEU AA 197 -34.56 -30.93 -14.66
N ALA AA 198 -34.36 -30.27 -15.79
CA ALA AA 198 -35.46 -29.86 -16.65
C ALA AA 198 -35.21 -30.22 -18.10
N ILE AA 199 -36.21 -30.86 -18.72
CA ILE AA 199 -36.18 -31.15 -20.15
C ILE AA 199 -37.26 -30.31 -20.83
N ILE AA 200 -36.84 -29.53 -21.84
CA ILE AA 200 -37.80 -28.80 -22.67
C ILE AA 200 -37.74 -29.38 -24.08
N ASP AA 201 -38.81 -30.10 -24.44
CA ASP AA 201 -38.89 -30.88 -25.67
C ASP AA 201 -39.94 -30.30 -26.60
N LYS AA 202 -39.64 -30.26 -27.90
CA LYS AA 202 -40.57 -29.67 -28.88
C LYS AA 202 -41.85 -30.50 -29.10
N ASN AA 203 -41.89 -31.72 -28.57
CA ASN AA 203 -43.07 -32.59 -28.68
C ASN AA 203 -43.81 -32.82 -27.35
N THR AA 204 -43.07 -32.92 -26.26
CA THR AA 204 -43.65 -33.23 -24.94
C THR AA 204 -43.58 -32.06 -23.95
N GLY AA 205 -43.14 -30.90 -24.43
CA GLY AA 205 -43.15 -29.67 -23.62
C GLY AA 205 -42.10 -29.63 -22.52
N LEU AA 206 -42.48 -29.09 -21.37
CA LEU AA 206 -41.58 -28.95 -20.23
C LEU AA 206 -41.79 -30.06 -19.21
N THR AA 207 -40.73 -30.86 -18.99
CA THR AA 207 -40.71 -31.86 -17.93
C THR AA 207 -39.74 -31.39 -16.84
N PHE AA 208 -40.26 -31.16 -15.64
CA PHE AA 208 -39.45 -30.66 -14.52
C PHE AA 208 -39.32 -31.71 -13.42
N LYS AA 209 -38.10 -32.16 -13.19
CA LYS AA 209 -37.83 -33.21 -12.20
C LYS AA 209 -37.16 -32.68 -10.94
N LYS AA 210 -37.76 -32.97 -9.80
CA LYS AA 210 -37.29 -32.49 -8.50
C LYS AA 210 -36.79 -33.62 -7.60
N ASN AA 211 -35.96 -33.26 -6.62
CA ASN AA 211 -35.47 -34.19 -5.60
C ASN AA 211 -34.70 -35.40 -6.14
N LEU AA 212 -33.88 -35.16 -7.16
CA LEU AA 212 -33.01 -36.21 -7.68
C LEU AA 212 -31.79 -36.38 -6.80
N GLN AA 213 -31.22 -37.58 -6.81
CA GLN AA 213 -30.01 -37.86 -6.07
C GLN AA 213 -28.96 -38.52 -6.95
N VAL AA 214 -27.69 -38.18 -6.71
CA VAL AA 214 -26.57 -38.85 -7.33
C VAL AA 214 -26.48 -40.27 -6.75
N GLU AA 215 -26.60 -41.26 -7.63
CA GLU AA 215 -26.54 -42.67 -7.22
C GLU AA 215 -25.36 -43.38 -7.88
N ASN AA 216 -25.20 -44.66 -7.57
CA ASN AA 216 -24.15 -45.51 -8.14
C ASN AA 216 -22.75 -44.89 -8.04
N MET AA 217 -22.37 -44.52 -6.83
CA MET AA 217 -21.07 -43.91 -6.58
C MET AA 217 -20.01 -44.96 -6.27
N LYS AA 218 -18.81 -44.73 -6.80
CA LYS AA 218 -17.66 -45.60 -6.58
C LYS AA 218 -16.79 -45.09 -5.43
N TRP AA 219 -16.84 -45.79 -4.30
CA TRP AA 219 -16.04 -45.44 -3.12
C TRP AA 219 -15.29 -46.64 -2.55
N ASP AA 220 -15.55 -47.83 -3.09
CA ASP AA 220 -15.00 -49.08 -2.54
C ASP AA 220 -13.48 -49.08 -2.43
N PHE AA 221 -12.81 -48.62 -3.49
CA PHE AA 221 -11.34 -48.62 -3.57
C PHE AA 221 -10.66 -47.90 -2.40
N ALA AA 222 -11.38 -46.96 -1.77
CA ALA AA 222 -10.86 -46.14 -0.67
C ALA AA 222 -10.26 -46.95 0.48
N LYS AA 223 -10.81 -48.13 0.74
CA LYS AA 223 -10.36 -48.99 1.85
C LYS AA 223 -8.93 -49.49 1.67
N ASP AA 224 -8.49 -49.59 0.40
CA ASP AA 224 -7.16 -50.07 0.06
C ASP AA 224 -6.10 -48.98 0.16
N ILE AA 225 -6.55 -47.73 0.23
CA ILE AA 225 -5.64 -46.59 0.32
C ILE AA 225 -5.33 -46.26 1.78
N LYS AA 226 -4.08 -46.51 2.16
CA LYS AA 226 -3.61 -46.20 3.51
C LYS AA 226 -2.28 -45.48 3.47
N GLY AA 227 -2.18 -44.41 4.27
CA GLY AA 227 -0.97 -43.58 4.32
C GLY AA 227 -0.94 -42.59 3.18
N TYR AA 228 0.21 -41.93 3.03
CA TYR AA 228 0.43 -40.99 1.94
C TYR AA 228 1.71 -41.28 1.17
N GLY AA 229 2.41 -42.35 1.56
CA GLY AA 229 3.67 -42.70 0.91
C GLY AA 229 4.21 -44.07 1.23
N THR AA 230 4.69 -44.24 2.47
CA THR AA 230 5.43 -45.43 2.86
C THR AA 230 4.72 -46.29 3.90
N GLN AA 231 3.60 -45.79 4.44
CA GLN AA 231 2.85 -46.49 5.47
C GLN AA 231 2.13 -47.72 4.93
N LYS AA 232 2.39 -48.87 5.55
CA LYS AA 232 1.92 -50.17 5.06
C LYS AA 232 0.58 -50.63 5.63
N ILE AA 233 0.12 -49.99 6.70
CA ILE AA 233 -1.19 -50.30 7.30
C ILE AA 233 -2.04 -49.05 7.53
N THR BA 1 -23.46 -12.31 18.87
CA THR BA 1 -24.82 -12.84 19.06
C THR BA 1 -24.96 -14.36 18.90
N SER BA 2 -25.90 -14.98 19.64
CA SER BA 2 -26.61 -16.20 19.25
C SER BA 2 -28.13 -16.05 19.21
N ILE BA 3 -28.73 -16.29 18.03
CA ILE BA 3 -30.18 -16.16 17.84
C ILE BA 3 -30.78 -17.37 17.10
N MET BA 4 -32.04 -17.67 17.40
CA MET BA 4 -32.78 -18.74 16.71
C MET BA 4 -34.29 -18.61 16.81
N ALA BA 5 -35.00 -19.25 15.88
CA ALA BA 5 -36.46 -19.31 15.89
C ALA BA 5 -36.92 -20.69 15.43
N VAL BA 6 -37.93 -21.24 16.10
CA VAL BA 6 -38.40 -22.60 15.83
C VAL BA 6 -39.92 -22.68 15.72
N THR BA 7 -40.41 -23.17 14.57
CA THR BA 7 -41.84 -23.42 14.38
C THR BA 7 -42.23 -24.74 15.03
N PHE BA 8 -43.38 -24.74 15.69
CA PHE BA 8 -43.89 -25.94 16.35
C PHE BA 8 -45.41 -26.04 16.21
N LYS BA 9 -45.99 -27.10 16.77
CA LYS BA 9 -47.43 -27.37 16.65
C LYS BA 9 -48.33 -26.14 16.84
N ASP BA 10 -48.14 -25.43 17.95
CA ASP BA 10 -49.04 -24.34 18.32
C ASP BA 10 -48.63 -22.95 17.81
N GLY BA 11 -47.44 -22.84 17.22
CA GLY BA 11 -46.97 -21.57 16.68
C GLY BA 11 -45.47 -21.49 16.41
N VAL BA 12 -44.81 -20.54 17.07
CA VAL BA 12 -43.38 -20.33 16.89
C VAL BA 12 -42.74 -19.69 18.13
N ILE BA 13 -41.50 -20.08 18.42
CA ILE BA 13 -40.74 -19.47 19.52
C ILE BA 13 -39.41 -18.91 19.02
N LEU BA 14 -39.14 -17.66 19.39
CA LEU BA 14 -37.87 -17.00 19.10
C LEU BA 14 -37.00 -17.02 20.35
N GLY BA 15 -35.69 -17.12 20.16
CA GLY BA 15 -34.73 -17.14 21.26
C GLY BA 15 -33.43 -16.45 20.93
N ALA BA 16 -32.83 -15.83 21.95
CA ALA BA 16 -31.56 -15.11 21.80
C ALA BA 16 -30.81 -15.01 23.13
N ASP BA 17 -29.51 -14.73 23.06
CA ASP BA 17 -28.75 -14.40 24.26
C ASP BA 17 -28.93 -12.90 24.56
N SER BA 18 -28.10 -12.34 25.44
CA SER BA 18 -28.25 -10.94 25.81
C SER BA 18 -26.95 -10.13 25.82
N ARG BA 19 -25.93 -10.64 25.13
CA ARG BA 19 -24.61 -10.00 25.12
C ARG BA 19 -24.39 -9.16 23.86
N THR BA 20 -23.93 -7.93 24.06
CA THR BA 20 -23.37 -7.14 22.95
C THR BA 20 -21.95 -6.73 23.32
N THR BA 21 -21.05 -6.86 22.35
CA THR BA 21 -19.64 -6.60 22.59
C THR BA 21 -19.06 -5.52 21.68
N THR BA 22 -18.08 -4.80 22.20
CA THR BA 22 -17.21 -3.95 21.40
C THR BA 22 -15.79 -4.48 21.61
N GLY BA 23 -15.34 -5.28 20.66
CA GLY BA 23 -14.11 -6.06 20.83
C GLY BA 23 -14.36 -7.18 21.82
N ALA BA 24 -13.58 -7.20 22.90
CA ALA BA 24 -13.71 -8.22 23.93
C ALA BA 24 -14.39 -7.70 25.20
N TYR BA 25 -14.87 -6.47 25.15
CA TYR BA 25 -15.61 -5.87 26.27
C TYR BA 25 -17.11 -6.01 26.04
N ILE BA 26 -17.84 -6.40 27.08
CA ILE BA 26 -19.29 -6.53 27.01
C ILE BA 26 -19.98 -5.22 27.38
N ALA BA 27 -20.40 -4.48 26.35
CA ALA BA 27 -21.07 -3.18 26.52
C ALA BA 27 -22.45 -3.31 27.18
N ASN BA 28 -23.17 -4.38 26.83
CA ASN BA 28 -24.46 -4.68 27.42
C ASN BA 28 -24.56 -6.18 27.66
N ARG BA 29 -24.84 -6.56 28.91
CA ARG BA 29 -24.99 -7.98 29.25
C ARG BA 29 -26.45 -8.42 29.41
N VAL BA 30 -27.38 -7.49 29.17
CA VAL BA 30 -28.81 -7.76 29.32
C VAL BA 30 -29.63 -7.29 28.12
N THR BA 31 -29.01 -7.28 26.94
CA THR BA 31 -29.64 -6.79 25.72
C THR BA 31 -30.92 -7.56 25.36
N ASP BA 32 -31.88 -6.86 24.76
CA ASP BA 32 -33.07 -7.51 24.23
C ASP BA 32 -33.02 -7.53 22.71
N LYS BA 33 -32.57 -8.66 22.16
CA LYS BA 33 -32.38 -8.84 20.72
C LYS BA 33 -33.64 -9.27 20.01
N LEU BA 34 -34.69 -9.56 20.77
CA LEU BA 34 -35.98 -9.96 20.21
C LEU BA 34 -36.89 -8.73 20.08
N THR BA 35 -37.05 -8.25 18.86
CA THR BA 35 -37.74 -7.00 18.60
C THR BA 35 -39.09 -7.20 17.89
N ARG BA 36 -40.13 -6.62 18.48
CA ARG BA 36 -41.47 -6.64 17.92
C ARG BA 36 -41.59 -5.66 16.77
N VAL BA 37 -42.15 -6.12 15.65
CA VAL BA 37 -42.46 -5.22 14.54
C VAL BA 37 -43.98 -5.13 14.31
N HIS BA 38 -44.69 -6.15 14.77
CA HIS BA 38 -46.15 -6.17 14.80
C HIS BA 38 -46.64 -7.14 15.87
N ASP BA 39 -47.91 -7.02 16.27
CA ASP BA 39 -48.51 -7.80 17.35
C ASP BA 39 -47.97 -9.23 17.45
N LYS BA 40 -48.12 -9.99 16.36
CA LYS BA 40 -47.61 -11.37 16.32
C LYS BA 40 -46.54 -11.59 15.26
N ILE BA 41 -45.80 -10.52 14.92
CA ILE BA 41 -44.62 -10.65 14.07
C ILE BA 41 -43.41 -10.03 14.77
N TRP BA 42 -42.44 -10.88 15.09
CA TRP BA 42 -41.22 -10.46 15.78
C TRP BA 42 -40.00 -10.83 14.96
N CYS BA 43 -38.83 -10.32 15.36
CA CYS BA 43 -37.58 -10.63 14.68
C CYS BA 43 -36.44 -10.85 15.66
N CYS BA 44 -35.42 -11.56 15.19
CA CYS BA 44 -34.16 -11.73 15.92
C CYS BA 44 -33.09 -10.91 15.21
N ARG BA 45 -32.32 -10.14 15.99
CA ARG BA 45 -31.33 -9.24 15.41
C ARG BA 45 -29.90 -9.72 15.65
N SER BA 46 -29.10 -9.73 14.58
CA SER BA 46 -27.66 -10.02 14.68
C SER BA 46 -26.90 -9.18 13.67
N GLY BA 47 -25.64 -8.89 13.98
CA GLY BA 47 -24.81 -8.01 13.18
C GLY BA 47 -24.65 -6.67 13.86
N SER BA 48 -24.63 -5.60 13.07
CA SER BA 48 -24.53 -4.24 13.59
C SER BA 48 -25.76 -3.83 14.39
N ALA BA 49 -25.54 -3.44 15.64
CA ALA BA 49 -26.62 -3.01 16.53
C ALA BA 49 -27.37 -1.81 15.97
N ALA BA 50 -26.63 -0.84 15.43
CA ALA BA 50 -27.23 0.34 14.83
C ALA BA 50 -28.08 -0.03 13.62
N ASP BA 51 -27.53 -0.87 12.74
CA ASP BA 51 -28.19 -1.24 11.49
C ASP BA 51 -29.49 -2.01 11.72
N THR BA 52 -29.43 -3.03 12.57
CA THR BA 52 -30.59 -3.86 12.88
C THR BA 52 -31.70 -3.08 13.61
N GLN BA 53 -31.29 -2.13 14.46
CA GLN BA 53 -32.26 -1.29 15.17
C GLN BA 53 -32.99 -0.34 14.22
N ALA BA 54 -32.24 0.31 13.34
CA ALA BA 54 -32.80 1.22 12.35
C ALA BA 54 -33.71 0.49 11.35
N ILE BA 55 -33.31 -0.71 10.96
CA ILE BA 55 -34.09 -1.53 10.03
C ILE BA 55 -35.42 -1.96 10.66
N ALA BA 56 -35.37 -2.48 11.89
CA ALA BA 56 -36.58 -2.91 12.59
C ALA BA 56 -37.55 -1.75 12.83
N ASP BA 57 -37.00 -0.57 13.14
CA ASP BA 57 -37.81 0.64 13.34
C ASP BA 57 -38.53 1.07 12.06
N ILE BA 58 -37.85 0.92 10.91
CA ILE BA 58 -38.43 1.26 9.62
C ILE BA 58 -39.54 0.26 9.27
N VAL BA 59 -39.28 -1.03 9.50
CA VAL BA 59 -40.27 -2.08 9.21
C VAL BA 59 -41.54 -1.86 10.03
N GLN BA 60 -41.37 -1.66 11.34
CA GLN BA 60 -42.50 -1.40 12.25
C GLN BA 60 -43.37 -0.26 11.73
N TYR BA 61 -42.73 0.78 11.21
CA TYR BA 61 -43.44 1.88 10.57
C TYR BA 61 -44.23 1.38 9.36
N HIS BA 62 -43.59 0.60 8.50
CA HIS BA 62 -44.23 0.10 7.27
C HIS BA 62 -45.42 -0.82 7.56
N LEU BA 63 -45.32 -1.62 8.61
CA LEU BA 63 -46.40 -2.55 8.97
C LEU BA 63 -47.53 -1.85 9.70
N GLU BA 64 -47.21 -0.80 10.44
CA GLU BA 64 -48.22 0.03 11.11
C GLU BA 64 -49.06 0.77 10.07
N LEU BA 65 -48.40 1.27 9.04
CA LEU BA 65 -49.07 1.95 7.94
C LEU BA 65 -49.85 0.98 7.07
N TYR BA 66 -49.34 -0.26 6.96
CA TYR BA 66 -50.03 -1.35 6.28
C TYR BA 66 -51.32 -1.70 7.02
N THR BA 67 -51.22 -1.83 8.35
CA THR BA 67 -52.34 -2.20 9.19
C THR BA 67 -53.45 -1.15 9.14
N SER BA 68 -53.06 0.12 9.09
CA SER BA 68 -54.02 1.23 9.01
C SER BA 68 -54.84 1.20 7.73
N GLN BA 69 -54.24 0.66 6.66
CA GLN BA 69 -54.88 0.67 5.35
C GLN BA 69 -55.52 -0.65 4.97
N TYR BA 70 -54.83 -1.76 5.20
CA TYR BA 70 -55.25 -3.06 4.66
C TYR BA 70 -55.43 -4.18 5.67
N GLY BA 71 -55.39 -3.86 6.96
CA GLY BA 71 -55.52 -4.87 8.02
C GLY BA 71 -54.20 -5.55 8.32
N THR BA 72 -54.25 -6.60 9.13
CA THR BA 72 -53.04 -7.27 9.63
C THR BA 72 -52.21 -7.94 8.51
N PRO BA 73 -50.90 -7.61 8.43
CA PRO BA 73 -50.00 -8.21 7.46
C PRO BA 73 -49.65 -9.67 7.79
N SER BA 74 -49.33 -10.45 6.75
CA SER BA 74 -48.84 -11.81 6.94
C SER BA 74 -47.36 -11.78 7.30
N THR BA 75 -46.84 -12.88 7.85
CA THR BA 75 -45.43 -12.97 8.23
C THR BA 75 -44.53 -12.82 7.00
N GLU BA 76 -45.00 -13.35 5.88
CA GLU BA 76 -44.28 -13.25 4.61
C GLU BA 76 -44.09 -11.79 4.18
N THR BA 77 -45.12 -10.98 4.36
CA THR BA 77 -45.09 -9.56 4.02
C THR BA 77 -44.02 -8.81 4.83
N ALA BA 78 -43.95 -9.13 6.13
CA ALA BA 78 -42.94 -8.55 7.01
C ALA BA 78 -41.51 -8.93 6.58
N ALA BA 79 -41.35 -10.18 6.15
CA ALA BA 79 -40.06 -10.66 5.65
C ALA BA 79 -39.68 -9.99 4.32
N SER BA 80 -40.68 -9.66 3.53
CA SER BA 80 -40.47 -8.95 2.27
C SER BA 80 -40.03 -7.50 2.50
N VAL BA 81 -40.64 -6.84 3.49
CA VAL BA 81 -40.25 -5.49 3.87
C VAL BA 81 -38.80 -5.48 4.36
N PHE BA 82 -38.44 -6.48 5.17
CA PHE BA 82 -37.06 -6.66 5.65
C PHE BA 82 -36.11 -6.90 4.49
N LYS BA 83 -36.48 -7.80 3.57
CA LYS BA 83 -35.67 -8.14 2.40
C LYS BA 83 -35.40 -6.93 1.52
N GLU BA 84 -36.44 -6.13 1.28
CA GLU BA 84 -36.32 -4.96 0.44
C GLU BA 84 -35.25 -4.01 0.98
N LEU BA 85 -35.29 -3.75 2.28
CA LEU BA 85 -34.31 -2.87 2.93
C LEU BA 85 -32.89 -3.45 2.94
N CYS BA 86 -32.77 -4.73 3.29
CA CYS BA 86 -31.47 -5.40 3.38
C CYS BA 86 -30.80 -5.59 2.03
N TYR BA 87 -31.57 -5.97 1.02
CA TYR BA 87 -31.04 -6.23 -0.31
C TYR BA 87 -30.62 -4.95 -1.02
N GLU BA 88 -31.46 -3.93 -0.92
CA GLU BA 88 -31.25 -2.68 -1.64
C GLU BA 88 -30.12 -1.85 -1.05
N ASN BA 89 -29.88 -2.02 0.25
CA ASN BA 89 -28.82 -1.30 0.96
C ASN BA 89 -27.71 -2.21 1.47
N LYS BA 90 -27.43 -3.28 0.73
CA LYS BA 90 -26.49 -4.32 1.17
C LYS BA 90 -25.04 -3.87 1.34
N ASP BA 91 -24.67 -2.81 0.63
CA ASP BA 91 -23.31 -2.26 0.68
C ASP BA 91 -23.04 -1.45 1.95
N ASN BA 92 -24.10 -0.94 2.57
CA ASN BA 92 -24.00 -0.09 3.74
C ASN BA 92 -24.55 -0.75 5.01
N LEU BA 93 -24.91 -2.03 4.90
CA LEU BA 93 -25.51 -2.75 6.02
C LEU BA 93 -24.77 -4.02 6.39
N THR BA 94 -24.75 -4.30 7.69
CA THR BA 94 -24.27 -5.56 8.23
C THR BA 94 -25.35 -6.04 9.19
N ALA BA 95 -26.32 -6.76 8.64
CA ALA BA 95 -27.48 -7.19 9.41
C ALA BA 95 -27.90 -8.59 8.98
N GLY BA 96 -28.05 -9.46 9.98
CA GLY BA 96 -28.57 -10.81 9.78
C GLY BA 96 -29.80 -10.97 10.65
N ILE BA 97 -30.97 -11.02 10.01
CA ILE BA 97 -32.25 -10.97 10.70
C ILE BA 97 -33.07 -12.24 10.48
N ILE BA 98 -33.68 -12.74 11.54
CA ILE BA 98 -34.65 -13.83 11.44
C ILE BA 98 -36.05 -13.28 11.76
N VAL BA 99 -36.96 -13.38 10.79
CA VAL BA 99 -38.34 -12.94 10.97
C VAL BA 99 -39.20 -14.14 11.34
N ALA BA 100 -40.05 -13.98 12.37
CA ALA BA 100 -40.96 -15.03 12.79
C ALA BA 100 -42.28 -14.46 13.28
N GLY BA 101 -43.37 -15.08 12.86
CA GLY BA 101 -44.70 -14.60 13.22
C GLY BA 101 -45.77 -15.67 13.25
N TYR BA 102 -46.74 -15.50 14.14
CA TYR BA 102 -47.90 -16.37 14.22
C TYR BA 102 -49.07 -15.79 13.44
N ASP BA 103 -49.66 -16.63 12.60
CA ASP BA 103 -50.82 -16.28 11.79
C ASP BA 103 -51.92 -17.28 12.13
N ASP BA 104 -53.17 -16.87 11.94
CA ASP BA 104 -54.31 -17.74 12.26
C ASP BA 104 -54.53 -18.79 11.15
N LYS BA 105 -54.23 -18.41 9.92
CA LYS BA 105 -54.32 -19.31 8.77
C LYS BA 105 -53.01 -20.10 8.57
N ASN BA 106 -51.88 -19.39 8.58
CA ASN BA 106 -50.57 -19.97 8.27
C ASN BA 106 -49.84 -20.59 9.48
N LYS BA 107 -50.48 -20.54 10.64
CA LYS BA 107 -49.90 -21.01 11.91
C LYS BA 107 -48.55 -20.36 12.24
N GLY BA 108 -47.47 -21.13 12.22
CA GLY BA 108 -46.15 -20.60 12.55
C GLY BA 108 -45.20 -20.62 11.36
N GLU BA 109 -44.54 -19.48 11.12
CA GLU BA 109 -43.59 -19.35 10.01
C GLU BA 109 -42.29 -18.69 10.45
N VAL BA 110 -41.17 -19.16 9.87
CA VAL BA 110 -39.85 -18.58 10.12
C VAL BA 110 -39.14 -18.25 8.81
N TYR BA 111 -38.70 -17.00 8.70
CA TYR BA 111 -37.92 -16.53 7.55
C TYR BA 111 -36.55 -16.04 8.01
N THR BA 112 -35.51 -16.47 7.30
CA THR BA 112 -34.15 -16.01 7.61
C THR BA 112 -33.60 -15.14 6.49
N ILE BA 113 -32.94 -14.04 6.88
CA ILE BA 113 -32.35 -13.10 5.94
C ILE BA 113 -30.89 -12.84 6.31
N PRO BA 114 -29.95 -13.48 5.61
CA PRO BA 114 -28.52 -13.30 5.84
C PRO BA 114 -27.99 -11.96 5.33
N LEU BA 115 -26.68 -11.86 5.11
CA LEU BA 115 -26.04 -10.59 4.76
C LEU BA 115 -26.48 -10.01 3.39
N GLY BA 116 -26.58 -10.86 2.38
CA GLY BA 116 -26.91 -10.38 1.03
C GLY BA 116 -28.30 -9.78 0.84
N GLY BA 117 -29.27 -10.25 1.62
CA GLY BA 117 -30.65 -9.82 1.49
C GLY BA 117 -31.57 -10.88 0.90
N SER BA 118 -31.07 -12.11 0.80
CA SER BA 118 -31.88 -13.22 0.29
C SER BA 118 -32.86 -13.69 1.37
N VAL BA 119 -33.97 -14.27 0.94
CA VAL BA 119 -34.99 -14.78 1.86
C VAL BA 119 -35.04 -16.29 1.80
N HIS BA 120 -35.19 -16.93 2.97
CA HIS BA 120 -35.33 -18.37 3.06
C HIS BA 120 -36.35 -18.72 4.13
N LYS BA 121 -37.46 -19.33 3.70
CA LYS BA 121 -38.47 -19.86 4.60
C LYS BA 121 -37.99 -21.22 5.09
N LEU BA 122 -38.06 -21.44 6.41
CA LEU BA 122 -37.51 -22.65 7.00
C LEU BA 122 -38.36 -23.19 8.17
N PRO BA 123 -38.29 -24.51 8.43
CA PRO BA 123 -38.92 -25.06 9.64
C PRO BA 123 -38.36 -24.39 10.90
N TYR BA 124 -37.06 -24.09 10.88
CA TYR BA 124 -36.39 -23.35 11.94
C TYR BA 124 -35.10 -22.74 11.37
N ALA BA 125 -34.60 -21.71 12.03
CA ALA BA 125 -33.38 -21.05 11.60
C ALA BA 125 -32.54 -20.65 12.80
N ILE BA 126 -31.23 -20.75 12.65
CA ILE BA 126 -30.27 -20.22 13.63
C ILE BA 126 -29.36 -19.21 12.93
N ALA BA 127 -28.85 -18.24 13.69
CA ALA BA 127 -27.97 -17.20 13.16
C ALA BA 127 -27.10 -16.55 14.25
N GLY BA 128 -26.22 -15.64 13.83
CA GLY BA 128 -25.29 -14.98 14.74
C GLY BA 128 -23.99 -15.78 14.87
N SER BA 129 -22.99 -15.17 15.50
CA SER BA 129 -21.66 -15.78 15.63
C SER BA 129 -21.67 -17.16 16.29
N GLY BA 130 -22.50 -17.30 17.34
CA GLY BA 130 -22.53 -18.52 18.13
C GLY BA 130 -23.24 -19.68 17.47
N SER BA 131 -23.95 -19.41 16.38
CA SER BA 131 -24.74 -20.44 15.71
C SER BA 131 -23.88 -21.52 15.05
N THR BA 132 -22.68 -21.17 14.60
CA THR BA 132 -21.78 -22.12 13.95
C THR BA 132 -21.57 -23.37 14.82
N PHE BA 133 -21.58 -23.17 16.14
CA PHE BA 133 -21.24 -24.24 17.07
C PHE BA 133 -22.38 -25.22 17.36
N ILE BA 134 -23.58 -24.89 16.88
CA ILE BA 134 -24.76 -25.71 17.17
C ILE BA 134 -25.48 -26.21 15.91
N TYR BA 135 -24.81 -26.14 14.76
CA TYR BA 135 -25.36 -26.72 13.53
C TYR BA 135 -25.54 -28.23 13.68
N GLY BA 136 -24.52 -28.89 14.22
CA GLY BA 136 -24.59 -30.32 14.50
C GLY BA 136 -25.71 -30.68 15.46
N TYR BA 137 -25.77 -30.00 16.60
CA TYR BA 137 -26.77 -30.28 17.61
C TYR BA 137 -28.20 -30.10 17.11
N CYS BA 138 -28.45 -28.98 16.43
CA CYS BA 138 -29.80 -28.63 15.98
C CYS BA 138 -30.33 -29.54 14.88
N ASP BA 139 -29.45 -29.96 13.98
CA ASP BA 139 -29.84 -30.84 12.88
C ASP BA 139 -30.25 -32.21 13.38
N LYS BA 140 -29.62 -32.66 14.47
CA LYS BA 140 -29.89 -33.98 15.04
C LYS BA 140 -31.07 -33.99 16.02
N ASN BA 141 -31.41 -32.82 16.57
CA ASN BA 141 -32.43 -32.74 17.62
C ASN BA 141 -33.76 -32.12 17.24
N PHE BA 142 -33.81 -31.40 16.12
CA PHE BA 142 -35.06 -30.79 15.67
C PHE BA 142 -36.05 -31.82 15.11
N ARG BA 143 -37.30 -31.67 15.52
CA ARG BA 143 -38.42 -32.44 14.99
C ARG BA 143 -39.56 -31.48 14.71
N GLU BA 144 -40.35 -31.76 13.68
CA GLU BA 144 -41.51 -30.92 13.36
C GLU BA 144 -42.70 -31.23 14.26
N ASN BA 145 -43.45 -30.18 14.58
CA ASN BA 145 -44.65 -30.25 15.43
C ASN BA 145 -44.36 -30.68 16.87
N MET BA 146 -43.30 -30.12 17.45
CA MET BA 146 -42.98 -30.33 18.86
C MET BA 146 -43.98 -29.58 19.74
N SER BA 147 -44.12 -30.02 20.99
CA SER BA 147 -44.94 -29.30 21.96
C SER BA 147 -44.17 -28.07 22.47
N LYS BA 148 -44.89 -27.13 23.08
CA LYS BA 148 -44.28 -25.92 23.64
C LYS BA 148 -43.16 -26.27 24.63
N GLU BA 149 -43.44 -27.24 25.50
CA GLU BA 149 -42.48 -27.73 26.50
C GLU BA 149 -41.20 -28.28 25.87
N GLU BA 150 -41.37 -28.99 24.75
CA GLU BA 150 -40.25 -29.56 24.00
C GLU BA 150 -39.44 -28.48 23.27
N THR BA 151 -40.14 -27.53 22.66
CA THR BA 151 -39.51 -26.46 21.87
C THR BA 151 -38.68 -25.52 22.74
N VAL BA 152 -39.24 -25.10 23.86
CA VAL BA 152 -38.51 -24.30 24.86
C VAL BA 152 -37.24 -25.04 25.28
N ASP BA 153 -37.38 -26.34 25.57
CA ASP BA 153 -36.25 -27.23 25.91
C ASP BA 153 -35.19 -27.29 24.80
N PHE BA 154 -35.66 -27.45 23.56
CA PHE BA 154 -34.77 -27.53 22.40
C PHE BA 154 -33.95 -26.25 22.23
N ILE BA 155 -34.59 -25.09 22.35
CA ILE BA 155 -33.92 -23.79 22.25
C ILE BA 155 -33.02 -23.55 23.46
N LYS BA 156 -33.50 -23.96 24.64
CA LYS BA 156 -32.74 -23.82 25.88
C LYS BA 156 -31.40 -24.53 25.77
N HIS BA 157 -31.42 -25.79 25.35
CA HIS BA 157 -30.21 -26.61 25.18
C HIS BA 157 -29.30 -26.07 24.09
N SER BA 158 -29.90 -25.67 22.97
CA SER BA 158 -29.15 -25.21 21.80
C SER BA 158 -28.39 -23.92 22.08
N LEU BA 159 -29.07 -22.93 22.65
CA LEU BA 159 -28.44 -21.65 22.95
C LEU BA 159 -27.43 -21.74 24.10
N SER BA 160 -27.63 -22.67 25.03
CA SER BA 160 -26.68 -22.87 26.12
C SER BA 160 -25.34 -23.35 25.59
N GLN BA 161 -25.39 -24.17 24.54
CA GLN BA 161 -24.19 -24.69 23.89
C GLN BA 161 -23.47 -23.61 23.08
N ALA BA 162 -24.27 -22.75 22.44
CA ALA BA 162 -23.73 -21.62 21.69
C ALA BA 162 -23.02 -20.64 22.61
N ILE BA 163 -23.61 -20.39 23.76
CA ILE BA 163 -23.05 -19.47 24.76
C ILE BA 163 -21.76 -20.00 25.37
N LYS BA 164 -21.70 -21.33 25.52
CA LYS BA 164 -20.56 -22.01 26.14
C LYS BA 164 -19.28 -21.91 25.30
N TRP BA 165 -19.43 -22.01 23.99
CA TRP BA 165 -18.29 -22.00 23.09
C TRP BA 165 -17.99 -20.63 22.51
N ASP BA 166 -19.04 -19.84 22.25
CA ASP BA 166 -18.88 -18.51 21.67
C ASP BA 166 -18.68 -17.44 22.75
N GLY BA 167 -17.55 -16.75 22.68
CA GLY BA 167 -17.25 -15.65 23.58
C GLY BA 167 -18.09 -14.42 23.31
N SER BA 168 -18.65 -14.34 22.11
CA SER BA 168 -19.52 -13.23 21.71
C SER BA 168 -20.95 -13.41 22.23
N SER BA 169 -21.23 -14.56 22.82
CA SER BA 169 -22.55 -14.87 23.36
C SER BA 169 -22.49 -15.17 24.84
N GLY BA 170 -23.56 -14.80 25.54
CA GLY BA 170 -23.63 -14.99 26.99
C GLY BA 170 -24.78 -14.22 27.63
N GLY BA 171 -24.83 -14.27 28.95
CA GLY BA 171 -25.87 -13.58 29.71
C GLY BA 171 -27.10 -14.44 29.93
N VAL BA 172 -28.28 -13.85 29.75
CA VAL BA 172 -29.54 -14.57 29.91
C VAL BA 172 -30.05 -15.06 28.55
N ILE BA 173 -30.83 -16.13 28.56
CA ILE BA 173 -31.53 -16.58 27.35
C ILE BA 173 -32.95 -16.02 27.37
N ARG BA 174 -33.27 -15.20 26.38
CA ARG BA 174 -34.60 -14.64 26.24
C ARG BA 174 -35.39 -15.42 25.21
N MET BA 175 -36.67 -15.59 25.47
CA MET BA 175 -37.56 -16.23 24.50
C MET BA 175 -38.84 -15.43 24.32
N VAL BA 176 -39.42 -15.52 23.12
CA VAL BA 176 -40.75 -14.97 22.84
C VAL BA 176 -41.62 -16.07 22.22
N VAL BA 177 -42.76 -16.35 22.84
CA VAL BA 177 -43.67 -17.40 22.37
C VAL BA 177 -44.86 -16.78 21.63
N LEU BA 178 -45.03 -17.17 20.38
CA LEU BA 178 -46.09 -16.63 19.52
C LEU BA 178 -47.11 -17.72 19.16
N THR BA 179 -48.25 -17.70 19.83
CA THR BA 179 -49.31 -18.68 19.63
C THR BA 179 -50.66 -17.99 19.48
N ALA BA 180 -51.74 -18.79 19.49
CA ALA BA 180 -53.10 -18.28 19.40
C ALA BA 180 -53.49 -17.48 20.64
N ALA BA 181 -52.92 -17.87 21.79
CA ALA BA 181 -53.19 -17.23 23.07
C ALA BA 181 -52.59 -15.82 23.19
N GLY BA 182 -51.50 -15.58 22.48
CA GLY BA 182 -50.88 -14.26 22.46
C GLY BA 182 -49.37 -14.30 22.48
N VAL BA 183 -48.77 -13.38 23.25
CA VAL BA 183 -47.32 -13.23 23.33
C VAL BA 183 -46.84 -13.50 24.75
N GLU BA 184 -45.88 -14.42 24.89
CA GLU BA 184 -45.36 -14.81 26.19
C GLU BA 184 -43.84 -14.62 26.25
N ARG BA 185 -43.39 -13.82 27.22
CA ARG BA 185 -41.98 -13.53 27.42
C ARG BA 185 -41.36 -14.50 28.41
N LEU BA 186 -40.29 -15.18 28.00
CA LEU BA 186 -39.58 -16.10 28.87
C LEU BA 186 -38.13 -15.67 29.06
N ILE BA 187 -37.61 -15.96 30.24
CA ILE BA 187 -36.21 -15.67 30.55
C ILE BA 187 -35.58 -16.85 31.31
N PHE BA 188 -34.32 -17.16 30.97
CA PHE BA 188 -33.57 -18.22 31.67
C PHE BA 188 -32.16 -17.76 32.02
N TYR BA 189 -31.80 -17.95 33.29
CA TYR BA 189 -30.55 -17.42 33.85
C TYR BA 189 -29.39 -18.42 33.78
N PRO BA 190 -28.13 -17.90 33.78
CA PRO BA 190 -26.93 -18.73 33.66
C PRO BA 190 -26.88 -19.91 34.63
N ASP BA 191 -27.31 -19.70 35.86
CA ASP BA 191 -27.28 -20.76 36.88
C ASP BA 191 -28.18 -21.95 36.56
N GLU BA 192 -29.11 -21.75 35.62
CA GLU BA 192 -29.98 -22.82 35.16
C GLU BA 192 -29.44 -23.51 33.90
N TYR BA 193 -29.22 -22.74 32.84
CA TYR BA 193 -28.85 -23.34 31.54
C TYR BA 193 -27.42 -23.88 31.46
N GLU BA 194 -26.52 -23.38 32.29
CA GLU BA 194 -25.14 -23.88 32.34
C GLU BA 194 -25.06 -25.30 32.90
N GLN BA 195 -26.00 -25.61 33.79
CA GLN BA 195 -26.09 -26.92 34.43
C GLN BA 195 -26.36 -28.05 33.44
N LEU BA 196 -27.15 -27.76 32.40
CA LEU BA 196 -27.56 -28.73 31.39
C LEU BA 196 -26.37 -29.45 30.75
C27 ONK CA . 9.72 -19.03 -17.30
C1 ONK CA . 8.66 -19.83 -18.03
O1 ONK CA . 7.49 -19.53 -17.92
C28 ONK CA . 9.48 -19.18 -15.80
C29 ONK CA . 10.72 -18.84 -14.99
C30 ONK CA . 10.36 -18.29 -13.62
C31 ONK CA . 11.41 -17.32 -13.12
N1 ONK CA . 9.12 -20.84 -18.78
C2 ONK CA . 8.28 -21.73 -19.56
C5 ONK CA . 7.46 -22.61 -18.64
O3 ONK CA . 8.02 -23.18 -17.71
C3 ONK CA . 9.15 -22.56 -20.49
C4 ONK CA . 9.78 -21.69 -21.57
C26 ONK CA . 8.40 -23.72 -21.13
C10 ONK CA . 4.78 -24.76 -18.79
C9 ONK CA . 4.05 -20.98 -15.80
C8 ONK CA . 4.39 -21.28 -17.24
N2 ONK CA . 6.16 -22.71 -18.89
O7 ONK CA . 2.93 -21.23 -15.37
N5 ONK CA . 5.01 -20.44 -15.03
C24 ONK CA . 6.16 -21.22 -14.58
C25 ONK CA . 4.99 -19.05 -14.60
C6 ONK CA . 5.26 -23.52 -18.07
C7 ONK CA . 4.05 -22.71 -17.59
O2 ONK CA . 4.78 -24.83 -20.00
N3 ONK CA . 4.36 -25.76 -18.00
C11 ONK CA . 3.87 -27.03 -18.50
C16 ONK CA . 2.38 -27.21 -18.18
O6 ONK CA . 2.23 -27.29 -16.75
C17 ONK CA . 1.56 -26.02 -18.69
C23 ONK CA . 1.57 -25.68 -20.16
C18 ONK CA . 0.85 -25.29 -17.88
C12 ONK CA . 4.73 -28.14 -17.91
C13 ONK CA . 5.81 -28.74 -18.83
C15 ONK CA . 6.37 -27.78 -19.86
C14 ONK CA . 6.93 -29.33 -17.99
C27 VNK DA . 17.27 12.10 17.21
C1 VNK DA . 17.13 13.60 16.98
O1 VNK DA . 16.30 14.03 16.19
C28 VNK DA . 15.92 11.41 17.37
C29 VNK DA . 16.06 9.90 17.25
C30 VNK DA . 14.83 9.18 17.79
C31 VNK DA . 15.05 7.69 17.85
N1 VNK DA . 17.95 14.37 17.69
C2 VNK DA . 18.01 15.81 17.62
C5 VNK DA . 18.79 16.21 16.39
O3 VNK DA . 19.82 15.60 16.10
C3 VNK DA . 18.57 16.31 18.95
C26 VNK DA . 19.63 17.41 18.84
C4 VNK DA . 17.45 16.77 19.88
C10 VNK DA . 19.67 18.99 14.56
C9 VNK DA . 17.18 15.78 11.73
C8 VNK DA . 17.36 16.25 13.15
N2 VNK DA . 18.31 17.21 15.63
O7 VNK DA . 16.08 15.88 11.19
N5 VNK DA . 18.22 15.24 11.11
C24 VNK DA . 18.92 15.92 10.02
C25 VNK DA . 18.75 13.93 11.44
C6 VNK DA . 18.98 17.66 14.41
C7 VNK DA . 18.03 17.61 13.21
O2 VNK DA . 19.43 19.71 15.51
N3 VNK DA . 20.56 19.30 13.59
C11 VNK DA . 21.37 20.51 13.59
C12 VNK DA . 22.78 19.96 13.82
C13 VNK DA . 23.42 20.14 15.20
C15 VNK DA . 22.51 19.80 16.38
C14 VNK DA . 24.69 19.30 15.31
C16 VNK DA . 21.32 21.37 12.31
O6 VNK DA . 21.44 20.49 11.18
C17 VNK DA . 20.09 22.30 12.11
C23 VNK DA . 19.46 22.66 13.44
C18 VNK DA . 18.99 21.57 11.32
C27 VNK EA . -0.93 -25.58 -1.39
C1 VNK EA . -2.15 -26.32 -0.88
O1 VNK EA . -3.16 -25.71 -0.53
C28 VNK EA . -0.97 -24.09 -1.05
C29 VNK EA . 0.04 -23.74 0.03
C30 VNK EA . -0.34 -22.44 0.75
C31 VNK EA . 0.54 -21.28 0.32
N1 VNK EA . -2.03 -27.65 -0.85
C2 VNK EA . -3.05 -28.59 -0.41
C5 VNK EA . -3.35 -28.46 1.07
O3 VNK EA . -2.45 -28.49 1.90
C3 VNK EA . -2.62 -30.02 -0.76
C26 VNK EA . -3.60 -31.08 -0.25
C4 VNK EA . -2.43 -30.20 -2.26
C10 VNK EA . -6.08 -29.36 3.06
C9 VNK EA . -4.33 -25.24 3.97
C8 VNK EA . -5.14 -25.62 2.73
N2 VNK EA . -4.65 -28.33 1.39
O7 VNK EA . -4.76 -25.51 5.10
N5 VNK EA . -3.18 -24.60 3.76
C24 VNK EA . -2.84 -23.35 4.45
C25 VNK EA . -2.15 -25.07 2.83
C6 VNK EA . -5.17 -28.20 2.74
C7 VNK EA . -5.95 -26.91 2.93
O2 VNK EA . -6.65 -29.95 2.14
N3 VNK EA . -6.25 -29.69 4.34
C11 VNK EA . -7.13 -30.79 4.73
C12 VNK EA . -6.40 -32.16 4.67
C13 VNK EA . -5.30 -32.57 5.67
C15 VNK EA . -4.44 -33.67 5.05
C14 VNK EA . -4.39 -31.45 6.16
C16 VNK EA . -7.99 -30.47 5.99
O6 VNK EA . -7.19 -29.63 6.83
C17 VNK EA . -9.34 -29.78 5.61
C23 VNK EA . -9.73 -30.13 4.18
C18 VNK EA . -9.19 -28.26 5.63
C27 ONK FA . -10.74 18.56 17.67
C1 ONK FA . -10.49 18.09 19.09
O1 ONK FA . -9.63 17.25 19.34
C28 ONK FA . -10.62 17.41 16.67
C29 ONK FA . -11.95 17.10 16.00
C30 ONK FA . -11.83 16.97 14.49
C31 ONK FA . -12.34 15.64 13.99
N1 ONK FA . -11.26 18.64 20.02
C2 ONK FA . -11.18 18.33 21.45
C5 ONK FA . -12.00 17.12 21.81
O3 ONK FA . -13.12 16.95 21.32
C3 ONK FA . -11.61 19.57 22.25
C4 ONK FA . -10.57 20.68 22.14
C26 ONK FA . -11.90 19.28 23.71
C10 ONK FA . -12.54 15.08 24.55
C9 ONK FA . -10.79 12.49 20.76
C8 ONK FA . -11.84 13.02 21.70
N2 ONK FA . -11.45 16.27 22.67
O7 ONK FA . -10.01 11.63 21.16
N5 ONK FA . -10.78 12.98 19.51
C24 ONK FA . -11.89 13.71 18.91
C25 ONK FA . -9.63 12.84 18.61
C6 ONK FA . -12.11 15.04 23.11
C7 ONK FA . -11.21 13.85 22.81
O2 ONK FA . -11.96 15.82 25.34
N3 ONK FA . -13.55 14.27 24.89
C11 ONK FA . -14.13 14.16 26.23
C16 ONK FA . -13.93 12.78 26.86
O6 ONK FA . -14.66 11.81 26.09
C17 ONK FA . -12.46 12.41 26.92
C23 ONK FA . -11.46 13.32 27.58
C18 ONK FA . -12.02 11.29 26.38
C12 ONK FA . -15.62 14.53 26.11
C13 ONK FA . -16.03 15.89 26.66
C15 ONK FA . -14.97 16.99 26.54
C14 ONK FA . -17.32 16.36 25.99
C27 VNK GA . -4.95 3.24 -26.82
C1 VNK GA . -3.54 3.48 -27.34
O1 VNK GA . -2.57 3.54 -26.60
C28 VNK GA . -5.09 3.36 -25.32
C29 VNK GA . -5.64 2.07 -24.70
C30 VNK GA . -7.01 2.30 -24.07
C31 VNK GA . -7.25 1.36 -22.91
N1 VNK GA . -3.46 3.62 -28.67
C2 VNK GA . -2.24 3.86 -29.42
C5 VNK GA . -1.67 5.24 -29.18
O3 VNK GA . -2.42 6.18 -28.96
C3 VNK GA . -2.56 3.56 -30.89
C26 VNK GA . -1.82 4.41 -31.91
C4 VNK GA . -2.36 2.08 -31.17
C10 VNK GA . 1.12 7.08 -30.22
C9 VNK GA . 1.05 6.83 -25.36
C8 VNK GA . 0.51 6.09 -26.55
N2 VNK GA . -0.33 5.33 -29.21
O7 VNK GA . 2.04 6.39 -24.78
N5 VNK GA . 0.41 7.93 -24.99
C24 VNK GA . -0.98 7.93 -24.52
C25 VNK GA . 1.05 9.25 -24.98
C6 VNK GA . 0.38 6.59 -29.00
C7 VNK GA . 1.31 6.48 -27.79
O2 VNK GA . 1.32 6.33 -31.17
N3 VNK GA . 1.55 8.35 -30.19
C11 VNK GA . 2.23 9.03 -31.27
C12 VNK GA . 1.15 10.02 -31.75
C13 VNK GA . 0.51 9.74 -33.11
C15 VNK GA . -0.17 8.39 -33.21
C14 VNK GA . -0.52 10.83 -33.43
C16 VNK GA . 3.54 9.78 -30.91
O6 VNK GA . 3.30 10.61 -29.77
C17 VNK GA . 4.82 8.93 -30.67
C23 VNK GA . 4.74 7.58 -31.36
C18 VNK GA . 4.99 8.60 -29.20
C27 VNK HA . -19.38 0.01 16.50
C1 VNK HA . -19.70 -1.19 17.36
O1 VNK HA . -18.85 -2.04 17.57
C28 VNK HA . -19.02 -0.44 15.08
C29 VNK HA . -19.90 0.22 14.01
C30 VNK HA . -21.34 -0.31 14.00
C31 VNK HA . -22.11 0.23 12.81
N1 VNK HA . -20.95 -1.24 17.85
C2 VNK HA . -21.47 -2.31 18.71
C5 VNK HA . -21.96 -3.49 17.90
O3 VNK HA . -22.82 -3.32 17.05
C3 VNK HA . -22.57 -1.75 19.61
C26 VNK HA . -23.24 -2.81 20.46
C4 VNK HA . -22.07 -0.61 20.51
C10 VNK HA . -22.80 -6.74 18.28
C9 VNK HA . -20.52 -6.26 14.74
C8 VNK HA . -19.71 -6.31 16.03
N2 VNK HA . -21.42 -4.69 18.18
O7 VNK HA . -21.24 -7.20 14.43
N5 VNK HA . -20.39 -5.16 13.98
C24 VNK HA . -19.94 -5.21 12.59
C25 VNK HA . -20.68 -3.81 14.47
C6 VNK HA . -21.77 -5.94 17.51
C7 VNK HA . -20.52 -6.79 17.23
O2 VNK HA . -23.03 -6.45 19.44
N3 VNK HA . -23.40 -7.75 17.64
C11 VNK HA . -24.44 -8.60 18.23
C12 VNK HA . -25.76 -8.05 17.67
C13 VNK HA . -26.73 -7.48 18.72
C15 VNK HA . -26.34 -6.09 19.18
C14 VNK HA . -28.13 -7.42 18.12
C16 VNK HA . -24.31 -10.12 17.95
O6 VNK HA . -24.19 -10.29 16.52
C17 VNK HA . -23.16 -10.87 18.67
C23 VNK HA . -22.87 -10.26 20.05
C18 VNK HA . -21.86 -10.76 17.87
#